data_6QM8
#
_entry.id   6QM8
#
_cell.length_a   1.000
_cell.length_b   1.000
_cell.length_c   1.000
_cell.angle_alpha   90.00
_cell.angle_beta   90.00
_cell.angle_gamma   90.00
#
_symmetry.space_group_name_H-M   'P 1'
#
loop_
_entity.id
_entity.type
_entity.pdbx_description
1 polymer 'Proteasome alpha1 chain'
2 polymer 'Proteasome alpha2 chain'
3 polymer 'Proteasome alpha3 chain'
4 polymer 'Proteasome alpha4 chain'
5 polymer 'Proteasome alpha5 chain'
6 polymer 'Proteasome alpha6 chain'
7 polymer 'Proteasome alpha7 chain'
8 polymer 'Proteasome beta1 chain'
9 polymer 'Proteasome beta2 chain'
10 polymer 'Proteasome beta3 chain'
11 polymer 'Proteasome beta4 chain'
12 polymer 'Proteasome beta5 chain'
13 polymer 'Proteasome beta6 chain'
14 polymer 'Proteasome beta7 chain'
#
loop_
_entity_poly.entity_id
_entity_poly.type
_entity_poly.pdbx_seq_one_letter_code
_entity_poly.pdbx_strand_id
1 'polypeptide(L)'
;MNRAGFDKYITVFSPEGSLYQVEYAFKAVTYPGLLTVAIRCKDAVLVVTQHLIPDRLMRPDSVTALYEVTPNIGCCMTGR
APDGRALVQRAREEASDYQYRYGVEIPIAVLAKRMGDKAQVRTQQAGLRPMGVVSTFIGMDQSDQDGSLKPQIYTVDPAG
WTGGHIACAAGKKQVEAMAFLEKRQKSTELDALTQKEAAMIALAALQSAIGTAVKAKEVEVGRCTAANPAFQRVPNSEVE
EWLTAVAEAD
;
A,O
2 'polypeptide(L)'
;MSEAFYGLTTFSPSGKLIQIEYATTAAGKGTTALGVKATDGVVIAAKKKAPSTLVDASSIQKVFVLDEHVGCTYSGMGPD
CRVLIDSARKNCQQYKLMYNEPIPISQLVRKISAIYQEFTQSGGVRPFGCSLLVAGVDANGYHLYQVDPSGTFWAWKATA
IGTGSPDAKAFLEKRYTVDMELEDAVHTALLTLKEGFDGQMTSENTQVGRVVENRFEILSVDQLRDYLDQI
;
B,P
3 'polypeptide(L)'
;MSHRYDSRTTTFSPEGRLYQVEYAVEAIQQAGTVIGVCTKDGVVLAGEKMVPHPLFDSESMQDKNTSGEKMYKIAEHIGC
SVAGVTSDAYALLNYARLSALRHQYTFQEPMAIEDLCRILCDEKQLYTQYGGVRPYGVSFLLVGWDRYYGYQLYSTEPSG
DYSAWSAYAIGQNDQVAHALLKKDWHESMTLEDGMLLALRVLGKTMDTAKIDLDRVEVAVMRKVPASNIDQLLDPFKHHP
KTTPRFQILTRSELKPHAERADQAREAEEKAEAERQRQQEQALES
;
C,Q
4 'polypeptide(L)'
;MSYDRAITVFSPDGHLFQVEYAQEAVKKGLAAVGVLGSDSVVIAVEKKSAVKLQDSRTIRKIYKVDANIYLAFAGLSADA
RVLINKAQLECQRFSLNYEDTMDVDMLVRYVAGVQQKSTQSGGSRPFGVATVIGGFNEDGKPHLWKTDPSGMCSAWRAVA
IGRHDQTVIEYMEKSYKDGMSRDECVHFAIKSLLEVVESGSRNIELLVLQYKEARYLTEEELQKFVVEVEKEREEEAAAK
KKRQAEQE
;
D,R
5 'polypeptide(L)'
;MLLPRLFSFPVCWSRALSLVCVYHVSLSFPSNSRRLCATPLLPLPCLCKLPAGHSPRKRCLFSFLSCFLDLTYFCIISFL
HSVSCHLCFPLRRTRARHPIMFTSKSEYDRGVNTFSPEGRIFQIEYAVEAIKLGSTSLGIRTPEGVVLAAEKRVPSTLVV
PSSMSKIMEVDSHIAAVMSGMVADARILVEHARVESQNHRFTYNEPMSVESCTLATCDLSIQFGESGGRRKLMSRPFGVS
LLIAGVDEKGPQLWQTDPSGTHTRYDAQAIGGGAEAAQSVFTERYHRNMTLEEGETLAVDILKQVMEDQLSPENIEVAVV
RADDGKLHMYTPTEIKAIMSRMPE
;
E,S
6 'polypeptide(L)'
;MQSRKGEGWRDTGTDSLPPFSFCCSPAFSSPLAFGGEGADGCAYILTHVCRYACIAALTLHSEGAERHMRVCVCVRRCAY
NEMVLHQVVAFASLAPALHPLSPLPLPCMATTHACCGLRVRSFSLKKSEKKNQQRRLQAPDLSQKTRTRTQKEKQTLQIY
LRCVMFKNEYDSDITTWSPTGRLFQIEYANEAVNNGSATVGVKGKNFVVLAALKRSPVAELSSYQEKVFEIDEHVGMSIS
GLVADGRVLARYLRTECMNYRYMYSNGMPMNQMADMIGEKHQRHIQCSGKRPFGVGLLLAGYDRQGPHLYQTVPSGDVYD
YKATAMGVRSQASRTYLERHFEHFSDCTLDELVTHALKALASATSEGIELNVKNTTIAIVGKDTPFTIFEEESARKYLDG
FKMRPEDRVAVAEEDEEMLHEQPLDVEE
;
F,T
7 'polypeptide(L)'
;MAGTGSGHDQSTDVFSAEGRVFQVEYAGKAVDNSSTAVAACCKDGVVVAVEKVHTSRMLEKGSNNRIHAVDRQAGICICG
LLPDGRAIVSRARQEAENSRDIFATPIRGSVLANRVGEFMHAYTTHFAYRPFGCSAIIASYADDGPQLFVSDPSGTVAGY
YGVALGKAKTVAKSELEKLDFSSLTCDEAVGKLASILHEVHDKQKDKLYEVEVAWVCDKSDRKFVHVPADMVPAETSH
;
G,U
8 'polypeptide(L)'
;MLQRPDHTLLQEPAYPKDIAQKLTENGPAQAGKQLFQPDPAVIDPQLSKAVSLGTTILAVSYNGGVVLAADSRTSSGTYV
VNRASNKLTKLTKKIYCCRSGSAADTQALAERVSNYLGSYQTDIGAGVNVATAANLFQKMCYMNRWNISAGIIVAGYDPI
NGGSVYSIPSGGSCVKLDYALGGSGSIFLYSFFDANYKPGMSKSECVAFCQRAVAHAYSRDGSSGGLIRTITLDADEPED
QTIPWNRSPYCMEKDPKYVTQATQNQPFSSSAKITGNRMSSTG
;
H,V
9 'polypeptide(L)'
;MPGFNFENVQRNLNLEGEGYSAPRTLKTGTTIVGVVYRDGVVLGADTRATEGSIVADKRCRKIHYMAPNIMCCGAGTSAD
TEAVTNMVSSHLALHRLETGKQSRVLEALTLLKRHLYRYQGHVSAALVLGGVDVEGPFLATIAPHGSTDRLPFVTMGSGS
IAAMAQLEAAYKDNMTCEEAKELVASAIRKGIFNDPYSGTQVDVCVITKDKTELTIGYDKPNERMYPRQEVLLPPGTTPV
LKEEIRQLVDIVDA
;
I,W
10 'polypeptide(L)'
;MSIMAYSGGSVMAMAGKECFVIISDNRLGEQLKTISTEVPKLHVVNDSIVYGLTGLRTDQQTFANKVQFRTEMYKLREER
DITGKAFAAMITSMLYEARFGPWFVEPVIGSIDKSTGEVYLCATDLIGAPCEPEDYVCAGTAAESLHGMCEALWRPGMSP
EELFEIAAQAMLSACDRDSLSGYGAVAMIVTKDKVTTRLIKGRKD
;
J,X
11 'polypeptide(L)'
;MAETAIAFRCKDYVMVAAAGLNAFYYIKITDAEDKITQLDTHQLVACTGENGPRVNFTEYIKCNLALNRMRQHGRHSSCE
STANFMRNCLASAIRSREGAYQVNCLFAGYDTPVSEDDDGVVGPQLFYMDYLGTLQAVPYGCHGYGACFVTALLDRLWRP
DLSQQEGLELMQKCCDEVKRRVIISNSYFFVKAVTKNGVEVITAVH
;
K,Y
12 'polypeptide(L)'
;MFADFEAVTSSNFTLDDCPRVGPFTYHNMDEDTLEEPLSLCSYRRAPQQTDERSPASCDAVTADPLDSSRYLHGENRCWT
LKVSCPVPRAIPKLDMKKGTTTLAFRFNGGIIVAVDSRASTGQYIASQTVMKVLEINDYLLGTLAGGAADCQYWERVLGM
ECRLWELRNGSRITVAAASKILANITYAYRNHGLSMGTMVAGWDQFGPSLYYVDDKGSRVKQDLFSVGSGSIYAYGVLDT
GYRKDLSVEDACDLARRSIFHATYRDGASGGIVTVYHVHEKGWTKISRDDQTKLYHRYFPSQ
;
L,Z
13 'polypeptide(L)'
;MASSSPPLLPFSSFVVAVVAIHLSFRVFCVGAQSLCKCCSCVPACALPLCFSSSPSVSAEDVALALFAHPKVLTHRPTAR
YSPILSLLHYAVMIEDHAEYGHNYYPQKLASSTLTLPQQGAKQQQWSPYQDNGGTTAAIAGKDFVILAGDTRLNGDFCLH
SRHDQSKIFQLTPYTYMASNGMQADRLQLQQMLKYRVKWYKYNNGGKVPSTKAIAQLMSTMLYHRRFFPYYTFNMVVGLD
EEGHGVCYSYDAVGSTEPFLYGTRGSAASFVEPLLDCLINRQHMTSQAPPEMTKEETLAMLKNAFTGAAERDIYTGDSVS
FFIITKDGVQQESFELRKD
;
M,a
14 'polypeptide(L)'
;MASGGSVIAIKYKGGVLMAADTLLSYGSLAKWPNIPRIRLLGSHSAVCATGSYADFQMMAKQVEDNIERQKMYHNVDELS
PSEVFSYLHRSIYQKRCDFDPCLCQMVFIGVRDGETFLAGVDDVGTRWEDDCIATGYGAYIALPLLRQALEKNPDGLSRG
EAMRILTDCLRVLFYRECRAINKFQVADAASDGVRISEPFDVETHWEYEGYCFEKTAIIR
;
N,b
#
# COMPACT_ATOMS: atom_id res chain seq x y z
N PHE A 6 37.12 -6.13 -64.44
CA PHE A 6 36.02 -5.51 -63.62
C PHE A 6 34.93 -6.54 -63.30
N ASP A 7 34.57 -7.36 -64.29
CA ASP A 7 33.69 -8.56 -64.13
C ASP A 7 34.36 -9.57 -63.18
N LYS A 8 35.70 -9.56 -63.13
CA LYS A 8 36.57 -10.64 -62.61
C LYS A 8 36.82 -10.48 -61.10
N TYR A 9 36.91 -9.24 -60.62
CA TYR A 9 37.46 -8.89 -59.28
C TYR A 9 36.32 -8.66 -58.26
N ILE A 10 35.08 -8.49 -58.73
CA ILE A 10 33.85 -8.54 -57.86
C ILE A 10 32.99 -9.71 -58.30
N THR A 11 32.03 -10.04 -57.45
CA THR A 11 30.96 -11.02 -57.70
C THR A 11 29.85 -10.28 -58.47
N VAL A 12 30.05 -10.15 -59.79
CA VAL A 12 29.00 -9.70 -60.76
C VAL A 12 29.11 -10.53 -62.03
N PHE A 13 28.00 -10.62 -62.75
CA PHE A 13 27.88 -11.42 -64.00
C PHE A 13 28.84 -10.85 -65.04
N SER A 14 29.53 -11.74 -65.74
CA SER A 14 30.20 -11.46 -67.04
C SER A 14 29.11 -11.31 -68.11
N PRO A 15 29.44 -10.80 -69.32
CA PRO A 15 28.49 -10.83 -70.45
C PRO A 15 27.86 -12.20 -70.80
N GLU A 16 28.49 -13.32 -70.41
CA GLU A 16 28.09 -14.72 -70.70
C GLU A 16 27.44 -15.36 -69.45
N GLY A 17 27.19 -14.56 -68.39
CA GLY A 17 26.31 -14.90 -67.25
C GLY A 17 26.98 -15.78 -66.20
N SER A 18 28.31 -15.67 -66.05
CA SER A 18 29.15 -16.50 -65.13
C SER A 18 29.84 -15.60 -64.10
N LEU A 19 29.76 -15.93 -62.82
CA LEU A 19 30.38 -15.16 -61.72
C LEU A 19 31.85 -15.59 -61.67
N TYR A 20 32.77 -14.81 -62.23
CA TYR A 20 34.15 -15.28 -62.49
C TYR A 20 34.83 -15.63 -61.17
N GLN A 21 34.54 -14.91 -60.08
CA GLN A 21 35.16 -15.14 -58.74
C GLN A 21 34.85 -16.56 -58.27
N VAL A 22 33.67 -17.09 -58.62
CA VAL A 22 33.18 -18.41 -58.17
C VAL A 22 33.81 -19.55 -58.99
N GLU A 23 33.97 -19.39 -60.32
CA GLU A 23 34.81 -20.30 -61.15
C GLU A 23 36.22 -20.37 -60.58
N TYR A 24 36.72 -19.23 -60.09
CA TYR A 24 38.11 -19.06 -59.59
C TYR A 24 38.25 -19.63 -58.17
N ALA A 25 37.15 -19.75 -57.41
CA ALA A 25 37.15 -20.47 -56.12
C ALA A 25 37.24 -21.98 -56.39
N PHE A 26 36.54 -22.48 -57.41
CA PHE A 26 36.60 -23.92 -57.81
C PHE A 26 38.03 -24.30 -58.17
N LYS A 27 38.81 -23.33 -58.63
CA LYS A 27 40.25 -23.55 -58.94
C LYS A 27 41.02 -23.64 -57.61
N ALA A 28 40.55 -22.93 -56.57
CA ALA A 28 41.18 -22.89 -55.23
C ALA A 28 41.00 -24.23 -54.50
N VAL A 29 40.09 -25.08 -54.97
CA VAL A 29 39.89 -26.47 -54.45
C VAL A 29 40.95 -27.40 -55.05
N THR A 30 41.28 -27.19 -56.32
CA THR A 30 42.28 -27.96 -57.07
C THR A 30 43.69 -27.61 -56.59
N TYR A 31 43.95 -26.34 -56.21
CA TYR A 31 45.31 -25.76 -56.03
C TYR A 31 46.16 -26.57 -55.03
N PRO A 32 45.67 -26.86 -53.79
CA PRO A 32 46.50 -27.58 -52.82
C PRO A 32 47.05 -28.95 -53.24
N GLY A 33 46.43 -29.65 -54.20
CA GLY A 33 46.87 -30.97 -54.67
C GLY A 33 46.42 -32.11 -53.75
N LEU A 34 45.47 -31.84 -52.85
CA LEU A 34 44.80 -32.86 -51.99
C LEU A 34 43.52 -33.32 -52.68
N LEU A 35 43.30 -34.65 -52.72
CA LEU A 35 42.05 -35.29 -53.24
C LEU A 35 41.38 -36.08 -52.10
N THR A 36 40.09 -35.84 -51.89
CA THR A 36 39.22 -36.65 -50.99
C THR A 36 38.25 -37.44 -51.87
N VAL A 37 37.92 -38.65 -51.42
CA VAL A 37 36.82 -39.48 -51.97
C VAL A 37 35.96 -39.91 -50.79
N ALA A 38 34.66 -39.65 -50.85
CA ALA A 38 33.66 -40.26 -49.94
C ALA A 38 32.89 -41.29 -50.74
N ILE A 39 32.31 -42.26 -50.03
CA ILE A 39 31.48 -43.32 -50.64
C ILE A 39 30.50 -43.86 -49.59
N ARG A 40 29.23 -43.77 -49.96
CA ARG A 40 28.09 -44.42 -49.30
C ARG A 40 28.22 -45.91 -49.63
N CYS A 41 27.93 -46.78 -48.67
CA CYS A 41 27.72 -48.22 -48.89
C CYS A 41 26.25 -48.51 -48.56
N LYS A 42 25.95 -49.63 -47.90
CA LYS A 42 24.56 -50.09 -47.59
C LYS A 42 24.19 -49.62 -46.19
N ASP A 43 25.15 -49.65 -45.25
CA ASP A 43 24.95 -49.42 -43.80
C ASP A 43 25.84 -48.29 -43.27
N ALA A 44 26.66 -47.64 -44.12
CA ALA A 44 27.72 -46.71 -43.65
C ALA A 44 28.17 -45.74 -44.75
N VAL A 45 28.92 -44.72 -44.34
CA VAL A 45 29.61 -43.74 -45.22
C VAL A 45 31.09 -43.77 -44.84
N LEU A 46 31.97 -43.74 -45.84
CA LEU A 46 33.39 -43.40 -45.64
C LEU A 46 33.62 -42.02 -46.21
N VAL A 47 34.60 -41.31 -45.68
CA VAL A 47 35.27 -40.21 -46.41
C VAL A 47 36.76 -40.44 -46.25
N VAL A 48 37.42 -40.75 -47.37
CA VAL A 48 38.88 -40.93 -47.49
C VAL A 48 39.43 -39.57 -47.92
N THR A 49 40.42 -39.04 -47.21
CA THR A 49 41.16 -37.81 -47.61
C THR A 49 42.65 -38.14 -47.73
N GLN A 50 43.32 -37.48 -48.66
CA GLN A 50 44.80 -37.43 -48.70
C GLN A 50 45.25 -36.57 -47.50
N HIS A 51 46.43 -36.86 -46.93
CA HIS A 51 46.94 -36.33 -45.63
C HIS A 51 48.45 -36.10 -45.72
N LEU A 52 48.92 -35.52 -46.83
CA LEU A 52 50.37 -35.43 -47.18
C LEU A 52 51.06 -34.39 -46.29
N ILE A 53 52.00 -34.85 -45.45
CA ILE A 53 52.90 -33.99 -44.62
C ILE A 53 54.31 -34.17 -45.18
N PRO A 54 54.77 -33.28 -46.09
CA PRO A 54 56.11 -33.37 -46.66
C PRO A 54 57.21 -33.07 -45.62
N ASP A 55 56.99 -32.11 -44.71
CA ASP A 55 57.89 -31.80 -43.57
C ASP A 55 57.96 -33.02 -42.65
N ARG A 56 59.17 -33.42 -42.24
CA ARG A 56 59.37 -34.51 -41.25
C ARG A 56 59.06 -33.98 -39.85
N LEU A 57 59.11 -32.65 -39.68
CA LEU A 57 58.95 -31.93 -38.39
C LEU A 57 57.48 -31.67 -38.07
N MET A 58 56.62 -31.55 -39.09
CA MET A 58 55.16 -31.31 -38.91
C MET A 58 54.57 -32.50 -38.15
N ARG A 59 53.86 -32.24 -37.07
CA ARG A 59 53.16 -33.28 -36.27
C ARG A 59 51.99 -33.78 -37.12
N PRO A 60 51.92 -35.10 -37.46
CA PRO A 60 50.86 -35.63 -38.32
C PRO A 60 49.47 -35.39 -37.71
N ASP A 61 49.30 -35.83 -36.46
CA ASP A 61 48.10 -35.71 -35.59
C ASP A 61 47.31 -34.43 -35.91
N SER A 62 47.98 -33.27 -35.90
CA SER A 62 47.39 -31.91 -35.87
C SER A 62 46.65 -31.61 -37.16
N VAL A 63 47.32 -31.76 -38.31
CA VAL A 63 46.77 -31.42 -39.66
C VAL A 63 45.72 -32.47 -40.04
N THR A 64 44.45 -32.09 -40.01
CA THR A 64 43.29 -32.91 -40.46
C THR A 64 42.55 -32.19 -41.59
N ALA A 65 42.04 -32.93 -42.56
CA ALA A 65 40.98 -32.46 -43.48
C ALA A 65 39.66 -32.55 -42.73
N LEU A 66 39.36 -33.71 -42.12
CA LEU A 66 37.99 -34.04 -41.65
C LEU A 66 37.84 -33.71 -40.18
N TYR A 67 36.93 -32.78 -39.92
CA TYR A 67 36.48 -32.34 -38.58
C TYR A 67 35.15 -33.02 -38.31
N GLU A 68 34.82 -33.17 -37.03
CA GLU A 68 33.44 -33.40 -36.53
C GLU A 68 32.70 -32.06 -36.68
N VAL A 69 31.42 -32.09 -37.03
CA VAL A 69 30.55 -30.89 -37.07
C VAL A 69 29.56 -30.96 -35.90
N THR A 70 28.78 -32.03 -35.84
CA THR A 70 28.09 -32.51 -34.63
C THR A 70 28.43 -33.99 -34.48
N PRO A 71 28.27 -34.60 -33.29
CA PRO A 71 28.59 -36.02 -33.11
C PRO A 71 28.17 -36.94 -34.28
N ASN A 72 27.02 -36.68 -34.92
CA ASN A 72 26.40 -37.54 -35.98
C ASN A 72 26.83 -37.14 -37.40
N ILE A 73 27.43 -35.96 -37.58
CA ILE A 73 27.78 -35.40 -38.93
C ILE A 73 29.26 -35.01 -38.95
N GLY A 74 30.05 -35.73 -39.72
CA GLY A 74 31.45 -35.37 -39.95
C GLY A 74 31.59 -34.63 -41.25
N CYS A 75 32.39 -33.58 -41.24
CA CYS A 75 32.75 -32.83 -42.45
C CYS A 75 33.87 -33.56 -43.20
N CYS A 76 34.38 -32.94 -44.26
CA CYS A 76 35.70 -33.20 -44.87
C CYS A 76 35.97 -32.09 -45.88
N MET A 77 36.57 -31.00 -45.41
CA MET A 77 36.87 -29.80 -46.22
C MET A 77 38.03 -30.09 -47.19
N THR A 78 37.92 -29.58 -48.41
CA THR A 78 38.93 -29.71 -49.47
C THR A 78 39.08 -28.39 -50.22
N GLY A 79 40.26 -27.80 -50.17
CA GLY A 79 40.55 -26.45 -50.67
C GLY A 79 41.46 -25.70 -49.73
N ARG A 80 41.36 -24.37 -49.71
CA ARG A 80 42.08 -23.53 -48.71
C ARG A 80 41.70 -24.10 -47.34
N ALA A 81 42.60 -24.90 -46.77
CA ALA A 81 42.48 -25.46 -45.41
C ALA A 81 41.82 -24.43 -44.50
N PRO A 82 42.39 -23.20 -44.34
CA PRO A 82 41.85 -22.20 -43.44
C PRO A 82 40.42 -21.74 -43.76
N ASP A 83 40.01 -21.71 -45.04
CA ASP A 83 38.60 -21.45 -45.45
C ASP A 83 37.74 -22.62 -44.96
N GLY A 84 38.20 -23.85 -45.20
CA GLY A 84 37.59 -25.07 -44.66
C GLY A 84 37.34 -24.94 -43.16
N ARG A 85 38.42 -24.91 -42.38
CA ARG A 85 38.40 -24.62 -40.93
C ARG A 85 37.26 -23.65 -40.59
N ALA A 86 37.14 -22.54 -41.33
CA ALA A 86 36.20 -21.43 -41.04
C ALA A 86 34.77 -21.84 -41.37
N LEU A 87 34.53 -22.56 -42.47
CA LEU A 87 33.17 -23.10 -42.82
C LEU A 87 32.72 -24.07 -41.72
N VAL A 88 33.62 -24.98 -41.32
CA VAL A 88 33.37 -25.95 -40.23
C VAL A 88 32.86 -25.18 -39.01
N GLN A 89 33.47 -24.05 -38.70
CA GLN A 89 33.02 -23.22 -37.54
C GLN A 89 31.63 -22.64 -37.79
N ARG A 90 31.33 -22.18 -39.01
CA ARG A 90 29.96 -21.72 -39.40
C ARG A 90 28.98 -22.90 -39.26
N ALA A 91 29.40 -24.08 -39.71
CA ALA A 91 28.60 -25.33 -39.73
C ALA A 91 28.25 -25.71 -38.30
N ARG A 92 29.23 -25.61 -37.41
CA ARG A 92 29.08 -25.92 -35.97
C ARG A 92 28.11 -24.90 -35.36
N GLU A 93 28.42 -23.61 -35.51
CA GLU A 93 27.50 -22.50 -35.13
C GLU A 93 26.08 -22.83 -35.59
N GLU A 94 25.93 -23.24 -36.85
CA GLU A 94 24.64 -23.58 -37.51
C GLU A 94 23.98 -24.76 -36.80
N ALA A 95 24.75 -25.82 -36.54
CA ALA A 95 24.28 -27.10 -35.97
C ALA A 95 23.92 -26.93 -34.48
N SER A 96 24.59 -26.01 -33.79
CA SER A 96 24.28 -25.63 -32.39
C SER A 96 23.03 -24.75 -32.35
N ASP A 97 22.95 -23.75 -33.25
CA ASP A 97 21.77 -22.87 -33.40
C ASP A 97 20.52 -23.73 -33.58
N TYR A 98 20.60 -24.74 -34.45
CA TYR A 98 19.50 -25.66 -34.77
C TYR A 98 19.13 -26.43 -33.51
N GLN A 99 20.10 -27.14 -32.93
CA GLN A 99 19.96 -27.99 -31.71
C GLN A 99 19.20 -27.22 -30.62
N TYR A 100 19.48 -25.92 -30.49
CA TYR A 100 18.83 -25.05 -29.47
C TYR A 100 17.39 -24.72 -29.90
N ARG A 101 17.18 -24.27 -31.14
CA ARG A 101 15.86 -23.74 -31.59
C ARG A 101 14.86 -24.87 -31.80
N TYR A 102 15.30 -26.04 -32.28
CA TYR A 102 14.42 -27.17 -32.64
C TYR A 102 14.63 -28.38 -31.72
N GLY A 103 15.66 -28.39 -30.86
CA GLY A 103 15.78 -29.39 -29.78
C GLY A 103 16.11 -30.79 -30.27
N VAL A 104 16.45 -30.94 -31.55
CA VAL A 104 16.93 -32.23 -32.14
C VAL A 104 18.26 -31.92 -32.82
N GLU A 105 19.03 -32.97 -33.15
CA GLU A 105 20.24 -32.84 -34.00
C GLU A 105 19.82 -32.38 -35.39
N ILE A 106 20.59 -31.46 -35.96
CA ILE A 106 20.41 -31.00 -37.37
C ILE A 106 20.51 -32.24 -38.29
N PRO A 107 19.50 -32.51 -39.14
CA PRO A 107 19.61 -33.51 -40.20
C PRO A 107 20.62 -33.04 -41.25
N ILE A 108 21.52 -33.94 -41.67
CA ILE A 108 22.68 -33.62 -42.55
C ILE A 108 22.23 -32.89 -43.81
N ALA A 109 21.09 -33.29 -44.37
CA ALA A 109 20.55 -32.72 -45.63
C ALA A 109 20.21 -31.23 -45.44
N VAL A 110 19.83 -30.82 -44.22
CA VAL A 110 19.58 -29.41 -43.86
C VAL A 110 20.93 -28.73 -43.73
N LEU A 111 21.77 -29.19 -42.81
CA LEU A 111 23.11 -28.61 -42.53
C LEU A 111 23.75 -28.20 -43.85
N ALA A 112 23.90 -29.15 -44.78
CA ALA A 112 24.49 -28.95 -46.12
C ALA A 112 23.72 -27.85 -46.88
N LYS A 113 22.39 -27.89 -46.84
CA LYS A 113 21.50 -26.92 -47.54
C LYS A 113 21.60 -25.51 -46.89
N ARG A 114 21.81 -25.41 -45.58
CA ARG A 114 22.07 -24.13 -44.86
C ARG A 114 23.46 -23.60 -45.23
N MET A 115 24.46 -24.47 -45.35
CA MET A 115 25.84 -24.08 -45.77
C MET A 115 25.84 -23.67 -47.23
N GLY A 116 24.97 -24.28 -48.04
CA GLY A 116 24.74 -23.87 -49.43
C GLY A 116 24.35 -22.41 -49.46
N ASP A 117 23.40 -22.03 -48.62
CA ASP A 117 22.80 -20.68 -48.64
C ASP A 117 23.78 -19.68 -48.03
N LYS A 118 24.65 -20.11 -47.12
CA LYS A 118 25.74 -19.25 -46.58
C LYS A 118 26.74 -18.96 -47.71
N ALA A 119 27.14 -19.97 -48.48
CA ALA A 119 28.18 -19.84 -49.53
C ALA A 119 27.61 -19.04 -50.70
N GLN A 120 26.29 -19.10 -50.92
CA GLN A 120 25.58 -18.31 -51.96
C GLN A 120 25.71 -16.82 -51.63
N VAL A 121 25.38 -16.45 -50.40
CA VAL A 121 25.45 -15.05 -49.87
C VAL A 121 26.80 -14.41 -50.25
N ARG A 122 27.90 -15.17 -50.21
CA ARG A 122 29.26 -14.65 -50.52
C ARG A 122 29.41 -14.45 -52.04
N THR A 123 28.58 -15.10 -52.86
CA THR A 123 28.58 -14.94 -54.33
C THR A 123 27.64 -13.81 -54.74
N GLN A 124 26.86 -13.23 -53.81
CA GLN A 124 25.89 -12.15 -54.15
C GLN A 124 26.42 -10.83 -53.60
N GLN A 125 26.69 -10.75 -52.30
CA GLN A 125 27.25 -9.53 -51.65
C GLN A 125 28.69 -9.34 -52.12
N ALA A 126 28.96 -8.26 -52.84
CA ALA A 126 30.32 -7.88 -53.29
C ALA A 126 31.19 -7.68 -52.06
N GLY A 127 32.49 -7.99 -52.20
CA GLY A 127 33.53 -7.66 -51.20
C GLY A 127 33.75 -8.78 -50.20
N LEU A 128 32.90 -9.81 -50.20
CA LEU A 128 33.20 -11.10 -49.53
C LEU A 128 33.80 -12.05 -50.57
N ARG A 129 34.85 -12.77 -50.17
CA ARG A 129 35.54 -13.78 -51.01
C ARG A 129 34.83 -15.10 -50.84
N PRO A 130 34.37 -15.79 -51.92
CA PRO A 130 33.78 -17.11 -51.77
C PRO A 130 34.82 -18.03 -51.12
N MET A 131 34.39 -18.87 -50.16
CA MET A 131 35.33 -19.77 -49.43
C MET A 131 35.81 -20.82 -50.43
N GLY A 132 37.12 -20.85 -50.66
CA GLY A 132 37.77 -21.61 -51.75
C GLY A 132 37.89 -23.06 -51.37
N VAL A 133 36.75 -23.72 -51.23
CA VAL A 133 36.66 -25.04 -50.55
C VAL A 133 35.37 -25.77 -50.93
N VAL A 134 35.43 -27.09 -50.93
CA VAL A 134 34.29 -28.00 -51.17
C VAL A 134 34.02 -28.78 -49.88
N SER A 135 33.02 -28.37 -49.10
CA SER A 135 32.51 -29.12 -47.92
C SER A 135 31.95 -30.46 -48.41
N THR A 136 32.28 -31.57 -47.73
CA THR A 136 31.80 -32.95 -48.03
C THR A 136 31.25 -33.54 -46.71
N PHE A 137 30.13 -33.03 -46.23
CA PHE A 137 29.41 -33.51 -45.02
C PHE A 137 29.02 -34.97 -45.22
N ILE A 138 29.24 -35.83 -44.22
CA ILE A 138 28.82 -37.27 -44.23
C ILE A 138 28.26 -37.65 -42.85
N GLY A 139 27.20 -38.45 -42.84
CA GLY A 139 26.44 -38.75 -41.62
C GLY A 139 25.26 -39.64 -41.92
N MET A 140 24.78 -40.34 -40.89
CA MET A 140 23.52 -41.11 -40.93
C MET A 140 22.35 -40.13 -40.92
N ASP A 141 21.23 -40.50 -41.56
CA ASP A 141 20.00 -39.69 -41.59
C ASP A 141 18.79 -40.62 -41.42
N GLN A 142 18.12 -40.52 -40.27
CA GLN A 142 16.98 -41.37 -39.88
C GLN A 142 15.84 -41.19 -40.88
N SER A 143 15.57 -42.20 -41.71
CA SER A 143 14.38 -42.29 -42.60
C SER A 143 13.12 -42.46 -41.74
N ASP A 144 12.13 -41.58 -41.94
CA ASP A 144 10.94 -41.44 -41.06
C ASP A 144 9.89 -42.52 -41.39
N GLN A 145 10.14 -43.39 -42.38
CA GLN A 145 9.21 -44.47 -42.80
C GLN A 145 9.23 -45.60 -41.76
N ASP A 146 10.42 -46.15 -41.46
CA ASP A 146 10.61 -47.34 -40.59
C ASP A 146 11.35 -46.95 -39.28
N GLY A 147 12.31 -46.03 -39.33
CA GLY A 147 13.20 -45.65 -38.21
C GLY A 147 14.67 -45.96 -38.49
N SER A 148 14.96 -46.60 -39.63
CA SER A 148 16.31 -47.05 -40.05
C SER A 148 17.21 -45.84 -40.28
N LEU A 149 18.46 -45.92 -39.81
CA LEU A 149 19.54 -44.98 -40.19
C LEU A 149 20.08 -45.40 -41.56
N LYS A 150 20.02 -44.47 -42.51
CA LYS A 150 20.45 -44.67 -43.91
C LYS A 150 21.55 -43.64 -44.17
N PRO A 151 22.71 -44.06 -44.69
CA PRO A 151 23.86 -43.17 -44.88
C PRO A 151 23.68 -42.12 -45.98
N GLN A 152 24.40 -41.00 -45.82
CA GLN A 152 24.26 -39.79 -46.67
C GLN A 152 25.62 -39.13 -46.86
N ILE A 153 25.87 -38.63 -48.07
CA ILE A 153 26.91 -37.62 -48.38
C ILE A 153 26.21 -36.39 -48.95
N TYR A 154 26.68 -35.19 -48.60
CA TYR A 154 26.22 -33.90 -49.15
C TYR A 154 27.43 -33.01 -49.39
N THR A 155 27.74 -32.69 -50.65
CA THR A 155 28.78 -31.68 -51.01
C THR A 155 28.11 -30.31 -51.17
N VAL A 156 28.57 -29.33 -50.41
CA VAL A 156 28.50 -27.90 -50.78
C VAL A 156 29.77 -27.59 -51.56
N ASP A 157 29.69 -26.63 -52.49
CA ASP A 157 30.85 -26.11 -53.26
C ASP A 157 30.76 -24.59 -53.24
N PRO A 158 31.79 -23.83 -53.70
CA PRO A 158 31.82 -22.39 -53.46
C PRO A 158 30.76 -21.55 -54.19
N ALA A 159 30.06 -22.13 -55.17
CA ALA A 159 28.87 -21.56 -55.83
C ALA A 159 27.73 -21.40 -54.83
N GLY A 160 27.62 -22.33 -53.87
CA GLY A 160 26.44 -22.53 -53.00
C GLY A 160 25.63 -23.76 -53.41
N TRP A 161 26.14 -24.57 -54.35
CA TRP A 161 25.42 -25.75 -54.92
C TRP A 161 25.55 -26.93 -53.95
N THR A 162 24.47 -27.20 -53.20
CA THR A 162 24.26 -28.41 -52.37
C THR A 162 23.86 -29.57 -53.30
N GLY A 163 24.30 -30.78 -52.98
CA GLY A 163 23.89 -32.02 -53.67
C GLY A 163 24.21 -33.26 -52.84
N GLY A 164 23.34 -34.26 -52.86
CA GLY A 164 23.61 -35.60 -52.28
C GLY A 164 24.42 -36.43 -53.27
N HIS A 165 25.17 -37.43 -52.78
CA HIS A 165 26.13 -38.24 -53.57
C HIS A 165 26.11 -39.70 -53.12
N ILE A 166 26.02 -40.64 -54.06
CA ILE A 166 26.18 -42.10 -53.81
C ILE A 166 27.66 -42.34 -53.49
N ALA A 167 28.54 -41.77 -54.31
CA ALA A 167 29.95 -41.48 -53.94
C ALA A 167 30.35 -40.18 -54.65
N CYS A 168 31.51 -39.65 -54.29
CA CYS A 168 31.97 -38.33 -54.77
C CYS A 168 33.46 -38.18 -54.50
N ALA A 169 34.10 -37.35 -55.30
CA ALA A 169 35.48 -36.90 -55.11
C ALA A 169 35.49 -35.38 -55.13
N ALA A 170 36.57 -34.80 -54.58
CA ALA A 170 36.86 -33.36 -54.56
C ALA A 170 38.38 -33.16 -54.45
N GLY A 171 38.96 -32.32 -55.31
CA GLY A 171 40.36 -31.88 -55.15
C GLY A 171 41.12 -31.90 -56.46
N LYS A 172 42.32 -32.48 -56.42
CA LYS A 172 43.37 -32.35 -57.47
C LYS A 172 42.91 -33.04 -58.76
N LYS A 173 42.46 -34.29 -58.63
CA LYS A 173 42.22 -35.19 -59.79
C LYS A 173 40.75 -35.63 -59.79
N GLN A 174 39.87 -34.84 -59.15
CA GLN A 174 38.42 -35.17 -58.93
C GLN A 174 37.75 -35.64 -60.23
N VAL A 175 38.26 -35.24 -61.40
CA VAL A 175 37.76 -35.70 -62.74
C VAL A 175 38.10 -37.19 -62.91
N GLU A 176 39.36 -37.57 -62.70
CA GLU A 176 39.87 -38.95 -62.94
C GLU A 176 39.39 -39.92 -61.85
N ALA A 177 39.14 -39.43 -60.63
CA ALA A 177 38.64 -40.23 -59.47
C ALA A 177 37.13 -40.47 -59.59
N MET A 178 36.40 -39.53 -60.20
CA MET A 178 34.96 -39.71 -60.57
C MET A 178 34.87 -40.69 -61.74
N ALA A 179 35.75 -40.56 -62.75
CA ALA A 179 35.84 -41.45 -63.93
C ALA A 179 36.00 -42.91 -63.48
N PHE A 180 36.84 -43.15 -62.47
CA PHE A 180 37.10 -44.51 -61.91
C PHE A 180 35.85 -45.02 -61.16
N LEU A 181 35.21 -44.17 -60.34
CA LEU A 181 34.00 -44.54 -59.54
C LEU A 181 32.82 -44.82 -60.49
N GLU A 182 32.66 -44.03 -61.55
CA GLU A 182 31.56 -44.15 -62.55
C GLU A 182 31.68 -45.49 -63.29
N LYS A 183 32.90 -45.83 -63.74
CA LYS A 183 33.24 -47.11 -64.42
C LYS A 183 32.98 -48.28 -63.46
N ARG A 184 33.14 -48.09 -62.14
CA ARG A 184 32.91 -49.12 -61.10
C ARG A 184 31.49 -49.03 -60.52
N GLN A 185 30.64 -48.15 -61.06
CA GLN A 185 29.19 -48.08 -60.76
C GLN A 185 28.41 -48.98 -61.75
N LYS A 186 28.99 -49.27 -62.92
CA LYS A 186 28.34 -50.09 -63.99
C LYS A 186 28.41 -51.57 -63.62
N SER A 187 29.57 -52.04 -63.12
CA SER A 187 29.77 -53.43 -62.61
C SER A 187 28.79 -53.70 -61.46
N THR A 188 28.95 -52.98 -60.34
CA THR A 188 28.29 -53.22 -59.02
C THR A 188 27.05 -52.32 -58.86
N GLU A 189 26.34 -52.43 -57.73
CA GLU A 189 25.17 -51.59 -57.35
C GLU A 189 25.63 -50.33 -56.59
N LEU A 190 26.59 -50.50 -55.67
CA LEU A 190 27.32 -49.44 -54.90
C LEU A 190 26.57 -49.07 -53.62
N ASP A 191 25.26 -49.36 -53.54
CA ASP A 191 24.41 -49.22 -52.33
C ASP A 191 23.98 -50.60 -51.79
N ALA A 192 24.50 -51.69 -52.37
CA ALA A 192 24.34 -53.09 -51.89
C ALA A 192 25.70 -53.67 -51.54
N LEU A 193 26.62 -52.82 -51.07
CA LEU A 193 28.05 -53.14 -50.80
C LEU A 193 28.28 -53.15 -49.29
N THR A 194 29.20 -54.00 -48.81
CA THR A 194 29.70 -54.04 -47.41
C THR A 194 30.79 -52.98 -47.23
N GLN A 195 30.85 -52.40 -46.03
CA GLN A 195 31.76 -51.27 -45.66
C GLN A 195 33.17 -51.52 -46.20
N LYS A 196 33.64 -52.78 -46.13
CA LYS A 196 34.97 -53.25 -46.58
C LYS A 196 35.11 -53.02 -48.09
N GLU A 197 34.18 -53.57 -48.88
CA GLU A 197 34.14 -53.49 -50.37
C GLU A 197 34.18 -52.02 -50.81
N ALA A 198 33.30 -51.20 -50.22
CA ALA A 198 33.11 -49.75 -50.52
C ALA A 198 34.44 -49.00 -50.30
N ALA A 199 35.11 -49.25 -49.17
CA ALA A 199 36.42 -48.69 -48.81
C ALA A 199 37.45 -48.99 -49.91
N MET A 200 37.53 -50.26 -50.34
CA MET A 200 38.49 -50.75 -51.35
C MET A 200 38.29 -50.00 -52.67
N ILE A 201 37.04 -49.65 -52.99
CA ILE A 201 36.68 -48.86 -54.21
C ILE A 201 37.12 -47.41 -54.03
N ALA A 202 36.92 -46.83 -52.84
CA ALA A 202 37.33 -45.45 -52.49
C ALA A 202 38.86 -45.34 -52.54
N LEU A 203 39.57 -46.27 -51.89
CA LEU A 203 41.04 -46.24 -51.74
C LEU A 203 41.72 -46.63 -53.06
N ALA A 204 41.02 -47.35 -53.94
CA ALA A 204 41.46 -47.68 -55.33
C ALA A 204 41.30 -46.44 -56.23
N ALA A 205 40.30 -45.59 -55.96
CA ALA A 205 40.02 -44.33 -56.68
C ALA A 205 41.08 -43.29 -56.31
N LEU A 206 41.32 -43.14 -55.00
CA LEU A 206 42.46 -42.36 -54.44
C LEU A 206 43.75 -42.80 -55.15
N GLN A 207 43.98 -44.11 -55.27
CA GLN A 207 45.21 -44.71 -55.87
C GLN A 207 45.25 -44.44 -57.38
N SER A 208 44.20 -44.79 -58.11
CA SER A 208 44.05 -44.61 -59.57
C SER A 208 44.31 -43.14 -59.94
N ALA A 209 43.74 -42.19 -59.19
CA ALA A 209 43.68 -40.75 -59.51
C ALA A 209 45.08 -40.12 -59.42
N ILE A 210 45.72 -40.16 -58.26
CA ILE A 210 47.06 -39.54 -58.00
C ILE A 210 48.13 -40.31 -58.79
N GLY A 211 47.93 -41.61 -59.02
CA GLY A 211 48.76 -42.47 -59.89
C GLY A 211 49.75 -43.33 -59.09
N THR A 212 49.66 -43.35 -57.76
CA THR A 212 50.62 -43.99 -56.82
C THR A 212 49.86 -44.87 -55.81
N ALA A 213 50.52 -45.91 -55.30
CA ALA A 213 50.06 -46.71 -54.14
C ALA A 213 50.24 -45.88 -52.86
N VAL A 214 49.17 -45.67 -52.10
CA VAL A 214 49.15 -44.84 -50.85
C VAL A 214 49.51 -45.72 -49.64
N LYS A 215 50.11 -45.12 -48.61
CA LYS A 215 50.32 -45.74 -47.26
C LYS A 215 49.07 -45.50 -46.41
N ALA A 216 48.97 -46.14 -45.24
CA ALA A 216 47.90 -45.91 -44.23
C ALA A 216 48.18 -44.63 -43.43
N LYS A 217 49.33 -43.99 -43.65
CA LYS A 217 49.74 -42.71 -43.03
C LYS A 217 49.36 -41.53 -43.94
N GLU A 218 49.45 -41.72 -45.26
CA GLU A 218 49.23 -40.67 -46.30
C GLU A 218 47.72 -40.50 -46.60
N VAL A 219 46.85 -41.22 -45.89
CA VAL A 219 45.36 -40.96 -45.88
C VAL A 219 44.86 -41.00 -44.45
N GLU A 220 43.82 -40.22 -44.16
CA GLU A 220 42.98 -40.37 -42.95
C GLU A 220 41.56 -40.61 -43.45
N VAL A 221 40.83 -41.47 -42.76
CA VAL A 221 39.51 -41.99 -43.22
C VAL A 221 38.47 -41.75 -42.11
N GLY A 222 37.34 -41.15 -42.48
CA GLY A 222 36.17 -40.91 -41.62
C GLY A 222 35.10 -41.94 -41.90
N ARG A 223 34.10 -42.03 -41.03
CA ARG A 223 33.18 -43.19 -41.03
C ARG A 223 31.96 -42.88 -40.15
N CYS A 224 30.77 -43.26 -40.62
CA CYS A 224 29.53 -43.37 -39.81
C CYS A 224 28.83 -44.66 -40.21
N THR A 225 28.36 -45.46 -39.25
CA THR A 225 27.67 -46.75 -39.53
C THR A 225 26.29 -46.72 -38.86
N ALA A 226 25.36 -47.55 -39.34
CA ALA A 226 24.02 -47.75 -38.74
C ALA A 226 24.18 -48.26 -37.29
N ALA A 227 25.18 -49.13 -37.08
CA ALA A 227 25.59 -49.69 -35.77
C ALA A 227 26.11 -48.58 -34.83
N ASN A 228 27.02 -47.73 -35.33
CA ASN A 228 27.76 -46.69 -34.57
C ASN A 228 27.61 -45.34 -35.28
N PRO A 229 26.44 -44.66 -35.18
CA PRO A 229 26.13 -43.50 -36.02
C PRO A 229 27.02 -42.25 -35.84
N ALA A 230 27.74 -42.17 -34.70
CA ALA A 230 28.71 -41.09 -34.40
C ALA A 230 29.82 -41.10 -35.46
N PHE A 231 30.27 -39.92 -35.88
CA PHE A 231 31.36 -39.76 -36.86
C PHE A 231 32.68 -40.16 -36.21
N GLN A 232 33.28 -41.29 -36.62
CA GLN A 232 34.59 -41.74 -36.12
C GLN A 232 35.63 -41.47 -37.21
N ARG A 233 36.81 -41.04 -36.80
CA ARG A 233 38.08 -41.32 -37.53
C ARG A 233 38.32 -42.82 -37.43
N VAL A 234 38.79 -43.43 -38.52
CA VAL A 234 39.18 -44.87 -38.57
C VAL A 234 40.64 -44.97 -38.15
N PRO A 235 41.03 -45.93 -37.26
CA PRO A 235 42.44 -46.10 -36.89
C PRO A 235 43.28 -46.63 -38.08
N ASN A 236 44.57 -46.28 -38.11
CA ASN A 236 45.51 -46.60 -39.23
C ASN A 236 45.73 -48.12 -39.36
N SER A 237 45.47 -48.90 -38.29
CA SER A 237 45.46 -50.39 -38.30
C SER A 237 44.43 -50.91 -39.31
N GLU A 238 43.16 -50.48 -39.18
CA GLU A 238 42.00 -50.95 -39.99
C GLU A 238 42.10 -50.45 -41.43
N VAL A 239 42.72 -49.29 -41.67
CA VAL A 239 42.97 -48.75 -43.04
C VAL A 239 44.03 -49.62 -43.73
N GLU A 240 45.01 -50.14 -43.00
CA GLU A 240 46.10 -50.99 -43.57
C GLU A 240 45.53 -52.34 -44.01
N GLU A 241 44.44 -52.83 -43.40
CA GLU A 241 43.71 -54.07 -43.80
C GLU A 241 42.92 -53.89 -45.11
N TRP A 242 42.66 -52.63 -45.51
CA TRP A 242 41.96 -52.26 -46.76
C TRP A 242 42.96 -52.01 -47.90
N LEU A 243 44.14 -51.45 -47.59
CA LEU A 243 45.19 -51.11 -48.60
C LEU A 243 45.99 -52.36 -48.99
N THR A 244 46.09 -53.34 -48.09
CA THR A 244 46.62 -54.71 -48.40
C THR A 244 45.58 -55.47 -49.23
N ALA A 245 44.30 -55.29 -48.95
CA ALA A 245 43.15 -55.95 -49.64
C ALA A 245 42.88 -55.32 -51.02
N VAL A 246 43.34 -54.08 -51.28
CA VAL A 246 43.27 -53.39 -52.61
C VAL A 246 44.42 -53.88 -53.49
N ALA A 247 45.64 -53.95 -52.94
CA ALA A 247 46.88 -54.42 -53.60
C ALA A 247 46.73 -55.85 -54.13
N GLU A 248 45.97 -56.69 -53.43
CA GLU A 248 45.70 -58.12 -53.79
C GLU A 248 44.79 -58.18 -55.04
N ALA A 249 43.56 -57.66 -54.96
CA ALA A 249 42.56 -57.65 -56.06
C ALA A 249 42.69 -56.37 -56.89
N GLU B 3 28.99 -4.29 -46.39
CA GLU B 3 29.85 -3.11 -46.06
C GLU B 3 30.07 -2.27 -47.34
N ALA B 4 30.10 -2.91 -48.51
CA ALA B 4 30.07 -2.24 -49.85
C ALA B 4 28.63 -1.84 -50.16
N PHE B 5 28.19 -0.66 -49.73
CA PHE B 5 26.76 -0.24 -49.84
C PHE B 5 26.48 0.40 -51.20
N TYR B 6 27.43 0.41 -52.12
CA TYR B 6 27.28 1.06 -53.45
C TYR B 6 26.62 0.09 -54.45
N GLY B 7 25.73 0.60 -55.31
CA GLY B 7 25.01 -0.20 -56.33
C GLY B 7 25.96 -0.77 -57.38
N LEU B 8 25.78 -2.05 -57.70
CA LEU B 8 26.54 -2.81 -58.73
C LEU B 8 25.84 -2.66 -60.08
N THR B 9 24.50 -2.74 -60.05
CA THR B 9 23.58 -2.51 -61.20
C THR B 9 23.41 -1.00 -61.41
N THR B 10 23.74 -0.52 -62.61
CA THR B 10 23.63 0.90 -63.05
C THR B 10 23.07 0.92 -64.48
N PHE B 11 22.80 2.10 -65.02
CA PHE B 11 22.34 2.30 -66.41
C PHE B 11 23.54 2.55 -67.33
N SER B 12 23.57 1.88 -68.47
CA SER B 12 24.52 2.18 -69.58
C SER B 12 24.04 3.44 -70.30
N PRO B 13 24.88 4.11 -71.13
CA PRO B 13 24.43 5.27 -71.92
C PRO B 13 23.33 4.98 -72.96
N SER B 14 23.19 3.72 -73.39
CA SER B 14 22.13 3.22 -74.31
C SER B 14 20.76 3.22 -73.62
N GLY B 15 20.73 3.12 -72.28
CA GLY B 15 19.52 3.12 -71.45
C GLY B 15 19.37 1.85 -70.63
N LYS B 16 19.79 0.70 -71.19
CA LYS B 16 19.63 -0.65 -70.57
C LYS B 16 20.39 -0.74 -69.24
N LEU B 17 19.87 -1.55 -68.32
CA LEU B 17 20.59 -2.03 -67.11
C LEU B 17 21.42 -3.25 -67.50
N ILE B 18 22.71 -3.04 -67.80
CA ILE B 18 23.61 -4.08 -68.39
C ILE B 18 23.64 -5.30 -67.46
N GLN B 19 23.76 -5.09 -66.15
CA GLN B 19 24.03 -6.18 -65.17
C GLN B 19 22.78 -7.05 -64.98
N ILE B 20 21.63 -6.69 -65.57
CA ILE B 20 20.39 -7.53 -65.59
C ILE B 20 20.32 -8.32 -66.90
N GLU B 21 20.67 -7.71 -68.03
CA GLU B 21 20.77 -8.44 -69.32
C GLU B 21 21.68 -9.66 -69.11
N TYR B 22 22.75 -9.49 -68.32
CA TYR B 22 23.76 -10.54 -68.06
C TYR B 22 23.19 -11.60 -67.13
N ALA B 23 22.47 -11.18 -66.07
CA ALA B 23 21.77 -12.10 -65.14
C ALA B 23 20.64 -12.85 -65.87
N THR B 24 19.96 -12.22 -66.83
CA THR B 24 18.94 -12.84 -67.72
C THR B 24 19.65 -13.84 -68.65
N THR B 25 20.88 -13.54 -69.09
CA THR B 25 21.74 -14.46 -69.89
C THR B 25 22.11 -15.67 -69.02
N ALA B 26 22.25 -15.49 -67.70
CA ALA B 26 22.57 -16.56 -66.73
C ALA B 26 21.34 -17.44 -66.49
N ALA B 27 20.14 -16.86 -66.45
CA ALA B 27 18.85 -17.58 -66.30
C ALA B 27 18.45 -18.29 -67.61
N GLY B 28 19.06 -17.90 -68.75
CA GLY B 28 18.84 -18.55 -70.06
C GLY B 28 19.78 -19.72 -70.29
N LYS B 29 20.68 -20.02 -69.35
CA LYS B 29 21.80 -20.98 -69.56
C LYS B 29 21.50 -22.34 -68.94
N GLY B 30 20.89 -22.38 -67.74
CA GLY B 30 20.64 -23.63 -67.00
C GLY B 30 19.65 -24.53 -67.71
N THR B 31 19.46 -25.75 -67.21
CA THR B 31 18.66 -26.83 -67.85
C THR B 31 17.20 -26.40 -68.02
N THR B 32 16.55 -26.88 -69.10
CA THR B 32 15.17 -26.52 -69.51
C THR B 32 14.18 -26.95 -68.43
N ALA B 33 13.20 -26.09 -68.16
CA ALA B 33 12.04 -26.34 -67.28
C ALA B 33 10.85 -25.65 -67.91
N LEU B 34 9.65 -26.20 -67.75
CA LEU B 34 8.46 -25.68 -68.47
C LEU B 34 7.16 -26.11 -67.80
N GLY B 35 6.17 -25.25 -67.94
CA GLY B 35 4.82 -25.38 -67.38
C GLY B 35 3.78 -25.32 -68.46
N VAL B 36 2.65 -25.98 -68.24
CA VAL B 36 1.48 -25.97 -69.16
C VAL B 36 0.21 -25.94 -68.34
N LYS B 37 -0.52 -24.84 -68.48
CA LYS B 37 -1.79 -24.55 -67.78
C LYS B 37 -2.90 -25.22 -68.59
N ALA B 38 -3.70 -26.05 -67.93
CA ALA B 38 -4.94 -26.63 -68.47
C ALA B 38 -6.13 -25.89 -67.85
N THR B 39 -7.35 -26.29 -68.22
CA THR B 39 -8.63 -25.81 -67.63
C THR B 39 -8.69 -26.20 -66.15
N ASP B 40 -8.22 -27.40 -65.82
CA ASP B 40 -8.47 -28.09 -64.53
C ASP B 40 -7.17 -28.24 -63.73
N GLY B 41 -6.13 -27.49 -64.07
CA GLY B 41 -4.83 -27.57 -63.37
C GLY B 41 -3.70 -27.00 -64.20
N VAL B 42 -2.47 -27.14 -63.69
CA VAL B 42 -1.20 -26.85 -64.43
C VAL B 42 -0.19 -27.93 -64.07
N VAL B 43 0.73 -28.18 -65.00
CA VAL B 43 1.91 -29.07 -64.81
C VAL B 43 3.18 -28.30 -65.15
N ILE B 44 4.12 -28.23 -64.20
CA ILE B 44 5.52 -27.79 -64.44
C ILE B 44 6.40 -29.04 -64.43
N ALA B 45 7.25 -29.17 -65.44
CA ALA B 45 8.27 -30.22 -65.56
C ALA B 45 9.62 -29.56 -65.81
N ALA B 46 10.69 -30.16 -65.29
CA ALA B 46 12.08 -29.77 -65.51
C ALA B 46 12.95 -31.01 -65.65
N LYS B 47 14.05 -30.90 -66.40
CA LYS B 47 15.05 -31.98 -66.52
C LYS B 47 16.18 -31.68 -65.53
N LYS B 48 16.35 -32.57 -64.54
CA LYS B 48 17.47 -32.59 -63.57
C LYS B 48 18.56 -33.52 -64.11
N LYS B 49 19.11 -33.15 -65.27
CA LYS B 49 20.34 -33.77 -65.84
C LYS B 49 21.45 -33.59 -64.81
N ALA B 50 21.80 -34.68 -64.10
CA ALA B 50 22.84 -34.73 -63.05
C ALA B 50 24.22 -34.75 -63.72
N PRO B 51 25.25 -34.09 -63.14
CA PRO B 51 26.59 -34.06 -63.75
C PRO B 51 27.20 -35.45 -64.06
N SER B 52 27.10 -36.38 -63.10
CA SER B 52 27.51 -37.82 -63.20
C SER B 52 26.38 -38.71 -62.68
N THR B 53 26.53 -40.03 -62.83
CA THR B 53 25.56 -41.06 -62.37
C THR B 53 25.66 -41.26 -60.86
N LEU B 54 26.78 -40.84 -60.27
CA LEU B 54 27.07 -40.95 -58.82
C LEU B 54 26.20 -40.00 -57.99
N VAL B 55 25.79 -38.87 -58.55
CA VAL B 55 24.95 -37.89 -57.82
C VAL B 55 23.61 -38.58 -57.58
N ASP B 56 23.24 -38.75 -56.31
CA ASP B 56 21.92 -39.27 -55.89
C ASP B 56 20.86 -38.38 -56.55
N ALA B 57 19.98 -38.98 -57.37
CA ALA B 57 18.93 -38.28 -58.13
C ALA B 57 17.91 -37.66 -57.16
N SER B 58 17.50 -38.41 -56.14
CA SER B 58 16.45 -38.05 -55.15
C SER B 58 16.83 -36.82 -54.31
N SER B 59 18.12 -36.56 -54.14
CA SER B 59 18.66 -35.40 -53.37
C SER B 59 18.53 -34.12 -54.20
N ILE B 60 18.76 -34.20 -55.52
CA ILE B 60 18.52 -33.06 -56.45
C ILE B 60 17.01 -32.76 -56.42
N GLN B 61 16.67 -31.48 -56.51
CA GLN B 61 15.28 -30.96 -56.52
C GLN B 61 15.26 -29.82 -57.53
N LYS B 62 14.61 -30.03 -58.67
CA LYS B 62 14.43 -28.97 -59.68
C LYS B 62 13.01 -28.40 -59.60
N VAL B 63 12.15 -28.91 -58.71
CA VAL B 63 10.73 -28.50 -58.56
C VAL B 63 10.37 -28.49 -57.07
N PHE B 64 9.94 -27.35 -56.56
CA PHE B 64 9.79 -27.10 -55.11
C PHE B 64 8.34 -26.78 -54.79
N VAL B 65 7.87 -27.31 -53.68
CA VAL B 65 6.59 -26.90 -53.06
C VAL B 65 6.87 -25.58 -52.33
N LEU B 66 6.17 -24.49 -52.67
CA LEU B 66 6.24 -23.20 -51.94
C LEU B 66 5.25 -23.21 -50.79
N ASP B 67 4.12 -23.88 -50.99
CA ASP B 67 3.07 -24.11 -49.97
C ASP B 67 2.04 -25.02 -50.64
N GLU B 68 1.37 -25.87 -49.87
CA GLU B 68 0.26 -26.77 -50.32
C GLU B 68 -0.15 -26.47 -51.77
N HIS B 69 -0.52 -25.21 -52.06
CA HIS B 69 -1.32 -24.79 -53.22
C HIS B 69 -0.50 -24.15 -54.34
N VAL B 70 0.82 -24.07 -54.19
CA VAL B 70 1.70 -23.48 -55.24
C VAL B 70 3.11 -24.04 -55.10
N GLY B 71 3.66 -24.51 -56.22
CA GLY B 71 5.07 -24.88 -56.35
C GLY B 71 5.72 -24.05 -57.42
N CYS B 72 7.02 -24.25 -57.63
CA CYS B 72 7.77 -23.57 -58.71
C CYS B 72 8.87 -24.51 -59.22
N THR B 73 9.43 -24.16 -60.37
CA THR B 73 10.70 -24.75 -60.87
C THR B 73 11.64 -23.58 -61.09
N TYR B 74 12.73 -23.79 -61.83
CA TYR B 74 13.68 -22.70 -62.15
C TYR B 74 14.66 -23.11 -63.24
N SER B 75 15.33 -22.08 -63.73
CA SER B 75 16.47 -22.13 -64.67
C SER B 75 17.63 -21.35 -64.04
N GLY B 76 18.83 -21.61 -64.56
CA GLY B 76 20.04 -20.85 -64.21
C GLY B 76 20.63 -21.31 -62.90
N MET B 77 21.06 -20.37 -62.06
CA MET B 77 21.82 -20.65 -60.83
C MET B 77 20.85 -21.18 -59.75
N GLY B 78 20.92 -22.49 -59.48
CA GLY B 78 20.14 -23.15 -58.43
C GLY B 78 20.42 -22.59 -57.05
N PRO B 79 21.69 -22.29 -56.70
CA PRO B 79 22.02 -21.65 -55.42
C PRO B 79 21.19 -20.40 -55.14
N ASP B 80 21.09 -19.51 -56.15
CA ASP B 80 20.32 -18.24 -56.10
C ASP B 80 18.85 -18.55 -55.92
N CYS B 81 18.30 -19.35 -56.84
CA CYS B 81 16.87 -19.77 -56.83
C CYS B 81 16.45 -20.15 -55.41
N ARG B 82 17.27 -20.98 -54.76
CA ARG B 82 17.03 -21.52 -53.40
C ARG B 82 16.91 -20.38 -52.39
N VAL B 83 17.23 -19.13 -52.75
CA VAL B 83 16.98 -17.93 -51.91
C VAL B 83 15.59 -17.37 -52.23
N LEU B 84 15.18 -17.28 -53.51
CA LEU B 84 13.82 -16.80 -53.89
C LEU B 84 12.77 -17.76 -53.35
N ILE B 85 13.02 -19.06 -53.49
CA ILE B 85 12.16 -20.16 -52.97
C ILE B 85 12.02 -19.99 -51.46
N ASP B 86 13.13 -19.92 -50.72
CA ASP B 86 13.10 -19.92 -49.24
C ASP B 86 12.41 -18.65 -48.75
N SER B 87 12.62 -17.52 -49.43
CA SER B 87 11.85 -16.26 -49.24
C SER B 87 10.35 -16.56 -49.46
N ALA B 88 9.98 -16.98 -50.67
CA ALA B 88 8.59 -17.21 -51.13
C ALA B 88 7.83 -18.07 -50.12
N ARG B 89 8.46 -19.16 -49.67
CA ARG B 89 7.92 -20.10 -48.65
C ARG B 89 7.55 -19.32 -47.38
N LYS B 90 8.38 -18.36 -46.99
CA LYS B 90 8.09 -17.45 -45.85
C LYS B 90 6.84 -16.60 -46.20
N ASN B 91 6.85 -15.90 -47.33
CA ASN B 91 5.74 -15.02 -47.78
C ASN B 91 4.43 -15.81 -47.79
N CYS B 92 4.45 -17.08 -48.22
CA CYS B 92 3.24 -17.98 -48.29
C CYS B 92 2.72 -18.33 -46.91
N GLN B 93 3.62 -18.50 -45.93
CA GLN B 93 3.26 -18.67 -44.49
C GLN B 93 2.79 -17.30 -43.98
N GLN B 94 3.68 -16.31 -43.94
CA GLN B 94 3.37 -14.96 -43.40
C GLN B 94 2.01 -14.47 -43.90
N TYR B 95 1.60 -14.86 -45.11
CA TYR B 95 0.25 -14.56 -45.64
C TYR B 95 -0.79 -15.40 -44.89
N LYS B 96 -0.64 -16.73 -44.88
CA LYS B 96 -1.54 -17.69 -44.16
C LYS B 96 -1.81 -17.19 -42.74
N LEU B 97 -0.74 -16.88 -42.00
CA LEU B 97 -0.80 -16.39 -40.59
C LEU B 97 -1.72 -15.18 -40.48
N MET B 98 -1.60 -14.23 -41.42
CA MET B 98 -2.38 -12.97 -41.37
C MET B 98 -3.82 -13.24 -41.81
N TYR B 99 -4.02 -13.82 -42.98
CA TYR B 99 -5.33 -13.85 -43.67
C TYR B 99 -5.99 -15.23 -43.59
N ASN B 100 -5.39 -16.23 -42.93
CA ASN B 100 -6.03 -17.55 -42.70
C ASN B 100 -6.55 -18.06 -44.05
N GLU B 101 -5.67 -18.09 -45.04
CA GLU B 101 -6.02 -18.27 -46.48
C GLU B 101 -4.77 -18.64 -47.22
N PRO B 102 -4.81 -19.58 -48.19
CA PRO B 102 -3.68 -19.76 -49.11
C PRO B 102 -3.43 -18.48 -49.91
N ILE B 103 -2.17 -18.02 -49.95
CA ILE B 103 -1.77 -16.80 -50.72
C ILE B 103 -2.18 -16.98 -52.17
N PRO B 104 -2.82 -15.96 -52.79
CA PRO B 104 -3.01 -15.96 -54.24
C PRO B 104 -1.66 -15.91 -54.98
N ILE B 105 -1.55 -16.63 -56.09
CA ILE B 105 -0.28 -16.77 -56.84
C ILE B 105 0.15 -15.38 -57.30
N SER B 106 -0.83 -14.63 -57.78
CA SER B 106 -0.75 -13.20 -58.13
C SER B 106 0.11 -12.42 -57.12
N GLN B 107 -0.26 -12.46 -55.84
CA GLN B 107 0.46 -11.77 -54.72
C GLN B 107 1.80 -12.43 -54.43
N LEU B 108 1.89 -13.76 -54.56
CA LEU B 108 3.13 -14.51 -54.29
C LEU B 108 4.21 -14.12 -55.29
N VAL B 109 3.82 -13.92 -56.55
CA VAL B 109 4.77 -13.66 -57.65
C VAL B 109 5.22 -12.19 -57.57
N ARG B 110 4.32 -11.28 -57.20
CA ARG B 110 4.62 -9.84 -56.93
C ARG B 110 5.63 -9.68 -55.78
N LYS B 111 5.61 -10.55 -54.76
CA LYS B 111 6.54 -10.53 -53.59
C LYS B 111 7.89 -11.17 -53.98
N ILE B 112 7.89 -12.20 -54.82
CA ILE B 112 9.13 -12.76 -55.46
C ILE B 112 9.71 -11.66 -56.36
N SER B 113 8.86 -11.09 -57.23
CA SER B 113 9.21 -10.02 -58.19
C SER B 113 9.93 -8.88 -57.49
N ALA B 114 9.46 -8.50 -56.31
CA ALA B 114 9.96 -7.35 -55.50
C ALA B 114 11.35 -7.64 -54.93
N ILE B 115 11.66 -8.92 -54.68
CA ILE B 115 12.98 -9.38 -54.16
C ILE B 115 13.96 -9.41 -55.32
N TYR B 116 13.51 -9.81 -56.51
CA TYR B 116 14.32 -9.66 -57.75
C TYR B 116 14.70 -8.19 -57.95
N GLN B 117 13.75 -7.29 -57.77
CA GLN B 117 13.91 -5.82 -57.96
C GLN B 117 14.94 -5.32 -56.96
N GLU B 118 14.75 -5.59 -55.66
CA GLU B 118 15.69 -5.18 -54.58
C GLU B 118 17.13 -5.44 -55.01
N PHE B 119 17.43 -6.62 -55.55
CA PHE B 119 18.80 -7.09 -55.86
C PHE B 119 19.28 -6.56 -57.22
N THR B 120 18.50 -5.72 -57.90
CA THR B 120 18.98 -4.83 -58.99
C THR B 120 19.45 -3.54 -58.32
N GLN B 121 18.52 -2.81 -57.72
CA GLN B 121 18.71 -1.42 -57.20
C GLN B 121 19.72 -1.44 -56.05
N SER B 122 19.43 -2.17 -54.96
CA SER B 122 20.11 -2.11 -53.64
C SER B 122 21.62 -2.31 -53.74
N GLY B 123 22.28 -1.95 -52.64
CA GLY B 123 23.73 -1.73 -52.53
C GLY B 123 24.48 -3.04 -52.42
N GLY B 124 25.52 -3.18 -53.25
CA GLY B 124 26.57 -4.22 -53.17
C GLY B 124 25.97 -5.60 -53.21
N VAL B 125 24.99 -5.79 -54.09
CA VAL B 125 24.45 -7.13 -54.44
C VAL B 125 24.32 -7.15 -55.95
N ARG B 126 24.60 -8.29 -56.56
CA ARG B 126 24.26 -8.51 -57.98
C ARG B 126 22.82 -9.01 -58.03
N PRO B 127 22.15 -8.93 -59.22
CA PRO B 127 20.85 -9.59 -59.41
C PRO B 127 20.93 -11.13 -59.31
N PHE B 128 19.80 -11.78 -59.10
CA PHE B 128 19.73 -13.27 -59.11
C PHE B 128 19.87 -13.72 -60.56
N GLY B 129 20.51 -14.87 -60.75
CA GLY B 129 20.74 -15.48 -62.07
C GLY B 129 19.79 -16.64 -62.29
N CYS B 130 18.50 -16.43 -62.04
CA CYS B 130 17.48 -17.49 -62.15
C CYS B 130 16.12 -16.92 -62.54
N SER B 131 15.47 -17.54 -63.53
CA SER B 131 14.03 -17.36 -63.82
C SER B 131 13.28 -18.38 -62.97
N LEU B 132 12.30 -17.95 -62.21
CA LEU B 132 11.32 -18.88 -61.59
C LEU B 132 10.26 -19.24 -62.62
N LEU B 133 9.46 -20.27 -62.32
CA LEU B 133 8.28 -20.67 -63.10
C LEU B 133 7.19 -21.13 -62.14
N VAL B 134 6.63 -20.18 -61.41
CA VAL B 134 5.70 -20.43 -60.29
C VAL B 134 4.39 -20.93 -60.86
N ALA B 135 3.81 -21.97 -60.26
CA ALA B 135 2.53 -22.58 -60.70
C ALA B 135 1.70 -22.92 -59.48
N GLY B 136 0.46 -22.44 -59.42
CA GLY B 136 -0.39 -22.66 -58.24
C GLY B 136 -1.87 -22.43 -58.50
N VAL B 137 -2.65 -22.45 -57.42
CA VAL B 137 -4.13 -22.33 -57.51
C VAL B 137 -4.66 -21.50 -56.33
N ASP B 138 -5.62 -20.63 -56.64
CA ASP B 138 -6.28 -19.69 -55.71
C ASP B 138 -7.77 -19.69 -56.06
N ALA B 139 -8.55 -18.74 -55.53
CA ALA B 139 -9.96 -18.49 -55.89
C ALA B 139 -10.08 -18.10 -57.38
N ASN B 140 -9.03 -17.50 -57.96
CA ASN B 140 -9.01 -16.96 -59.34
C ASN B 140 -8.64 -18.04 -60.37
N GLY B 141 -8.71 -19.34 -60.00
CA GLY B 141 -8.41 -20.48 -60.89
C GLY B 141 -6.95 -20.89 -60.83
N TYR B 142 -6.41 -21.40 -61.94
CA TYR B 142 -5.03 -21.94 -62.07
C TYR B 142 -4.15 -20.92 -62.78
N HIS B 143 -2.94 -20.73 -62.24
CA HIS B 143 -1.96 -19.78 -62.80
C HIS B 143 -0.62 -20.48 -62.96
N LEU B 144 -0.03 -20.29 -64.15
CA LEU B 144 1.42 -20.36 -64.36
C LEU B 144 1.91 -18.91 -64.46
N TYR B 145 3.12 -18.66 -63.94
CA TYR B 145 3.85 -17.37 -63.97
C TYR B 145 5.34 -17.63 -64.15
N GLN B 146 5.95 -16.97 -65.11
CA GLN B 146 7.41 -16.82 -65.19
C GLN B 146 7.76 -15.60 -64.35
N VAL B 147 8.87 -15.65 -63.61
CA VAL B 147 9.53 -14.44 -63.08
C VAL B 147 10.95 -14.44 -63.64
N ASP B 148 11.52 -13.25 -63.86
CA ASP B 148 12.89 -13.09 -64.46
C ASP B 148 13.80 -12.37 -63.47
N PRO B 149 15.12 -12.36 -63.70
CA PRO B 149 16.06 -11.57 -62.92
C PRO B 149 15.77 -10.06 -62.81
N SER B 150 15.16 -9.50 -63.87
CA SER B 150 14.69 -8.08 -63.96
C SER B 150 13.77 -7.75 -62.79
N GLY B 151 12.88 -8.70 -62.41
CA GLY B 151 11.72 -8.50 -61.52
C GLY B 151 10.43 -8.67 -62.30
N THR B 152 10.45 -8.30 -63.58
CA THR B 152 9.39 -8.53 -64.60
C THR B 152 8.79 -9.93 -64.41
N PHE B 153 7.47 -10.02 -64.34
CA PHE B 153 6.77 -11.32 -64.28
C PHE B 153 5.63 -11.31 -65.29
N TRP B 154 5.52 -12.42 -66.00
CA TRP B 154 4.42 -12.71 -66.94
C TRP B 154 3.61 -13.87 -66.40
N ALA B 155 2.28 -13.82 -66.50
CA ALA B 155 1.44 -15.03 -66.42
C ALA B 155 1.48 -15.67 -67.81
N TRP B 156 1.42 -17.00 -67.88
CA TRP B 156 1.44 -17.74 -69.17
C TRP B 156 0.37 -18.83 -69.16
N LYS B 157 -0.05 -19.23 -70.37
CA LYS B 157 -0.84 -20.46 -70.62
C LYS B 157 0.11 -21.66 -70.65
N ALA B 158 1.31 -21.46 -71.21
CA ALA B 158 2.42 -22.44 -71.20
C ALA B 158 3.70 -21.77 -71.69
N THR B 159 4.81 -22.06 -71.05
CA THR B 159 6.12 -21.52 -71.45
C THR B 159 7.21 -22.45 -70.95
N ALA B 160 8.42 -22.20 -71.43
CA ALA B 160 9.67 -22.87 -71.02
C ALA B 160 10.72 -21.81 -70.73
N ILE B 161 11.68 -22.18 -69.89
CA ILE B 161 12.85 -21.34 -69.48
C ILE B 161 14.05 -22.27 -69.55
N GLY B 162 15.26 -21.73 -69.60
CA GLY B 162 16.50 -22.51 -69.73
C GLY B 162 16.95 -22.62 -71.18
N THR B 163 17.65 -23.70 -71.53
CA THR B 163 18.53 -23.77 -72.72
C THR B 163 17.68 -24.03 -73.96
N GLY B 164 16.81 -25.04 -73.93
CA GLY B 164 15.98 -25.42 -75.10
C GLY B 164 14.83 -24.46 -75.35
N SER B 165 14.73 -23.35 -74.60
CA SER B 165 13.48 -22.57 -74.37
C SER B 165 13.02 -21.74 -75.57
N PRO B 166 13.88 -21.31 -76.53
CA PRO B 166 13.38 -20.76 -77.80
C PRO B 166 12.67 -21.79 -78.70
N ASP B 167 13.11 -23.06 -78.63
CA ASP B 167 12.65 -24.20 -79.47
C ASP B 167 11.53 -24.98 -78.77
N ALA B 168 11.53 -25.02 -77.43
CA ALA B 168 10.43 -25.61 -76.62
C ALA B 168 9.18 -24.72 -76.70
N LYS B 169 9.33 -23.39 -76.70
CA LYS B 169 8.18 -22.44 -76.82
C LYS B 169 7.61 -22.45 -78.25
N ALA B 170 8.44 -22.76 -79.26
CA ALA B 170 8.02 -22.95 -80.66
C ALA B 170 7.17 -24.23 -80.76
N PHE B 171 7.62 -25.31 -80.13
CA PHE B 171 6.94 -26.64 -80.10
C PHE B 171 5.67 -26.55 -79.24
N LEU B 172 5.70 -25.84 -78.10
CA LEU B 172 4.54 -25.68 -77.17
C LEU B 172 3.41 -24.89 -77.86
N GLU B 173 3.73 -24.00 -78.80
CA GLU B 173 2.73 -23.14 -79.49
C GLU B 173 1.83 -24.00 -80.40
N LYS B 174 2.42 -24.97 -81.12
CA LYS B 174 1.69 -25.90 -82.03
C LYS B 174 0.76 -26.80 -81.20
N ARG B 175 1.31 -27.54 -80.23
CA ARG B 175 0.60 -28.53 -79.39
C ARG B 175 -0.56 -27.88 -78.63
N TYR B 176 -0.35 -26.69 -78.07
CA TYR B 176 -1.26 -26.09 -77.06
C TYR B 176 -2.59 -25.71 -77.73
N THR B 177 -3.69 -26.17 -77.14
CA THR B 177 -5.10 -25.72 -77.37
C THR B 177 -5.71 -25.36 -76.00
N VAL B 178 -6.73 -24.50 -75.99
CA VAL B 178 -7.32 -23.94 -74.74
C VAL B 178 -8.07 -25.05 -73.97
N ASP B 179 -8.67 -26.02 -74.66
CA ASP B 179 -9.41 -27.17 -74.06
C ASP B 179 -8.48 -27.98 -73.16
N MET B 180 -7.27 -28.28 -73.65
CA MET B 180 -6.23 -29.18 -73.06
C MET B 180 -6.50 -29.46 -71.58
N GLU B 181 -6.71 -30.74 -71.24
CA GLU B 181 -6.96 -31.23 -69.85
C GLU B 181 -5.66 -31.79 -69.26
N LEU B 182 -5.60 -31.92 -67.93
CA LEU B 182 -4.35 -32.06 -67.13
C LEU B 182 -3.55 -33.29 -67.57
N GLU B 183 -4.23 -34.42 -67.83
CA GLU B 183 -3.58 -35.69 -68.26
C GLU B 183 -3.01 -35.56 -69.69
N ASP B 184 -3.61 -34.70 -70.51
CA ASP B 184 -3.15 -34.36 -71.88
C ASP B 184 -2.07 -33.26 -71.81
N ALA B 185 -2.08 -32.44 -70.75
CA ALA B 185 -1.06 -31.40 -70.49
C ALA B 185 0.26 -32.06 -70.07
N VAL B 186 0.23 -32.96 -69.08
CA VAL B 186 1.42 -33.69 -68.55
C VAL B 186 2.08 -34.42 -69.73
N HIS B 187 1.27 -35.03 -70.59
CA HIS B 187 1.68 -35.66 -71.87
C HIS B 187 2.40 -34.60 -72.72
N THR B 188 1.78 -33.44 -72.93
CA THR B 188 2.28 -32.31 -73.77
C THR B 188 3.56 -31.70 -73.20
N ALA B 189 3.63 -31.57 -71.86
CA ALA B 189 4.79 -31.04 -71.11
C ALA B 189 5.98 -31.99 -71.33
N LEU B 190 5.81 -33.26 -71.00
CA LEU B 190 6.89 -34.27 -71.08
C LEU B 190 7.37 -34.43 -72.52
N LEU B 191 6.47 -34.38 -73.50
CA LEU B 191 6.79 -34.43 -74.96
C LEU B 191 7.72 -33.28 -75.36
N THR B 192 7.57 -32.11 -74.71
CA THR B 192 8.35 -30.88 -74.97
C THR B 192 9.79 -31.06 -74.45
N LEU B 193 9.96 -31.60 -73.24
CA LEU B 193 11.27 -31.97 -72.66
C LEU B 193 11.94 -32.98 -73.61
N LYS B 194 11.18 -34.00 -74.03
CA LYS B 194 11.65 -35.14 -74.88
C LYS B 194 12.32 -34.65 -76.16
N GLU B 195 11.85 -33.54 -76.74
CA GLU B 195 12.41 -32.92 -77.99
C GLU B 195 13.89 -32.55 -77.77
N GLY B 196 14.17 -31.61 -76.86
CA GLY B 196 15.50 -31.07 -76.57
C GLY B 196 16.39 -32.03 -75.81
N PHE B 197 15.82 -33.11 -75.23
CA PHE B 197 16.53 -34.13 -74.43
C PHE B 197 17.48 -34.93 -75.33
N ASP B 198 18.68 -35.21 -74.81
CA ASP B 198 19.67 -36.18 -75.36
C ASP B 198 19.84 -37.29 -74.30
N GLY B 199 19.70 -38.55 -74.73
CA GLY B 199 19.48 -39.71 -73.83
C GLY B 199 18.01 -39.84 -73.48
N GLN B 200 17.60 -41.01 -73.01
CA GLN B 200 16.19 -41.30 -72.65
C GLN B 200 15.82 -40.49 -71.39
N MET B 201 14.53 -40.15 -71.26
CA MET B 201 13.93 -39.62 -70.01
C MET B 201 13.63 -40.79 -69.07
N THR B 202 13.70 -40.54 -67.76
CA THR B 202 13.35 -41.49 -66.67
C THR B 202 12.81 -40.71 -65.47
N SER B 203 12.37 -41.41 -64.43
CA SER B 203 11.86 -40.85 -63.14
C SER B 203 13.00 -40.22 -62.33
N GLU B 204 14.25 -40.56 -62.65
CA GLU B 204 15.49 -40.02 -62.01
C GLU B 204 16.05 -38.85 -62.83
N ASN B 205 15.62 -38.68 -64.08
CA ASN B 205 16.20 -37.73 -65.05
C ASN B 205 15.38 -36.42 -65.06
N THR B 206 14.05 -36.52 -64.89
CA THR B 206 13.10 -35.38 -64.76
C THR B 206 12.38 -35.40 -63.42
N GLN B 207 11.95 -34.23 -62.98
CA GLN B 207 10.95 -34.04 -61.91
C GLN B 207 9.76 -33.32 -62.55
N VAL B 208 8.56 -33.81 -62.30
CA VAL B 208 7.28 -33.17 -62.74
C VAL B 208 6.53 -32.79 -61.47
N GLY B 209 6.16 -31.51 -61.35
CA GLY B 209 5.19 -31.01 -60.36
C GLY B 209 3.93 -30.61 -61.07
N ARG B 210 2.78 -30.84 -60.45
CA ARG B 210 1.48 -30.45 -61.05
C ARG B 210 0.59 -29.82 -59.98
N VAL B 211 -0.08 -28.74 -60.35
CA VAL B 211 -1.25 -28.20 -59.62
C VAL B 211 -2.45 -28.98 -60.13
N VAL B 212 -3.23 -29.53 -59.21
CA VAL B 212 -4.49 -30.25 -59.53
C VAL B 212 -5.48 -29.96 -58.39
N GLU B 213 -6.75 -29.84 -58.73
CA GLU B 213 -7.85 -29.64 -57.76
C GLU B 213 -7.56 -28.35 -56.99
N ASN B 214 -6.99 -28.43 -55.79
CA ASN B 214 -6.66 -27.23 -54.96
C ASN B 214 -5.36 -27.47 -54.20
N ARG B 215 -4.46 -28.27 -54.77
CA ARG B 215 -3.14 -28.56 -54.18
C ARG B 215 -2.12 -28.66 -55.30
N PHE B 216 -0.88 -28.23 -55.02
CA PHE B 216 0.33 -28.56 -55.81
C PHE B 216 0.91 -29.85 -55.23
N GLU B 217 1.48 -30.70 -56.08
CA GLU B 217 2.24 -31.90 -55.62
C GLU B 217 3.31 -32.25 -56.64
N ILE B 218 4.48 -32.66 -56.16
CA ILE B 218 5.54 -33.27 -57.00
C ILE B 218 5.08 -34.71 -57.26
N LEU B 219 5.25 -35.20 -58.48
CA LEU B 219 4.95 -36.61 -58.82
C LEU B 219 6.09 -37.48 -58.29
N SER B 220 5.76 -38.43 -57.41
CA SER B 220 6.65 -39.55 -56.96
C SER B 220 7.06 -40.36 -58.20
N VAL B 221 8.23 -41.00 -58.12
CA VAL B 221 8.90 -41.68 -59.27
C VAL B 221 8.00 -42.79 -59.85
N ASP B 222 7.01 -43.30 -59.10
CA ASP B 222 5.97 -44.25 -59.58
C ASP B 222 5.00 -43.54 -60.54
N GLN B 223 4.38 -42.45 -60.07
CA GLN B 223 3.36 -41.65 -60.81
C GLN B 223 3.98 -41.09 -62.10
N LEU B 224 5.28 -40.75 -62.08
CA LEU B 224 6.02 -40.25 -63.27
C LEU B 224 6.23 -41.40 -64.27
N ARG B 225 6.58 -42.61 -63.81
CA ARG B 225 6.81 -43.81 -64.68
C ARG B 225 5.54 -44.13 -65.48
N ASP B 226 4.36 -43.98 -64.87
CA ASP B 226 3.03 -44.19 -65.52
C ASP B 226 2.91 -43.28 -66.76
N TYR B 227 3.29 -42.00 -66.61
CA TYR B 227 3.21 -40.96 -67.68
C TYR B 227 4.37 -41.10 -68.68
N LEU B 228 5.51 -41.66 -68.27
CA LEU B 228 6.70 -41.84 -69.14
C LEU B 228 6.58 -43.12 -70.00
N ASP B 229 5.65 -44.02 -69.68
CA ASP B 229 5.39 -45.29 -70.43
C ASP B 229 4.42 -45.02 -71.60
N GLN B 230 3.77 -43.86 -71.64
CA GLN B 230 2.76 -43.48 -72.68
C GLN B 230 3.40 -42.67 -73.81
N ILE B 231 4.30 -41.72 -73.50
CA ILE B 231 4.95 -40.80 -74.49
C ILE B 231 5.97 -41.57 -75.34
N SER C 2 36.97 -2.33 -52.74
CA SER C 2 35.55 -2.20 -53.17
C SER C 2 35.21 -0.72 -53.45
N HIS C 3 35.94 0.26 -52.90
CA HIS C 3 35.82 1.70 -53.30
C HIS C 3 36.33 1.89 -54.74
N ARG C 4 37.20 0.99 -55.23
CA ARG C 4 37.80 1.02 -56.60
C ARG C 4 36.71 0.82 -57.66
N TYR C 5 35.73 -0.05 -57.39
CA TYR C 5 34.72 -0.57 -58.36
C TYR C 5 33.40 0.19 -58.22
N ASP C 6 33.33 1.20 -57.36
CA ASP C 6 32.13 2.06 -57.23
C ASP C 6 31.96 2.85 -58.54
N SER C 7 30.79 2.72 -59.17
CA SER C 7 30.32 3.48 -60.36
C SER C 7 30.24 4.98 -60.05
N ARG C 8 29.88 5.33 -58.81
CA ARG C 8 29.57 6.69 -58.30
C ARG C 8 28.34 7.20 -59.08
N THR C 9 27.16 6.71 -58.69
CA THR C 9 25.88 7.00 -59.37
C THR C 9 25.43 8.42 -58.99
N THR C 10 25.55 8.74 -57.70
CA THR C 10 25.07 10.00 -57.09
C THR C 10 26.19 11.04 -57.14
N THR C 11 26.73 11.32 -58.32
CA THR C 11 27.76 12.37 -58.56
C THR C 11 27.32 13.25 -59.73
N PHE C 12 27.86 14.45 -59.78
CA PHE C 12 27.82 15.28 -61.00
C PHE C 12 28.91 14.80 -61.96
N SER C 13 28.72 15.13 -63.23
CA SER C 13 29.72 15.00 -64.32
C SER C 13 30.34 16.37 -64.55
N PRO C 14 31.46 16.48 -65.32
CA PRO C 14 32.11 17.77 -65.54
C PRO C 14 31.24 18.90 -66.13
N GLU C 15 30.19 18.56 -66.86
CA GLU C 15 29.29 19.55 -67.50
C GLU C 15 28.15 19.96 -66.54
N GLY C 16 27.90 19.17 -65.49
CA GLY C 16 26.99 19.52 -64.38
C GLY C 16 25.63 18.86 -64.53
N ARG C 17 25.63 17.54 -64.75
CA ARG C 17 24.43 16.73 -65.08
C ARG C 17 24.62 15.32 -64.56
N LEU C 18 23.63 14.81 -63.84
CA LEU C 18 23.64 13.47 -63.20
C LEU C 18 23.53 12.42 -64.32
N TYR C 19 24.64 11.74 -64.65
CA TYR C 19 24.68 10.82 -65.82
C TYR C 19 23.63 9.71 -65.63
N GLN C 20 23.62 9.08 -64.46
CA GLN C 20 22.78 7.87 -64.18
C GLN C 20 21.30 8.23 -64.40
N VAL C 21 20.93 9.51 -64.24
CA VAL C 21 19.57 10.03 -64.56
C VAL C 21 19.43 10.18 -66.08
N GLU C 22 20.32 10.95 -66.72
CA GLU C 22 20.27 11.21 -68.17
C GLU C 22 20.13 9.87 -68.92
N TYR C 23 20.79 8.83 -68.42
CA TYR C 23 20.74 7.46 -69.00
C TYR C 23 19.38 6.83 -68.71
N ALA C 24 18.91 6.86 -67.46
CA ALA C 24 17.59 6.32 -67.02
C ALA C 24 16.45 6.95 -67.83
N VAL C 25 16.61 8.21 -68.27
CA VAL C 25 15.69 8.91 -69.21
C VAL C 25 15.73 8.19 -70.56
N GLU C 26 16.94 7.95 -71.09
CA GLU C 26 17.13 7.18 -72.35
C GLU C 26 16.43 5.81 -72.25
N ALA C 27 16.39 5.20 -71.04
CA ALA C 27 15.74 3.90 -70.76
C ALA C 27 14.21 4.00 -70.87
N ILE C 28 13.66 5.19 -70.65
CA ILE C 28 12.20 5.46 -70.70
C ILE C 28 11.80 5.76 -72.15
N GLN C 29 12.71 6.23 -72.99
CA GLN C 29 12.45 6.43 -74.44
C GLN C 29 12.50 5.09 -75.20
N GLN C 30 12.87 3.97 -74.55
CA GLN C 30 12.80 2.60 -75.14
C GLN C 30 11.50 1.89 -74.72
N ALA C 31 10.80 2.42 -73.70
CA ALA C 31 9.53 1.88 -73.16
C ALA C 31 8.39 2.09 -74.15
N GLY C 32 7.21 1.55 -73.82
CA GLY C 32 5.98 1.75 -74.60
C GLY C 32 5.43 3.14 -74.38
N THR C 33 4.96 3.77 -75.45
CA THR C 33 4.35 5.13 -75.47
C THR C 33 3.07 5.14 -74.63
N VAL C 34 2.89 6.16 -73.79
CA VAL C 34 1.62 6.38 -73.03
C VAL C 34 1.21 7.84 -73.21
N ILE C 35 -0.06 8.05 -73.56
CA ILE C 35 -0.63 9.40 -73.84
C ILE C 35 -1.69 9.71 -72.79
N GLY C 36 -1.44 10.74 -71.99
CA GLY C 36 -2.43 11.36 -71.08
C GLY C 36 -3.15 12.51 -71.77
N VAL C 37 -4.43 12.70 -71.44
CA VAL C 37 -5.24 13.87 -71.92
C VAL C 37 -6.22 14.29 -70.82
N CYS C 38 -5.89 15.39 -70.13
CA CYS C 38 -6.73 16.09 -69.12
C CYS C 38 -7.84 16.86 -69.86
N THR C 39 -9.09 16.44 -69.66
CA THR C 39 -10.31 17.08 -70.22
C THR C 39 -11.00 17.87 -69.10
N LYS C 40 -12.30 18.18 -69.23
CA LYS C 40 -13.15 18.74 -68.14
C LYS C 40 -14.15 17.70 -67.65
N ASP C 41 -14.40 16.65 -68.45
CA ASP C 41 -15.36 15.54 -68.14
C ASP C 41 -14.60 14.35 -67.53
N GLY C 42 -13.27 14.32 -67.62
CA GLY C 42 -12.41 13.28 -67.03
C GLY C 42 -10.96 13.39 -67.47
N VAL C 43 -10.19 12.31 -67.33
CA VAL C 43 -8.81 12.18 -67.88
C VAL C 43 -8.69 10.82 -68.56
N VAL C 44 -7.83 10.76 -69.58
CA VAL C 44 -7.56 9.55 -70.39
C VAL C 44 -6.06 9.25 -70.37
N LEU C 45 -5.72 7.99 -70.15
CA LEU C 45 -4.39 7.39 -70.45
C LEU C 45 -4.58 6.34 -71.54
N ALA C 46 -3.82 6.41 -72.63
CA ALA C 46 -3.77 5.40 -73.70
C ALA C 46 -2.32 4.91 -73.84
N GLY C 47 -2.09 3.62 -73.56
CA GLY C 47 -0.75 3.01 -73.40
C GLY C 47 -0.52 1.89 -74.41
N GLU C 48 0.74 1.76 -74.87
CA GLU C 48 1.18 0.82 -75.93
C GLU C 48 1.76 -0.43 -75.26
N LYS C 49 0.94 -1.48 -75.17
CA LYS C 49 1.30 -2.81 -74.61
C LYS C 49 2.32 -3.51 -75.52
N MET C 50 3.00 -4.52 -74.98
CA MET C 50 3.91 -5.42 -75.72
C MET C 50 3.06 -6.30 -76.66
N VAL C 51 3.44 -6.38 -77.94
CA VAL C 51 2.84 -7.27 -78.98
C VAL C 51 2.47 -8.61 -78.34
N PRO C 52 1.17 -9.00 -78.29
CA PRO C 52 0.73 -10.13 -77.47
C PRO C 52 1.04 -11.48 -78.14
N HIS C 53 1.95 -12.24 -77.53
CA HIS C 53 2.30 -13.66 -77.83
C HIS C 53 1.07 -14.51 -77.58
N PRO C 54 0.76 -15.55 -78.41
CA PRO C 54 -0.50 -16.29 -78.28
C PRO C 54 -0.72 -16.98 -76.92
N LEU C 55 0.35 -17.26 -76.18
CA LEU C 55 0.32 -18.04 -74.91
C LEU C 55 0.17 -17.11 -73.70
N PHE C 56 0.33 -15.79 -73.85
CA PHE C 56 0.08 -14.82 -72.76
C PHE C 56 -1.33 -15.07 -72.22
N ASP C 57 -1.43 -15.26 -70.91
CA ASP C 57 -2.72 -15.34 -70.19
C ASP C 57 -3.03 -14.00 -69.53
N SER C 58 -4.25 -13.85 -69.03
CA SER C 58 -4.69 -12.81 -68.07
C SER C 58 -4.86 -13.47 -66.72
N GLU C 59 -3.90 -13.23 -65.82
CA GLU C 59 -4.10 -13.34 -64.35
C GLU C 59 -5.53 -12.91 -64.04
N SER C 60 -6.43 -13.89 -63.82
CA SER C 60 -7.90 -13.70 -63.73
C SER C 60 -8.23 -12.93 -62.45
N MET C 61 -7.92 -11.65 -62.43
CA MET C 61 -8.16 -10.75 -61.27
C MET C 61 -9.65 -10.43 -61.20
N GLN C 62 -10.27 -10.73 -60.05
CA GLN C 62 -11.73 -10.58 -59.78
C GLN C 62 -12.16 -9.13 -60.03
N ASP C 63 -11.32 -8.13 -59.68
CA ASP C 63 -11.47 -6.69 -60.00
C ASP C 63 -10.59 -6.32 -61.21
N LYS C 64 -11.21 -5.92 -62.33
CA LYS C 64 -10.49 -5.59 -63.59
C LYS C 64 -9.77 -4.24 -63.44
N ASN C 65 -10.45 -3.27 -62.82
CA ASN C 65 -10.18 -1.81 -63.01
C ASN C 65 -9.00 -1.31 -62.17
N THR C 66 -8.42 -2.11 -61.27
CA THR C 66 -7.33 -1.63 -60.37
C THR C 66 -5.98 -1.73 -61.11
N SER C 67 -5.75 -2.77 -61.92
CA SER C 67 -4.47 -2.95 -62.67
C SER C 67 -4.68 -3.69 -64.00
N GLY C 68 -3.93 -3.27 -65.01
CA GLY C 68 -3.68 -4.03 -66.25
C GLY C 68 -2.19 -4.02 -66.53
N GLU C 69 -1.80 -4.03 -67.81
CA GLU C 69 -0.37 -4.10 -68.25
C GLU C 69 0.29 -2.74 -68.00
N LYS C 70 -0.32 -1.67 -68.49
CA LYS C 70 0.27 -0.31 -68.51
C LYS C 70 -0.28 0.54 -67.35
N MET C 71 -1.58 0.45 -67.08
CA MET C 71 -2.32 1.37 -66.17
C MET C 71 -2.48 0.70 -64.81
N TYR C 72 -2.24 1.43 -63.72
CA TYR C 72 -2.47 0.95 -62.35
C TYR C 72 -3.20 2.03 -61.54
N LYS C 73 -4.15 1.61 -60.72
CA LYS C 73 -4.83 2.46 -59.73
C LYS C 73 -3.89 2.65 -58.54
N ILE C 74 -3.70 3.88 -58.06
CA ILE C 74 -2.85 4.22 -56.88
C ILE C 74 -3.74 4.36 -55.64
N ALA C 75 -4.95 4.87 -55.82
CA ALA C 75 -6.07 4.81 -54.85
C ALA C 75 -7.32 5.32 -55.58
N GLU C 76 -8.51 5.02 -55.07
CA GLU C 76 -9.83 5.25 -55.76
C GLU C 76 -9.77 6.43 -56.75
N HIS C 77 -9.17 7.55 -56.35
CA HIS C 77 -9.18 8.86 -57.05
C HIS C 77 -7.88 9.18 -57.78
N ILE C 78 -6.88 8.30 -57.79
CA ILE C 78 -5.57 8.52 -58.49
C ILE C 78 -5.19 7.26 -59.26
N GLY C 79 -5.25 7.33 -60.59
CA GLY C 79 -4.65 6.33 -61.46
C GLY C 79 -3.18 6.60 -61.69
N CYS C 80 -2.59 5.87 -62.62
CA CYS C 80 -1.27 6.18 -63.24
C CYS C 80 -1.00 5.21 -64.37
N SER C 81 -0.25 5.66 -65.38
CA SER C 81 0.48 4.80 -66.34
C SER C 81 1.97 4.99 -66.10
N VAL C 82 2.78 4.00 -66.48
CA VAL C 82 4.27 4.08 -66.34
C VAL C 82 4.94 3.73 -67.68
N ALA C 83 6.16 4.26 -67.81
CA ALA C 83 7.12 3.95 -68.87
C ALA C 83 8.49 3.75 -68.21
N GLY C 84 9.17 2.66 -68.56
CA GLY C 84 10.54 2.35 -68.11
C GLY C 84 10.58 0.97 -67.49
N VAL C 85 11.56 0.77 -66.61
CA VAL C 85 11.81 -0.52 -65.92
C VAL C 85 10.55 -0.87 -65.10
N THR C 86 9.73 -1.81 -65.58
CA THR C 86 8.46 -2.24 -64.92
C THR C 86 8.74 -2.63 -63.46
N SER C 87 9.81 -3.39 -63.21
CA SER C 87 10.30 -3.84 -61.87
C SER C 87 10.27 -2.67 -60.87
N ASP C 88 10.84 -1.52 -61.28
CA ASP C 88 10.95 -0.27 -60.48
C ASP C 88 9.58 0.37 -60.30
N ALA C 89 8.78 0.42 -61.37
CA ALA C 89 7.41 1.00 -61.35
C ALA C 89 6.61 0.39 -60.20
N TYR C 90 6.59 -0.95 -60.12
CA TYR C 90 5.87 -1.72 -59.08
C TYR C 90 6.39 -1.35 -57.69
N ALA C 91 7.70 -1.13 -57.55
CA ALA C 91 8.32 -0.69 -56.29
C ALA C 91 7.68 0.63 -55.84
N LEU C 92 7.68 1.62 -56.73
CA LEU C 92 7.17 2.99 -56.45
C LEU C 92 5.66 2.98 -56.35
N LEU C 93 4.99 2.39 -57.35
CA LEU C 93 3.51 2.26 -57.35
C LEU C 93 3.08 1.84 -55.94
N ASN C 94 3.67 0.78 -55.41
CA ASN C 94 3.38 0.25 -54.05
C ASN C 94 3.71 1.31 -52.99
N TYR C 95 4.79 2.09 -53.16
CA TYR C 95 5.14 3.20 -52.24
C TYR C 95 4.11 4.33 -52.35
N ALA C 96 3.66 4.64 -53.57
CA ALA C 96 2.65 5.68 -53.86
C ALA C 96 1.31 5.26 -53.26
N ARG C 97 0.95 3.98 -53.38
CA ARG C 97 -0.34 3.43 -52.86
C ARG C 97 -0.37 3.64 -51.35
N LEU C 98 0.67 3.19 -50.65
CA LEU C 98 0.87 3.41 -49.20
C LEU C 98 0.74 4.91 -48.89
N SER C 99 1.39 5.78 -49.66
CA SER C 99 1.48 7.24 -49.38
C SER C 99 0.09 7.89 -49.46
N ALA C 100 -0.72 7.48 -50.44
CA ALA C 100 -2.07 8.03 -50.69
C ALA C 100 -3.04 7.53 -49.63
N LEU C 101 -2.77 6.39 -49.00
CA LEU C 101 -3.59 5.81 -47.90
C LEU C 101 -3.08 6.33 -46.55
N ARG C 102 -1.76 6.45 -46.37
CA ARG C 102 -1.17 7.04 -45.13
C ARG C 102 -1.72 8.45 -44.98
N HIS C 103 -1.87 9.19 -46.09
CA HIS C 103 -2.61 10.48 -46.10
C HIS C 103 -4.02 10.23 -45.57
N GLN C 104 -4.78 9.34 -46.22
CA GLN C 104 -6.20 9.05 -45.91
C GLN C 104 -6.34 8.59 -44.45
N TYR C 105 -5.45 7.75 -43.94
CA TYR C 105 -5.42 7.30 -42.51
C TYR C 105 -5.47 8.52 -41.60
N THR C 106 -4.52 9.44 -41.80
CA THR C 106 -4.33 10.66 -40.97
C THR C 106 -5.53 11.60 -41.16
N PHE C 107 -5.73 12.10 -42.38
CA PHE C 107 -6.63 13.24 -42.68
C PHE C 107 -8.07 12.79 -42.98
N GLN C 108 -8.32 11.49 -43.18
CA GLN C 108 -9.68 10.93 -43.48
C GLN C 108 -10.32 11.67 -44.66
N GLU C 109 -9.52 11.99 -45.67
CA GLU C 109 -9.99 12.56 -46.96
C GLU C 109 -9.03 12.08 -48.03
N PRO C 110 -9.43 12.01 -49.32
CA PRO C 110 -8.50 11.63 -50.38
C PRO C 110 -7.38 12.66 -50.46
N MET C 111 -6.16 12.16 -50.66
CA MET C 111 -4.94 12.95 -50.94
C MET C 111 -5.15 13.76 -52.22
N ALA C 112 -4.65 15.00 -52.26
CA ALA C 112 -4.55 15.77 -53.52
C ALA C 112 -3.62 15.02 -54.47
N ILE C 113 -3.56 15.42 -55.73
CA ILE C 113 -2.74 14.70 -56.74
C ILE C 113 -1.37 15.33 -56.73
N GLU C 114 -1.30 16.67 -56.74
CA GLU C 114 -0.03 17.40 -56.60
C GLU C 114 0.72 16.88 -55.35
N ASP C 115 -0.01 16.55 -54.28
CA ASP C 115 0.52 16.03 -52.99
C ASP C 115 1.22 14.69 -53.20
N LEU C 116 0.55 13.75 -53.90
CA LEU C 116 1.10 12.39 -54.16
C LEU C 116 2.28 12.52 -55.10
N CYS C 117 2.08 13.23 -56.21
CA CYS C 117 3.13 13.44 -57.22
C CYS C 117 4.40 14.01 -56.58
N ARG C 118 4.26 14.86 -55.56
CA ARG C 118 5.39 15.46 -54.81
C ARG C 118 6.04 14.40 -53.91
N ILE C 119 5.25 13.60 -53.18
CA ILE C 119 5.74 12.50 -52.29
C ILE C 119 6.49 11.44 -53.12
N LEU C 120 5.93 11.09 -54.28
CA LEU C 120 6.41 10.02 -55.20
C LEU C 120 7.74 10.41 -55.87
N CYS C 121 7.98 11.71 -56.00
CA CYS C 121 9.11 12.30 -56.76
C CYS C 121 10.19 12.84 -55.84
N ASP C 122 9.89 12.99 -54.54
CA ASP C 122 10.90 13.20 -53.47
C ASP C 122 11.58 11.85 -53.18
N GLU C 123 10.81 10.76 -53.29
CA GLU C 123 11.31 9.36 -53.16
C GLU C 123 12.23 9.02 -54.34
N LYS C 124 12.02 9.61 -55.52
CA LYS C 124 12.84 9.33 -56.73
C LYS C 124 14.10 10.19 -56.75
N GLN C 125 13.97 11.47 -56.33
CA GLN C 125 15.09 12.42 -56.20
C GLN C 125 16.15 11.80 -55.27
N LEU C 126 15.74 11.38 -54.07
CA LEU C 126 16.63 10.74 -53.04
C LEU C 126 17.73 9.92 -53.72
N TYR C 127 17.34 9.01 -54.60
CA TYR C 127 18.25 8.01 -55.23
C TYR C 127 19.21 8.68 -56.22
N THR C 128 18.99 9.96 -56.58
CA THR C 128 19.91 10.76 -57.43
C THR C 128 20.95 11.50 -56.58
N GLN C 129 20.76 11.57 -55.24
CA GLN C 129 21.59 12.41 -54.32
C GLN C 129 22.34 11.51 -53.30
N TYR C 130 21.61 10.72 -52.51
CA TYR C 130 22.12 9.83 -51.44
C TYR C 130 22.19 8.39 -51.98
N GLY C 131 23.07 7.56 -51.42
CA GLY C 131 22.89 6.10 -51.41
C GLY C 131 23.70 5.33 -52.44
N GLY C 132 24.33 6.01 -53.40
CA GLY C 132 25.27 5.41 -54.37
C GLY C 132 24.66 4.30 -55.21
N VAL C 133 23.33 4.22 -55.27
CA VAL C 133 22.56 3.20 -56.03
C VAL C 133 22.01 3.88 -57.28
N ARG C 134 21.60 3.10 -58.29
CA ARG C 134 20.99 3.66 -59.53
C ARG C 134 19.69 4.36 -59.16
N PRO C 135 19.34 5.49 -59.83
CA PRO C 135 17.99 6.03 -59.75
C PRO C 135 16.94 5.07 -60.32
N TYR C 136 15.73 5.12 -59.77
CA TYR C 136 14.52 4.49 -60.37
C TYR C 136 14.45 4.98 -61.83
N GLY C 137 14.49 4.04 -62.77
CA GLY C 137 14.39 4.34 -64.22
C GLY C 137 12.96 4.21 -64.71
N VAL C 138 12.08 5.06 -64.20
CA VAL C 138 10.62 5.02 -64.46
C VAL C 138 10.06 6.44 -64.46
N SER C 139 9.37 6.81 -65.53
CA SER C 139 8.51 8.02 -65.61
C SER C 139 7.08 7.59 -65.34
N PHE C 140 6.41 8.26 -64.41
CA PHE C 140 4.96 8.08 -64.14
C PHE C 140 4.15 9.00 -65.06
N LEU C 141 2.82 8.79 -65.05
CA LEU C 141 1.84 9.71 -65.65
C LEU C 141 0.58 9.70 -64.77
N LEU C 142 0.68 10.23 -63.56
CA LEU C 142 -0.44 10.28 -62.57
C LEU C 142 -1.65 10.96 -63.19
N VAL C 143 -2.82 10.41 -62.99
CA VAL C 143 -4.10 11.12 -63.27
C VAL C 143 -4.95 10.98 -62.01
N GLY C 144 -5.64 12.06 -61.66
CA GLY C 144 -6.49 12.05 -60.48
C GLY C 144 -7.48 13.19 -60.52
N TRP C 145 -8.47 13.10 -59.65
CA TRP C 145 -9.39 14.21 -59.33
C TRP C 145 -9.32 14.46 -57.83
N ASP C 146 -9.21 15.73 -57.45
CA ASP C 146 -9.31 16.24 -56.06
C ASP C 146 -10.25 17.45 -56.08
N ARG C 147 -10.69 17.90 -54.90
CA ARG C 147 -11.66 19.03 -54.78
C ARG C 147 -10.93 20.33 -55.13
N TYR C 148 -9.61 20.38 -54.95
CA TYR C 148 -8.75 21.58 -55.11
C TYR C 148 -8.72 22.00 -56.58
N TYR C 149 -8.09 21.24 -57.48
CA TYR C 149 -7.80 21.67 -58.87
C TYR C 149 -8.53 20.83 -59.92
N GLY C 150 -9.40 19.90 -59.51
CA GLY C 150 -10.21 19.07 -60.43
C GLY C 150 -9.39 17.99 -61.09
N TYR C 151 -9.77 17.62 -62.31
CA TYR C 151 -9.05 16.59 -63.11
C TYR C 151 -7.65 17.13 -63.42
N GLN C 152 -6.63 16.46 -62.88
CA GLN C 152 -5.21 16.79 -63.12
C GLN C 152 -4.51 15.59 -63.77
N LEU C 153 -3.58 15.88 -64.66
CA LEU C 153 -2.57 14.93 -65.17
C LEU C 153 -1.20 15.49 -64.79
N TYR C 154 -0.25 14.62 -64.44
CA TYR C 154 1.14 14.95 -64.05
C TYR C 154 2.12 13.94 -64.65
N SER C 155 3.04 14.42 -65.46
CA SER C 155 4.26 13.67 -65.84
C SER C 155 5.22 13.72 -64.66
N THR C 156 6.01 12.68 -64.54
CA THR C 156 7.04 12.49 -63.51
C THR C 156 8.32 12.14 -64.29
N GLU C 157 9.48 12.08 -63.65
CA GLU C 157 10.75 11.75 -64.35
C GLU C 157 11.67 11.03 -63.37
N PRO C 158 12.73 10.33 -63.81
CA PRO C 158 13.69 9.71 -62.89
C PRO C 158 14.40 10.68 -61.95
N SER C 159 14.73 11.86 -62.50
CA SER C 159 15.41 13.02 -61.85
C SER C 159 14.66 13.48 -60.59
N GLY C 160 13.34 13.36 -60.58
CA GLY C 160 12.44 13.85 -59.52
C GLY C 160 11.48 14.89 -60.05
N ASP C 161 11.93 15.74 -60.98
CA ASP C 161 11.12 16.89 -61.48
C ASP C 161 9.81 16.35 -62.06
N TYR C 162 8.70 16.71 -61.43
CA TYR C 162 7.33 16.52 -61.97
C TYR C 162 6.88 17.87 -62.51
N SER C 163 6.06 17.82 -63.55
CA SER C 163 5.28 18.97 -64.08
C SER C 163 3.84 18.52 -64.29
N ALA C 164 2.89 19.43 -64.14
CA ALA C 164 1.47 19.20 -64.51
C ALA C 164 1.33 19.47 -66.00
N TRP C 165 0.38 18.78 -66.63
CA TRP C 165 0.09 18.92 -68.07
C TRP C 165 -1.43 18.82 -68.29
N SER C 166 -1.85 19.27 -69.46
CA SER C 166 -3.23 19.15 -69.99
C SER C 166 -3.32 17.89 -70.86
N ALA C 167 -2.26 17.61 -71.62
CA ALA C 167 -2.07 16.32 -72.32
C ALA C 167 -0.58 16.12 -72.55
N TYR C 168 -0.06 14.94 -72.24
CA TYR C 168 1.38 14.63 -72.30
C TYR C 168 1.58 13.23 -72.85
N ALA C 169 2.82 12.92 -73.20
CA ALA C 169 3.28 11.59 -73.67
C ALA C 169 4.60 11.22 -72.99
N ILE C 170 4.76 9.95 -72.62
CA ILE C 170 6.03 9.37 -72.14
C ILE C 170 6.25 8.08 -72.91
N GLY C 171 7.49 7.80 -73.32
CA GLY C 171 7.86 6.52 -73.96
C GLY C 171 8.44 6.69 -75.35
N GLN C 172 8.03 5.80 -76.27
CA GLN C 172 8.79 5.43 -77.49
C GLN C 172 8.92 6.64 -78.42
N ASN C 173 7.86 7.42 -78.58
CA ASN C 173 7.84 8.60 -79.49
C ASN C 173 7.18 9.78 -78.77
N ASP C 174 7.61 10.05 -77.53
CA ASP C 174 7.11 11.17 -76.69
C ASP C 174 7.29 12.52 -77.41
N GLN C 175 8.34 12.69 -78.23
CA GLN C 175 8.63 13.95 -78.97
C GLN C 175 7.62 14.14 -80.12
N VAL C 176 7.34 13.07 -80.87
CA VAL C 176 6.34 13.06 -81.99
C VAL C 176 4.95 13.34 -81.42
N ALA C 177 4.59 12.67 -80.31
CA ALA C 177 3.27 12.77 -79.63
C ALA C 177 3.01 14.20 -79.15
N HIS C 178 4.02 14.86 -78.57
CA HIS C 178 3.96 16.28 -78.09
C HIS C 178 3.58 17.24 -79.24
N ALA C 179 4.15 17.03 -80.44
CA ALA C 179 3.88 17.83 -81.67
C ALA C 179 2.40 17.67 -82.08
N LEU C 180 1.89 16.43 -82.09
CA LEU C 180 0.51 16.07 -82.52
C LEU C 180 -0.53 16.52 -81.49
N LEU C 181 -0.23 16.37 -80.19
CA LEU C 181 -1.11 16.79 -79.06
C LEU C 181 -1.26 18.32 -79.08
N LYS C 182 -0.14 19.06 -79.17
CA LYS C 182 -0.08 20.55 -79.22
C LYS C 182 -1.13 21.07 -80.22
N LYS C 183 -1.17 20.44 -81.39
CA LYS C 183 -1.99 20.86 -82.55
C LYS C 183 -3.49 20.69 -82.26
N ASP C 184 -3.92 19.59 -81.64
CA ASP C 184 -5.33 19.11 -81.66
C ASP C 184 -6.02 19.23 -80.29
N TRP C 185 -5.33 19.74 -79.26
CA TRP C 185 -5.90 19.92 -77.90
C TRP C 185 -6.50 21.32 -77.75
N HIS C 186 -7.75 21.41 -77.30
CA HIS C 186 -8.49 22.68 -77.00
C HIS C 186 -9.22 22.56 -75.65
N GLU C 187 -9.28 23.68 -74.93
CA GLU C 187 -9.44 23.79 -73.44
C GLU C 187 -10.79 23.20 -72.99
N SER C 188 -11.85 23.40 -73.78
CA SER C 188 -13.15 22.70 -73.67
C SER C 188 -13.09 21.45 -74.56
N MET C 189 -13.36 20.28 -73.98
CA MET C 189 -13.18 18.96 -74.63
C MET C 189 -14.02 17.93 -73.87
N THR C 190 -14.89 17.20 -74.56
CA THR C 190 -15.69 16.08 -73.98
C THR C 190 -14.75 14.87 -73.79
N LEU C 191 -15.08 14.00 -72.84
CA LEU C 191 -14.32 12.74 -72.57
C LEU C 191 -14.20 11.93 -73.87
N GLU C 192 -15.29 11.84 -74.64
CA GLU C 192 -15.36 11.10 -75.95
C GLU C 192 -14.44 11.76 -76.98
N ASP C 193 -14.20 13.07 -76.88
CA ASP C 193 -13.29 13.85 -77.77
C ASP C 193 -11.84 13.76 -77.28
N GLY C 194 -11.62 13.56 -75.97
CA GLY C 194 -10.28 13.34 -75.37
C GLY C 194 -9.79 11.92 -75.63
N MET C 195 -10.69 10.94 -75.47
CA MET C 195 -10.52 9.52 -75.89
C MET C 195 -10.04 9.45 -77.34
N LEU C 196 -10.78 10.12 -78.23
CA LEU C 196 -10.50 10.21 -79.70
C LEU C 196 -9.05 10.65 -79.92
N LEU C 197 -8.68 11.83 -79.42
CA LEU C 197 -7.31 12.42 -79.55
C LEU C 197 -6.26 11.42 -79.09
N ALA C 198 -6.39 10.93 -77.85
CA ALA C 198 -5.43 10.05 -77.14
C ALA C 198 -5.15 8.78 -77.95
N LEU C 199 -6.14 8.28 -78.69
CA LEU C 199 -6.03 7.05 -79.54
C LEU C 199 -5.49 7.40 -80.93
N ARG C 200 -5.86 8.56 -81.49
CA ARG C 200 -5.33 9.04 -82.80
C ARG C 200 -3.82 9.28 -82.68
N VAL C 201 -3.39 9.92 -81.60
CA VAL C 201 -1.96 10.24 -81.32
C VAL C 201 -1.21 8.94 -81.05
N LEU C 202 -1.79 8.01 -80.29
CA LEU C 202 -1.19 6.68 -80.01
C LEU C 202 -1.09 5.91 -81.33
N GLY C 203 -2.16 5.95 -82.13
CA GLY C 203 -2.25 5.33 -83.46
C GLY C 203 -1.16 5.83 -84.41
N LYS C 204 -0.79 7.11 -84.31
CA LYS C 204 0.18 7.78 -85.21
C LYS C 204 1.63 7.49 -84.78
N THR C 205 1.91 7.48 -83.46
CA THR C 205 3.25 7.27 -82.88
C THR C 205 3.75 5.86 -83.21
N MET C 206 2.95 4.84 -82.91
CA MET C 206 3.31 3.41 -83.12
C MET C 206 3.05 3.00 -84.58
N ASP C 207 2.50 3.90 -85.41
CA ASP C 207 2.62 3.92 -86.90
C ASP C 207 1.79 2.79 -87.53
N THR C 208 0.54 2.62 -87.06
CA THR C 208 -0.46 1.64 -87.59
C THR C 208 -1.47 2.38 -88.48
N ALA C 209 -2.12 1.66 -89.40
CA ALA C 209 -3.25 2.15 -90.23
C ALA C 209 -4.47 2.34 -89.33
N LYS C 210 -4.85 1.27 -88.60
CA LYS C 210 -5.92 1.25 -87.56
C LYS C 210 -5.27 1.16 -86.17
N ILE C 211 -6.00 1.52 -85.12
CA ILE C 211 -5.61 1.32 -83.69
C ILE C 211 -5.80 -0.16 -83.36
N ASP C 212 -4.70 -0.92 -83.33
CA ASP C 212 -4.65 -2.38 -83.00
C ASP C 212 -5.10 -2.59 -81.54
N LEU C 213 -6.37 -2.97 -81.33
CA LEU C 213 -7.01 -3.16 -79.99
C LEU C 213 -6.14 -4.03 -79.07
N ASP C 214 -5.46 -5.04 -79.64
CA ASP C 214 -4.60 -6.02 -78.91
C ASP C 214 -3.41 -5.30 -78.24
N ARG C 215 -2.89 -4.22 -78.82
CA ARG C 215 -1.61 -3.57 -78.42
C ARG C 215 -1.83 -2.28 -77.62
N VAL C 216 -3.07 -1.76 -77.52
CA VAL C 216 -3.37 -0.54 -76.69
C VAL C 216 -4.27 -0.92 -75.52
N GLU C 217 -3.93 -0.39 -74.36
CA GLU C 217 -4.80 -0.30 -73.18
C GLU C 217 -5.33 1.13 -73.16
N VAL C 218 -6.47 1.35 -72.51
CA VAL C 218 -6.92 2.72 -72.16
C VAL C 218 -7.40 2.73 -70.71
N ALA C 219 -7.08 3.81 -69.99
CA ALA C 219 -7.51 4.10 -68.61
C ALA C 219 -8.22 5.45 -68.62
N VAL C 220 -9.24 5.59 -67.78
CA VAL C 220 -10.15 6.76 -67.76
C VAL C 220 -10.43 7.11 -66.29
N MET C 221 -9.79 8.17 -65.79
CA MET C 221 -10.16 8.86 -64.53
C MET C 221 -11.36 9.74 -64.84
N ARG C 222 -12.51 9.46 -64.23
CA ARG C 222 -13.72 10.32 -64.32
C ARG C 222 -14.57 10.17 -63.08
N LYS C 223 -15.53 11.08 -62.92
CA LYS C 223 -16.52 11.07 -61.82
C LYS C 223 -17.81 10.44 -62.35
N VAL C 224 -18.39 9.56 -61.53
CA VAL C 224 -19.68 8.84 -61.79
C VAL C 224 -20.56 9.06 -60.55
N PRO C 225 -21.89 8.88 -60.66
CA PRO C 225 -22.74 8.88 -59.46
C PRO C 225 -22.27 7.89 -58.40
N ALA C 226 -22.18 8.33 -57.14
CA ALA C 226 -21.81 7.50 -55.96
C ALA C 226 -23.07 6.80 -55.43
N SER C 227 -23.06 5.46 -55.42
CA SER C 227 -24.21 4.59 -55.03
C SER C 227 -24.15 4.23 -53.55
N ASN C 228 -22.98 3.74 -53.09
CA ASN C 228 -22.75 3.26 -51.69
C ASN C 228 -22.53 4.48 -50.77
N ILE C 229 -23.64 5.14 -50.41
CA ILE C 229 -23.69 6.30 -49.48
C ILE C 229 -23.58 5.76 -48.05
N ASP C 230 -24.57 4.95 -47.62
CA ASP C 230 -24.74 4.40 -46.24
C ASP C 230 -24.85 5.56 -45.24
N GLN C 231 -25.73 6.52 -45.53
CA GLN C 231 -25.82 7.82 -44.78
C GLN C 231 -26.13 7.55 -43.30
N LEU C 232 -26.86 6.47 -42.98
CA LEU C 232 -27.36 6.21 -41.61
C LEU C 232 -26.24 5.75 -40.68
N LEU C 233 -25.08 5.32 -41.19
CA LEU C 233 -23.95 4.80 -40.38
C LEU C 233 -23.07 5.92 -39.84
N ASP C 234 -23.08 7.11 -40.47
CA ASP C 234 -22.31 8.30 -40.02
C ASP C 234 -23.13 9.55 -40.32
N PRO C 235 -24.18 9.88 -39.52
CA PRO C 235 -25.24 10.82 -39.94
C PRO C 235 -24.77 12.22 -40.33
N PHE C 236 -23.68 12.69 -39.72
CA PHE C 236 -23.14 14.06 -39.89
C PHE C 236 -22.17 14.10 -41.08
N LYS C 237 -21.60 12.96 -41.47
CA LYS C 237 -20.65 12.89 -42.62
C LYS C 237 -21.42 13.21 -43.90
N HIS C 238 -20.84 14.05 -44.78
CA HIS C 238 -21.36 14.40 -46.12
C HIS C 238 -20.66 13.52 -47.16
N HIS C 239 -21.46 12.83 -47.99
CA HIS C 239 -20.99 11.97 -49.10
C HIS C 239 -21.28 12.68 -50.41
N PRO C 240 -20.26 13.08 -51.21
CA PRO C 240 -20.48 13.72 -52.50
C PRO C 240 -21.34 12.90 -53.49
N LYS C 241 -22.17 13.58 -54.28
CA LYS C 241 -23.06 12.96 -55.30
C LYS C 241 -22.20 12.16 -56.29
N THR C 242 -21.18 12.82 -56.85
CA THR C 242 -20.23 12.28 -57.86
C THR C 242 -18.88 12.01 -57.17
N THR C 243 -18.46 10.75 -57.14
CA THR C 243 -17.13 10.27 -56.66
C THR C 243 -16.30 9.92 -57.90
N PRO C 244 -14.96 10.11 -57.87
CA PRO C 244 -14.10 9.69 -58.97
C PRO C 244 -13.93 8.16 -59.00
N ARG C 245 -13.81 7.58 -60.19
CA ARG C 245 -13.67 6.10 -60.38
C ARG C 245 -12.82 5.83 -61.61
N PHE C 246 -11.55 5.52 -61.35
CA PHE C 246 -10.51 5.10 -62.33
C PHE C 246 -10.92 3.76 -62.92
N GLN C 247 -11.22 3.72 -64.21
CA GLN C 247 -11.59 2.48 -64.92
C GLN C 247 -10.56 2.26 -66.03
N ILE C 248 -10.05 1.03 -66.12
CA ILE C 248 -9.35 0.49 -67.31
C ILE C 248 -10.46 -0.04 -68.23
N LEU C 249 -10.38 0.27 -69.52
CA LEU C 249 -11.38 -0.17 -70.52
C LEU C 249 -11.10 -1.62 -70.92
N THR C 250 -12.16 -2.43 -71.03
CA THR C 250 -12.15 -3.79 -71.61
C THR C 250 -11.85 -3.66 -73.12
N ARG C 251 -11.59 -4.78 -73.80
CA ARG C 251 -11.33 -4.83 -75.26
C ARG C 251 -12.61 -4.46 -76.03
N SER C 252 -13.79 -4.82 -75.50
CA SER C 252 -15.14 -4.54 -76.07
C SER C 252 -15.59 -3.10 -75.75
N GLU C 253 -15.28 -2.60 -74.55
CA GLU C 253 -15.61 -1.22 -74.09
C GLU C 253 -14.76 -0.20 -74.85
N LEU C 254 -13.58 -0.61 -75.35
CA LEU C 254 -12.60 0.21 -76.11
C LEU C 254 -12.98 0.27 -77.60
N LYS C 255 -13.69 -0.73 -78.11
CA LYS C 255 -13.92 -0.98 -79.57
C LYS C 255 -14.63 0.19 -80.25
N PRO C 256 -15.79 0.70 -79.75
CA PRO C 256 -16.47 1.82 -80.41
C PRO C 256 -15.68 3.14 -80.42
N HIS C 257 -14.84 3.38 -79.40
CA HIS C 257 -13.92 4.54 -79.28
C HIS C 257 -12.76 4.41 -80.28
N ALA C 258 -12.26 3.18 -80.50
CA ALA C 258 -11.12 2.87 -81.40
C ALA C 258 -11.57 2.82 -82.86
N GLU C 259 -12.82 2.43 -83.12
CA GLU C 259 -13.45 2.43 -84.47
C GLU C 259 -13.78 3.85 -84.91
N ARG C 260 -13.82 4.82 -83.98
CA ARG C 260 -14.03 6.27 -84.27
C ARG C 260 -12.68 6.95 -84.57
N ALA C 261 -11.58 6.48 -83.98
CA ALA C 261 -10.19 6.97 -84.23
C ALA C 261 -9.63 6.35 -85.53
N ASP C 262 -10.18 5.21 -85.93
CA ASP C 262 -10.00 4.57 -87.27
C ASP C 262 -10.64 5.46 -88.34
N GLN C 263 -11.85 6.00 -88.09
CA GLN C 263 -12.66 6.80 -89.05
C GLN C 263 -12.24 8.28 -89.06
N ALA C 264 -11.59 8.76 -88.00
CA ALA C 264 -11.02 10.13 -87.91
C ALA C 264 -9.61 10.17 -88.54
N ARG C 265 -8.93 9.02 -88.62
CA ARG C 265 -7.70 8.80 -89.45
C ARG C 265 -8.11 8.73 -90.93
N GLU C 266 -9.24 8.08 -91.24
CA GLU C 266 -9.80 7.88 -92.61
C GLU C 266 -10.23 9.22 -93.20
N ALA C 267 -10.91 10.08 -92.41
CA ALA C 267 -11.46 11.39 -92.81
C ALA C 267 -10.35 12.45 -92.95
N GLU C 268 -9.17 12.25 -92.33
CA GLU C 268 -7.96 13.11 -92.45
C GLU C 268 -7.09 12.64 -93.63
N GLU C 269 -7.25 11.39 -94.08
CA GLU C 269 -6.50 10.79 -95.23
C GLU C 269 -7.26 11.00 -96.55
N LYS C 270 -8.54 11.40 -96.49
CA LYS C 270 -9.36 11.87 -97.65
C LYS C 270 -9.22 13.39 -97.81
N ALA C 271 -8.81 14.11 -96.76
CA ALA C 271 -8.44 15.55 -96.77
C ALA C 271 -7.01 15.73 -97.30
N GLU C 272 -6.10 14.78 -97.02
CA GLU C 272 -4.69 14.74 -97.52
C GLU C 272 -4.66 14.36 -99.01
N ALA C 273 -5.66 13.63 -99.51
CA ALA C 273 -5.84 13.26 -100.94
C ALA C 273 -6.43 14.43 -101.74
N GLU C 274 -6.99 15.45 -101.06
CA GLU C 274 -7.65 16.66 -101.65
C GLU C 274 -6.75 17.91 -101.57
N ARG C 275 -5.79 17.96 -100.62
CA ARG C 275 -4.74 19.01 -100.51
C ARG C 275 -3.79 18.93 -101.73
N GLN C 276 -3.50 17.72 -102.21
CA GLN C 276 -2.63 17.43 -103.40
C GLN C 276 -3.35 17.86 -104.69
N ARG C 277 -4.67 17.64 -104.80
CA ARG C 277 -5.54 18.09 -105.93
C ARG C 277 -5.66 19.61 -105.90
N SER D 2 24.76 2.73 -44.04
CA SER D 2 24.47 3.51 -45.29
C SER D 2 25.77 3.74 -46.07
N TYR D 3 25.64 4.18 -47.33
CA TYR D 3 26.77 4.48 -48.23
C TYR D 3 27.26 5.89 -47.91
N ASP D 4 28.32 5.99 -47.10
CA ASP D 4 28.94 7.28 -46.74
C ASP D 4 30.39 7.26 -47.28
N ARG D 5 30.55 6.88 -48.53
CA ARG D 5 31.79 7.13 -49.30
C ARG D 5 31.87 8.65 -49.54
N ALA D 6 33.09 9.19 -49.57
CA ALA D 6 33.36 10.64 -49.77
C ALA D 6 33.14 10.99 -51.25
N ILE D 7 32.16 11.85 -51.55
CA ILE D 7 31.87 12.35 -52.94
C ILE D 7 32.56 13.71 -53.15
N THR D 8 32.30 14.66 -52.27
CA THR D 8 32.86 16.03 -52.35
C THR D 8 34.26 16.01 -51.74
N VAL D 9 35.30 16.09 -52.57
CA VAL D 9 36.73 16.03 -52.15
C VAL D 9 37.55 17.05 -52.93
N PHE D 10 38.67 17.48 -52.34
CA PHE D 10 39.59 18.46 -52.95
C PHE D 10 40.37 17.77 -54.08
N SER D 11 40.72 18.58 -55.08
CA SER D 11 41.59 18.23 -56.23
C SER D 11 42.92 18.96 -56.07
N PRO D 12 43.99 18.56 -56.80
CA PRO D 12 45.30 19.24 -56.72
C PRO D 12 45.32 20.77 -56.59
N ASP D 13 44.41 21.48 -57.27
CA ASP D 13 44.39 22.97 -57.35
C ASP D 13 43.56 23.59 -56.22
N GLY D 14 42.96 22.78 -55.33
CA GLY D 14 42.18 23.24 -54.16
C GLY D 14 40.70 23.43 -54.48
N HIS D 15 40.27 23.08 -55.69
CA HIS D 15 38.85 23.12 -56.13
C HIS D 15 38.09 21.96 -55.50
N LEU D 16 36.86 22.18 -55.03
CA LEU D 16 35.86 21.10 -54.81
C LEU D 16 35.15 20.84 -56.14
N PHE D 17 35.59 19.83 -56.89
CA PHE D 17 35.09 19.60 -58.27
C PHE D 17 33.57 19.44 -58.22
N GLN D 18 33.06 18.67 -57.26
CA GLN D 18 31.62 18.29 -57.23
C GLN D 18 30.75 19.53 -56.92
N VAL D 19 31.34 20.62 -56.41
CA VAL D 19 30.64 21.93 -56.23
C VAL D 19 30.81 22.77 -57.50
N GLU D 20 32.00 22.85 -58.09
CA GLU D 20 32.19 23.53 -59.40
C GLU D 20 31.14 23.01 -60.38
N TYR D 21 30.89 21.70 -60.35
CA TYR D 21 29.98 20.96 -61.27
C TYR D 21 28.52 21.20 -60.88
N ALA D 22 28.20 21.38 -59.59
CA ALA D 22 26.84 21.78 -59.15
C ALA D 22 26.55 23.22 -59.63
N GLN D 23 27.55 24.11 -59.61
CA GLN D 23 27.44 25.51 -60.11
C GLN D 23 27.24 25.51 -61.63
N GLU D 24 27.76 24.49 -62.34
CA GLU D 24 27.54 24.34 -63.81
C GLU D 24 26.09 23.94 -64.07
N ALA D 25 25.45 23.21 -63.15
CA ALA D 25 24.04 22.78 -63.25
C ALA D 25 23.11 23.98 -63.04
N VAL D 26 23.58 25.00 -62.31
CA VAL D 26 22.88 26.29 -62.09
C VAL D 26 22.97 27.10 -63.38
N LYS D 27 24.19 27.37 -63.86
CA LYS D 27 24.46 28.13 -65.11
C LYS D 27 23.58 27.64 -66.27
N LYS D 28 23.29 26.33 -66.36
CA LYS D 28 22.43 25.76 -67.43
C LYS D 28 20.95 25.95 -67.08
N GLY D 29 20.58 25.95 -65.80
CA GLY D 29 19.20 26.16 -65.31
C GLY D 29 18.58 27.46 -65.78
N LEU D 30 17.31 27.69 -65.44
CA LEU D 30 16.53 28.89 -65.86
C LEU D 30 16.95 30.10 -64.99
N ALA D 31 17.13 31.27 -65.62
CA ALA D 31 17.52 32.54 -64.97
C ALA D 31 16.39 32.99 -64.03
N ALA D 32 16.78 33.55 -62.90
CA ALA D 32 15.87 34.18 -61.92
C ALA D 32 16.57 35.42 -61.37
N VAL D 33 15.78 36.41 -60.94
CA VAL D 33 16.25 37.79 -60.68
C VAL D 33 15.52 38.33 -59.44
N GLY D 34 16.26 39.03 -58.58
CA GLY D 34 15.74 39.72 -57.39
C GLY D 34 16.07 41.19 -57.46
N VAL D 35 15.16 42.05 -56.97
CA VAL D 35 15.38 43.52 -56.90
C VAL D 35 14.76 44.04 -55.60
N LEU D 36 15.62 44.49 -54.70
CA LEU D 36 15.25 45.23 -53.47
C LEU D 36 14.91 46.67 -53.87
N GLY D 37 13.79 47.20 -53.36
CA GLY D 37 13.43 48.63 -53.39
C GLY D 37 13.28 49.19 -51.98
N SER D 38 12.85 50.43 -51.86
CA SER D 38 12.65 51.13 -50.56
C SER D 38 11.64 50.34 -49.69
N ASP D 39 10.54 49.91 -50.31
CA ASP D 39 9.32 49.37 -49.63
C ASP D 39 8.92 47.98 -50.16
N SER D 40 9.58 47.47 -51.21
CA SER D 40 9.14 46.32 -52.05
C SER D 40 10.33 45.48 -52.50
N VAL D 41 10.20 44.16 -52.49
CA VAL D 41 11.13 43.19 -53.16
C VAL D 41 10.42 42.63 -54.39
N VAL D 42 11.16 42.42 -55.46
CA VAL D 42 10.65 41.77 -56.69
C VAL D 42 11.58 40.62 -57.07
N ILE D 43 11.07 39.40 -57.00
CA ILE D 43 11.71 38.17 -57.53
C ILE D 43 11.00 37.82 -58.82
N ALA D 44 11.75 37.72 -59.93
CA ALA D 44 11.23 37.54 -61.31
C ALA D 44 12.03 36.43 -61.99
N VAL D 45 11.36 35.32 -62.33
CA VAL D 45 11.98 34.10 -62.93
C VAL D 45 11.60 34.02 -64.41
N GLU D 46 12.35 33.25 -65.20
CA GLU D 46 11.94 32.83 -66.56
C GLU D 46 11.39 31.39 -66.47
N LYS D 47 10.28 31.12 -67.15
CA LYS D 47 9.69 29.76 -67.30
C LYS D 47 10.24 29.16 -68.60
N LYS D 48 10.12 27.84 -68.76
CA LYS D 48 10.65 27.05 -69.90
C LYS D 48 10.03 27.50 -71.24
N SER D 49 8.89 28.21 -71.19
CA SER D 49 8.19 28.93 -72.30
C SER D 49 6.85 28.25 -72.59
N ALA D 50 5.83 29.04 -72.97
CA ALA D 50 4.38 28.69 -73.00
C ALA D 50 4.12 27.56 -74.02
N VAL D 51 4.31 26.31 -73.60
CA VAL D 51 3.87 25.10 -74.36
C VAL D 51 2.34 25.05 -74.23
N LYS D 52 1.61 24.64 -75.28
CA LYS D 52 0.12 24.61 -75.30
C LYS D 52 -0.42 23.54 -74.32
N LEU D 53 0.43 22.61 -73.88
CA LEU D 53 0.07 21.42 -73.07
C LEU D 53 0.07 21.75 -71.59
N GLN D 54 1.10 22.46 -71.09
CA GLN D 54 1.30 22.71 -69.63
C GLN D 54 0.05 23.37 -69.05
N ASP D 55 -0.40 22.89 -67.88
CA ASP D 55 -1.77 23.10 -67.34
C ASP D 55 -2.05 24.61 -67.30
N SER D 56 -3.21 25.02 -67.84
CA SER D 56 -3.75 26.41 -67.84
C SER D 56 -3.97 26.89 -66.40
N ARG D 57 -4.35 25.97 -65.49
CA ARG D 57 -4.28 26.16 -64.01
C ARG D 57 -2.84 26.56 -63.65
N THR D 58 -2.68 27.63 -62.90
CA THR D 58 -1.41 28.40 -62.72
C THR D 58 -0.48 27.63 -61.77
N ILE D 59 0.71 27.24 -62.25
CA ILE D 59 1.87 26.71 -61.45
C ILE D 59 2.89 27.86 -61.30
N ARG D 60 3.31 28.12 -60.06
CA ARG D 60 4.16 29.28 -59.65
C ARG D 60 5.59 28.76 -59.50
N LYS D 61 6.56 29.37 -60.18
CA LYS D 61 8.01 28.98 -60.14
C LYS D 61 8.71 29.70 -58.98
N ILE D 62 8.01 30.58 -58.27
CA ILE D 62 8.52 31.33 -57.09
C ILE D 62 7.81 30.81 -55.84
N TYR D 63 8.53 30.00 -55.07
CA TYR D 63 7.96 29.13 -54.01
C TYR D 63 7.88 29.96 -52.73
N LYS D 64 6.73 29.91 -52.08
CA LYS D 64 6.49 30.46 -50.72
C LYS D 64 7.12 29.52 -49.69
N VAL D 65 7.92 30.08 -48.76
CA VAL D 65 8.62 29.32 -47.68
C VAL D 65 7.90 29.56 -46.35
N ASP D 66 7.53 30.82 -46.09
CA ASP D 66 6.59 31.22 -45.00
C ASP D 66 6.04 32.61 -45.34
N ALA D 67 4.83 32.93 -44.85
CA ALA D 67 4.05 34.17 -45.10
C ALA D 67 4.92 35.33 -45.63
N ASN D 68 5.96 35.66 -44.87
CA ASN D 68 6.92 36.78 -45.12
C ASN D 68 7.89 36.44 -46.26
N ILE D 69 8.40 35.20 -46.33
CA ILE D 69 9.60 34.80 -47.12
C ILE D 69 9.17 34.01 -48.36
N TYR D 70 9.63 34.42 -49.54
CA TYR D 70 9.51 33.69 -50.82
C TYR D 70 10.91 33.39 -51.35
N LEU D 71 11.06 32.37 -52.19
CA LEU D 71 12.33 32.12 -52.91
C LEU D 71 12.07 31.61 -54.32
N ALA D 72 12.83 32.14 -55.27
CA ALA D 72 13.07 31.59 -56.62
C ALA D 72 14.38 30.83 -56.57
N PHE D 73 14.49 29.76 -57.36
CA PHE D 73 15.75 28.97 -57.50
C PHE D 73 16.17 28.95 -58.98
N ALA D 74 17.36 28.40 -59.20
CA ALA D 74 17.90 28.00 -60.52
C ALA D 74 18.77 26.76 -60.33
N GLY D 75 18.65 25.80 -61.26
CA GLY D 75 19.38 24.51 -61.22
C GLY D 75 18.44 23.33 -61.34
N LEU D 76 18.61 22.32 -60.49
CA LEU D 76 17.85 21.04 -60.56
C LEU D 76 16.53 21.19 -59.79
N SER D 77 15.42 21.26 -60.53
CA SER D 77 14.03 21.41 -60.01
C SER D 77 13.86 20.49 -58.81
N ALA D 78 14.19 19.21 -59.01
CA ALA D 78 14.02 18.10 -58.04
C ALA D 78 14.69 18.45 -56.71
N ASP D 79 15.94 18.91 -56.77
CA ASP D 79 16.76 19.26 -55.59
C ASP D 79 16.15 20.49 -54.92
N ALA D 80 15.88 21.55 -55.68
CA ALA D 80 15.29 22.81 -55.18
C ALA D 80 14.05 22.51 -54.34
N ARG D 81 13.19 21.62 -54.85
CA ARG D 81 11.92 21.21 -54.19
C ARG D 81 12.20 20.48 -52.87
N VAL D 82 13.42 19.97 -52.68
CA VAL D 82 13.91 19.38 -51.40
C VAL D 82 14.36 20.50 -50.46
N LEU D 83 15.15 21.47 -50.94
CA LEU D 83 15.58 22.66 -50.15
C LEU D 83 14.34 23.37 -49.60
N ILE D 84 13.41 23.68 -50.49
CA ILE D 84 12.17 24.47 -50.20
C ILE D 84 11.36 23.73 -49.13
N ASN D 85 11.13 22.42 -49.28
CA ASN D 85 10.38 21.60 -48.28
C ASN D 85 11.21 21.43 -47.00
N LYS D 86 12.53 21.68 -47.05
CA LYS D 86 13.43 21.65 -45.85
C LYS D 86 13.37 23.00 -45.14
N ALA D 87 13.31 24.09 -45.91
CA ALA D 87 13.14 25.48 -45.42
C ALA D 87 11.74 25.65 -44.85
N GLN D 88 10.71 25.32 -45.64
CA GLN D 88 9.28 25.39 -45.27
C GLN D 88 9.14 24.74 -43.89
N LEU D 89 9.72 23.55 -43.74
CA LEU D 89 9.74 22.79 -42.47
C LEU D 89 10.46 23.63 -41.41
N GLU D 90 11.66 24.16 -41.71
CA GLU D 90 12.51 24.92 -40.75
C GLU D 90 11.72 26.13 -40.20
N CYS D 91 11.06 26.88 -41.07
CA CYS D 91 10.28 28.09 -40.67
C CYS D 91 9.17 27.75 -39.68
N GLN D 92 8.63 26.54 -39.72
CA GLN D 92 7.52 26.10 -38.83
C GLN D 92 8.12 25.38 -37.62
N ARG D 93 9.24 24.67 -37.78
CA ARG D 93 10.05 24.15 -36.65
C ARG D 93 10.53 25.33 -35.79
N PHE D 94 10.73 26.49 -36.40
CA PHE D 94 11.17 27.72 -35.73
C PHE D 94 10.00 28.35 -34.96
N SER D 95 8.87 28.57 -35.64
CA SER D 95 7.62 29.14 -35.06
C SER D 95 7.19 28.36 -33.80
N LEU D 96 7.45 27.04 -33.78
CA LEU D 96 7.16 26.16 -32.61
C LEU D 96 8.12 26.45 -31.45
N ASN D 97 9.43 26.52 -31.73
CA ASN D 97 10.49 26.66 -30.69
C ASN D 97 10.49 28.08 -30.11
N TYR D 98 10.25 29.09 -30.96
CA TYR D 98 10.23 30.53 -30.60
C TYR D 98 8.97 31.14 -31.19
N GLU D 99 8.20 31.88 -30.39
CA GLU D 99 6.86 32.41 -30.78
C GLU D 99 7.01 33.25 -32.06
N ASP D 100 8.17 33.88 -32.28
CA ASP D 100 8.51 34.71 -33.46
C ASP D 100 8.25 33.94 -34.77
N THR D 101 7.86 34.67 -35.83
CA THR D 101 8.05 34.25 -37.24
C THR D 101 9.52 34.53 -37.58
N MET D 102 10.21 33.56 -38.15
CA MET D 102 11.66 33.67 -38.37
C MET D 102 11.87 34.68 -39.50
N ASP D 103 12.96 35.44 -39.42
CA ASP D 103 13.30 36.53 -40.37
C ASP D 103 14.09 35.94 -41.52
N VAL D 104 14.16 36.67 -42.63
CA VAL D 104 14.72 36.20 -43.91
C VAL D 104 16.19 35.82 -43.69
N ASP D 105 16.96 36.75 -43.14
CA ASP D 105 18.43 36.62 -42.95
C ASP D 105 18.74 35.37 -42.11
N MET D 106 17.81 34.89 -41.27
CA MET D 106 17.92 33.62 -40.49
C MET D 106 17.72 32.41 -41.39
N LEU D 107 16.58 32.34 -42.06
CA LEU D 107 16.20 31.19 -42.93
C LEU D 107 17.25 31.01 -44.01
N VAL D 108 17.70 32.09 -44.63
CA VAL D 108 18.78 32.02 -45.65
C VAL D 108 19.96 31.23 -45.08
N ARG D 109 20.43 31.62 -43.89
CA ARG D 109 21.62 31.02 -43.20
C ARG D 109 21.36 29.55 -42.86
N TYR D 110 20.11 29.14 -42.67
CA TYR D 110 19.71 27.71 -42.53
C TYR D 110 19.93 27.00 -43.86
N VAL D 111 19.18 27.41 -44.90
CA VAL D 111 19.18 26.84 -46.30
C VAL D 111 20.61 26.78 -46.83
N ALA D 112 21.39 27.83 -46.60
CA ALA D 112 22.82 27.92 -46.90
C ALA D 112 23.56 26.81 -46.16
N GLY D 113 23.39 26.75 -44.83
CA GLY D 113 23.97 25.71 -43.95
C GLY D 113 23.67 24.31 -44.46
N VAL D 114 22.46 24.08 -44.98
CA VAL D 114 21.97 22.78 -45.54
C VAL D 114 22.69 22.52 -46.87
N GLN D 115 22.76 23.52 -47.73
CA GLN D 115 23.48 23.43 -49.02
C GLN D 115 24.96 23.13 -48.76
N GLN D 116 25.52 23.61 -47.65
CA GLN D 116 26.93 23.34 -47.25
C GLN D 116 27.08 21.89 -46.80
N LYS D 117 26.26 21.43 -45.86
CA LYS D 117 26.25 20.02 -45.36
C LYS D 117 26.42 19.05 -46.52
N SER D 118 25.73 19.31 -47.64
CA SER D 118 25.75 18.45 -48.85
C SER D 118 27.12 18.47 -49.55
N THR D 119 27.90 19.56 -49.42
CA THR D 119 29.26 19.70 -50.01
C THR D 119 30.31 19.07 -49.10
N GLN D 120 29.91 18.52 -47.95
CA GLN D 120 30.85 17.96 -46.94
C GLN D 120 30.34 16.64 -46.35
N SER D 121 29.12 16.21 -46.68
CA SER D 121 28.59 14.88 -46.30
C SER D 121 29.18 13.84 -47.25
N GLY D 122 29.63 12.73 -46.67
CA GLY D 122 29.80 11.44 -47.37
C GLY D 122 28.42 10.91 -47.75
N GLY D 123 28.29 10.44 -49.00
CA GLY D 123 27.06 9.84 -49.53
C GLY D 123 26.31 10.80 -50.44
N SER D 124 26.21 12.06 -50.04
CA SER D 124 25.54 13.13 -50.81
C SER D 124 26.51 13.70 -51.83
N ARG D 125 26.00 13.99 -53.02
CA ARG D 125 26.49 15.10 -53.88
C ARG D 125 25.96 16.41 -53.32
N PRO D 126 26.52 17.57 -53.70
CA PRO D 126 25.91 18.87 -53.41
C PRO D 126 24.58 19.09 -54.14
N PHE D 127 23.67 19.83 -53.51
CA PHE D 127 22.45 20.38 -54.17
C PHE D 127 22.89 21.25 -55.34
N GLY D 128 22.33 21.00 -56.52
CA GLY D 128 22.64 21.74 -57.77
C GLY D 128 21.72 22.93 -57.93
N VAL D 129 21.69 23.78 -56.91
CA VAL D 129 20.60 24.78 -56.67
C VAL D 129 21.23 26.07 -56.13
N ALA D 130 21.17 27.13 -56.91
CA ALA D 130 21.32 28.51 -56.42
C ALA D 130 19.91 28.98 -56.14
N THR D 131 19.74 29.84 -55.13
CA THR D 131 18.45 30.16 -54.48
C THR D 131 18.39 31.66 -54.24
N VAL D 132 17.42 32.37 -54.82
CA VAL D 132 17.20 33.82 -54.53
C VAL D 132 16.03 33.94 -53.57
N ILE D 133 16.33 34.12 -52.29
CA ILE D 133 15.33 34.32 -51.21
C ILE D 133 15.11 35.82 -51.04
N GLY D 134 13.87 36.28 -51.16
CA GLY D 134 13.43 37.62 -50.72
C GLY D 134 12.51 37.49 -49.53
N GLY D 135 12.00 38.61 -49.03
CA GLY D 135 10.99 38.64 -47.94
C GLY D 135 11.24 39.80 -46.99
N PHE D 136 10.31 40.01 -46.07
CA PHE D 136 10.34 41.09 -45.07
C PHE D 136 10.44 40.49 -43.66
N ASN D 137 11.31 41.06 -42.83
CA ASN D 137 11.32 40.80 -41.37
C ASN D 137 10.01 41.33 -40.77
N GLU D 138 9.66 40.90 -39.57
CA GLU D 138 8.49 41.39 -38.78
C GLU D 138 8.62 42.91 -38.57
N ASP D 139 9.85 43.42 -38.35
CA ASP D 139 10.14 44.83 -38.00
C ASP D 139 9.70 45.78 -39.13
N GLY D 140 9.79 45.38 -40.40
CA GLY D 140 9.37 46.19 -41.56
C GLY D 140 10.41 46.22 -42.68
N LYS D 141 11.68 45.98 -42.36
CA LYS D 141 12.84 46.03 -43.29
C LYS D 141 12.66 44.99 -44.40
N PRO D 142 12.88 45.33 -45.70
CA PRO D 142 12.95 44.35 -46.78
C PRO D 142 14.35 43.75 -46.95
N HIS D 143 14.44 42.45 -47.23
CA HIS D 143 15.71 41.70 -47.42
C HIS D 143 15.66 40.88 -48.71
N LEU D 144 16.77 40.88 -49.44
CA LEU D 144 17.04 39.97 -50.59
C LEU D 144 18.36 39.26 -50.36
N TRP D 145 18.41 37.96 -50.63
CA TRP D 145 19.59 37.09 -50.40
C TRP D 145 19.76 36.14 -51.59
N LYS D 146 20.97 35.61 -51.72
CA LYS D 146 21.32 34.58 -52.73
C LYS D 146 22.15 33.50 -52.04
N THR D 147 21.71 32.25 -52.16
CA THR D 147 22.42 31.04 -51.69
C THR D 147 22.93 30.31 -52.93
N ASP D 148 24.24 30.20 -53.13
CA ASP D 148 24.84 29.42 -54.25
C ASP D 148 25.23 28.04 -53.70
N PRO D 149 25.37 27.00 -54.55
CA PRO D 149 25.41 25.60 -54.09
C PRO D 149 26.53 25.26 -53.10
N SER D 150 27.63 26.04 -53.11
CA SER D 150 28.79 25.94 -52.19
C SER D 150 28.32 25.99 -50.73
N GLY D 151 27.17 26.62 -50.47
CA GLY D 151 26.59 26.88 -49.14
C GLY D 151 26.75 28.35 -48.78
N MET D 152 27.49 29.11 -49.57
CA MET D 152 27.89 30.50 -49.24
C MET D 152 26.72 31.40 -49.62
N CYS D 153 26.19 32.15 -48.64
CA CYS D 153 25.03 33.05 -48.80
C CYS D 153 25.55 34.49 -48.72
N SER D 154 24.97 35.38 -49.54
CA SER D 154 25.19 36.86 -49.50
C SER D 154 23.83 37.54 -49.65
N ALA D 155 23.69 38.74 -49.09
CA ALA D 155 22.50 39.61 -49.25
C ALA D 155 22.83 40.67 -50.30
N TRP D 156 21.90 40.94 -51.22
CA TRP D 156 22.10 41.85 -52.38
C TRP D 156 21.04 42.95 -52.35
N ARG D 157 21.31 44.02 -53.11
CA ARG D 157 20.31 45.09 -53.39
C ARG D 157 19.55 44.66 -54.65
N ALA D 158 20.24 44.01 -55.59
CA ALA D 158 19.62 43.26 -56.70
C ALA D 158 20.59 42.18 -57.16
N VAL D 159 20.07 41.14 -57.82
CA VAL D 159 20.83 39.89 -58.07
C VAL D 159 20.14 39.09 -59.17
N ALA D 160 20.91 38.25 -59.84
CA ALA D 160 20.44 37.18 -60.74
C ALA D 160 21.18 35.88 -60.43
N ILE D 161 20.54 34.77 -60.79
CA ILE D 161 21.10 33.40 -60.80
C ILE D 161 20.76 32.82 -62.17
N GLY D 162 21.15 31.56 -62.40
CA GLY D 162 20.80 30.81 -63.61
C GLY D 162 21.56 31.31 -64.84
N ARG D 163 20.97 31.13 -66.01
CA ARG D 163 21.68 31.29 -67.31
C ARG D 163 22.03 32.77 -67.49
N HIS D 164 23.30 33.00 -67.84
CA HIS D 164 23.94 34.32 -68.09
C HIS D 164 23.71 35.22 -66.86
N ASP D 165 23.86 34.64 -65.67
CA ASP D 165 23.75 35.32 -64.33
C ASP D 165 24.74 36.49 -64.24
N GLN D 166 25.95 36.34 -64.78
CA GLN D 166 27.00 37.40 -64.75
C GLN D 166 26.63 38.53 -65.72
N THR D 167 26.11 38.21 -66.90
CA THR D 167 25.67 39.20 -67.94
C THR D 167 24.57 40.11 -67.36
N VAL D 168 23.62 39.54 -66.60
CA VAL D 168 22.52 40.29 -65.93
C VAL D 168 23.10 41.17 -64.83
N ILE D 169 23.92 40.61 -63.92
CA ILE D 169 24.51 41.35 -62.76
C ILE D 169 25.43 42.47 -63.29
N GLU D 170 26.17 42.25 -64.37
CA GLU D 170 27.04 43.28 -65.01
C GLU D 170 26.18 44.37 -65.66
N TYR D 171 24.99 44.01 -66.17
CA TYR D 171 23.99 44.98 -66.68
C TYR D 171 23.30 45.72 -65.52
N MET D 172 22.86 45.00 -64.48
CA MET D 172 22.11 45.55 -63.30
C MET D 172 22.91 46.67 -62.61
N GLU D 173 24.19 46.42 -62.30
CA GLU D 173 25.01 47.31 -61.43
C GLU D 173 25.40 48.59 -62.18
N LYS D 174 25.15 48.67 -63.49
CA LYS D 174 25.24 49.92 -64.29
C LYS D 174 24.04 50.82 -63.96
N SER D 175 22.82 50.27 -64.06
CA SER D 175 21.55 51.04 -64.14
C SER D 175 20.80 51.09 -62.79
N TYR D 176 21.17 50.31 -61.77
CA TYR D 176 20.41 50.21 -60.49
C TYR D 176 20.47 51.54 -59.73
N LYS D 177 19.41 51.85 -58.99
CA LYS D 177 19.27 53.04 -58.12
C LYS D 177 18.71 52.62 -56.76
N ASP D 178 19.27 53.17 -55.68
CA ASP D 178 19.09 52.70 -54.28
C ASP D 178 17.60 52.72 -53.94
N GLY D 179 17.01 53.92 -53.83
CA GLY D 179 15.58 54.10 -53.54
C GLY D 179 14.74 53.90 -54.79
N MET D 180 13.90 52.87 -54.80
CA MET D 180 13.02 52.50 -55.96
C MET D 180 11.61 52.22 -55.44
N SER D 181 10.60 52.63 -56.22
CA SER D 181 9.16 52.42 -55.96
C SER D 181 8.75 51.01 -56.43
N ARG D 182 7.56 50.56 -56.02
CA ARG D 182 6.95 49.25 -56.39
C ARG D 182 6.96 49.07 -57.91
N ASP D 183 6.71 50.14 -58.70
CA ASP D 183 6.58 50.10 -60.18
C ASP D 183 7.96 50.18 -60.85
N GLU D 184 8.88 50.99 -60.32
CA GLU D 184 10.27 51.14 -60.83
C GLU D 184 11.01 49.81 -60.65
N CYS D 185 10.84 49.15 -59.50
CA CYS D 185 11.41 47.82 -59.14
C CYS D 185 10.98 46.76 -60.16
N VAL D 186 9.67 46.61 -60.35
CA VAL D 186 9.05 45.62 -61.29
C VAL D 186 9.59 45.89 -62.70
N HIS D 187 9.41 47.13 -63.17
CA HIS D 187 9.99 47.66 -64.43
C HIS D 187 11.43 47.16 -64.55
N PHE D 188 12.26 47.43 -63.54
CA PHE D 188 13.73 47.15 -63.50
C PHE D 188 13.99 45.63 -63.52
N ALA D 189 13.24 44.86 -62.73
CA ALA D 189 13.38 43.38 -62.60
C ALA D 189 13.20 42.73 -63.97
N ILE D 190 12.13 43.11 -64.67
CA ILE D 190 11.78 42.61 -66.04
C ILE D 190 12.83 43.11 -67.03
N LYS D 191 13.16 44.40 -66.97
CA LYS D 191 14.22 45.07 -67.79
C LYS D 191 15.49 44.22 -67.76
N SER D 192 15.94 43.84 -66.56
CA SER D 192 17.18 43.07 -66.28
C SER D 192 17.04 41.64 -66.83
N LEU D 193 15.91 40.98 -66.57
CA LEU D 193 15.60 39.60 -67.05
C LEU D 193 15.64 39.56 -68.58
N LEU D 194 15.16 40.62 -69.25
CA LEU D 194 15.02 40.72 -70.73
C LEU D 194 16.39 40.78 -71.41
N GLU D 195 17.46 41.10 -70.67
CA GLU D 195 18.87 41.08 -71.15
C GLU D 195 19.21 39.68 -71.68
N VAL D 196 18.74 38.62 -71.01
CA VAL D 196 19.15 37.20 -71.29
C VAL D 196 17.97 36.39 -71.84
N VAL D 197 16.76 36.56 -71.28
CA VAL D 197 15.56 35.73 -71.59
C VAL D 197 15.07 36.04 -73.01
N GLU D 198 14.28 35.12 -73.59
CA GLU D 198 13.58 35.27 -74.90
C GLU D 198 12.74 36.55 -74.90
N SER D 199 12.69 37.26 -76.04
CA SER D 199 11.97 38.55 -76.25
C SER D 199 10.54 38.48 -75.68
N GLY D 200 9.91 37.29 -75.72
CA GLY D 200 8.54 37.01 -75.24
C GLY D 200 8.26 37.50 -73.83
N SER D 201 6.98 37.75 -73.54
CA SER D 201 6.43 38.22 -72.23
C SER D 201 5.73 37.07 -71.47
N ARG D 202 5.52 35.91 -72.10
CA ARG D 202 4.73 34.76 -71.56
C ARG D 202 5.61 33.85 -70.69
N ASN D 203 6.94 33.86 -70.91
CA ASN D 203 7.93 33.07 -70.11
C ASN D 203 8.11 33.72 -68.74
N ILE D 204 8.37 35.04 -68.69
CA ILE D 204 8.59 35.79 -67.41
C ILE D 204 7.32 35.70 -66.56
N GLU D 205 7.42 35.05 -65.40
CA GLU D 205 6.47 35.21 -64.26
C GLU D 205 7.24 35.95 -63.18
N LEU D 206 6.55 36.80 -62.40
CA LEU D 206 7.19 37.52 -61.28
C LEU D 206 6.20 37.81 -60.14
N LEU D 207 6.77 38.03 -58.96
CA LEU D 207 6.13 38.22 -57.65
C LEU D 207 6.61 39.55 -57.07
N VAL D 208 5.68 40.33 -56.53
CA VAL D 208 5.99 41.60 -55.81
C VAL D 208 5.66 41.42 -54.34
N LEU D 209 6.70 41.27 -53.51
CA LEU D 209 6.59 41.29 -52.03
C LEU D 209 6.55 42.74 -51.59
N GLN D 210 5.52 43.12 -50.85
CA GLN D 210 5.50 44.31 -49.97
C GLN D 210 5.20 43.80 -48.56
N TYR D 211 5.39 44.62 -47.54
CA TYR D 211 5.19 44.26 -46.12
C TYR D 211 3.79 43.66 -45.95
N LYS D 212 3.71 42.37 -45.56
CA LYS D 212 2.45 41.62 -45.27
C LYS D 212 1.61 41.41 -46.54
N GLU D 213 2.16 41.65 -47.74
CA GLU D 213 1.40 41.72 -49.01
C GLU D 213 2.24 41.11 -50.15
N ALA D 214 2.03 39.83 -50.44
CA ALA D 214 2.60 39.13 -51.61
C ALA D 214 1.57 39.12 -52.73
N ARG D 215 1.98 39.46 -53.95
CA ARG D 215 1.11 39.40 -55.15
C ARG D 215 1.95 39.06 -56.38
N TYR D 216 1.61 37.97 -57.05
CA TYR D 216 2.11 37.60 -58.40
C TYR D 216 1.42 38.52 -59.39
N LEU D 217 2.13 38.96 -60.43
CA LEU D 217 1.52 39.76 -61.52
C LEU D 217 0.76 38.81 -62.45
N THR D 218 -0.48 39.18 -62.80
CA THR D 218 -1.30 38.54 -63.86
C THR D 218 -0.61 38.81 -65.21
N GLU D 219 -0.85 37.98 -66.23
CA GLU D 219 -0.26 38.15 -67.58
C GLU D 219 -0.88 39.39 -68.28
N GLU D 220 -1.89 40.03 -67.66
CA GLU D 220 -2.52 41.30 -68.11
C GLU D 220 -1.74 42.50 -67.53
N GLU D 221 -1.56 42.53 -66.20
CA GLU D 221 -0.72 43.53 -65.46
C GLU D 221 0.70 43.56 -66.03
N LEU D 222 1.25 42.38 -66.33
CA LEU D 222 2.66 42.15 -66.78
C LEU D 222 2.90 42.79 -68.15
N GLN D 223 2.09 42.44 -69.16
CA GLN D 223 2.29 42.83 -70.59
C GLN D 223 2.17 44.35 -70.79
N LYS D 224 1.66 45.09 -69.79
CA LYS D 224 1.76 46.57 -69.71
C LYS D 224 3.23 46.96 -69.47
N PHE D 225 3.86 46.37 -68.45
CA PHE D 225 5.27 46.63 -68.03
C PHE D 225 6.25 46.08 -69.07
N VAL D 226 5.90 45.07 -69.87
CA VAL D 226 6.79 44.43 -70.88
C VAL D 226 6.82 45.28 -72.17
N VAL D 227 5.66 45.80 -72.60
CA VAL D 227 5.53 46.77 -73.75
C VAL D 227 6.27 48.07 -73.37
N GLU D 228 6.07 48.55 -72.13
CA GLU D 228 6.71 49.76 -71.53
C GLU D 228 8.24 49.60 -71.50
N VAL D 229 8.75 48.38 -71.29
CA VAL D 229 10.21 48.06 -71.15
C VAL D 229 10.81 47.73 -72.53
N GLU D 230 10.10 46.97 -73.38
CA GLU D 230 10.62 46.54 -74.72
C GLU D 230 10.63 47.73 -75.72
N LYS D 231 9.91 48.82 -75.40
CA LYS D 231 10.01 50.14 -76.11
C LYS D 231 11.24 50.91 -75.59
N GLU D 232 11.63 50.71 -74.32
CA GLU D 232 12.82 51.33 -73.68
C GLU D 232 14.11 50.59 -74.09
N ARG D 233 14.01 49.30 -74.48
CA ARG D 233 15.14 48.50 -75.05
C ARG D 233 15.22 48.70 -76.58
N GLU D 234 14.28 49.45 -77.17
CA GLU D 234 14.31 49.98 -78.57
C GLU D 234 14.85 51.42 -78.59
N GLU D 235 14.85 52.11 -77.43
CA GLU D 235 15.46 53.45 -77.22
C GLU D 235 16.96 53.32 -76.92
N GLU D 236 17.36 52.23 -76.23
CA GLU D 236 18.77 51.89 -75.86
C GLU D 236 19.47 51.13 -77.00
N ALA D 237 18.73 50.65 -78.01
CA ALA D 237 19.25 50.03 -79.26
C ALA D 237 19.47 51.10 -80.34
N ALA D 238 18.70 52.20 -80.32
CA ALA D 238 18.79 53.37 -81.24
C ALA D 238 20.01 54.24 -80.91
N ALA D 239 20.34 54.41 -79.62
CA ALA D 239 21.51 55.18 -79.11
C ALA D 239 22.82 54.52 -79.57
N LYS D 240 22.92 53.19 -79.47
CA LYS D 240 24.05 52.34 -79.96
C LYS D 240 23.66 51.74 -81.32
N GLU E 107 40.17 13.30 -59.18
CA GLU E 107 39.63 11.92 -59.34
C GLU E 107 39.19 11.38 -57.97
N TYR E 108 38.81 10.09 -57.93
CA TYR E 108 38.50 9.28 -56.72
C TYR E 108 39.43 8.05 -56.67
N ASP E 109 40.61 8.12 -57.30
CA ASP E 109 41.58 6.97 -57.36
C ASP E 109 42.23 6.82 -55.98
N ARG E 110 42.91 7.86 -55.49
CA ARG E 110 43.35 7.98 -54.07
C ARG E 110 42.13 8.16 -53.17
N GLY E 111 42.06 7.43 -52.06
CA GLY E 111 41.12 7.67 -50.95
C GLY E 111 41.32 9.04 -50.35
N VAL E 112 40.55 9.34 -49.31
CA VAL E 112 40.58 10.67 -48.62
C VAL E 112 41.73 10.66 -47.62
N ASN E 113 41.76 9.62 -46.77
CA ASN E 113 42.77 9.42 -45.70
C ASN E 113 43.94 8.66 -46.32
N THR E 114 44.81 9.39 -47.04
CA THR E 114 45.90 8.83 -47.87
C THR E 114 47.13 9.74 -47.83
N PHE E 115 48.28 9.19 -47.49
CA PHE E 115 49.59 9.89 -47.47
C PHE E 115 50.21 9.84 -48.86
N SER E 116 50.91 10.93 -49.21
CA SER E 116 51.81 11.05 -50.38
C SER E 116 53.12 10.34 -50.04
N PRO E 117 53.97 10.02 -51.04
CA PRO E 117 55.33 9.53 -50.76
C PRO E 117 56.29 10.44 -49.95
N GLU E 118 55.88 11.68 -49.63
CA GLU E 118 56.66 12.66 -48.81
C GLU E 118 55.87 13.08 -47.56
N GLY E 119 54.86 12.29 -47.16
CA GLY E 119 54.40 12.21 -45.76
C GLY E 119 53.24 13.13 -45.42
N ARG E 120 52.83 14.02 -46.33
CA ARG E 120 51.67 14.90 -46.12
C ARG E 120 50.42 14.16 -46.62
N ILE E 121 49.35 14.16 -45.81
CA ILE E 121 47.98 13.76 -46.24
C ILE E 121 47.62 14.61 -47.46
N PHE E 122 47.07 14.01 -48.51
CA PHE E 122 46.81 14.69 -49.80
C PHE E 122 45.72 15.74 -49.60
N GLN E 123 44.53 15.30 -49.17
CA GLN E 123 43.31 16.14 -49.06
C GLN E 123 43.60 17.41 -48.26
N ILE E 124 44.49 17.34 -47.25
CA ILE E 124 44.95 18.52 -46.46
C ILE E 124 45.86 19.37 -47.34
N GLU E 125 46.95 18.80 -47.84
CA GLU E 125 47.92 19.49 -48.75
C GLU E 125 47.14 20.26 -49.82
N TYR E 126 46.03 19.68 -50.32
CA TYR E 126 45.11 20.24 -51.35
C TYR E 126 44.23 21.34 -50.77
N ALA E 127 43.52 21.08 -49.66
CA ALA E 127 42.64 22.06 -48.95
C ALA E 127 43.42 23.33 -48.58
N VAL E 128 44.73 23.20 -48.33
CA VAL E 128 45.66 24.32 -48.05
C VAL E 128 45.82 25.17 -49.32
N GLU E 129 45.84 24.54 -50.50
CA GLU E 129 45.92 25.28 -51.80
C GLU E 129 44.57 25.93 -52.13
N ALA E 130 43.48 25.60 -51.41
CA ALA E 130 42.15 26.24 -51.53
C ALA E 130 42.11 27.56 -50.76
N ILE E 131 43.02 27.75 -49.81
CA ILE E 131 43.14 29.00 -49.00
C ILE E 131 43.89 30.05 -49.83
N LYS E 132 44.93 29.68 -50.57
CA LYS E 132 45.76 30.61 -51.40
C LYS E 132 44.95 31.26 -52.54
N LEU E 133 43.73 30.81 -52.83
CA LEU E 133 42.78 31.43 -53.80
C LEU E 133 41.89 32.46 -53.08
N GLY E 134 41.50 32.17 -51.84
CA GLY E 134 40.55 32.96 -51.03
C GLY E 134 41.06 34.36 -50.71
N SER E 135 40.20 35.17 -50.08
CA SER E 135 40.45 36.57 -49.66
C SER E 135 41.63 36.63 -48.70
N THR E 136 42.44 37.70 -48.76
CA THR E 136 43.55 37.96 -47.80
C THR E 136 42.98 38.54 -46.50
N SER E 137 43.44 38.01 -45.38
CA SER E 137 42.95 38.28 -44.01
C SER E 137 44.14 38.22 -43.06
N LEU E 138 44.23 39.12 -42.07
CA LEU E 138 45.43 39.22 -41.23
C LEU E 138 45.12 39.81 -39.84
N GLY E 139 46.03 39.53 -38.91
CA GLY E 139 45.95 39.83 -37.47
C GLY E 139 47.29 40.29 -36.93
N ILE E 140 47.25 41.23 -35.97
CA ILE E 140 48.45 41.92 -35.42
C ILE E 140 48.30 41.94 -33.89
N ARG E 141 49.11 41.12 -33.20
CA ARG E 141 49.11 41.01 -31.71
C ARG E 141 50.01 42.12 -31.15
N THR E 142 49.40 43.25 -30.80
CA THR E 142 50.05 44.38 -30.08
C THR E 142 49.70 44.25 -28.60
N PRO E 143 50.48 44.81 -27.64
CA PRO E 143 50.18 44.66 -26.22
C PRO E 143 48.92 45.44 -25.79
N GLU E 144 48.62 46.55 -26.50
CA GLU E 144 47.43 47.40 -26.27
C GLU E 144 46.14 46.65 -26.65
N GLY E 145 46.25 45.71 -27.59
CA GLY E 145 45.13 44.89 -28.10
C GLY E 145 45.48 44.24 -29.43
N VAL E 146 44.59 43.41 -29.96
CA VAL E 146 44.84 42.62 -31.21
C VAL E 146 43.91 43.15 -32.30
N VAL E 147 44.41 43.18 -33.52
CA VAL E 147 43.71 43.67 -34.75
C VAL E 147 43.45 42.47 -35.66
N LEU E 148 42.33 42.51 -36.39
CA LEU E 148 42.01 41.61 -37.52
C LEU E 148 41.50 42.47 -38.66
N ALA E 149 41.99 42.27 -39.88
CA ALA E 149 41.51 42.96 -41.09
C ALA E 149 41.46 41.97 -42.24
N ALA E 150 40.51 42.18 -43.15
CA ALA E 150 40.18 41.25 -44.25
C ALA E 150 39.65 42.04 -45.44
N GLU E 151 40.21 41.81 -46.63
CA GLU E 151 39.57 42.25 -47.90
C GLU E 151 38.27 41.44 -48.03
N LYS E 152 37.14 42.11 -48.29
CA LYS E 152 35.81 41.45 -48.46
C LYS E 152 35.76 40.76 -49.84
N ARG E 153 36.47 41.28 -50.84
CA ARG E 153 36.48 40.79 -52.25
C ARG E 153 35.04 40.56 -52.70
N VAL E 154 34.22 41.60 -52.63
CA VAL E 154 32.79 41.60 -53.06
C VAL E 154 32.74 41.28 -54.55
N PRO E 155 31.90 40.31 -55.01
CA PRO E 155 31.82 39.97 -56.44
C PRO E 155 31.30 41.14 -57.30
N SER E 156 30.37 41.94 -56.78
CA SER E 156 29.78 43.12 -57.48
C SER E 156 29.54 44.28 -56.51
N THR E 157 29.27 45.47 -57.07
CA THR E 157 28.77 46.70 -56.39
C THR E 157 27.53 46.37 -55.55
N LEU E 158 26.59 45.63 -56.15
CA LEU E 158 25.19 45.42 -55.66
C LEU E 158 25.17 44.75 -54.27
N VAL E 159 26.14 43.90 -53.96
CA VAL E 159 26.17 43.12 -52.70
C VAL E 159 26.16 44.11 -51.53
N VAL E 160 25.14 44.01 -50.67
CA VAL E 160 25.10 44.64 -49.31
C VAL E 160 26.35 44.19 -48.57
N PRO E 161 27.40 45.05 -48.41
CA PRO E 161 28.71 44.58 -47.94
C PRO E 161 28.68 43.99 -46.51
N SER E 162 27.81 44.50 -45.65
CA SER E 162 27.64 44.10 -44.22
C SER E 162 27.23 42.63 -44.07
N SER E 163 26.60 42.04 -45.10
CA SER E 163 26.18 40.61 -45.14
C SER E 163 27.41 39.70 -45.13
N MET E 164 28.17 39.64 -46.23
CA MET E 164 29.32 38.72 -46.40
C MET E 164 30.49 39.21 -45.54
N SER E 165 30.33 39.07 -44.21
CA SER E 165 31.31 39.48 -43.17
C SER E 165 32.45 38.48 -43.13
N LYS E 166 33.65 38.93 -43.52
CA LYS E 166 34.89 38.11 -43.41
C LYS E 166 35.22 37.90 -41.93
N ILE E 167 34.85 38.83 -41.04
CA ILE E 167 35.17 38.75 -39.58
C ILE E 167 33.88 38.45 -38.82
N MET E 168 34.00 37.72 -37.71
CA MET E 168 32.86 37.14 -36.96
C MET E 168 33.13 37.19 -35.46
N GLU E 169 32.19 37.75 -34.70
CA GLU E 169 32.16 37.65 -33.22
C GLU E 169 32.02 36.15 -32.87
N VAL E 170 32.97 35.61 -32.11
CA VAL E 170 32.92 34.24 -31.54
C VAL E 170 32.48 34.33 -30.08
N ASP E 171 32.97 35.33 -29.36
CA ASP E 171 32.41 35.75 -28.05
C ASP E 171 32.73 37.23 -27.86
N SER E 172 32.33 37.83 -26.73
CA SER E 172 32.62 39.24 -26.37
C SER E 172 34.07 39.57 -26.74
N HIS E 173 34.98 38.67 -26.37
CA HIS E 173 36.43 38.86 -26.21
C HIS E 173 37.22 38.14 -27.30
N ILE E 174 36.56 37.46 -28.24
CA ILE E 174 37.22 36.70 -29.34
C ILE E 174 36.52 37.03 -30.66
N ALA E 175 37.32 37.37 -31.66
CA ALA E 175 36.91 37.47 -33.08
C ALA E 175 37.62 36.37 -33.85
N ALA E 176 37.00 35.93 -34.93
CA ALA E 176 37.62 35.11 -35.99
C ALA E 176 37.60 35.92 -37.28
N VAL E 177 38.67 35.83 -38.06
CA VAL E 177 38.68 36.16 -39.51
C VAL E 177 39.03 34.89 -40.28
N MET E 178 38.40 34.70 -41.43
CA MET E 178 38.51 33.47 -42.25
C MET E 178 39.13 33.81 -43.60
N SER E 179 39.54 32.77 -44.32
CA SER E 179 40.03 32.82 -45.71
C SER E 179 39.85 31.45 -46.38
N GLY E 180 39.50 31.46 -47.67
CA GLY E 180 39.09 30.27 -48.44
C GLY E 180 37.57 30.14 -48.43
N MET E 181 37.06 28.94 -48.21
CA MET E 181 35.63 28.62 -48.41
C MET E 181 34.83 29.19 -47.24
N VAL E 182 34.10 30.27 -47.50
CA VAL E 182 33.39 31.07 -46.47
C VAL E 182 32.30 30.18 -45.85
N ALA E 183 31.63 29.39 -46.69
CA ALA E 183 30.59 28.40 -46.33
C ALA E 183 31.07 27.54 -45.15
N ASP E 184 32.25 26.95 -45.33
CA ASP E 184 32.90 26.02 -44.38
C ASP E 184 33.23 26.77 -43.08
N ALA E 185 33.71 28.01 -43.21
CA ALA E 185 34.14 28.86 -42.07
C ALA E 185 32.96 29.12 -41.14
N ARG E 186 31.77 29.37 -41.68
CA ARG E 186 30.51 29.53 -40.90
C ARG E 186 30.37 28.32 -39.96
N ILE E 187 30.69 27.12 -40.43
CA ILE E 187 30.50 25.83 -39.70
C ILE E 187 31.56 25.71 -38.60
N LEU E 188 32.78 26.20 -38.82
CA LEU E 188 33.85 26.25 -37.77
C LEU E 188 33.44 27.23 -36.68
N VAL E 189 33.19 28.49 -37.08
CA VAL E 189 32.88 29.63 -36.19
C VAL E 189 31.62 29.28 -35.39
N GLU E 190 30.63 28.65 -36.03
CA GLU E 190 29.38 28.23 -35.35
C GLU E 190 29.72 27.23 -34.23
N HIS E 191 30.64 26.30 -34.49
CA HIS E 191 31.11 25.34 -33.45
C HIS E 191 31.80 26.15 -32.35
N ALA E 192 32.77 27.00 -32.71
CA ALA E 192 33.61 27.81 -31.79
C ALA E 192 32.72 28.62 -30.85
N ARG E 193 31.62 29.20 -31.37
CA ARG E 193 30.61 29.98 -30.60
C ARG E 193 29.99 29.11 -29.51
N VAL E 194 29.46 27.96 -29.93
CA VAL E 194 28.80 26.96 -29.04
C VAL E 194 29.78 26.56 -27.94
N GLU E 195 31.05 26.30 -28.29
CA GLU E 195 32.12 25.89 -27.33
C GLU E 195 32.43 27.03 -26.37
N SER E 196 32.72 28.23 -26.90
CA SER E 196 32.94 29.48 -26.12
C SER E 196 31.85 29.65 -25.06
N GLN E 197 30.59 29.35 -25.42
CA GLN E 197 29.41 29.52 -24.54
C GLN E 197 29.26 28.32 -23.62
N ASN E 198 29.57 27.11 -24.09
CA ASN E 198 29.62 25.89 -23.23
C ASN E 198 30.64 26.12 -22.11
N HIS E 199 31.79 26.73 -22.42
CA HIS E 199 32.85 27.09 -21.43
C HIS E 199 32.28 28.09 -20.43
N ARG E 200 31.64 29.17 -20.91
CA ARG E 200 30.97 30.20 -20.08
C ARG E 200 29.89 29.53 -19.22
N PHE E 201 29.13 28.64 -19.83
CA PHE E 201 28.03 27.90 -19.15
C PHE E 201 28.60 27.07 -18.01
N THR E 202 29.72 26.38 -18.26
CA THR E 202 30.29 25.35 -17.34
C THR E 202 31.19 26.00 -16.29
N TYR E 203 32.03 26.96 -16.68
CA TYR E 203 33.08 27.51 -15.79
C TYR E 203 32.91 29.01 -15.57
N ASN E 204 31.70 29.55 -15.72
CA ASN E 204 31.31 30.94 -15.34
C ASN E 204 32.41 31.96 -15.70
N GLU E 205 33.09 31.78 -16.83
CA GLU E 205 34.25 32.63 -17.18
C GLU E 205 34.44 32.65 -18.69
N PRO E 206 35.11 33.69 -19.24
CA PRO E 206 35.54 33.67 -20.63
C PRO E 206 36.36 32.42 -20.93
N MET E 207 36.08 31.78 -22.06
CA MET E 207 37.00 30.81 -22.68
C MET E 207 38.34 31.52 -22.94
N SER E 208 39.44 30.80 -22.83
CA SER E 208 40.74 31.29 -23.35
C SER E 208 40.62 31.41 -24.86
N VAL E 209 41.59 32.06 -25.52
CA VAL E 209 41.67 32.09 -27.01
C VAL E 209 42.26 30.76 -27.45
N GLU E 210 43.33 30.31 -26.78
CA GLU E 210 43.99 29.00 -27.05
C GLU E 210 42.93 27.90 -27.12
N SER E 211 42.04 27.81 -26.11
CA SER E 211 41.02 26.75 -25.94
C SER E 211 39.94 26.84 -27.03
N CYS E 212 39.57 28.06 -27.44
CA CYS E 212 38.57 28.31 -28.51
C CYS E 212 39.12 27.84 -29.87
N THR E 213 40.44 27.95 -30.06
CA THR E 213 41.17 27.54 -31.30
C THR E 213 41.36 26.03 -31.31
N LEU E 214 41.64 25.42 -30.16
CA LEU E 214 41.66 23.96 -29.95
C LEU E 214 40.30 23.34 -30.26
N ALA E 215 39.21 23.97 -29.79
CA ALA E 215 37.83 23.49 -29.98
C ALA E 215 37.39 23.63 -31.44
N THR E 216 38.08 24.46 -32.23
CA THR E 216 37.83 24.66 -33.69
C THR E 216 38.66 23.68 -34.55
N CYS E 217 39.69 23.05 -33.98
CA CYS E 217 40.48 21.95 -34.59
C CYS E 217 40.08 20.58 -34.02
N ASP E 218 39.09 20.55 -33.12
CA ASP E 218 38.36 19.33 -32.68
C ASP E 218 37.35 18.94 -33.77
N LEU E 219 36.93 19.90 -34.60
CA LEU E 219 36.00 19.70 -35.73
C LEU E 219 36.80 19.44 -37.02
N SER E 220 37.98 20.06 -37.17
CA SER E 220 38.77 20.09 -38.44
C SER E 220 39.55 18.77 -38.66
N ILE E 221 39.73 17.94 -37.61
CA ILE E 221 40.39 16.61 -37.72
C ILE E 221 39.38 15.59 -38.26
N GLN E 222 38.12 15.59 -37.79
CA GLN E 222 37.17 14.45 -38.01
C GLN E 222 36.64 14.51 -39.46
N PHE E 223 37.44 13.95 -40.38
CA PHE E 223 37.11 13.71 -41.80
C PHE E 223 37.48 12.25 -42.17
N GLY E 224 36.65 11.57 -42.97
CA GLY E 224 36.85 10.17 -43.42
C GLY E 224 35.92 9.76 -44.54
N LEU E 232 33.34 11.25 -40.42
CA LEU E 232 31.93 11.76 -40.30
C LEU E 232 31.64 12.77 -41.42
N MET E 233 32.63 13.62 -41.76
CA MET E 233 32.61 14.56 -42.92
C MET E 233 33.52 14.00 -44.02
N SER E 234 33.16 14.23 -45.28
CA SER E 234 33.85 13.65 -46.47
C SER E 234 35.30 14.14 -46.53
N ARG E 235 35.50 15.45 -46.36
CA ARG E 235 36.76 16.18 -46.69
C ARG E 235 37.12 17.08 -45.51
N PRO E 236 38.36 17.63 -45.46
CA PRO E 236 38.64 18.72 -44.53
C PRO E 236 37.84 19.98 -44.92
N PHE E 237 37.78 20.95 -44.01
CA PHE E 237 37.30 22.31 -44.32
C PHE E 237 38.38 23.00 -45.14
N GLY E 238 37.99 23.70 -46.21
CA GLY E 238 38.92 24.39 -47.11
C GLY E 238 39.27 25.78 -46.59
N VAL E 239 39.35 25.93 -45.27
CA VAL E 239 39.39 27.26 -44.60
C VAL E 239 40.55 27.30 -43.61
N SER E 240 41.22 28.45 -43.55
CA SER E 240 42.14 28.88 -42.48
C SER E 240 41.43 29.97 -41.68
N LEU E 241 41.22 29.73 -40.39
CA LEU E 241 40.72 30.76 -39.43
C LEU E 241 41.92 31.49 -38.83
N LEU E 242 41.77 32.77 -38.52
CA LEU E 242 42.74 33.57 -37.72
C LEU E 242 41.99 34.07 -36.49
N ILE E 243 42.03 33.30 -35.41
CA ILE E 243 41.27 33.62 -34.18
C ILE E 243 42.12 34.54 -33.32
N ALA E 244 41.52 35.63 -32.84
CA ALA E 244 42.17 36.67 -32.03
C ALA E 244 41.24 37.07 -30.89
N GLY E 245 41.79 37.24 -29.69
CA GLY E 245 40.99 37.65 -28.53
C GLY E 245 41.86 38.08 -27.38
N VAL E 246 41.25 38.19 -26.19
CA VAL E 246 41.89 38.70 -24.95
C VAL E 246 41.32 37.90 -23.78
N ASP E 247 42.21 37.37 -22.95
CA ASP E 247 41.89 36.58 -21.72
C ASP E 247 42.96 36.95 -20.67
N GLU E 248 43.31 36.04 -19.77
CA GLU E 248 44.28 36.29 -18.67
C GLU E 248 45.71 36.35 -19.21
N LYS E 249 46.02 35.60 -20.27
CA LYS E 249 47.34 35.64 -20.98
C LYS E 249 47.58 37.00 -21.65
N GLY E 250 46.51 37.79 -21.85
CA GLY E 250 46.54 39.09 -22.55
C GLY E 250 45.93 38.97 -23.95
N PRO E 251 46.34 39.80 -24.92
CA PRO E 251 45.88 39.67 -26.30
C PRO E 251 46.70 38.64 -27.11
N GLN E 252 46.03 37.60 -27.62
CA GLN E 252 46.63 36.49 -28.41
C GLN E 252 46.00 36.46 -29.80
N LEU E 253 46.80 36.02 -30.78
CA LEU E 253 46.36 35.70 -32.16
C LEU E 253 46.81 34.27 -32.50
N TRP E 254 45.86 33.42 -32.88
CA TRP E 254 46.08 32.01 -33.31
C TRP E 254 45.62 31.83 -34.76
N GLN E 255 46.15 30.81 -35.42
CA GLN E 255 45.74 30.38 -36.78
C GLN E 255 45.38 28.90 -36.72
N THR E 256 44.19 28.52 -37.18
CA THR E 256 43.84 27.11 -37.53
C THR E 256 44.16 26.90 -39.01
N ASP E 257 44.51 25.67 -39.38
CA ASP E 257 44.64 25.23 -40.80
C ASP E 257 43.52 24.22 -41.06
N PRO E 258 43.47 23.61 -42.26
CA PRO E 258 42.68 22.40 -42.49
C PRO E 258 43.30 21.19 -41.75
N SER E 259 44.63 21.14 -41.64
CA SER E 259 45.41 20.05 -40.95
C SER E 259 44.86 19.81 -39.53
N GLY E 260 44.64 20.89 -38.77
CA GLY E 260 44.29 20.87 -37.33
C GLY E 260 45.37 21.48 -36.46
N THR E 261 46.39 22.11 -37.06
CA THR E 261 47.65 22.58 -36.43
C THR E 261 47.45 24.02 -35.94
N HIS E 262 46.95 24.16 -34.72
CA HIS E 262 46.66 25.49 -34.12
C HIS E 262 47.99 26.08 -33.63
N THR E 263 48.34 27.26 -34.14
CA THR E 263 49.67 27.91 -34.03
C THR E 263 49.47 29.36 -33.57
N ARG E 264 49.84 29.70 -32.33
CA ARG E 264 49.81 31.10 -31.85
C ARG E 264 50.87 31.89 -32.64
N TYR E 265 50.48 33.04 -33.20
CA TYR E 265 51.36 33.97 -33.94
C TYR E 265 51.34 35.33 -33.26
N ASP E 266 52.38 36.13 -33.53
CA ASP E 266 52.45 37.57 -33.15
C ASP E 266 51.82 38.39 -34.28
N ALA E 267 52.01 37.98 -35.53
CA ALA E 267 51.30 38.56 -36.69
C ALA E 267 51.36 37.58 -37.86
N GLN E 268 50.20 37.29 -38.47
CA GLN E 268 50.09 36.33 -39.60
C GLN E 268 49.08 36.90 -40.61
N ALA E 269 49.30 36.62 -41.89
CA ALA E 269 48.31 36.79 -42.99
C ALA E 269 48.10 35.44 -43.67
N ILE E 270 46.83 35.14 -43.97
CA ILE E 270 46.36 33.92 -44.70
C ILE E 270 45.63 34.43 -45.94
N GLY E 271 45.60 33.64 -47.01
CA GLY E 271 44.82 33.96 -48.23
C GLY E 271 45.69 34.27 -49.44
N GLY E 272 45.14 35.08 -50.37
CA GLY E 272 45.67 35.37 -51.71
C GLY E 272 47.13 35.81 -51.68
N GLY E 273 47.38 37.05 -51.24
CA GLY E 273 48.74 37.60 -51.05
C GLY E 273 49.21 37.45 -49.61
N ALA E 274 48.96 36.29 -48.98
CA ALA E 274 49.44 35.93 -47.62
C ALA E 274 50.97 35.90 -47.56
N GLU E 275 51.61 35.41 -48.64
CA GLU E 275 53.09 35.26 -48.78
C GLU E 275 53.74 36.63 -49.03
N ALA E 276 53.04 37.53 -49.74
CA ALA E 276 53.44 38.94 -50.01
C ALA E 276 53.33 39.80 -48.74
N ALA E 277 52.40 39.47 -47.84
CA ALA E 277 52.10 40.20 -46.58
C ALA E 277 53.07 39.78 -45.46
N GLN E 278 53.54 38.53 -45.44
CA GLN E 278 54.57 38.02 -44.49
C GLN E 278 55.93 38.66 -44.81
N SER E 279 56.18 39.01 -46.09
CA SER E 279 57.34 39.79 -46.56
C SER E 279 57.37 41.16 -45.85
N VAL E 280 56.21 41.82 -45.78
CA VAL E 280 56.01 43.18 -45.20
C VAL E 280 56.15 43.12 -43.68
N PHE E 281 55.57 42.09 -43.02
CA PHE E 281 55.56 41.92 -41.54
C PHE E 281 57.00 41.82 -40.99
N THR E 282 57.84 40.98 -41.59
CA THR E 282 59.27 40.76 -41.20
C THR E 282 60.03 42.10 -41.22
N GLU E 283 59.62 43.05 -42.07
CA GLU E 283 60.22 44.40 -42.19
C GLU E 283 59.68 45.34 -41.08
N ARG E 284 58.35 45.42 -40.92
CA ARG E 284 57.63 46.54 -40.23
C ARG E 284 57.21 46.21 -38.80
N TYR E 285 56.83 44.95 -38.51
CA TYR E 285 56.27 44.54 -37.20
C TYR E 285 57.37 44.52 -36.14
N HIS E 286 57.11 45.16 -34.99
CA HIS E 286 57.90 45.08 -33.74
C HIS E 286 56.92 44.91 -32.57
N ARG E 287 57.23 44.00 -31.63
CA ARG E 287 56.33 43.51 -30.54
C ARG E 287 55.66 44.70 -29.84
N ASN E 288 56.42 45.76 -29.53
CA ASN E 288 55.94 46.99 -28.85
C ASN E 288 55.35 47.95 -29.90
N MET E 289 54.16 47.61 -30.40
CA MET E 289 53.33 48.48 -31.29
C MET E 289 52.17 49.05 -30.47
N THR E 290 51.69 50.24 -30.86
CA THR E 290 50.39 50.79 -30.40
C THR E 290 49.28 50.13 -31.22
N LEU E 291 48.07 50.04 -30.66
CA LEU E 291 46.86 49.55 -31.36
C LEU E 291 46.64 50.39 -32.62
N GLU E 292 46.95 51.68 -32.53
CA GLU E 292 46.88 52.69 -33.62
C GLU E 292 47.89 52.35 -34.74
N GLU E 293 49.11 51.93 -34.40
CA GLU E 293 50.19 51.52 -35.37
C GLU E 293 49.80 50.21 -36.07
N GLY E 294 49.19 49.27 -35.33
CA GLY E 294 48.74 47.95 -35.82
C GLY E 294 47.63 48.07 -36.85
N GLU E 295 46.62 48.92 -36.58
CA GLU E 295 45.52 49.26 -37.52
C GLU E 295 46.12 49.87 -38.80
N THR E 296 47.03 50.83 -38.65
CA THR E 296 47.74 51.53 -39.77
C THR E 296 48.52 50.51 -40.61
N LEU E 297 49.28 49.61 -39.96
CA LEU E 297 50.01 48.51 -40.64
C LEU E 297 48.99 47.64 -41.39
N ALA E 298 47.99 47.10 -40.67
CA ALA E 298 46.98 46.14 -41.17
C ALA E 298 46.39 46.63 -42.51
N VAL E 299 46.05 47.92 -42.59
CA VAL E 299 45.37 48.54 -43.78
C VAL E 299 46.43 48.92 -44.83
N ASP E 300 47.64 49.32 -44.43
CA ASP E 300 48.80 49.58 -45.34
C ASP E 300 49.08 48.32 -46.18
N ILE E 301 49.09 47.14 -45.53
CA ILE E 301 49.38 45.82 -46.16
C ILE E 301 48.25 45.49 -47.13
N LEU E 302 47.00 45.49 -46.65
CA LEU E 302 45.80 45.12 -47.47
C LEU E 302 45.80 45.92 -48.78
N LYS E 303 46.19 47.20 -48.76
CA LYS E 303 46.18 48.12 -49.94
C LYS E 303 47.17 47.63 -51.01
N GLN E 304 48.41 47.39 -50.58
CA GLN E 304 49.53 46.84 -51.40
C GLN E 304 49.15 45.47 -51.99
N VAL E 305 48.37 44.65 -51.27
CA VAL E 305 48.18 43.18 -51.51
C VAL E 305 46.90 42.91 -52.33
N MET E 306 45.77 43.51 -51.95
CA MET E 306 44.45 43.19 -52.58
C MET E 306 44.42 43.75 -54.02
N GLU E 307 43.54 43.17 -54.84
CA GLU E 307 43.43 43.37 -56.32
C GLU E 307 42.73 44.70 -56.61
N ASP E 308 41.61 44.96 -55.94
CA ASP E 308 40.77 46.18 -56.08
C ASP E 308 41.50 47.36 -55.45
N GLN E 309 41.01 48.59 -55.69
CA GLN E 309 41.45 49.81 -54.96
C GLN E 309 40.75 49.82 -53.59
N LEU E 310 41.48 50.19 -52.53
CA LEU E 310 40.97 50.10 -51.14
C LEU E 310 39.95 51.22 -50.91
N SER E 311 38.80 50.85 -50.34
CA SER E 311 37.72 51.76 -49.89
C SER E 311 37.39 51.45 -48.44
N PRO E 312 36.57 52.27 -47.75
CA PRO E 312 36.05 51.91 -46.43
C PRO E 312 35.12 50.69 -46.40
N GLU E 313 34.40 50.42 -47.50
CA GLU E 313 33.43 49.28 -47.65
C GLU E 313 34.14 48.02 -48.16
N ASN E 314 35.28 48.18 -48.85
CA ASN E 314 35.98 47.11 -49.61
C ASN E 314 36.69 46.13 -48.66
N ILE E 315 37.00 46.56 -47.43
CA ILE E 315 37.61 45.72 -46.33
C ILE E 315 36.76 45.85 -45.07
N GLU E 316 36.96 44.93 -44.12
CA GLU E 316 36.51 45.06 -42.72
C GLU E 316 37.73 44.95 -41.81
N VAL E 317 37.85 45.84 -40.83
CA VAL E 317 38.84 45.79 -39.71
C VAL E 317 38.03 45.65 -38.41
N ALA E 318 38.61 45.00 -37.41
CA ALA E 318 37.99 44.73 -36.10
C ALA E 318 39.08 44.35 -35.10
N VAL E 319 39.07 45.00 -33.94
CA VAL E 319 40.13 44.90 -32.91
C VAL E 319 39.51 44.42 -31.61
N VAL E 320 40.30 43.70 -30.82
CA VAL E 320 39.99 43.40 -29.40
C VAL E 320 41.05 44.13 -28.58
N ARG E 321 40.61 45.07 -27.73
CA ARG E 321 41.49 45.97 -26.94
C ARG E 321 41.82 45.25 -25.63
N ALA E 322 43.08 45.29 -25.20
CA ALA E 322 43.60 44.58 -24.00
C ALA E 322 42.98 45.17 -22.72
N ASP E 323 42.72 46.49 -22.70
CA ASP E 323 42.19 47.25 -21.53
C ASP E 323 40.81 46.69 -21.12
N ASP E 324 39.79 46.83 -21.97
CA ASP E 324 38.38 46.45 -21.66
C ASP E 324 38.15 44.96 -21.98
N GLY E 325 38.97 44.36 -22.86
CA GLY E 325 38.87 42.94 -23.26
C GLY E 325 37.62 42.68 -24.07
N LYS E 326 37.26 43.62 -24.96
CA LYS E 326 35.99 43.63 -25.76
C LYS E 326 36.30 43.75 -27.24
N LEU E 327 35.42 43.21 -28.09
CA LEU E 327 35.50 43.28 -29.57
C LEU E 327 34.76 44.52 -30.04
N HIS E 328 35.41 45.34 -30.90
CA HIS E 328 34.78 46.44 -31.68
C HIS E 328 35.01 46.15 -33.16
N MET E 329 33.93 45.89 -33.91
CA MET E 329 33.94 45.83 -35.39
C MET E 329 33.94 47.28 -35.87
N TYR E 330 34.91 47.67 -36.70
CA TYR E 330 35.10 49.06 -37.16
C TYR E 330 34.13 49.33 -38.31
N THR E 331 33.25 50.35 -38.17
CA THR E 331 32.34 50.85 -39.23
C THR E 331 33.16 51.54 -40.31
N PRO E 332 32.66 51.65 -41.57
CA PRO E 332 33.40 52.35 -42.64
C PRO E 332 33.88 53.78 -42.31
N THR E 333 33.16 54.51 -41.47
CA THR E 333 33.56 55.85 -40.91
C THR E 333 34.91 55.72 -40.17
N GLU E 334 35.05 54.66 -39.37
CA GLU E 334 36.19 54.42 -38.45
C GLU E 334 37.40 53.89 -39.24
N ILE E 335 37.16 53.12 -40.30
CA ILE E 335 38.20 52.56 -41.23
C ILE E 335 38.76 53.70 -42.10
N LYS E 336 37.93 54.71 -42.42
CA LYS E 336 38.35 55.93 -43.15
C LYS E 336 39.29 56.77 -42.26
N ALA E 337 39.10 56.71 -40.93
CA ALA E 337 39.94 57.35 -39.90
C ALA E 337 41.35 56.73 -39.87
N ILE E 338 41.47 55.45 -40.26
CA ILE E 338 42.77 54.71 -40.36
C ILE E 338 43.46 55.08 -41.68
N MET E 339 42.69 55.13 -42.79
CA MET E 339 43.18 55.54 -44.14
C MET E 339 43.56 57.03 -44.16
N SER E 340 43.02 57.83 -43.25
CA SER E 340 43.32 59.28 -43.07
C SER E 340 44.82 59.46 -42.74
N ARG E 341 45.31 58.78 -41.70
CA ARG E 341 46.63 59.03 -41.04
C ARG E 341 47.75 58.23 -41.74
N MET E 342 47.82 58.30 -43.08
CA MET E 342 48.62 57.34 -43.91
C MET E 342 48.98 58.00 -45.26
N ASN F 168 53.33 3.25 -59.14
CA ASN F 168 53.12 2.22 -58.07
C ASN F 168 51.62 2.09 -57.81
N GLU F 169 51.04 0.90 -57.98
CA GLU F 169 49.57 0.66 -57.85
C GLU F 169 49.25 0.15 -56.44
N TYR F 170 50.25 -0.09 -55.60
CA TYR F 170 50.13 -0.75 -54.27
C TYR F 170 50.24 0.25 -53.11
N ASP F 171 50.50 1.52 -53.43
CA ASP F 171 50.87 2.59 -52.44
C ASP F 171 49.62 3.41 -52.07
N SER F 172 48.52 3.23 -52.78
CA SER F 172 47.34 4.12 -52.73
C SER F 172 46.53 3.85 -51.46
N ASP F 173 46.40 2.59 -51.03
CA ASP F 173 45.57 2.19 -49.86
C ASP F 173 46.44 1.52 -48.79
N ILE F 174 46.02 1.68 -47.52
CA ILE F 174 46.65 1.06 -46.31
C ILE F 174 46.60 -0.47 -46.43
N THR F 175 45.44 -1.02 -46.79
CA THR F 175 45.13 -2.48 -46.77
C THR F 175 45.98 -3.24 -47.79
N THR F 176 46.49 -2.58 -48.83
CA THR F 176 47.22 -3.27 -49.90
C THR F 176 48.66 -3.53 -49.45
N TRP F 177 49.02 -4.81 -49.33
CA TRP F 177 50.41 -5.31 -49.39
C TRP F 177 50.96 -5.13 -50.80
N SER F 178 52.22 -4.71 -50.92
CA SER F 178 52.98 -4.80 -52.18
C SER F 178 53.28 -6.27 -52.47
N PRO F 179 53.77 -6.62 -53.68
CA PRO F 179 54.27 -7.96 -53.95
C PRO F 179 55.56 -8.31 -53.19
N THR F 180 56.32 -7.32 -52.73
CA THR F 180 57.59 -7.47 -51.99
C THR F 180 57.33 -7.39 -50.47
N GLY F 181 56.07 -7.22 -50.05
CA GLY F 181 55.56 -7.45 -48.69
C GLY F 181 55.70 -6.23 -47.80
N ARG F 182 55.48 -5.03 -48.35
CA ARG F 182 55.64 -3.72 -47.65
C ARG F 182 54.30 -2.99 -47.68
N LEU F 183 53.88 -2.41 -46.55
CA LEU F 183 52.60 -1.64 -46.44
C LEU F 183 52.88 -0.17 -46.74
N PHE F 184 52.96 0.17 -48.02
CA PHE F 184 53.59 1.43 -48.52
C PHE F 184 53.03 2.65 -47.78
N GLN F 185 51.74 2.67 -47.44
CA GLN F 185 51.09 3.85 -46.80
C GLN F 185 51.68 4.11 -45.41
N ILE F 186 52.23 3.09 -44.75
CA ILE F 186 52.91 3.23 -43.42
C ILE F 186 54.33 3.78 -43.61
N GLU F 187 55.08 3.27 -44.58
CA GLU F 187 56.42 3.79 -44.96
C GLU F 187 56.30 5.27 -45.29
N TYR F 188 55.16 5.68 -45.85
CA TYR F 188 54.81 7.07 -46.23
C TYR F 188 54.35 7.88 -45.01
N ALA F 189 53.66 7.29 -44.03
CA ALA F 189 53.41 7.96 -42.73
C ALA F 189 54.73 8.10 -41.96
N ASN F 190 55.71 7.22 -42.18
CA ASN F 190 57.05 7.25 -41.52
C ASN F 190 57.86 8.44 -42.07
N GLU F 191 57.59 8.87 -43.31
CA GLU F 191 58.19 10.09 -43.90
C GLU F 191 57.63 11.35 -43.23
N ALA F 192 56.41 11.30 -42.71
CA ALA F 192 55.76 12.43 -42.00
C ALA F 192 56.50 12.70 -40.70
N VAL F 193 57.08 11.66 -40.08
CA VAL F 193 57.88 11.77 -38.82
C VAL F 193 59.25 12.39 -39.16
N ASN F 194 59.93 11.89 -40.19
CA ASN F 194 61.30 12.33 -40.56
C ASN F 194 61.30 13.78 -41.07
N ASN F 195 60.13 14.33 -41.44
CA ASN F 195 59.98 15.73 -41.92
C ASN F 195 59.51 16.66 -40.79
N GLY F 196 58.98 16.12 -39.70
CA GLY F 196 58.73 16.87 -38.44
C GLY F 196 60.04 17.37 -37.84
N SER F 197 59.98 18.41 -37.00
CA SER F 197 61.17 19.04 -36.37
C SER F 197 61.77 18.09 -35.33
N ALA F 198 63.10 18.10 -35.21
CA ALA F 198 63.89 17.18 -34.36
C ALA F 198 63.45 17.30 -32.90
N THR F 199 63.30 16.17 -32.22
CA THR F 199 63.28 16.07 -30.73
C THR F 199 64.23 14.95 -30.33
N VAL F 200 64.69 14.99 -29.08
CA VAL F 200 65.71 14.06 -28.51
C VAL F 200 65.32 13.73 -27.08
N GLY F 201 65.23 12.42 -26.79
CA GLY F 201 65.09 11.89 -25.43
C GLY F 201 66.37 11.20 -24.99
N VAL F 202 66.70 11.29 -23.71
CA VAL F 202 67.80 10.51 -23.06
C VAL F 202 67.35 10.17 -21.66
N LYS F 203 67.64 8.94 -21.22
CA LYS F 203 67.35 8.52 -19.82
C LYS F 203 68.68 8.17 -19.15
N GLY F 204 68.83 8.65 -17.92
CA GLY F 204 69.86 8.22 -16.96
C GLY F 204 69.23 7.42 -15.84
N LYS F 205 69.99 7.12 -14.79
CA LYS F 205 69.60 6.16 -13.75
C LYS F 205 68.22 6.53 -13.17
N ASN F 206 67.93 7.83 -13.04
CA ASN F 206 66.72 8.31 -12.31
C ASN F 206 65.81 9.17 -13.19
N PHE F 207 66.36 9.83 -14.21
CA PHE F 207 65.68 10.95 -14.92
C PHE F 207 65.59 10.65 -16.41
N VAL F 208 64.50 11.13 -17.04
CA VAL F 208 64.36 11.22 -18.53
C VAL F 208 64.37 12.69 -18.91
N VAL F 209 64.90 12.99 -20.10
CA VAL F 209 64.97 14.38 -20.64
C VAL F 209 64.51 14.35 -22.10
N LEU F 210 63.44 15.09 -22.41
CA LEU F 210 63.01 15.42 -23.78
C LEU F 210 63.43 16.85 -24.11
N ALA F 211 64.33 17.00 -25.09
CA ALA F 211 64.70 18.29 -25.71
C ALA F 211 64.04 18.34 -27.09
N ALA F 212 63.13 19.30 -27.31
CA ALA F 212 62.38 19.51 -28.56
C ALA F 212 62.76 20.83 -29.24
N LEU F 213 63.19 20.78 -30.50
CA LEU F 213 63.43 21.97 -31.36
C LEU F 213 62.08 22.51 -31.83
N LYS F 214 61.66 23.64 -31.28
CA LYS F 214 60.49 24.41 -31.78
C LYS F 214 60.88 25.10 -33.10
N ARG F 215 59.96 25.87 -33.69
CA ARG F 215 60.18 26.75 -34.87
C ARG F 215 60.85 28.05 -34.38
N SER F 216 61.99 28.41 -34.97
CA SER F 216 62.89 29.52 -34.54
C SER F 216 62.37 30.86 -35.10
N PRO F 217 62.00 31.84 -34.24
CA PRO F 217 61.42 33.11 -34.70
C PRO F 217 62.06 33.79 -35.93
N VAL F 218 61.23 34.06 -36.96
CA VAL F 218 61.61 34.81 -38.20
C VAL F 218 61.59 36.31 -37.86
N ALA F 219 62.78 36.89 -37.61
CA ALA F 219 63.03 38.30 -37.19
C ALA F 219 62.45 38.53 -35.79
N GLU F 220 61.50 39.47 -35.62
CA GLU F 220 60.83 39.81 -34.33
C GLU F 220 59.50 39.05 -34.20
N LEU F 221 59.23 38.10 -35.09
CA LEU F 221 57.91 37.43 -35.28
C LEU F 221 57.97 36.03 -34.68
N SER F 222 57.09 35.73 -33.72
CA SER F 222 57.05 34.47 -32.93
C SER F 222 55.98 33.51 -33.49
N SER F 223 56.06 32.24 -33.10
CA SER F 223 55.18 31.13 -33.54
C SER F 223 55.32 29.96 -32.57
N TYR F 224 54.50 29.95 -31.50
CA TYR F 224 54.39 28.81 -30.55
C TYR F 224 53.56 27.69 -31.20
N GLN F 225 54.07 26.46 -31.17
CA GLN F 225 53.33 25.23 -31.55
C GLN F 225 53.59 24.16 -30.47
N GLU F 226 52.52 23.62 -29.88
CA GLU F 226 52.58 22.63 -28.76
C GLU F 226 53.16 21.33 -29.32
N LYS F 227 54.45 21.09 -29.04
CA LYS F 227 55.27 19.95 -29.53
C LYS F 227 55.44 18.92 -28.39
N VAL F 228 55.68 19.39 -27.16
CA VAL F 228 55.75 18.57 -25.92
C VAL F 228 54.42 18.70 -25.18
N PHE F 229 53.93 17.59 -24.65
CA PHE F 229 52.68 17.48 -23.86
C PHE F 229 52.99 16.75 -22.55
N GLU F 230 52.47 17.26 -21.43
CA GLU F 230 52.33 16.47 -20.18
C GLU F 230 51.17 15.50 -20.42
N ILE F 231 51.21 14.30 -19.85
CA ILE F 231 50.18 13.23 -20.03
C ILE F 231 49.56 12.83 -18.69
N ASP F 232 50.40 12.60 -17.68
CA ASP F 232 50.01 12.51 -16.25
C ASP F 232 51.23 12.94 -15.44
N GLU F 233 51.07 13.15 -14.13
CA GLU F 233 52.19 13.49 -13.21
C GLU F 233 53.50 12.90 -13.76
N HIS F 234 53.48 11.61 -14.09
CA HIS F 234 54.67 10.72 -14.20
C HIS F 234 55.04 10.40 -15.65
N VAL F 235 54.43 11.08 -16.65
CA VAL F 235 54.64 10.77 -18.11
C VAL F 235 54.39 12.00 -18.96
N GLY F 236 55.15 12.10 -20.05
CA GLY F 236 54.85 13.05 -21.13
C GLY F 236 55.46 12.63 -22.44
N MET F 237 55.18 13.43 -23.45
CA MET F 237 55.30 13.12 -24.87
C MET F 237 56.04 14.28 -25.53
N SER F 238 57.10 14.01 -26.29
CA SER F 238 57.50 14.85 -27.44
C SER F 238 56.82 14.23 -28.65
N ILE F 239 56.54 15.00 -29.69
CA ILE F 239 56.01 14.44 -30.97
C ILE F 239 56.81 15.00 -32.15
N SER F 240 56.54 14.48 -33.35
CA SER F 240 57.15 14.86 -34.65
C SER F 240 56.19 14.50 -35.78
N GLY F 241 55.98 15.42 -36.71
CA GLY F 241 55.11 15.22 -37.88
C GLY F 241 53.76 15.85 -37.63
N LEU F 242 52.70 15.16 -38.07
CA LEU F 242 51.34 15.75 -38.14
C LEU F 242 50.88 16.01 -36.70
N VAL F 243 50.86 17.28 -36.32
CA VAL F 243 50.63 17.73 -34.91
C VAL F 243 49.18 17.40 -34.54
N ALA F 244 48.26 17.50 -35.51
CA ALA F 244 46.85 17.06 -35.42
C ALA F 244 46.78 15.68 -34.75
N ASP F 245 47.47 14.71 -35.34
CA ASP F 245 47.47 13.28 -34.93
C ASP F 245 48.12 13.14 -33.55
N GLY F 246 49.19 13.90 -33.28
CA GLY F 246 49.88 13.93 -31.98
C GLY F 246 48.93 14.36 -30.89
N ARG F 247 48.12 15.38 -31.17
CA ARG F 247 47.09 15.92 -30.23
C ARG F 247 45.99 14.86 -30.00
N VAL F 248 45.72 14.02 -30.99
CA VAL F 248 44.76 12.87 -30.88
C VAL F 248 45.34 11.82 -29.91
N LEU F 249 46.64 11.54 -30.00
CA LEU F 249 47.30 10.53 -29.14
C LEU F 249 47.47 11.05 -27.73
N ALA F 250 47.86 12.32 -27.60
CA ALA F 250 47.92 13.05 -26.31
C ALA F 250 46.58 12.90 -25.58
N ARG F 251 45.48 13.26 -26.26
CA ARG F 251 44.09 13.09 -25.76
C ARG F 251 43.88 11.63 -25.34
N TYR F 252 44.25 10.67 -26.20
CA TYR F 252 44.01 9.24 -25.93
C TYR F 252 44.75 8.87 -24.64
N LEU F 253 46.08 9.01 -24.64
CA LEU F 253 46.97 8.61 -23.51
C LEU F 253 46.52 9.26 -22.20
N ARG F 254 46.11 10.52 -22.25
CA ARG F 254 45.62 11.30 -21.07
C ARG F 254 44.36 10.63 -20.53
N THR F 255 43.35 10.48 -21.39
CA THR F 255 42.10 9.75 -21.07
C THR F 255 42.49 8.44 -20.40
N GLU F 256 43.42 7.68 -20.98
CA GLU F 256 43.76 6.31 -20.50
C GLU F 256 44.52 6.36 -19.18
N CYS F 257 45.43 7.31 -19.00
CA CYS F 257 46.20 7.44 -17.73
C CYS F 257 45.29 7.90 -16.60
N MET F 258 44.27 8.69 -16.92
CA MET F 258 43.22 9.06 -15.95
C MET F 258 42.38 7.82 -15.64
N ASN F 259 41.64 7.30 -16.62
CA ASN F 259 40.96 5.99 -16.56
C ASN F 259 41.69 5.06 -15.59
N TYR F 260 43.01 4.94 -15.74
CA TYR F 260 43.87 4.05 -14.92
C TYR F 260 43.94 4.62 -13.50
N ARG F 261 44.52 5.79 -13.31
CA ARG F 261 44.68 6.44 -11.98
C ARG F 261 43.36 6.43 -11.20
N TYR F 262 42.22 6.60 -11.89
CA TYR F 262 40.85 6.53 -11.31
C TYR F 262 40.71 5.16 -10.67
N MET F 263 40.96 4.11 -11.44
CA MET F 263 40.79 2.70 -11.00
C MET F 263 41.80 2.37 -9.89
N TYR F 264 43.08 2.63 -10.10
CA TYR F 264 44.18 2.05 -9.30
C TYR F 264 44.91 3.07 -8.42
N SER F 265 44.40 4.29 -8.24
CA SER F 265 44.99 5.29 -7.31
C SER F 265 46.51 5.32 -7.44
N ASN F 266 47.02 5.25 -8.67
CA ASN F 266 48.47 5.20 -8.97
C ASN F 266 48.65 5.34 -10.48
N GLY F 267 49.76 5.96 -10.89
CA GLY F 267 50.07 6.22 -12.31
C GLY F 267 50.14 4.95 -13.11
N MET F 268 49.75 5.02 -14.38
CA MET F 268 49.86 3.87 -15.31
C MET F 268 51.34 3.50 -15.46
N PRO F 269 51.72 2.23 -15.23
CA PRO F 269 53.08 1.77 -15.50
C PRO F 269 53.41 2.13 -16.94
N MET F 270 54.68 2.38 -17.23
CA MET F 270 55.12 2.85 -18.56
C MET F 270 55.14 1.73 -19.60
N ASN F 271 55.60 0.53 -19.22
CA ASN F 271 55.53 -0.66 -20.09
C ASN F 271 54.11 -0.83 -20.61
N GLN F 272 53.09 -0.74 -19.73
CA GLN F 272 51.65 -0.91 -20.06
C GLN F 272 51.18 0.21 -20.98
N MET F 273 51.72 1.42 -20.84
CA MET F 273 51.38 2.56 -21.69
C MET F 273 52.00 2.37 -23.07
N ALA F 274 53.25 1.93 -23.14
CA ALA F 274 53.97 1.56 -24.38
C ALA F 274 53.08 0.69 -25.25
N ASP F 275 52.38 -0.26 -24.64
CA ASP F 275 51.56 -1.30 -25.31
C ASP F 275 50.21 -0.70 -25.74
N MET F 276 49.65 0.24 -24.98
CA MET F 276 48.34 0.89 -25.31
C MET F 276 48.47 1.78 -26.54
N ILE F 277 49.65 2.36 -26.82
CA ILE F 277 49.88 3.18 -28.07
C ILE F 277 50.28 2.24 -29.21
N GLY F 278 51.05 1.20 -28.94
CA GLY F 278 51.31 0.12 -29.92
C GLY F 278 50.02 -0.41 -30.51
N GLU F 279 49.01 -0.67 -29.65
CA GLU F 279 47.68 -1.22 -30.04
C GLU F 279 46.85 -0.16 -30.74
N LYS F 280 46.90 1.10 -30.27
CA LYS F 280 46.07 2.20 -30.82
C LYS F 280 46.57 2.56 -32.20
N HIS F 281 47.88 2.46 -32.45
CA HIS F 281 48.46 2.62 -33.80
C HIS F 281 47.97 1.50 -34.70
N GLN F 282 48.18 0.24 -34.29
CA GLN F 282 47.89 -0.95 -35.13
C GLN F 282 46.42 -0.90 -35.59
N ARG F 283 45.49 -0.63 -34.68
CA ARG F 283 44.03 -0.52 -35.02
C ARG F 283 43.86 0.28 -36.31
N HIS F 284 44.67 1.32 -36.49
CA HIS F 284 44.59 2.27 -37.64
C HIS F 284 45.20 1.69 -38.91
N ILE F 285 46.19 0.80 -38.83
CA ILE F 285 47.00 0.39 -40.02
C ILE F 285 46.44 -0.90 -40.66
N GLN F 286 45.22 -1.33 -40.34
CA GLN F 286 44.65 -2.60 -40.89
C GLN F 286 43.26 -2.38 -41.54
N CYS F 287 42.37 -1.64 -40.86
CA CYS F 287 41.07 -1.17 -41.40
C CYS F 287 41.30 -0.32 -42.65
N SER F 288 40.32 -0.33 -43.58
CA SER F 288 40.32 0.44 -44.85
C SER F 288 40.06 1.92 -44.56
N GLY F 289 38.97 2.20 -43.85
CA GLY F 289 38.49 3.56 -43.54
C GLY F 289 39.55 4.40 -42.84
N LYS F 290 40.29 3.78 -41.91
CA LYS F 290 41.32 4.46 -41.08
C LYS F 290 42.59 4.66 -41.92
N ARG F 291 43.43 5.59 -41.50
CA ARG F 291 44.82 5.78 -41.99
C ARG F 291 45.78 5.68 -40.82
N PRO F 292 47.07 5.37 -41.06
CA PRO F 292 48.07 5.44 -40.00
C PRO F 292 48.23 6.87 -39.48
N PHE F 293 48.68 6.99 -38.23
CA PHE F 293 49.06 8.27 -37.59
C PHE F 293 50.38 8.74 -38.21
N GLY F 294 50.42 10.00 -38.66
CA GLY F 294 51.61 10.63 -39.22
C GLY F 294 52.66 10.91 -38.16
N VAL F 295 52.25 10.95 -36.90
CA VAL F 295 53.12 11.34 -35.77
C VAL F 295 53.97 10.15 -35.30
N GLY F 296 55.19 10.45 -34.86
CA GLY F 296 55.99 9.59 -33.96
C GLY F 296 56.06 10.27 -32.61
N LEU F 297 55.86 9.52 -31.51
CA LEU F 297 55.98 10.02 -30.12
C LEU F 297 57.36 9.74 -29.52
N LEU F 298 57.78 10.56 -28.57
CA LEU F 298 58.76 10.18 -27.52
C LEU F 298 58.04 10.26 -26.19
N LEU F 299 57.29 9.20 -25.87
CA LEU F 299 56.88 8.90 -24.47
C LEU F 299 58.11 8.94 -23.57
N ALA F 300 58.00 9.61 -22.43
CA ALA F 300 59.02 9.64 -21.37
C ALA F 300 58.31 9.61 -20.03
N GLY F 301 58.69 8.70 -19.14
CA GLY F 301 58.00 8.59 -17.85
C GLY F 301 58.77 7.76 -16.83
N TYR F 302 58.32 7.86 -15.58
CA TYR F 302 58.93 7.24 -14.39
C TYR F 302 57.83 6.54 -13.58
N ASP F 303 58.14 5.33 -13.12
CA ASP F 303 57.28 4.45 -12.28
C ASP F 303 58.17 3.55 -11.41
N ARG F 304 57.55 2.60 -10.68
CA ARG F 304 58.22 1.60 -9.80
C ARG F 304 59.49 1.01 -10.45
N GLN F 305 59.45 0.71 -11.75
CA GLN F 305 60.55 0.04 -12.50
C GLN F 305 61.57 1.04 -13.04
N GLY F 306 61.67 2.23 -12.44
CA GLY F 306 62.64 3.26 -12.86
C GLY F 306 62.11 4.10 -14.01
N PRO F 307 62.99 4.80 -14.76
CA PRO F 307 62.57 5.63 -15.88
C PRO F 307 62.53 4.85 -17.20
N HIS F 308 61.55 5.15 -18.04
CA HIS F 308 61.42 4.60 -19.42
C HIS F 308 61.29 5.75 -20.42
N LEU F 309 62.12 5.70 -21.46
CA LEU F 309 61.95 6.48 -22.70
C LEU F 309 61.47 5.50 -23.77
N TYR F 310 60.36 5.82 -24.42
CA TYR F 310 59.73 5.05 -25.53
C TYR F 310 59.67 5.95 -26.76
N GLN F 311 60.17 5.46 -27.88
CA GLN F 311 59.85 6.04 -29.20
C GLN F 311 58.75 5.18 -29.81
N THR F 312 57.59 5.80 -30.08
CA THR F 312 56.53 5.23 -30.94
C THR F 312 56.83 5.63 -32.39
N VAL F 313 56.17 4.97 -33.33
CA VAL F 313 56.29 5.22 -34.79
C VAL F 313 54.93 4.87 -35.41
N PRO F 314 54.56 5.40 -36.60
CA PRO F 314 53.26 5.12 -37.22
C PRO F 314 52.90 3.63 -37.41
N SER F 315 53.90 2.81 -37.75
CA SER F 315 53.77 1.35 -38.01
C SER F 315 53.13 0.63 -36.82
N GLY F 316 53.15 1.24 -35.62
CA GLY F 316 52.65 0.67 -34.35
C GLY F 316 53.78 0.09 -33.52
N ASP F 317 54.99 0.02 -34.09
CA ASP F 317 56.22 -0.46 -33.39
C ASP F 317 56.49 0.49 -32.22
N VAL F 318 56.89 -0.06 -31.07
CA VAL F 318 57.22 0.69 -29.85
C VAL F 318 58.59 0.22 -29.39
N TYR F 319 59.54 1.14 -29.30
CA TYR F 319 60.95 0.87 -28.97
C TYR F 319 61.25 1.46 -27.59
N ASP F 320 61.71 0.63 -26.66
CA ASP F 320 62.23 1.08 -25.33
C ASP F 320 63.70 1.45 -25.53
N TYR F 321 63.97 2.76 -25.66
CA TYR F 321 65.30 3.32 -25.97
C TYR F 321 66.02 3.71 -24.67
N LYS F 322 67.36 3.65 -24.68
CA LYS F 322 68.26 4.23 -23.63
C LYS F 322 68.40 5.73 -23.91
N ALA F 323 68.35 6.10 -25.20
CA ALA F 323 68.31 7.49 -25.70
C ALA F 323 67.98 7.46 -27.19
N THR F 324 67.48 8.55 -27.76
CA THR F 324 67.19 8.62 -29.22
C THR F 324 66.79 10.04 -29.64
N ALA F 325 66.76 10.26 -30.94
CA ALA F 325 66.16 11.45 -31.58
C ALA F 325 65.15 10.99 -32.62
N MET F 326 64.49 11.94 -33.26
CA MET F 326 63.26 11.69 -34.05
C MET F 326 62.87 13.01 -34.71
N GLY F 327 62.90 13.06 -36.04
CA GLY F 327 62.63 14.29 -36.82
C GLY F 327 63.72 14.57 -37.83
N VAL F 328 63.80 15.83 -38.29
CA VAL F 328 64.64 16.23 -39.45
C VAL F 328 66.09 16.36 -38.97
N ARG F 329 67.05 15.88 -39.78
CA ARG F 329 68.49 15.73 -39.47
C ARG F 329 68.70 15.05 -38.10
N SER F 330 67.80 14.14 -37.70
CA SER F 330 67.90 13.35 -36.45
C SER F 330 69.06 12.34 -36.54
N GLN F 331 69.55 12.03 -37.76
CA GLN F 331 70.67 11.07 -37.95
C GLN F 331 71.97 11.67 -37.40
N ALA F 332 72.06 13.00 -37.34
CA ALA F 332 73.15 13.74 -36.65
C ALA F 332 73.07 13.50 -35.14
N SER F 333 71.88 13.67 -34.55
CA SER F 333 71.62 13.54 -33.09
C SER F 333 71.93 12.12 -32.61
N ARG F 334 71.47 11.10 -33.35
CA ARG F 334 71.71 9.67 -32.97
C ARG F 334 73.20 9.37 -33.10
N THR F 335 73.90 9.93 -34.10
CA THR F 335 75.37 9.78 -34.28
C THR F 335 76.10 10.35 -33.05
N TYR F 336 75.65 11.49 -32.51
CA TYR F 336 76.14 12.05 -31.22
C TYR F 336 75.85 11.04 -30.10
N LEU F 337 74.56 10.78 -29.83
CA LEU F 337 74.10 9.95 -28.68
C LEU F 337 74.83 8.59 -28.67
N GLU F 338 75.13 8.02 -29.84
CA GLU F 338 75.84 6.71 -29.98
C GLU F 338 77.21 6.75 -29.32
N ARG F 339 77.92 7.89 -29.37
CA ARG F 339 79.24 8.07 -28.70
C ARG F 339 79.07 8.00 -27.17
N HIS F 340 78.00 8.60 -26.62
CA HIS F 340 77.90 8.99 -25.18
C HIS F 340 76.83 8.20 -24.40
N PHE F 341 75.91 7.47 -25.03
CA PHE F 341 74.69 6.91 -24.37
C PHE F 341 75.04 5.98 -23.19
N GLU F 342 76.21 5.32 -23.23
CA GLU F 342 76.66 4.34 -22.21
C GLU F 342 76.87 5.02 -20.85
N HIS F 343 77.31 6.28 -20.82
CA HIS F 343 77.67 7.04 -19.60
C HIS F 343 76.43 7.71 -18.97
N PHE F 344 75.21 7.42 -19.46
CA PHE F 344 73.97 8.13 -19.06
C PHE F 344 73.49 7.63 -17.70
N SER F 345 73.67 6.34 -17.38
CA SER F 345 73.39 5.75 -16.05
C SER F 345 74.21 6.46 -14.96
N ASP F 346 75.48 6.80 -15.25
CA ASP F 346 76.40 7.55 -14.34
C ASP F 346 75.92 8.99 -14.15
N CYS F 347 75.69 9.70 -15.27
CA CYS F 347 75.51 11.18 -15.36
C CYS F 347 74.43 11.67 -14.38
N THR F 348 74.61 12.90 -13.88
CA THR F 348 73.64 13.67 -13.04
C THR F 348 72.60 14.33 -13.96
N LEU F 349 71.50 14.82 -13.39
CA LEU F 349 70.36 15.44 -14.12
C LEU F 349 70.84 16.55 -15.05
N ASP F 350 71.81 17.36 -14.62
CA ASP F 350 72.34 18.52 -15.41
C ASP F 350 73.21 18.02 -16.57
N GLU F 351 73.98 16.95 -16.37
CA GLU F 351 74.85 16.33 -17.42
C GLU F 351 73.99 15.68 -18.52
N LEU F 352 72.90 15.00 -18.13
CA LEU F 352 71.89 14.42 -19.05
C LEU F 352 71.37 15.51 -19.99
N VAL F 353 70.87 16.60 -19.42
CA VAL F 353 70.24 17.73 -20.16
C VAL F 353 71.26 18.25 -21.19
N THR F 354 72.52 18.46 -20.77
CA THR F 354 73.62 18.91 -21.65
C THR F 354 73.70 17.94 -22.83
N HIS F 355 73.89 16.64 -22.55
CA HIS F 355 73.94 15.54 -23.55
C HIS F 355 72.70 15.57 -24.46
N ALA F 356 71.51 15.78 -23.88
CA ALA F 356 70.20 15.85 -24.59
C ALA F 356 70.20 17.04 -25.55
N LEU F 357 70.77 18.17 -25.14
CA LEU F 357 70.81 19.41 -25.94
C LEU F 357 71.91 19.32 -27.00
N LYS F 358 73.12 18.92 -26.58
CA LYS F 358 74.29 18.73 -27.48
C LYS F 358 73.87 17.93 -28.72
N ALA F 359 73.08 16.87 -28.50
CA ALA F 359 72.46 16.02 -29.55
C ALA F 359 71.49 16.87 -30.39
N LEU F 360 70.46 17.42 -29.73
CA LEU F 360 69.41 18.24 -30.39
C LEU F 360 70.06 19.33 -31.24
N ALA F 361 71.17 19.90 -30.78
CA ALA F 361 71.96 20.97 -31.44
C ALA F 361 72.60 20.45 -32.74
N SER F 362 73.08 19.21 -32.75
CA SER F 362 73.67 18.52 -33.93
C SER F 362 72.66 18.52 -35.10
N ALA F 363 71.36 18.63 -34.79
CA ALA F 363 70.21 18.54 -35.73
C ALA F 363 69.86 19.89 -36.36
N THR F 364 70.25 21.02 -35.75
CA THR F 364 69.87 22.39 -36.20
C THR F 364 70.47 22.69 -37.58
N SER F 365 69.86 23.62 -38.32
CA SER F 365 70.15 23.96 -39.74
C SER F 365 71.28 25.00 -39.84
N GLU F 366 72.46 24.57 -40.32
CA GLU F 366 73.59 25.43 -40.80
C GLU F 366 74.22 26.20 -39.63
N GLY F 367 73.65 27.36 -39.27
CA GLY F 367 74.28 28.36 -38.37
C GLY F 367 73.50 28.67 -37.11
N ILE F 368 72.22 28.25 -36.99
CA ILE F 368 71.33 28.63 -35.85
C ILE F 368 71.78 27.84 -34.60
N GLU F 369 71.46 28.39 -33.42
CA GLU F 369 71.84 27.86 -32.08
C GLU F 369 70.57 27.44 -31.34
N LEU F 370 70.70 26.71 -30.23
CA LEU F 370 69.63 26.49 -29.23
C LEU F 370 69.56 27.73 -28.33
N ASN F 371 68.36 28.05 -27.84
CA ASN F 371 68.08 29.17 -26.89
C ASN F 371 66.59 29.15 -26.57
N VAL F 372 66.21 29.60 -25.36
CA VAL F 372 64.84 29.48 -24.75
C VAL F 372 63.72 29.64 -25.79
N LYS F 373 63.89 30.53 -26.77
CA LYS F 373 62.82 30.91 -27.72
C LYS F 373 62.70 29.85 -28.85
N ASN F 374 63.75 29.05 -29.13
CA ASN F 374 63.76 28.06 -30.25
C ASN F 374 63.91 26.61 -29.72
N THR F 375 63.84 26.38 -28.39
CA THR F 375 63.98 25.03 -27.75
C THR F 375 63.10 24.91 -26.49
N THR F 376 62.54 23.72 -26.31
CA THR F 376 61.85 23.24 -25.09
C THR F 376 62.66 22.06 -24.52
N ILE F 377 62.89 22.07 -23.21
CA ILE F 377 63.34 20.87 -22.44
C ILE F 377 62.16 20.45 -21.57
N ALA F 378 62.02 19.15 -21.31
CA ALA F 378 61.06 18.59 -20.33
C ALA F 378 61.71 17.40 -19.63
N ILE F 379 61.39 17.23 -18.35
CA ILE F 379 62.06 16.27 -17.45
C ILE F 379 60.98 15.48 -16.71
N VAL F 380 61.25 14.21 -16.47
CA VAL F 380 60.52 13.36 -15.48
C VAL F 380 61.51 12.38 -14.87
N GLY F 381 61.29 12.02 -13.61
CA GLY F 381 62.15 11.06 -12.88
C GLY F 381 61.75 10.93 -11.41
N LYS F 382 62.68 10.44 -10.59
CA LYS F 382 62.45 10.16 -9.16
C LYS F 382 62.06 11.46 -8.47
N ASP F 383 60.83 11.47 -7.92
CA ASP F 383 60.17 12.55 -7.12
C ASP F 383 59.93 13.80 -7.98
N THR F 384 60.22 13.78 -9.29
CA THR F 384 59.99 14.91 -10.23
C THR F 384 58.82 14.57 -11.14
N PRO F 385 57.64 15.21 -10.97
CA PRO F 385 56.54 15.05 -11.93
C PRO F 385 56.95 15.69 -13.26
N PHE F 386 56.40 15.18 -14.37
CA PHE F 386 56.77 15.58 -15.75
C PHE F 386 56.51 17.06 -15.92
N THR F 387 57.59 17.84 -16.04
CA THR F 387 57.57 19.32 -16.09
C THR F 387 58.15 19.76 -17.42
N ILE F 388 57.53 20.77 -18.03
CA ILE F 388 57.92 21.40 -19.32
C ILE F 388 58.61 22.71 -18.96
N PHE F 389 59.85 22.90 -19.39
CA PHE F 389 60.62 24.15 -19.17
C PHE F 389 60.58 24.99 -20.44
N GLU F 390 59.87 26.13 -20.36
CA GLU F 390 59.89 27.21 -21.39
C GLU F 390 60.29 28.52 -20.71
N GLU F 391 61.16 29.29 -21.37
CA GLU F 391 61.55 30.68 -21.00
C GLU F 391 62.26 30.63 -19.63
N GLU F 392 61.83 31.39 -18.62
CA GLU F 392 62.63 31.70 -17.39
C GLU F 392 63.14 30.41 -16.74
N SER F 393 62.31 29.36 -16.71
CA SER F 393 62.62 28.03 -16.11
C SER F 393 63.84 27.40 -16.80
N ALA F 394 63.84 27.37 -18.14
CA ALA F 394 64.81 26.65 -19.01
C ALA F 394 66.18 27.34 -19.05
N ARG F 395 66.22 28.66 -18.85
CA ARG F 395 67.44 29.52 -19.00
C ARG F 395 68.58 28.96 -18.15
N LYS F 396 68.28 28.49 -16.93
CA LYS F 396 69.23 27.75 -16.04
C LYS F 396 70.13 26.81 -16.87
N TYR F 397 69.54 26.04 -17.80
CA TYR F 397 70.24 25.03 -18.63
C TYR F 397 70.77 25.62 -19.94
N LEU F 398 70.06 26.62 -20.50
CA LEU F 398 70.14 27.02 -21.92
C LEU F 398 71.01 28.27 -22.13
N ASP F 399 70.94 29.26 -21.22
CA ASP F 399 71.87 30.43 -21.19
C ASP F 399 73.30 29.94 -21.00
N GLY F 400 73.52 29.06 -20.02
CA GLY F 400 74.82 28.43 -19.71
C GLY F 400 75.06 27.17 -20.54
N PHE F 401 74.97 27.31 -21.87
CA PHE F 401 75.17 26.23 -22.87
C PHE F 401 75.74 26.82 -24.17
N LYS F 402 76.61 26.06 -24.83
CA LYS F 402 77.17 26.34 -26.19
C LYS F 402 77.62 25.00 -26.80
N MET F 403 77.62 24.90 -28.14
CA MET F 403 78.05 23.69 -28.89
C MET F 403 79.45 23.93 -29.49
N ARG F 404 80.48 23.27 -28.93
CA ARG F 404 81.91 23.35 -29.38
C ARG F 404 82.38 21.98 -29.85
N PRO F 405 83.09 21.85 -31.00
CA PRO F 405 83.55 20.56 -31.50
C PRO F 405 84.69 19.93 -30.66
N SER G 6 46.14 -6.92 -63.29
CA SER G 6 46.66 -5.95 -62.27
C SER G 6 45.72 -5.84 -61.05
N GLY G 7 44.40 -5.97 -61.25
CA GLY G 7 43.37 -5.87 -60.20
C GLY G 7 43.24 -7.14 -59.36
N HIS G 8 43.80 -8.26 -59.84
CA HIS G 8 43.75 -9.62 -59.22
C HIS G 8 44.45 -9.70 -57.85
N ASP G 9 45.23 -8.68 -57.44
CA ASP G 9 46.12 -8.70 -56.26
C ASP G 9 45.94 -7.51 -55.29
N GLN G 10 45.01 -6.58 -55.57
CA GLN G 10 44.87 -5.31 -54.81
C GLN G 10 44.18 -5.58 -53.47
N SER G 11 43.26 -6.55 -53.42
CA SER G 11 42.49 -6.93 -52.20
C SER G 11 42.52 -8.43 -51.96
N THR G 12 42.26 -8.78 -50.71
CA THR G 12 42.19 -10.18 -50.22
C THR G 12 40.83 -10.76 -50.60
N ASP G 13 39.84 -9.95 -50.97
CA ASP G 13 38.48 -10.46 -51.29
C ASP G 13 38.47 -11.18 -52.66
N VAL G 14 39.64 -11.39 -53.27
CA VAL G 14 39.80 -11.70 -54.72
C VAL G 14 40.72 -12.90 -54.94
N PHE G 15 40.16 -14.01 -55.43
CA PHE G 15 40.93 -15.08 -56.09
C PHE G 15 41.42 -14.61 -57.46
N SER G 16 42.63 -14.98 -57.82
CA SER G 16 43.16 -14.91 -59.22
C SER G 16 42.55 -16.08 -60.01
N ALA G 17 42.86 -16.17 -61.31
CA ALA G 17 42.39 -17.26 -62.19
C ALA G 17 42.96 -18.62 -61.76
N GLU G 18 44.22 -18.66 -61.30
CA GLU G 18 44.92 -19.88 -60.76
C GLU G 18 44.31 -20.35 -59.44
N GLY G 19 43.60 -19.47 -58.72
CA GLY G 19 42.76 -19.81 -57.57
C GLY G 19 43.42 -19.50 -56.25
N ARG G 20 44.34 -18.53 -56.21
CA ARG G 20 45.05 -18.17 -54.97
C ARG G 20 44.83 -16.69 -54.68
N VAL G 21 44.68 -16.37 -53.40
CA VAL G 21 44.58 -14.98 -52.87
C VAL G 21 45.99 -14.39 -52.92
N PHE G 22 46.22 -13.35 -53.70
CA PHE G 22 47.58 -12.81 -53.86
C PHE G 22 47.97 -11.99 -52.62
N GLN G 23 47.03 -11.23 -52.04
CA GLN G 23 47.31 -10.35 -50.88
C GLN G 23 47.80 -11.17 -49.68
N VAL G 24 47.42 -12.44 -49.60
CA VAL G 24 47.84 -13.34 -48.49
C VAL G 24 49.26 -13.85 -48.77
N GLU G 25 49.56 -14.24 -50.00
CA GLU G 25 50.94 -14.66 -50.38
C GLU G 25 51.91 -13.52 -50.12
N TYR G 26 51.44 -12.28 -50.32
CA TYR G 26 52.22 -11.03 -50.18
C TYR G 26 52.55 -10.80 -48.71
N ALA G 27 51.54 -10.79 -47.84
CA ALA G 27 51.74 -10.77 -46.37
C ALA G 27 52.69 -11.90 -45.94
N GLY G 28 52.63 -13.04 -46.62
CA GLY G 28 53.53 -14.18 -46.38
C GLY G 28 54.96 -13.84 -46.74
N LYS G 29 55.18 -12.89 -47.65
CA LYS G 29 56.53 -12.40 -48.02
C LYS G 29 57.09 -11.50 -46.90
N ALA G 30 56.21 -10.85 -46.14
CA ALA G 30 56.58 -9.98 -44.99
C ALA G 30 57.16 -10.82 -43.85
N VAL G 31 56.74 -12.08 -43.75
CA VAL G 31 57.26 -13.06 -42.75
C VAL G 31 58.65 -13.53 -43.19
N ASP G 32 58.86 -13.72 -44.50
CA ASP G 32 60.10 -14.32 -45.05
C ASP G 32 61.15 -13.24 -45.37
N ASN G 33 60.92 -11.99 -44.96
CA ASN G 33 61.94 -10.92 -44.94
C ASN G 33 62.17 -10.46 -43.50
N SER G 34 61.55 -11.12 -42.52
CA SER G 34 61.61 -10.76 -41.07
C SER G 34 62.65 -11.62 -40.34
N SER G 35 62.92 -11.23 -39.10
CA SER G 35 63.90 -11.87 -38.18
C SER G 35 63.51 -13.32 -37.92
N THR G 36 64.44 -14.26 -38.08
CA THR G 36 64.25 -15.74 -37.96
C THR G 36 63.84 -16.13 -36.53
N ALA G 37 62.76 -16.90 -36.41
CA ALA G 37 62.26 -17.55 -35.18
C ALA G 37 62.40 -19.07 -35.32
N VAL G 38 62.61 -19.76 -34.21
CA VAL G 38 62.83 -21.23 -34.17
C VAL G 38 62.19 -21.77 -32.89
N ALA G 39 61.50 -22.91 -32.97
CA ALA G 39 60.88 -23.56 -31.79
C ALA G 39 61.00 -25.08 -31.90
N ALA G 40 60.92 -25.76 -30.74
CA ALA G 40 61.13 -27.21 -30.59
C ALA G 40 60.25 -27.71 -29.44
N CYS G 41 59.32 -28.60 -29.76
CA CYS G 41 58.46 -29.37 -28.83
C CYS G 41 59.24 -30.60 -28.36
N CYS G 42 59.39 -30.75 -27.04
CA CYS G 42 60.02 -31.90 -26.34
C CYS G 42 58.94 -32.72 -25.64
N LYS G 43 59.32 -33.75 -24.88
CA LYS G 43 58.41 -34.46 -23.94
C LYS G 43 58.19 -33.59 -22.70
N ASP G 44 59.26 -32.92 -22.28
CA ASP G 44 59.35 -32.07 -21.07
C ASP G 44 58.41 -30.87 -21.20
N GLY G 45 58.25 -30.33 -22.42
CA GLY G 45 57.58 -29.05 -22.68
C GLY G 45 57.85 -28.53 -24.09
N VAL G 46 58.05 -27.23 -24.25
CA VAL G 46 58.33 -26.59 -25.58
C VAL G 46 59.18 -25.34 -25.37
N VAL G 47 60.04 -25.05 -26.35
CA VAL G 47 61.02 -23.93 -26.39
C VAL G 47 60.78 -23.11 -27.65
N VAL G 48 60.76 -21.77 -27.51
CA VAL G 48 60.77 -20.81 -28.64
C VAL G 48 61.97 -19.89 -28.48
N ALA G 49 62.85 -19.86 -29.49
CA ALA G 49 63.89 -18.84 -29.67
C ALA G 49 63.47 -17.92 -30.82
N VAL G 50 63.83 -16.65 -30.73
CA VAL G 50 63.70 -15.70 -31.85
C VAL G 50 64.86 -14.71 -31.81
N GLU G 51 65.54 -14.54 -32.94
CA GLU G 51 66.54 -13.47 -33.18
C GLU G 51 65.72 -12.18 -33.33
N LYS G 52 65.99 -11.16 -32.52
CA LYS G 52 65.47 -9.78 -32.73
C LYS G 52 66.60 -9.01 -33.38
N VAL G 53 66.39 -8.49 -34.59
CA VAL G 53 67.35 -7.59 -35.29
C VAL G 53 67.07 -6.17 -34.80
N HIS G 54 67.97 -5.64 -33.97
CA HIS G 54 67.92 -4.26 -33.42
C HIS G 54 68.44 -3.29 -34.47
N THR G 55 67.65 -2.25 -34.76
CA THR G 55 67.98 -1.20 -35.76
C THR G 55 69.10 -0.31 -35.19
N SER G 56 68.93 0.19 -33.96
CA SER G 56 69.82 1.15 -33.25
C SER G 56 70.59 0.43 -32.13
N ARG G 57 71.76 0.96 -31.75
CA ARG G 57 72.68 0.37 -30.73
C ARG G 57 72.16 0.66 -29.33
N MET G 58 71.22 1.60 -29.20
CA MET G 58 70.84 2.26 -27.94
C MET G 58 69.56 1.64 -27.35
N LEU G 59 69.01 0.61 -27.98
CA LEU G 59 67.79 -0.03 -27.45
C LEU G 59 68.09 -0.69 -26.11
N GLU G 60 67.12 -0.71 -25.21
CA GLU G 60 67.17 -1.47 -23.93
C GLU G 60 67.15 -2.98 -24.23
N LYS G 61 67.43 -3.79 -23.21
CA LYS G 61 67.21 -5.27 -23.22
C LYS G 61 65.73 -5.54 -22.94
N GLY G 62 65.06 -6.24 -23.85
CA GLY G 62 63.59 -6.44 -23.82
C GLY G 62 62.87 -5.27 -24.46
N SER G 63 63.37 -4.80 -25.60
CA SER G 63 62.71 -3.79 -26.47
C SER G 63 62.35 -4.46 -27.78
N ASN G 64 61.10 -4.28 -28.19
CA ASN G 64 60.47 -4.99 -29.33
C ASN G 64 60.42 -6.49 -28.97
N ASN G 65 59.98 -6.81 -27.75
CA ASN G 65 59.83 -8.21 -27.26
C ASN G 65 58.88 -8.94 -28.22
N ARG G 66 59.39 -9.93 -28.97
CA ARG G 66 58.61 -10.65 -30.01
C ARG G 66 57.81 -11.77 -29.36
N ILE G 67 58.21 -12.22 -28.17
CA ILE G 67 57.56 -13.34 -27.42
C ILE G 67 56.69 -12.78 -26.28
N HIS G 68 55.45 -13.23 -26.24
CA HIS G 68 54.42 -12.72 -25.32
C HIS G 68 53.69 -13.90 -24.68
N ALA G 69 53.58 -13.88 -23.36
CA ALA G 69 52.65 -14.74 -22.62
C ALA G 69 51.22 -14.43 -23.08
N VAL G 70 50.48 -15.48 -23.43
CA VAL G 70 49.04 -15.41 -23.82
C VAL G 70 48.21 -15.80 -22.60
N ASP G 71 48.53 -16.95 -22.01
CA ASP G 71 48.01 -17.37 -20.69
C ASP G 71 49.20 -17.90 -19.88
N ARG G 72 48.95 -18.45 -18.70
CA ARG G 72 50.00 -19.05 -17.83
C ARG G 72 50.82 -20.06 -18.63
N GLN G 73 50.11 -20.88 -19.42
CA GLN G 73 50.63 -22.12 -20.03
C GLN G 73 51.00 -21.88 -21.50
N ALA G 74 50.56 -20.78 -22.10
CA ALA G 74 50.66 -20.56 -23.55
C ALA G 74 51.20 -19.17 -23.84
N GLY G 75 52.22 -19.10 -24.68
CA GLY G 75 52.75 -17.84 -25.21
C GLY G 75 52.90 -17.92 -26.70
N ILE G 76 52.63 -16.80 -27.36
CA ILE G 76 52.92 -16.62 -28.81
C ILE G 76 54.35 -16.08 -28.91
N CYS G 77 55.05 -16.53 -29.96
CA CYS G 77 56.23 -15.86 -30.53
C CYS G 77 55.91 -15.41 -31.95
N ILE G 78 55.75 -14.11 -32.13
CA ILE G 78 55.52 -13.47 -33.46
C ILE G 78 56.81 -13.54 -34.27
N CYS G 79 56.67 -13.82 -35.55
CA CYS G 79 57.69 -13.58 -36.60
C CYS G 79 57.01 -12.93 -37.82
N GLY G 80 57.48 -11.75 -38.22
CA GLY G 80 56.86 -10.90 -39.27
C GLY G 80 56.76 -9.46 -38.81
N LEU G 81 55.75 -8.72 -39.29
CA LEU G 81 55.41 -7.37 -38.75
C LEU G 81 55.01 -7.51 -37.28
N LEU G 82 55.84 -6.97 -36.38
CA LEU G 82 55.66 -7.06 -34.91
C LEU G 82 54.32 -6.46 -34.51
N PRO G 83 53.97 -5.23 -34.94
CA PRO G 83 52.76 -4.56 -34.44
C PRO G 83 51.47 -5.35 -34.69
N ASP G 84 51.31 -5.84 -35.93
CA ASP G 84 50.24 -6.77 -36.35
C ASP G 84 50.20 -7.96 -35.39
N GLY G 85 51.33 -8.66 -35.23
CA GLY G 85 51.48 -9.81 -34.33
C GLY G 85 50.90 -9.55 -32.95
N ARG G 86 51.09 -8.34 -32.41
CA ARG G 86 50.63 -7.96 -31.04
C ARG G 86 49.10 -7.94 -31.00
N ALA G 87 48.45 -7.55 -32.11
CA ALA G 87 46.98 -7.59 -32.29
C ALA G 87 46.51 -9.04 -32.20
N ILE G 88 47.26 -9.96 -32.80
CA ILE G 88 47.05 -11.44 -32.67
C ILE G 88 47.15 -11.81 -31.20
N VAL G 89 48.27 -11.48 -30.57
CA VAL G 89 48.55 -11.79 -29.14
C VAL G 89 47.38 -11.23 -28.30
N SER G 90 47.04 -9.96 -28.48
CA SER G 90 45.92 -9.28 -27.78
C SER G 90 44.63 -10.08 -27.96
N ARG G 91 44.45 -10.70 -29.12
CA ARG G 91 43.28 -11.59 -29.38
C ARG G 91 43.51 -12.91 -28.64
N ALA G 92 44.45 -13.74 -29.08
CA ALA G 92 44.83 -15.00 -28.41
C ALA G 92 44.58 -14.88 -26.90
N ARG G 93 45.01 -13.77 -26.29
CA ARG G 93 44.78 -13.48 -24.84
C ARG G 93 43.30 -13.48 -24.52
N GLN G 94 42.56 -12.56 -25.16
CA GLN G 94 41.07 -12.44 -25.05
C GLN G 94 40.44 -13.83 -25.16
N GLU G 95 40.94 -14.73 -26.01
CA GLU G 95 40.39 -16.11 -26.16
C GLU G 95 40.80 -16.97 -24.97
N ALA G 96 42.08 -16.90 -24.60
CA ALA G 96 42.68 -17.69 -23.51
C ALA G 96 42.03 -17.36 -22.17
N GLU G 97 41.59 -16.12 -21.98
CA GLU G 97 40.95 -15.68 -20.72
C GLU G 97 39.45 -15.96 -20.78
N ASN G 98 38.82 -15.89 -21.96
CA ASN G 98 37.42 -16.36 -22.17
C ASN G 98 37.34 -17.83 -21.76
N SER G 99 38.34 -18.65 -22.11
CA SER G 99 38.44 -20.08 -21.68
C SER G 99 38.46 -20.17 -20.15
N ARG G 100 39.18 -19.30 -19.45
CA ARG G 100 39.26 -19.33 -17.96
C ARG G 100 37.97 -18.76 -17.36
N ASP G 101 37.48 -17.64 -17.89
CA ASP G 101 36.28 -16.95 -17.34
C ASP G 101 35.08 -17.88 -17.51
N ILE G 102 34.75 -18.24 -18.76
CA ILE G 102 33.51 -18.98 -19.12
C ILE G 102 33.69 -20.44 -18.75
N PHE G 103 34.66 -21.11 -19.36
CA PHE G 103 34.77 -22.59 -19.32
C PHE G 103 35.71 -23.04 -18.21
N ALA G 104 36.20 -22.13 -17.34
CA ALA G 104 36.83 -22.46 -16.03
C ALA G 104 38.14 -23.27 -16.17
N THR G 105 38.71 -23.35 -17.37
CA THR G 105 39.87 -24.22 -17.67
C THR G 105 40.93 -23.41 -18.38
N PRO G 106 42.20 -23.82 -18.28
CA PRO G 106 43.23 -23.31 -19.17
C PRO G 106 42.83 -23.72 -20.59
N ILE G 107 42.95 -22.77 -21.52
CA ILE G 107 42.76 -23.05 -22.96
C ILE G 107 43.76 -24.14 -23.37
N ARG G 108 43.27 -25.18 -24.05
CA ARG G 108 44.11 -26.20 -24.73
C ARG G 108 44.94 -25.49 -25.81
N GLY G 109 46.17 -25.95 -26.05
CA GLY G 109 47.05 -25.39 -27.09
C GLY G 109 46.46 -25.58 -28.48
N SER G 110 45.88 -26.77 -28.73
CA SER G 110 45.25 -27.17 -30.01
C SER G 110 44.14 -26.18 -30.38
N VAL G 111 43.30 -25.82 -29.41
CA VAL G 111 42.20 -24.82 -29.56
C VAL G 111 42.81 -23.45 -29.81
N LEU G 112 43.64 -22.96 -28.88
CA LEU G 112 44.25 -21.60 -28.90
C LEU G 112 44.84 -21.31 -30.29
N ALA G 113 45.55 -22.27 -30.88
CA ALA G 113 46.12 -22.18 -32.25
C ALA G 113 44.99 -21.98 -33.27
N ASN G 114 43.97 -22.85 -33.22
CA ASN G 114 42.79 -22.83 -34.13
C ASN G 114 41.98 -21.55 -33.93
N ARG G 115 41.83 -21.07 -32.69
CA ARG G 115 41.17 -19.78 -32.36
C ARG G 115 41.94 -18.62 -33.01
N VAL G 116 43.26 -18.70 -33.05
CA VAL G 116 44.16 -17.66 -33.63
C VAL G 116 44.17 -17.74 -35.15
N GLY G 117 44.11 -18.95 -35.71
CA GLY G 117 43.97 -19.20 -37.16
C GLY G 117 42.72 -18.56 -37.73
N GLU G 118 41.57 -18.80 -37.10
CA GLU G 118 40.24 -18.26 -37.51
C GLU G 118 40.24 -16.73 -37.40
N PHE G 119 41.05 -16.17 -36.48
CA PHE G 119 41.25 -14.70 -36.34
C PHE G 119 42.05 -14.19 -37.53
N MET G 120 43.21 -14.80 -37.82
CA MET G 120 44.11 -14.37 -38.91
C MET G 120 43.46 -14.60 -40.25
N HIS G 121 42.54 -15.56 -40.32
CA HIS G 121 41.79 -15.91 -41.55
C HIS G 121 40.72 -14.85 -41.86
N ALA G 122 39.93 -14.44 -40.87
CA ALA G 122 38.83 -13.44 -41.01
C ALA G 122 39.33 -12.17 -41.71
N TYR G 123 40.64 -11.93 -41.65
CA TYR G 123 41.34 -10.79 -42.28
C TYR G 123 41.83 -11.18 -43.68
N THR G 124 41.49 -12.35 -44.20
CA THR G 124 41.85 -12.77 -45.57
C THR G 124 40.61 -12.91 -46.43
N THR G 125 39.43 -12.52 -45.92
CA THR G 125 38.12 -12.83 -46.55
C THR G 125 37.51 -11.54 -47.10
N HIS G 126 37.41 -10.54 -46.24
CA HIS G 126 36.66 -9.27 -46.46
C HIS G 126 37.61 -8.26 -47.10
N PHE G 127 37.09 -7.33 -47.90
CA PHE G 127 37.89 -6.36 -48.70
C PHE G 127 38.50 -5.30 -47.80
N ALA G 128 37.73 -4.87 -46.79
CA ALA G 128 38.03 -3.80 -45.81
C ALA G 128 39.34 -4.09 -45.09
N TYR G 129 39.56 -5.34 -44.69
CA TYR G 129 40.75 -5.75 -43.91
C TYR G 129 41.87 -6.11 -44.87
N ARG G 130 43.10 -6.09 -44.35
CA ARG G 130 44.25 -6.73 -45.02
C ARG G 130 44.68 -7.93 -44.19
N PRO G 131 45.28 -8.97 -44.80
CA PRO G 131 45.81 -10.10 -44.05
C PRO G 131 46.95 -9.68 -43.11
N PHE G 132 47.15 -10.46 -42.05
CA PHE G 132 48.17 -10.20 -41.02
C PHE G 132 49.55 -10.46 -41.60
N GLY G 133 50.47 -9.55 -41.27
CA GLY G 133 51.84 -9.54 -41.82
C GLY G 133 52.71 -10.62 -41.21
N CYS G 134 52.30 -11.17 -40.07
CA CYS G 134 53.14 -12.09 -39.26
C CYS G 134 52.61 -13.52 -39.34
N SER G 135 53.50 -14.49 -39.14
CA SER G 135 53.18 -15.81 -38.55
C SER G 135 53.19 -15.64 -37.03
N ALA G 136 52.35 -16.39 -36.32
CA ALA G 136 52.41 -16.59 -34.85
C ALA G 136 52.93 -18.01 -34.59
N ILE G 137 53.83 -18.20 -33.62
CA ILE G 137 54.20 -19.53 -33.06
C ILE G 137 53.58 -19.67 -31.67
N ILE G 138 52.41 -20.30 -31.57
CA ILE G 138 51.73 -20.60 -30.28
C ILE G 138 52.45 -21.77 -29.62
N ALA G 139 52.97 -21.60 -28.40
CA ALA G 139 53.57 -22.68 -27.61
C ALA G 139 52.80 -22.80 -26.29
N SER G 140 51.94 -23.82 -26.17
CA SER G 140 51.14 -24.13 -24.95
C SER G 140 51.67 -25.40 -24.29
N TYR G 141 51.38 -25.54 -23.00
CA TYR G 141 51.44 -26.81 -22.26
C TYR G 141 50.27 -26.81 -21.29
N ALA G 142 49.10 -27.15 -21.82
CA ALA G 142 47.84 -27.42 -21.08
C ALA G 142 47.69 -28.93 -20.92
N ASP G 143 46.45 -29.42 -20.73
CA ASP G 143 46.14 -30.85 -20.43
C ASP G 143 46.35 -31.74 -21.67
N ASP G 144 46.43 -31.15 -22.87
CA ASP G 144 46.67 -31.90 -24.14
C ASP G 144 48.18 -32.18 -24.35
N GLY G 145 49.00 -32.03 -23.30
CA GLY G 145 50.47 -32.19 -23.38
C GLY G 145 51.15 -30.93 -23.90
N PRO G 146 52.49 -30.96 -24.10
CA PRO G 146 53.19 -29.88 -24.76
C PRO G 146 52.89 -29.83 -26.26
N GLN G 147 52.53 -28.63 -26.73
CA GLN G 147 52.02 -28.38 -28.10
C GLN G 147 52.73 -27.17 -28.69
N LEU G 148 53.12 -27.29 -29.96
CA LEU G 148 53.69 -26.21 -30.79
C LEU G 148 52.86 -26.11 -32.07
N PHE G 149 52.48 -24.90 -32.44
CA PHE G 149 51.54 -24.59 -33.55
C PHE G 149 51.99 -23.33 -34.26
N VAL G 150 51.84 -23.27 -35.58
CA VAL G 150 52.17 -22.06 -36.37
C VAL G 150 50.95 -21.64 -37.18
N SER G 151 50.36 -20.51 -36.79
CA SER G 151 49.31 -19.79 -37.56
C SER G 151 50.00 -18.78 -38.49
N ASP G 152 49.96 -19.01 -39.80
CA ASP G 152 50.58 -18.12 -40.83
C ASP G 152 49.49 -17.16 -41.35
N PRO G 153 49.85 -16.10 -42.11
CA PRO G 153 48.90 -15.06 -42.52
C PRO G 153 47.56 -15.51 -43.12
N SER G 154 47.57 -16.63 -43.85
CA SER G 154 46.37 -17.26 -44.46
C SER G 154 45.34 -17.66 -43.40
N GLY G 155 45.80 -17.94 -42.16
CA GLY G 155 45.01 -18.55 -41.07
C GLY G 155 45.26 -20.04 -40.97
N THR G 156 46.24 -20.55 -41.73
CA THR G 156 46.56 -22.01 -41.81
C THR G 156 47.35 -22.37 -40.56
N VAL G 157 46.66 -22.90 -39.57
CA VAL G 157 47.27 -23.59 -38.40
C VAL G 157 47.93 -24.87 -38.92
N ALA G 158 48.99 -25.31 -38.26
CA ALA G 158 49.59 -26.65 -38.40
C ALA G 158 50.43 -26.91 -37.16
N GLY G 159 50.31 -28.11 -36.57
CA GLY G 159 51.14 -28.50 -35.42
C GLY G 159 52.52 -28.90 -35.90
N TYR G 160 53.57 -28.55 -35.15
CA TYR G 160 54.97 -28.92 -35.46
C TYR G 160 55.59 -29.58 -34.22
N TYR G 161 56.60 -30.42 -34.44
CA TYR G 161 57.59 -30.79 -33.41
C TYR G 161 58.59 -29.63 -33.38
N GLY G 162 59.27 -29.42 -34.51
CA GLY G 162 60.23 -28.32 -34.71
C GLY G 162 59.77 -27.41 -35.83
N VAL G 163 60.04 -26.12 -35.71
CA VAL G 163 59.59 -25.13 -36.73
C VAL G 163 60.61 -24.00 -36.84
N ALA G 164 60.75 -23.46 -38.04
CA ALA G 164 61.57 -22.28 -38.35
C ALA G 164 60.74 -21.33 -39.22
N LEU G 165 60.77 -20.03 -38.91
CA LEU G 165 60.13 -18.94 -39.68
C LEU G 165 61.18 -17.87 -39.97
N GLY G 166 60.93 -17.00 -40.96
CA GLY G 166 61.80 -15.85 -41.25
C GLY G 166 62.69 -16.07 -42.45
N LYS G 167 63.73 -15.23 -42.60
CA LYS G 167 64.52 -15.10 -43.84
C LYS G 167 65.54 -16.23 -43.92
N ALA G 168 65.89 -16.83 -42.78
CA ALA G 168 66.82 -17.98 -42.70
C ALA G 168 66.05 -19.31 -42.67
N LYS G 169 64.72 -19.28 -42.53
CA LYS G 169 63.80 -20.45 -42.49
C LYS G 169 64.42 -21.72 -43.10
N THR G 170 64.94 -21.63 -44.33
CA THR G 170 65.52 -22.75 -45.13
C THR G 170 66.68 -23.44 -44.39
N VAL G 171 67.73 -22.68 -44.05
CA VAL G 171 68.97 -23.21 -43.41
C VAL G 171 68.69 -23.61 -41.97
N ALA G 172 67.88 -22.82 -41.24
CA ALA G 172 67.46 -23.07 -39.83
C ALA G 172 66.60 -24.33 -39.72
N LYS G 173 65.92 -24.73 -40.79
CA LYS G 173 65.09 -25.97 -40.83
C LYS G 173 65.99 -27.20 -41.02
N SER G 174 67.05 -27.11 -41.84
CA SER G 174 68.10 -28.16 -42.00
C SER G 174 68.68 -28.54 -40.63
N GLU G 175 68.96 -27.54 -39.79
CA GLU G 175 69.61 -27.72 -38.46
C GLU G 175 68.60 -28.26 -37.44
N LEU G 176 67.31 -27.99 -37.62
CA LEU G 176 66.25 -28.57 -36.75
C LEU G 176 66.05 -30.06 -37.07
N GLU G 177 66.39 -30.52 -38.28
CA GLU G 177 66.21 -31.95 -38.70
C GLU G 177 67.31 -32.82 -38.06
N LYS G 178 68.51 -32.27 -37.81
CA LYS G 178 69.63 -32.98 -37.15
C LYS G 178 69.27 -33.37 -35.71
N LEU G 179 68.39 -32.63 -35.04
CA LEU G 179 67.94 -32.94 -33.65
C LEU G 179 67.05 -34.20 -33.69
N ASP G 180 67.08 -34.96 -32.59
CA ASP G 180 66.14 -36.09 -32.28
C ASP G 180 65.13 -35.57 -31.26
N PHE G 181 63.85 -35.44 -31.66
CA PHE G 181 62.77 -34.76 -30.89
C PHE G 181 62.18 -35.66 -29.80
N SER G 182 62.26 -36.98 -29.98
CA SER G 182 61.88 -38.00 -28.97
C SER G 182 62.78 -37.86 -27.73
N SER G 183 64.09 -37.64 -27.94
CA SER G 183 65.14 -37.63 -26.89
C SER G 183 65.22 -36.26 -26.18
N LEU G 184 65.43 -35.15 -26.92
CA LEU G 184 65.94 -33.89 -26.31
C LEU G 184 65.04 -33.41 -25.16
N THR G 185 65.66 -32.80 -24.16
CA THR G 185 65.00 -32.16 -22.99
C THR G 185 64.83 -30.67 -23.32
N CYS G 186 64.19 -29.91 -22.42
CA CYS G 186 63.96 -28.45 -22.55
C CYS G 186 65.23 -27.66 -22.25
N ASP G 187 66.24 -28.30 -21.63
CA ASP G 187 67.48 -27.64 -21.14
C ASP G 187 68.54 -27.69 -22.26
N GLU G 188 68.67 -28.85 -22.93
CA GLU G 188 69.45 -29.02 -24.17
C GLU G 188 68.92 -28.05 -25.23
N ALA G 189 67.60 -28.13 -25.50
CA ALA G 189 66.89 -27.44 -26.60
C ALA G 189 67.23 -25.94 -26.61
N VAL G 190 67.17 -25.28 -25.44
CA VAL G 190 67.47 -23.83 -25.31
C VAL G 190 68.82 -23.55 -25.99
N GLY G 191 69.84 -24.34 -25.63
CA GLY G 191 71.23 -24.25 -26.13
C GLY G 191 71.34 -24.48 -27.63
N LYS G 192 70.55 -25.39 -28.18
CA LYS G 192 70.65 -25.86 -29.60
C LYS G 192 69.92 -24.87 -30.51
N LEU G 193 68.72 -24.43 -30.14
CA LEU G 193 67.90 -23.42 -30.89
C LEU G 193 68.63 -22.08 -30.90
N ALA G 194 69.13 -21.66 -29.74
CA ALA G 194 69.95 -20.44 -29.60
C ALA G 194 71.26 -20.60 -30.41
N SER G 195 71.87 -21.79 -30.40
CA SER G 195 73.08 -22.14 -31.22
C SER G 195 72.75 -22.02 -32.71
N ILE G 196 71.56 -22.47 -33.12
CA ILE G 196 71.07 -22.41 -34.53
C ILE G 196 70.95 -20.94 -34.95
N LEU G 197 70.19 -20.13 -34.20
CA LEU G 197 69.93 -18.70 -34.55
C LEU G 197 71.25 -17.92 -34.64
N HIS G 198 72.28 -18.28 -33.86
CA HIS G 198 73.64 -17.66 -33.93
C HIS G 198 74.31 -18.05 -35.25
N GLU G 199 74.15 -19.30 -35.68
CA GLU G 199 74.86 -19.90 -36.85
C GLU G 199 74.32 -19.33 -38.16
N VAL G 200 72.98 -19.20 -38.30
CA VAL G 200 72.29 -18.84 -39.58
C VAL G 200 72.30 -17.33 -39.82
N HIS G 201 72.29 -16.53 -38.74
CA HIS G 201 72.17 -15.05 -38.76
C HIS G 201 73.33 -14.42 -39.56
N ASP G 202 73.01 -13.59 -40.56
CA ASP G 202 73.99 -12.82 -41.38
C ASP G 202 74.69 -11.79 -40.49
N LYS G 203 76.03 -11.83 -40.43
CA LYS G 203 76.87 -11.02 -39.50
C LYS G 203 77.12 -9.63 -40.12
N GLN G 204 77.05 -9.53 -41.45
CA GLN G 204 77.39 -8.33 -42.27
C GLN G 204 76.16 -7.44 -42.45
N LYS G 205 74.95 -8.02 -42.49
CA LYS G 205 73.68 -7.30 -42.75
C LYS G 205 73.11 -6.73 -41.45
N ASP G 206 73.03 -7.56 -40.38
CA ASP G 206 72.32 -7.25 -39.10
C ASP G 206 73.32 -7.35 -37.93
N LYS G 207 74.21 -6.36 -37.79
CA LYS G 207 75.33 -6.33 -36.79
C LYS G 207 74.78 -6.40 -35.36
N LEU G 208 73.74 -5.62 -35.07
CA LEU G 208 73.12 -5.47 -33.72
C LEU G 208 71.91 -6.40 -33.64
N TYR G 209 71.98 -7.43 -32.79
CA TYR G 209 70.91 -8.43 -32.59
C TYR G 209 71.08 -9.12 -31.23
N GLU G 210 69.97 -9.63 -30.67
CA GLU G 210 69.98 -10.57 -29.52
C GLU G 210 68.99 -11.70 -29.79
N VAL G 211 69.15 -12.79 -29.04
CA VAL G 211 68.39 -14.06 -29.17
C VAL G 211 67.51 -14.21 -27.93
N GLU G 212 66.33 -13.60 -27.97
CA GLU G 212 65.24 -13.79 -26.97
C GLU G 212 64.77 -15.24 -27.07
N VAL G 213 64.88 -16.00 -25.98
CA VAL G 213 64.38 -17.40 -25.86
C VAL G 213 63.35 -17.44 -24.73
N ALA G 214 62.37 -18.33 -24.88
CA ALA G 214 61.28 -18.57 -23.90
C ALA G 214 60.84 -20.02 -24.02
N TRP G 215 60.36 -20.59 -22.92
CA TRP G 215 59.94 -22.00 -22.88
C TRP G 215 58.69 -22.12 -22.02
N VAL G 216 58.16 -23.33 -21.98
CA VAL G 216 57.19 -23.78 -20.97
C VAL G 216 57.36 -25.28 -20.85
N CYS G 217 57.66 -25.75 -19.63
CA CYS G 217 58.07 -27.14 -19.35
C CYS G 217 57.90 -27.47 -17.87
N ASP G 218 58.09 -28.74 -17.53
CA ASP G 218 57.99 -29.28 -16.15
C ASP G 218 59.02 -28.58 -15.26
N LYS G 219 60.13 -28.08 -15.85
CA LYS G 219 61.13 -27.20 -15.21
C LYS G 219 60.46 -25.93 -14.66
N SER G 220 59.79 -25.16 -15.52
CA SER G 220 59.24 -23.80 -15.21
C SER G 220 57.84 -23.88 -14.56
N ASP G 221 57.38 -25.09 -14.22
CA ASP G 221 56.06 -25.37 -13.57
C ASP G 221 54.96 -25.24 -14.64
N ARG G 222 55.24 -25.69 -15.87
CA ARG G 222 54.31 -25.55 -17.03
C ARG G 222 53.76 -24.12 -17.02
N LYS G 223 54.66 -23.16 -16.87
CA LYS G 223 54.39 -21.70 -16.87
C LYS G 223 55.25 -21.11 -17.97
N PHE G 224 54.68 -20.29 -18.85
CA PHE G 224 55.36 -19.78 -20.07
C PHE G 224 56.14 -18.51 -19.73
N VAL G 225 57.47 -18.56 -19.81
CA VAL G 225 58.37 -17.46 -19.35
C VAL G 225 59.58 -17.32 -20.28
N HIS G 226 60.18 -16.13 -20.30
CA HIS G 226 61.54 -15.92 -20.89
C HIS G 226 62.53 -16.70 -20.05
N VAL G 227 63.38 -17.50 -20.69
CA VAL G 227 64.46 -18.22 -19.97
C VAL G 227 65.43 -17.17 -19.44
N PRO G 228 66.02 -17.36 -18.23
CA PRO G 228 67.13 -16.52 -17.77
C PRO G 228 68.27 -16.37 -18.80
N ALA G 229 69.07 -15.30 -18.68
CA ALA G 229 70.13 -14.89 -19.63
C ALA G 229 71.42 -15.72 -19.46
N ASP G 230 71.46 -16.70 -18.54
CA ASP G 230 72.61 -17.62 -18.31
C ASP G 230 72.49 -18.86 -19.19
N MET G 231 71.26 -19.37 -19.42
CA MET G 231 70.97 -20.59 -20.23
C MET G 231 71.14 -20.31 -21.73
N VAL G 232 71.06 -19.03 -22.17
CA VAL G 232 70.84 -18.61 -23.59
C VAL G 232 72.01 -19.07 -24.47
N PRO G 233 73.31 -18.81 -24.15
CA PRO G 233 74.41 -19.34 -24.95
C PRO G 233 74.69 -20.82 -24.63
N THR H 55 10.55 -30.10 -3.76
CA THR H 55 11.69 -30.72 -4.52
C THR H 55 12.77 -31.19 -3.53
N THR H 56 13.24 -32.42 -3.68
CA THR H 56 14.41 -32.97 -2.96
C THR H 56 15.39 -33.44 -4.01
N ILE H 57 16.62 -32.94 -3.98
CA ILE H 57 17.71 -33.41 -4.87
C ILE H 57 18.95 -33.62 -4.03
N LEU H 58 19.84 -34.52 -4.44
CA LEU H 58 21.18 -34.58 -3.84
C LEU H 58 22.13 -35.38 -4.70
N ALA H 59 23.29 -34.79 -4.96
CA ALA H 59 24.50 -35.50 -5.37
C ALA H 59 25.28 -35.91 -4.12
N VAL H 60 25.98 -37.03 -4.20
CA VAL H 60 27.11 -37.40 -3.30
C VAL H 60 28.20 -37.99 -4.17
N SER H 61 29.46 -37.76 -3.82
CA SER H 61 30.62 -38.41 -4.47
C SER H 61 30.99 -39.65 -3.66
N TYR H 62 31.20 -40.76 -4.37
CA TYR H 62 31.99 -41.94 -3.94
C TYR H 62 33.37 -41.84 -4.59
N ASN H 63 34.22 -42.86 -4.41
CA ASN H 63 35.64 -42.78 -4.84
C ASN H 63 35.70 -42.49 -6.35
N GLY H 64 35.19 -43.41 -7.17
CA GLY H 64 35.29 -43.33 -8.65
C GLY H 64 34.57 -42.15 -9.25
N GLY H 65 33.39 -41.79 -8.72
CA GLY H 65 32.40 -40.93 -9.39
C GLY H 65 31.38 -40.34 -8.43
N VAL H 66 30.14 -40.15 -8.90
CA VAL H 66 29.06 -39.45 -8.13
C VAL H 66 27.76 -40.21 -8.30
N VAL H 67 26.83 -39.90 -7.41
CA VAL H 67 25.41 -40.30 -7.53
C VAL H 67 24.58 -39.05 -7.35
N LEU H 68 23.75 -38.73 -8.33
CA LEU H 68 22.60 -37.80 -8.14
C LEU H 68 21.41 -38.65 -7.74
N ALA H 69 20.47 -38.05 -7.03
CA ALA H 69 19.21 -38.67 -6.61
C ALA H 69 18.15 -37.57 -6.50
N ALA H 70 16.92 -37.86 -6.85
CA ALA H 70 15.83 -36.87 -6.84
C ALA H 70 14.48 -37.53 -6.59
N ASP H 71 13.62 -36.84 -5.88
CA ASP H 71 12.15 -37.03 -5.99
C ASP H 71 11.73 -36.80 -7.45
N SER H 72 10.44 -36.96 -7.71
CA SER H 72 9.87 -36.91 -9.08
C SER H 72 8.53 -36.16 -9.06
N ARG H 73 8.36 -35.23 -8.14
CA ARG H 73 7.08 -34.51 -7.96
C ARG H 73 7.35 -33.06 -8.30
N THR H 74 6.57 -32.48 -9.20
CA THR H 74 6.49 -31.01 -9.36
C THR H 74 5.08 -30.59 -8.98
N SER H 75 4.97 -29.87 -7.88
CA SER H 75 3.70 -29.33 -7.34
C SER H 75 3.58 -27.85 -7.74
N SER H 76 2.37 -27.43 -8.13
CA SER H 76 1.89 -26.02 -8.06
C SER H 76 1.37 -25.77 -6.64
N GLY H 77 2.28 -25.77 -5.67
CA GLY H 77 1.99 -25.64 -4.22
C GLY H 77 1.48 -26.94 -3.62
N THR H 78 0.16 -27.18 -3.73
CA THR H 78 -0.59 -28.23 -2.99
C THR H 78 -1.19 -29.29 -3.92
N TYR H 79 -1.27 -29.04 -5.23
CA TYR H 79 -1.69 -30.03 -6.24
C TYR H 79 -0.44 -30.48 -6.99
N VAL H 80 -0.33 -31.77 -7.26
CA VAL H 80 0.84 -32.42 -7.91
C VAL H 80 0.58 -32.39 -9.40
N VAL H 81 1.22 -31.47 -10.12
CA VAL H 81 1.03 -31.27 -11.60
C VAL H 81 1.56 -32.51 -12.34
N ASN H 82 2.80 -32.86 -12.06
CA ASN H 82 3.44 -34.08 -12.62
C ASN H 82 3.91 -34.92 -11.43
N ARG H 83 3.81 -36.24 -11.59
CA ARG H 83 4.05 -37.29 -10.56
C ARG H 83 5.40 -37.96 -10.79
N ALA H 84 5.93 -37.81 -12.01
CA ALA H 84 7.08 -38.57 -12.57
C ALA H 84 7.95 -37.67 -13.44
N SER H 85 8.39 -36.54 -12.90
CA SER H 85 9.35 -35.61 -13.55
C SER H 85 10.77 -36.16 -13.35
N ASN H 86 11.53 -36.19 -14.43
CA ASN H 86 13.00 -36.37 -14.33
C ASN H 86 13.59 -35.01 -13.97
N LYS H 87 14.08 -34.88 -12.73
CA LYS H 87 14.81 -33.68 -12.24
C LYS H 87 16.29 -33.80 -12.55
N LEU H 88 16.77 -35.02 -12.80
CA LEU H 88 18.15 -35.27 -13.28
C LEU H 88 18.17 -35.05 -14.79
N THR H 89 18.98 -34.09 -15.23
CA THR H 89 18.99 -33.54 -16.61
C THR H 89 20.42 -33.66 -17.11
N LYS H 90 20.62 -34.48 -18.12
CA LYS H 90 21.91 -34.70 -18.84
C LYS H 90 22.39 -33.39 -19.47
N LEU H 91 23.59 -32.92 -19.12
CA LEU H 91 24.30 -31.82 -19.84
C LEU H 91 25.24 -32.47 -20.89
N THR H 92 26.14 -33.34 -20.46
CA THR H 92 26.90 -34.24 -21.36
C THR H 92 26.68 -35.70 -20.93
N LYS H 93 27.34 -36.63 -21.62
CA LYS H 93 27.29 -38.10 -21.38
C LYS H 93 27.33 -38.39 -19.88
N LYS H 94 28.27 -37.76 -19.17
CA LYS H 94 28.68 -38.09 -17.78
C LYS H 94 28.43 -36.94 -16.81
N ILE H 95 27.86 -35.81 -17.26
CA ILE H 95 27.69 -34.59 -16.42
C ILE H 95 26.20 -34.25 -16.34
N TYR H 96 25.53 -34.74 -15.30
CA TYR H 96 24.10 -34.48 -15.04
C TYR H 96 24.01 -33.33 -14.06
N CYS H 97 23.01 -32.48 -14.23
CA CYS H 97 22.60 -31.48 -13.23
C CYS H 97 21.27 -31.93 -12.61
N CYS H 98 21.05 -31.72 -11.31
CA CYS H 98 19.72 -31.78 -10.66
C CYS H 98 19.12 -30.38 -10.66
N ARG H 99 17.80 -30.31 -10.60
CA ARG H 99 17.05 -29.05 -10.81
C ARG H 99 16.06 -28.89 -9.65
N SER H 100 16.29 -27.89 -8.80
CA SER H 100 15.32 -27.41 -7.80
C SER H 100 14.75 -26.08 -8.27
N GLY H 101 13.56 -25.72 -7.79
CA GLY H 101 12.89 -24.44 -8.09
C GLY H 101 12.23 -24.47 -9.44
N SER H 102 11.67 -23.33 -9.87
CA SER H 102 10.84 -23.18 -11.09
C SER H 102 11.36 -24.14 -12.17
N ALA H 103 10.53 -25.12 -12.53
CA ALA H 103 10.81 -26.14 -13.56
C ALA H 103 11.22 -25.44 -14.86
N ALA H 104 10.43 -24.45 -15.28
CA ALA H 104 10.67 -23.60 -16.48
C ALA H 104 12.13 -23.17 -16.54
N ASP H 105 12.62 -22.57 -15.46
CA ASP H 105 13.87 -21.78 -15.45
C ASP H 105 15.06 -22.72 -15.43
N THR H 106 15.00 -23.79 -14.66
CA THR H 106 16.07 -24.81 -14.62
C THR H 106 16.14 -25.54 -15.96
N GLN H 107 15.00 -25.85 -16.58
CA GLN H 107 14.90 -26.57 -17.90
C GLN H 107 15.52 -25.69 -19.00
N ALA H 108 15.17 -24.40 -19.02
CA ALA H 108 15.70 -23.40 -19.98
C ALA H 108 17.22 -23.22 -19.79
N LEU H 109 17.71 -23.28 -18.56
CA LEU H 109 19.16 -23.19 -18.22
C LEU H 109 19.83 -24.52 -18.52
N ALA H 110 19.19 -25.65 -18.22
CA ALA H 110 19.80 -26.96 -18.47
C ALA H 110 20.05 -27.11 -19.97
N GLU H 111 19.11 -26.68 -20.81
CA GLU H 111 19.19 -26.82 -22.28
C GLU H 111 20.20 -25.83 -22.85
N ARG H 112 20.22 -24.61 -22.32
CA ARG H 112 21.14 -23.52 -22.76
C ARG H 112 22.59 -23.94 -22.47
N VAL H 113 22.84 -24.61 -21.35
CA VAL H 113 24.19 -25.08 -20.94
C VAL H 113 24.52 -26.36 -21.70
N SER H 114 23.61 -27.32 -21.76
CA SER H 114 23.79 -28.60 -22.48
C SER H 114 24.15 -28.31 -23.93
N ASN H 115 23.66 -27.20 -24.47
CA ASN H 115 24.00 -26.71 -25.84
C ASN H 115 25.45 -26.22 -25.87
N TYR H 116 25.87 -25.33 -24.97
CA TYR H 116 27.26 -24.79 -24.97
C TYR H 116 28.26 -25.91 -24.74
N LEU H 117 27.95 -26.84 -23.83
CA LEU H 117 28.87 -27.98 -23.55
C LEU H 117 28.98 -28.85 -24.80
N GLY H 118 27.89 -28.99 -25.56
CA GLY H 118 27.90 -29.72 -26.83
C GLY H 118 28.84 -29.07 -27.85
N SER H 119 28.68 -27.77 -28.06
CA SER H 119 29.54 -26.94 -28.95
C SER H 119 31.00 -27.06 -28.48
N TYR H 120 31.24 -26.79 -27.20
CA TYR H 120 32.59 -26.90 -26.55
C TYR H 120 33.16 -28.29 -26.85
N GLN H 121 32.43 -29.33 -26.47
CA GLN H 121 32.89 -30.75 -26.53
C GLN H 121 33.34 -31.08 -27.95
N THR H 122 32.63 -30.54 -28.94
CA THR H 122 32.93 -30.75 -30.39
C THR H 122 34.27 -30.10 -30.69
N ASP H 123 34.42 -28.81 -30.37
CA ASP H 123 35.51 -27.96 -30.93
C ASP H 123 36.83 -28.29 -30.24
N ILE H 124 36.82 -28.60 -28.95
CA ILE H 124 38.06 -28.95 -28.20
C ILE H 124 38.49 -30.37 -28.56
N GLY H 125 37.57 -31.17 -29.13
CA GLY H 125 37.82 -32.55 -29.57
C GLY H 125 38.25 -33.43 -28.40
N ALA H 126 37.57 -33.29 -27.26
CA ALA H 126 37.85 -34.02 -26.00
C ALA H 126 36.60 -33.94 -25.10
N GLY H 127 36.65 -34.59 -23.94
CA GLY H 127 35.57 -34.54 -22.95
C GLY H 127 35.52 -33.20 -22.25
N VAL H 128 34.41 -32.92 -21.58
CA VAL H 128 34.19 -31.68 -20.79
C VAL H 128 34.56 -31.99 -19.34
N ASN H 129 35.29 -31.08 -18.68
CA ASN H 129 35.55 -31.12 -17.21
C ASN H 129 34.27 -30.67 -16.50
N VAL H 130 33.93 -31.27 -15.36
CA VAL H 130 32.65 -31.00 -14.68
C VAL H 130 32.65 -29.53 -14.25
N ALA H 131 33.79 -29.06 -13.73
CA ALA H 131 34.11 -27.64 -13.47
C ALA H 131 33.47 -26.75 -14.55
N THR H 132 33.77 -27.07 -15.82
CA THR H 132 33.30 -26.30 -17.00
C THR H 132 31.78 -26.22 -16.97
N ALA H 133 31.13 -27.33 -16.70
CA ALA H 133 29.66 -27.40 -16.66
C ALA H 133 29.16 -26.52 -15.52
N ALA H 134 29.84 -26.55 -14.38
CA ALA H 134 29.38 -25.85 -13.15
C ALA H 134 29.61 -24.35 -13.30
N ASN H 135 30.70 -23.97 -13.96
CA ASN H 135 31.07 -22.54 -14.13
C ASN H 135 30.20 -21.90 -15.21
N LEU H 136 29.82 -22.66 -16.24
CA LEU H 136 28.80 -22.20 -17.21
C LEU H 136 27.47 -21.99 -16.49
N PHE H 137 27.07 -22.97 -15.69
CA PHE H 137 25.78 -22.99 -14.95
C PHE H 137 25.76 -21.90 -13.88
N GLN H 138 26.92 -21.58 -13.27
CA GLN H 138 27.03 -20.45 -12.30
C GLN H 138 26.78 -19.13 -13.02
N LYS H 139 27.45 -18.90 -14.15
CA LYS H 139 27.33 -17.63 -14.92
C LYS H 139 25.87 -17.37 -15.28
N MET H 140 25.15 -18.38 -15.75
CA MET H 140 23.75 -18.21 -16.25
C MET H 140 22.80 -18.07 -15.06
N CYS H 141 23.00 -18.83 -13.98
CA CYS H 141 22.24 -18.68 -12.70
C CYS H 141 22.52 -17.33 -12.04
N TYR H 142 23.72 -16.76 -12.25
CA TYR H 142 24.18 -15.49 -11.64
C TYR H 142 23.65 -14.28 -12.43
N MET H 143 23.89 -14.24 -13.74
CA MET H 143 23.39 -13.17 -14.64
C MET H 143 21.91 -12.88 -14.32
N ASN H 144 21.08 -13.93 -14.25
CA ASN H 144 19.61 -13.77 -14.13
C ASN H 144 19.15 -13.92 -12.68
N ARG H 145 20.03 -13.85 -11.68
CA ARG H 145 19.68 -14.33 -10.32
C ARG H 145 18.39 -13.66 -9.81
N TRP H 146 18.03 -12.46 -10.29
CA TRP H 146 16.80 -11.72 -9.89
C TRP H 146 15.55 -12.26 -10.59
N ASN H 147 15.62 -12.49 -11.91
CA ASN H 147 14.48 -12.95 -12.75
C ASN H 147 14.04 -14.36 -12.33
N ILE H 148 14.99 -15.30 -12.25
CA ILE H 148 14.73 -16.77 -12.10
C ILE H 148 14.64 -17.14 -10.62
N SER H 149 14.22 -18.38 -10.39
CA SER H 149 14.19 -19.09 -9.08
C SER H 149 14.72 -20.52 -9.31
N ALA H 150 16.04 -20.66 -9.37
CA ALA H 150 16.76 -21.89 -9.80
C ALA H 150 17.83 -22.26 -8.78
N GLY H 151 17.76 -23.49 -8.26
CA GLY H 151 18.69 -24.07 -7.27
C GLY H 151 19.27 -25.38 -7.78
N ILE H 152 20.44 -25.31 -8.39
CA ILE H 152 21.02 -26.36 -9.26
C ILE H 152 22.05 -27.16 -8.47
N ILE H 153 22.28 -28.41 -8.87
CA ILE H 153 23.47 -29.21 -8.48
C ILE H 153 24.06 -29.79 -9.76
N VAL H 154 25.20 -29.30 -10.21
CA VAL H 154 25.96 -29.95 -11.30
C VAL H 154 26.86 -30.99 -10.69
N ALA H 155 26.62 -32.25 -11.00
CA ALA H 155 27.53 -33.35 -10.62
C ALA H 155 28.01 -34.03 -11.89
N GLY H 156 29.03 -34.86 -11.79
CA GLY H 156 29.51 -35.56 -12.98
C GLY H 156 30.84 -36.22 -12.77
N TYR H 157 31.34 -36.80 -13.85
CA TYR H 157 32.68 -37.42 -13.93
C TYR H 157 33.36 -36.89 -15.17
N ASP H 158 34.60 -36.46 -15.00
CA ASP H 158 35.60 -36.26 -16.07
C ASP H 158 36.80 -37.12 -15.69
N PRO H 159 37.63 -37.58 -16.65
CA PRO H 159 38.81 -38.39 -16.30
C PRO H 159 39.90 -37.68 -15.47
N ILE H 160 39.96 -36.35 -15.47
CA ILE H 160 41.05 -35.54 -14.83
C ILE H 160 40.84 -35.55 -13.30
N ASN H 161 39.68 -35.09 -12.84
CA ASN H 161 39.34 -34.86 -11.40
C ASN H 161 38.50 -36.00 -10.80
N GLY H 162 37.88 -36.83 -11.64
CA GLY H 162 36.92 -37.86 -11.20
C GLY H 162 35.60 -37.24 -10.78
N GLY H 163 35.04 -37.73 -9.68
CA GLY H 163 33.65 -37.44 -9.28
C GLY H 163 33.51 -36.08 -8.61
N SER H 164 33.01 -35.09 -9.35
CA SER H 164 32.88 -33.69 -8.89
C SER H 164 31.40 -33.33 -8.71
N VAL H 165 31.09 -32.58 -7.66
CA VAL H 165 29.73 -32.12 -7.29
C VAL H 165 29.78 -30.64 -6.99
N TYR H 166 28.91 -29.84 -7.60
CA TYR H 166 28.88 -28.39 -7.37
C TYR H 166 27.46 -28.04 -6.99
N SER H 167 27.25 -27.46 -5.82
CA SER H 167 25.96 -26.82 -5.47
C SER H 167 26.01 -25.42 -6.06
N ILE H 168 25.05 -25.11 -6.93
CA ILE H 168 24.78 -23.72 -7.37
C ILE H 168 23.41 -23.37 -6.82
N PRO H 169 23.32 -22.82 -5.60
CA PRO H 169 22.04 -22.37 -5.07
C PRO H 169 21.65 -21.01 -5.68
N SER H 170 20.44 -20.56 -5.31
CA SER H 170 19.72 -19.35 -5.82
C SER H 170 20.68 -18.25 -6.27
N GLY H 171 21.47 -17.72 -5.33
CA GLY H 171 22.32 -16.53 -5.52
C GLY H 171 23.23 -16.61 -6.74
N GLY H 172 23.64 -17.83 -7.13
CA GLY H 172 24.68 -18.07 -8.15
C GLY H 172 26.05 -18.16 -7.51
N SER H 173 26.12 -18.54 -6.24
CA SER H 173 27.32 -19.13 -5.61
C SER H 173 27.64 -20.43 -6.35
N CYS H 174 28.79 -21.06 -6.10
CA CYS H 174 29.21 -22.29 -6.81
C CYS H 174 30.29 -22.98 -6.00
N VAL H 175 29.90 -24.04 -5.32
CA VAL H 175 30.62 -24.56 -4.12
C VAL H 175 30.90 -26.04 -4.35
N LYS H 176 32.13 -26.36 -4.74
CA LYS H 176 32.59 -27.75 -4.97
C LYS H 176 32.55 -28.44 -3.61
N LEU H 177 31.90 -29.59 -3.55
CA LEU H 177 31.62 -30.27 -2.27
C LEU H 177 31.77 -31.78 -2.42
N ASP H 178 31.73 -32.47 -1.28
CA ASP H 178 31.65 -33.95 -1.19
C ASP H 178 30.21 -34.38 -1.53
N TYR H 179 29.23 -33.54 -1.23
CA TYR H 179 27.79 -33.87 -1.39
C TYR H 179 26.95 -32.61 -1.25
N ALA H 180 25.94 -32.44 -2.08
CA ALA H 180 25.11 -31.23 -2.06
C ALA H 180 23.66 -31.66 -1.88
N LEU H 181 22.88 -30.84 -1.18
CA LEU H 181 21.41 -30.98 -1.03
C LEU H 181 20.73 -29.74 -1.60
N GLY H 182 19.68 -29.92 -2.41
CA GLY H 182 18.92 -28.80 -2.97
C GLY H 182 17.44 -28.98 -2.72
N GLY H 183 16.67 -27.92 -2.96
CA GLY H 183 15.20 -27.96 -2.99
C GLY H 183 14.59 -28.00 -1.60
N SER H 184 13.29 -27.65 -1.52
CA SER H 184 12.45 -27.66 -0.29
C SER H 184 12.89 -28.78 0.68
N GLY H 185 12.90 -30.02 0.20
CA GLY H 185 13.16 -31.23 1.02
C GLY H 185 14.63 -31.46 1.32
N SER H 186 15.53 -30.57 0.91
CA SER H 186 16.92 -30.57 1.40
C SER H 186 16.92 -30.48 2.92
N ILE H 187 16.22 -29.47 3.44
CA ILE H 187 16.32 -28.97 4.84
C ILE H 187 16.22 -30.13 5.84
N PHE H 188 15.47 -31.19 5.50
CA PHE H 188 15.27 -32.40 6.33
C PHE H 188 16.55 -33.21 6.36
N LEU H 189 17.17 -33.39 5.19
CA LEU H 189 18.36 -34.25 5.03
C LEU H 189 19.56 -33.74 5.82
N TYR H 190 19.76 -32.42 5.97
CA TYR H 190 21.04 -31.86 6.48
C TYR H 190 21.45 -32.62 7.75
N SER H 191 20.51 -32.75 8.70
CA SER H 191 20.68 -33.50 9.99
C SER H 191 20.93 -34.99 9.71
N PHE H 192 20.11 -35.57 8.84
CA PHE H 192 20.20 -36.97 8.39
C PHE H 192 21.58 -37.29 7.80
N PHE H 193 22.24 -36.34 7.14
CA PHE H 193 23.59 -36.52 6.53
C PHE H 193 24.63 -36.48 7.64
N ASP H 194 24.66 -35.36 8.36
CA ASP H 194 25.47 -35.10 9.57
C ASP H 194 25.54 -36.36 10.45
N ALA H 195 24.46 -37.12 10.56
CA ALA H 195 24.36 -38.33 11.41
C ALA H 195 24.87 -39.57 10.66
N ASN H 196 24.24 -39.93 9.54
CA ASN H 196 24.31 -41.28 8.92
C ASN H 196 25.27 -41.31 7.73
N TYR H 197 25.55 -40.16 7.09
CA TYR H 197 26.55 -40.11 5.99
C TYR H 197 27.95 -40.35 6.56
N LYS H 198 28.75 -41.09 5.80
CA LYS H 198 30.07 -41.59 6.21
C LYS H 198 30.92 -41.70 4.95
N PRO H 199 31.68 -40.66 4.54
CA PRO H 199 32.34 -40.64 3.23
C PRO H 199 33.37 -41.77 3.07
N GLY H 200 33.63 -42.12 1.82
CA GLY H 200 34.36 -43.35 1.44
C GLY H 200 33.41 -44.53 1.37
N MET H 201 32.22 -44.31 0.81
CA MET H 201 31.23 -45.38 0.49
C MET H 201 31.57 -45.98 -0.88
N SER H 202 31.23 -47.26 -1.09
CA SER H 202 31.19 -47.96 -2.39
C SER H 202 30.09 -47.36 -3.27
N LYS H 203 30.21 -47.51 -4.60
CA LYS H 203 29.16 -47.06 -5.56
C LYS H 203 27.79 -47.60 -5.12
N SER H 204 27.70 -48.89 -4.79
CA SER H 204 26.45 -49.61 -4.39
C SER H 204 25.77 -48.92 -3.20
N GLU H 205 26.54 -48.65 -2.14
CA GLU H 205 26.06 -48.09 -0.84
C GLU H 205 25.57 -46.66 -1.04
N CYS H 206 26.36 -45.84 -1.74
CA CYS H 206 26.08 -44.41 -2.08
C CYS H 206 24.74 -44.26 -2.80
N VAL H 207 24.38 -45.23 -3.63
CA VAL H 207 23.07 -45.27 -4.34
C VAL H 207 21.99 -45.64 -3.32
N ALA H 208 22.17 -46.77 -2.63
CA ALA H 208 21.25 -47.31 -1.59
C ALA H 208 21.03 -46.26 -0.49
N PHE H 209 22.06 -45.47 -0.21
CA PHE H 209 22.04 -44.35 0.78
C PHE H 209 21.16 -43.21 0.25
N CYS H 210 21.58 -42.60 -0.86
CA CYS H 210 20.89 -41.48 -1.55
C CYS H 210 19.40 -41.79 -1.67
N GLN H 211 19.03 -42.99 -2.14
CA GLN H 211 17.62 -43.44 -2.15
C GLN H 211 17.04 -43.28 -0.75
N ARG H 212 17.67 -43.89 0.26
CA ARG H 212 17.22 -43.84 1.68
C ARG H 212 17.02 -42.38 2.08
N ALA H 213 18.00 -41.53 1.77
CA ALA H 213 17.97 -40.07 2.04
C ALA H 213 16.78 -39.44 1.33
N VAL H 214 16.76 -39.42 0.00
CA VAL H 214 15.67 -38.79 -0.79
C VAL H 214 14.32 -39.23 -0.20
N ALA H 215 14.20 -40.47 0.24
CA ALA H 215 12.96 -40.99 0.85
C ALA H 215 12.69 -40.26 2.16
N HIS H 216 13.64 -40.23 3.09
CA HIS H 216 13.47 -39.59 4.42
C HIS H 216 12.94 -38.17 4.28
N ALA H 217 13.40 -37.49 3.23
CA ALA H 217 13.04 -36.10 2.87
C ALA H 217 11.62 -36.02 2.33
N TYR H 218 11.33 -36.81 1.28
CA TYR H 218 10.04 -36.76 0.55
C TYR H 218 8.91 -37.33 1.45
N SER H 219 9.26 -38.02 2.54
CA SER H 219 8.31 -38.60 3.53
C SER H 219 7.82 -37.53 4.50
N ARG H 220 8.63 -36.49 4.72
CA ARG H 220 8.33 -35.34 5.62
C ARG H 220 7.90 -34.10 4.82
N ASP H 221 8.59 -33.78 3.72
CA ASP H 221 8.22 -32.67 2.82
C ASP H 221 6.94 -33.03 2.06
N GLY H 222 6.02 -32.08 1.97
CA GLY H 222 4.85 -32.14 1.08
C GLY H 222 5.28 -31.96 -0.36
N SER H 223 6.01 -30.87 -0.66
CA SER H 223 6.47 -30.47 -2.02
C SER H 223 7.13 -31.65 -2.74
N SER H 224 7.94 -32.43 -2.02
CA SER H 224 8.68 -33.61 -2.53
C SER H 224 7.84 -34.88 -2.36
N GLY H 225 8.07 -35.87 -3.24
CA GLY H 225 7.38 -37.18 -3.25
C GLY H 225 7.44 -37.89 -4.59
N GLY H 226 6.96 -39.13 -4.65
CA GLY H 226 6.88 -39.96 -5.87
C GLY H 226 8.01 -40.96 -6.00
N LEU H 227 8.66 -40.97 -7.17
CA LEU H 227 9.77 -41.88 -7.54
C LEU H 227 11.09 -41.30 -7.04
N ILE H 228 12.05 -42.15 -6.75
CA ILE H 228 13.43 -41.71 -6.39
C ILE H 228 14.34 -42.11 -7.53
N ARG H 229 14.45 -41.24 -8.53
CA ARG H 229 15.43 -41.38 -9.64
C ARG H 229 16.82 -41.14 -9.07
N THR H 230 17.75 -42.08 -9.26
CA THR H 230 19.21 -41.86 -9.08
C THR H 230 19.88 -41.90 -10.45
N ILE H 231 21.18 -41.64 -10.46
CA ILE H 231 22.08 -41.89 -11.62
C ILE H 231 23.52 -41.86 -11.10
N THR H 232 24.30 -42.90 -11.41
CA THR H 232 25.73 -43.00 -11.04
C THR H 232 26.57 -42.66 -12.27
N LEU H 233 27.43 -41.67 -12.14
CA LEU H 233 28.32 -41.21 -13.23
C LEU H 233 29.75 -41.51 -12.80
N ASP H 234 30.41 -42.45 -13.48
CA ASP H 234 31.83 -42.81 -13.21
C ASP H 234 32.47 -43.21 -14.55
N ALA H 235 33.62 -43.89 -14.50
CA ALA H 235 34.35 -44.37 -15.70
C ALA H 235 33.46 -45.23 -16.60
N ASP H 236 32.55 -46.01 -15.99
CA ASP H 236 31.65 -46.99 -16.68
C ASP H 236 30.44 -46.23 -17.25
N GLU H 237 29.52 -46.94 -17.92
CA GLU H 237 28.37 -46.33 -18.63
C GLU H 237 27.30 -45.94 -17.61
N PRO H 238 26.74 -44.70 -17.66
CA PRO H 238 25.75 -44.23 -16.68
C PRO H 238 24.60 -45.19 -16.32
N GLU H 239 24.48 -45.52 -15.03
CA GLU H 239 23.42 -46.39 -14.46
C GLU H 239 22.36 -45.52 -13.79
N ASP H 240 21.28 -45.22 -14.51
CA ASP H 240 20.04 -44.65 -13.92
C ASP H 240 19.20 -45.79 -13.36
N GLN H 241 18.54 -45.58 -12.22
CA GLN H 241 17.47 -46.48 -11.72
C GLN H 241 16.44 -45.63 -11.00
N THR H 242 15.19 -46.08 -11.07
CA THR H 242 13.97 -45.33 -10.69
C THR H 242 13.21 -46.19 -9.68
N ILE H 243 13.47 -45.97 -8.39
CA ILE H 243 12.75 -46.64 -7.27
C ILE H 243 11.34 -46.08 -7.21
N PRO H 244 10.30 -46.89 -7.53
CA PRO H 244 8.92 -46.46 -7.37
C PRO H 244 8.56 -46.36 -5.88
N TRP H 245 7.65 -45.45 -5.53
CA TRP H 245 7.23 -45.22 -4.13
C TRP H 245 6.86 -46.54 -3.45
N ASN H 246 6.08 -47.41 -4.11
CA ASN H 246 5.52 -48.65 -3.49
C ASN H 246 6.65 -49.51 -2.88
N ARG H 247 7.88 -49.38 -3.39
CA ARG H 247 9.08 -50.14 -2.93
C ARG H 247 10.19 -49.19 -2.45
N SER H 248 9.85 -48.06 -1.84
CA SER H 248 10.84 -47.07 -1.36
C SER H 248 11.51 -47.58 -0.09
N PRO H 249 12.74 -47.17 0.20
CA PRO H 249 13.51 -47.76 1.30
C PRO H 249 12.91 -47.36 2.65
N TYR H 250 12.39 -46.14 2.75
CA TYR H 250 11.70 -45.60 3.96
C TYR H 250 10.40 -44.88 3.56
N CYS H 251 9.35 -45.07 4.35
CA CYS H 251 8.12 -44.23 4.36
C CYS H 251 7.44 -44.31 5.72
N MET H 252 6.89 -43.18 6.21
CA MET H 252 6.26 -43.03 7.55
C MET H 252 5.09 -44.02 7.69
N GLU H 253 4.41 -44.31 6.59
CA GLU H 253 3.19 -45.16 6.51
C GLU H 253 3.53 -46.59 6.98
N LYS H 254 4.66 -47.13 6.52
CA LYS H 254 5.08 -48.54 6.72
C LYS H 254 6.04 -48.69 7.91
N ASP H 255 6.58 -47.59 8.46
CA ASP H 255 7.50 -47.57 9.63
C ASP H 255 6.73 -47.95 10.90
N PRO H 256 7.15 -48.98 11.69
CA PRO H 256 6.40 -49.39 12.89
C PRO H 256 6.32 -48.38 14.04
N LYS H 257 7.17 -47.33 14.04
CA LYS H 257 7.12 -46.17 14.96
C LYS H 257 5.73 -45.55 15.00
N TYR H 258 5.11 -45.38 13.83
CA TYR H 258 3.90 -44.56 13.61
C TYR H 258 2.65 -45.42 13.37
N VAL H 259 2.73 -46.73 13.59
CA VAL H 259 1.55 -47.63 13.49
C VAL H 259 0.53 -47.21 14.55
N THR H 260 0.88 -47.37 15.84
CA THR H 260 0.05 -46.99 17.02
C THR H 260 -0.35 -45.53 16.90
N GLN H 261 -1.66 -45.27 16.79
CA GLN H 261 -2.21 -43.91 16.57
C GLN H 261 -2.06 -43.08 17.84
N ALA H 262 -1.89 -41.76 17.67
CA ALA H 262 -2.01 -40.74 18.73
C ALA H 262 -3.36 -40.91 19.43
N THR H 263 -3.41 -40.71 20.75
CA THR H 263 -4.61 -40.94 21.59
C THR H 263 -5.37 -39.63 21.75
N GLN H 264 -5.93 -39.13 20.64
CA GLN H 264 -6.63 -37.83 20.56
C GLN H 264 -8.10 -38.01 20.94
N ASN H 265 -8.83 -38.89 20.26
CA ASN H 265 -10.31 -38.92 20.31
C ASN H 265 -10.77 -39.26 21.72
N GLN H 266 -10.53 -40.49 22.18
CA GLN H 266 -10.57 -40.91 23.61
C GLN H 266 -11.99 -40.90 24.15
N PRO H 267 -12.49 -42.03 24.67
CA PRO H 267 -13.91 -42.14 24.95
C PRO H 267 -14.28 -41.28 26.16
N PHE H 268 -15.57 -41.09 26.39
CA PHE H 268 -16.16 -40.53 27.63
C PHE H 268 -16.01 -41.60 28.72
N SER H 269 -15.12 -41.34 29.68
CA SER H 269 -14.73 -42.30 30.74
C SER H 269 -14.92 -41.67 32.12
N SER H 270 -14.85 -42.49 33.15
CA SER H 270 -15.04 -42.11 34.56
C SER H 270 -13.68 -42.08 35.25
N SER H 271 -12.61 -41.90 34.47
CA SER H 271 -11.22 -42.14 34.88
C SER H 271 -10.27 -41.36 33.98
N ALA H 272 -9.33 -40.61 34.59
CA ALA H 272 -8.27 -39.86 33.89
C ALA H 272 -7.35 -40.81 33.11
N LYS H 273 -7.41 -42.12 33.39
CA LYS H 273 -6.59 -43.14 32.72
C LYS H 273 -6.88 -43.16 31.22
N ILE H 274 -5.96 -42.61 30.42
CA ILE H 274 -5.97 -42.66 28.92
C ILE H 274 -5.82 -44.12 28.51
N THR H 275 -6.74 -44.62 27.68
CA THR H 275 -6.78 -46.00 27.12
C THR H 275 -6.28 -45.91 25.67
N GLY H 276 -7.21 -45.91 24.71
CA GLY H 276 -6.93 -45.66 23.29
C GLY H 276 -7.96 -44.71 22.72
N ASN H 277 -8.05 -44.61 21.40
CA ASN H 277 -9.11 -43.81 20.71
C ASN H 277 -10.44 -44.56 20.81
N ARG H 278 -11.55 -43.83 20.69
CA ARG H 278 -12.90 -44.38 20.51
C ARG H 278 -13.05 -44.78 19.03
N MET H 279 -13.31 -46.06 18.74
CA MET H 279 -13.34 -46.56 17.33
C MET H 279 -14.70 -47.15 16.96
N SER H 280 -15.59 -47.41 17.93
CA SER H 280 -16.98 -47.85 17.70
C SER H 280 -17.93 -46.94 18.48
N SER H 281 -19.10 -46.63 17.91
CA SER H 281 -20.17 -45.84 18.58
C SER H 281 -20.78 -46.66 19.72
N THR H 282 -20.85 -47.98 19.54
CA THR H 282 -21.29 -48.97 20.56
C THR H 282 -20.36 -48.94 21.78
N GLY H 283 -19.07 -48.60 21.62
CA GLY H 283 -18.07 -48.44 22.70
C GLY H 283 -17.54 -47.01 22.81
N THR I 30 -11.93 -24.27 -19.55
CA THR I 30 -11.31 -25.28 -20.44
C THR I 30 -10.88 -26.49 -19.60
N THR I 31 -10.99 -27.70 -20.18
CA THR I 31 -10.27 -28.92 -19.72
C THR I 31 -9.86 -29.64 -20.99
N ILE I 32 -8.58 -29.94 -21.13
CA ILE I 32 -8.08 -30.73 -22.28
C ILE I 32 -7.20 -31.83 -21.72
N VAL I 33 -7.10 -32.91 -22.48
CA VAL I 33 -6.61 -34.21 -21.98
C VAL I 33 -5.84 -34.84 -23.12
N GLY I 34 -4.81 -35.59 -22.77
CA GLY I 34 -4.15 -36.53 -23.69
C GLY I 34 -3.93 -37.84 -22.99
N VAL I 35 -4.00 -38.94 -23.74
CA VAL I 35 -3.43 -40.23 -23.27
C VAL I 35 -2.62 -40.84 -24.41
N VAL I 36 -1.56 -41.54 -24.02
CA VAL I 36 -0.80 -42.44 -24.91
C VAL I 36 -1.48 -43.79 -24.84
N TYR I 37 -1.87 -44.31 -26.00
CA TYR I 37 -2.32 -45.71 -26.21
C TYR I 37 -1.25 -46.39 -27.07
N ARG I 38 -1.38 -47.68 -27.34
CA ARG I 38 -0.29 -48.50 -27.96
C ARG I 38 0.10 -47.92 -29.32
N ASP I 39 -0.87 -47.53 -30.15
CA ASP I 39 -0.63 -47.18 -31.57
C ASP I 39 -0.19 -45.72 -31.68
N GLY I 40 -0.80 -44.83 -30.90
CA GLY I 40 -0.48 -43.39 -30.92
C GLY I 40 -0.98 -42.66 -29.69
N VAL I 41 -1.59 -41.49 -29.91
CA VAL I 41 -2.11 -40.57 -28.87
C VAL I 41 -3.60 -40.33 -29.10
N VAL I 42 -4.32 -40.04 -28.03
CA VAL I 42 -5.71 -39.49 -28.11
C VAL I 42 -5.74 -38.20 -27.31
N LEU I 43 -6.05 -37.09 -27.98
CA LEU I 43 -6.33 -35.81 -27.31
C LEU I 43 -7.82 -35.67 -27.11
N GLY I 44 -8.19 -34.81 -26.16
CA GLY I 44 -9.58 -34.49 -25.83
C GLY I 44 -9.70 -33.04 -25.41
N ALA I 45 -10.87 -32.45 -25.62
CA ALA I 45 -11.16 -31.07 -25.20
C ALA I 45 -12.66 -30.95 -24.96
N ASP I 46 -13.03 -30.10 -24.00
CA ASP I 46 -14.36 -29.45 -23.97
C ASP I 46 -14.48 -28.58 -25.22
N THR I 47 -15.53 -27.76 -25.31
CA THR I 47 -15.78 -26.83 -26.42
C THR I 47 -16.23 -25.43 -25.94
N ARG I 48 -16.62 -25.27 -24.69
CA ARG I 48 -17.22 -24.01 -24.16
C ARG I 48 -16.12 -22.94 -24.06
N ALA I 49 -16.17 -21.93 -24.94
CA ALA I 49 -15.28 -20.74 -24.95
C ALA I 49 -15.98 -19.59 -24.21
N THR I 50 -15.49 -19.22 -23.01
CA THR I 50 -16.13 -18.22 -22.12
C THR I 50 -15.54 -16.81 -22.36
N GLU I 51 -16.36 -15.78 -22.10
CA GLU I 51 -15.94 -14.38 -21.82
C GLU I 51 -16.46 -14.02 -20.41
N GLY I 52 -15.61 -14.15 -19.38
CA GLY I 52 -15.96 -13.87 -17.97
C GLY I 52 -16.83 -14.98 -17.39
N SER I 53 -18.11 -14.70 -17.17
CA SER I 53 -19.15 -15.67 -16.71
C SER I 53 -20.27 -15.78 -17.77
N ILE I 54 -19.87 -15.92 -19.04
CA ILE I 54 -20.75 -16.00 -20.23
C ILE I 54 -20.19 -17.08 -21.15
N VAL I 55 -21.05 -17.77 -21.90
CA VAL I 55 -20.67 -18.75 -22.95
C VAL I 55 -20.78 -18.04 -24.30
N ALA I 56 -19.66 -17.49 -24.79
CA ALA I 56 -19.56 -16.83 -26.11
C ALA I 56 -19.90 -17.84 -27.21
N ASP I 57 -19.25 -19.00 -27.18
CA ASP I 57 -19.42 -20.11 -28.16
C ASP I 57 -19.55 -21.44 -27.39
N LYS I 58 -20.60 -22.22 -27.68
CA LYS I 58 -20.83 -23.56 -27.08
C LYS I 58 -19.91 -24.59 -27.78
N ARG I 59 -19.84 -24.55 -29.11
CA ARG I 59 -18.99 -25.43 -29.96
C ARG I 59 -17.85 -24.62 -30.57
N CYS I 60 -16.77 -24.41 -29.80
CA CYS I 60 -15.45 -23.94 -30.32
C CYS I 60 -14.49 -25.13 -30.26
N ARG I 61 -13.55 -25.20 -31.22
CA ARG I 61 -12.61 -26.35 -31.41
C ARG I 61 -11.27 -25.99 -30.76
N LYS I 62 -10.92 -26.70 -29.69
CA LYS I 62 -9.74 -26.41 -28.85
C LYS I 62 -8.57 -27.29 -29.26
N ILE I 63 -8.77 -28.23 -30.19
CA ILE I 63 -7.73 -29.15 -30.72
C ILE I 63 -7.28 -28.64 -32.09
N HIS I 64 -6.21 -27.84 -32.11
CA HIS I 64 -5.67 -27.21 -33.35
C HIS I 64 -4.72 -28.17 -34.04
N TYR I 65 -4.66 -28.07 -35.37
CA TYR I 65 -3.64 -28.69 -36.24
C TYR I 65 -2.32 -27.93 -36.04
N MET I 66 -1.29 -28.64 -35.59
CA MET I 66 0.14 -28.22 -35.59
C MET I 66 0.79 -28.75 -36.87
N ALA I 67 0.65 -30.06 -37.11
CA ALA I 67 1.21 -30.76 -38.29
C ALA I 67 0.33 -31.98 -38.61
N PRO I 68 0.58 -32.70 -39.74
CA PRO I 68 -0.17 -33.90 -40.07
C PRO I 68 -0.11 -35.00 -39.01
N ASN I 69 0.99 -35.04 -38.25
CA ASN I 69 1.25 -36.08 -37.22
C ASN I 69 1.28 -35.47 -35.82
N ILE I 70 0.80 -34.24 -35.62
CA ILE I 70 0.91 -33.48 -34.34
C ILE I 70 -0.30 -32.57 -34.18
N MET I 71 -1.15 -32.86 -33.19
CA MET I 71 -2.24 -31.95 -32.78
C MET I 71 -1.81 -31.26 -31.49
N CYS I 72 -2.46 -30.14 -31.15
CA CYS I 72 -2.07 -29.29 -30.01
C CYS I 72 -3.32 -28.62 -29.41
N CYS I 73 -3.89 -29.25 -28.38
CA CYS I 73 -4.95 -28.67 -27.53
C CYS I 73 -4.38 -27.47 -26.77
N GLY I 74 -5.24 -26.48 -26.50
CA GLY I 74 -4.87 -25.24 -25.80
C GLY I 74 -5.92 -24.83 -24.79
N ALA I 75 -5.50 -24.64 -23.54
CA ALA I 75 -6.26 -23.95 -22.46
C ALA I 75 -5.63 -22.57 -22.28
N GLY I 76 -6.01 -21.85 -21.21
CA GLY I 76 -5.50 -20.49 -20.98
C GLY I 76 -6.05 -19.51 -22.02
N THR I 77 -5.48 -18.31 -22.05
CA THR I 77 -5.93 -17.15 -22.87
C THR I 77 -6.10 -17.62 -24.31
N SER I 78 -7.33 -17.62 -24.82
CA SER I 78 -7.70 -18.25 -26.11
C SER I 78 -6.91 -17.61 -27.26
N ALA I 79 -6.66 -16.30 -27.17
CA ALA I 79 -5.83 -15.53 -28.12
C ALA I 79 -4.44 -16.16 -28.19
N ASP I 80 -3.77 -16.25 -27.03
CA ASP I 80 -2.37 -16.70 -26.88
C ASP I 80 -2.25 -18.14 -27.35
N THR I 81 -3.18 -18.99 -26.94
CA THR I 81 -3.22 -20.42 -27.34
C THR I 81 -3.27 -20.46 -28.87
N GLU I 82 -4.14 -19.67 -29.49
CA GLU I 82 -4.36 -19.67 -30.96
C GLU I 82 -3.10 -19.14 -31.67
N ALA I 83 -2.55 -18.01 -31.22
CA ALA I 83 -1.42 -17.30 -31.88
C ALA I 83 -0.14 -18.15 -31.80
N VAL I 84 0.22 -18.61 -30.60
CA VAL I 84 1.42 -19.49 -30.37
C VAL I 84 1.29 -20.71 -31.27
N THR I 85 0.24 -21.48 -31.07
CA THR I 85 -0.12 -22.68 -31.88
C THR I 85 0.11 -22.39 -33.38
N ASN I 86 -0.49 -21.35 -33.94
CA ASN I 86 -0.41 -21.03 -35.40
C ASN I 86 1.03 -20.73 -35.78
N MET I 87 1.68 -19.81 -35.05
CA MET I 87 3.09 -19.39 -35.29
C MET I 87 3.95 -20.63 -35.46
N VAL I 88 3.74 -21.65 -34.61
CA VAL I 88 4.58 -22.87 -34.60
C VAL I 88 4.12 -23.79 -35.74
N SER I 89 2.83 -24.10 -35.83
CA SER I 89 2.26 -24.92 -36.94
C SER I 89 2.83 -24.43 -38.28
N SER I 90 2.89 -23.09 -38.44
CA SER I 90 3.53 -22.39 -39.58
C SER I 90 5.01 -22.75 -39.62
N HIS I 91 5.78 -22.31 -38.64
CA HIS I 91 7.24 -22.58 -38.56
C HIS I 91 7.51 -24.04 -38.95
N LEU I 92 6.73 -24.97 -38.40
CA LEU I 92 6.90 -26.43 -38.64
C LEU I 92 6.69 -26.74 -40.12
N ALA I 93 5.64 -26.19 -40.73
CA ALA I 93 5.22 -26.44 -42.13
C ALA I 93 6.31 -25.96 -43.08
N LEU I 94 6.91 -24.82 -42.77
CA LEU I 94 8.03 -24.17 -43.51
C LEU I 94 9.29 -25.03 -43.39
N HIS I 95 9.52 -25.59 -42.21
CA HIS I 95 10.67 -26.45 -41.86
C HIS I 95 10.47 -27.83 -42.50
N ARG I 96 9.21 -28.23 -42.70
CA ARG I 96 8.80 -29.54 -43.27
C ARG I 96 9.03 -29.54 -44.79
N LEU I 97 9.22 -28.36 -45.40
CA LEU I 97 9.65 -28.23 -46.82
C LEU I 97 11.17 -28.35 -46.85
N GLU I 98 11.85 -27.48 -46.10
CA GLU I 98 13.33 -27.41 -45.99
C GLU I 98 13.90 -28.84 -45.87
N THR I 99 13.36 -29.65 -44.94
CA THR I 99 13.87 -31.01 -44.62
C THR I 99 13.39 -32.00 -45.69
N GLY I 100 12.09 -31.99 -46.00
CA GLY I 100 11.39 -33.04 -46.76
C GLY I 100 11.14 -34.26 -45.88
N LYS I 101 10.63 -34.03 -44.67
CA LYS I 101 10.53 -35.02 -43.56
C LYS I 101 9.31 -34.66 -42.72
N GLN I 102 8.63 -35.64 -42.11
CA GLN I 102 7.49 -35.33 -41.20
C GLN I 102 8.07 -34.58 -40.00
N SER I 103 7.37 -33.54 -39.53
CA SER I 103 7.78 -32.75 -38.34
C SER I 103 7.76 -33.67 -37.11
N ARG I 104 8.84 -33.67 -36.34
CA ARG I 104 8.98 -34.42 -35.06
C ARG I 104 8.26 -33.66 -33.94
N VAL I 105 7.72 -34.37 -32.97
CA VAL I 105 6.92 -33.73 -31.90
C VAL I 105 7.87 -32.95 -31.01
N LEU I 106 9.04 -33.52 -30.72
CA LEU I 106 10.12 -32.83 -29.95
C LEU I 106 10.38 -31.43 -30.56
N GLU I 107 10.46 -31.29 -31.90
CA GLU I 107 10.69 -29.98 -32.57
C GLU I 107 9.58 -29.01 -32.18
N ALA I 108 8.32 -29.41 -32.38
CA ALA I 108 7.13 -28.58 -32.08
C ALA I 108 7.19 -28.17 -30.61
N LEU I 109 7.47 -29.13 -29.73
CA LEU I 109 7.55 -28.91 -28.26
C LEU I 109 8.53 -27.78 -27.96
N THR I 110 9.74 -27.93 -28.49
CA THR I 110 10.91 -27.06 -28.24
C THR I 110 10.60 -25.65 -28.76
N LEU I 111 9.82 -25.53 -29.83
CA LEU I 111 9.41 -24.21 -30.38
C LEU I 111 8.39 -23.56 -29.44
N LEU I 112 7.45 -24.34 -28.90
CA LEU I 112 6.43 -23.80 -27.96
C LEU I 112 7.13 -23.39 -26.67
N LYS I 113 8.00 -24.25 -26.12
CA LYS I 113 8.88 -23.95 -24.94
C LYS I 113 9.57 -22.60 -25.14
N ARG I 114 10.52 -22.53 -26.09
CA ARG I 114 11.44 -21.38 -26.26
C ARG I 114 10.60 -20.11 -26.45
N HIS I 115 9.49 -20.20 -27.20
CA HIS I 115 8.57 -19.06 -27.41
C HIS I 115 7.92 -18.67 -26.08
N LEU I 116 7.26 -19.60 -25.39
CA LEU I 116 6.55 -19.32 -24.11
C LEU I 116 7.51 -18.88 -23.02
N TYR I 117 8.75 -19.37 -23.01
CA TYR I 117 9.76 -18.99 -22.00
C TYR I 117 10.19 -17.54 -22.20
N ARG I 118 10.39 -17.14 -23.46
CA ARG I 118 10.83 -15.76 -23.80
C ARG I 118 9.84 -14.72 -23.24
N TYR I 119 8.57 -15.08 -23.05
CA TYR I 119 7.52 -14.14 -22.57
C TYR I 119 7.17 -14.37 -21.09
N GLN I 120 8.01 -15.08 -20.34
CA GLN I 120 7.92 -15.19 -18.86
C GLN I 120 6.50 -15.58 -18.42
N GLY I 121 5.74 -16.25 -19.30
CA GLY I 121 4.37 -16.71 -19.03
C GLY I 121 3.31 -15.63 -19.17
N HIS I 122 3.68 -14.43 -19.61
CA HIS I 122 2.70 -13.37 -19.99
C HIS I 122 1.82 -13.92 -21.11
N VAL I 123 2.45 -14.57 -22.11
CA VAL I 123 1.75 -15.41 -23.14
C VAL I 123 1.21 -16.63 -22.40
N SER I 124 -0.04 -16.58 -21.97
CA SER I 124 -0.64 -17.49 -20.96
C SER I 124 -1.28 -18.70 -21.65
N ALA I 125 -0.53 -19.35 -22.56
CA ALA I 125 -0.99 -20.51 -23.34
C ALA I 125 -0.57 -21.81 -22.64
N ALA I 126 -1.54 -22.60 -22.18
CA ALA I 126 -1.33 -23.89 -21.48
C ALA I 126 -1.68 -25.03 -22.42
N LEU I 127 -0.68 -25.58 -23.10
CA LEU I 127 -0.86 -26.48 -24.28
C LEU I 127 -0.66 -27.92 -23.87
N VAL I 128 -1.42 -28.83 -24.48
CA VAL I 128 -1.13 -30.28 -24.51
C VAL I 128 -0.75 -30.61 -25.94
N LEU I 129 0.48 -30.99 -26.18
CA LEU I 129 0.99 -31.23 -27.55
C LEU I 129 1.17 -32.72 -27.76
N GLY I 130 0.25 -33.32 -28.50
CA GLY I 130 0.28 -34.74 -28.85
C GLY I 130 0.71 -34.92 -30.29
N GLY I 131 1.33 -36.05 -30.57
CA GLY I 131 1.63 -36.43 -31.95
C GLY I 131 2.31 -37.77 -32.01
N VAL I 132 2.68 -38.19 -33.21
CA VAL I 132 3.42 -39.45 -33.44
C VAL I 132 4.40 -39.25 -34.59
N ASP I 133 5.68 -39.23 -34.23
CA ASP I 133 6.82 -39.23 -35.16
C ASP I 133 7.32 -40.68 -35.26
N VAL I 134 8.36 -40.86 -36.07
CA VAL I 134 9.20 -42.08 -36.24
C VAL I 134 9.55 -42.73 -34.89
N GLU I 135 9.90 -41.94 -33.87
CA GLU I 135 10.30 -42.42 -32.51
C GLU I 135 9.13 -43.10 -31.80
N GLY I 136 7.89 -42.68 -32.10
CA GLY I 136 6.66 -43.29 -31.53
C GLY I 136 5.79 -42.24 -30.86
N PRO I 137 4.75 -42.67 -30.12
CA PRO I 137 3.78 -41.75 -29.53
C PRO I 137 4.48 -40.77 -28.59
N PHE I 138 4.17 -39.48 -28.75
CA PHE I 138 4.74 -38.39 -27.91
C PHE I 138 3.60 -37.51 -27.45
N LEU I 139 3.57 -37.25 -26.15
CA LEU I 139 2.51 -36.44 -25.52
C LEU I 139 3.13 -35.60 -24.42
N ALA I 140 3.17 -34.29 -24.59
CA ALA I 140 3.72 -33.35 -23.59
C ALA I 140 2.65 -32.37 -23.14
N THR I 141 2.90 -31.73 -22.02
CA THR I 141 2.25 -30.46 -21.63
C THR I 141 3.30 -29.38 -21.75
N ILE I 142 2.89 -28.20 -22.21
CA ILE I 142 3.72 -26.97 -22.07
C ILE I 142 2.89 -26.05 -21.20
N ALA I 143 3.31 -25.85 -19.95
CA ALA I 143 2.70 -24.89 -19.02
C ALA I 143 3.16 -23.50 -19.44
N PRO I 144 2.37 -22.45 -19.15
CA PRO I 144 2.56 -21.13 -19.76
C PRO I 144 3.98 -20.56 -19.65
N HIS I 145 4.69 -20.89 -18.56
CA HIS I 145 6.05 -20.38 -18.23
C HIS I 145 7.11 -20.98 -19.14
N GLY I 146 6.86 -22.16 -19.73
CA GLY I 146 7.79 -22.87 -20.63
C GLY I 146 8.26 -24.20 -20.07
N SER I 147 7.76 -24.58 -18.89
CA SER I 147 7.86 -25.95 -18.31
C SER I 147 7.40 -26.97 -19.35
N THR I 148 8.08 -28.12 -19.47
CA THR I 148 7.62 -29.30 -20.28
C THR I 148 7.68 -30.61 -19.49
N ASP I 149 6.58 -31.35 -19.56
CA ASP I 149 6.39 -32.67 -18.91
C ASP I 149 5.98 -33.66 -20.00
N ARG I 150 6.93 -34.38 -20.59
CA ARG I 150 6.60 -35.50 -21.51
C ARG I 150 6.15 -36.67 -20.66
N LEU I 151 4.92 -37.15 -20.85
CA LEU I 151 4.25 -38.12 -19.94
C LEU I 151 3.39 -39.07 -20.76
N PRO I 152 2.79 -40.10 -20.13
CA PRO I 152 1.84 -40.98 -20.81
C PRO I 152 0.40 -40.47 -20.82
N PHE I 153 0.00 -39.62 -19.87
CA PHE I 153 -1.36 -39.02 -19.83
C PHE I 153 -1.31 -37.71 -19.07
N VAL I 154 -2.03 -36.73 -19.59
CA VAL I 154 -1.87 -35.32 -19.14
C VAL I 154 -3.21 -34.63 -19.17
N THR I 155 -3.28 -33.49 -18.48
CA THR I 155 -4.45 -32.59 -18.49
C THR I 155 -3.96 -31.15 -18.36
N MET I 156 -4.77 -30.21 -18.79
CA MET I 156 -4.52 -28.76 -18.60
C MET I 156 -5.88 -28.08 -18.50
N GLY I 157 -5.92 -26.90 -17.90
CA GLY I 157 -7.11 -26.01 -17.86
C GLY I 157 -7.89 -26.16 -16.57
N SER I 158 -8.90 -25.31 -16.37
CA SER I 158 -9.78 -25.26 -15.17
C SER I 158 -10.09 -26.68 -14.69
N GLY I 159 -10.65 -27.51 -15.58
CA GLY I 159 -11.18 -28.84 -15.24
C GLY I 159 -10.09 -29.90 -15.14
N SER I 160 -8.82 -29.51 -15.30
CA SER I 160 -7.66 -30.44 -15.38
C SER I 160 -7.72 -31.41 -14.20
N ILE I 161 -7.93 -30.88 -13.01
CA ILE I 161 -7.74 -31.65 -11.75
C ILE I 161 -8.77 -32.77 -11.72
N ALA I 162 -10.02 -32.45 -12.04
CA ALA I 162 -11.15 -33.41 -12.10
C ALA I 162 -10.88 -34.48 -13.15
N ALA I 163 -10.37 -34.07 -14.31
CA ALA I 163 -10.01 -34.98 -15.44
C ALA I 163 -8.90 -35.93 -14.97
N MET I 164 -7.82 -35.36 -14.43
CA MET I 164 -6.60 -36.09 -14.00
C MET I 164 -6.99 -37.12 -12.94
N ALA I 165 -8.07 -36.92 -12.20
CA ALA I 165 -8.64 -37.95 -11.30
C ALA I 165 -9.11 -39.14 -12.14
N GLN I 166 -10.02 -38.92 -13.08
CA GLN I 166 -10.60 -40.01 -13.92
C GLN I 166 -9.45 -40.69 -14.66
N LEU I 167 -8.48 -39.92 -15.16
CA LEU I 167 -7.28 -40.44 -15.88
C LEU I 167 -6.40 -41.30 -14.96
N GLU I 168 -6.09 -40.86 -13.73
CA GLU I 168 -5.24 -41.60 -12.76
C GLU I 168 -5.91 -42.91 -12.34
N ALA I 169 -7.23 -42.92 -12.27
CA ALA I 169 -8.02 -44.08 -11.83
C ALA I 169 -7.96 -45.18 -12.89
N ALA I 170 -8.25 -44.84 -14.15
CA ALA I 170 -8.62 -45.80 -15.21
C ALA I 170 -7.45 -46.10 -16.15
N TYR I 171 -6.51 -45.16 -16.33
CA TYR I 171 -5.40 -45.30 -17.30
C TYR I 171 -4.57 -46.53 -16.95
N LYS I 172 -4.25 -47.32 -17.96
CA LYS I 172 -3.26 -48.43 -17.89
C LYS I 172 -2.50 -48.44 -19.23
N ASP I 173 -1.35 -49.09 -19.26
CA ASP I 173 -0.41 -49.06 -20.40
C ASP I 173 -0.94 -49.98 -21.51
N ASN I 174 -0.65 -49.60 -22.76
CA ASN I 174 -1.03 -50.35 -23.98
C ASN I 174 -2.56 -50.52 -23.99
N MET I 175 -3.29 -49.41 -23.88
CA MET I 175 -4.75 -49.35 -24.16
C MET I 175 -4.95 -49.53 -25.67
N THR I 176 -6.15 -49.96 -26.09
CA THR I 176 -6.62 -49.90 -27.51
C THR I 176 -7.18 -48.51 -27.79
N CYS I 177 -7.23 -48.12 -29.06
CA CYS I 177 -7.78 -46.82 -29.53
C CYS I 177 -9.17 -46.58 -28.93
N GLU I 178 -9.99 -47.64 -28.80
CA GLU I 178 -11.39 -47.59 -28.29
C GLU I 178 -11.41 -47.32 -26.78
N GLU I 179 -10.70 -48.13 -25.99
CA GLU I 179 -10.50 -47.88 -24.53
C GLU I 179 -10.07 -46.43 -24.29
N ALA I 180 -9.08 -45.96 -25.07
CA ALA I 180 -8.32 -44.70 -24.88
C ALA I 180 -9.20 -43.49 -25.20
N LYS I 181 -10.05 -43.56 -26.21
CA LYS I 181 -11.06 -42.51 -26.52
C LYS I 181 -12.08 -42.47 -25.40
N GLU I 182 -12.62 -43.64 -25.02
CA GLU I 182 -13.72 -43.78 -24.02
C GLU I 182 -13.24 -43.26 -22.66
N LEU I 183 -11.97 -43.48 -22.33
CA LEU I 183 -11.29 -42.89 -21.16
C LEU I 183 -11.25 -41.37 -21.33
N VAL I 184 -10.60 -40.87 -22.37
CA VAL I 184 -10.39 -39.41 -22.59
C VAL I 184 -11.75 -38.73 -22.46
N ALA I 185 -12.74 -39.20 -23.21
CA ALA I 185 -14.12 -38.68 -23.15
C ALA I 185 -14.61 -38.62 -21.70
N SER I 186 -14.50 -39.72 -20.94
CA SER I 186 -14.83 -39.80 -19.50
C SER I 186 -14.12 -38.67 -18.75
N ALA I 187 -12.82 -38.50 -18.97
CA ALA I 187 -11.96 -37.52 -18.27
C ALA I 187 -12.40 -36.08 -18.59
N ILE I 188 -12.74 -35.79 -19.84
CA ILE I 188 -13.28 -34.47 -20.22
C ILE I 188 -14.60 -34.30 -19.48
N ARG I 189 -15.49 -35.29 -19.59
CA ARG I 189 -16.86 -35.23 -19.01
C ARG I 189 -16.79 -34.87 -17.51
N LYS I 190 -15.73 -35.26 -16.79
CA LYS I 190 -15.53 -34.82 -15.39
C LYS I 190 -15.37 -33.30 -15.36
N GLY I 191 -14.37 -32.77 -16.07
CA GLY I 191 -14.15 -31.32 -16.20
C GLY I 191 -15.41 -30.60 -16.66
N ILE I 192 -16.11 -31.13 -17.65
CA ILE I 192 -17.35 -30.54 -18.28
C ILE I 192 -18.39 -30.25 -17.19
N PHE I 193 -18.74 -31.26 -16.36
CA PHE I 193 -19.79 -31.20 -15.32
C PHE I 193 -19.25 -30.56 -14.03
N ASN I 194 -18.13 -31.07 -13.52
CA ASN I 194 -17.57 -30.73 -12.19
C ASN I 194 -16.76 -29.43 -12.26
N ASP I 195 -16.64 -28.77 -13.42
CA ASP I 195 -16.09 -27.39 -13.55
C ASP I 195 -17.00 -26.54 -14.44
N PRO I 196 -17.20 -25.24 -14.12
CA PRO I 196 -17.96 -24.32 -14.97
C PRO I 196 -17.37 -23.98 -16.35
N TYR I 197 -16.10 -23.59 -16.41
CA TYR I 197 -15.44 -23.00 -17.61
C TYR I 197 -15.38 -24.03 -18.75
N SER I 198 -15.25 -25.32 -18.42
CA SER I 198 -15.39 -26.46 -19.36
C SER I 198 -16.87 -26.79 -19.51
N GLY I 199 -17.32 -27.12 -20.72
CA GLY I 199 -18.73 -27.42 -20.96
C GLY I 199 -19.03 -27.99 -22.33
N THR I 200 -20.31 -28.32 -22.53
CA THR I 200 -20.96 -28.68 -23.82
C THR I 200 -20.59 -30.11 -24.21
N GLN I 201 -19.62 -30.30 -25.13
CA GLN I 201 -19.35 -31.60 -25.78
C GLN I 201 -17.85 -31.91 -25.70
N VAL I 202 -17.51 -33.19 -25.87
CA VAL I 202 -16.11 -33.69 -25.91
C VAL I 202 -15.70 -33.82 -27.37
N ASP I 203 -14.79 -32.98 -27.83
CA ASP I 203 -13.96 -33.21 -29.05
C ASP I 203 -12.87 -34.19 -28.65
N VAL I 204 -12.61 -35.18 -29.49
CA VAL I 204 -11.52 -36.20 -29.29
C VAL I 204 -10.74 -36.29 -30.58
N CYS I 205 -9.43 -36.41 -30.50
CA CYS I 205 -8.54 -36.51 -31.68
C CYS I 205 -7.56 -37.66 -31.49
N VAL I 206 -7.63 -38.68 -32.35
CA VAL I 206 -6.69 -39.83 -32.37
C VAL I 206 -5.61 -39.55 -33.40
N ILE I 207 -4.39 -39.24 -32.94
CA ILE I 207 -3.16 -39.23 -33.78
C ILE I 207 -2.55 -40.61 -33.69
N THR I 208 -2.57 -41.38 -34.79
CA THR I 208 -1.85 -42.68 -34.90
C THR I 208 -0.66 -42.43 -35.83
N LYS I 209 0.18 -43.45 -36.02
CA LYS I 209 1.44 -43.37 -36.80
C LYS I 209 1.14 -42.88 -38.23
N ASP I 210 -0.01 -43.29 -38.80
CA ASP I 210 -0.38 -43.12 -40.23
C ASP I 210 -1.24 -41.86 -40.45
N LYS I 211 -2.11 -41.48 -39.52
CA LYS I 211 -3.17 -40.47 -39.76
C LYS I 211 -3.62 -39.76 -38.48
N THR I 212 -4.58 -38.84 -38.62
CA THR I 212 -5.12 -37.96 -37.55
C THR I 212 -6.65 -37.84 -37.70
N GLU I 213 -7.41 -38.62 -36.91
CA GLU I 213 -8.91 -38.61 -36.89
C GLU I 213 -9.37 -37.60 -35.84
N LEU I 214 -9.89 -36.44 -36.26
CA LEU I 214 -10.48 -35.43 -35.36
C LEU I 214 -12.01 -35.60 -35.36
N THR I 215 -12.55 -36.32 -34.37
CA THR I 215 -14.01 -36.53 -34.14
C THR I 215 -14.55 -35.36 -33.30
N ILE I 216 -15.29 -34.44 -33.93
CA ILE I 216 -15.99 -33.34 -33.22
C ILE I 216 -17.33 -33.88 -32.72
N GLY I 217 -17.67 -33.59 -31.47
CA GLY I 217 -18.80 -34.20 -30.76
C GLY I 217 -18.72 -35.71 -30.83
N TYR I 218 -17.62 -36.29 -30.32
CA TYR I 218 -17.50 -37.74 -30.03
C TYR I 218 -18.56 -38.15 -29.02
N ASP I 219 -18.81 -37.24 -28.06
CA ASP I 219 -19.79 -37.38 -26.95
C ASP I 219 -20.53 -36.05 -26.83
N LYS I 220 -21.88 -36.06 -26.89
CA LYS I 220 -22.76 -34.91 -26.49
C LYS I 220 -23.53 -35.29 -25.24
N PRO I 221 -22.97 -35.11 -24.01
CA PRO I 221 -23.71 -35.37 -22.77
C PRO I 221 -24.83 -34.34 -22.58
N ASN I 222 -24.51 -33.06 -22.79
CA ASN I 222 -25.42 -31.90 -22.60
C ASN I 222 -26.19 -31.62 -23.90
N GLU I 223 -27.28 -32.36 -24.12
CA GLU I 223 -28.20 -32.18 -25.28
C GLU I 223 -29.13 -31.00 -24.94
N ARG I 224 -30.29 -30.91 -25.61
CA ARG I 224 -31.31 -29.85 -25.36
C ARG I 224 -32.32 -30.37 -24.32
N MET I 225 -32.47 -29.65 -23.20
CA MET I 225 -33.50 -29.87 -22.14
C MET I 225 -34.57 -28.78 -22.30
N TYR I 226 -35.77 -29.15 -22.75
CA TYR I 226 -36.91 -28.24 -23.09
C TYR I 226 -36.71 -27.66 -24.49
N PRO I 227 -37.57 -27.95 -25.50
CA PRO I 227 -37.40 -27.42 -26.85
C PRO I 227 -37.78 -25.93 -26.95
N ARG I 228 -37.10 -25.20 -27.84
CA ARG I 228 -37.15 -23.71 -27.97
C ARG I 228 -38.58 -23.24 -28.27
N GLN I 229 -39.15 -22.40 -27.39
CA GLN I 229 -40.53 -21.83 -27.50
C GLN I 229 -40.50 -20.63 -28.44
N GLU I 230 -40.68 -20.87 -29.74
CA GLU I 230 -40.56 -19.88 -30.84
C GLU I 230 -41.54 -18.73 -30.59
N VAL I 231 -41.02 -17.62 -30.04
CA VAL I 231 -41.70 -16.29 -29.95
C VAL I 231 -41.77 -15.74 -31.39
N LEU I 232 -42.97 -15.35 -31.84
CA LEU I 232 -43.24 -14.94 -33.25
C LEU I 232 -43.40 -13.41 -33.29
N LEU I 233 -42.37 -12.72 -33.82
CA LEU I 233 -42.35 -11.26 -34.06
C LEU I 233 -42.54 -11.01 -35.55
N PRO I 234 -43.77 -10.72 -36.03
CA PRO I 234 -44.05 -10.62 -37.46
C PRO I 234 -43.48 -9.36 -38.12
N PRO I 235 -42.92 -9.43 -39.35
CA PRO I 235 -42.37 -8.25 -40.04
C PRO I 235 -43.19 -6.95 -39.95
N GLY I 236 -42.55 -5.85 -39.50
CA GLY I 236 -43.18 -4.54 -39.22
C GLY I 236 -43.53 -4.35 -37.75
N THR I 237 -43.03 -5.23 -36.87
CA THR I 237 -43.16 -5.12 -35.39
C THR I 237 -42.31 -3.92 -34.92
N THR I 238 -40.98 -4.02 -35.02
CA THR I 238 -40.00 -3.04 -34.48
C THR I 238 -40.08 -1.74 -35.30
N PRO I 239 -40.46 -0.59 -34.67
CA PRO I 239 -40.70 0.66 -35.41
C PRO I 239 -39.41 1.28 -35.96
N VAL I 240 -39.45 1.71 -37.22
CA VAL I 240 -38.27 2.09 -38.05
C VAL I 240 -38.45 3.54 -38.50
N LEU I 241 -37.63 4.47 -38.00
CA LEU I 241 -37.69 5.90 -38.38
C LEU I 241 -37.31 6.04 -39.87
N LYS I 242 -36.16 5.49 -40.27
CA LYS I 242 -35.58 5.63 -41.62
C LYS I 242 -35.08 4.28 -42.14
N GLU I 243 -35.04 4.14 -43.47
CA GLU I 243 -34.62 2.90 -44.19
C GLU I 243 -33.86 3.32 -45.45
N GLU I 244 -32.84 2.55 -45.82
CA GLU I 244 -32.09 2.73 -47.09
C GLU I 244 -31.74 1.35 -47.62
N ILE I 245 -32.35 0.96 -48.74
CA ILE I 245 -32.03 -0.28 -49.50
C ILE I 245 -30.97 0.09 -50.56
N ARG I 246 -30.01 -0.80 -50.79
CA ARG I 246 -28.98 -0.68 -51.86
C ARG I 246 -28.86 -2.04 -52.58
N GLN I 247 -29.15 -2.08 -53.89
CA GLN I 247 -29.12 -3.32 -54.73
C GLN I 247 -27.69 -3.54 -55.26
N LEU I 248 -27.37 -4.77 -55.69
CA LEU I 248 -26.03 -5.19 -56.18
C LEU I 248 -26.19 -5.96 -57.49
N SER J 2 -13.84 0.47 -15.43
CA SER J 2 -13.51 -0.27 -16.68
C SER J 2 -13.21 0.74 -17.80
N ILE J 3 -12.21 0.44 -18.66
CA ILE J 3 -11.79 1.29 -19.81
C ILE J 3 -12.65 0.94 -21.03
N MET J 4 -13.10 -0.32 -21.14
CA MET J 4 -14.01 -0.79 -22.24
C MET J 4 -15.40 -0.13 -22.12
N ALA J 5 -15.94 -0.08 -20.91
CA ALA J 5 -17.29 0.47 -20.59
C ALA J 5 -17.34 2.00 -20.64
N TYR J 6 -16.20 2.68 -20.82
CA TYR J 6 -16.08 4.16 -20.72
C TYR J 6 -16.97 4.79 -21.77
N SER J 7 -16.68 4.53 -23.05
CA SER J 7 -17.32 5.21 -24.20
C SER J 7 -18.69 4.60 -24.48
N GLY J 8 -18.96 3.42 -23.89
CA GLY J 8 -20.23 2.71 -24.04
C GLY J 8 -20.40 2.20 -25.46
N GLY J 9 -21.61 1.76 -25.76
CA GLY J 9 -21.92 1.07 -27.02
C GLY J 9 -22.18 -0.40 -26.79
N SER J 10 -22.92 -1.00 -27.72
CA SER J 10 -23.11 -2.47 -27.86
C SER J 10 -23.23 -2.75 -29.35
N VAL J 11 -22.77 -3.91 -29.79
CA VAL J 11 -22.97 -4.37 -31.19
C VAL J 11 -23.41 -5.81 -31.10
N MET J 12 -24.18 -6.24 -32.10
CA MET J 12 -24.68 -7.62 -32.20
C MET J 12 -24.83 -7.97 -33.68
N ALA J 13 -24.32 -9.13 -34.10
CA ALA J 13 -24.56 -9.71 -35.44
C ALA J 13 -25.40 -10.97 -35.25
N MET J 14 -26.02 -11.45 -36.33
CA MET J 14 -27.01 -12.55 -36.29
C MET J 14 -27.11 -13.20 -37.68
N ALA J 15 -26.93 -14.52 -37.76
CA ALA J 15 -26.92 -15.27 -39.03
C ALA J 15 -28.31 -15.89 -39.26
N GLY J 16 -28.89 -15.64 -40.43
CA GLY J 16 -30.07 -16.37 -40.93
C GLY J 16 -29.68 -17.25 -42.10
N LYS J 17 -30.61 -17.48 -43.03
CA LYS J 17 -30.35 -18.21 -44.30
C LYS J 17 -29.93 -17.18 -45.34
N GLU J 18 -28.69 -17.30 -45.84
CA GLU J 18 -28.14 -16.50 -46.95
C GLU J 18 -28.45 -15.01 -46.67
N CYS J 19 -28.20 -14.60 -45.42
CA CYS J 19 -28.30 -13.20 -44.91
C CYS J 19 -27.75 -13.15 -43.48
N PHE J 20 -27.23 -12.00 -43.07
CA PHE J 20 -26.97 -11.67 -41.64
C PHE J 20 -27.43 -10.24 -41.37
N VAL J 21 -27.85 -10.01 -40.12
CA VAL J 21 -28.19 -8.67 -39.53
C VAL J 21 -27.20 -8.35 -38.43
N ILE J 22 -26.39 -7.32 -38.67
CA ILE J 22 -25.52 -6.67 -37.65
C ILE J 22 -26.20 -5.37 -37.23
N ILE J 23 -26.16 -5.07 -35.95
CA ILE J 23 -26.97 -4.00 -35.34
C ILE J 23 -26.22 -3.43 -34.13
N SER J 24 -25.94 -2.14 -34.16
CA SER J 24 -25.29 -1.39 -33.06
C SER J 24 -26.36 -0.65 -32.29
N ASP J 25 -25.95 -0.02 -31.20
CA ASP J 25 -26.67 1.11 -30.59
C ASP J 25 -26.17 2.41 -31.22
N ASN J 26 -26.68 3.54 -30.74
CA ASN J 26 -26.38 4.90 -31.27
C ASN J 26 -25.64 5.75 -30.23
N ARG J 27 -25.56 5.34 -28.97
CA ARG J 27 -24.99 6.18 -27.89
C ARG J 27 -23.48 6.28 -28.00
N LEU J 28 -22.94 7.45 -27.65
CA LEU J 28 -21.53 7.65 -27.30
C LEU J 28 -21.49 8.40 -25.97
N GLY J 29 -20.79 7.87 -24.98
CA GLY J 29 -20.69 8.51 -23.66
C GLY J 29 -19.27 8.74 -23.24
N GLU J 30 -19.11 9.43 -22.12
CA GLU J 30 -17.97 9.28 -21.18
C GLU J 30 -18.62 8.84 -19.88
N GLN J 31 -18.37 7.60 -19.46
CA GLN J 31 -19.00 7.00 -18.25
C GLN J 31 -20.50 7.16 -18.42
N LEU J 32 -21.17 7.86 -17.48
CA LEU J 32 -22.65 8.01 -17.40
C LEU J 32 -23.12 9.19 -18.25
N LYS J 33 -22.30 10.23 -18.40
CA LYS J 33 -22.68 11.46 -19.16
C LYS J 33 -22.62 11.12 -20.66
N THR J 34 -23.62 11.56 -21.42
CA THR J 34 -23.81 11.28 -22.86
C THR J 34 -23.23 12.45 -23.66
N ILE J 35 -22.52 12.15 -24.76
CA ILE J 35 -22.01 13.17 -25.73
C ILE J 35 -23.00 13.25 -26.88
N SER J 36 -23.17 12.14 -27.59
CA SER J 36 -23.99 12.10 -28.81
C SER J 36 -24.90 10.88 -28.76
N THR J 37 -26.01 10.97 -29.49
CA THR J 37 -27.06 9.94 -29.62
C THR J 37 -27.21 9.54 -31.08
N GLU J 38 -26.24 9.91 -31.92
CA GLU J 38 -26.22 9.65 -33.38
C GLU J 38 -24.82 9.15 -33.72
N VAL J 39 -24.40 8.09 -33.04
CA VAL J 39 -23.07 7.45 -33.20
C VAL J 39 -23.26 5.96 -33.37
N PRO J 40 -23.59 5.51 -34.60
CA PRO J 40 -23.65 4.08 -34.89
C PRO J 40 -22.22 3.57 -35.02
N LYS J 41 -22.01 2.32 -34.64
CA LYS J 41 -20.68 1.73 -34.44
C LYS J 41 -20.32 0.80 -35.60
N LEU J 42 -21.21 0.67 -36.59
CA LEU J 42 -20.98 -0.14 -37.80
C LEU J 42 -20.09 0.63 -38.78
N HIS J 43 -19.19 -0.11 -39.43
CA HIS J 43 -18.44 0.31 -40.63
C HIS J 43 -18.67 -0.75 -41.70
N VAL J 44 -18.55 -0.38 -42.96
CA VAL J 44 -18.75 -1.29 -44.12
C VAL J 44 -17.43 -1.37 -44.86
N VAL J 45 -16.81 -2.55 -44.85
CA VAL J 45 -15.50 -2.82 -45.51
C VAL J 45 -15.73 -2.90 -47.03
N ASN J 46 -16.62 -3.80 -47.42
CA ASN J 46 -17.09 -4.01 -48.82
C ASN J 46 -18.57 -4.38 -48.74
N ASP J 47 -19.16 -4.78 -49.88
CA ASP J 47 -20.60 -5.17 -50.01
C ASP J 47 -20.96 -6.25 -48.97
N SER J 48 -20.06 -7.21 -48.80
CA SER J 48 -20.29 -8.55 -48.19
C SER J 48 -19.69 -8.66 -46.78
N ILE J 49 -19.17 -7.56 -46.21
CA ILE J 49 -18.62 -7.49 -44.81
C ILE J 49 -19.09 -6.19 -44.16
N VAL J 50 -19.67 -6.29 -42.97
CA VAL J 50 -19.92 -5.15 -42.05
C VAL J 50 -19.35 -5.54 -40.70
N TYR J 51 -18.58 -4.66 -40.06
CA TYR J 51 -18.04 -4.92 -38.70
C TYR J 51 -18.38 -3.75 -37.78
N GLY J 52 -18.96 -4.06 -36.61
CA GLY J 52 -19.08 -3.11 -35.49
C GLY J 52 -17.82 -3.16 -34.65
N LEU J 53 -17.43 -2.04 -34.07
CA LEU J 53 -16.37 -1.98 -33.04
C LEU J 53 -17.00 -1.43 -31.77
N THR J 54 -16.68 -2.04 -30.63
CA THR J 54 -17.13 -1.56 -29.32
C THR J 54 -15.93 -1.44 -28.40
N GLY J 55 -16.04 -0.55 -27.42
CA GLY J 55 -14.99 -0.26 -26.43
C GLY J 55 -14.66 1.21 -26.42
N LEU J 56 -13.43 1.53 -26.00
CA LEU J 56 -12.94 2.92 -25.92
C LEU J 56 -13.04 3.53 -27.31
N ARG J 57 -13.78 4.62 -27.41
CA ARG J 57 -14.19 5.25 -28.69
C ARG J 57 -12.93 5.70 -29.44
N THR J 58 -11.98 6.28 -28.73
CA THR J 58 -10.64 6.64 -29.25
C THR J 58 -10.11 5.54 -30.16
N ASP J 59 -10.14 4.31 -29.66
CA ASP J 59 -9.56 3.12 -30.32
C ASP J 59 -10.55 2.59 -31.36
N GLN J 60 -11.85 2.55 -31.07
CA GLN J 60 -12.86 2.29 -32.13
C GLN J 60 -12.44 3.10 -33.35
N GLN J 61 -12.20 4.40 -33.16
CA GLN J 61 -11.94 5.34 -34.27
C GLN J 61 -10.54 5.11 -34.82
N THR J 62 -9.53 4.90 -33.98
CA THR J 62 -8.12 4.65 -34.39
C THR J 62 -8.05 3.32 -35.15
N PHE J 63 -8.46 2.24 -34.52
CA PHE J 63 -8.41 0.86 -35.05
C PHE J 63 -9.30 0.75 -36.29
N ALA J 64 -10.34 1.56 -36.41
CA ALA J 64 -11.20 1.62 -37.62
C ALA J 64 -10.37 2.14 -38.79
N ASN J 65 -9.72 3.31 -38.60
CA ASN J 65 -8.89 4.00 -39.63
C ASN J 65 -7.79 3.05 -40.09
N LYS J 66 -7.26 2.22 -39.19
CA LYS J 66 -6.27 1.17 -39.50
C LYS J 66 -6.92 0.12 -40.41
N VAL J 67 -8.00 -0.50 -39.96
CA VAL J 67 -8.74 -1.56 -40.72
C VAL J 67 -9.07 -1.01 -42.12
N GLN J 68 -9.49 0.24 -42.21
CA GLN J 68 -9.80 0.94 -43.49
C GLN J 68 -8.52 1.06 -44.35
N PHE J 69 -7.38 1.40 -43.76
CA PHE J 69 -6.05 1.48 -44.44
C PHE J 69 -5.62 0.09 -44.91
N ARG J 70 -5.93 -0.98 -44.17
CA ARG J 70 -5.42 -2.35 -44.45
C ARG J 70 -6.31 -3.04 -45.49
N THR J 71 -7.61 -2.74 -45.49
CA THR J 71 -8.62 -3.37 -46.40
C THR J 71 -8.69 -2.60 -47.70
N GLU J 72 -8.13 -1.39 -47.75
CA GLU J 72 -7.92 -0.64 -49.02
C GLU J 72 -6.62 -1.12 -49.64
N MET J 73 -5.55 -1.30 -48.85
CA MET J 73 -4.23 -1.75 -49.35
C MET J 73 -4.37 -3.18 -49.87
N TYR J 74 -5.29 -3.96 -49.30
CA TYR J 74 -5.68 -5.31 -49.78
C TYR J 74 -6.33 -5.17 -51.15
N LYS J 75 -7.32 -4.29 -51.24
CA LYS J 75 -8.20 -4.13 -52.44
C LYS J 75 -7.37 -3.70 -53.66
N LEU J 76 -6.22 -3.03 -53.44
CA LEU J 76 -5.29 -2.59 -54.53
C LEU J 76 -4.33 -3.71 -54.87
N ARG J 77 -3.62 -4.24 -53.86
CA ARG J 77 -2.56 -5.24 -54.09
C ARG J 77 -3.19 -6.53 -54.62
N GLU J 78 -4.19 -7.06 -53.94
CA GLU J 78 -4.81 -8.38 -54.23
C GLU J 78 -5.73 -8.29 -55.44
N GLU J 79 -6.21 -7.08 -55.77
CA GLU J 79 -7.19 -6.84 -56.84
C GLU J 79 -8.42 -7.70 -56.59
N ARG J 80 -9.05 -7.53 -55.43
CA ARG J 80 -10.35 -8.18 -55.08
C ARG J 80 -10.79 -7.76 -53.69
N ASP J 81 -12.09 -7.80 -53.44
CA ASP J 81 -12.67 -7.52 -52.11
C ASP J 81 -12.20 -8.63 -51.17
N ILE J 82 -11.75 -8.25 -49.98
CA ILE J 82 -11.39 -9.18 -48.88
C ILE J 82 -12.64 -9.97 -48.51
N THR J 83 -12.47 -11.25 -48.13
CA THR J 83 -13.56 -12.17 -47.70
C THR J 83 -13.62 -12.21 -46.18
N GLY J 84 -14.82 -12.36 -45.61
CA GLY J 84 -15.05 -12.46 -44.17
C GLY J 84 -13.90 -13.16 -43.48
N LYS J 85 -13.72 -14.46 -43.76
CA LYS J 85 -12.64 -15.33 -43.20
C LYS J 85 -11.37 -14.49 -43.00
N ALA J 86 -10.80 -14.00 -44.11
CA ALA J 86 -9.50 -13.27 -44.15
C ALA J 86 -9.60 -12.08 -43.20
N PHE J 87 -10.57 -11.21 -43.48
CA PHE J 87 -10.79 -9.91 -42.80
C PHE J 87 -10.81 -10.11 -41.28
N ALA J 88 -11.53 -11.12 -40.80
CA ALA J 88 -11.66 -11.44 -39.37
C ALA J 88 -10.32 -11.90 -38.78
N ALA J 89 -9.57 -12.69 -39.54
CA ALA J 89 -8.25 -13.25 -39.16
C ALA J 89 -7.19 -12.16 -39.28
N MET J 90 -7.36 -11.23 -40.23
CA MET J 90 -6.49 -10.04 -40.34
C MET J 90 -6.68 -9.19 -39.09
N ILE J 91 -7.93 -9.01 -38.67
CA ILE J 91 -8.24 -8.19 -37.47
C ILE J 91 -7.62 -8.85 -36.23
N THR J 92 -7.65 -10.18 -36.10
CA THR J 92 -7.07 -10.87 -34.91
C THR J 92 -5.58 -10.58 -34.86
N SER J 93 -4.92 -10.67 -36.02
CA SER J 93 -3.47 -10.41 -36.19
C SER J 93 -3.15 -9.00 -35.73
N MET J 94 -3.94 -8.01 -36.18
CA MET J 94 -3.79 -6.57 -35.81
C MET J 94 -3.99 -6.37 -34.31
N LEU J 95 -5.01 -7.00 -33.71
CA LEU J 95 -5.27 -6.87 -32.27
C LEU J 95 -4.15 -7.53 -31.48
N TYR J 96 -3.75 -8.73 -31.87
CA TYR J 96 -2.70 -9.50 -31.17
C TYR J 96 -1.34 -8.85 -31.35
N GLU J 97 -1.09 -8.12 -32.44
CA GLU J 97 0.16 -7.33 -32.65
C GLU J 97 0.44 -6.48 -31.40
N ALA J 98 -0.62 -5.99 -30.77
CA ALA J 98 -0.58 -5.25 -29.48
C ALA J 98 -1.23 -6.11 -28.38
N ARG J 99 -0.71 -7.31 -28.16
CA ARG J 99 -1.08 -8.20 -27.01
C ARG J 99 -0.82 -7.43 -25.72
N PHE J 100 0.39 -6.87 -25.64
CA PHE J 100 0.89 -6.05 -24.51
C PHE J 100 0.77 -4.59 -24.94
N GLY J 101 -0.16 -3.85 -24.31
CA GLY J 101 -0.61 -2.50 -24.70
C GLY J 101 -1.75 -2.53 -25.72
N PRO J 102 -2.90 -3.19 -25.40
CA PRO J 102 -3.89 -3.55 -26.42
C PRO J 102 -4.78 -2.39 -26.87
N TRP J 103 -5.43 -2.56 -28.02
CA TRP J 103 -6.56 -1.72 -28.49
C TRP J 103 -7.78 -2.10 -27.66
N PHE J 104 -8.40 -1.17 -26.97
CA PHE J 104 -9.62 -1.46 -26.15
C PHE J 104 -10.81 -1.51 -27.10
N VAL J 105 -10.86 -2.53 -27.96
CA VAL J 105 -11.95 -2.68 -28.96
C VAL J 105 -12.33 -4.16 -29.06
N GLU J 106 -13.62 -4.44 -29.20
CA GLU J 106 -14.17 -5.80 -29.41
C GLU J 106 -14.84 -5.82 -30.78
N PRO J 107 -14.13 -6.18 -31.86
CA PRO J 107 -14.75 -6.20 -33.18
C PRO J 107 -15.73 -7.36 -33.26
N VAL J 108 -17.00 -7.03 -33.46
CA VAL J 108 -18.04 -7.93 -34.05
C VAL J 108 -17.96 -7.78 -35.57
N ILE J 109 -17.85 -8.90 -36.28
CA ILE J 109 -17.80 -8.95 -37.77
C ILE J 109 -18.92 -9.84 -38.25
N GLY J 110 -19.83 -9.28 -39.04
CA GLY J 110 -20.68 -10.04 -39.96
C GLY J 110 -20.00 -10.14 -41.31
N SER J 111 -20.31 -11.19 -42.06
CA SER J 111 -19.83 -11.39 -43.45
C SER J 111 -20.67 -12.45 -44.15
N ILE J 112 -20.70 -12.44 -45.47
CA ILE J 112 -21.47 -13.43 -46.27
C ILE J 112 -20.74 -13.64 -47.60
N ASP J 113 -20.28 -14.87 -47.87
CA ASP J 113 -19.72 -15.27 -49.19
C ASP J 113 -20.80 -14.98 -50.24
N LYS J 114 -20.48 -14.18 -51.25
CA LYS J 114 -21.47 -13.68 -52.26
C LYS J 114 -21.88 -14.84 -53.19
N SER J 115 -20.97 -15.80 -53.45
CA SER J 115 -21.21 -17.02 -54.28
C SER J 115 -22.07 -18.02 -53.48
N THR J 116 -21.47 -18.68 -52.49
CA THR J 116 -22.05 -19.79 -51.67
C THR J 116 -23.36 -19.31 -51.02
N GLY J 117 -23.31 -18.16 -50.34
CA GLY J 117 -24.41 -17.64 -49.50
C GLY J 117 -24.29 -18.08 -48.05
N GLU J 118 -23.16 -18.66 -47.66
CA GLU J 118 -22.88 -19.06 -46.25
C GLU J 118 -22.47 -17.82 -45.48
N VAL J 119 -23.01 -17.66 -44.28
CA VAL J 119 -22.74 -16.51 -43.37
C VAL J 119 -21.54 -16.86 -42.53
N TYR J 120 -20.69 -15.88 -42.23
CA TYR J 120 -19.56 -15.99 -41.27
C TYR J 120 -19.66 -14.83 -40.28
N LEU J 121 -19.70 -15.16 -38.99
CA LEU J 121 -19.64 -14.20 -37.86
C LEU J 121 -18.34 -14.42 -37.09
N CYS J 122 -17.82 -13.36 -36.48
CA CYS J 122 -16.62 -13.37 -35.61
C CYS J 122 -16.77 -12.25 -34.57
N ALA J 123 -16.65 -12.59 -33.30
CA ALA J 123 -16.62 -11.64 -32.16
C ALA J 123 -15.28 -11.76 -31.47
N THR J 124 -14.29 -11.03 -31.99
CA THR J 124 -12.92 -10.98 -31.46
C THR J 124 -12.97 -10.19 -30.13
N ASP J 125 -12.30 -10.69 -29.09
CA ASP J 125 -11.98 -9.94 -27.84
C ASP J 125 -10.80 -9.02 -28.13
N LEU J 126 -10.38 -8.22 -27.16
CA LEU J 126 -9.45 -7.08 -27.40
C LEU J 126 -8.05 -7.54 -27.82
N ILE J 127 -7.63 -8.78 -27.52
CA ILE J 127 -6.30 -9.31 -27.95
C ILE J 127 -6.49 -10.40 -29.02
N GLY J 128 -7.56 -10.32 -29.81
CA GLY J 128 -7.70 -11.07 -31.06
C GLY J 128 -8.00 -12.55 -30.84
N ALA J 129 -8.91 -12.87 -29.91
CA ALA J 129 -9.35 -14.26 -29.62
C ALA J 129 -10.64 -14.53 -30.39
N PRO J 130 -10.58 -15.11 -31.61
CA PRO J 130 -11.76 -15.18 -32.46
C PRO J 130 -12.74 -16.21 -31.89
N CYS J 131 -14.02 -15.89 -31.92
CA CYS J 131 -15.14 -16.79 -31.55
C CYS J 131 -16.12 -16.73 -32.73
N GLU J 132 -16.30 -17.85 -33.45
CA GLU J 132 -16.87 -17.89 -34.82
C GLU J 132 -18.11 -18.78 -34.86
N PRO J 133 -19.17 -18.47 -34.09
CA PRO J 133 -20.34 -19.35 -34.01
C PRO J 133 -21.31 -19.18 -35.19
N GLU J 134 -21.95 -20.29 -35.57
CA GLU J 134 -23.04 -20.41 -36.58
C GLU J 134 -24.12 -19.33 -36.39
N ASP J 135 -24.46 -18.99 -35.13
CA ASP J 135 -25.77 -18.39 -34.76
C ASP J 135 -25.69 -16.86 -34.80
N TYR J 136 -25.06 -16.27 -33.80
CA TYR J 136 -25.03 -14.81 -33.54
C TYR J 136 -23.83 -14.49 -32.66
N VAL J 137 -23.46 -13.23 -32.58
CA VAL J 137 -22.37 -12.76 -31.68
C VAL J 137 -22.74 -11.37 -31.19
N CYS J 138 -22.17 -10.95 -30.07
CA CYS J 138 -22.40 -9.61 -29.48
C CYS J 138 -21.16 -9.18 -28.73
N ALA J 139 -21.12 -7.90 -28.37
CA ALA J 139 -20.02 -7.29 -27.59
C ALA J 139 -20.50 -5.94 -27.06
N GLY J 140 -19.65 -5.28 -26.27
CA GLY J 140 -19.97 -3.98 -25.65
C GLY J 140 -20.71 -4.17 -24.35
N THR J 141 -21.29 -3.10 -23.82
CA THR J 141 -21.78 -2.99 -22.42
C THR J 141 -23.03 -3.84 -22.20
N ALA J 142 -23.88 -3.98 -23.22
CA ALA J 142 -25.16 -4.72 -23.19
C ALA J 142 -24.92 -6.21 -23.48
N ALA J 143 -23.67 -6.69 -23.47
CA ALA J 143 -23.27 -8.03 -23.97
C ALA J 143 -23.96 -9.16 -23.19
N GLU J 144 -23.91 -9.10 -21.86
CA GLU J 144 -24.60 -10.07 -20.95
C GLU J 144 -26.08 -10.16 -21.37
N SER J 145 -26.74 -9.00 -21.41
CA SER J 145 -28.19 -8.81 -21.68
C SER J 145 -28.55 -9.29 -23.09
N LEU J 146 -27.67 -9.08 -24.07
CA LEU J 146 -27.92 -9.43 -25.49
C LEU J 146 -27.84 -10.94 -25.69
N HIS J 147 -26.87 -11.62 -25.08
CA HIS J 147 -26.76 -13.11 -25.08
C HIS J 147 -28.07 -13.72 -24.57
N GLY J 148 -28.60 -13.20 -23.45
CA GLY J 148 -29.93 -13.55 -22.92
C GLY J 148 -31.02 -13.42 -23.97
N MET J 149 -31.14 -12.25 -24.59
CA MET J 149 -32.13 -11.98 -25.67
C MET J 149 -31.92 -12.94 -26.84
N CYS J 150 -30.80 -12.79 -27.56
CA CYS J 150 -30.47 -13.54 -28.80
C CYS J 150 -30.71 -15.04 -28.60
N GLU J 151 -30.35 -15.59 -27.43
CA GLU J 151 -30.44 -17.06 -27.14
C GLU J 151 -31.90 -17.52 -27.22
N ALA J 152 -32.81 -16.79 -26.60
CA ALA J 152 -34.26 -17.09 -26.58
C ALA J 152 -34.84 -16.95 -28.01
N LEU J 153 -34.67 -15.77 -28.60
CA LEU J 153 -35.39 -15.32 -29.82
C LEU J 153 -34.89 -16.07 -31.05
N TRP J 154 -33.58 -16.32 -31.14
CA TRP J 154 -32.92 -16.75 -32.41
C TRP J 154 -33.17 -18.24 -32.70
N ARG J 155 -33.69 -18.55 -33.90
CA ARG J 155 -33.77 -19.91 -34.48
C ARG J 155 -32.86 -19.99 -35.69
N PRO J 156 -32.39 -21.21 -36.08
CA PRO J 156 -31.60 -21.40 -37.31
C PRO J 156 -32.06 -20.65 -38.58
N GLY J 157 -32.77 -21.30 -39.50
CA GLY J 157 -32.87 -20.85 -40.90
C GLY J 157 -33.91 -19.76 -41.08
N MET J 158 -33.59 -18.55 -40.63
CA MET J 158 -34.51 -17.37 -40.68
C MET J 158 -34.26 -16.55 -41.95
N SER J 159 -35.29 -15.81 -42.40
CA SER J 159 -35.28 -14.95 -43.61
C SER J 159 -35.06 -13.49 -43.19
N PRO J 160 -34.44 -12.65 -44.06
CA PRO J 160 -33.96 -11.33 -43.65
C PRO J 160 -34.90 -10.51 -42.75
N GLU J 161 -36.20 -10.51 -43.06
CA GLU J 161 -37.23 -9.67 -42.39
C GLU J 161 -37.49 -10.20 -40.97
N GLU J 162 -37.85 -11.48 -40.84
CA GLU J 162 -37.95 -12.18 -39.53
C GLU J 162 -36.75 -11.79 -38.66
N LEU J 163 -35.54 -11.99 -39.20
CA LEU J 163 -34.25 -11.90 -38.47
C LEU J 163 -34.09 -10.50 -37.87
N PHE J 164 -34.20 -9.49 -38.74
CA PHE J 164 -34.11 -8.05 -38.37
C PHE J 164 -35.00 -7.76 -37.15
N GLU J 165 -36.26 -8.23 -37.18
CA GLU J 165 -37.28 -7.93 -36.15
C GLU J 165 -36.88 -8.53 -34.80
N ILE J 166 -36.12 -9.62 -34.81
CA ILE J 166 -35.61 -10.27 -33.56
C ILE J 166 -34.22 -9.69 -33.21
N ALA J 167 -33.43 -9.27 -34.19
CA ALA J 167 -32.15 -8.58 -33.98
C ALA J 167 -32.40 -7.21 -33.36
N ALA J 168 -33.44 -6.51 -33.83
CA ALA J 168 -33.86 -5.18 -33.35
C ALA J 168 -34.46 -5.30 -31.93
N GLN J 169 -35.41 -6.22 -31.74
CA GLN J 169 -36.02 -6.49 -30.42
C GLN J 169 -34.93 -6.87 -29.42
N ALA J 170 -33.94 -7.65 -29.87
CA ALA J 170 -32.79 -8.06 -29.02
C ALA J 170 -32.05 -6.81 -28.57
N MET J 171 -31.49 -6.06 -29.53
CA MET J 171 -30.63 -4.88 -29.29
C MET J 171 -31.39 -3.87 -28.42
N LEU J 172 -32.67 -3.64 -28.70
CA LEU J 172 -33.50 -2.68 -27.91
C LEU J 172 -33.71 -3.23 -26.49
N SER J 173 -34.33 -4.40 -26.35
CA SER J 173 -34.77 -4.94 -25.04
C SER J 173 -33.57 -5.16 -24.10
N ALA J 174 -32.34 -5.18 -24.63
CA ALA J 174 -31.06 -5.21 -23.86
C ALA J 174 -30.65 -3.80 -23.44
N CYS J 175 -30.70 -2.82 -24.35
CA CYS J 175 -30.25 -1.42 -24.15
C CYS J 175 -31.21 -0.66 -23.22
N ASP J 176 -32.39 -1.22 -22.95
CA ASP J 176 -33.31 -0.80 -21.85
C ASP J 176 -32.65 -1.06 -20.51
N ARG J 177 -31.97 -2.22 -20.40
CA ARG J 177 -31.33 -2.72 -19.15
C ARG J 177 -29.84 -2.36 -19.10
N ASP J 178 -29.36 -1.52 -20.02
CA ASP J 178 -27.96 -1.01 -19.98
C ASP J 178 -27.95 0.53 -19.98
N SER J 179 -27.21 1.09 -19.02
CA SER J 179 -26.99 2.55 -18.83
C SER J 179 -26.26 3.12 -20.04
N LEU J 180 -25.26 2.39 -20.53
CA LEU J 180 -24.17 2.90 -21.40
C LEU J 180 -24.46 2.58 -22.88
N SER J 181 -25.63 2.01 -23.19
CA SER J 181 -26.12 1.82 -24.58
C SER J 181 -27.55 2.38 -24.73
N GLY J 182 -28.01 2.52 -25.98
CA GLY J 182 -29.40 2.88 -26.33
C GLY J 182 -29.47 4.01 -27.34
N TYR J 183 -30.46 4.89 -27.18
CA TYR J 183 -30.85 5.97 -28.13
C TYR J 183 -31.11 5.35 -29.50
N GLY J 184 -31.95 4.31 -29.47
CA GLY J 184 -32.25 3.47 -30.63
C GLY J 184 -31.09 2.55 -30.94
N ALA J 185 -30.72 2.52 -32.22
CA ALA J 185 -29.96 1.42 -32.83
C ALA J 185 -29.96 1.63 -34.34
N VAL J 186 -28.85 1.31 -34.99
CA VAL J 186 -28.79 1.19 -36.46
C VAL J 186 -28.50 -0.27 -36.76
N ALA J 187 -29.49 -0.98 -37.30
CA ALA J 187 -29.31 -2.33 -37.86
C ALA J 187 -28.82 -2.20 -39.30
N MET J 188 -28.40 -3.32 -39.85
CA MET J 188 -27.93 -3.41 -41.23
C MET J 188 -28.08 -4.86 -41.70
N ILE J 189 -29.04 -5.09 -42.60
CA ILE J 189 -29.48 -6.43 -43.06
C ILE J 189 -28.78 -6.72 -44.39
N VAL J 190 -27.73 -7.53 -44.36
CA VAL J 190 -26.94 -7.90 -45.57
C VAL J 190 -27.52 -9.21 -46.11
N THR J 191 -27.75 -9.25 -47.43
CA THR J 191 -28.10 -10.45 -48.25
C THR J 191 -27.11 -10.49 -49.42
N LYS J 192 -26.95 -11.65 -50.08
CA LYS J 192 -26.22 -11.77 -51.37
C LYS J 192 -26.73 -10.66 -52.31
N ASP J 193 -28.06 -10.49 -52.34
CA ASP J 193 -28.86 -9.60 -53.23
C ASP J 193 -28.59 -8.13 -52.88
N LYS J 194 -29.03 -7.68 -51.70
CA LYS J 194 -29.13 -6.24 -51.32
C LYS J 194 -28.80 -6.02 -49.83
N VAL J 195 -28.40 -4.79 -49.49
CA VAL J 195 -27.98 -4.35 -48.12
C VAL J 195 -28.95 -3.29 -47.63
N THR J 196 -29.81 -3.64 -46.66
CA THR J 196 -30.87 -2.78 -46.10
C THR J 196 -30.39 -2.19 -44.76
N THR J 197 -30.12 -0.89 -44.73
CA THR J 197 -29.69 -0.12 -43.53
C THR J 197 -30.95 0.48 -42.88
N ARG J 198 -31.24 0.12 -41.63
CA ARG J 198 -32.42 0.63 -40.89
C ARG J 198 -31.96 1.37 -39.65
N LEU J 199 -32.58 2.51 -39.37
CA LEU J 199 -32.45 3.29 -38.12
C LEU J 199 -33.69 3.01 -37.29
N ILE J 200 -33.53 2.34 -36.16
CA ILE J 200 -34.64 1.87 -35.27
C ILE J 200 -34.87 2.91 -34.18
N LYS J 201 -36.13 3.15 -33.84
CA LYS J 201 -36.53 4.07 -32.74
C LYS J 201 -36.61 3.24 -31.46
N GLY J 202 -35.93 3.70 -30.41
CA GLY J 202 -35.97 3.12 -29.06
C GLY J 202 -36.18 4.19 -28.01
N ARG J 203 -35.67 3.94 -26.81
CA ARG J 203 -35.80 4.87 -25.66
C ARG J 203 -34.85 6.04 -25.84
N LYS J 204 -35.03 7.12 -25.05
CA LYS J 204 -34.16 8.32 -24.97
C LYS J 204 -33.58 8.44 -23.54
N ASP J 205 -32.76 7.45 -23.13
CA ASP J 205 -32.41 7.09 -21.72
C ASP J 205 -30.92 6.75 -21.58
N MET K 1 -11.32 21.10 -16.34
CA MET K 1 -12.63 21.07 -15.61
C MET K 1 -12.95 22.48 -15.07
N ALA K 2 -11.95 23.20 -14.54
CA ALA K 2 -12.06 24.59 -14.02
C ALA K 2 -12.67 25.51 -15.08
N GLU K 3 -12.22 25.37 -16.32
CA GLU K 3 -12.36 26.41 -17.38
C GLU K 3 -13.28 25.84 -18.46
N THR K 4 -14.48 26.44 -18.58
CA THR K 4 -15.61 25.93 -19.41
C THR K 4 -15.54 26.47 -20.84
N ALA K 5 -15.43 25.58 -21.82
CA ALA K 5 -15.62 25.87 -23.25
C ALA K 5 -17.03 25.42 -23.63
N ILE K 6 -17.72 26.23 -24.42
CA ILE K 6 -19.09 25.98 -24.98
C ILE K 6 -18.97 26.20 -26.48
N ALA K 7 -19.72 25.46 -27.28
CA ALA K 7 -19.81 25.75 -28.72
C ALA K 7 -21.10 25.15 -29.26
N PHE K 8 -21.69 25.81 -30.26
CA PHE K 8 -22.88 25.28 -30.98
C PHE K 8 -22.95 25.81 -32.39
N ARG K 9 -23.57 24.99 -33.24
CA ARG K 9 -23.52 25.06 -34.71
C ARG K 9 -24.95 25.21 -35.21
N CYS K 10 -25.20 26.22 -36.02
CA CYS K 10 -26.53 26.54 -36.58
C CYS K 10 -26.43 26.56 -38.10
N LYS K 11 -27.44 27.13 -38.78
CA LYS K 11 -27.60 27.02 -40.25
C LYS K 11 -26.33 27.54 -40.92
N ASP K 12 -25.78 28.67 -40.47
CA ASP K 12 -24.77 29.47 -41.21
C ASP K 12 -23.76 30.16 -40.28
N TYR K 13 -23.45 29.56 -39.13
CA TYR K 13 -22.32 29.94 -38.25
C TYR K 13 -22.14 28.90 -37.15
N VAL K 14 -20.90 28.72 -36.70
CA VAL K 14 -20.58 28.08 -35.41
C VAL K 14 -20.23 29.20 -34.44
N MET K 15 -20.71 29.08 -33.21
CA MET K 15 -20.37 29.98 -32.09
C MET K 15 -19.51 29.17 -31.11
N VAL K 16 -18.44 29.76 -30.59
CA VAL K 16 -17.53 29.09 -29.62
C VAL K 16 -17.30 30.06 -28.47
N ALA K 17 -17.24 29.55 -27.24
CA ALA K 17 -17.05 30.34 -26.00
C ALA K 17 -16.13 29.58 -25.05
N ALA K 18 -15.16 30.29 -24.46
CA ALA K 18 -14.11 29.69 -23.61
C ALA K 18 -13.79 30.64 -22.48
N ALA K 19 -13.82 30.13 -21.25
CA ALA K 19 -13.42 30.80 -20.01
C ALA K 19 -12.20 31.69 -20.26
N GLY K 20 -12.19 32.86 -19.61
CA GLY K 20 -11.01 33.73 -19.51
C GLY K 20 -10.10 33.31 -18.37
N LEU K 21 -10.63 32.51 -17.45
CA LEU K 21 -9.98 32.25 -16.15
C LEU K 21 -8.63 31.57 -16.37
N ASN K 22 -7.56 32.26 -15.95
CA ASN K 22 -6.16 31.77 -15.84
C ASN K 22 -5.87 31.57 -14.35
N ALA K 23 -5.71 30.32 -13.91
CA ALA K 23 -5.63 29.92 -12.49
C ALA K 23 -4.27 29.28 -12.19
N PHE K 24 -3.67 29.63 -11.04
CA PHE K 24 -2.49 28.97 -10.42
C PHE K 24 -2.97 28.41 -9.07
N TYR K 25 -3.26 27.10 -9.01
CA TYR K 25 -3.94 26.40 -7.88
C TYR K 25 -5.36 26.99 -7.69
N TYR K 26 -5.57 27.79 -6.62
CA TYR K 26 -6.87 28.39 -6.23
C TYR K 26 -6.81 29.91 -6.38
N ILE K 27 -5.84 30.44 -7.15
CA ILE K 27 -5.59 31.91 -7.32
C ILE K 27 -5.98 32.33 -8.74
N LYS K 28 -6.98 33.18 -8.88
CA LYS K 28 -7.26 33.91 -10.15
C LYS K 28 -6.11 34.87 -10.38
N ILE K 29 -5.29 34.58 -11.39
CA ILE K 29 -4.30 35.53 -11.96
C ILE K 29 -5.06 36.60 -12.74
N THR K 30 -5.87 36.17 -13.70
CA THR K 30 -6.62 37.06 -14.62
C THR K 30 -7.90 36.36 -15.08
N ASP K 31 -8.78 37.11 -15.75
CA ASP K 31 -10.03 36.65 -16.42
C ASP K 31 -9.95 37.01 -17.90
N ALA K 32 -8.74 37.14 -18.47
CA ALA K 32 -8.50 37.61 -19.85
C ALA K 32 -7.37 36.80 -20.50
N GLU K 33 -7.58 35.49 -20.61
CA GLU K 33 -6.74 34.53 -21.37
C GLU K 33 -7.61 33.92 -22.48
N ASP K 34 -7.37 34.31 -23.74
CA ASP K 34 -8.08 33.77 -24.93
C ASP K 34 -7.59 32.33 -25.15
N LYS K 35 -8.49 31.37 -25.02
CA LYS K 35 -8.21 29.92 -25.16
C LYS K 35 -8.64 29.43 -26.54
N ILE K 36 -9.52 30.16 -27.21
CA ILE K 36 -9.92 29.90 -28.62
C ILE K 36 -8.79 30.37 -29.53
N THR K 37 -7.92 29.45 -29.97
CA THR K 37 -6.88 29.73 -31.00
C THR K 37 -7.56 29.69 -32.36
N GLN K 38 -6.96 30.36 -33.34
CA GLN K 38 -7.40 30.40 -34.75
C GLN K 38 -6.38 29.60 -35.57
N LEU K 39 -6.77 28.44 -36.10
CA LEU K 39 -5.89 27.53 -36.90
C LEU K 39 -5.84 27.98 -38.36
N ASP K 40 -6.88 28.69 -38.80
CA ASP K 40 -7.07 29.11 -40.21
C ASP K 40 -7.90 30.40 -40.24
N THR K 41 -8.18 30.91 -41.44
CA THR K 41 -9.20 31.96 -41.70
C THR K 41 -10.57 31.52 -41.18
N HIS K 42 -10.93 30.24 -41.36
CA HIS K 42 -12.29 29.69 -41.19
C HIS K 42 -12.34 28.54 -40.19
N GLN K 43 -11.38 28.43 -39.26
CA GLN K 43 -11.26 27.26 -38.34
C GLN K 43 -10.62 27.69 -37.03
N LEU K 44 -11.28 27.43 -35.90
CA LEU K 44 -10.74 27.76 -34.57
C LEU K 44 -11.06 26.61 -33.60
N VAL K 45 -10.33 26.53 -32.49
CA VAL K 45 -10.37 25.36 -31.57
C VAL K 45 -10.37 25.84 -30.11
N ALA K 46 -11.52 25.78 -29.44
CA ALA K 46 -11.64 26.05 -27.99
C ALA K 46 -10.98 24.91 -27.22
N CYS K 47 -9.69 25.04 -26.98
CA CYS K 47 -8.89 24.08 -26.18
C CYS K 47 -8.99 24.50 -24.70
N THR K 48 -9.29 23.56 -23.79
CA THR K 48 -9.35 23.82 -22.32
C THR K 48 -8.65 22.68 -21.58
N GLY K 49 -7.36 22.88 -21.32
CA GLY K 49 -6.58 22.12 -20.32
C GLY K 49 -5.63 23.05 -19.62
N GLU K 50 -4.73 22.50 -18.80
CA GLU K 50 -3.53 23.19 -18.25
C GLU K 50 -2.77 23.86 -19.42
N ASN K 51 -2.23 25.05 -19.17
CA ASN K 51 -1.65 25.97 -20.21
C ASN K 51 -0.58 25.26 -21.04
N GLY K 52 0.24 24.40 -20.43
CA GLY K 52 1.40 23.77 -21.09
C GLY K 52 0.97 22.90 -22.27
N PRO K 53 0.26 21.79 -22.02
CA PRO K 53 -0.32 20.97 -23.08
C PRO K 53 -1.35 21.64 -23.98
N ARG K 54 -2.05 22.67 -23.51
CA ARG K 54 -3.02 23.41 -24.36
C ARG K 54 -2.27 24.14 -25.48
N VAL K 55 -1.24 24.90 -25.10
CA VAL K 55 -0.42 25.71 -26.05
C VAL K 55 0.38 24.78 -26.95
N ASN K 56 1.09 23.79 -26.39
CA ASN K 56 2.03 22.92 -27.14
C ASN K 56 1.27 22.05 -28.15
N PHE K 57 -0.03 21.84 -27.97
CA PHE K 57 -0.91 21.08 -28.89
C PHE K 57 -1.59 22.00 -29.91
N THR K 58 -2.16 23.13 -29.49
CA THR K 58 -2.78 24.10 -30.44
C THR K 58 -1.72 24.80 -31.29
N GLU K 59 -0.45 24.85 -30.86
CA GLU K 59 0.68 25.41 -31.68
C GLU K 59 1.10 24.36 -32.70
N TYR K 60 1.32 23.13 -32.24
CA TYR K 60 1.71 21.98 -33.10
C TYR K 60 0.73 21.79 -34.26
N ILE K 61 -0.57 21.94 -34.01
CA ILE K 61 -1.64 21.83 -35.04
C ILE K 61 -1.52 23.05 -35.95
N LYS K 62 -1.52 24.24 -35.36
CA LYS K 62 -1.56 25.55 -36.08
C LYS K 62 -0.38 25.67 -37.04
N CYS K 63 0.78 25.15 -36.64
CA CYS K 63 2.03 25.10 -37.45
C CYS K 63 1.87 24.05 -38.56
N ASN K 64 1.53 22.81 -38.20
CA ASN K 64 1.45 21.66 -39.17
C ASN K 64 0.27 21.85 -40.13
N LEU K 65 -0.63 22.81 -39.90
CA LEU K 65 -1.70 23.21 -40.87
C LEU K 65 -1.20 24.33 -41.78
N ALA K 66 -0.49 25.31 -41.23
CA ALA K 66 0.20 26.39 -41.97
C ALA K 66 1.23 25.74 -42.92
N LEU K 67 1.96 24.73 -42.43
CA LEU K 67 2.98 23.96 -43.19
C LEU K 67 2.32 23.25 -44.36
N ASN K 68 1.10 22.75 -44.17
CA ASN K 68 0.31 22.11 -45.25
C ASN K 68 -0.13 23.18 -46.26
N ARG K 69 -0.61 24.34 -45.81
CA ARG K 69 -1.02 25.45 -46.72
C ARG K 69 0.16 25.92 -47.60
N MET K 70 1.40 25.86 -47.09
CA MET K 70 2.64 26.18 -47.86
C MET K 70 2.80 25.13 -48.97
N ARG K 71 2.93 23.86 -48.57
CA ARG K 71 3.24 22.70 -49.45
C ARG K 71 2.09 22.44 -50.43
N GLN K 72 0.90 22.94 -50.12
CA GLN K 72 -0.31 22.80 -50.97
C GLN K 72 -0.72 24.19 -51.46
N HIS K 73 0.27 24.98 -51.92
CA HIS K 73 0.12 26.27 -52.68
C HIS K 73 -1.17 27.02 -52.32
N GLY K 74 -1.39 27.28 -51.02
CA GLY K 74 -2.44 28.17 -50.49
C GLY K 74 -3.80 27.51 -50.41
N ARG K 75 -3.88 26.18 -50.56
CA ARG K 75 -5.16 25.40 -50.48
C ARG K 75 -5.58 25.27 -49.02
N HIS K 76 -6.80 25.70 -48.69
CA HIS K 76 -7.34 25.69 -47.31
C HIS K 76 -8.04 24.36 -47.05
N SER K 77 -7.40 23.47 -46.29
CA SER K 77 -7.89 22.11 -45.97
C SER K 77 -9.27 22.17 -45.30
N SER K 78 -10.12 21.18 -45.53
CA SER K 78 -11.48 21.05 -44.95
C SER K 78 -11.38 20.95 -43.42
N CYS K 79 -12.52 21.04 -42.74
CA CYS K 79 -12.63 20.94 -41.27
C CYS K 79 -12.52 19.47 -40.87
N GLU K 80 -13.32 18.61 -41.51
CA GLU K 80 -13.21 17.13 -41.38
C GLU K 80 -11.72 16.74 -41.29
N SER K 81 -10.89 17.28 -42.18
CA SER K 81 -9.43 17.01 -42.28
C SER K 81 -8.74 17.35 -40.95
N THR K 82 -8.69 18.63 -40.60
CA THR K 82 -7.87 19.11 -39.46
C THR K 82 -8.40 18.43 -38.19
N ALA K 83 -9.72 18.35 -38.01
CA ALA K 83 -10.37 17.60 -36.92
C ALA K 83 -9.79 16.18 -36.83
N ASN K 84 -9.74 15.45 -37.95
CA ASN K 84 -9.22 14.06 -37.99
C ASN K 84 -7.71 14.05 -37.78
N PHE K 85 -7.02 15.12 -38.17
CA PHE K 85 -5.56 15.30 -37.94
C PHE K 85 -5.30 15.55 -36.46
N MET K 86 -6.07 16.46 -35.87
CA MET K 86 -6.00 16.80 -34.43
C MET K 86 -6.17 15.51 -33.64
N ARG K 87 -7.22 14.73 -33.95
CA ARG K 87 -7.60 13.53 -33.15
C ARG K 87 -6.51 12.45 -33.34
N ASN K 88 -5.97 12.33 -34.56
CA ASN K 88 -4.93 11.33 -34.91
C ASN K 88 -3.67 11.66 -34.11
N CYS K 89 -3.40 12.95 -33.90
CA CYS K 89 -2.28 13.47 -33.07
C CYS K 89 -2.56 13.21 -31.58
N LEU K 90 -3.77 13.50 -31.09
CA LEU K 90 -4.21 13.25 -29.68
C LEU K 90 -4.16 11.77 -29.35
N ALA K 91 -4.54 10.91 -30.30
CA ALA K 91 -4.60 9.44 -30.14
C ALA K 91 -3.18 8.87 -30.11
N SER K 92 -2.34 9.26 -31.07
CA SER K 92 -0.89 8.91 -31.13
C SER K 92 -0.23 9.16 -29.78
N ALA K 93 -0.65 10.22 -29.09
CA ALA K 93 -0.04 10.70 -27.84
C ALA K 93 -0.38 9.79 -26.64
N ILE K 94 -1.53 9.11 -26.59
CA ILE K 94 -1.88 8.26 -25.41
C ILE K 94 -1.11 6.92 -25.44
N ARG K 95 -0.39 6.62 -26.53
CA ARG K 95 0.49 5.42 -26.65
C ARG K 95 1.92 5.86 -27.01
N SER K 96 2.40 6.99 -26.48
CA SER K 96 3.82 7.40 -26.52
C SER K 96 4.34 7.55 -25.09
N ARG K 97 5.67 7.67 -24.94
CA ARG K 97 6.36 7.88 -23.63
C ARG K 97 5.85 9.17 -22.97
N GLU K 98 5.54 10.19 -23.77
CA GLU K 98 5.12 11.54 -23.33
C GLU K 98 3.88 11.41 -22.43
N GLY K 99 2.92 10.59 -22.88
CA GLY K 99 1.55 10.52 -22.34
C GLY K 99 0.62 11.42 -23.12
N ALA K 100 -0.69 11.33 -22.85
CA ALA K 100 -1.77 12.11 -23.49
C ALA K 100 -1.49 13.61 -23.37
N TYR K 101 -1.64 14.39 -24.45
CA TYR K 101 -1.96 15.84 -24.36
C TYR K 101 -3.25 15.92 -23.56
N GLN K 102 -3.26 16.59 -22.40
CA GLN K 102 -4.41 16.55 -21.46
C GLN K 102 -5.32 17.74 -21.75
N VAL K 103 -5.91 17.76 -22.95
CA VAL K 103 -6.62 18.94 -23.51
C VAL K 103 -7.93 18.51 -24.15
N ASN K 104 -9.01 19.20 -23.81
CA ASN K 104 -10.37 18.90 -24.30
C ASN K 104 -10.73 20.02 -25.29
N CYS K 105 -10.70 19.70 -26.59
CA CYS K 105 -10.95 20.66 -27.70
C CYS K 105 -12.43 20.68 -28.09
N LEU K 106 -12.94 21.84 -28.50
CA LEU K 106 -14.18 21.97 -29.31
C LEU K 106 -13.80 22.61 -30.62
N PHE K 107 -13.30 21.79 -31.53
CA PHE K 107 -12.88 22.22 -32.88
C PHE K 107 -14.08 22.69 -33.68
N ALA K 108 -14.03 23.90 -34.24
CA ALA K 108 -15.11 24.51 -35.03
C ALA K 108 -14.56 25.21 -36.27
N GLY K 109 -15.27 25.08 -37.39
CA GLY K 109 -14.92 25.77 -38.63
C GLY K 109 -16.11 25.95 -39.53
N TYR K 110 -15.86 26.45 -40.75
CA TYR K 110 -16.86 26.69 -41.82
C TYR K 110 -16.20 26.35 -43.15
N ASP K 111 -16.52 25.18 -43.68
CA ASP K 111 -16.05 24.75 -45.02
C ASP K 111 -16.77 25.62 -46.05
N THR K 112 -16.01 26.43 -46.79
CA THR K 112 -16.44 27.15 -48.01
C THR K 112 -15.97 26.35 -49.22
N PRO K 113 -16.62 26.47 -50.39
CA PRO K 113 -16.10 25.87 -51.62
C PRO K 113 -14.73 26.49 -51.94
N VAL K 114 -13.69 25.65 -51.98
CA VAL K 114 -12.25 26.04 -52.11
C VAL K 114 -11.91 26.37 -53.57
N SER K 115 -12.71 25.91 -54.54
CA SER K 115 -12.57 26.22 -55.98
C SER K 115 -13.93 26.02 -56.69
N GLU K 116 -13.94 25.96 -58.03
CA GLU K 116 -15.15 25.63 -58.84
C GLU K 116 -15.60 24.18 -58.57
N ASP K 117 -14.64 23.25 -58.46
CA ASP K 117 -14.82 21.78 -58.57
C ASP K 117 -15.31 21.17 -57.25
N ASP K 118 -15.18 21.89 -56.12
CA ASP K 118 -15.52 21.39 -54.76
C ASP K 118 -17.01 21.02 -54.70
N ASP K 119 -17.29 19.77 -54.34
CA ASP K 119 -18.65 19.19 -54.16
C ASP K 119 -18.92 18.95 -52.67
N GLY K 120 -17.92 19.11 -51.79
CA GLY K 120 -17.97 18.71 -50.37
C GLY K 120 -18.88 19.62 -49.55
N VAL K 121 -19.01 19.32 -48.25
CA VAL K 121 -19.80 20.13 -47.27
C VAL K 121 -19.46 21.60 -47.48
N VAL K 122 -20.45 22.40 -47.87
CA VAL K 122 -20.46 23.87 -47.67
C VAL K 122 -21.20 24.09 -46.35
N GLY K 123 -20.65 24.91 -45.46
CA GLY K 123 -21.32 25.31 -44.21
C GLY K 123 -20.50 24.97 -42.97
N PRO K 124 -21.10 25.16 -41.78
CA PRO K 124 -20.39 25.06 -40.52
C PRO K 124 -20.30 23.65 -39.98
N GLN K 125 -19.20 23.38 -39.30
CA GLN K 125 -18.76 22.06 -38.80
C GLN K 125 -18.24 22.26 -37.38
N LEU K 126 -18.86 21.62 -36.41
CA LEU K 126 -18.39 21.56 -35.02
C LEU K 126 -18.05 20.13 -34.68
N PHE K 127 -16.91 19.91 -34.02
CA PHE K 127 -16.45 18.59 -33.53
C PHE K 127 -16.06 18.68 -32.06
N TYR K 128 -16.54 17.75 -31.26
CA TYR K 128 -16.15 17.57 -29.84
C TYR K 128 -14.98 16.61 -29.84
N MET K 129 -13.91 16.92 -29.09
CA MET K 129 -12.75 16.01 -28.95
C MET K 129 -12.32 15.92 -27.48
N ASP K 130 -12.29 14.69 -26.99
CA ASP K 130 -11.66 14.30 -25.71
C ASP K 130 -10.14 14.41 -25.88
N TYR K 131 -9.43 14.40 -24.76
CA TYR K 131 -7.94 14.34 -24.66
C TYR K 131 -7.41 13.02 -25.25
N LEU K 132 -8.20 11.96 -25.15
CA LEU K 132 -7.87 10.60 -25.65
C LEU K 132 -7.87 10.58 -27.18
N GLY K 133 -8.75 11.35 -27.82
CA GLY K 133 -8.91 11.39 -29.28
C GLY K 133 -10.29 10.95 -29.74
N THR K 134 -11.23 10.86 -28.82
CA THR K 134 -12.67 10.66 -29.10
C THR K 134 -13.17 11.83 -29.95
N LEU K 135 -12.93 11.84 -31.26
CA LEU K 135 -13.56 12.83 -32.18
C LEU K 135 -15.04 12.49 -32.34
N GLN K 136 -15.89 13.51 -32.45
CA GLN K 136 -17.32 13.31 -32.77
C GLN K 136 -17.90 14.61 -33.31
N ALA K 137 -18.52 14.56 -34.48
CA ALA K 137 -19.30 15.69 -35.01
C ALA K 137 -20.52 15.88 -34.11
N VAL K 138 -20.82 17.12 -33.74
CA VAL K 138 -21.96 17.46 -32.84
C VAL K 138 -22.60 18.77 -33.27
N PRO K 139 -23.88 18.96 -32.89
CA PRO K 139 -24.56 20.26 -33.04
C PRO K 139 -24.11 21.28 -31.99
N TYR K 140 -23.81 20.81 -30.78
CA TYR K 140 -23.32 21.63 -29.65
C TYR K 140 -22.58 20.76 -28.67
N GLY K 141 -21.47 21.27 -28.15
CA GLY K 141 -20.67 20.53 -27.17
C GLY K 141 -20.18 21.47 -26.10
N CYS K 142 -19.58 20.90 -25.05
CA CYS K 142 -18.90 21.65 -23.97
C CYS K 142 -17.85 20.79 -23.28
N HIS K 143 -16.92 21.45 -22.62
CA HIS K 143 -15.89 20.84 -21.75
C HIS K 143 -15.81 21.68 -20.50
N GLY K 144 -15.48 21.06 -19.37
CA GLY K 144 -15.29 21.78 -18.09
C GLY K 144 -16.50 21.65 -17.20
N TYR K 145 -16.37 22.09 -15.95
CA TYR K 145 -17.36 21.83 -14.87
C TYR K 145 -18.73 22.26 -15.39
N GLY K 146 -18.78 23.44 -16.00
CA GLY K 146 -20.01 24.08 -16.49
C GLY K 146 -20.69 23.28 -17.59
N ALA K 147 -19.94 22.45 -18.31
CA ALA K 147 -20.38 21.73 -19.53
C ALA K 147 -21.81 21.23 -19.37
N CYS K 148 -22.03 20.41 -18.36
CA CYS K 148 -23.27 19.62 -18.16
C CYS K 148 -24.47 20.55 -17.86
N PHE K 149 -24.24 21.75 -17.33
CA PHE K 149 -25.29 22.79 -17.15
C PHE K 149 -25.68 23.36 -18.50
N VAL K 150 -24.67 23.65 -19.31
CA VAL K 150 -24.87 24.26 -20.65
C VAL K 150 -25.47 23.21 -21.57
N THR K 151 -24.91 21.99 -21.56
CA THR K 151 -25.28 20.89 -22.50
C THR K 151 -26.78 20.65 -22.38
N ALA K 152 -27.33 20.67 -21.17
CA ALA K 152 -28.79 20.50 -20.91
C ALA K 152 -29.55 21.76 -21.28
N LEU K 153 -28.99 22.93 -20.98
CA LEU K 153 -29.63 24.23 -21.32
C LEU K 153 -29.71 24.38 -22.84
N LEU K 154 -28.74 23.85 -23.59
CA LEU K 154 -28.76 23.87 -25.07
C LEU K 154 -29.79 22.85 -25.58
N ASP K 155 -29.78 21.61 -25.08
CA ASP K 155 -30.82 20.61 -25.40
C ASP K 155 -32.19 21.29 -25.44
N ARG K 156 -32.47 22.16 -24.46
CA ARG K 156 -33.77 22.85 -24.24
C ARG K 156 -34.00 23.90 -25.33
N LEU K 157 -33.07 24.83 -25.51
CA LEU K 157 -33.27 26.09 -26.28
C LEU K 157 -32.77 25.92 -27.71
N TRP K 158 -31.54 25.43 -27.89
CA TRP K 158 -30.87 25.33 -29.21
C TRP K 158 -31.83 24.70 -30.21
N ARG K 159 -32.11 25.41 -31.29
CA ARG K 159 -32.68 24.85 -32.55
C ARG K 159 -31.57 24.98 -33.61
N PRO K 160 -31.64 24.25 -34.73
CA PRO K 160 -30.59 24.33 -35.75
C PRO K 160 -30.58 25.59 -36.64
N ASP K 161 -31.61 26.45 -36.54
CA ASP K 161 -31.99 27.45 -37.58
C ASP K 161 -31.92 28.89 -37.05
N LEU K 162 -31.44 29.13 -35.82
CA LEU K 162 -31.52 30.48 -35.20
C LEU K 162 -30.47 31.39 -35.84
N SER K 163 -30.74 32.71 -35.79
CA SER K 163 -29.96 33.81 -36.43
C SER K 163 -28.56 33.89 -35.82
N GLN K 164 -27.75 34.82 -36.33
CA GLN K 164 -26.51 35.31 -35.65
C GLN K 164 -26.95 36.01 -34.35
N GLN K 165 -28.11 36.70 -34.37
CA GLN K 165 -28.63 37.52 -33.24
C GLN K 165 -29.17 36.63 -32.11
N GLU K 166 -29.94 35.59 -32.41
CA GLU K 166 -30.51 34.65 -31.40
C GLU K 166 -29.41 33.75 -30.81
N GLY K 167 -28.27 33.64 -31.51
CA GLY K 167 -27.03 32.97 -31.06
C GLY K 167 -26.29 33.77 -29.99
N LEU K 168 -26.30 35.10 -30.08
CA LEU K 168 -25.76 35.98 -29.01
C LEU K 168 -26.63 35.84 -27.75
N GLU K 169 -27.95 35.88 -27.88
CA GLU K 169 -28.94 35.74 -26.76
C GLU K 169 -28.74 34.39 -26.08
N LEU K 170 -28.64 33.31 -26.88
CA LEU K 170 -28.45 31.92 -26.40
C LEU K 170 -27.07 31.78 -25.73
N MET K 171 -26.00 32.22 -26.40
CA MET K 171 -24.61 32.08 -25.86
C MET K 171 -24.46 32.88 -24.58
N GLN K 172 -25.22 33.98 -24.41
CA GLN K 172 -25.27 34.76 -23.15
C GLN K 172 -25.86 33.89 -22.03
N LYS K 173 -27.00 33.22 -22.28
CA LYS K 173 -27.68 32.32 -21.32
C LYS K 173 -26.78 31.14 -20.94
N CYS K 174 -26.00 30.61 -21.90
CA CYS K 174 -25.03 29.48 -21.72
C CYS K 174 -23.90 29.93 -20.80
N CYS K 175 -23.34 31.11 -21.09
CA CYS K 175 -22.27 31.77 -20.29
C CYS K 175 -22.83 32.13 -18.90
N ASP K 176 -23.99 32.77 -18.83
CA ASP K 176 -24.64 33.21 -17.56
C ASP K 176 -24.98 32.01 -16.68
N GLU K 177 -25.26 30.84 -17.27
CA GLU K 177 -25.57 29.58 -16.54
C GLU K 177 -24.29 29.04 -15.87
N VAL K 178 -23.14 29.18 -16.51
CA VAL K 178 -21.83 28.76 -15.91
C VAL K 178 -21.47 29.73 -14.79
N LYS K 179 -21.83 31.02 -14.92
CA LYS K 179 -21.60 32.06 -13.89
C LYS K 179 -22.45 31.77 -12.65
N ARG K 180 -23.73 31.42 -12.84
CA ARG K 180 -24.68 31.22 -11.72
C ARG K 180 -24.32 29.97 -10.92
N ARG K 181 -23.85 28.92 -11.59
CA ARG K 181 -24.01 27.52 -11.10
C ARG K 181 -22.67 26.85 -10.82
N VAL K 182 -21.55 27.34 -11.35
CA VAL K 182 -20.21 26.77 -11.06
C VAL K 182 -19.52 27.68 -10.05
N ILE K 183 -18.96 27.08 -8.98
CA ILE K 183 -18.17 27.82 -7.95
C ILE K 183 -16.98 28.48 -8.64
N ILE K 184 -16.28 27.77 -9.52
CA ILE K 184 -15.03 28.26 -10.18
C ILE K 184 -15.41 29.47 -11.04
N SER K 185 -14.84 30.63 -10.75
CA SER K 185 -15.28 31.97 -11.25
C SER K 185 -14.89 32.11 -12.73
N ASN K 186 -15.67 31.50 -13.62
CA ASN K 186 -15.55 31.65 -15.10
C ASN K 186 -16.31 32.93 -15.48
N SER K 187 -15.84 34.08 -14.99
CA SER K 187 -16.63 35.34 -14.87
C SER K 187 -16.55 36.20 -16.15
N TYR K 188 -15.58 35.94 -17.03
CA TYR K 188 -15.48 36.52 -18.40
C TYR K 188 -15.24 35.37 -19.39
N PHE K 189 -15.96 35.41 -20.52
CA PHE K 189 -15.95 34.41 -21.62
C PHE K 189 -15.57 35.09 -22.94
N PHE K 190 -14.48 34.64 -23.57
CA PHE K 190 -14.14 34.98 -24.97
C PHE K 190 -15.06 34.22 -25.89
N VAL K 191 -15.91 34.91 -26.64
CA VAL K 191 -16.84 34.28 -27.62
C VAL K 191 -16.36 34.66 -29.01
N LYS K 192 -16.06 33.66 -29.84
CA LYS K 192 -15.72 33.83 -31.28
C LYS K 192 -16.68 32.96 -32.10
N ALA K 193 -17.24 33.54 -33.17
CA ALA K 193 -18.10 32.82 -34.13
C ALA K 193 -17.34 32.66 -35.45
N VAL K 194 -17.60 31.56 -36.14
CA VAL K 194 -17.14 31.30 -37.52
C VAL K 194 -18.36 31.47 -38.43
N THR K 195 -18.23 32.24 -39.52
CA THR K 195 -19.24 32.42 -40.59
C THR K 195 -18.59 32.12 -41.94
N LYS K 196 -19.31 32.29 -43.06
CA LYS K 196 -18.75 32.24 -44.43
C LYS K 196 -17.58 33.24 -44.54
N ASN K 197 -17.69 34.39 -43.86
CA ASN K 197 -16.81 35.58 -44.02
C ASN K 197 -15.47 35.35 -43.32
N GLY K 198 -15.44 34.48 -42.30
CA GLY K 198 -14.23 34.13 -41.53
C GLY K 198 -14.54 33.98 -40.06
N VAL K 199 -13.56 34.25 -39.20
CA VAL K 199 -13.75 34.38 -37.73
C VAL K 199 -14.01 35.85 -37.42
N GLU K 200 -15.03 36.12 -36.60
CA GLU K 200 -15.32 37.45 -36.02
C GLU K 200 -15.31 37.28 -34.49
N VAL K 201 -14.77 38.26 -33.78
CA VAL K 201 -14.69 38.24 -32.29
C VAL K 201 -15.91 38.97 -31.75
N ILE K 202 -16.89 38.22 -31.25
CA ILE K 202 -18.11 38.75 -30.59
C ILE K 202 -17.67 39.34 -29.25
N THR K 203 -17.76 40.67 -29.12
CA THR K 203 -17.42 41.46 -27.90
C THR K 203 -18.69 41.70 -27.07
N ALA K 204 -19.87 41.76 -27.72
CA ALA K 204 -21.21 41.93 -27.09
C ALA K 204 -21.38 40.96 -25.92
N VAL K 205 -21.28 39.65 -26.19
CA VAL K 205 -21.42 38.56 -25.18
C VAL K 205 -20.11 38.46 -24.39
N HIS K 206 -20.21 38.16 -23.09
CA HIS K 206 -19.07 37.71 -22.22
C HIS K 206 -19.61 37.02 -20.97
N THR L 100 9.88 31.04 -0.04
CA THR L 100 10.10 32.07 -1.12
C THR L 100 8.87 32.99 -1.23
N THR L 101 9.11 34.24 -1.59
CA THR L 101 8.14 35.12 -2.28
C THR L 101 8.90 35.86 -3.37
N THR L 102 8.25 36.06 -4.50
CA THR L 102 8.86 36.55 -5.75
C THR L 102 7.72 37.16 -6.56
N LEU L 103 7.76 38.45 -6.83
CA LEU L 103 6.72 39.08 -7.67
C LEU L 103 7.36 40.04 -8.66
N ALA L 104 6.80 40.04 -9.86
CA ALA L 104 7.08 41.01 -10.93
C ALA L 104 5.74 41.61 -11.36
N PHE L 105 5.77 42.80 -11.92
CA PHE L 105 4.58 43.38 -12.57
C PHE L 105 4.99 44.46 -13.55
N ARG L 106 4.10 44.64 -14.52
CA ARG L 106 4.25 45.55 -15.68
C ARG L 106 3.42 46.80 -15.45
N PHE L 107 4.00 47.96 -15.77
CA PHE L 107 3.39 49.30 -15.70
C PHE L 107 3.98 50.11 -16.87
N ASN L 108 3.56 51.36 -17.06
CA ASN L 108 4.03 52.23 -18.17
C ASN L 108 5.56 52.30 -18.14
N GLY L 109 6.14 52.69 -17.00
CA GLY L 109 7.60 52.84 -16.78
C GLY L 109 8.42 51.62 -17.16
N GLY L 110 7.87 50.41 -16.98
CA GLY L 110 8.49 49.16 -17.44
C GLY L 110 8.03 47.96 -16.63
N ILE L 111 8.97 47.23 -16.01
CA ILE L 111 8.68 46.03 -15.18
C ILE L 111 9.51 46.09 -13.90
N ILE L 112 8.82 46.06 -12.76
CA ILE L 112 9.44 45.77 -11.43
C ILE L 112 9.57 44.25 -11.31
N VAL L 113 10.65 43.79 -10.69
CA VAL L 113 10.80 42.42 -10.14
C VAL L 113 11.25 42.60 -8.70
N ALA L 114 10.47 42.13 -7.75
CA ALA L 114 10.84 42.11 -6.32
C ALA L 114 10.93 40.66 -5.86
N VAL L 115 11.82 40.40 -4.92
CA VAL L 115 12.02 39.05 -4.32
C VAL L 115 12.41 39.21 -2.85
N ASP L 116 12.22 38.15 -2.08
CA ASP L 116 12.85 37.97 -0.75
C ASP L 116 14.23 37.33 -1.00
N SER L 117 14.90 36.84 0.03
CA SER L 117 16.31 36.40 -0.02
C SER L 117 16.55 35.26 0.97
N ARG L 118 15.57 34.35 1.14
CA ARG L 118 15.66 33.20 2.06
C ARG L 118 15.36 31.91 1.29
N ALA L 119 16.15 30.87 1.55
CA ALA L 119 15.95 29.49 1.03
C ALA L 119 15.88 28.51 2.21
N SER L 120 14.66 28.30 2.71
CA SER L 120 14.33 27.48 3.91
C SER L 120 13.92 26.08 3.45
N THR L 121 14.45 25.03 4.09
CA THR L 121 13.99 23.61 3.96
C THR L 121 12.95 23.36 5.07
N GLY L 122 11.75 23.93 4.90
CA GLY L 122 10.58 23.76 5.76
C GLY L 122 10.71 24.48 7.09
N GLN L 123 11.57 23.95 7.97
CA GLN L 123 11.70 24.35 9.40
C GLN L 123 12.99 25.15 9.59
N TYR L 124 14.14 24.54 9.28
CA TYR L 124 15.48 25.16 9.41
C TYR L 124 15.78 26.00 8.16
N ILE L 125 16.42 27.16 8.34
CA ILE L 125 16.77 28.13 7.26
C ILE L 125 18.23 27.93 6.87
N ALA L 126 18.46 27.37 5.68
CA ALA L 126 19.81 27.15 5.12
C ALA L 126 20.51 28.51 5.04
N SER L 127 19.99 29.40 4.20
CA SER L 127 20.64 30.67 3.79
C SER L 127 19.62 31.81 3.87
N GLN L 128 20.09 32.99 4.26
CA GLN L 128 19.27 34.23 4.37
C GLN L 128 19.79 35.26 3.35
N THR L 129 20.51 34.82 2.32
CA THR L 129 21.18 35.73 1.33
C THR L 129 21.10 35.20 -0.11
N VAL L 130 20.14 34.32 -0.44
CA VAL L 130 19.98 33.75 -1.82
C VAL L 130 19.61 34.88 -2.77
N MET L 131 20.48 35.17 -3.75
CA MET L 131 20.16 36.09 -4.87
C MET L 131 19.14 35.37 -5.77
N LYS L 132 17.87 35.79 -5.73
CA LYS L 132 16.72 35.08 -6.36
C LYS L 132 16.42 35.64 -7.75
N VAL L 133 16.77 36.90 -8.01
CA VAL L 133 16.69 37.46 -9.38
C VAL L 133 17.96 37.04 -10.11
N LEU L 134 17.81 36.07 -11.01
CA LEU L 134 18.87 35.64 -11.96
C LEU L 134 18.99 36.69 -13.06
N GLU L 135 20.21 37.12 -13.33
CA GLU L 135 20.52 38.16 -14.33
C GLU L 135 21.17 37.42 -15.50
N ILE L 136 20.42 37.26 -16.57
CA ILE L 136 20.71 36.30 -17.69
C ILE L 136 21.52 37.06 -18.75
N ASN L 137 20.84 37.94 -19.50
CA ASN L 137 21.37 38.87 -20.53
C ASN L 137 21.55 40.18 -19.72
N ASP L 138 21.51 41.35 -20.35
CA ASP L 138 21.41 42.66 -19.67
C ASP L 138 20.06 43.31 -20.02
N TYR L 139 19.13 42.53 -20.62
CA TYR L 139 17.73 42.94 -20.92
C TYR L 139 16.75 41.83 -20.51
N LEU L 140 17.19 40.85 -19.70
CA LEU L 140 16.40 39.67 -19.25
C LEU L 140 16.63 39.40 -17.76
N LEU L 141 15.54 39.39 -16.98
CA LEU L 141 15.51 38.95 -15.56
C LEU L 141 14.66 37.70 -15.43
N GLY L 142 15.30 36.55 -15.21
CA GLY L 142 14.66 35.35 -14.66
C GLY L 142 14.57 35.49 -13.15
N THR L 143 13.45 35.07 -12.55
CA THR L 143 13.27 34.94 -11.08
C THR L 143 13.19 33.47 -10.72
N LEU L 144 13.95 33.04 -9.72
CA LEU L 144 13.94 31.63 -9.28
C LEU L 144 12.97 31.49 -8.10
N ALA L 145 12.08 30.50 -8.19
CA ALA L 145 11.20 30.03 -7.11
C ALA L 145 10.90 28.55 -7.41
N GLY L 146 10.59 27.75 -6.39
CA GLY L 146 10.63 26.28 -6.48
C GLY L 146 12.07 25.79 -6.42
N GLY L 147 12.33 24.59 -6.93
CA GLY L 147 13.66 23.93 -6.92
C GLY L 147 14.76 24.86 -7.42
N ALA L 148 15.47 25.52 -6.50
CA ALA L 148 16.54 26.51 -6.78
C ALA L 148 17.52 25.93 -7.80
N ALA L 149 17.86 24.64 -7.66
CA ALA L 149 18.78 23.90 -8.55
C ALA L 149 18.34 24.01 -10.01
N ASP L 150 17.07 23.70 -10.27
CA ASP L 150 16.48 23.57 -11.63
C ASP L 150 16.47 24.93 -12.32
N CYS L 151 16.08 25.98 -11.58
CA CYS L 151 16.07 27.39 -12.06
C CYS L 151 17.50 27.83 -12.37
N GLN L 152 18.38 27.82 -11.37
CA GLN L 152 19.79 28.32 -11.50
C GLN L 152 20.46 27.66 -12.71
N TYR L 153 20.13 26.39 -13.00
CA TYR L 153 20.62 25.65 -14.19
C TYR L 153 19.90 26.10 -15.46
N TRP L 154 18.57 25.94 -15.54
CA TRP L 154 17.81 26.18 -16.79
C TRP L 154 17.85 27.66 -17.17
N GLU L 155 17.63 28.58 -16.23
CA GLU L 155 17.71 30.04 -16.51
C GLU L 155 19.15 30.42 -16.90
N ARG L 156 20.16 29.63 -16.55
CA ARG L 156 21.55 29.86 -17.01
C ARG L 156 21.74 29.28 -18.42
N VAL L 157 21.07 28.16 -18.73
CA VAL L 157 21.02 27.59 -20.10
C VAL L 157 20.35 28.63 -20.98
N LEU L 158 19.11 28.99 -20.68
CA LEU L 158 18.36 30.09 -21.36
C LEU L 158 19.35 31.20 -21.73
N GLY L 159 20.20 31.60 -20.77
CA GLY L 159 21.22 32.65 -20.95
C GLY L 159 22.22 32.35 -22.05
N MET L 160 22.71 31.11 -22.11
CA MET L 160 23.56 30.61 -23.21
C MET L 160 22.79 30.77 -24.53
N GLU L 161 21.57 30.25 -24.63
CA GLU L 161 20.75 30.26 -25.88
C GLU L 161 20.45 31.69 -26.30
N CYS L 162 20.23 32.59 -25.34
CA CYS L 162 19.96 34.03 -25.62
C CYS L 162 21.20 34.69 -26.19
N ARG L 163 22.37 34.37 -25.64
CA ARG L 163 23.65 34.93 -26.12
C ARG L 163 23.98 34.33 -27.49
N LEU L 164 23.81 33.02 -27.67
CA LEU L 164 24.08 32.34 -28.96
C LEU L 164 23.24 32.97 -30.06
N TRP L 165 21.99 33.27 -29.77
CA TRP L 165 21.07 34.00 -30.68
C TRP L 165 21.66 35.36 -31.03
N GLU L 166 22.18 36.09 -30.04
CA GLU L 166 22.78 37.44 -30.24
C GLU L 166 23.96 37.35 -31.21
N LEU L 167 24.73 36.25 -31.19
CA LEU L 167 25.92 36.05 -32.07
C LEU L 167 25.43 35.71 -33.48
N ARG L 168 24.61 34.67 -33.60
CA ARG L 168 24.10 34.13 -34.88
C ARG L 168 23.32 35.23 -35.62
N ASN L 169 22.26 35.74 -35.00
CA ASN L 169 21.22 36.58 -35.66
C ASN L 169 21.60 38.07 -35.56
N GLY L 170 22.76 38.39 -34.97
CA GLY L 170 23.38 39.74 -34.94
C GLY L 170 22.49 40.78 -34.32
N SER L 171 21.69 40.40 -33.31
CA SER L 171 20.57 41.19 -32.76
C SER L 171 19.96 40.44 -31.58
N ARG L 172 19.48 41.18 -30.58
CA ARG L 172 19.08 40.57 -29.28
C ARG L 172 17.80 39.78 -29.51
N ILE L 173 17.64 38.69 -28.77
CA ILE L 173 16.42 37.83 -28.74
C ILE L 173 15.25 38.67 -28.23
N THR L 174 14.04 38.26 -28.55
CA THR L 174 12.79 38.82 -27.94
C THR L 174 12.61 38.17 -26.56
N VAL L 175 11.75 38.75 -25.72
CA VAL L 175 11.36 38.14 -24.43
C VAL L 175 10.40 37.00 -24.72
N ALA L 176 9.47 37.22 -25.66
CA ALA L 176 8.57 36.18 -26.18
C ALA L 176 9.38 34.90 -26.41
N ALA L 177 10.42 34.97 -27.25
CA ALA L 177 11.26 33.81 -27.65
C ALA L 177 12.06 33.30 -26.45
N ALA L 178 12.55 34.20 -25.61
CA ALA L 178 13.36 33.84 -24.43
C ALA L 178 12.51 32.93 -23.54
N SER L 179 11.33 33.41 -23.15
CA SER L 179 10.34 32.64 -22.34
C SER L 179 10.01 31.33 -23.05
N LYS L 180 9.78 31.36 -24.38
CA LYS L 180 9.41 30.18 -25.19
C LYS L 180 10.51 29.13 -25.12
N ILE L 181 11.79 29.53 -25.16
CA ILE L 181 12.93 28.57 -25.03
C ILE L 181 12.77 27.83 -23.71
N LEU L 182 12.61 28.58 -22.62
CA LEU L 182 12.46 28.04 -21.26
C LEU L 182 11.22 27.14 -21.21
N ALA L 183 10.11 27.58 -21.79
CA ALA L 183 8.82 26.85 -21.85
C ALA L 183 8.95 25.49 -22.55
N ASN L 184 9.81 25.39 -23.57
CA ASN L 184 9.98 24.16 -24.39
C ASN L 184 10.96 23.20 -23.71
N ILE L 185 11.87 23.71 -22.88
CA ILE L 185 12.78 22.90 -22.02
C ILE L 185 11.94 22.31 -20.88
N THR L 186 11.12 23.12 -20.22
CA THR L 186 10.28 22.65 -19.09
C THR L 186 9.19 21.72 -19.63
N TYR L 187 8.77 21.82 -20.89
CA TYR L 187 7.73 20.93 -21.46
C TYR L 187 8.30 19.55 -21.72
N ALA L 188 9.47 19.47 -22.38
CA ALA L 188 10.17 18.20 -22.65
C ALA L 188 10.48 17.44 -21.34
N TYR L 189 10.59 18.14 -20.22
CA TYR L 189 10.98 17.58 -18.89
C TYR L 189 9.80 17.62 -17.90
N ARG L 190 8.54 17.60 -18.38
CA ARG L 190 7.34 17.85 -17.52
C ARG L 190 7.12 16.66 -16.59
N ASN L 191 7.36 15.45 -17.12
CA ASN L 191 7.28 14.14 -16.40
C ASN L 191 8.70 13.60 -16.20
N HIS L 192 9.64 14.49 -15.84
CA HIS L 192 10.96 14.20 -15.23
C HIS L 192 11.04 14.84 -13.85
N GLY L 193 9.89 15.26 -13.28
CA GLY L 193 9.77 15.81 -11.92
C GLY L 193 10.64 17.05 -11.69
N LEU L 194 10.71 17.95 -12.67
CA LEU L 194 11.26 19.33 -12.48
C LEU L 194 10.36 20.08 -11.50
N SER L 195 10.86 21.17 -10.92
CA SER L 195 10.08 22.11 -10.08
C SER L 195 10.69 23.51 -10.21
N MET L 196 10.04 24.41 -10.96
CA MET L 196 10.56 25.78 -11.23
C MET L 196 9.45 26.69 -11.78
N GLY L 197 8.77 27.40 -10.87
CA GLY L 197 7.98 28.62 -11.15
C GLY L 197 8.88 29.83 -11.33
N THR L 198 9.16 30.16 -12.59
CA THR L 198 10.09 31.22 -13.04
C THR L 198 9.28 32.37 -13.65
N MET L 199 9.84 33.58 -13.73
CA MET L 199 9.25 34.71 -14.50
C MET L 199 10.34 35.39 -15.31
N VAL L 200 10.29 35.25 -16.63
CA VAL L 200 11.24 35.92 -17.58
C VAL L 200 10.65 37.28 -17.95
N ALA L 201 11.17 38.34 -17.33
CA ALA L 201 10.84 39.76 -17.59
C ALA L 201 11.92 40.35 -18.50
N GLY L 202 11.60 41.41 -19.23
CA GLY L 202 12.54 42.04 -20.18
C GLY L 202 11.89 43.14 -20.99
N TRP L 203 12.72 43.92 -21.69
CA TRP L 203 12.30 44.97 -22.64
C TRP L 203 13.07 44.74 -23.95
N ASP L 204 12.32 44.69 -25.05
CA ASP L 204 12.79 44.38 -26.44
C ASP L 204 12.11 45.38 -27.39
N GLN L 205 12.05 45.07 -28.70
CA GLN L 205 11.43 45.92 -29.75
C GLN L 205 9.95 46.18 -29.41
N PHE L 206 9.22 45.17 -28.93
CA PHE L 206 7.74 45.18 -28.76
C PHE L 206 7.36 45.53 -27.32
N GLY L 207 8.01 46.53 -26.73
CA GLY L 207 7.69 47.03 -25.38
C GLY L 207 8.11 46.06 -24.28
N PRO L 208 7.80 46.35 -22.99
CA PRO L 208 8.11 45.45 -21.89
C PRO L 208 7.20 44.22 -21.94
N SER L 209 7.73 43.06 -21.54
CA SER L 209 7.01 41.75 -21.57
C SER L 209 7.39 40.96 -20.31
N LEU L 210 6.39 40.43 -19.62
CA LEU L 210 6.61 39.55 -18.44
C LEU L 210 5.97 38.19 -18.73
N TYR L 211 6.69 37.09 -18.50
CA TYR L 211 6.20 35.70 -18.76
C TYR L 211 6.46 34.79 -17.56
N TYR L 212 5.40 34.40 -16.84
CA TYR L 212 5.45 33.24 -15.91
C TYR L 212 5.69 31.98 -16.73
N VAL L 213 6.67 31.17 -16.33
CA VAL L 213 7.01 29.88 -16.99
C VAL L 213 7.12 28.80 -15.92
N ASP L 214 6.25 27.79 -16.01
CA ASP L 214 6.05 26.73 -15.00
C ASP L 214 7.03 25.59 -15.27
N ASP L 215 7.07 24.60 -14.37
CA ASP L 215 7.74 23.27 -14.52
C ASP L 215 7.08 22.44 -15.63
N LYS L 216 5.74 22.55 -15.82
CA LYS L 216 4.91 21.72 -16.73
C LYS L 216 4.84 22.34 -18.13
N GLY L 217 5.80 23.19 -18.48
CA GLY L 217 5.92 23.80 -19.81
C GLY L 217 4.97 24.98 -20.01
N SER L 218 4.26 25.40 -18.95
CA SER L 218 3.28 26.52 -19.01
C SER L 218 4.02 27.81 -19.37
N ARG L 219 3.36 28.73 -20.06
CA ARG L 219 3.97 30.00 -20.52
C ARG L 219 2.86 31.03 -20.70
N VAL L 220 2.82 32.02 -19.82
CA VAL L 220 1.68 32.96 -19.70
C VAL L 220 2.22 34.38 -19.73
N LYS L 221 1.71 35.18 -20.65
CA LYS L 221 1.94 36.65 -20.63
C LYS L 221 1.07 37.24 -19.50
N GLN L 222 1.74 37.65 -18.42
CA GLN L 222 1.14 38.34 -17.24
C GLN L 222 1.38 39.84 -17.35
N ASP L 223 0.43 40.64 -16.88
CA ASP L 223 0.66 42.08 -16.57
C ASP L 223 1.14 42.18 -15.11
N LEU L 224 0.80 41.21 -14.26
CA LEU L 224 1.12 41.20 -12.82
C LEU L 224 1.18 39.75 -12.36
N PHE L 225 2.12 39.40 -11.49
CA PHE L 225 2.31 37.99 -11.07
C PHE L 225 3.13 37.91 -9.80
N SER L 226 2.94 36.83 -9.04
CA SER L 226 3.71 36.49 -7.82
C SER L 226 3.84 34.97 -7.67
N VAL L 227 5.04 34.50 -7.33
CA VAL L 227 5.34 33.05 -7.17
C VAL L 227 5.94 32.83 -5.78
N GLY L 228 5.90 31.59 -5.32
CA GLY L 228 6.45 31.15 -4.02
C GLY L 228 5.40 31.10 -2.95
N SER L 229 5.75 30.48 -1.82
CA SER L 229 4.87 30.23 -0.65
C SER L 229 4.13 31.50 -0.23
N GLY L 230 4.80 32.66 -0.26
CA GLY L 230 4.21 33.94 0.21
C GLY L 230 3.54 34.73 -0.89
N SER L 231 3.36 34.17 -2.07
CA SER L 231 2.71 34.86 -3.21
C SER L 231 1.37 35.42 -2.74
N ILE L 232 0.47 34.52 -2.38
CA ILE L 232 -0.87 34.77 -1.73
C ILE L 232 -0.85 36.03 -0.86
N TYR L 233 0.23 36.28 -0.10
CA TYR L 233 0.38 37.49 0.76
C TYR L 233 0.72 38.70 -0.09
N ALA L 234 1.71 38.57 -0.98
CA ALA L 234 2.12 39.64 -1.91
C ALA L 234 0.90 40.13 -2.66
N TYR L 235 0.21 39.23 -3.38
CA TYR L 235 -0.99 39.56 -4.20
C TYR L 235 -1.96 40.40 -3.39
N GLY L 236 -2.15 40.09 -2.11
CA GLY L 236 -3.00 40.86 -1.19
C GLY L 236 -2.71 42.35 -1.27
N VAL L 237 -1.52 42.74 -0.82
CA VAL L 237 -1.01 44.14 -0.81
C VAL L 237 -1.03 44.70 -2.24
N LEU L 238 -0.54 43.87 -3.16
CA LEU L 238 -0.08 44.28 -4.51
C LEU L 238 -1.30 44.65 -5.36
N ASP L 239 -2.41 43.92 -5.24
CA ASP L 239 -3.68 44.18 -5.99
C ASP L 239 -4.38 45.42 -5.42
N THR L 240 -4.02 45.85 -4.20
CA THR L 240 -4.52 47.09 -3.57
C THR L 240 -3.97 48.31 -4.32
N GLY L 241 -2.66 48.54 -4.28
CA GLY L 241 -2.01 49.78 -4.78
C GLY L 241 -1.73 49.78 -6.28
N TYR L 242 -1.81 48.62 -6.96
CA TYR L 242 -1.32 48.44 -8.35
C TYR L 242 -2.31 49.09 -9.33
N ARG L 243 -1.83 50.12 -10.02
CA ARG L 243 -2.39 50.66 -11.28
C ARG L 243 -1.32 50.47 -12.36
N LYS L 244 -1.58 50.89 -13.59
CA LYS L 244 -0.65 50.75 -14.75
C LYS L 244 0.18 52.04 -14.90
N ASP L 245 -0.22 53.11 -14.20
CA ASP L 245 0.27 54.51 -14.39
C ASP L 245 1.09 54.95 -13.16
N LEU L 246 1.59 53.99 -12.38
CA LEU L 246 2.55 54.23 -11.26
C LEU L 246 3.81 54.94 -11.81
N SER L 247 4.42 55.82 -11.02
CA SER L 247 5.81 56.30 -11.21
C SER L 247 6.77 55.20 -10.77
N VAL L 248 8.01 55.21 -11.25
CA VAL L 248 9.03 54.15 -10.94
C VAL L 248 9.25 54.12 -9.41
N GLU L 249 9.24 55.29 -8.77
CA GLU L 249 9.27 55.45 -7.29
C GLU L 249 8.16 54.59 -6.65
N ASP L 250 6.90 54.88 -6.98
CA ASP L 250 5.68 54.29 -6.36
C ASP L 250 5.58 52.79 -6.68
N ALA L 251 6.07 52.37 -7.85
CA ALA L 251 6.06 50.96 -8.31
C ALA L 251 6.98 50.15 -7.41
N CYS L 252 8.18 50.65 -7.18
CA CYS L 252 9.17 50.01 -6.29
C CYS L 252 8.68 50.05 -4.85
N ASP L 253 8.22 51.21 -4.38
CA ASP L 253 7.53 51.33 -3.06
C ASP L 253 6.51 50.19 -2.92
N LEU L 254 5.60 50.05 -3.90
CA LEU L 254 4.50 49.05 -3.89
C LEU L 254 5.09 47.64 -3.83
N ALA L 255 6.02 47.30 -4.72
CA ALA L 255 6.62 45.95 -4.81
C ALA L 255 7.33 45.62 -3.50
N ARG L 256 8.14 46.55 -3.01
CA ARG L 256 8.95 46.37 -1.79
C ARG L 256 8.02 46.06 -0.62
N ARG L 257 6.92 46.81 -0.47
CA ARG L 257 5.85 46.54 0.53
C ARG L 257 5.32 45.13 0.31
N SER L 258 4.88 44.85 -0.91
CA SER L 258 4.22 43.57 -1.27
C SER L 258 5.11 42.41 -0.85
N ILE L 259 6.39 42.42 -1.22
CA ILE L 259 7.36 41.38 -0.78
C ILE L 259 7.43 41.41 0.74
N PHE L 260 7.65 42.59 1.31
CA PHE L 260 7.81 42.75 2.77
C PHE L 260 6.64 42.07 3.49
N HIS L 261 5.39 42.33 3.07
CA HIS L 261 4.16 41.84 3.76
C HIS L 261 3.99 40.34 3.59
N ALA L 262 4.68 39.76 2.60
CA ALA L 262 4.85 38.31 2.46
C ALA L 262 5.89 37.81 3.46
N THR L 263 7.02 38.52 3.60
CA THR L 263 8.09 38.15 4.56
C THR L 263 7.52 38.20 5.98
N TYR L 264 6.67 39.18 6.27
CA TYR L 264 6.07 39.41 7.61
C TYR L 264 5.16 38.24 8.03
N ARG L 265 4.51 37.57 7.07
CA ARG L 265 3.48 36.53 7.33
C ARG L 265 4.04 35.15 7.05
N ASP L 266 4.48 34.90 5.82
CA ASP L 266 5.08 33.60 5.45
C ASP L 266 6.36 33.39 6.27
N GLY L 267 6.55 32.17 6.78
CA GLY L 267 7.78 31.74 7.48
C GLY L 267 8.89 31.41 6.49
N ALA L 268 8.52 30.80 5.36
CA ALA L 268 9.48 30.38 4.31
C ALA L 268 9.97 31.60 3.52
N SER L 269 9.19 32.68 3.47
CA SER L 269 9.62 33.97 2.85
C SER L 269 10.25 34.83 3.94
N GLY L 270 11.39 35.47 3.66
CA GLY L 270 12.06 36.39 4.61
C GLY L 270 13.34 36.97 4.08
N GLY L 271 14.15 37.55 4.97
CA GLY L 271 15.53 37.99 4.70
C GLY L 271 15.58 39.40 4.17
N ILE L 272 15.98 39.56 2.90
CA ILE L 272 16.34 40.85 2.24
C ILE L 272 15.42 41.07 1.03
N VAL L 273 14.74 42.22 0.97
CA VAL L 273 13.74 42.53 -0.10
C VAL L 273 14.43 43.29 -1.24
N THR L 274 14.98 42.54 -2.17
CA THR L 274 15.62 43.06 -3.40
C THR L 274 14.54 43.46 -4.41
N VAL L 275 14.70 44.62 -5.04
CA VAL L 275 13.82 45.09 -6.15
C VAL L 275 14.70 45.42 -7.35
N TYR L 276 14.25 45.07 -8.55
CA TYR L 276 14.81 45.45 -9.87
C TYR L 276 13.77 46.25 -10.65
N HIS L 277 14.24 46.99 -11.64
CA HIS L 277 13.40 47.69 -12.65
C HIS L 277 13.93 47.26 -14.01
N VAL L 278 13.04 47.04 -14.98
CA VAL L 278 13.43 46.71 -16.38
C VAL L 278 12.91 47.85 -17.25
N HIS L 279 13.81 48.57 -17.92
CA HIS L 279 13.54 49.77 -18.76
C HIS L 279 14.10 49.53 -20.17
N GLU L 280 13.80 50.42 -21.11
CA GLU L 280 14.28 50.35 -22.52
C GLU L 280 15.81 50.30 -22.58
N LYS L 281 16.52 50.74 -21.52
CA LYS L 281 18.01 50.80 -21.43
C LYS L 281 18.60 49.54 -20.77
N GLY L 282 17.78 48.52 -20.48
CA GLY L 282 18.21 47.29 -19.80
C GLY L 282 17.49 47.11 -18.48
N TRP L 283 18.17 46.53 -17.47
CA TRP L 283 17.65 46.45 -16.08
C TRP L 283 18.66 47.11 -15.14
N THR L 284 18.13 47.66 -14.04
CA THR L 284 18.89 48.27 -12.94
C THR L 284 18.34 47.66 -11.63
N LYS L 285 19.23 47.32 -10.69
CA LYS L 285 18.85 46.92 -9.32
C LYS L 285 18.56 48.20 -8.53
N ILE L 286 17.28 48.47 -8.25
CA ILE L 286 16.78 49.66 -7.51
C ILE L 286 17.39 49.68 -6.12
N SER L 287 16.99 48.72 -5.27
CA SER L 287 17.28 48.71 -3.81
C SER L 287 17.78 47.32 -3.40
N ARG L 288 18.20 47.17 -2.14
CA ARG L 288 18.49 45.86 -1.51
C ARG L 288 18.29 45.98 0.00
N ASP L 289 17.04 46.21 0.42
CA ASP L 289 16.65 46.57 1.81
C ASP L 289 16.44 45.29 2.63
N ASP L 290 16.98 45.25 3.84
CA ASP L 290 16.65 44.20 4.84
C ASP L 290 15.20 44.39 5.25
N GLN L 291 14.47 43.30 5.50
CA GLN L 291 13.00 43.29 5.68
C GLN L 291 12.64 43.71 7.12
N THR L 292 13.59 43.67 8.07
CA THR L 292 13.38 44.13 9.47
C THR L 292 13.55 45.64 9.56
N LYS L 293 14.49 46.23 8.79
CA LYS L 293 14.63 47.72 8.68
C LYS L 293 13.34 48.27 8.06
N LEU L 294 12.81 47.55 7.07
CA LEU L 294 11.57 47.88 6.33
C LEU L 294 10.38 48.00 7.28
N TYR L 295 10.25 47.11 8.27
CA TYR L 295 9.14 47.16 9.25
C TYR L 295 9.17 48.49 10.01
N HIS L 296 10.36 49.01 10.33
CA HIS L 296 10.57 50.25 11.14
C HIS L 296 10.48 51.51 10.27
N ARG L 297 10.44 51.34 8.94
CA ARG L 297 10.09 52.41 7.97
C ARG L 297 8.56 52.48 7.83
N TYR L 298 7.92 51.36 7.49
CA TYR L 298 6.48 51.26 7.10
C TYR L 298 5.56 51.35 8.33
N PHE L 299 6.05 50.97 9.52
CA PHE L 299 5.33 51.09 10.82
C PHE L 299 6.26 51.74 11.84
N PRO L 300 6.44 53.08 11.82
CA PRO L 300 7.45 53.73 12.66
C PRO L 300 7.26 53.65 14.19
N SER L 301 6.02 53.50 14.68
CA SER L 301 5.66 53.46 16.12
C SER L 301 6.23 52.19 16.77
N TRP M 126 17.38 -3.10 -0.19
CA TRP M 126 18.74 -2.48 -0.35
C TRP M 126 18.59 -1.06 -0.89
N SER M 127 19.02 -0.06 -0.11
CA SER M 127 19.09 1.39 -0.49
C SER M 127 20.46 1.68 -1.11
N PRO M 128 20.53 2.33 -2.30
CA PRO M 128 21.82 2.68 -2.90
C PRO M 128 22.49 3.87 -2.20
N TYR M 129 21.74 4.62 -1.38
CA TYR M 129 22.20 5.77 -0.56
C TYR M 129 22.41 5.33 0.90
N GLN M 130 23.46 5.83 1.53
CA GLN M 130 23.84 5.55 2.94
C GLN M 130 24.47 6.84 3.49
N ASP M 131 23.72 7.62 4.28
CA ASP M 131 24.25 8.85 4.93
C ASP M 131 25.39 8.45 5.87
N ASN M 132 26.62 8.83 5.52
CA ASN M 132 27.87 8.52 6.28
C ASN M 132 28.22 9.69 7.21
N GLY M 133 27.24 10.57 7.47
CA GLY M 133 27.26 11.58 8.54
C GLY M 133 28.40 12.57 8.40
N GLY M 134 28.69 13.26 9.50
CA GLY M 134 29.76 14.26 9.62
C GLY M 134 29.30 15.67 9.27
N THR M 135 30.14 16.66 9.60
CA THR M 135 29.88 18.11 9.51
C THR M 135 31.09 18.80 8.86
N THR M 136 30.83 19.69 7.90
CA THR M 136 31.83 20.59 7.27
C THR M 136 31.44 22.04 7.57
N ALA M 137 32.42 22.90 7.87
CA ALA M 137 32.24 24.36 8.02
C ALA M 137 33.32 25.09 7.24
N ALA M 138 33.00 26.28 6.73
CA ALA M 138 33.96 27.20 6.09
C ALA M 138 33.68 28.61 6.56
N ILE M 139 34.74 29.40 6.79
CA ILE M 139 34.62 30.86 7.07
C ILE M 139 35.63 31.58 6.19
N ALA M 140 35.15 32.56 5.43
CA ALA M 140 35.96 33.39 4.50
C ALA M 140 36.24 34.75 5.14
N GLY M 141 37.51 35.01 5.46
CA GLY M 141 38.03 36.36 5.75
C GLY M 141 38.39 37.10 4.47
N LYS M 142 39.21 38.15 4.59
CA LYS M 142 39.60 39.06 3.48
C LYS M 142 40.83 38.49 2.74
N ASP M 143 41.68 37.71 3.42
CA ASP M 143 42.96 37.17 2.87
C ASP M 143 42.84 35.67 2.63
N PHE M 144 41.97 34.98 3.38
CA PHE M 144 42.04 33.52 3.63
C PHE M 144 40.65 32.88 3.57
N VAL M 145 40.62 31.55 3.64
CA VAL M 145 39.43 30.74 4.06
C VAL M 145 39.89 29.67 5.05
N ILE M 146 39.21 29.58 6.19
CA ILE M 146 39.28 28.37 7.06
C ILE M 146 38.16 27.43 6.61
N LEU M 147 38.53 26.16 6.42
CA LEU M 147 37.68 25.03 5.95
C LEU M 147 37.85 23.86 6.90
N ALA M 148 36.79 23.46 7.60
CA ALA M 148 36.77 22.39 8.61
C ALA M 148 35.82 21.28 8.16
N GLY M 149 36.24 20.03 8.30
CA GLY M 149 35.38 18.86 8.09
C GLY M 149 35.78 17.73 9.02
N ASP M 150 34.83 17.21 9.79
CA ASP M 150 35.10 16.22 10.86
C ASP M 150 35.48 14.88 10.20
N THR M 151 36.18 14.04 10.98
CA THR M 151 36.90 12.81 10.54
C THR M 151 36.14 11.56 10.98
N ARG M 152 34.96 11.73 11.59
CA ARG M 152 34.04 10.62 11.92
C ARG M 152 33.36 10.21 10.59
N LEU M 153 33.63 9.00 10.14
CA LEU M 153 32.88 8.30 9.06
C LEU M 153 32.04 7.22 9.74
N ASN M 154 30.74 7.45 9.93
CA ASN M 154 29.83 6.53 10.67
C ASN M 154 28.92 5.84 9.65
N GLY M 155 28.81 4.50 9.74
CA GLY M 155 28.01 3.67 8.84
C GLY M 155 26.57 3.55 9.31
N ASP M 156 26.15 2.32 9.68
CA ASP M 156 24.78 2.00 10.16
C ASP M 156 24.88 1.51 11.61
N PHE M 157 24.71 2.44 12.55
CA PHE M 157 24.59 2.25 14.03
C PHE M 157 25.97 2.03 14.70
N CYS M 158 27.05 1.78 13.94
CA CYS M 158 28.46 1.73 14.43
C CYS M 158 29.24 2.95 13.90
N LEU M 159 30.57 2.93 14.01
CA LEU M 159 31.46 3.82 13.21
C LEU M 159 32.63 3.01 12.63
N HIS M 160 32.87 3.21 11.33
CA HIS M 160 33.89 2.53 10.49
C HIS M 160 35.28 3.04 10.82
N SER M 161 35.45 4.37 10.90
CA SER M 161 36.74 5.03 11.12
C SER M 161 36.57 6.31 11.95
N ARG M 162 37.65 6.72 12.61
CA ARG M 162 37.78 8.00 13.36
C ARG M 162 38.77 8.94 12.66
N HIS M 163 39.52 8.47 11.64
CA HIS M 163 40.56 9.25 10.92
C HIS M 163 40.27 9.23 9.41
N ASP M 164 39.02 9.47 9.00
CA ASP M 164 38.60 9.59 7.58
C ASP M 164 38.88 11.01 7.08
N GLN M 165 39.86 11.17 6.19
CA GLN M 165 40.28 12.48 5.64
C GLN M 165 39.51 12.81 4.36
N SER M 166 38.63 11.90 3.88
CA SER M 166 37.94 11.97 2.56
C SER M 166 36.97 13.17 2.47
N LYS M 167 36.53 13.72 3.61
CA LYS M 167 35.54 14.83 3.71
C LYS M 167 36.01 15.99 2.83
N ILE M 168 37.20 16.54 3.11
CA ILE M 168 37.84 17.64 2.32
C ILE M 168 38.75 17.03 1.27
N PHE M 169 38.86 17.69 0.12
CA PHE M 169 39.68 17.26 -1.05
C PHE M 169 40.26 18.50 -1.74
N GLN M 170 41.56 18.48 -2.04
CA GLN M 170 42.24 19.51 -2.85
C GLN M 170 41.95 19.25 -4.34
N LEU M 171 41.46 20.27 -5.06
CA LEU M 171 41.29 20.27 -6.54
C LEU M 171 42.46 21.02 -7.17
N THR M 172 42.79 22.20 -6.63
CA THR M 172 43.96 23.04 -6.98
C THR M 172 44.65 23.50 -5.69
N PRO M 173 45.88 24.05 -5.76
CA PRO M 173 46.47 24.71 -4.59
C PRO M 173 45.48 25.59 -3.79
N TYR M 174 44.71 26.42 -4.49
CA TYR M 174 43.89 27.52 -3.92
C TYR M 174 42.44 27.10 -3.63
N THR M 175 41.97 25.99 -4.19
CA THR M 175 40.53 25.60 -4.19
C THR M 175 40.37 24.20 -3.59
N TYR M 176 39.49 24.06 -2.60
CA TYR M 176 39.18 22.80 -1.87
C TYR M 176 37.71 22.48 -2.02
N MET M 177 37.30 21.21 -1.91
CA MET M 177 35.85 20.88 -1.92
C MET M 177 35.49 19.94 -0.76
N ALA M 178 35.07 20.53 0.36
CA ALA M 178 34.39 19.84 1.47
C ALA M 178 33.11 19.20 0.94
N SER M 179 32.74 18.05 1.49
CA SER M 179 31.63 17.22 1.00
C SER M 179 31.09 16.32 2.11
N ASN M 180 29.78 16.34 2.35
CA ASN M 180 29.08 15.60 3.42
C ASN M 180 28.23 14.49 2.80
N GLY M 181 27.38 13.85 3.63
CA GLY M 181 26.51 12.76 3.18
C GLY M 181 27.33 11.54 2.79
N MET M 182 26.85 10.79 1.79
CA MET M 182 27.40 9.48 1.39
C MET M 182 28.87 9.65 1.00
N GLN M 183 29.72 8.79 1.57
CA GLN M 183 31.19 8.84 1.34
C GLN M 183 31.44 8.43 -0.12
N ALA M 184 30.94 7.25 -0.50
CA ALA M 184 31.18 6.62 -1.81
C ALA M 184 30.94 7.63 -2.94
N ASP M 185 29.97 8.53 -2.79
CA ASP M 185 29.58 9.53 -3.83
C ASP M 185 30.51 10.73 -3.72
N ARG M 186 30.77 11.21 -2.50
CA ARG M 186 31.81 12.24 -2.24
C ARG M 186 33.10 11.80 -2.98
N LEU M 187 33.48 10.52 -2.88
CA LEU M 187 34.75 9.97 -3.46
C LEU M 187 34.67 9.86 -4.98
N GLN M 188 33.53 9.44 -5.53
CA GLN M 188 33.32 9.44 -7.01
C GLN M 188 33.42 10.89 -7.49
N LEU M 189 32.58 11.76 -6.94
CA LEU M 189 32.51 13.19 -7.31
C LEU M 189 33.91 13.78 -7.24
N GLN M 190 34.60 13.59 -6.13
CA GLN M 190 35.97 14.09 -5.92
C GLN M 190 36.83 13.76 -7.15
N GLN M 191 36.83 12.50 -7.62
CA GLN M 191 37.62 12.09 -8.82
C GLN M 191 37.03 12.79 -10.04
N MET M 192 35.77 12.52 -10.36
CA MET M 192 35.05 13.17 -11.48
C MET M 192 35.45 14.64 -11.58
N LEU M 193 35.50 15.36 -10.46
CA LEU M 193 35.85 16.81 -10.44
C LEU M 193 37.33 16.98 -10.77
N LYS M 194 38.20 16.16 -10.18
CA LYS M 194 39.65 16.22 -10.44
C LYS M 194 39.90 16.05 -11.95
N TYR M 195 39.21 15.11 -12.61
CA TYR M 195 39.44 14.77 -14.04
C TYR M 195 38.70 15.75 -14.96
N ARG M 196 37.99 16.74 -14.45
CA ARG M 196 37.51 17.87 -15.28
C ARG M 196 38.39 19.07 -15.00
N VAL M 197 39.00 19.14 -13.81
CA VAL M 197 40.06 20.14 -13.50
C VAL M 197 41.31 19.76 -14.29
N LYS M 198 41.69 18.49 -14.27
CA LYS M 198 42.92 17.97 -14.93
C LYS M 198 42.77 18.11 -16.45
N TRP M 199 41.54 18.08 -16.98
CA TRP M 199 41.25 18.34 -18.42
C TRP M 199 41.40 19.83 -18.69
N TYR M 200 40.74 20.67 -17.89
CA TYR M 200 40.85 22.14 -17.98
C TYR M 200 42.33 22.52 -18.07
N LYS M 201 43.20 21.89 -17.25
CA LYS M 201 44.65 22.19 -17.20
C LYS M 201 45.28 22.04 -18.59
N TYR M 202 44.93 20.98 -19.30
CA TYR M 202 45.54 20.63 -20.62
C TYR M 202 45.01 21.57 -21.69
N ASN M 203 43.69 21.78 -21.74
CA ASN M 203 43.00 22.54 -22.83
C ASN M 203 43.35 24.03 -22.73
N ASN M 204 43.44 24.59 -21.52
CA ASN M 204 43.77 26.02 -21.27
C ASN M 204 45.27 26.11 -20.92
N GLY M 205 46.12 25.48 -21.74
CA GLY M 205 47.60 25.44 -21.64
C GLY M 205 48.11 25.66 -20.23
N GLY M 206 48.18 24.59 -19.43
CA GLY M 206 48.77 24.60 -18.07
C GLY M 206 47.86 25.25 -17.03
N LYS M 207 47.40 26.47 -17.30
CA LYS M 207 46.60 27.33 -16.38
C LYS M 207 45.64 26.46 -15.57
N VAL M 208 45.63 26.66 -14.25
CA VAL M 208 44.73 25.99 -13.29
C VAL M 208 43.41 26.77 -13.28
N PRO M 209 42.24 26.12 -13.07
CA PRO M 209 40.99 26.87 -12.95
C PRO M 209 40.93 27.62 -11.62
N SER M 210 40.35 28.83 -11.65
CA SER M 210 40.01 29.64 -10.44
C SER M 210 39.02 28.87 -9.56
N THR M 211 38.80 29.33 -8.34
CA THR M 211 37.74 28.80 -7.45
C THR M 211 36.40 28.99 -8.13
N LYS M 212 36.15 30.21 -8.63
CA LYS M 212 34.86 30.64 -9.23
C LYS M 212 34.48 29.74 -10.41
N ALA M 213 35.46 29.26 -11.19
CA ALA M 213 35.27 28.33 -12.33
C ALA M 213 34.83 26.96 -11.81
N ILE M 214 35.64 26.34 -10.96
CA ILE M 214 35.37 25.03 -10.30
C ILE M 214 33.99 25.07 -9.66
N ALA M 215 33.66 26.20 -9.02
CA ALA M 215 32.39 26.40 -8.30
C ALA M 215 31.22 26.15 -9.26
N GLN M 216 31.26 26.75 -10.44
CA GLN M 216 30.18 26.59 -11.46
C GLN M 216 30.27 25.20 -12.09
N LEU M 217 31.48 24.62 -12.18
CA LEU M 217 31.74 23.25 -12.70
C LEU M 217 31.09 22.22 -11.78
N MET M 218 31.22 22.38 -10.48
CA MET M 218 30.57 21.53 -9.44
C MET M 218 29.05 21.57 -9.65
N SER M 219 28.47 22.76 -9.76
CA SER M 219 27.02 22.99 -9.99
C SER M 219 26.56 22.28 -11.28
N THR M 220 27.33 22.42 -12.35
CA THR M 220 27.08 21.83 -13.68
C THR M 220 27.14 20.29 -13.59
N MET M 221 28.08 19.74 -12.81
CA MET M 221 28.34 18.28 -12.72
C MET M 221 27.39 17.59 -11.74
N LEU M 222 26.97 18.29 -10.68
CA LEU M 222 25.91 17.77 -9.79
C LEU M 222 24.59 17.67 -10.54
N TYR M 223 24.31 18.59 -11.48
CA TYR M 223 23.02 18.65 -12.20
C TYR M 223 22.96 17.58 -13.28
N HIS M 224 24.02 17.36 -14.06
CA HIS M 224 24.05 16.32 -15.12
C HIS M 224 23.68 14.96 -14.53
N ARG M 225 23.84 14.78 -13.22
CA ARG M 225 23.44 13.56 -12.46
C ARG M 225 22.20 13.83 -11.60
N ARG M 226 21.27 14.70 -11.97
CA ARG M 226 20.12 15.06 -11.07
C ARG M 226 19.03 13.98 -11.09
N PHE M 227 19.05 13.08 -12.10
CA PHE M 227 18.05 11.97 -12.28
C PHE M 227 18.56 10.68 -11.60
N PHE M 228 19.78 10.69 -11.06
CA PHE M 228 20.29 9.76 -10.01
C PHE M 228 21.33 10.51 -9.17
N PRO M 229 20.92 11.41 -8.23
CA PRO M 229 21.85 12.36 -7.62
C PRO M 229 23.01 11.71 -6.85
N TYR M 230 24.18 12.35 -6.87
CA TYR M 230 25.20 12.21 -5.81
C TYR M 230 24.52 12.68 -4.53
N TYR M 231 24.40 11.82 -3.50
CA TYR M 231 23.83 12.21 -2.19
C TYR M 231 24.97 12.82 -1.38
N THR M 232 25.37 14.04 -1.76
CA THR M 232 26.61 14.72 -1.28
C THR M 232 26.38 16.25 -1.29
N PHE M 233 26.46 16.87 -0.10
CA PHE M 233 26.20 18.32 0.16
C PHE M 233 27.53 19.08 0.20
N ASN M 234 27.96 19.56 -0.97
CA ASN M 234 29.36 20.00 -1.20
C ASN M 234 29.51 21.45 -0.79
N MET M 235 30.76 21.87 -0.58
CA MET M 235 31.18 23.28 -0.47
C MET M 235 32.47 23.42 -1.24
N VAL M 236 32.49 24.14 -2.37
CA VAL M 236 33.76 24.50 -3.04
C VAL M 236 34.22 25.78 -2.39
N VAL M 237 35.47 25.81 -1.94
CA VAL M 237 36.04 26.84 -1.03
C VAL M 237 37.41 27.24 -1.59
N GLY M 238 37.75 28.53 -1.54
CA GLY M 238 39.09 28.98 -1.94
C GLY M 238 39.19 30.48 -2.13
N LEU M 239 40.16 30.90 -2.93
CA LEU M 239 40.48 32.32 -3.19
C LEU M 239 39.99 32.68 -4.60
N ASP M 240 39.34 33.84 -4.74
CA ASP M 240 39.03 34.47 -6.05
C ASP M 240 40.31 35.16 -6.56
N GLU M 241 40.24 35.82 -7.72
CA GLU M 241 41.41 36.41 -8.44
C GLU M 241 42.04 37.55 -7.63
N GLU M 242 41.24 38.30 -6.85
CA GLU M 242 41.71 39.44 -5.99
C GLU M 242 42.58 38.93 -4.83
N GLY M 243 42.30 37.72 -4.33
CA GLY M 243 42.91 37.16 -3.10
C GLY M 243 41.91 37.08 -1.96
N HIS M 244 40.81 37.84 -2.04
CA HIS M 244 39.64 37.75 -1.13
C HIS M 244 39.15 36.29 -1.12
N GLY M 245 39.04 35.68 0.07
CA GLY M 245 38.58 34.29 0.25
C GLY M 245 37.08 34.16 0.01
N VAL M 246 36.65 33.07 -0.62
CA VAL M 246 35.23 32.82 -1.00
C VAL M 246 34.90 31.33 -0.88
N CYS M 247 33.66 31.03 -0.50
CA CYS M 247 33.11 29.66 -0.37
C CYS M 247 31.73 29.63 -1.02
N TYR M 248 31.44 28.54 -1.73
CA TYR M 248 30.16 28.23 -2.41
C TYR M 248 29.62 26.96 -1.78
N SER M 249 28.30 26.84 -1.59
CA SER M 249 27.63 25.62 -1.10
C SER M 249 26.70 25.06 -2.17
N TYR M 250 26.43 23.76 -2.11
CA TYR M 250 25.58 23.04 -3.07
C TYR M 250 24.56 22.22 -2.28
N ASP M 251 23.49 21.82 -2.96
CA ASP M 251 22.61 20.69 -2.58
C ASP M 251 22.82 19.60 -3.64
N ALA M 252 22.52 18.34 -3.29
CA ALA M 252 22.68 17.12 -4.11
C ALA M 252 22.50 17.39 -5.62
N VAL M 253 21.50 18.21 -5.98
CA VAL M 253 21.03 18.44 -7.38
C VAL M 253 22.01 19.40 -8.07
N GLY M 254 22.39 20.50 -7.42
CA GLY M 254 23.50 21.36 -7.86
C GLY M 254 23.15 22.83 -7.80
N SER M 255 22.81 23.33 -6.62
CA SER M 255 22.35 24.72 -6.38
C SER M 255 23.48 25.53 -5.72
N THR M 256 24.24 26.28 -6.53
CA THR M 256 25.32 27.18 -6.07
C THR M 256 24.67 28.36 -5.31
N GLU M 257 25.15 28.64 -4.09
CA GLU M 257 24.92 29.93 -3.37
C GLU M 257 26.25 30.35 -2.78
N PRO M 258 26.87 31.47 -3.20
CA PRO M 258 28.03 32.00 -2.50
C PRO M 258 27.59 32.45 -1.11
N PHE M 259 28.36 32.10 -0.09
CA PHE M 259 28.19 32.51 1.32
C PHE M 259 29.54 33.02 1.82
N LEU M 260 29.59 33.54 3.04
CA LEU M 260 30.84 34.03 3.69
C LEU M 260 31.24 33.07 4.83
N TYR M 261 30.28 32.65 5.65
CA TYR M 261 30.41 31.59 6.69
C TYR M 261 29.29 30.58 6.50
N GLY M 262 29.60 29.28 6.54
CA GLY M 262 28.61 28.23 6.26
C GLY M 262 29.01 26.90 6.85
N THR M 263 28.03 26.00 6.94
CA THR M 263 28.11 24.72 7.70
C THR M 263 27.03 23.78 7.18
N ARG M 264 27.42 22.67 6.57
CA ARG M 264 26.49 21.60 6.15
C ARG M 264 26.74 20.40 7.10
N GLY M 265 25.72 19.56 7.32
CA GLY M 265 25.85 18.26 8.01
C GLY M 265 25.04 18.19 9.29
N SER M 266 25.38 17.21 10.15
CA SER M 266 24.73 16.88 11.44
C SER M 266 24.63 18.13 12.32
N ALA M 267 25.75 18.84 12.44
CA ALA M 267 25.94 20.02 13.32
C ALA M 267 25.85 21.33 12.52
N ALA M 268 25.19 21.32 11.36
CA ALA M 268 24.68 22.52 10.66
C ALA M 268 23.94 23.40 11.66
N SER M 269 22.90 22.85 12.26
CA SER M 269 21.95 23.54 13.15
C SER M 269 22.62 24.04 14.44
N PHE M 270 23.74 23.46 14.89
CA PHE M 270 24.43 23.79 16.17
C PHE M 270 25.49 24.87 15.96
N VAL M 271 26.21 24.78 14.86
CA VAL M 271 27.35 25.68 14.53
C VAL M 271 26.82 26.98 13.90
N GLU M 272 25.90 26.88 12.92
CA GLU M 272 25.55 27.99 11.99
C GLU M 272 24.86 29.14 12.71
N PRO M 273 23.97 28.91 13.72
CA PRO M 273 23.50 30.01 14.57
C PRO M 273 24.61 30.67 15.40
N LEU M 274 25.58 29.89 15.89
CA LEU M 274 26.70 30.43 16.70
C LEU M 274 27.47 31.44 15.85
N LEU M 275 27.94 31.01 14.68
CA LEU M 275 28.68 31.85 13.70
C LEU M 275 27.85 33.11 13.36
N ASP M 276 26.56 32.94 13.06
CA ASP M 276 25.56 34.00 12.76
C ASP M 276 25.60 35.09 13.84
N CYS M 277 25.67 34.71 15.12
CA CYS M 277 25.78 35.64 16.28
C CYS M 277 27.16 36.34 16.26
N LEU M 278 28.26 35.57 16.23
CA LEU M 278 29.63 36.07 16.56
C LEU M 278 30.28 36.80 15.37
N ILE M 279 29.81 36.60 14.13
CA ILE M 279 30.32 37.32 12.93
C ILE M 279 29.45 38.55 12.68
N ASN M 280 28.15 38.36 12.41
CA ASN M 280 27.21 39.41 11.94
C ASN M 280 26.77 40.33 13.08
N ARG M 281 26.75 39.83 14.33
CA ARG M 281 26.44 40.62 15.57
C ARG M 281 25.10 41.35 15.40
N GLN M 282 24.12 40.69 14.79
CA GLN M 282 22.90 41.35 14.23
C GLN M 282 22.08 41.98 15.37
N HIS M 283 21.89 41.26 16.48
CA HIS M 283 20.98 41.65 17.59
C HIS M 283 21.74 42.35 18.72
N MET M 284 22.94 42.89 18.45
CA MET M 284 23.82 43.53 19.46
C MET M 284 23.89 45.05 19.21
N THR M 285 23.63 45.83 20.27
CA THR M 285 23.86 47.30 20.36
C THR M 285 25.38 47.58 20.22
N SER M 286 26.20 46.77 20.89
CA SER M 286 27.69 46.81 20.90
C SER M 286 28.22 47.01 19.46
N GLN M 287 29.21 47.90 19.30
CA GLN M 287 29.92 48.19 18.01
C GLN M 287 30.51 46.87 17.46
N ALA M 288 30.33 46.61 16.17
CA ALA M 288 30.83 45.40 15.45
C ALA M 288 32.35 45.28 15.65
N PRO M 289 32.89 44.07 15.90
CA PRO M 289 34.32 43.89 16.19
C PRO M 289 35.18 44.19 14.96
N PRO M 290 36.49 44.49 15.12
CA PRO M 290 37.27 45.20 14.10
C PRO M 290 37.20 44.64 12.66
N GLU M 291 37.27 43.32 12.47
CA GLU M 291 37.47 42.64 11.15
C GLU M 291 37.33 41.12 11.31
N MET M 292 38.21 40.54 12.13
CA MET M 292 38.38 39.10 12.49
C MET M 292 39.53 38.49 11.67
N THR M 293 40.64 38.20 12.33
CA THR M 293 41.90 37.67 11.76
C THR M 293 41.78 36.15 11.55
N LYS M 294 42.74 35.60 10.82
CA LYS M 294 42.92 34.15 10.50
C LYS M 294 42.87 33.30 11.78
N GLU M 295 43.48 33.78 12.88
CA GLU M 295 43.70 33.02 14.14
C GLU M 295 42.46 33.11 15.04
N GLU M 296 41.74 34.24 15.01
CA GLU M 296 40.45 34.42 15.72
C GLU M 296 39.37 33.56 15.07
N THR M 297 39.28 33.56 13.73
CA THR M 297 38.28 32.81 12.92
C THR M 297 38.46 31.30 13.12
N LEU M 298 39.72 30.86 13.27
CA LEU M 298 40.05 29.45 13.61
C LEU M 298 39.62 29.15 15.05
N ALA M 299 40.02 30.00 16.01
CA ALA M 299 39.67 29.92 17.44
C ALA M 299 38.15 29.89 17.62
N MET M 300 37.40 30.64 16.80
CA MET M 300 35.91 30.65 16.80
C MET M 300 35.40 29.28 16.37
N LEU M 301 35.96 28.71 15.30
CA LEU M 301 35.50 27.41 14.72
C LEU M 301 35.84 26.25 15.67
N LYS M 302 37.04 26.22 16.24
CA LYS M 302 37.42 25.27 17.31
C LYS M 302 36.33 25.29 18.39
N ASN M 303 36.01 26.48 18.92
CA ASN M 303 35.00 26.70 19.99
C ASN M 303 33.64 26.15 19.54
N ALA M 304 33.23 26.43 18.29
CA ALA M 304 31.92 26.04 17.72
C ALA M 304 31.83 24.50 17.66
N PHE M 305 32.80 23.84 17.02
CA PHE M 305 32.86 22.37 16.83
C PHE M 305 32.92 21.65 18.19
N THR M 306 33.73 22.15 19.13
CA THR M 306 33.77 21.66 20.53
C THR M 306 32.35 21.66 21.13
N GLY M 307 31.54 22.70 20.87
CA GLY M 307 30.15 22.82 21.37
C GLY M 307 29.13 22.06 20.52
N ALA M 308 29.57 21.47 19.40
CA ALA M 308 28.75 20.63 18.50
C ALA M 308 29.00 19.14 18.80
N ALA M 309 30.24 18.77 19.17
CA ALA M 309 30.62 17.39 19.55
C ALA M 309 29.96 17.01 20.87
N GLU M 310 29.83 18.00 21.76
CA GLU M 310 29.32 17.86 23.15
C GLU M 310 27.80 17.63 23.13
N ARG M 311 27.14 18.09 22.06
CA ARG M 311 25.68 18.30 22.00
C ARG M 311 25.04 17.54 20.82
N ASP M 312 25.77 17.29 19.72
CA ASP M 312 25.33 16.34 18.66
C ASP M 312 26.07 15.02 18.84
N ILE M 313 25.39 13.93 18.52
CA ILE M 313 25.89 12.53 18.72
C ILE M 313 26.84 12.19 17.56
N TYR M 314 26.44 12.48 16.31
CA TYR M 314 27.10 12.03 15.05
C TYR M 314 28.34 12.86 14.69
N THR M 315 28.65 13.92 15.45
CA THR M 315 29.89 14.74 15.34
C THR M 315 30.84 14.33 16.48
N GLY M 316 32.13 14.23 16.16
CA GLY M 316 33.18 13.94 17.16
C GLY M 316 34.49 13.48 16.56
N ASP M 317 35.33 12.90 17.43
CA ASP M 317 36.67 12.31 17.14
C ASP M 317 37.67 13.44 16.90
N SER M 318 37.99 13.77 15.65
CA SER M 318 38.84 14.94 15.30
C SER M 318 38.12 15.80 14.24
N VAL M 319 38.66 17.00 14.00
CA VAL M 319 38.27 17.92 12.90
C VAL M 319 39.56 18.32 12.17
N SER M 320 39.61 18.09 10.87
CA SER M 320 40.69 18.59 9.99
C SER M 320 40.33 20.02 9.57
N PHE M 321 41.11 21.02 9.99
CA PHE M 321 41.04 22.43 9.53
C PHE M 321 42.05 22.63 8.40
N PHE M 322 41.64 23.32 7.34
CA PHE M 322 42.51 23.75 6.22
C PHE M 322 42.41 25.26 6.12
N ILE M 323 43.51 25.96 6.35
CA ILE M 323 43.57 27.45 6.36
C ILE M 323 44.19 27.90 5.04
N ILE M 324 43.37 28.00 3.99
CA ILE M 324 43.82 28.43 2.63
C ILE M 324 44.13 29.93 2.72
N THR M 325 45.37 30.33 2.44
CA THR M 325 45.81 31.73 2.20
C THR M 325 46.51 31.80 0.83
N LYS M 326 47.02 32.98 0.47
CA LYS M 326 47.86 33.18 -0.73
C LYS M 326 49.12 32.30 -0.63
N ASP M 327 49.69 32.19 0.58
CA ASP M 327 51.01 31.55 0.89
C ASP M 327 51.02 30.05 0.58
N GLY M 328 49.85 29.41 0.59
CA GLY M 328 49.69 27.95 0.55
C GLY M 328 48.79 27.49 1.68
N VAL M 329 48.28 26.26 1.59
CA VAL M 329 47.38 25.67 2.61
C VAL M 329 48.21 25.32 3.84
N GLN M 330 47.59 25.33 5.02
CA GLN M 330 48.23 24.96 6.30
C GLN M 330 47.21 24.21 7.16
N GLN M 331 47.22 22.87 7.11
CA GLN M 331 46.23 22.01 7.80
C GLN M 331 46.72 21.66 9.21
N GLU M 332 45.86 21.82 10.21
CA GLU M 332 46.11 21.44 11.62
C GLU M 332 44.86 20.76 12.20
N SER M 333 44.92 19.43 12.29
CA SER M 333 43.90 18.56 12.94
C SER M 333 43.82 18.91 14.43
N PHE M 334 42.60 18.88 14.96
CA PHE M 334 42.23 19.37 16.30
C PHE M 334 41.28 18.35 16.92
N GLU M 335 41.49 18.01 18.20
CA GLU M 335 40.81 16.89 18.90
C GLU M 335 39.48 17.37 19.49
N LEU M 336 38.44 16.53 19.36
CA LEU M 336 37.11 16.70 19.99
C LEU M 336 36.92 15.62 21.07
N ARG M 337 35.75 15.63 21.71
CA ARG M 337 35.23 14.51 22.52
C ARG M 337 35.25 13.22 21.69
N LYS M 338 35.74 12.11 22.25
CA LYS M 338 35.86 10.77 21.59
C LYS M 338 34.47 10.20 21.26
N ASP M 339 33.43 10.56 22.03
CA ASP M 339 32.03 10.03 21.89
C ASP M 339 31.17 11.04 21.10
N ALA N 2 23.39 -17.82 -0.34
CA ALA N 2 24.47 -18.32 0.60
C ALA N 2 25.34 -17.17 1.08
N SER N 3 25.23 -16.78 2.35
CA SER N 3 25.89 -15.60 2.97
C SER N 3 27.11 -16.01 3.81
N GLY N 4 28.13 -15.15 3.82
CA GLY N 4 29.29 -15.20 4.73
C GLY N 4 28.96 -14.56 6.07
N GLY N 5 29.57 -15.06 7.15
CA GLY N 5 29.46 -14.54 8.53
C GLY N 5 30.12 -13.18 8.67
N SER N 6 31.17 -13.09 9.49
CA SER N 6 31.77 -11.81 9.95
C SER N 6 33.30 -11.91 9.98
N VAL N 7 33.93 -10.93 9.37
CA VAL N 7 35.40 -10.81 9.21
C VAL N 7 35.91 -9.77 10.20
N ILE N 8 37.07 -10.04 10.80
CA ILE N 8 37.82 -9.06 11.62
C ILE N 8 39.25 -9.06 11.13
N ALA N 9 39.89 -7.90 11.15
CA ALA N 9 41.30 -7.78 10.77
C ALA N 9 41.94 -6.68 11.61
N ILE N 10 43.22 -6.82 11.90
CA ILE N 10 43.97 -5.93 12.84
C ILE N 10 45.43 -5.89 12.43
N LYS N 11 45.95 -4.68 12.18
CA LYS N 11 47.39 -4.45 11.91
C LYS N 11 48.20 -4.75 13.18
N TYR N 12 49.33 -5.46 13.03
CA TYR N 12 50.39 -5.64 14.05
C TYR N 12 51.68 -5.04 13.47
N LYS N 13 52.81 -5.18 14.17
CA LYS N 13 54.15 -4.68 13.72
C LYS N 13 54.63 -5.52 12.52
N GLY N 14 54.61 -4.93 11.33
CA GLY N 14 55.10 -5.56 10.07
C GLY N 14 54.13 -6.61 9.55
N GLY N 15 52.82 -6.34 9.67
CA GLY N 15 51.78 -7.21 9.09
C GLY N 15 50.35 -6.88 9.48
N VAL N 16 49.43 -7.68 8.92
CA VAL N 16 47.97 -7.65 9.19
C VAL N 16 47.50 -9.08 9.44
N LEU N 17 46.61 -9.25 10.41
CA LEU N 17 45.80 -10.47 10.60
C LEU N 17 44.37 -10.19 10.16
N MET N 18 43.78 -11.10 9.39
CA MET N 18 42.34 -11.15 9.06
C MET N 18 41.86 -12.53 9.49
N ALA N 19 40.64 -12.62 10.03
CA ALA N 19 40.05 -13.86 10.58
C ALA N 19 38.56 -13.93 10.23
N ALA N 20 38.08 -15.13 9.93
CA ALA N 20 36.72 -15.35 9.40
C ALA N 20 36.31 -16.80 9.61
N ASP N 21 35.20 -17.02 10.31
CA ASP N 21 34.43 -18.30 10.32
C ASP N 21 34.44 -18.93 8.93
N THR N 22 34.51 -20.27 8.86
CA THR N 22 34.55 -21.03 7.59
C THR N 22 33.14 -21.49 7.28
N LEU N 23 32.17 -20.58 7.33
CA LEU N 23 30.76 -20.96 7.25
C LEU N 23 30.02 -20.05 6.29
N LEU N 24 29.34 -20.66 5.33
CA LEU N 24 28.29 -20.01 4.53
C LEU N 24 26.96 -20.45 5.09
N SER N 25 25.96 -19.58 5.05
CA SER N 25 24.68 -19.77 5.74
C SER N 25 23.54 -19.27 4.85
N TYR N 26 22.76 -20.19 4.30
CA TYR N 26 21.59 -19.90 3.43
C TYR N 26 20.41 -19.56 4.34
N GLY N 27 20.23 -18.28 4.63
CA GLY N 27 19.30 -17.82 5.69
C GLY N 27 19.82 -18.26 7.04
N SER N 28 18.92 -18.73 7.92
CA SER N 28 19.21 -19.22 9.29
C SER N 28 20.15 -20.43 9.23
N LEU N 29 19.75 -21.42 8.44
CA LEU N 29 20.49 -22.67 8.14
C LEU N 29 21.99 -22.40 7.91
N ALA N 30 22.83 -23.12 8.66
CA ALA N 30 24.29 -23.23 8.48
C ALA N 30 24.55 -24.35 7.46
N LYS N 31 24.71 -23.96 6.20
CA LYS N 31 24.72 -24.86 5.04
C LYS N 31 26.06 -25.58 4.96
N TRP N 32 27.16 -24.83 4.95
CA TRP N 32 28.53 -25.34 4.68
C TRP N 32 29.50 -24.81 5.72
N PRO N 33 30.03 -25.71 6.57
CA PRO N 33 31.02 -25.33 7.57
C PRO N 33 32.47 -25.51 7.14
N ASN N 34 32.72 -25.78 5.86
CA ASN N 34 34.06 -26.19 5.37
C ASN N 34 34.47 -25.28 4.20
N ILE N 35 34.02 -24.02 4.18
CA ILE N 35 34.29 -23.07 3.07
C ILE N 35 35.45 -22.18 3.46
N PRO N 36 36.48 -22.06 2.61
CA PRO N 36 37.55 -21.09 2.82
C PRO N 36 37.10 -19.72 2.30
N ARG N 37 36.82 -18.81 3.22
CA ARG N 37 36.18 -17.51 2.90
C ARG N 37 37.24 -16.47 2.59
N ILE N 38 38.43 -16.61 3.17
CA ILE N 38 39.59 -15.72 2.92
C ILE N 38 40.25 -16.19 1.63
N ARG N 39 40.29 -15.31 0.63
CA ARG N 39 40.95 -15.56 -0.67
C ARG N 39 42.21 -14.72 -0.77
N LEU N 40 43.22 -15.23 -1.46
CA LEU N 40 44.43 -14.47 -1.81
C LEU N 40 44.21 -13.76 -3.14
N LEU N 41 44.50 -12.46 -3.19
CA LEU N 41 44.51 -11.66 -4.43
C LEU N 41 45.96 -11.37 -4.84
N GLY N 42 46.46 -12.08 -5.85
CA GLY N 42 47.86 -11.96 -6.26
C GLY N 42 48.79 -12.27 -5.11
N SER N 43 50.04 -11.80 -5.17
CA SER N 43 51.19 -12.28 -4.36
C SER N 43 51.32 -11.51 -3.05
N HIS N 44 50.50 -10.48 -2.81
CA HIS N 44 50.74 -9.51 -1.71
C HIS N 44 49.54 -9.42 -0.77
N SER N 45 48.34 -9.71 -1.24
CA SER N 45 47.06 -9.26 -0.64
C SER N 45 46.12 -10.45 -0.44
N ALA N 46 45.32 -10.38 0.62
CA ALA N 46 44.14 -11.24 0.84
C ALA N 46 42.90 -10.36 0.78
N VAL N 47 41.74 -10.99 0.69
CA VAL N 47 40.41 -10.33 0.69
C VAL N 47 39.47 -11.27 1.43
N CYS N 48 38.36 -10.75 1.95
CA CYS N 48 37.33 -11.60 2.56
C CYS N 48 36.03 -10.84 2.73
N ALA N 49 34.90 -11.50 2.56
CA ALA N 49 33.59 -10.81 2.54
C ALA N 49 32.53 -11.54 3.36
N THR N 50 31.99 -10.78 4.31
CA THR N 50 30.59 -10.84 4.81
C THR N 50 29.64 -10.56 3.64
N GLY N 51 28.48 -11.23 3.62
CA GLY N 51 27.44 -11.08 2.59
C GLY N 51 27.62 -12.04 1.43
N SER N 52 26.60 -12.08 0.57
CA SER N 52 26.49 -12.89 -0.67
C SER N 52 27.86 -13.36 -1.14
N TYR N 53 28.24 -14.55 -0.68
CA TYR N 53 29.35 -15.35 -1.24
C TYR N 53 29.27 -15.37 -2.76
N ALA N 54 28.07 -15.30 -3.35
CA ALA N 54 27.91 -15.29 -4.82
C ALA N 54 28.54 -14.01 -5.39
N ASP N 55 28.17 -12.86 -4.86
CA ASP N 55 28.59 -11.56 -5.41
C ASP N 55 30.05 -11.31 -5.04
N PHE N 56 30.53 -11.91 -3.95
CA PHE N 56 31.97 -11.90 -3.58
C PHE N 56 32.73 -12.84 -4.51
N GLN N 57 32.15 -13.97 -4.90
CA GLN N 57 32.87 -14.98 -5.73
C GLN N 57 33.12 -14.39 -7.11
N MET N 58 32.21 -13.51 -7.58
CA MET N 58 32.32 -12.81 -8.89
C MET N 58 33.32 -11.66 -8.79
N MET N 59 33.27 -10.88 -7.71
CA MET N 59 34.18 -9.71 -7.53
C MET N 59 35.61 -10.19 -7.27
N ALA N 60 35.81 -11.21 -6.45
CA ALA N 60 37.15 -11.75 -6.12
C ALA N 60 37.71 -12.48 -7.35
N LYS N 61 36.86 -12.96 -8.25
CA LYS N 61 37.32 -13.62 -9.50
C LYS N 61 37.81 -12.52 -10.45
N GLN N 62 36.93 -11.56 -10.75
CA GLN N 62 37.18 -10.40 -11.68
C GLN N 62 38.45 -9.65 -11.29
N VAL N 63 38.71 -9.46 -9.99
CA VAL N 63 39.92 -8.75 -9.48
C VAL N 63 41.13 -9.65 -9.69
N GLU N 64 41.10 -10.90 -9.20
CA GLU N 64 42.28 -11.81 -9.24
C GLU N 64 42.69 -12.09 -10.69
N ASP N 65 41.75 -11.97 -11.64
CA ASP N 65 42.01 -11.97 -13.09
C ASP N 65 42.79 -10.71 -13.47
N ASN N 66 42.19 -9.55 -13.24
CA ASN N 66 42.73 -8.21 -13.59
C ASN N 66 44.15 -8.02 -13.06
N ILE N 67 44.51 -8.64 -11.94
CA ILE N 67 45.90 -8.59 -11.39
C ILE N 67 46.81 -9.45 -12.26
N GLU N 68 46.51 -10.75 -12.36
CA GLU N 68 47.39 -11.76 -12.98
C GLU N 68 47.37 -11.59 -14.50
N ARG N 69 46.44 -10.82 -15.04
CA ARG N 69 46.51 -10.31 -16.43
C ARG N 69 47.58 -9.22 -16.50
N GLN N 70 47.29 -8.04 -15.96
CA GLN N 70 48.17 -6.84 -16.01
C GLN N 70 49.62 -7.25 -15.81
N LYS N 71 49.88 -8.17 -14.88
CA LYS N 71 51.24 -8.69 -14.54
C LYS N 71 51.82 -9.54 -15.68
N MET N 72 51.04 -10.47 -16.21
CA MET N 72 51.52 -11.50 -17.19
C MET N 72 51.64 -10.89 -18.59
N TYR N 73 50.70 -10.02 -18.96
CA TYR N 73 50.58 -9.40 -20.30
C TYR N 73 51.71 -8.39 -20.52
N HIS N 74 51.67 -7.27 -19.80
CA HIS N 74 52.72 -6.22 -19.85
C HIS N 74 53.79 -6.59 -18.82
N ASN N 75 55.06 -6.30 -19.09
CA ASN N 75 56.20 -6.68 -18.20
C ASN N 75 56.32 -5.61 -17.11
N VAL N 76 55.36 -5.58 -16.18
CA VAL N 76 55.24 -4.58 -15.08
C VAL N 76 55.43 -5.31 -13.76
N ASP N 77 55.64 -4.52 -12.69
CA ASP N 77 55.44 -4.91 -11.28
C ASP N 77 53.96 -5.23 -11.08
N GLU N 78 53.67 -6.30 -10.33
CA GLU N 78 52.29 -6.60 -9.84
C GLU N 78 51.74 -5.35 -9.16
N LEU N 79 50.43 -5.22 -9.10
CA LEU N 79 49.73 -4.12 -8.39
C LEU N 79 50.00 -4.19 -6.88
N SER N 80 50.26 -3.05 -6.24
CA SER N 80 50.32 -2.90 -4.76
C SER N 80 48.94 -3.14 -4.17
N PRO N 81 48.83 -3.70 -2.97
CA PRO N 81 47.56 -3.79 -2.26
C PRO N 81 46.69 -2.54 -2.40
N SER N 82 47.25 -1.35 -2.16
CA SER N 82 46.54 -0.05 -2.24
C SER N 82 45.80 0.06 -3.57
N GLU N 83 46.45 -0.41 -4.65
CA GLU N 83 45.95 -0.35 -6.05
C GLU N 83 44.85 -1.41 -6.22
N VAL N 84 45.19 -2.67 -6.00
CA VAL N 84 44.23 -3.82 -6.02
C VAL N 84 42.96 -3.37 -5.33
N PHE N 85 43.09 -2.80 -4.13
CA PHE N 85 41.95 -2.38 -3.28
C PHE N 85 41.23 -1.19 -3.92
N SER N 86 41.96 -0.25 -4.53
CA SER N 86 41.33 0.84 -5.31
C SER N 86 40.50 0.23 -6.45
N TYR N 87 41.01 -0.83 -7.09
CA TYR N 87 40.32 -1.48 -8.22
C TYR N 87 39.05 -2.17 -7.72
N LEU N 88 39.16 -2.84 -6.57
CA LEU N 88 38.02 -3.51 -5.90
C LEU N 88 36.98 -2.46 -5.57
N HIS N 89 37.39 -1.35 -4.96
CA HIS N 89 36.49 -0.24 -4.54
C HIS N 89 35.71 0.30 -5.74
N ARG N 90 36.38 0.65 -6.86
CA ARG N 90 35.68 1.19 -8.05
C ARG N 90 34.77 0.12 -8.65
N SER N 91 35.26 -1.10 -8.81
CA SER N 91 34.48 -2.26 -9.32
C SER N 91 33.18 -2.37 -8.53
N ILE N 92 33.23 -2.20 -7.20
CA ILE N 92 32.03 -2.28 -6.31
C ILE N 92 31.18 -1.04 -6.49
N TYR N 93 31.76 0.16 -6.50
CA TYR N 93 30.97 1.40 -6.68
C TYR N 93 30.25 1.34 -8.03
N GLN N 94 30.96 0.94 -9.08
CA GLN N 94 30.37 0.83 -10.44
C GLN N 94 29.14 -0.06 -10.39
N LYS N 95 29.17 -1.12 -9.58
CA LYS N 95 28.05 -2.11 -9.51
C LYS N 95 26.88 -1.55 -8.72
N ARG N 96 27.07 -0.63 -7.77
CA ARG N 96 25.92 0.01 -7.05
C ARG N 96 25.32 1.10 -7.94
N CYS N 97 26.09 1.61 -8.90
CA CYS N 97 25.66 2.67 -9.86
C CYS N 97 24.92 2.08 -11.06
N ASP N 98 24.86 0.74 -11.18
CA ASP N 98 24.01 0.02 -12.17
C ASP N 98 22.74 -0.53 -11.49
N PHE N 99 22.57 -0.30 -10.17
CA PHE N 99 21.53 -0.92 -9.31
C PHE N 99 21.64 -2.46 -9.34
N ASP N 100 22.86 -2.98 -9.54
CA ASP N 100 23.22 -4.43 -9.61
C ASP N 100 24.36 -4.67 -8.62
N PRO N 101 24.16 -4.40 -7.32
CA PRO N 101 25.28 -4.22 -6.39
C PRO N 101 26.02 -5.51 -6.01
N CYS N 102 27.32 -5.39 -5.76
CA CYS N 102 28.15 -6.40 -5.05
C CYS N 102 27.76 -6.35 -3.56
N LEU N 103 26.71 -7.10 -3.18
CA LEU N 103 25.91 -6.90 -1.94
C LEU N 103 26.61 -7.49 -0.71
N CYS N 104 27.86 -7.08 -0.49
CA CYS N 104 28.85 -7.73 0.40
C CYS N 104 29.90 -6.72 0.88
N GLN N 105 30.09 -6.68 2.20
CA GLN N 105 31.14 -5.88 2.87
C GLN N 105 32.43 -6.68 2.78
N MET N 106 33.38 -6.23 1.97
CA MET N 106 34.73 -6.83 1.90
C MET N 106 35.63 -6.18 2.95
N VAL N 107 36.45 -6.98 3.62
CA VAL N 107 37.72 -6.54 4.27
C VAL N 107 38.81 -6.94 3.32
N PHE N 108 39.90 -6.20 3.36
CA PHE N 108 41.04 -6.36 2.45
C PHE N 108 42.34 -6.04 3.15
N ILE N 109 43.24 -7.01 3.21
CA ILE N 109 44.58 -6.84 3.83
C ILE N 109 45.64 -7.08 2.76
N GLY N 110 46.87 -6.72 3.09
CA GLY N 110 47.97 -6.81 2.12
C GLY N 110 49.16 -6.02 2.55
N VAL N 111 50.33 -6.49 2.13
CA VAL N 111 51.65 -5.96 2.53
C VAL N 111 52.59 -6.11 1.34
N ARG N 112 53.12 -5.00 0.84
CA ARG N 112 54.13 -4.97 -0.25
C ARG N 112 55.51 -5.20 0.38
N ASP N 113 55.99 -4.19 1.11
CA ASP N 113 57.36 -4.12 1.69
C ASP N 113 57.21 -4.18 3.22
N GLY N 114 57.41 -3.05 3.90
CA GLY N 114 56.84 -2.76 5.23
C GLY N 114 55.45 -2.15 5.07
N GLU N 115 55.26 -1.35 4.01
CA GLU N 115 53.96 -0.77 3.56
C GLU N 115 52.83 -1.79 3.81
N THR N 116 52.12 -1.61 4.93
CA THR N 116 51.09 -2.55 5.45
C THR N 116 49.72 -1.90 5.25
N PHE N 117 48.84 -2.55 4.49
CA PHE N 117 47.56 -1.97 4.03
C PHE N 117 46.38 -2.83 4.51
N LEU N 118 45.42 -2.21 5.18
CA LEU N 118 44.20 -2.86 5.67
C LEU N 118 43.04 -1.91 5.46
N ALA N 119 42.00 -2.38 4.80
CA ALA N 119 40.85 -1.56 4.37
C ALA N 119 39.58 -2.41 4.36
N GLY N 120 38.44 -1.76 4.62
CA GLY N 120 37.11 -2.32 4.36
C GLY N 120 36.54 -1.65 3.14
N VAL N 121 35.49 -2.22 2.58
CA VAL N 121 34.62 -1.56 1.59
C VAL N 121 33.21 -2.12 1.79
N ASP N 122 32.19 -1.35 1.42
CA ASP N 122 30.77 -1.68 1.60
C ASP N 122 30.15 -2.04 0.25
N ASP N 123 28.87 -2.40 0.26
CA ASP N 123 28.04 -2.70 -0.95
C ASP N 123 28.07 -1.49 -1.87
N VAL N 124 28.04 -0.29 -1.28
CA VAL N 124 27.76 1.01 -1.98
C VAL N 124 29.06 1.72 -2.35
N GLY N 125 30.23 1.25 -1.90
CA GLY N 125 31.54 1.80 -2.28
C GLY N 125 32.22 2.51 -1.13
N THR N 126 31.47 2.80 -0.07
CA THR N 126 31.99 3.34 1.21
C THR N 126 33.30 2.60 1.51
N ARG N 127 34.44 3.26 1.41
CA ARG N 127 35.76 2.61 1.66
C ARG N 127 36.49 3.32 2.78
N TRP N 128 37.24 2.57 3.57
CA TRP N 128 37.89 3.10 4.79
C TRP N 128 39.11 2.26 5.10
N GLU N 129 40.28 2.88 5.13
CA GLU N 129 41.49 2.30 5.77
C GLU N 129 41.37 2.48 7.28
N ASP N 130 42.08 1.68 8.04
CA ASP N 130 42.15 1.78 9.53
C ASP N 130 43.19 0.80 10.04
N ASP N 131 43.45 0.78 11.35
CA ASP N 131 44.43 -0.14 12.00
C ASP N 131 43.69 -1.39 12.48
N CYS N 132 42.35 -1.38 12.48
CA CYS N 132 41.48 -2.56 12.72
C CYS N 132 40.15 -2.38 11.99
N ILE N 133 39.73 -3.39 11.26
CA ILE N 133 38.45 -3.43 10.52
C ILE N 133 37.66 -4.59 11.07
N ALA N 134 36.35 -4.49 11.00
CA ALA N 134 35.45 -5.66 11.06
C ALA N 134 34.30 -5.43 10.10
N THR N 135 33.68 -6.51 9.65
CA THR N 135 32.38 -6.45 8.93
C THR N 135 31.42 -7.40 9.61
N GLY N 136 30.15 -7.34 9.22
CA GLY N 136 29.08 -8.10 9.86
C GLY N 136 28.96 -7.73 11.33
N TYR N 137 28.71 -8.71 12.18
CA TYR N 137 28.55 -8.50 13.63
C TYR N 137 29.89 -8.09 14.23
N GLY N 138 31.00 -8.61 13.71
CA GLY N 138 32.34 -8.17 14.13
C GLY N 138 32.35 -6.68 14.46
N ALA N 139 31.77 -5.86 13.59
CA ALA N 139 31.71 -4.39 13.72
C ALA N 139 31.05 -3.95 15.03
N TYR N 140 29.95 -4.60 15.41
CA TYR N 140 29.20 -4.27 16.65
C TYR N 140 29.89 -4.92 17.85
N ILE N 141 30.47 -6.12 17.68
CA ILE N 141 31.05 -6.94 18.79
C ILE N 141 32.56 -6.75 18.86
N ALA N 142 33.28 -7.31 17.90
CA ALA N 142 34.75 -7.48 17.97
C ALA N 142 35.46 -6.12 17.92
N LEU N 143 35.07 -5.23 16.99
CA LEU N 143 35.73 -3.92 16.79
C LEU N 143 35.98 -3.19 18.11
N PRO N 144 34.94 -2.95 18.97
CA PRO N 144 35.13 -2.42 20.31
C PRO N 144 36.35 -2.97 21.06
N LEU N 145 36.55 -4.31 21.03
CA LEU N 145 37.67 -5.03 21.71
C LEU N 145 38.99 -4.78 20.97
N LEU N 146 38.96 -4.82 19.64
CA LEU N 146 40.17 -4.60 18.82
C LEU N 146 40.64 -3.17 19.02
N ARG N 147 39.76 -2.18 18.91
CA ARG N 147 40.10 -0.74 19.13
C ARG N 147 40.69 -0.54 20.52
N GLN N 148 40.18 -1.24 21.54
CA GLN N 148 40.67 -1.19 22.94
C GLN N 148 42.09 -1.76 23.00
N ALA N 149 42.39 -2.81 22.23
CA ALA N 149 43.73 -3.42 22.19
C ALA N 149 44.73 -2.57 21.39
N LEU N 150 44.27 -1.62 20.57
CA LEU N 150 45.15 -0.68 19.82
C LEU N 150 45.39 0.61 20.61
N GLU N 151 44.39 1.07 21.38
CA GLU N 151 44.49 2.20 22.34
C GLU N 151 45.51 1.84 23.44
N LYS N 152 45.52 0.59 23.91
CA LYS N 152 46.34 0.12 25.08
C LYS N 152 47.80 -0.12 24.67
N ASN N 153 48.04 -0.57 23.44
CA ASN N 153 49.38 -0.77 22.86
C ASN N 153 49.56 0.26 21.74
N PRO N 154 49.75 1.56 22.08
CA PRO N 154 49.67 2.63 21.09
C PRO N 154 50.87 2.71 20.13
N ASP N 155 51.99 2.07 20.51
CA ASP N 155 53.21 1.90 19.68
C ASP N 155 52.91 0.89 18.54
N GLY N 156 51.96 -0.02 18.73
CA GLY N 156 51.60 -1.10 17.78
C GLY N 156 51.64 -2.46 18.46
N LEU N 157 50.80 -3.40 18.02
CA LEU N 157 50.71 -4.75 18.63
C LEU N 157 51.85 -5.62 18.08
N SER N 158 52.28 -6.63 18.84
CA SER N 158 53.13 -7.76 18.37
C SER N 158 52.21 -8.86 17.83
N ARG N 159 52.73 -9.76 16.98
CA ARG N 159 51.92 -10.78 16.27
C ARG N 159 51.25 -11.73 17.27
N GLY N 160 51.89 -11.99 18.42
CA GLY N 160 51.36 -12.80 19.53
C GLY N 160 50.19 -12.14 20.22
N GLU N 161 50.29 -10.83 20.48
CA GLU N 161 49.23 -9.99 21.12
C GLU N 161 48.03 -9.85 20.17
N ALA N 162 48.29 -9.56 18.89
CA ALA N 162 47.28 -9.35 17.84
C ALA N 162 46.58 -10.68 17.51
N MET N 163 47.21 -11.82 17.79
CA MET N 163 46.58 -13.15 17.62
C MET N 163 45.65 -13.43 18.81
N ARG N 164 46.10 -13.13 20.04
CA ARG N 164 45.33 -13.37 21.28
C ARG N 164 44.08 -12.51 21.26
N ILE N 165 44.20 -11.26 20.81
CA ILE N 165 43.04 -10.32 20.74
C ILE N 165 42.07 -10.75 19.62
N LEU N 166 42.52 -11.37 18.53
CA LEU N 166 41.59 -11.95 17.53
C LEU N 166 40.85 -13.10 18.21
N THR N 167 41.60 -14.10 18.67
CA THR N 167 41.08 -15.30 19.37
C THR N 167 40.03 -14.90 20.42
N ASP N 168 40.23 -13.79 21.17
CA ASP N 168 39.25 -13.23 22.15
C ASP N 168 37.97 -12.79 21.45
N CYS N 169 38.10 -12.01 20.38
CA CYS N 169 36.96 -11.51 19.55
C CYS N 169 36.23 -12.68 18.89
N LEU N 170 36.98 -13.63 18.31
CA LEU N 170 36.40 -14.80 17.62
C LEU N 170 35.57 -15.61 18.60
N ARG N 171 36.11 -15.85 19.80
CA ARG N 171 35.39 -16.52 20.93
C ARG N 171 34.08 -15.79 21.19
N VAL N 172 34.10 -14.47 21.19
CA VAL N 172 32.93 -13.62 21.52
C VAL N 172 31.97 -13.57 20.33
N LEU N 173 32.47 -13.51 19.09
CA LEU N 173 31.64 -13.63 17.86
C LEU N 173 30.86 -14.95 17.90
N PHE N 174 31.57 -16.03 18.21
CA PHE N 174 31.01 -17.39 18.30
C PHE N 174 29.86 -17.43 19.32
N TYR N 175 30.06 -16.89 20.53
CA TYR N 175 29.05 -16.84 21.61
C TYR N 175 27.79 -16.10 21.17
N ARG N 176 27.94 -15.00 20.42
CA ARG N 176 26.94 -13.91 20.34
C ARG N 176 26.37 -13.71 18.92
N GLU N 177 27.16 -13.91 17.87
CA GLU N 177 26.66 -13.94 16.47
C GLU N 177 25.98 -15.30 16.27
N CYS N 178 24.73 -15.32 15.81
CA CYS N 178 23.94 -16.55 15.52
C CYS N 178 24.63 -17.38 14.43
N ARG N 179 24.73 -16.83 13.21
CA ARG N 179 25.28 -17.50 12.00
C ARG N 179 26.82 -17.41 12.05
N ALA N 180 27.40 -18.12 13.00
CA ALA N 180 28.85 -18.37 13.11
C ALA N 180 29.05 -19.82 13.57
N ILE N 181 30.27 -20.32 13.38
CA ILE N 181 30.73 -21.60 13.96
C ILE N 181 32.09 -21.36 14.60
N ASN N 182 32.48 -22.29 15.46
CA ASN N 182 33.78 -22.31 16.16
C ASN N 182 34.76 -23.06 15.27
N LYS N 183 34.98 -22.56 14.05
CA LYS N 183 36.05 -23.02 13.13
C LYS N 183 36.44 -21.86 12.22
N PHE N 184 37.56 -21.20 12.51
CA PHE N 184 38.00 -19.94 11.88
C PHE N 184 39.28 -20.22 11.10
N GLN N 185 39.55 -19.41 10.09
CA GLN N 185 40.89 -19.30 9.49
C GLN N 185 41.42 -17.93 9.84
N VAL N 186 42.74 -17.77 9.84
CA VAL N 186 43.43 -16.45 9.98
C VAL N 186 44.43 -16.32 8.85
N ALA N 187 44.20 -15.33 7.97
CA ALA N 187 45.20 -14.77 7.04
C ALA N 187 46.20 -13.97 7.84
N ASP N 188 47.47 -14.09 7.49
CA ASP N 188 48.55 -13.27 8.08
C ASP N 188 49.35 -12.67 6.93
N ALA N 189 49.11 -11.41 6.58
CA ALA N 189 50.00 -10.63 5.69
C ALA N 189 51.26 -10.25 6.47
N ALA N 190 52.44 -10.64 6.00
CA ALA N 190 53.75 -10.17 6.50
C ALA N 190 54.57 -9.73 5.28
N SER N 191 55.88 -9.52 5.40
CA SER N 191 56.77 -9.07 4.30
C SER N 191 56.81 -10.11 3.15
N ASP N 192 57.01 -11.39 3.51
CA ASP N 192 57.07 -12.57 2.60
C ASP N 192 55.78 -12.73 1.76
N GLY N 193 54.63 -12.25 2.28
CA GLY N 193 53.30 -12.37 1.67
C GLY N 193 52.30 -12.95 2.65
N VAL N 194 51.10 -13.28 2.17
CA VAL N 194 49.96 -13.74 3.00
C VAL N 194 50.05 -15.26 3.16
N ARG N 195 49.81 -15.75 4.38
CA ARG N 195 49.62 -17.17 4.75
C ARG N 195 48.26 -17.32 5.41
N ILE N 196 47.44 -18.23 4.91
CA ILE N 196 46.15 -18.59 5.56
C ILE N 196 46.41 -19.82 6.43
N SER N 197 46.07 -19.71 7.71
CA SER N 197 46.21 -20.76 8.74
C SER N 197 45.28 -21.91 8.42
N GLU N 198 45.64 -23.13 8.84
CA GLU N 198 44.69 -24.27 8.91
C GLU N 198 43.56 -23.85 9.84
N PRO N 199 42.30 -24.21 9.52
CA PRO N 199 41.19 -23.99 10.44
C PRO N 199 41.57 -24.38 11.87
N PHE N 200 41.18 -23.53 12.81
CA PHE N 200 41.32 -23.75 14.26
C PHE N 200 39.99 -23.36 14.92
N ASP N 201 39.64 -24.04 16.02
CA ASP N 201 38.58 -23.65 16.95
C ASP N 201 39.19 -22.79 18.06
N VAL N 202 38.37 -22.27 18.97
CA VAL N 202 38.82 -21.50 20.16
C VAL N 202 38.23 -22.17 21.41
N GLU N 203 38.93 -22.08 22.54
CA GLU N 203 38.44 -22.57 23.85
C GLU N 203 37.24 -21.70 24.24
N THR N 204 36.15 -22.33 24.69
CA THR N 204 34.88 -21.64 25.02
C THR N 204 34.46 -22.03 26.44
N HIS N 205 34.12 -21.05 27.25
CA HIS N 205 33.70 -21.25 28.65
C HIS N 205 32.16 -21.19 28.68
N TRP N 206 31.52 -22.29 29.11
CA TRP N 206 30.03 -22.43 29.21
C TRP N 206 29.56 -22.81 30.62
N GLU N 207 30.49 -23.05 31.55
CA GLU N 207 30.20 -23.61 32.90
C GLU N 207 30.36 -22.50 33.93
N TYR N 208 29.66 -21.38 33.72
CA TYR N 208 29.41 -20.36 34.76
C TYR N 208 28.35 -20.92 35.71
N GLU N 209 28.38 -20.50 36.98
CA GLU N 209 27.45 -20.99 38.03
C GLU N 209 26.09 -20.29 37.87
N GLY N 210 26.04 -19.18 37.12
CA GLY N 210 24.78 -18.48 36.76
C GLY N 210 24.09 -19.05 35.53
N TYR N 211 24.79 -19.88 34.75
CA TYR N 211 24.30 -20.60 33.54
C TYR N 211 23.74 -21.96 33.93
N CYS N 212 23.84 -22.36 35.20
CA CYS N 212 23.29 -23.65 35.69
C CYS N 212 21.77 -23.63 35.46
N PHE N 213 21.14 -24.81 35.55
CA PHE N 213 19.69 -25.02 35.34
C PHE N 213 18.88 -24.26 36.39
N GLU N 214 19.14 -24.49 37.68
CA GLU N 214 18.29 -24.02 38.81
C GLU N 214 18.19 -22.48 38.84
N LYS N 215 19.25 -21.75 38.50
CA LYS N 215 19.28 -20.26 38.52
C LYS N 215 18.45 -19.69 37.37
N THR N 216 18.68 -20.16 36.15
CA THR N 216 18.06 -19.66 34.89
C THR N 216 16.58 -20.05 34.78
N ALA N 217 16.13 -21.05 35.55
CA ALA N 217 14.74 -21.53 35.61
C ALA N 217 13.82 -20.32 35.79
N ILE N 218 12.79 -20.23 34.94
CA ILE N 218 11.71 -19.19 35.00
C ILE N 218 10.88 -19.41 36.28
N ILE N 219 10.83 -20.66 36.80
CA ILE N 219 9.97 -21.07 37.95
C ILE N 219 10.71 -22.07 38.85
N PHE O 6 -31.96 -4.26 67.29
CA PHE O 6 -31.58 -3.46 66.09
C PHE O 6 -30.06 -3.29 66.01
N ASP O 7 -29.42 -3.03 67.15
CA ASP O 7 -27.95 -3.04 67.33
C ASP O 7 -27.40 -4.45 67.03
N LYS O 8 -28.22 -5.48 67.27
CA LYS O 8 -27.80 -6.90 67.42
C LYS O 8 -27.78 -7.62 66.06
N TYR O 9 -28.68 -7.26 65.15
CA TYR O 9 -29.02 -8.04 63.94
C TYR O 9 -28.30 -7.49 62.70
N ILE O 10 -27.71 -6.29 62.79
CA ILE O 10 -26.73 -5.76 61.79
C ILE O 10 -25.40 -5.51 62.49
N THR O 11 -24.40 -5.26 61.66
CA THR O 11 -23.03 -4.88 62.06
C THR O 11 -23.06 -3.35 62.20
N VAL O 12 -23.53 -2.88 63.35
CA VAL O 12 -23.44 -1.47 63.82
C VAL O 12 -23.10 -1.47 65.29
N PHE O 13 -22.53 -0.38 65.76
CA PHE O 13 -22.13 -0.17 67.16
C PHE O 13 -23.37 -0.16 68.04
N SER O 14 -23.28 -0.83 69.19
CA SER O 14 -24.18 -0.66 70.35
C SER O 14 -23.83 0.65 71.03
N PRO O 15 -24.65 1.17 71.97
CA PRO O 15 -24.26 2.32 72.80
C PRO O 15 -22.90 2.24 73.54
N GLU O 16 -22.38 1.02 73.76
CA GLU O 16 -21.14 0.74 74.52
C GLU O 16 -20.00 0.39 73.56
N GLY O 17 -20.22 0.55 72.25
CA GLY O 17 -19.16 0.56 71.21
C GLY O 17 -18.71 -0.83 70.80
N SER O 18 -19.61 -1.82 70.87
CA SER O 18 -19.33 -3.24 70.53
C SER O 18 -20.24 -3.67 69.37
N LEU O 19 -19.68 -4.32 68.36
CA LEU O 19 -20.44 -4.86 67.21
C LEU O 19 -20.99 -6.21 67.66
N TYR O 20 -22.26 -6.28 68.03
CA TYR O 20 -22.79 -7.48 68.74
C TYR O 20 -22.65 -8.71 67.83
N GLN O 21 -22.81 -8.55 66.52
CA GLN O 21 -22.76 -9.69 65.56
C GLN O 21 -21.42 -10.41 65.67
N VAL O 22 -20.35 -9.67 65.98
CA VAL O 22 -18.95 -10.18 66.03
C VAL O 22 -18.66 -10.88 67.37
N GLU O 23 -19.16 -10.37 68.50
CA GLU O 23 -19.18 -11.11 69.79
C GLU O 23 -19.90 -12.44 69.61
N TYR O 24 -20.95 -12.42 68.77
CA TYR O 24 -21.84 -13.58 68.52
C TYR O 24 -21.22 -14.55 67.51
N ALA O 25 -20.25 -14.14 66.70
CA ALA O 25 -19.45 -15.07 65.86
C ALA O 25 -18.42 -15.79 66.75
N PHE O 26 -17.80 -15.10 67.72
CA PHE O 26 -16.85 -15.72 68.68
C PHE O 26 -17.53 -16.83 69.48
N LYS O 27 -18.85 -16.73 69.65
CA LYS O 27 -19.66 -17.78 70.29
C LYS O 27 -19.82 -18.96 69.33
N ALA O 28 -19.85 -18.70 68.01
CA ALA O 28 -19.98 -19.72 66.94
C ALA O 28 -18.70 -20.54 66.77
N VAL O 29 -17.60 -20.12 67.41
CA VAL O 29 -16.31 -20.88 67.48
C VAL O 29 -16.40 -21.89 68.62
N THR O 30 -17.05 -21.50 69.71
CA THR O 30 -17.25 -22.33 70.92
C THR O 30 -18.28 -23.44 70.64
N TYR O 31 -19.30 -23.16 69.82
CA TYR O 31 -20.56 -23.95 69.69
C TYR O 31 -20.30 -25.41 69.30
N PRO O 32 -19.50 -25.73 68.25
CA PRO O 32 -19.28 -27.12 67.85
C PRO O 32 -18.64 -28.05 68.90
N GLY O 33 -17.92 -27.50 69.88
CA GLY O 33 -17.29 -28.30 70.94
C GLY O 33 -15.98 -28.95 70.50
N LEU O 34 -15.39 -28.46 69.40
CA LEU O 34 -14.03 -28.84 68.92
C LEU O 34 -13.03 -27.82 69.46
N LEU O 35 -11.92 -28.30 70.04
CA LEU O 35 -10.76 -27.49 70.51
C LEU O 35 -9.52 -27.86 69.71
N THR O 36 -8.85 -26.87 69.11
CA THR O 36 -7.51 -26.97 68.47
C THR O 36 -6.47 -26.31 69.37
N VAL O 37 -5.26 -26.83 69.38
CA VAL O 37 -4.08 -26.19 70.02
C VAL O 37 -2.95 -26.25 69.02
N ALA O 38 -2.40 -25.10 68.65
CA ALA O 38 -1.12 -25.02 67.91
C ALA O 38 -0.01 -24.74 68.91
N ILE O 39 1.22 -25.10 68.55
CA ILE O 39 2.42 -24.73 69.33
C ILE O 39 3.65 -24.70 68.43
N ARG O 40 4.25 -23.52 68.37
CA ARG O 40 5.61 -23.27 67.85
C ARG O 40 6.58 -23.97 68.81
N CYS O 41 7.62 -24.60 68.27
CA CYS O 41 8.78 -25.09 69.05
C CYS O 41 10.00 -24.30 68.58
N LYS O 42 11.17 -24.92 68.43
CA LYS O 42 12.45 -24.25 68.05
C LYS O 42 12.57 -24.29 66.52
N ASP O 43 12.22 -25.42 65.91
CA ASP O 43 12.49 -25.74 64.49
C ASP O 43 11.20 -26.06 63.73
N ALA O 44 10.02 -26.05 64.37
CA ALA O 44 8.76 -26.58 63.78
C ALA O 44 7.52 -25.96 64.43
N VAL O 45 6.37 -26.14 63.78
CA VAL O 45 5.02 -25.81 64.31
C VAL O 45 4.19 -27.08 64.26
N LEU O 46 3.45 -27.33 65.33
CA LEU O 46 2.32 -28.29 65.34
C LEU O 46 1.01 -27.50 65.30
N VAL O 47 -0.03 -28.11 64.76
CA VAL O 47 -1.42 -27.72 65.10
C VAL O 47 -2.14 -29.02 65.37
N VAL O 48 -2.56 -29.21 66.62
CA VAL O 48 -3.36 -30.37 67.10
C VAL O 48 -4.83 -29.93 67.07
N THR O 49 -5.70 -30.69 66.42
CA THR O 49 -7.16 -30.46 66.41
C THR O 49 -7.86 -31.69 66.96
N GLN O 50 -8.98 -31.47 67.62
CA GLN O 50 -9.95 -32.55 67.92
C GLN O 50 -10.60 -32.95 66.59
N HIS O 51 -10.98 -34.22 66.46
CA HIS O 51 -11.44 -34.87 65.20
C HIS O 51 -12.58 -35.84 65.51
N LEU O 52 -13.55 -35.41 66.33
CA LEU O 52 -14.60 -36.31 66.89
C LEU O 52 -15.62 -36.66 65.80
N ILE O 53 -15.71 -37.95 65.46
CA ILE O 53 -16.76 -38.56 64.57
C ILE O 53 -17.61 -39.48 65.43
N PRO O 54 -18.76 -38.99 65.97
CA PRO O 54 -19.67 -39.82 66.77
C PRO O 54 -20.36 -40.94 65.98
N ASP O 55 -20.77 -40.67 64.73
CA ASP O 55 -21.32 -41.68 63.78
C ASP O 55 -20.24 -42.72 63.50
N ARG O 56 -20.60 -44.01 63.55
CA ARG O 56 -19.69 -45.13 63.17
C ARG O 56 -19.60 -45.19 61.63
N LEU O 57 -20.60 -44.61 60.94
CA LEU O 57 -20.78 -44.66 59.47
C LEU O 57 -19.99 -43.55 58.77
N MET O 58 -19.76 -42.43 59.45
CA MET O 58 -18.98 -41.29 58.90
C MET O 58 -17.56 -41.80 58.61
N ARG O 59 -17.09 -41.57 57.38
CA ARG O 59 -15.70 -41.88 56.96
C ARG O 59 -14.77 -40.90 57.68
N PRO O 60 -13.81 -41.36 58.52
CA PRO O 60 -12.93 -40.46 59.28
C PRO O 60 -12.10 -39.56 58.34
N ASP O 61 -11.40 -40.19 57.38
CA ASP O 61 -10.58 -39.60 56.30
C ASP O 61 -11.13 -38.23 55.86
N SER O 62 -12.43 -38.16 55.52
CA SER O 62 -13.09 -37.03 54.82
C SER O 62 -13.13 -35.77 55.69
N VAL O 63 -13.66 -35.88 56.90
CA VAL O 63 -13.83 -34.72 57.81
C VAL O 63 -12.46 -34.30 58.37
N THR O 64 -11.94 -33.15 57.93
CA THR O 64 -10.71 -32.49 58.44
C THR O 64 -11.04 -31.11 58.98
N ALA O 65 -10.36 -30.70 60.05
CA ALA O 65 -10.21 -29.28 60.45
C ALA O 65 -9.15 -28.64 59.56
N LEU O 66 -7.97 -29.26 59.44
CA LEU O 66 -6.77 -28.60 58.86
C LEU O 66 -6.64 -28.91 57.38
N TYR O 67 -6.70 -27.84 56.59
CA TYR O 67 -6.46 -27.84 55.13
C TYR O 67 -5.06 -27.29 54.89
N GLU O 68 -4.46 -27.68 53.76
CA GLU O 68 -3.31 -26.99 53.13
C GLU O 68 -3.85 -25.73 52.47
N VAL O 69 -3.13 -24.61 52.55
CA VAL O 69 -3.54 -23.31 51.93
C VAL O 69 -2.62 -23.07 50.75
N THR O 70 -1.33 -23.09 50.98
CA THR O 70 -0.28 -23.31 49.97
C THR O 70 0.63 -24.38 50.54
N PRO O 71 1.44 -25.07 49.71
CA PRO O 71 2.37 -26.10 50.20
C PRO O 71 3.12 -25.77 51.51
N ASN O 72 3.49 -24.51 51.76
CA ASN O 72 4.31 -24.07 52.92
C ASN O 72 3.44 -23.60 54.09
N ILE O 73 2.14 -23.34 53.89
CA ILE O 73 1.22 -22.76 54.92
C ILE O 73 0.02 -23.67 55.07
N GLY O 74 -0.14 -24.24 56.26
CA GLY O 74 -1.32 -25.03 56.63
C GLY O 74 -2.26 -24.23 57.48
N CYS O 75 -3.53 -24.30 57.16
CA CYS O 75 -4.59 -23.69 57.99
C CYS O 75 -4.87 -24.60 59.19
N CYS O 76 -5.84 -24.19 60.01
CA CYS O 76 -6.62 -25.08 60.91
C CYS O 76 -7.85 -24.32 61.42
N MET O 77 -8.93 -24.42 60.67
CA MET O 77 -10.20 -23.71 60.94
C MET O 77 -10.87 -24.34 62.15
N THR O 78 -11.48 -23.49 62.97
CA THR O 78 -12.25 -23.87 64.19
C THR O 78 -13.49 -23.00 64.31
N GLY O 79 -14.67 -23.61 64.31
CA GLY O 79 -15.97 -22.93 64.31
C GLY O 79 -16.93 -23.63 63.36
N ARG O 80 -17.87 -22.89 62.78
CA ARG O 80 -18.71 -23.42 61.67
C ARG O 80 -17.74 -23.97 60.62
N ALA O 81 -17.57 -25.30 60.60
CA ALA O 81 -16.80 -26.03 59.57
C ALA O 81 -16.99 -25.33 58.23
N PRO O 82 -18.24 -25.18 57.72
CA PRO O 82 -18.46 -24.66 56.36
C PRO O 82 -17.97 -23.21 56.14
N ASP O 83 -18.04 -22.36 57.16
CA ASP O 83 -17.44 -21.00 57.13
C ASP O 83 -15.93 -21.16 57.03
N GLY O 84 -15.34 -22.05 57.85
CA GLY O 84 -13.92 -22.45 57.74
C GLY O 84 -13.57 -22.83 56.31
N ARG O 85 -14.15 -23.93 55.83
CA ARG O 85 -14.03 -24.41 54.43
C ARG O 85 -13.96 -23.20 53.48
N ALA O 86 -14.85 -22.22 53.65
CA ALA O 86 -15.02 -21.07 52.73
C ALA O 86 -13.85 -20.09 52.88
N LEU O 87 -13.39 -19.85 54.12
CA LEU O 87 -12.22 -18.97 54.38
C LEU O 87 -10.98 -19.58 53.70
N VAL O 88 -10.76 -20.88 53.91
CA VAL O 88 -9.64 -21.62 53.28
C VAL O 88 -9.64 -21.32 51.79
N GLN O 89 -10.83 -21.35 51.16
CA GLN O 89 -10.95 -21.06 49.71
C GLN O 89 -10.54 -19.62 49.45
N ARG O 90 -11.00 -18.65 50.26
CA ARG O 90 -10.58 -17.22 50.15
C ARG O 90 -9.05 -17.15 50.31
N ALA O 91 -8.51 -17.92 51.25
CA ALA O 91 -7.07 -17.91 51.62
C ALA O 91 -6.26 -18.48 50.46
N ARG O 92 -6.77 -19.52 49.81
CA ARG O 92 -6.09 -20.13 48.63
C ARG O 92 -6.12 -19.11 47.48
N GLU O 93 -7.33 -18.62 47.14
CA GLU O 93 -7.55 -17.54 46.15
C GLU O 93 -6.52 -16.44 46.41
N GLU O 94 -6.39 -16.01 47.66
CA GLU O 94 -5.47 -14.93 48.10
C GLU O 94 -4.02 -15.33 47.81
N ALA O 95 -3.64 -16.55 48.18
CA ALA O 95 -2.25 -17.05 48.10
C ALA O 95 -1.86 -17.32 46.65
N SER O 96 -2.82 -17.67 45.79
CA SER O 96 -2.61 -17.86 44.32
C SER O 96 -2.49 -16.49 43.65
N ASP O 97 -3.37 -15.56 44.00
CA ASP O 97 -3.34 -14.13 43.54
C ASP O 97 -1.96 -13.54 43.82
N TYR O 98 -1.45 -13.76 45.03
CA TYR O 98 -0.12 -13.27 45.47
C TYR O 98 0.93 -13.94 44.60
N GLN O 99 1.01 -15.27 44.61
CA GLN O 99 1.98 -16.09 43.83
C GLN O 99 2.12 -15.57 42.38
N TYR O 100 1.00 -15.19 41.77
CA TYR O 100 0.97 -14.70 40.38
C TYR O 100 1.53 -13.27 40.33
N ARG O 101 1.01 -12.36 41.17
CA ARG O 101 1.34 -10.90 41.08
C ARG O 101 2.78 -10.64 41.56
N TYR O 102 3.28 -11.35 42.57
CA TYR O 102 4.62 -11.11 43.15
C TYR O 102 5.56 -12.27 42.89
N GLY O 103 5.11 -13.38 42.32
CA GLY O 103 6.02 -14.43 41.83
C GLY O 103 6.77 -15.17 42.93
N VAL O 104 6.41 -14.97 44.20
CA VAL O 104 6.95 -15.77 45.33
C VAL O 104 5.76 -16.35 46.09
N GLU O 105 6.01 -17.32 46.97
CA GLU O 105 4.99 -17.83 47.92
C GLU O 105 4.59 -16.68 48.84
N ILE O 106 3.31 -16.60 49.16
CA ILE O 106 2.81 -15.63 50.16
C ILE O 106 3.49 -15.96 51.50
N PRO O 107 4.15 -14.98 52.16
CA PRO O 107 4.59 -15.13 53.55
C PRO O 107 3.39 -15.21 54.50
N ILE O 108 3.39 -16.19 55.40
CA ILE O 108 2.23 -16.52 56.27
C ILE O 108 1.71 -15.27 56.99
N ALA O 109 2.63 -14.42 57.43
CA ALA O 109 2.33 -13.18 58.18
C ALA O 109 1.40 -12.26 57.36
N VAL O 110 1.62 -12.22 56.05
CA VAL O 110 0.79 -11.45 55.08
C VAL O 110 -0.55 -12.17 54.96
N LEU O 111 -0.53 -13.44 54.56
CA LEU O 111 -1.75 -14.27 54.35
C LEU O 111 -2.72 -14.00 55.49
N ALA O 112 -2.27 -14.20 56.72
CA ALA O 112 -3.04 -13.94 57.94
C ALA O 112 -3.59 -12.52 57.94
N LYS O 113 -2.73 -11.55 57.64
CA LYS O 113 -3.08 -10.10 57.71
C LYS O 113 -4.05 -9.72 56.57
N ARG O 114 -3.98 -10.38 55.41
CA ARG O 114 -4.95 -10.21 54.29
C ARG O 114 -6.30 -10.83 54.65
N MET O 115 -6.33 -11.98 55.33
CA MET O 115 -7.56 -12.65 55.83
C MET O 115 -8.14 -11.84 56.98
N GLY O 116 -7.29 -11.16 57.74
CA GLY O 116 -7.71 -10.20 58.78
C GLY O 116 -8.58 -9.13 58.18
N ASP O 117 -8.13 -8.57 57.06
CA ASP O 117 -8.80 -7.43 56.39
C ASP O 117 -10.07 -7.93 55.68
N LYS O 118 -10.09 -9.18 55.22
CA LYS O 118 -11.30 -9.80 54.60
C LYS O 118 -12.39 -9.95 55.66
N ALA O 119 -12.04 -10.43 56.84
CA ALA O 119 -12.98 -10.69 57.96
C ALA O 119 -13.46 -9.38 58.55
N GLN O 120 -12.63 -8.32 58.47
CA GLN O 120 -13.00 -6.95 58.90
C GLN O 120 -14.11 -6.42 58.02
N VAL O 121 -13.95 -6.50 56.70
CA VAL O 121 -14.94 -6.05 55.68
C VAL O 121 -16.33 -6.58 56.04
N ARG O 122 -16.45 -7.82 56.54
CA ARG O 122 -17.76 -8.46 56.88
C ARG O 122 -18.32 -7.86 58.18
N THR O 123 -17.48 -7.26 59.02
CA THR O 123 -17.90 -6.54 60.24
C THR O 123 -18.25 -5.09 59.90
N GLN O 124 -18.02 -4.60 58.68
CA GLN O 124 -18.26 -3.17 58.31
C GLN O 124 -19.47 -3.08 57.38
N GLN O 125 -19.47 -3.80 56.26
CA GLN O 125 -20.63 -3.84 55.32
C GLN O 125 -21.76 -4.63 55.96
N ALA O 126 -22.92 -3.99 56.15
CA ALA O 126 -24.14 -4.63 56.70
C ALA O 126 -24.60 -5.72 55.74
N GLY O 127 -25.21 -6.79 56.28
CA GLY O 127 -25.87 -7.83 55.49
C GLY O 127 -24.93 -8.97 55.09
N LEU O 128 -23.63 -8.85 55.34
CA LEU O 128 -22.70 -10.02 55.33
C LEU O 128 -22.59 -10.54 56.77
N ARG O 129 -22.66 -11.85 56.94
CA ARG O 129 -22.48 -12.53 58.24
C ARG O 129 -20.99 -12.73 58.47
N PRO O 130 -20.41 -12.30 59.61
CA PRO O 130 -19.03 -12.63 59.93
C PRO O 130 -18.83 -14.15 59.91
N MET O 131 -17.71 -14.64 59.38
CA MET O 131 -17.44 -16.10 59.28
C MET O 131 -17.17 -16.63 60.68
N GLY O 132 -18.04 -17.51 61.15
CA GLY O 132 -18.08 -17.94 62.56
C GLY O 132 -16.96 -18.89 62.85
N VAL O 133 -15.72 -18.40 62.81
CA VAL O 133 -14.57 -19.32 62.75
C VAL O 133 -13.29 -18.58 63.10
N VAL O 134 -12.33 -19.32 63.63
CA VAL O 134 -10.98 -18.78 63.99
C VAL O 134 -9.98 -19.52 63.12
N SER O 135 -9.49 -18.86 62.08
CA SER O 135 -8.36 -19.36 61.25
C SER O 135 -7.11 -19.42 62.13
N THR O 136 -6.33 -20.50 62.05
CA THR O 136 -5.06 -20.72 62.78
C THR O 136 -3.99 -21.16 61.78
N PHE O 137 -3.50 -20.23 60.97
CA PHE O 137 -2.46 -20.46 59.92
C PHE O 137 -1.13 -20.81 60.57
N ILE O 138 -0.46 -21.85 60.09
CA ILE O 138 0.90 -22.26 60.60
C ILE O 138 1.80 -22.62 59.43
N GLY O 139 3.08 -22.29 59.56
CA GLY O 139 4.04 -22.32 58.45
C GLY O 139 5.38 -21.76 58.86
N MET O 140 6.41 -22.20 58.16
CA MET O 140 7.77 -21.61 58.22
C MET O 140 7.73 -20.25 57.52
N ASP O 141 8.57 -19.32 57.97
CA ASP O 141 8.72 -17.97 57.38
C ASP O 141 10.20 -17.59 57.38
N GLN O 142 10.80 -17.49 56.18
CA GLN O 142 12.24 -17.22 55.98
C GLN O 142 12.59 -15.85 56.56
N SER O 143 13.36 -15.83 57.66
CA SER O 143 13.98 -14.62 58.26
C SER O 143 15.08 -14.13 57.29
N ASP O 144 15.01 -12.86 56.90
CA ASP O 144 15.84 -12.25 55.82
C ASP O 144 17.23 -11.85 56.34
N GLN O 145 17.52 -12.09 57.62
CA GLN O 145 18.84 -11.79 58.25
C GLN O 145 19.88 -12.82 57.80
N ASP O 146 19.61 -14.11 58.04
CA ASP O 146 20.58 -15.23 57.80
C ASP O 146 20.10 -16.14 56.64
N GLY O 147 18.78 -16.36 56.52
CA GLY O 147 18.18 -17.29 55.54
C GLY O 147 17.41 -18.43 56.21
N SER O 148 17.49 -18.51 57.54
CA SER O 148 16.89 -19.60 58.36
C SER O 148 15.37 -19.57 58.23
N LEU O 149 14.76 -20.75 58.16
CA LEU O 149 13.29 -20.94 58.30
C LEU O 149 12.95 -21.00 59.79
N LYS O 150 12.12 -20.07 60.24
CA LYS O 150 11.72 -19.90 61.64
C LYS O 150 10.20 -20.09 61.69
N PRO O 151 9.69 -20.96 62.58
CA PRO O 151 8.26 -21.32 62.59
C PRO O 151 7.35 -20.20 63.08
N GLN O 152 6.10 -20.20 62.60
CA GLN O 152 5.11 -19.12 62.84
C GLN O 152 3.72 -19.73 63.06
N ILE O 153 2.94 -19.13 63.95
CA ILE O 153 1.47 -19.31 64.03
C ILE O 153 0.83 -17.93 63.94
N TYR O 154 -0.28 -17.82 63.21
CA TYR O 154 -1.06 -16.57 63.09
C TYR O 154 -2.52 -16.96 63.20
N THR O 155 -3.24 -16.48 64.22
CA THR O 155 -4.72 -16.56 64.30
C THR O 155 -5.35 -15.31 63.71
N VAL O 156 -6.25 -15.50 62.75
CA VAL O 156 -7.35 -14.55 62.44
C VAL O 156 -8.56 -14.99 63.27
N ASP O 157 -9.41 -14.05 63.65
CA ASP O 157 -10.70 -14.32 64.35
C ASP O 157 -11.78 -13.47 63.70
N PRO O 158 -13.08 -13.71 63.97
CA PRO O 158 -14.14 -13.12 63.14
C PRO O 158 -14.22 -11.59 63.21
N ALA O 159 -13.55 -10.97 64.20
CA ALA O 159 -13.40 -9.50 64.36
C ALA O 159 -12.55 -8.94 63.22
N GLY O 160 -11.60 -9.75 62.72
CA GLY O 160 -10.54 -9.37 61.77
C GLY O 160 -9.19 -9.16 62.46
N TRP O 161 -9.09 -9.59 63.73
CA TRP O 161 -7.87 -9.40 64.56
C TRP O 161 -6.88 -10.51 64.23
N THR O 162 -5.86 -10.17 63.45
CA THR O 162 -4.65 -10.97 63.19
C THR O 162 -3.75 -10.87 64.42
N GLY O 163 -3.06 -11.96 64.78
CA GLY O 163 -1.99 -11.96 65.79
C GLY O 163 -1.09 -13.15 65.62
N GLY O 164 0.20 -13.00 65.91
CA GLY O 164 1.16 -14.12 66.01
C GLY O 164 1.06 -14.78 67.36
N HIS O 165 1.51 -16.02 67.49
CA HIS O 165 1.35 -16.85 68.71
C HIS O 165 2.57 -17.77 68.91
N ILE O 166 3.11 -17.79 70.14
CA ILE O 166 4.16 -18.76 70.56
C ILE O 166 3.49 -20.13 70.69
N ALA O 167 2.33 -20.17 71.35
CA ALA O 167 1.31 -21.22 71.24
C ALA O 167 -0.06 -20.57 71.36
N CYS O 168 -1.11 -21.32 71.07
CA CYS O 168 -2.50 -20.79 71.05
C CYS O 168 -3.49 -21.94 71.05
N ALA O 169 -4.70 -21.67 71.52
CA ALA O 169 -5.85 -22.57 71.46
C ALA O 169 -7.01 -21.82 70.84
N ALA O 170 -8.00 -22.57 70.35
CA ALA O 170 -9.23 -22.05 69.74
C ALA O 170 -10.33 -23.11 69.91
N GLY O 171 -11.49 -22.74 70.45
CA GLY O 171 -12.68 -23.61 70.41
C GLY O 171 -13.40 -23.68 71.75
N LYS O 172 -13.71 -24.90 72.19
CA LYS O 172 -14.67 -25.20 73.28
C LYS O 172 -14.13 -24.68 74.62
N LYS O 173 -12.89 -25.03 74.93
CA LYS O 173 -12.28 -24.84 76.27
C LYS O 173 -11.03 -23.97 76.16
N GLN O 174 -10.95 -23.14 75.10
CA GLN O 174 -9.76 -22.33 74.74
C GLN O 174 -9.24 -21.53 75.95
N VAL O 175 -10.09 -21.21 76.93
CA VAL O 175 -9.70 -20.51 78.19
C VAL O 175 -8.85 -21.46 79.04
N GLU O 176 -9.32 -22.68 79.27
CA GLU O 176 -8.65 -23.68 80.15
C GLU O 176 -7.40 -24.25 79.47
N ALA O 177 -7.38 -24.29 78.12
CA ALA O 177 -6.24 -24.81 77.33
C ALA O 177 -5.13 -23.76 77.26
N MET O 178 -5.48 -22.48 77.25
CA MET O 178 -4.51 -21.34 77.36
C MET O 178 -3.96 -21.29 78.79
N ALA O 179 -4.81 -21.45 79.80
CA ALA O 179 -4.43 -21.50 81.25
C ALA O 179 -3.36 -22.56 81.46
N PHE O 180 -3.51 -23.74 80.84
CA PHE O 180 -2.54 -24.86 80.94
C PHE O 180 -1.23 -24.51 80.23
N LEU O 181 -1.29 -23.92 79.04
CA LEU O 181 -0.08 -23.54 78.26
C LEU O 181 0.69 -22.40 78.96
N GLU O 182 -0.03 -21.43 79.55
CA GLU O 182 0.54 -20.24 80.26
C GLU O 182 1.32 -20.71 81.51
N LYS O 183 0.71 -21.59 82.31
CA LYS O 183 1.34 -22.22 83.51
C LYS O 183 2.59 -23.01 83.10
N ARG O 184 2.61 -23.60 81.88
CA ARG O 184 3.74 -24.39 81.33
C ARG O 184 4.67 -23.50 80.49
N GLN O 185 4.41 -22.20 80.40
CA GLN O 185 5.34 -21.19 79.80
C GLN O 185 6.30 -20.66 80.89
N LYS O 186 5.91 -20.74 82.17
CA LYS O 186 6.72 -20.23 83.32
C LYS O 186 7.86 -21.21 83.63
N SER O 187 7.59 -22.51 83.61
CA SER O 187 8.60 -23.60 83.78
C SER O 187 9.66 -23.47 82.67
N THR O 188 9.27 -23.69 81.41
CA THR O 188 10.14 -23.87 80.22
C THR O 188 10.24 -22.55 79.44
N GLU O 189 11.02 -22.54 78.33
CA GLU O 189 11.19 -21.36 77.42
C GLU O 189 10.12 -21.41 76.32
N LEU O 190 9.85 -22.61 75.78
CA LEU O 190 8.76 -22.96 74.82
C LEU O 190 9.20 -22.74 73.36
N ASP O 191 10.23 -21.91 73.12
CA ASP O 191 10.91 -21.72 71.81
C ASP O 191 12.33 -22.32 71.84
N ALA O 192 12.71 -22.99 72.93
CA ALA O 192 13.96 -23.77 73.05
C ALA O 192 13.62 -25.25 73.25
N LEU O 193 12.50 -25.71 72.66
CA LEU O 193 11.92 -27.06 72.85
C LEU O 193 12.10 -27.88 71.57
N THR O 194 12.30 -29.20 71.69
CA THR O 194 12.31 -30.17 70.56
C THR O 194 10.86 -30.51 70.17
N GLN O 195 10.63 -30.81 68.90
CA GLN O 195 9.29 -31.06 68.29
C GLN O 195 8.47 -32.02 69.16
N LYS O 196 9.12 -33.04 69.71
CA LYS O 196 8.54 -34.09 70.60
C LYS O 196 7.99 -33.43 71.87
N GLU O 197 8.84 -32.70 72.61
CA GLU O 197 8.48 -32.00 73.87
C GLU O 197 7.28 -31.08 73.65
N ALA O 198 7.32 -30.28 72.58
CA ALA O 198 6.28 -29.27 72.22
C ALA O 198 4.94 -29.97 72.01
N ALA O 199 4.94 -31.08 71.27
CA ALA O 199 3.76 -31.92 70.99
C ALA O 199 3.11 -32.39 72.30
N MET O 200 3.94 -32.91 73.21
CA MET O 200 3.51 -33.46 74.52
C MET O 200 2.80 -32.37 75.32
N ILE O 201 3.24 -31.12 75.20
CA ILE O 201 2.62 -29.94 75.86
C ILE O 201 1.27 -29.65 75.19
N ALA O 202 1.21 -29.67 73.86
CA ALA O 202 -0.03 -29.44 73.07
C ALA O 202 -1.05 -30.52 73.40
N LEU O 203 -0.65 -31.78 73.33
CA LEU O 203 -1.56 -32.95 73.50
C LEU O 203 -1.94 -33.12 74.97
N ALA O 204 -1.17 -32.54 75.90
CA ALA O 204 -1.49 -32.48 77.35
C ALA O 204 -2.51 -31.36 77.60
N ALA O 205 -2.46 -30.28 76.80
CA ALA O 205 -3.40 -29.13 76.87
C ALA O 205 -4.77 -29.55 76.32
N LEU O 206 -4.77 -30.20 75.15
CA LEU O 206 -5.94 -30.90 74.57
C LEU O 206 -6.57 -31.80 75.64
N GLN O 207 -5.76 -32.60 76.35
CA GLN O 207 -6.21 -33.57 77.38
C GLN O 207 -6.74 -32.82 78.61
N SER O 208 -5.94 -31.92 79.19
CA SER O 208 -6.29 -31.10 80.37
C SER O 208 -7.64 -30.41 80.16
N ALA O 209 -7.82 -29.82 78.98
CA ALA O 209 -8.94 -28.91 78.64
C ALA O 209 -10.28 -29.68 78.61
N ILE O 210 -10.40 -30.67 77.73
CA ILE O 210 -11.65 -31.46 77.51
C ILE O 210 -11.91 -32.35 78.74
N GLY O 211 -10.85 -32.75 79.45
CA GLY O 211 -10.89 -33.47 80.75
C GLY O 211 -10.70 -34.97 80.61
N THR O 212 -10.37 -35.47 79.41
CA THR O 212 -10.31 -36.91 79.05
C THR O 212 -8.97 -37.22 78.36
N ALA O 213 -8.50 -38.47 78.47
CA ALA O 213 -7.37 -39.01 77.69
C ALA O 213 -7.85 -39.24 76.25
N VAL O 214 -7.17 -38.66 75.26
CA VAL O 214 -7.53 -38.72 73.82
C VAL O 214 -6.85 -39.94 73.18
N LYS O 215 -7.45 -40.50 72.13
CA LYS O 215 -6.84 -41.54 71.25
C LYS O 215 -6.06 -40.83 70.13
N ALA O 216 -5.26 -41.57 69.35
CA ALA O 216 -4.54 -41.07 68.16
C ALA O 216 -5.49 -40.93 66.97
N LYS O 217 -6.73 -41.40 67.10
CA LYS O 217 -7.83 -41.29 66.10
C LYS O 217 -8.67 -40.04 66.36
N GLU O 218 -8.86 -39.66 67.63
CA GLU O 218 -9.74 -38.53 68.07
C GLU O 218 -9.01 -37.18 67.95
N VAL O 219 -7.77 -37.16 67.43
CA VAL O 219 -7.05 -35.91 67.04
C VAL O 219 -6.40 -36.15 65.67
N GLU O 220 -6.30 -35.09 64.88
CA GLU O 220 -5.39 -35.03 63.70
C GLU O 220 -4.44 -33.88 63.94
N VAL O 221 -3.19 -34.05 63.53
CA VAL O 221 -2.08 -33.14 63.88
C VAL O 221 -1.39 -32.70 62.59
N GLY O 222 -1.21 -31.39 62.43
CA GLY O 222 -0.48 -30.75 61.32
C GLY O 222 0.92 -30.39 61.77
N ARG O 223 1.80 -30.05 60.84
CA ARG O 223 3.24 -29.94 61.12
C ARG O 223 3.96 -29.23 59.97
N CYS O 224 4.90 -28.35 60.30
CA CYS O 224 5.96 -27.85 59.39
C CYS O 224 7.27 -27.80 60.16
N THR O 225 8.37 -28.23 59.55
CA THR O 225 9.72 -28.23 60.16
C THR O 225 10.70 -27.47 59.25
N ALA O 226 11.80 -26.94 59.81
CA ALA O 226 12.90 -26.28 59.07
C ALA O 226 13.49 -27.24 58.03
N ALA O 227 13.57 -28.54 58.37
CA ALA O 227 14.02 -29.67 57.53
C ALA O 227 13.04 -29.91 56.36
N ASN O 228 11.73 -29.93 56.65
CA ASN O 228 10.63 -30.30 55.71
C ASN O 228 9.55 -29.21 55.77
N PRO O 229 9.79 -28.01 55.20
CA PRO O 229 8.91 -26.85 55.41
C PRO O 229 7.47 -26.97 54.88
N ALA O 230 7.21 -27.93 54.00
CA ALA O 230 5.87 -28.26 53.47
C ALA O 230 4.96 -28.64 54.64
N PHE O 231 3.68 -28.26 54.57
CA PHE O 231 2.67 -28.57 55.60
C PHE O 231 2.25 -30.04 55.48
N GLN O 232 2.67 -30.87 56.42
CA GLN O 232 2.31 -32.31 56.46
C GLN O 232 1.24 -32.49 57.52
N ARG O 233 0.26 -33.34 57.23
CA ARG O 233 -0.48 -34.10 58.26
C ARG O 233 0.53 -35.09 58.86
N VAL O 234 0.47 -35.31 60.17
CA VAL O 234 1.30 -36.31 60.90
C VAL O 234 0.55 -37.65 60.83
N PRO O 235 1.21 -38.80 60.52
CA PRO O 235 0.53 -40.10 60.57
C PRO O 235 0.15 -40.52 62.00
N ASN O 236 -0.92 -41.31 62.16
CA ASN O 236 -1.49 -41.70 63.47
C ASN O 236 -0.51 -42.59 64.27
N SER O 237 0.47 -43.20 63.61
CA SER O 237 1.60 -43.96 64.24
C SER O 237 2.41 -43.03 65.14
N GLU O 238 2.88 -41.90 64.57
CA GLU O 238 3.80 -40.94 65.23
C GLU O 238 3.06 -40.16 66.34
N VAL O 239 1.75 -39.95 66.21
CA VAL O 239 0.90 -39.28 67.25
C VAL O 239 0.76 -40.23 68.45
N GLU O 240 0.70 -41.54 68.22
CA GLU O 240 0.53 -42.56 69.30
C GLU O 240 1.82 -42.63 70.16
N GLU O 241 2.99 -42.33 69.58
CA GLU O 241 4.30 -42.26 70.29
C GLU O 241 4.39 -41.03 71.21
N TRP O 242 3.52 -40.02 70.99
CA TRP O 242 3.41 -38.78 71.80
C TRP O 242 2.36 -38.95 72.90
N LEU O 243 1.26 -39.66 72.63
CA LEU O 243 0.15 -39.86 73.60
C LEU O 243 0.54 -40.92 74.64
N THR O 244 1.41 -41.86 74.26
CA THR O 244 2.05 -42.83 75.19
C THR O 244 3.09 -42.09 76.05
N ALA O 245 3.81 -41.13 75.46
CA ALA O 245 4.87 -40.33 76.13
C ALA O 245 4.26 -39.23 77.02
N VAL O 246 2.99 -38.85 76.83
CA VAL O 246 2.23 -37.89 77.71
C VAL O 246 1.70 -38.65 78.94
N ALA O 247 1.11 -39.83 78.74
CA ALA O 247 0.54 -40.71 79.80
C ALA O 247 1.61 -41.13 80.80
N GLU O 248 2.88 -41.26 80.37
CA GLU O 248 4.05 -41.65 81.21
C GLU O 248 4.40 -40.49 82.16
N ALA O 249 4.80 -39.33 81.63
CA ALA O 249 5.22 -38.12 82.40
C ALA O 249 4.00 -37.23 82.65
N GLU P 3 -24.52 -4.69 48.87
CA GLU P 3 -25.87 -4.87 48.25
C GLU P 3 -26.91 -4.07 49.05
N ALA P 4 -26.71 -3.90 50.37
CA ALA P 4 -27.49 -3.01 51.26
C ALA P 4 -26.95 -1.59 51.08
N PHE P 5 -27.51 -0.81 50.16
CA PHE P 5 -26.95 0.51 49.76
C PHE P 5 -27.52 1.62 50.63
N TYR P 6 -28.32 1.29 51.66
CA TYR P 6 -28.98 2.28 52.54
C TYR P 6 -28.01 2.68 53.65
N GLY P 7 -28.04 3.95 54.06
CA GLY P 7 -27.17 4.51 55.12
C GLY P 7 -27.52 3.98 56.49
N LEU P 8 -26.49 3.60 57.26
CA LEU P 8 -26.63 3.06 58.64
C LEU P 8 -26.62 4.21 59.64
N THR P 9 -25.75 5.20 59.39
CA THR P 9 -25.59 6.47 60.14
C THR P 9 -26.68 7.45 59.66
N THR P 10 -27.49 7.94 60.60
CA THR P 10 -28.56 8.96 60.35
C THR P 10 -28.49 10.00 61.48
N PHE P 11 -29.33 11.03 61.42
CA PHE P 11 -29.47 12.05 62.50
C PHE P 11 -30.62 11.66 63.43
N SER P 12 -30.39 11.70 64.74
CA SER P 12 -31.44 11.62 65.78
C SER P 12 -32.21 12.94 65.78
N PRO P 13 -33.40 12.99 66.41
CA PRO P 13 -34.15 14.25 66.52
C PRO P 13 -33.41 15.35 67.30
N SER P 14 -32.51 14.99 68.23
CA SER P 14 -31.66 15.92 69.03
C SER P 14 -30.67 16.66 68.13
N GLY P 15 -30.30 16.05 67.00
CA GLY P 15 -29.39 16.62 65.99
C GLY P 15 -28.18 15.74 65.78
N LYS P 16 -27.70 15.09 66.83
CA LYS P 16 -26.47 14.27 66.84
C LYS P 16 -26.59 13.10 65.85
N LEU P 17 -25.45 12.69 65.26
CA LEU P 17 -25.28 11.40 64.53
C LEU P 17 -24.94 10.32 65.57
N ILE P 18 -25.96 9.58 66.00
CA ILE P 18 -25.85 8.63 67.14
C ILE P 18 -24.77 7.60 66.83
N GLN P 19 -24.75 7.06 65.62
CA GLN P 19 -23.89 5.89 65.27
C GLN P 19 -22.41 6.31 65.20
N ILE P 20 -22.10 7.61 65.32
CA ILE P 20 -20.70 8.11 65.43
C ILE P 20 -20.36 8.29 66.91
N GLU P 21 -21.28 8.82 67.72
CA GLU P 21 -21.05 8.94 69.18
C GLU P 21 -20.65 7.57 69.72
N TYR P 22 -21.27 6.50 69.22
CA TYR P 22 -21.04 5.10 69.64
C TYR P 22 -19.71 4.60 69.09
N ALA P 23 -19.37 4.93 67.84
CA ALA P 23 -18.06 4.57 67.23
C ALA P 23 -16.93 5.35 67.95
N THR P 24 -17.20 6.57 68.42
CA THR P 24 -16.25 7.39 69.24
C THR P 24 -16.12 6.75 70.62
N THR P 25 -17.21 6.14 71.13
CA THR P 25 -17.22 5.36 72.39
C THR P 25 -16.38 4.10 72.21
N ALA P 26 -16.33 3.55 71.00
CA ALA P 26 -15.50 2.36 70.65
C ALA P 26 -14.01 2.73 70.55
N ALA P 27 -13.70 3.93 70.04
CA ALA P 27 -12.32 4.44 69.93
C ALA P 27 -11.81 4.94 71.30
N GLY P 28 -12.72 5.19 72.26
CA GLY P 28 -12.37 5.56 73.64
C GLY P 28 -12.12 4.36 74.54
N LYS P 29 -12.28 3.13 74.03
CA LYS P 29 -12.28 1.88 74.83
C LYS P 29 -10.93 1.15 74.77
N GLY P 30 -10.29 1.09 73.60
CA GLY P 30 -9.04 0.32 73.41
C GLY P 30 -7.88 0.91 74.21
N THR P 31 -6.74 0.23 74.23
CA THR P 31 -5.55 0.55 75.07
C THR P 31 -5.03 1.95 74.74
N THR P 32 -4.50 2.64 75.76
CA THR P 32 -3.98 4.03 75.71
C THR P 32 -2.82 4.11 74.72
N ALA P 33 -2.80 5.19 73.94
CA ALA P 33 -1.70 5.56 73.03
C ALA P 33 -1.60 7.07 73.05
N LEU P 34 -0.41 7.62 72.87
CA LEU P 34 -0.20 9.07 73.05
C LEU P 34 1.07 9.54 72.36
N GLY P 35 1.02 10.81 71.97
CA GLY P 35 2.07 11.52 71.21
C GLY P 35 2.46 12.79 71.93
N VAL P 36 3.71 13.21 71.73
CA VAL P 36 4.27 14.44 72.32
C VAL P 36 5.19 15.07 71.28
N LYS P 37 4.77 16.22 70.77
CA LYS P 37 5.53 17.04 69.81
C LYS P 37 6.58 17.84 70.59
N ALA P 38 7.83 17.74 70.17
CA ALA P 38 8.94 18.61 70.63
C ALA P 38 9.24 19.64 69.54
N THR P 39 10.22 20.51 69.78
CA THR P 39 10.78 21.47 68.79
C THR P 39 11.41 20.70 67.63
N ASP P 40 12.14 19.62 67.94
CA ASP P 40 13.07 18.92 67.02
C ASP P 40 12.54 17.52 66.68
N GLY P 41 11.25 17.26 66.89
CA GLY P 41 10.63 15.96 66.56
C GLY P 41 9.33 15.73 67.30
N VAL P 42 8.77 14.53 67.15
CA VAL P 42 7.61 14.05 67.95
C VAL P 42 7.85 12.58 68.29
N VAL P 43 7.25 12.14 69.40
CA VAL P 43 7.21 10.72 69.84
C VAL P 43 5.75 10.33 70.07
N ILE P 44 5.30 9.25 69.42
CA ILE P 44 4.05 8.50 69.75
C ILE P 44 4.46 7.20 70.40
N ALA P 45 3.87 6.90 71.55
CA ALA P 45 4.01 5.63 72.27
C ALA P 45 2.61 5.06 72.51
N ALA P 46 2.50 3.74 72.52
CA ALA P 46 1.26 3.02 72.88
C ALA P 46 1.62 1.79 73.71
N LYS P 47 0.68 1.32 74.52
CA LYS P 47 0.84 0.08 75.30
C LYS P 47 0.11 -1.03 74.54
N LYS P 48 0.88 -2.02 74.05
CA LYS P 48 0.40 -3.29 73.44
C LYS P 48 0.32 -4.35 74.54
N LYS P 49 -0.55 -4.11 75.52
CA LYS P 49 -0.98 -5.10 76.54
C LYS P 49 -1.58 -6.28 75.76
N ALA P 50 -0.85 -7.40 75.69
CA ALA P 50 -1.25 -8.64 75.00
C ALA P 50 -2.22 -9.41 75.89
N PRO P 51 -3.26 -10.08 75.32
CA PRO P 51 -4.24 -10.83 76.12
C PRO P 51 -3.62 -11.87 77.08
N SER P 52 -2.66 -12.66 76.58
CA SER P 52 -1.84 -13.65 77.35
C SER P 52 -0.36 -13.47 77.02
N THR P 53 0.51 -14.18 77.76
CA THR P 53 1.99 -14.18 77.59
C THR P 53 2.39 -15.00 76.35
N LEU P 54 1.50 -15.89 75.90
CA LEU P 54 1.70 -16.78 74.72
C LEU P 54 1.70 -15.99 73.41
N VAL P 55 0.94 -14.91 73.33
CA VAL P 55 0.89 -14.04 72.11
C VAL P 55 2.30 -13.47 71.91
N ASP P 56 2.94 -13.81 70.79
CA ASP P 56 4.25 -13.24 70.37
C ASP P 56 4.11 -11.71 70.37
N ALA P 57 4.91 -11.02 71.17
CA ALA P 57 4.85 -9.55 71.32
C ALA P 57 5.26 -8.88 70.00
N SER P 58 6.28 -9.40 69.33
CA SER P 58 6.90 -8.82 68.10
C SER P 58 5.90 -8.82 66.92
N SER P 59 4.94 -9.75 66.90
CA SER P 59 3.91 -9.87 65.83
C SER P 59 2.85 -8.79 65.99
N ILE P 60 2.46 -8.45 67.23
CA ILE P 60 1.56 -7.29 67.54
C ILE P 60 2.29 -6.03 67.07
N GLN P 61 1.53 -5.05 66.62
CA GLN P 61 2.03 -3.75 66.11
C GLN P 61 0.99 -2.71 66.51
N LYS P 62 1.31 -1.86 67.47
CA LYS P 62 0.40 -0.76 67.87
C LYS P 62 0.84 0.55 67.26
N VAL P 63 1.95 0.56 66.53
CA VAL P 63 2.56 1.76 65.90
C VAL P 63 3.08 1.41 64.51
N PHE P 64 2.61 2.12 63.51
CA PHE P 64 2.83 1.75 62.10
C PHE P 64 3.55 2.87 61.38
N VAL P 65 4.49 2.50 60.53
CA VAL P 65 5.10 3.40 59.51
C VAL P 65 4.06 3.56 58.40
N LEU P 66 3.61 4.79 58.11
CA LEU P 66 2.75 5.08 56.94
C LEU P 66 3.62 5.34 55.70
N ASP P 67 4.80 5.93 55.92
CA ASP P 67 5.83 6.19 54.89
C ASP P 67 7.03 6.79 55.63
N GLU P 68 8.25 6.53 55.17
CA GLU P 68 9.51 7.05 55.75
C GLU P 68 9.24 8.12 56.81
N HIS P 69 8.53 9.19 56.43
CA HIS P 69 8.46 10.50 57.14
C HIS P 69 7.25 10.64 58.06
N VAL P 70 6.38 9.64 58.17
CA VAL P 70 5.17 9.75 59.04
C VAL P 70 4.71 8.37 59.48
N GLY P 71 4.49 8.21 60.77
CA GLY P 71 3.86 7.02 61.35
C GLY P 71 2.61 7.40 62.09
N CYS P 72 1.90 6.41 62.59
CA CYS P 72 0.68 6.61 63.40
C CYS P 72 0.59 5.52 64.45
N THR P 73 -0.25 5.75 65.44
CA THR P 73 -0.74 4.71 66.37
C THR P 73 -2.27 4.78 66.34
N TYR P 74 -2.92 4.10 67.26
CA TYR P 74 -4.40 4.02 67.28
C TYR P 74 -4.91 3.50 68.62
N SER P 75 -6.20 3.75 68.79
CA SER P 75 -7.03 3.22 69.88
C SER P 75 -8.21 2.48 69.26
N GLY P 76 -8.86 1.65 70.05
CA GLY P 76 -10.13 1.00 69.68
C GLY P 76 -9.89 -0.21 68.82
N MET P 77 -10.67 -0.35 67.75
CA MET P 77 -10.73 -1.58 66.93
C MET P 77 -9.52 -1.62 66.00
N GLY P 78 -8.55 -2.48 66.35
CA GLY P 78 -7.32 -2.75 65.58
C GLY P 78 -7.62 -3.18 64.14
N PRO P 79 -8.58 -4.11 63.95
CA PRO P 79 -8.98 -4.54 62.61
C PRO P 79 -9.34 -3.37 61.69
N ASP P 80 -10.14 -2.42 62.20
CA ASP P 80 -10.62 -1.21 61.48
C ASP P 80 -9.45 -0.30 61.17
N CYS P 81 -8.71 0.09 62.20
CA CYS P 81 -7.48 0.91 62.08
C CYS P 81 -6.64 0.42 60.89
N ARG P 82 -6.42 -0.90 60.80
CA ARG P 82 -5.57 -1.55 59.76
C ARG P 82 -6.14 -1.32 58.37
N VAL P 83 -7.36 -0.76 58.24
CA VAL P 83 -7.94 -0.29 56.95
C VAL P 83 -7.53 1.16 56.70
N LEU P 84 -7.63 2.04 57.71
CA LEU P 84 -7.20 3.47 57.57
C LEU P 84 -5.70 3.53 57.28
N ILE P 85 -4.93 2.67 57.95
CA ILE P 85 -3.45 2.59 57.79
C ILE P 85 -3.14 2.14 56.36
N ASP P 86 -3.75 1.07 55.89
CA ASP P 86 -3.40 0.48 54.57
C ASP P 86 -3.86 1.44 53.47
N SER P 87 -4.98 2.14 53.66
CA SER P 87 -5.39 3.29 52.81
C SER P 87 -4.29 4.36 52.82
N ALA P 88 -4.02 4.97 53.98
CA ALA P 88 -3.02 6.05 54.20
C ALA P 88 -1.71 5.72 53.46
N ARG P 89 -1.20 4.53 53.69
CA ARG P 89 0.05 4.04 53.07
C ARG P 89 -0.02 4.19 51.56
N LYS P 90 -1.19 3.92 50.97
CA LYS P 90 -1.44 4.13 49.52
C LYS P 90 -1.42 5.63 49.21
N ASN P 91 -2.17 6.46 49.96
CA ASN P 91 -2.23 7.94 49.76
C ASN P 91 -0.82 8.53 49.83
N CYS P 92 0.05 8.01 50.71
CA CYS P 92 1.47 8.47 50.88
C CYS P 92 2.31 8.11 49.66
N GLN P 93 2.08 6.94 49.06
CA GLN P 93 2.76 6.54 47.80
C GLN P 93 2.13 7.35 46.66
N GLN P 94 0.83 7.17 46.39
CA GLN P 94 0.11 7.87 45.30
C GLN P 94 0.47 9.36 45.27
N TYR P 95 0.79 9.97 46.42
CA TYR P 95 1.30 11.36 46.49
C TYR P 95 2.75 11.42 45.99
N LYS P 96 3.64 10.61 46.57
CA LYS P 96 5.07 10.50 46.15
C LYS P 96 5.14 10.38 44.64
N LEU P 97 4.40 9.43 44.07
CA LEU P 97 4.39 9.14 42.61
C LEU P 97 4.07 10.40 41.82
N MET P 98 3.08 11.17 42.25
CA MET P 98 2.67 12.39 41.51
C MET P 98 3.69 13.51 41.73
N TYR P 99 3.99 13.86 42.98
CA TYR P 99 4.70 15.11 43.34
C TYR P 99 6.16 14.83 43.72
N ASN P 100 6.65 13.59 43.66
CA ASN P 100 8.10 13.31 43.86
C ASN P 100 8.56 13.98 45.17
N GLU P 101 7.79 13.77 46.24
CA GLU P 101 7.84 14.56 47.50
C GLU P 101 7.14 13.76 48.60
N PRO P 102 7.70 13.68 49.82
CA PRO P 102 6.96 13.11 50.95
C PRO P 102 5.68 13.89 51.20
N ILE P 103 4.55 13.19 51.33
CA ILE P 103 3.22 13.84 51.55
C ILE P 103 3.26 14.66 52.82
N PRO P 104 2.75 15.91 52.81
CA PRO P 104 2.61 16.70 54.03
C PRO P 104 1.58 16.07 54.95
N ILE P 105 1.83 16.11 56.25
CA ILE P 105 1.01 15.33 57.21
C ILE P 105 -0.39 15.89 57.16
N SER P 106 -0.46 17.21 57.07
CA SER P 106 -1.69 18.01 56.83
C SER P 106 -2.59 17.38 55.77
N GLN P 107 -2.03 17.09 54.58
CA GLN P 107 -2.74 16.43 53.44
C GLN P 107 -3.05 14.98 53.76
N LEU P 108 -2.12 14.27 54.39
CA LEU P 108 -2.27 12.84 54.73
C LEU P 108 -3.46 12.67 55.67
N VAL P 109 -3.60 13.57 56.63
CA VAL P 109 -4.64 13.47 57.69
C VAL P 109 -6.00 13.85 57.10
N ARG P 110 -6.03 14.85 56.23
CA ARG P 110 -7.26 15.22 55.47
C ARG P 110 -7.78 14.05 54.61
N LYS P 111 -6.91 13.22 54.05
CA LYS P 111 -7.30 12.05 53.20
C LYS P 111 -7.75 10.89 54.08
N ILE P 112 -7.14 10.69 55.25
CA ILE P 112 -7.63 9.74 56.30
C ILE P 112 -9.00 10.24 56.79
N SER P 113 -9.09 11.53 57.10
CA SER P 113 -10.33 12.20 57.57
C SER P 113 -11.47 11.95 56.61
N ALA P 114 -11.20 11.98 55.31
CA ALA P 114 -12.18 11.84 54.21
C ALA P 114 -12.75 10.44 54.18
N ILE P 115 -11.95 9.46 54.58
CA ILE P 115 -12.33 8.01 54.56
C ILE P 115 -13.16 7.74 55.82
N TYR P 116 -12.80 8.32 56.96
CA TYR P 116 -13.69 8.29 58.15
C TYR P 116 -15.06 8.84 57.81
N GLN P 117 -15.11 9.96 57.07
CA GLN P 117 -16.35 10.67 56.67
C GLN P 117 -17.16 9.73 55.76
N GLU P 118 -16.57 9.21 54.67
CA GLU P 118 -17.26 8.28 53.73
C GLU P 118 -18.03 7.22 54.52
N PHE P 119 -17.45 6.66 55.57
CA PHE P 119 -18.02 5.51 56.33
C PHE P 119 -19.00 6.00 57.40
N THR P 120 -19.30 7.30 57.47
CA THR P 120 -20.49 7.83 58.19
C THR P 120 -21.64 7.91 57.17
N GLN P 121 -21.46 8.72 56.13
CA GLN P 121 -22.50 9.04 55.12
C GLN P 121 -22.88 7.76 54.37
N SER P 122 -21.92 7.16 53.66
CA SER P 122 -22.11 6.13 52.58
C SER P 122 -22.95 4.95 53.07
N GLY P 123 -23.49 4.23 52.08
CA GLY P 123 -24.52 3.19 52.25
C GLY P 123 -23.95 1.92 52.84
N GLY P 124 -24.68 1.36 53.82
CA GLY P 124 -24.50 -0.01 54.32
C GLY P 124 -23.09 -0.24 54.80
N VAL P 125 -22.54 0.76 55.49
CA VAL P 125 -21.26 0.65 56.24
C VAL P 125 -21.47 1.38 57.54
N ARG P 126 -20.93 0.84 58.62
CA ARG P 126 -20.83 1.58 59.90
C ARG P 126 -19.54 2.38 59.87
N PRO P 127 -19.43 3.42 60.73
CA PRO P 127 -18.16 4.14 60.92
C PRO P 127 -17.03 3.26 61.46
N PHE P 128 -15.80 3.72 61.32
CA PHE P 128 -14.64 3.03 61.91
C PHE P 128 -14.65 3.30 63.40
N GLY P 129 -14.22 2.31 64.18
CA GLY P 129 -14.19 2.35 65.65
C GLY P 129 -12.79 2.59 66.16
N CYS P 130 -12.07 3.54 65.57
CA CYS P 130 -10.66 3.80 65.91
C CYS P 130 -10.32 5.28 65.73
N SER P 131 -9.65 5.85 66.73
CA SER P 131 -8.96 7.15 66.63
C SER P 131 -7.55 6.83 66.18
N LEU P 132 -7.07 7.50 65.13
CA LEU P 132 -5.64 7.51 64.72
C LEU P 132 -4.92 8.57 65.53
N LEU P 133 -3.58 8.48 65.56
CA LEU P 133 -2.71 9.51 66.15
C LEU P 133 -1.49 9.66 65.26
N VAL P 134 -1.68 10.28 64.11
CA VAL P 134 -0.66 10.39 63.03
C VAL P 134 0.43 11.36 63.50
N ALA P 135 1.69 11.02 63.27
CA ALA P 135 2.85 11.86 63.64
C ALA P 135 3.90 11.79 62.54
N GLY P 136 4.34 12.93 62.03
CA GLY P 136 5.25 12.97 60.88
C GLY P 136 5.88 14.32 60.70
N VAL P 137 6.61 14.48 59.61
CA VAL P 137 7.46 15.67 59.35
C VAL P 137 7.42 16.02 57.86
N ASP P 138 7.24 17.31 57.60
CA ASP P 138 7.17 17.89 56.24
C ASP P 138 8.05 19.15 56.23
N ALA P 139 7.93 19.98 55.20
CA ALA P 139 8.54 21.32 55.11
C ALA P 139 8.00 22.24 56.23
N ASN P 140 6.76 22.01 56.68
CA ASN P 140 6.04 22.84 57.69
C ASN P 140 6.40 22.41 59.13
N GLY P 141 7.49 21.67 59.31
CA GLY P 141 7.99 21.25 60.64
C GLY P 141 7.44 19.90 61.07
N TYR P 142 7.27 19.69 62.37
CA TYR P 142 6.79 18.42 62.97
C TYR P 142 5.32 18.58 63.34
N HIS P 143 4.53 17.56 63.09
CA HIS P 143 3.08 17.53 63.41
C HIS P 143 2.74 16.25 64.15
N LEU P 144 1.94 16.41 65.20
CA LEU P 144 1.07 15.34 65.73
C LEU P 144 -0.36 15.71 65.35
N TYR P 145 -1.18 14.72 65.03
CA TYR P 145 -2.61 14.88 64.69
C TYR P 145 -3.37 13.70 65.29
N GLN P 146 -4.47 13.98 65.98
CA GLN P 146 -5.52 12.99 66.27
C GLN P 146 -6.50 13.00 65.11
N VAL P 147 -6.99 11.84 64.69
CA VAL P 147 -8.19 11.74 63.82
C VAL P 147 -9.19 10.92 64.62
N ASP P 148 -10.48 11.15 64.41
CA ASP P 148 -11.56 10.45 65.15
C ASP P 148 -12.46 9.71 64.17
N PRO P 149 -13.36 8.84 64.67
CA PRO P 149 -14.42 8.24 63.86
C PRO P 149 -15.37 9.21 63.15
N SER P 150 -15.60 10.39 63.74
CA SER P 150 -16.38 11.51 63.13
C SER P 150 -15.82 11.86 61.75
N GLY P 151 -14.48 11.89 61.64
CA GLY P 151 -13.70 12.42 60.51
C GLY P 151 -12.92 13.66 60.91
N THR P 152 -13.48 14.44 61.85
CA THR P 152 -12.83 15.53 62.62
C THR P 152 -11.38 15.16 62.92
N PHE P 153 -10.46 16.05 62.63
CA PHE P 153 -9.04 15.89 63.00
C PHE P 153 -8.56 17.17 63.66
N TRP P 154 -7.82 17.00 64.75
CA TRP P 154 -7.11 18.07 65.46
C TRP P 154 -5.61 17.85 65.29
N ALA P 155 -4.86 18.93 65.12
CA ALA P 155 -3.41 18.93 65.39
C ALA P 155 -3.24 19.18 66.89
N TRP P 156 -2.23 18.58 67.50
CA TRP P 156 -1.92 18.71 68.95
C TRP P 156 -0.43 18.94 69.15
N LYS P 157 -0.08 19.55 70.28
CA LYS P 157 1.30 19.62 70.81
C LYS P 157 1.58 18.32 71.56
N ALA P 158 0.57 17.77 72.24
CA ALA P 158 0.61 16.43 72.84
C ALA P 158 -0.80 16.02 73.23
N THR P 159 -1.14 14.76 73.02
CA THR P 159 -2.44 14.21 73.45
C THR P 159 -2.33 12.70 73.65
N ALA P 160 -3.40 12.13 74.16
CA ALA P 160 -3.60 10.68 74.35
C ALA P 160 -4.97 10.28 73.84
N ILE P 161 -5.12 9.01 73.51
CA ILE P 161 -6.37 8.37 73.05
C ILE P 161 -6.42 7.00 73.72
N GLY P 162 -7.60 6.39 73.81
CA GLY P 162 -7.82 5.12 74.52
C GLY P 162 -8.35 5.34 75.92
N THR P 163 -8.04 4.44 76.85
CA THR P 163 -8.79 4.23 78.11
C THR P 163 -8.34 5.25 79.17
N GLY P 164 -7.03 5.39 79.38
CA GLY P 164 -6.47 6.31 80.38
C GLY P 164 -6.51 7.77 79.95
N SER P 165 -7.13 8.09 78.80
CA SER P 165 -6.88 9.33 78.00
C SER P 165 -7.45 10.59 78.65
N PRO P 166 -8.51 10.55 79.50
CA PRO P 166 -8.87 11.74 80.29
C PRO P 166 -7.81 12.11 81.34
N ASP P 167 -7.13 11.11 81.92
CA ASP P 167 -6.16 11.26 83.05
C ASP P 167 -4.72 11.38 82.52
N ALA P 168 -4.43 10.79 81.36
CA ALA P 168 -3.16 10.97 80.63
C ALA P 168 -3.06 12.40 80.07
N LYS P 169 -4.16 12.98 79.56
CA LYS P 169 -4.19 14.38 79.03
C LYS P 169 -4.15 15.40 80.18
N ALA P 170 -4.59 15.01 81.38
CA ALA P 170 -4.46 15.82 82.63
C ALA P 170 -2.98 15.86 83.04
N PHE P 171 -2.31 14.71 83.03
CA PHE P 171 -0.88 14.54 83.39
C PHE P 171 0.04 15.18 82.33
N LEU P 172 -0.28 15.03 81.04
CA LEU P 172 0.50 15.62 79.90
C LEU P 172 0.47 17.15 79.95
N GLU P 173 -0.60 17.76 80.48
CA GLU P 173 -0.76 19.24 80.53
C GLU P 173 0.27 19.84 81.51
N LYS P 174 0.44 19.23 82.70
CA LYS P 174 1.40 19.68 83.74
C LYS P 174 2.84 19.59 83.20
N ARG P 175 3.23 18.38 82.76
CA ARG P 175 4.60 18.05 82.27
C ARG P 175 5.01 18.95 81.09
N TYR P 176 4.10 19.16 80.14
CA TYR P 176 4.44 19.74 78.81
C TYR P 176 4.86 21.20 78.96
N THR P 177 6.03 21.55 78.41
CA THR P 177 6.53 22.92 78.13
C THR P 177 6.90 23.01 76.64
N VAL P 178 6.91 24.20 76.06
CA VAL P 178 7.10 24.44 74.60
C VAL P 178 8.55 24.10 74.21
N ASP P 179 9.51 24.36 75.10
CA ASP P 179 10.96 24.07 74.90
C ASP P 179 11.18 22.57 74.62
N MET P 180 10.51 21.71 75.39
CA MET P 180 10.66 20.23 75.46
C MET P 180 11.36 19.67 74.22
N GLU P 181 12.53 19.04 74.40
CA GLU P 181 13.34 18.41 73.34
C GLU P 181 13.10 16.89 73.33
N LEU P 182 13.43 16.23 72.22
CA LEU P 182 12.93 14.87 71.84
C LEU P 182 13.27 13.83 72.92
N GLU P 183 14.48 13.88 73.48
CA GLU P 183 14.95 12.91 74.50
C GLU P 183 14.20 13.13 75.82
N ASP P 184 13.74 14.36 76.08
CA ASP P 184 12.93 14.75 77.26
C ASP P 184 11.44 14.49 76.99
N ALA P 185 11.04 14.47 75.71
CA ALA P 185 9.67 14.13 75.26
C ALA P 185 9.44 12.62 75.43
N VAL P 186 10.34 11.78 74.89
CA VAL P 186 10.25 10.29 74.97
C VAL P 186 10.12 9.91 76.45
N HIS P 187 10.91 10.56 77.30
CA HIS P 187 10.88 10.46 78.80
C HIS P 187 9.45 10.81 79.29
N THR P 188 8.92 11.95 78.84
CA THR P 188 7.58 12.52 79.20
C THR P 188 6.44 11.63 78.71
N ALA P 189 6.58 11.07 77.50
CA ALA P 189 5.60 10.16 76.87
C ALA P 189 5.53 8.87 77.67
N LEU P 190 6.67 8.22 77.90
CA LEU P 190 6.76 6.92 78.63
C LEU P 190 6.29 7.07 80.08
N LEU P 191 6.62 8.20 80.73
CA LEU P 191 6.13 8.54 82.11
C LEU P 191 4.60 8.61 82.12
N THR P 192 3.98 9.05 81.03
CA THR P 192 2.50 9.19 80.90
C THR P 192 1.85 7.81 80.83
N LEU P 193 2.39 6.89 80.03
CA LEU P 193 1.92 5.48 79.96
C LEU P 193 2.07 4.85 81.35
N LYS P 194 3.23 5.07 81.99
CA LYS P 194 3.63 4.47 83.30
C LYS P 194 2.58 4.77 84.38
N GLU P 195 1.92 5.94 84.32
CA GLU P 195 0.84 6.35 85.27
C GLU P 195 -0.30 5.33 85.23
N GLY P 196 -0.98 5.23 84.09
CA GLY P 196 -2.17 4.38 83.89
C GLY P 196 -1.85 2.90 83.81
N PHE P 197 -0.57 2.55 83.66
CA PHE P 197 -0.09 1.14 83.52
C PHE P 197 -0.25 0.39 84.85
N ASP P 198 -0.68 -0.87 84.75
CA ASP P 198 -0.67 -1.87 85.85
C ASP P 198 0.28 -3.00 85.41
N GLY P 199 1.22 -3.38 86.29
CA GLY P 199 2.41 -4.18 85.94
C GLY P 199 3.50 -3.28 85.38
N GLN P 200 4.73 -3.76 85.36
CA GLN P 200 5.91 -2.99 84.84
C GLN P 200 5.78 -2.84 83.32
N MET P 201 6.33 -1.76 82.78
CA MET P 201 6.56 -1.55 81.32
C MET P 201 7.84 -2.29 80.90
N THR P 202 7.87 -2.76 79.67
CA THR P 202 9.04 -3.45 79.05
C THR P 202 9.05 -3.15 77.55
N SER P 203 10.07 -3.61 76.85
CA SER P 203 10.24 -3.48 75.38
C SER P 203 9.23 -4.36 74.63
N GLU P 204 8.60 -5.33 75.31
CA GLU P 204 7.58 -6.26 74.76
C GLU P 204 6.16 -5.77 75.12
N ASN P 205 6.04 -4.83 76.06
CA ASN P 205 4.76 -4.38 76.64
C ASN P 205 4.28 -3.10 75.93
N THR P 206 5.20 -2.19 75.56
CA THR P 206 4.94 -0.94 74.77
C THR P 206 5.69 -0.99 73.44
N GLN P 207 5.18 -0.24 72.48
CA GLN P 207 5.91 0.15 71.25
C GLN P 207 6.01 1.67 71.27
N VAL P 208 7.18 2.20 71.00
CA VAL P 208 7.42 3.67 70.84
C VAL P 208 7.85 3.91 69.40
N GLY P 209 7.13 4.81 68.72
CA GLY P 209 7.56 5.39 67.43
C GLY P 209 7.94 6.84 67.63
N ARG P 210 8.93 7.32 66.90
CA ARG P 210 9.34 8.74 67.00
C ARG P 210 9.66 9.28 65.62
N VAL P 211 9.16 10.48 65.35
CA VAL P 211 9.65 11.35 64.25
C VAL P 211 10.89 12.05 64.78
N VAL P 212 11.96 12.01 64.03
CA VAL P 212 13.23 12.73 64.35
C VAL P 212 13.83 13.17 63.01
N GLU P 213 14.48 14.33 63.00
CA GLU P 213 15.21 14.85 61.82
C GLU P 213 14.20 14.96 60.67
N ASN P 214 14.19 14.00 59.73
CA ASN P 214 13.23 14.03 58.59
C ASN P 214 12.74 12.62 58.30
N ARG P 215 12.70 11.75 59.30
CA ARG P 215 12.20 10.35 59.18
C ARG P 215 11.39 10.02 60.43
N PHE P 216 10.36 9.19 60.27
CA PHE P 216 9.72 8.43 61.37
C PHE P 216 10.42 7.08 61.47
N GLU P 217 10.56 6.54 62.68
CA GLU P 217 11.07 5.18 62.92
C GLU P 217 10.46 4.63 64.20
N ILE P 218 10.15 3.34 64.20
CA ILE P 218 9.75 2.59 65.43
C ILE P 218 11.06 2.28 66.15
N LEU P 219 11.08 2.43 67.49
CA LEU P 219 12.27 2.10 68.31
C LEU P 219 12.35 0.58 68.45
N SER P 220 13.46 -0.02 68.00
CA SER P 220 13.80 -1.43 68.25
C SER P 220 13.88 -1.65 69.77
N VAL P 221 13.61 -2.87 70.22
CA VAL P 221 13.49 -3.25 71.66
C VAL P 221 14.76 -2.88 72.44
N ASP P 222 15.92 -2.76 71.78
CA ASP P 222 17.20 -2.27 72.38
C ASP P 222 17.09 -0.77 72.71
N GLN P 223 16.73 0.04 71.71
CA GLN P 223 16.58 1.52 71.82
C GLN P 223 15.52 1.88 72.86
N LEU P 224 14.48 1.04 73.02
CA LEU P 224 13.41 1.27 74.02
C LEU P 224 13.93 0.94 75.42
N ARG P 225 14.69 -0.15 75.58
CA ARG P 225 15.29 -0.57 76.88
C ARG P 225 16.16 0.57 77.45
N ASP P 226 16.91 1.29 76.61
CA ASP P 226 17.75 2.45 77.00
C ASP P 226 16.90 3.53 77.66
N TYR P 227 15.72 3.83 77.09
CA TYR P 227 14.78 4.87 77.58
C TYR P 227 13.94 4.35 78.77
N LEU P 228 13.74 3.04 78.89
CA LEU P 228 12.95 2.42 80.00
C LEU P 228 13.82 2.24 81.26
N ASP P 229 15.15 2.32 81.14
CA ASP P 229 16.12 2.18 82.27
C ASP P 229 16.28 3.52 83.01
N GLN P 230 15.80 4.63 82.42
CA GLN P 230 15.93 6.00 82.99
C GLN P 230 14.68 6.37 83.80
N ILE P 231 13.47 6.05 83.30
CA ILE P 231 12.17 6.46 83.93
C ILE P 231 11.94 5.66 85.22
N SER Q 2 -32.31 -7.02 55.37
CA SER Q 2 -31.63 -5.70 55.38
C SER Q 2 -32.60 -4.58 54.97
N HIS Q 3 -33.68 -4.86 54.23
CA HIS Q 3 -34.77 -3.88 53.96
C HIS Q 3 -35.53 -3.57 55.27
N ARG Q 4 -35.50 -4.48 56.25
CA ARG Q 4 -36.16 -4.32 57.58
C ARG Q 4 -35.55 -3.14 58.34
N TYR Q 5 -34.23 -2.98 58.24
CA TYR Q 5 -33.40 -2.08 59.11
C TYR Q 5 -33.12 -0.74 58.44
N ASP Q 6 -33.64 -0.52 57.23
CA ASP Q 6 -33.54 0.77 56.51
C ASP Q 6 -34.31 1.83 57.31
N SER Q 7 -33.62 2.89 57.70
CA SER Q 7 -34.17 4.13 58.34
C SER Q 7 -35.14 4.84 57.40
N ARG Q 8 -34.92 4.75 56.08
CA ARG Q 8 -35.66 5.48 55.01
C ARG Q 8 -35.44 6.98 55.24
N THR Q 9 -34.25 7.44 54.90
CA THR Q 9 -33.80 8.85 55.09
C THR Q 9 -34.53 9.74 54.07
N THR Q 10 -34.56 9.29 52.81
CA THR Q 10 -35.07 10.04 51.63
C THR Q 10 -36.57 9.77 51.47
N THR Q 11 -37.37 10.02 52.51
CA THR Q 11 -38.84 9.87 52.48
C THR Q 11 -39.48 11.11 53.08
N PHE Q 12 -40.74 11.34 52.73
CA PHE Q 12 -41.60 12.31 53.45
C PHE Q 12 -42.12 11.65 54.71
N SER Q 13 -42.50 12.49 55.66
CA SER Q 13 -43.23 12.13 56.89
C SER Q 13 -44.71 12.44 56.66
N PRO Q 14 -45.64 11.98 57.52
CA PRO Q 14 -47.06 12.24 57.29
C PRO Q 14 -47.47 13.71 57.15
N GLU Q 15 -46.71 14.64 57.75
CA GLU Q 15 -47.05 16.09 57.72
C GLU Q 15 -46.44 16.76 56.47
N GLY Q 16 -45.48 16.11 55.80
CA GLY Q 16 -44.93 16.55 54.49
C GLY Q 16 -43.62 17.29 54.65
N ARG Q 17 -42.68 16.70 55.39
CA ARG Q 17 -41.38 17.32 55.78
C ARG Q 17 -40.34 16.21 55.91
N LEU Q 18 -39.19 16.40 55.29
CA LEU Q 18 -38.07 15.42 55.28
C LEU Q 18 -37.45 15.43 56.67
N TYR Q 19 -37.68 14.39 57.47
CA TYR Q 19 -37.25 14.36 58.89
C TYR Q 19 -35.73 14.48 58.99
N GLN Q 20 -35.01 13.67 58.23
CA GLN Q 20 -33.53 13.61 58.34
C GLN Q 20 -32.94 15.01 58.10
N VAL Q 21 -33.59 15.85 57.29
CA VAL Q 21 -33.16 17.27 57.07
C VAL Q 21 -33.51 18.12 58.29
N GLU Q 22 -34.78 18.15 58.71
CA GLU Q 22 -35.24 18.92 59.90
C GLU Q 22 -34.32 18.65 61.09
N TYR Q 23 -33.84 17.41 61.23
CA TYR Q 23 -32.91 16.99 62.30
C TYR Q 23 -31.54 17.58 62.02
N ALA Q 24 -31.00 17.38 60.82
CA ALA Q 24 -29.67 17.92 60.39
C ALA Q 24 -29.61 19.44 60.60
N VAL Q 25 -30.75 20.14 60.47
CA VAL Q 25 -30.89 21.59 60.82
C VAL Q 25 -30.65 21.74 62.32
N GLU Q 26 -31.31 20.93 63.14
CA GLU Q 26 -31.15 20.93 64.62
C GLU Q 26 -29.67 20.67 64.97
N ALA Q 27 -28.93 19.92 64.14
CA ALA Q 27 -27.48 19.62 64.30
C ALA Q 27 -26.62 20.86 64.04
N ILE Q 28 -27.14 21.79 63.24
CA ILE Q 28 -26.43 23.05 62.88
C ILE Q 28 -26.68 24.09 63.98
N GLN Q 29 -27.81 24.03 64.69
CA GLN Q 29 -28.11 24.94 65.83
C GLN Q 29 -27.31 24.53 67.08
N GLN Q 30 -26.52 23.44 67.04
CA GLN Q 30 -25.57 23.06 68.12
C GLN Q 30 -24.14 23.50 67.76
N ALA Q 31 -23.87 23.83 66.50
CA ALA Q 31 -22.54 24.25 66.00
C ALA Q 31 -22.18 25.64 66.55
N GLY Q 32 -20.97 26.11 66.23
CA GLY Q 32 -20.48 27.45 66.58
C GLY Q 32 -21.12 28.50 65.70
N THR Q 33 -21.54 29.64 66.29
CA THR Q 33 -22.21 30.78 65.60
C THR Q 33 -21.24 31.42 64.59
N VAL Q 34 -21.74 31.76 63.40
CA VAL Q 34 -20.95 32.50 62.37
C VAL Q 34 -21.80 33.64 61.84
N ILE Q 35 -21.23 34.84 61.77
CA ILE Q 35 -21.95 36.06 61.32
C ILE Q 35 -21.27 36.57 60.06
N GLY Q 36 -22.03 36.59 58.97
CA GLY Q 36 -21.71 37.26 57.71
C GLY Q 36 -22.32 38.66 57.67
N VAL Q 37 -21.61 39.61 57.04
CA VAL Q 37 -22.08 41.00 56.81
C VAL Q 37 -21.55 41.50 55.46
N CYS Q 38 -22.45 41.57 54.48
CA CYS Q 38 -22.25 42.12 53.11
C CYS Q 38 -22.29 43.65 53.22
N THR Q 39 -21.16 44.31 52.96
CA THR Q 39 -20.99 45.78 52.93
C THR Q 39 -20.94 46.23 51.46
N LYS Q 40 -20.35 47.40 51.20
CA LYS Q 40 -20.01 47.87 49.83
C LYS Q 40 -18.49 47.86 49.64
N ASP Q 41 -17.71 47.83 50.73
CA ASP Q 41 -16.23 47.87 50.71
C ASP Q 41 -15.66 46.45 50.81
N GLY Q 42 -16.48 45.47 51.19
CA GLY Q 42 -16.11 44.04 51.28
C GLY Q 42 -17.20 43.20 51.91
N VAL Q 43 -16.86 42.01 52.41
CA VAL Q 43 -17.75 41.14 53.25
C VAL Q 43 -16.93 40.64 54.44
N VAL Q 44 -17.64 40.36 55.53
CA VAL Q 44 -17.07 39.88 56.82
C VAL Q 44 -17.78 38.61 57.25
N LEU Q 45 -17.00 37.60 57.63
CA LEU Q 45 -17.44 36.41 58.41
C LEU Q 45 -16.76 36.46 59.77
N ALA Q 46 -17.53 36.41 60.84
CA ALA Q 46 -17.02 36.31 62.23
C ALA Q 46 -17.57 35.02 62.85
N GLY Q 47 -16.69 34.09 63.22
CA GLY Q 47 -17.02 32.71 63.62
C GLY Q 47 -16.57 32.38 65.03
N GLU Q 48 -17.33 31.55 65.74
CA GLU Q 48 -17.11 31.19 67.16
C GLU Q 48 -16.39 29.83 67.19
N LYS Q 49 -15.07 29.85 67.34
CA LYS Q 49 -14.19 28.66 67.49
C LYS Q 49 -14.49 27.92 68.81
N MET Q 50 -14.04 26.67 68.90
CA MET Q 50 -14.11 25.84 70.14
C MET Q 50 -13.10 26.42 71.15
N VAL Q 51 -13.55 26.62 72.40
CA VAL Q 51 -12.71 27.07 73.57
C VAL Q 51 -11.34 26.39 73.48
N PRO Q 52 -10.22 27.15 73.31
CA PRO Q 52 -8.94 26.55 72.97
C PRO Q 52 -8.25 25.90 74.18
N HIS Q 53 -8.10 24.57 74.12
CA HIS Q 53 -7.32 23.70 75.06
C HIS Q 53 -5.86 24.08 74.95
N PRO Q 54 -5.08 24.14 76.06
CA PRO Q 54 -3.71 24.68 76.00
C PRO Q 54 -2.78 23.93 75.03
N LEU Q 55 -3.06 22.65 74.74
CA LEU Q 55 -2.20 21.77 73.92
C LEU Q 55 -2.54 21.84 72.43
N PHE Q 56 -3.68 22.43 72.04
CA PHE Q 56 -4.03 22.65 70.61
C PHE Q 56 -2.86 23.37 69.94
N ASP Q 57 -2.39 22.81 68.84
CA ASP Q 57 -1.36 23.45 67.99
C ASP Q 57 -2.04 24.11 66.80
N SER Q 58 -1.27 24.88 66.03
CA SER Q 58 -1.57 25.33 64.67
C SER Q 58 -0.68 24.55 63.71
N GLU Q 59 -1.27 23.58 63.01
CA GLU Q 59 -0.75 23.05 61.72
C GLU Q 59 -0.10 24.21 60.96
N SER Q 60 1.24 24.31 61.01
CA SER Q 60 2.03 25.47 60.54
C SER Q 60 1.93 25.59 59.02
N MET Q 61 0.75 25.99 58.53
CA MET Q 61 0.46 26.16 57.08
C MET Q 61 1.19 27.42 56.58
N GLN Q 62 2.04 27.25 55.57
CA GLN Q 62 2.89 28.31 54.95
C GLN Q 62 2.02 29.46 54.44
N ASP Q 63 0.81 29.18 53.91
CA ASP Q 63 -0.25 30.18 53.54
C ASP Q 63 -1.33 30.22 54.63
N LYS Q 64 -1.48 31.35 55.33
CA LYS Q 64 -2.44 31.51 56.46
C LYS Q 64 -3.87 31.61 55.93
N ASN Q 65 -4.07 32.38 54.86
CA ASN Q 65 -5.36 33.00 54.48
C ASN Q 65 -6.30 32.00 53.77
N THR Q 66 -5.86 30.78 53.44
CA THR Q 66 -6.70 29.84 52.65
C THR Q 66 -7.62 29.05 53.59
N SER Q 67 -7.18 28.68 54.79
CA SER Q 67 -8.03 27.96 55.78
C SER Q 67 -7.62 28.30 57.23
N GLY Q 68 -8.62 28.36 58.10
CA GLY Q 68 -8.49 28.33 59.56
C GLY Q 68 -9.48 27.34 60.13
N GLU Q 69 -9.94 27.57 61.36
CA GLU Q 69 -10.85 26.64 62.06
C GLU Q 69 -12.24 26.70 61.40
N LYS Q 70 -12.77 27.91 61.25
CA LYS Q 70 -14.17 28.16 60.82
C LYS Q 70 -14.23 28.51 59.33
N MET Q 71 -13.32 29.37 58.87
CA MET Q 71 -13.34 30.02 57.54
C MET Q 71 -12.46 29.22 56.58
N TYR Q 72 -12.95 28.95 55.38
CA TYR Q 72 -12.16 28.30 54.29
C TYR Q 72 -12.34 29.08 52.99
N LYS Q 73 -11.23 29.26 52.26
CA LYS Q 73 -11.22 29.77 50.87
C LYS Q 73 -11.69 28.66 49.94
N ILE Q 74 -12.67 28.93 49.07
CA ILE Q 74 -13.19 27.98 48.04
C ILE Q 74 -12.51 28.24 46.70
N ALA Q 75 -12.21 29.49 46.37
CA ALA Q 75 -11.23 29.90 45.33
C ALA Q 75 -10.95 31.40 45.53
N GLU Q 76 -9.90 31.93 44.90
CA GLU Q 76 -9.37 33.31 45.17
C GLU Q 76 -10.48 34.30 45.56
N HIS Q 77 -11.62 34.23 44.88
CA HIS Q 77 -12.75 35.21 44.95
C HIS Q 77 -13.96 34.70 45.74
N ILE Q 78 -13.91 33.49 46.32
CA ILE Q 78 -15.05 32.92 47.10
C ILE Q 78 -14.50 32.31 48.38
N GLY Q 79 -14.81 32.92 49.51
CA GLY Q 79 -14.62 32.32 50.83
C GLY Q 79 -15.81 31.48 51.25
N CYS Q 80 -15.83 31.06 52.49
CA CYS Q 80 -17.01 30.49 53.18
C CYS Q 80 -16.67 30.24 54.64
N SER Q 81 -17.69 30.29 55.49
CA SER Q 81 -17.69 29.71 56.85
C SER Q 81 -18.72 28.59 56.89
N VAL Q 82 -18.54 27.62 57.78
CA VAL Q 82 -19.50 26.49 57.94
C VAL Q 82 -19.94 26.38 59.40
N ALA Q 83 -21.13 25.79 59.55
CA ALA Q 83 -21.72 25.34 60.81
C ALA Q 83 -22.30 23.95 60.56
N GLY Q 84 -22.04 23.04 61.48
CA GLY Q 84 -22.55 21.65 61.45
C GLY Q 84 -21.41 20.67 61.52
N VAL Q 85 -21.66 19.46 61.02
CA VAL Q 85 -20.71 18.33 61.02
C VAL Q 85 -19.47 18.74 60.20
N THR Q 86 -18.36 19.07 60.88
CA THR Q 86 -17.10 19.54 60.23
C THR Q 86 -16.72 18.53 59.13
N SER Q 87 -16.75 17.23 59.44
CA SER Q 87 -16.39 16.10 58.54
C SER Q 87 -17.06 16.29 57.17
N ASP Q 88 -18.36 16.61 57.18
CA ASP Q 88 -19.19 16.83 55.97
C ASP Q 88 -18.75 18.11 55.24
N ALA Q 89 -18.55 19.20 55.98
CA ALA Q 89 -18.15 20.52 55.44
C ALA Q 89 -16.94 20.34 54.52
N TYR Q 90 -15.90 19.63 55.00
CA TYR Q 90 -14.65 19.33 54.25
C TYR Q 90 -15.00 18.58 52.95
N ALA Q 91 -15.93 17.62 53.04
CA ALA Q 91 -16.40 16.84 51.88
C ALA Q 91 -16.91 17.80 50.82
N LEU Q 92 -17.87 18.66 51.18
CA LEU Q 92 -18.51 19.63 50.26
C LEU Q 92 -17.52 20.73 49.86
N LEU Q 93 -16.85 21.34 50.84
CA LEU Q 93 -15.84 22.37 50.59
C LEU Q 93 -14.95 21.91 49.45
N ASN Q 94 -14.40 20.69 49.54
CA ASN Q 94 -13.51 20.10 48.49
C ASN Q 94 -14.29 19.95 47.17
N TYR Q 95 -15.58 19.61 47.21
CA TYR Q 95 -16.45 19.52 46.00
C TYR Q 95 -16.66 20.93 45.42
N ALA Q 96 -16.89 21.92 46.29
CA ALA Q 96 -17.10 23.35 45.91
C ALA Q 96 -15.83 23.90 45.27
N ARG Q 97 -14.66 23.57 45.82
CA ARG Q 97 -13.33 24.01 45.31
C ARG Q 97 -13.16 23.51 43.87
N LEU Q 98 -13.33 22.21 43.67
CA LEU Q 98 -13.32 21.56 42.34
C LEU Q 98 -14.31 22.26 41.42
N SER Q 99 -15.52 22.58 41.88
CA SER Q 99 -16.61 23.12 41.03
C SER Q 99 -16.27 24.53 40.54
N ALA Q 100 -15.68 25.36 41.40
CA ALA Q 100 -15.31 26.75 41.11
C ALA Q 100 -14.06 26.81 40.23
N LEU Q 101 -13.27 25.73 40.19
CA LEU Q 101 -12.10 25.58 39.29
C LEU Q 101 -12.55 24.91 37.99
N ARG Q 102 -13.44 23.91 38.05
CA ARG Q 102 -13.96 23.26 36.82
C ARG Q 102 -14.64 24.32 35.97
N HIS Q 103 -15.31 25.30 36.59
CA HIS Q 103 -15.83 26.50 35.89
C HIS Q 103 -14.66 27.25 35.27
N GLN Q 104 -13.65 27.60 36.06
CA GLN Q 104 -12.48 28.41 35.61
C GLN Q 104 -11.75 27.67 34.48
N TYR Q 105 -11.51 26.37 34.60
CA TYR Q 105 -10.92 25.52 33.53
C TYR Q 105 -11.65 25.79 32.21
N THR Q 106 -12.98 25.64 32.21
CA THR Q 106 -13.86 25.75 31.01
C THR Q 106 -13.88 27.21 30.49
N PHE Q 107 -14.36 28.15 31.30
CA PHE Q 107 -14.70 29.54 30.89
C PHE Q 107 -13.53 30.51 31.08
N GLN Q 108 -12.44 30.11 31.74
CA GLN Q 108 -11.21 30.94 31.96
C GLN Q 108 -11.59 32.30 32.56
N GLU Q 109 -12.54 32.29 33.48
CA GLU Q 109 -12.94 33.46 34.29
C GLU Q 109 -13.39 32.93 35.65
N PRO Q 110 -13.36 33.76 36.72
CA PRO Q 110 -13.93 33.32 38.00
C PRO Q 110 -15.42 33.03 37.86
N MET Q 111 -15.83 31.94 38.51
CA MET Q 111 -17.24 31.52 38.72
C MET Q 111 -17.99 32.63 39.47
N ALA Q 112 -19.22 32.91 39.07
CA ALA Q 112 -20.15 33.74 39.86
C ALA Q 112 -20.39 33.05 41.22
N ILE Q 113 -20.94 33.76 42.19
CA ILE Q 113 -21.12 33.20 43.56
C ILE Q 113 -22.46 32.48 43.59
N GLU Q 114 -23.48 33.11 43.03
CA GLU Q 114 -24.81 32.47 42.84
C GLU Q 114 -24.62 31.12 42.12
N ASP Q 115 -23.68 31.04 41.17
CA ASP Q 115 -23.36 29.84 40.36
C ASP Q 115 -22.81 28.71 41.25
N LEU Q 116 -21.85 29.02 42.12
CA LEU Q 116 -21.23 28.03 43.04
C LEU Q 116 -22.27 27.62 44.08
N CYS Q 117 -22.95 28.60 44.67
CA CYS Q 117 -23.98 28.38 45.71
C CYS Q 117 -25.09 27.45 45.18
N ARG Q 118 -25.39 27.52 43.88
CA ARG Q 118 -26.40 26.65 43.20
C ARG Q 118 -25.81 25.24 42.97
N ILE Q 119 -24.56 25.13 42.53
CA ILE Q 119 -23.86 23.82 42.30
C ILE Q 119 -23.67 23.07 43.63
N LEU Q 120 -23.32 23.81 44.69
CA LEU Q 120 -23.00 23.28 46.05
C LEU Q 120 -24.27 22.79 46.75
N CYS Q 121 -25.44 23.29 46.35
CA CYS Q 121 -26.74 23.07 47.02
C CYS Q 121 -27.65 22.15 46.20
N ASP Q 122 -27.31 21.91 44.94
CA ASP Q 122 -27.88 20.80 44.12
C ASP Q 122 -27.21 19.50 44.57
N GLU Q 123 -25.95 19.56 45.01
CA GLU Q 123 -25.16 18.43 45.56
C GLU Q 123 -25.74 18.02 46.93
N LYS Q 124 -26.30 18.96 47.68
CA LYS Q 124 -26.85 18.71 49.04
C LYS Q 124 -28.30 18.23 48.93
N GLN Q 125 -29.08 18.83 48.03
CA GLN Q 125 -30.47 18.40 47.74
C GLN Q 125 -30.44 16.91 47.43
N LEU Q 126 -29.66 16.50 46.42
CA LEU Q 126 -29.53 15.09 45.97
C LEU Q 126 -29.72 14.14 47.16
N TYR Q 127 -28.98 14.34 48.24
CA TYR Q 127 -28.91 13.41 49.39
C TYR Q 127 -30.21 13.43 50.20
N THR Q 128 -31.12 14.38 49.95
CA THR Q 128 -32.47 14.42 50.55
C THR Q 128 -33.48 13.66 49.68
N GLN Q 129 -33.17 13.33 48.42
CA GLN Q 129 -34.12 12.74 47.43
C GLN Q 129 -33.70 11.32 47.05
N TYR Q 130 -32.50 11.14 46.51
CA TYR Q 130 -31.93 9.84 46.06
C TYR Q 130 -31.01 9.29 47.15
N GLY Q 131 -30.85 7.97 47.21
CA GLY Q 131 -29.62 7.32 47.74
C GLY Q 131 -29.74 6.80 49.16
N GLY Q 132 -30.86 7.04 49.86
CA GLY Q 132 -31.19 6.43 51.16
C GLY Q 132 -30.13 6.65 52.24
N VAL Q 133 -29.26 7.64 52.07
CA VAL Q 133 -28.18 8.04 53.03
C VAL Q 133 -28.64 9.30 53.76
N ARG Q 134 -28.02 9.63 54.89
CA ARG Q 134 -28.28 10.90 55.61
C ARG Q 134 -27.89 12.07 54.70
N PRO Q 135 -28.65 13.19 54.71
CA PRO Q 135 -28.15 14.44 54.12
C PRO Q 135 -26.90 14.98 54.81
N TYR Q 136 -26.07 15.71 54.07
CA TYR Q 136 -24.98 16.53 54.64
C TYR Q 136 -25.57 17.48 55.68
N GLY Q 137 -25.13 17.35 56.94
CA GLY Q 137 -25.61 18.17 58.07
C GLY Q 137 -24.74 19.40 58.26
N VAL Q 138 -24.74 20.28 57.27
CA VAL Q 138 -23.81 21.45 57.20
C VAL Q 138 -24.53 22.61 56.53
N SER Q 139 -24.52 23.77 57.17
CA SER Q 139 -24.96 25.05 56.59
C SER Q 139 -23.69 25.84 56.22
N PHE Q 140 -23.60 26.26 54.97
CA PHE Q 140 -22.51 27.13 54.48
C PHE Q 140 -22.89 28.60 54.69
N LEU Q 141 -21.91 29.47 54.48
CA LEU Q 141 -22.10 30.94 54.46
C LEU Q 141 -21.12 31.53 53.46
N LEU Q 142 -21.30 31.20 52.18
CA LEU Q 142 -20.41 31.64 51.08
C LEU Q 142 -20.35 33.15 51.07
N VAL Q 143 -19.15 33.68 50.86
CA VAL Q 143 -18.95 35.11 50.55
C VAL Q 143 -18.07 35.16 49.32
N GLY Q 144 -18.37 36.06 48.40
CA GLY Q 144 -17.55 36.23 47.21
C GLY Q 144 -17.81 37.55 46.55
N TRP Q 145 -16.92 37.91 45.63
CA TRP Q 145 -17.11 39.02 44.69
C TRP Q 145 -17.05 38.48 43.26
N ASP Q 146 -18.01 38.88 42.43
CA ASP Q 146 -18.04 38.65 40.97
C ASP Q 146 -18.37 39.97 40.28
N ARG Q 147 -18.16 40.03 38.96
CA ARG Q 147 -18.39 41.26 38.16
C ARG Q 147 -19.90 41.52 38.12
N TYR Q 148 -20.71 40.47 38.23
CA TYR Q 148 -22.18 40.53 38.03
C TYR Q 148 -22.83 41.34 39.16
N TYR Q 149 -22.79 40.87 40.39
CA TYR Q 149 -23.60 41.46 41.50
C TYR Q 149 -22.74 42.03 42.62
N GLY Q 150 -21.41 42.01 42.47
CA GLY Q 150 -20.48 42.58 43.45
C GLY Q 150 -20.31 41.69 44.67
N TYR Q 151 -20.00 42.28 45.83
CA TYR Q 151 -19.87 41.55 47.11
C TYR Q 151 -21.21 40.89 47.42
N GLN Q 152 -21.26 39.56 47.46
CA GLN Q 152 -22.49 38.81 47.83
C GLN Q 152 -22.16 37.92 49.03
N LEU Q 153 -23.16 37.71 49.87
CA LEU Q 153 -23.17 36.71 50.95
C LEU Q 153 -24.37 35.80 50.68
N TYR Q 154 -24.22 34.50 50.97
CA TYR Q 154 -25.24 33.45 50.74
C TYR Q 154 -25.24 32.46 51.90
N SER Q 155 -26.36 32.36 52.60
CA SER Q 155 -26.65 31.21 53.50
C SER Q 155 -27.05 30.03 52.63
N THR Q 156 -26.71 28.86 53.12
CA THR Q 156 -26.99 27.55 52.50
C THR Q 156 -27.68 26.75 53.62
N GLU Q 157 -28.22 25.57 53.32
CA GLU Q 157 -28.92 24.74 54.33
C GLU Q 157 -28.76 23.27 53.94
N PRO Q 158 -28.98 22.29 54.84
CA PRO Q 158 -28.89 20.87 54.47
C PRO Q 158 -29.89 20.45 53.39
N SER Q 159 -31.10 21.03 53.47
CA SER Q 159 -32.26 20.85 52.56
C SER Q 159 -31.87 21.08 51.09
N GLY Q 160 -30.90 21.96 50.84
CA GLY Q 160 -30.51 22.47 49.52
C GLY Q 160 -30.82 23.96 49.38
N ASP Q 161 -31.94 24.44 49.93
CA ASP Q 161 -32.40 25.85 49.74
C ASP Q 161 -31.29 26.79 50.19
N TYR Q 162 -30.78 27.59 49.25
CA TYR Q 162 -29.91 28.75 49.51
C TYR Q 162 -30.72 30.02 49.30
N SER Q 163 -30.40 31.04 50.09
CA SER Q 163 -30.90 32.43 49.94
C SER Q 163 -29.68 33.36 50.05
N ALA Q 164 -29.69 34.47 49.32
CA ALA Q 164 -28.70 35.55 49.47
C ALA Q 164 -29.14 36.42 50.64
N TRP Q 165 -28.18 37.06 51.29
CA TRP Q 165 -28.42 37.96 52.44
C TRP Q 165 -27.42 39.12 52.38
N SER Q 166 -27.74 40.17 53.11
CA SER Q 166 -26.87 41.34 53.33
C SER Q 166 -26.06 41.11 54.61
N ALA Q 167 -26.68 40.48 55.60
CA ALA Q 167 -25.99 40.02 56.81
C ALA Q 167 -26.81 38.90 57.43
N TYR Q 168 -26.16 37.76 57.69
CA TYR Q 168 -26.85 36.55 58.18
C TYR Q 168 -26.02 35.93 59.28
N ALA Q 169 -26.62 34.98 59.98
CA ALA Q 169 -25.99 34.17 61.04
C ALA Q 169 -26.41 32.72 60.86
N ILE Q 170 -25.50 31.79 61.14
CA ILE Q 170 -25.80 30.33 61.27
C ILE Q 170 -25.15 29.85 62.55
N GLY Q 171 -25.79 28.90 63.25
CA GLY Q 171 -25.21 28.21 64.40
C GLY Q 171 -25.99 28.44 65.69
N GLN Q 172 -25.27 28.70 66.78
CA GLN Q 172 -25.70 28.46 68.18
C GLN Q 172 -26.88 29.36 68.52
N ASN Q 173 -26.83 30.63 68.12
CA ASN Q 173 -27.89 31.64 68.45
C ASN Q 173 -28.22 32.43 67.18
N ASP Q 174 -28.44 31.73 66.07
CA ASP Q 174 -28.78 32.31 64.74
C ASP Q 174 -30.06 33.16 64.82
N GLN Q 175 -31.02 32.82 65.69
CA GLN Q 175 -32.30 33.56 65.87
C GLN Q 175 -32.03 34.90 66.60
N VAL Q 176 -31.22 34.87 67.65
CA VAL Q 176 -30.83 36.07 68.45
C VAL Q 176 -30.05 37.03 67.54
N ALA Q 177 -29.07 36.51 66.80
CA ALA Q 177 -28.17 37.28 65.90
C ALA Q 177 -28.99 38.01 64.82
N HIS Q 178 -29.98 37.33 64.22
CA HIS Q 178 -30.90 37.90 63.19
C HIS Q 178 -31.63 39.12 63.74
N ALA Q 179 -32.07 39.10 65.01
CA ALA Q 179 -32.78 40.21 65.69
C ALA Q 179 -31.84 41.42 65.83
N LEU Q 180 -30.58 41.18 66.21
CA LEU Q 180 -29.54 42.22 66.47
C LEU Q 180 -29.00 42.80 65.16
N LEU Q 181 -28.81 41.95 64.14
CA LEU Q 181 -28.34 42.38 62.78
C LEU Q 181 -29.40 43.28 62.13
N LYS Q 182 -30.68 42.85 62.12
CA LYS Q 182 -31.84 43.60 61.55
C LYS Q 182 -31.77 45.06 62.00
N LYS Q 183 -31.50 45.28 63.28
CA LYS Q 183 -31.57 46.59 63.97
C LYS Q 183 -30.44 47.52 63.51
N ASP Q 184 -29.21 47.00 63.34
CA ASP Q 184 -27.97 47.84 63.24
C ASP Q 184 -27.34 47.81 61.84
N TRP Q 185 -27.95 47.13 60.86
CA TRP Q 185 -27.44 47.06 59.46
C TRP Q 185 -28.09 48.17 58.63
N HIS Q 186 -27.28 48.98 57.92
CA HIS Q 186 -27.72 50.04 56.97
C HIS Q 186 -26.90 49.97 55.68
N GLU Q 187 -27.54 50.30 54.56
CA GLU Q 187 -27.21 49.86 53.17
C GLU Q 187 -25.83 50.37 52.73
N SER Q 188 -25.48 51.60 53.13
CA SER Q 188 -24.10 52.16 53.06
C SER Q 188 -23.41 51.85 54.39
N MET Q 189 -22.21 51.26 54.31
CA MET Q 189 -21.48 50.71 55.49
C MET Q 189 -20.02 50.47 55.07
N THR Q 190 -19.07 51.05 55.81
CA THR Q 190 -17.62 50.82 55.59
C THR Q 190 -17.26 49.43 56.10
N LEU Q 191 -16.19 48.82 55.56
CA LEU Q 191 -15.68 47.50 56.00
C LEU Q 191 -15.39 47.54 57.49
N GLU Q 192 -14.81 48.64 57.99
CA GLU Q 192 -14.49 48.87 59.43
C GLU Q 192 -15.79 48.96 60.28
N ASP Q 193 -16.91 49.38 59.68
CA ASP Q 193 -18.25 49.48 60.34
C ASP Q 193 -18.99 48.13 60.25
N GLY Q 194 -18.70 47.30 59.24
CA GLY Q 194 -19.25 45.94 59.08
C GLY Q 194 -18.54 44.93 59.98
N MET Q 195 -17.22 45.05 60.07
CA MET Q 195 -16.33 44.38 61.06
C MET Q 195 -16.87 44.59 62.48
N LEU Q 196 -17.11 45.86 62.84
CA LEU Q 196 -17.66 46.31 64.13
C LEU Q 196 -18.95 45.55 64.45
N LEU Q 197 -19.95 45.66 63.58
CA LEU Q 197 -21.28 44.98 63.72
C LEU Q 197 -21.08 43.49 63.97
N ALA Q 198 -20.35 42.82 63.06
CA ALA Q 198 -20.17 41.35 63.02
C ALA Q 198 -19.56 40.84 64.32
N LEU Q 199 -18.68 41.63 64.95
CA LEU Q 199 -18.03 41.27 66.24
C LEU Q 199 -18.93 41.62 67.43
N ARG Q 200 -19.70 42.72 67.36
CA ARG Q 200 -20.66 43.12 68.43
C ARG Q 200 -21.78 42.08 68.53
N VAL Q 201 -22.29 41.62 67.39
CA VAL Q 201 -23.37 40.59 67.31
C VAL Q 201 -22.79 39.25 67.76
N LEU Q 202 -21.56 38.91 67.38
CA LEU Q 202 -20.88 37.66 67.81
C LEU Q 202 -20.63 37.72 69.32
N GLY Q 203 -20.17 38.88 69.80
CA GLY Q 203 -19.91 39.17 71.23
C GLY Q 203 -21.17 39.03 72.09
N LYS Q 204 -22.34 39.36 71.53
CA LYS Q 204 -23.64 39.34 72.26
C LYS Q 204 -24.25 37.94 72.27
N THR Q 205 -24.14 37.18 71.17
CA THR Q 205 -24.71 35.82 71.03
C THR Q 205 -24.03 34.86 72.02
N MET Q 206 -22.69 34.81 72.01
CA MET Q 206 -21.89 33.89 72.86
C MET Q 206 -21.71 34.48 74.28
N ASP Q 207 -22.22 35.69 74.53
CA ASP Q 207 -22.62 36.23 75.86
C ASP Q 207 -21.37 36.54 76.71
N THR Q 208 -20.39 37.22 76.11
CA THR Q 208 -19.13 37.71 76.78
C THR Q 208 -19.25 39.21 77.04
N ALA Q 209 -18.49 39.72 78.01
CA ALA Q 209 -18.32 41.16 78.31
C ALA Q 209 -17.51 41.81 77.18
N LYS Q 210 -16.30 41.28 76.92
CA LYS Q 210 -15.42 41.63 75.76
C LYS Q 210 -15.46 40.50 74.72
N ILE Q 211 -15.04 40.78 73.49
CA ILE Q 211 -14.86 39.77 72.40
C ILE Q 211 -13.55 39.02 72.68
N ASP Q 212 -13.66 37.79 73.19
CA ASP Q 212 -12.52 36.88 73.52
C ASP Q 212 -11.78 36.51 72.22
N LEU Q 213 -10.67 37.17 71.92
CA LEU Q 213 -9.84 36.98 70.68
C LEU Q 213 -9.56 35.50 70.41
N ASP Q 214 -9.33 34.71 71.48
CA ASP Q 214 -9.00 33.26 71.43
C ASP Q 214 -10.14 32.45 70.80
N ARG Q 215 -11.39 32.87 70.96
CA ARG Q 215 -12.59 32.07 70.61
C ARG Q 215 -13.27 32.58 69.32
N VAL Q 216 -12.86 33.72 68.76
CA VAL Q 216 -13.40 34.20 67.45
C VAL Q 216 -12.30 34.19 66.39
N GLU Q 217 -12.67 33.72 65.21
CA GLU Q 217 -11.96 33.94 63.93
C GLU Q 217 -12.72 35.04 63.21
N VAL Q 218 -12.04 35.73 62.30
CA VAL Q 218 -12.72 36.63 61.32
C VAL Q 218 -12.09 36.40 59.95
N ALA Q 219 -12.93 36.42 58.93
CA ALA Q 219 -12.56 36.36 57.50
C ALA Q 219 -13.13 37.59 56.80
N VAL Q 220 -12.40 38.09 55.80
CA VAL Q 220 -12.73 39.33 55.06
C VAL Q 220 -12.52 39.09 53.56
N MET Q 221 -13.61 38.93 52.83
CA MET Q 221 -13.67 39.03 51.35
C MET Q 221 -13.68 40.51 51.00
N ARG Q 222 -12.64 41.00 50.32
CA ARG Q 222 -12.58 42.39 49.81
C ARG Q 222 -11.66 42.44 48.60
N LYS Q 223 -11.71 43.56 47.89
CA LYS Q 223 -10.84 43.84 46.72
C LYS Q 223 -9.65 44.67 47.19
N VAL Q 224 -8.47 44.31 46.71
CA VAL Q 224 -7.17 45.02 46.94
C VAL Q 224 -6.53 45.30 45.58
N PRO Q 225 -5.58 46.25 45.45
CA PRO Q 225 -4.79 46.39 44.23
C PRO Q 225 -4.13 45.07 43.80
N ALA Q 226 -4.23 44.73 42.51
CA ALA Q 226 -3.62 43.53 41.89
C ALA Q 226 -2.19 43.87 41.44
N SER Q 227 -1.19 43.17 41.99
CA SER Q 227 0.26 43.43 41.80
C SER Q 227 0.79 42.60 40.62
N ASN Q 228 0.54 41.28 40.66
CA ASN Q 228 1.05 40.28 39.68
C ASN Q 228 0.19 40.36 38.40
N ILE Q 229 0.46 41.37 37.58
CA ILE Q 229 -0.21 41.62 36.27
C ILE Q 229 0.43 40.66 35.25
N ASP Q 230 1.74 40.80 35.00
CA ASP Q 230 2.55 40.07 33.98
C ASP Q 230 1.95 40.32 32.59
N GLN Q 231 1.72 41.61 32.26
CA GLN Q 231 0.97 42.03 31.05
C GLN Q 231 1.67 41.53 29.78
N LEU Q 232 3.00 41.40 29.80
CA LEU Q 232 3.80 41.06 28.59
C LEU Q 232 3.64 39.59 28.19
N LEU Q 233 3.13 38.71 29.07
CA LEU Q 233 2.99 37.25 28.80
C LEU Q 233 1.69 36.94 28.05
N ASP Q 234 0.70 37.83 28.09
CA ASP Q 234 -0.60 37.67 27.36
C ASP Q 234 -1.09 39.06 26.96
N PRO Q 235 -0.49 39.69 25.91
CA PRO Q 235 -0.64 41.12 25.67
C PRO Q 235 -2.08 41.64 25.55
N PHE Q 236 -2.98 40.82 24.99
CA PHE Q 236 -4.39 41.18 24.70
C PHE Q 236 -5.29 40.98 25.92
N LYS Q 237 -4.89 40.12 26.85
CA LYS Q 237 -5.66 39.85 28.08
C LYS Q 237 -5.67 41.13 28.93
N HIS Q 238 -6.83 41.49 29.48
CA HIS Q 238 -7.04 42.62 30.43
C HIS Q 238 -7.01 42.08 31.85
N HIS Q 239 -6.18 42.67 32.72
CA HIS Q 239 -6.05 42.33 34.15
C HIS Q 239 -6.67 43.46 34.97
N PRO Q 240 -7.77 43.21 35.73
CA PRO Q 240 -8.40 44.26 36.53
C PRO Q 240 -7.45 44.91 37.56
N LYS Q 241 -7.63 46.21 37.82
CA LYS Q 241 -6.80 46.98 38.79
C LYS Q 241 -6.95 46.34 40.17
N THR Q 242 -8.20 46.13 40.59
CA THR Q 242 -8.60 45.55 41.91
C THR Q 242 -9.12 44.12 41.69
N THR Q 243 -8.41 43.15 42.27
CA THR Q 243 -8.77 41.70 42.33
C THR Q 243 -9.26 41.40 43.75
N PRO Q 244 -10.24 40.48 43.95
CA PRO Q 244 -10.71 40.12 45.27
C PRO Q 244 -9.67 39.22 45.96
N ARG Q 245 -9.54 39.33 47.28
CA ARG Q 245 -8.56 38.54 48.08
C ARG Q 245 -9.16 38.27 49.47
N PHE Q 246 -9.68 37.04 49.62
CA PHE Q 246 -10.19 36.46 50.88
C PHE Q 246 -9.05 36.34 51.88
N GLN Q 247 -9.09 37.12 52.95
CA GLN Q 247 -8.09 37.04 54.05
C GLN Q 247 -8.81 36.60 55.34
N ILE Q 248 -8.21 35.63 56.04
CA ILE Q 248 -8.50 35.32 57.46
C ILE Q 248 -7.62 36.23 58.29
N LEU Q 249 -8.17 36.88 59.31
CA LEU Q 249 -7.39 37.83 60.16
C LEU Q 249 -6.58 37.03 61.19
N THR Q 250 -5.32 37.44 61.38
CA THR Q 250 -4.41 36.98 62.48
C THR Q 250 -5.00 37.46 63.81
N ARG Q 251 -4.43 37.00 64.93
CA ARG Q 251 -4.88 37.39 66.30
C ARG Q 251 -4.52 38.86 66.57
N SER Q 252 -3.43 39.36 65.97
CA SER Q 252 -2.91 40.75 66.09
C SER Q 252 -3.66 41.70 65.13
N GLU Q 253 -4.00 41.23 63.92
CA GLU Q 253 -4.73 41.98 62.86
C GLU Q 253 -6.18 42.18 63.28
N LEU Q 254 -6.70 41.29 64.14
CA LEU Q 254 -8.09 41.29 64.69
C LEU Q 254 -8.21 42.22 65.90
N LYS Q 255 -7.10 42.46 66.62
CA LYS Q 255 -7.06 43.11 67.97
C LYS Q 255 -7.64 44.54 67.94
N PRO Q 256 -7.21 45.46 67.04
CA PRO Q 256 -7.77 46.82 67.02
C PRO Q 256 -9.25 46.91 66.63
N HIS Q 257 -9.74 45.97 65.80
CA HIS Q 257 -11.17 45.81 65.41
C HIS Q 257 -12.00 45.32 66.60
N ALA Q 258 -11.46 44.38 67.39
CA ALA Q 258 -12.13 43.74 68.56
C ALA Q 258 -12.11 44.68 69.77
N GLU Q 259 -11.06 45.52 69.91
CA GLU Q 259 -10.94 46.54 70.98
C GLU Q 259 -11.89 47.72 70.69
N ARG Q 260 -12.39 47.84 69.46
CA ARG Q 260 -13.40 48.85 69.06
C ARG Q 260 -14.82 48.33 69.33
N ALA Q 261 -15.04 47.01 69.23
CA ALA Q 261 -16.33 46.31 69.55
C ALA Q 261 -16.48 46.11 71.06
N ASP Q 262 -15.35 46.12 71.78
CA ASP Q 262 -15.26 46.23 73.27
C ASP Q 262 -15.77 47.61 73.71
N GLN Q 263 -15.37 48.67 73.02
CA GLN Q 263 -15.65 50.09 73.37
C GLN Q 263 -17.02 50.55 72.86
N ALA Q 264 -17.59 49.86 71.86
CA ALA Q 264 -18.96 50.11 71.34
C ALA Q 264 -20.00 49.31 72.15
N ARG Q 265 -19.57 48.24 72.85
CA ARG Q 265 -20.35 47.57 73.93
C ARG Q 265 -20.36 48.47 75.18
N GLU Q 266 -19.22 49.10 75.50
CA GLU Q 266 -19.01 49.99 76.68
C GLU Q 266 -19.88 51.25 76.57
N ALA Q 267 -19.92 51.87 75.37
CA ALA Q 267 -20.66 53.12 75.07
C ALA Q 267 -22.17 52.88 74.98
N GLU Q 268 -22.62 51.63 74.74
CA GLU Q 268 -24.05 51.22 74.74
C GLU Q 268 -24.50 50.81 76.16
N GLU Q 269 -23.55 50.50 77.05
CA GLU Q 269 -23.80 50.09 78.48
C GLU Q 269 -23.75 51.33 79.40
N LYS Q 270 -23.25 52.47 78.91
CA LYS Q 270 -23.33 53.81 79.57
C LYS Q 270 -24.60 54.55 79.11
N ALA Q 271 -25.18 54.16 77.96
CA ALA Q 271 -26.49 54.61 77.43
C ALA Q 271 -27.64 53.87 78.13
N GLU Q 272 -27.44 52.58 78.47
CA GLU Q 272 -28.40 51.72 79.23
C GLU Q 272 -28.44 52.11 80.71
N ALA Q 273 -27.35 52.71 81.24
CA ALA Q 273 -27.25 53.25 82.62
C ALA Q 273 -27.95 54.63 82.72
N GLU Q 274 -28.20 55.30 81.58
CA GLU Q 274 -28.82 56.65 81.46
C GLU Q 274 -30.30 56.58 81.05
N ARG Q 275 -30.74 55.49 80.40
CA ARG Q 275 -32.18 55.20 80.09
C ARG Q 275 -32.97 54.95 81.39
N GLN Q 276 -32.34 54.31 82.38
CA GLN Q 276 -32.91 54.00 83.73
C GLN Q 276 -33.06 55.30 84.56
N ARG Q 277 -32.08 56.21 84.48
CA ARG Q 277 -32.11 57.55 85.12
C ARG Q 277 -33.18 58.42 84.43
N SER R 2 -26.70 1.10 43.02
CA SER R 2 -27.38 2.24 43.74
C SER R 2 -28.52 1.70 44.61
N TYR R 3 -29.00 2.54 45.53
CA TYR R 3 -30.13 2.23 46.44
C TYR R 3 -31.42 2.45 45.67
N ASP R 4 -31.99 1.38 45.11
CA ASP R 4 -33.30 1.43 44.39
C ASP R 4 -34.29 0.58 45.16
N ARG R 5 -34.38 0.78 46.48
CA ARG R 5 -35.51 0.28 47.30
C ARG R 5 -36.75 1.10 46.90
N ALA R 6 -37.92 0.49 46.95
CA ALA R 6 -39.22 1.10 46.58
C ALA R 6 -39.68 2.04 47.70
N ILE R 7 -39.75 3.35 47.42
CA ILE R 7 -40.22 4.39 48.38
C ILE R 7 -41.70 4.65 48.12
N THR R 8 -42.08 4.98 46.88
CA THR R 8 -43.48 5.29 46.51
C THR R 8 -44.22 3.97 46.27
N VAL R 9 -45.13 3.61 47.19
CA VAL R 9 -45.86 2.31 47.14
C VAL R 9 -47.31 2.54 47.58
N PHE R 10 -48.20 1.68 47.10
CA PHE R 10 -49.63 1.72 47.45
C PHE R 10 -49.82 1.28 48.89
N SER R 11 -50.87 1.83 49.52
CA SER R 11 -51.41 1.49 50.85
C SER R 11 -52.76 0.80 50.68
N PRO R 12 -53.25 0.05 51.69
CA PRO R 12 -54.55 -0.61 51.61
C PRO R 12 -55.68 0.10 50.84
N ASP R 13 -55.80 1.43 51.00
CA ASP R 13 -56.93 2.23 50.46
C ASP R 13 -56.68 2.70 49.02
N GLY R 14 -55.51 2.39 48.43
CA GLY R 14 -55.17 2.76 47.05
C GLY R 14 -54.43 4.08 46.94
N HIS R 15 -54.12 4.71 48.09
CA HIS R 15 -53.36 5.97 48.20
C HIS R 15 -51.88 5.68 47.93
N LEU R 16 -51.20 6.53 47.15
CA LEU R 16 -49.72 6.66 47.20
C LEU R 16 -49.37 7.62 48.35
N PHE R 17 -49.01 7.09 49.52
CA PHE R 17 -48.77 7.92 50.73
C PHE R 17 -47.68 8.94 50.44
N GLN R 18 -46.59 8.51 49.80
CA GLN R 18 -45.41 9.39 49.62
C GLN R 18 -45.72 10.53 48.65
N VAL R 19 -46.83 10.47 47.88
CA VAL R 19 -47.34 11.59 47.02
C VAL R 19 -48.33 12.43 47.82
N GLU R 20 -49.25 11.83 48.58
CA GLU R 20 -50.14 12.58 49.50
C GLU R 20 -49.28 13.50 50.37
N TYR R 21 -48.14 13.00 50.82
CA TYR R 21 -47.21 13.68 51.75
C TYR R 21 -46.39 14.73 51.00
N ALA R 22 -46.08 14.54 49.72
CA ALA R 22 -45.45 15.59 48.89
C ALA R 22 -46.46 16.73 48.67
N GLN R 23 -47.75 16.42 48.47
CA GLN R 23 -48.83 17.44 48.31
C GLN R 23 -49.00 18.21 49.63
N GLU R 24 -48.72 17.58 50.77
CA GLU R 24 -48.77 18.27 52.10
C GLU R 24 -47.61 19.27 52.20
N ALA R 25 -46.49 19.01 51.51
CA ALA R 25 -45.30 19.90 51.49
C ALA R 25 -45.56 21.13 50.61
N VAL R 26 -46.50 21.01 49.66
CA VAL R 26 -46.99 22.11 48.79
C VAL R 26 -47.93 22.99 49.61
N LYS R 27 -48.98 22.41 50.20
CA LYS R 27 -49.97 23.11 51.04
C LYS R 27 -49.28 24.00 52.09
N LYS R 28 -48.14 23.59 52.66
CA LYS R 28 -47.39 24.39 53.66
C LYS R 28 -46.54 25.47 52.98
N GLY R 29 -46.05 25.21 51.76
CA GLY R 29 -45.23 26.15 50.97
C GLY R 29 -45.93 27.47 50.70
N LEU R 30 -45.25 28.39 50.02
CA LEU R 30 -45.74 29.76 49.72
C LEU R 30 -46.73 29.70 48.56
N ALA R 31 -47.84 30.44 48.67
CA ALA R 31 -48.92 30.54 47.65
C ALA R 31 -48.38 31.22 46.38
N ALA R 32 -48.82 30.74 45.23
CA ALA R 32 -48.53 31.34 43.91
C ALA R 32 -49.78 31.20 43.06
N VAL R 33 -49.94 32.11 42.09
CA VAL R 33 -51.22 32.33 41.38
C VAL R 33 -50.93 32.61 39.90
N GLY R 34 -51.72 32.03 39.01
CA GLY R 34 -51.69 32.29 37.56
C GLY R 34 -53.01 32.84 37.08
N VAL R 35 -52.98 33.77 36.11
CA VAL R 35 -54.20 34.36 35.49
C VAL R 35 -53.95 34.54 33.99
N LEU R 36 -54.68 33.77 33.18
CA LEU R 36 -54.73 33.91 31.72
C LEU R 36 -55.69 35.05 31.38
N GLY R 37 -55.27 35.94 30.46
CA GLY R 37 -56.13 36.97 29.83
C GLY R 37 -56.11 36.78 28.32
N SER R 38 -56.76 37.70 27.60
CA SER R 38 -56.90 37.66 26.11
C SER R 38 -55.51 37.68 25.47
N ASP R 39 -54.60 38.51 25.99
CA ASP R 39 -53.30 38.88 25.37
C ASP R 39 -52.12 38.68 26.33
N SER R 40 -52.38 38.35 27.61
CA SER R 40 -51.42 38.45 28.74
C SER R 40 -51.66 37.32 29.77
N VAL R 41 -50.57 36.73 30.26
CA VAL R 41 -50.54 35.80 31.43
C VAL R 41 -49.94 36.56 32.61
N VAL R 42 -50.48 36.34 33.80
CA VAL R 42 -49.92 36.90 35.06
C VAL R 42 -49.71 35.79 36.08
N ILE R 43 -48.44 35.54 36.41
CA ILE R 43 -48.01 34.65 37.52
C ILE R 43 -47.58 35.58 38.65
N ALA R 44 -48.19 35.42 39.83
CA ALA R 44 -48.00 36.27 41.02
C ALA R 44 -47.78 35.37 42.24
N VAL R 45 -46.61 35.47 42.86
CA VAL R 45 -46.21 34.61 44.02
C VAL R 45 -46.23 35.45 45.29
N GLU R 46 -46.26 34.81 46.46
CA GLU R 46 -45.96 35.48 47.75
C GLU R 46 -44.51 35.13 48.14
N LYS R 47 -43.75 36.11 48.62
CA LYS R 47 -42.40 35.93 49.21
C LYS R 47 -42.56 35.78 50.72
N LYS R 48 -41.52 35.25 51.40
CA LYS R 48 -41.51 34.93 52.86
C LYS R 48 -41.72 36.18 53.72
N SER R 49 -41.53 37.38 53.15
CA SER R 49 -41.88 38.74 53.68
C SER R 49 -40.59 39.52 53.95
N ALA R 50 -40.63 40.85 53.74
CA ALA R 50 -39.45 41.76 53.61
C ALA R 50 -38.65 41.82 54.92
N VAL R 51 -37.75 40.86 55.12
CA VAL R 51 -36.71 40.88 56.20
C VAL R 51 -35.69 41.95 55.80
N LYS R 52 -35.16 42.72 56.75
CA LYS R 52 -34.19 43.84 56.48
C LYS R 52 -32.86 43.31 55.94
N LEU R 53 -32.59 42.01 56.11
CA LEU R 53 -31.29 41.34 55.80
C LEU R 53 -31.24 40.87 54.34
N GLN R 54 -32.32 40.28 53.81
CA GLN R 54 -32.34 39.63 52.47
C GLN R 54 -31.94 40.67 51.42
N ASP R 55 -31.05 40.28 50.49
CA ASP R 55 -30.24 41.19 49.64
C ASP R 55 -31.20 42.15 48.91
N SER R 56 -30.90 43.45 48.96
CA SER R 56 -31.63 44.56 48.28
C SER R 56 -31.56 44.37 46.75
N ARG R 57 -30.43 43.83 46.25
CA ARG R 57 -30.30 43.26 44.88
C ARG R 57 -31.42 42.23 44.70
N THR R 58 -32.17 42.34 43.60
CA THR R 58 -33.50 41.69 43.40
C THR R 58 -33.30 40.18 43.08
N ILE R 59 -33.84 39.29 43.93
CA ILE R 59 -34.01 37.82 43.68
C ILE R 59 -35.48 37.58 43.29
N ARG R 60 -35.68 36.88 42.17
CA ARG R 60 -37.00 36.67 41.52
C ARG R 60 -37.49 35.27 41.90
N LYS R 61 -38.71 35.15 42.44
CA LYS R 61 -39.32 33.86 42.87
C LYS R 61 -40.04 33.20 41.70
N ILE R 62 -40.13 33.87 40.54
CA ILE R 62 -40.76 33.37 39.29
C ILE R 62 -39.67 33.11 38.26
N TYR R 63 -39.34 31.84 38.06
CA TYR R 63 -38.12 31.41 37.34
C TYR R 63 -38.44 31.35 35.85
N LYS R 64 -37.53 31.89 35.05
CA LYS R 64 -37.55 31.79 33.59
C LYS R 64 -37.02 30.41 33.19
N VAL R 65 -37.74 29.71 32.32
CA VAL R 65 -37.40 28.35 31.81
C VAL R 65 -36.86 28.45 30.38
N ASP R 66 -37.52 29.27 29.56
CA ASP R 66 -37.00 29.73 28.25
C ASP R 66 -37.76 31.00 27.84
N ALA R 67 -37.13 31.88 27.06
CA ALA R 67 -37.64 33.21 26.61
C ALA R 67 -39.17 33.34 26.78
N ASN R 68 -39.91 32.42 26.17
CA ASN R 68 -41.40 32.42 26.09
C ASN R 68 -42.02 31.97 27.44
N ILE R 69 -41.42 30.99 28.12
CA ILE R 69 -42.03 30.20 29.25
C ILE R 69 -41.42 30.63 30.59
N TYR R 70 -42.27 30.99 31.55
CA TYR R 70 -41.88 31.24 32.96
C TYR R 70 -42.62 30.25 33.86
N LEU R 71 -42.09 29.94 35.04
CA LEU R 71 -42.85 29.14 36.04
C LEU R 71 -42.62 29.64 37.47
N ALA R 72 -43.72 29.75 38.22
CA ALA R 72 -43.75 29.87 39.69
C ALA R 72 -44.00 28.50 40.28
N PHE R 73 -43.36 28.21 41.40
CA PHE R 73 -43.56 26.93 42.12
C PHE R 73 -44.13 27.23 43.51
N ALA R 74 -44.50 26.16 44.21
CA ALA R 74 -44.80 26.10 45.64
C ALA R 74 -44.38 24.73 46.17
N GLY R 75 -43.76 24.70 47.35
CA GLY R 75 -43.24 23.48 48.01
C GLY R 75 -41.80 23.64 48.41
N LEU R 76 -40.97 22.63 48.14
CA LEU R 76 -39.54 22.58 48.56
C LEU R 76 -38.68 23.32 47.54
N SER R 77 -38.17 24.50 47.92
CA SER R 77 -37.32 25.39 47.10
C SER R 77 -36.26 24.57 46.40
N ALA R 78 -35.57 23.74 47.18
CA ALA R 78 -34.44 22.87 46.76
C ALA R 78 -34.87 22.01 45.57
N ASP R 79 -36.01 21.33 45.72
CA ASP R 79 -36.55 20.39 44.70
C ASP R 79 -36.95 21.20 43.46
N ALA R 80 -37.75 22.24 43.64
CA ALA R 80 -38.23 23.10 42.54
C ALA R 80 -37.02 23.52 41.68
N ARG R 81 -35.92 23.89 42.32
CA ARG R 81 -34.69 24.40 41.65
C ARG R 81 -34.06 23.28 40.82
N VAL R 82 -34.38 22.03 41.12
CA VAL R 82 -33.98 20.83 40.33
C VAL R 82 -34.91 20.67 39.13
N LEU R 83 -36.23 20.75 39.32
CA LEU R 83 -37.23 20.74 38.21
C LEU R 83 -36.89 21.83 37.17
N ILE R 84 -36.67 23.05 37.65
CA ILE R 84 -36.47 24.25 36.81
C ILE R 84 -35.19 24.05 35.99
N ASN R 85 -34.09 23.60 36.62
CA ASN R 85 -32.79 23.34 35.94
C ASN R 85 -32.90 22.11 35.02
N LYS R 86 -33.90 21.24 35.24
CA LYS R 86 -34.21 20.07 34.36
C LYS R 86 -35.04 20.54 33.17
N ALA R 87 -35.99 21.44 33.41
CA ALA R 87 -36.85 22.08 32.39
C ALA R 87 -36.00 22.99 31.51
N GLN R 88 -35.25 23.91 32.14
CA GLN R 88 -34.33 24.86 31.48
C GLN R 88 -33.44 24.08 30.51
N LEU R 89 -32.90 22.96 30.99
CA LEU R 89 -32.07 22.02 30.19
C LEU R 89 -32.93 21.45 29.05
N GLU R 90 -34.14 20.95 29.34
CA GLU R 90 -35.04 20.30 28.35
C GLU R 90 -35.34 21.27 27.20
N CYS R 91 -35.70 22.51 27.50
CA CYS R 91 -36.07 23.55 26.49
C CYS R 91 -34.94 23.82 25.49
N GLN R 92 -33.68 23.64 25.89
CA GLN R 92 -32.47 23.87 25.03
C GLN R 92 -32.03 22.55 24.41
N ARG R 93 -32.21 21.41 25.09
CA ARG R 93 -32.09 20.05 24.48
C ARG R 93 -33.12 19.93 23.35
N PHE R 94 -34.24 20.64 23.47
CA PHE R 94 -35.30 20.65 22.44
C PHE R 94 -34.86 21.51 21.27
N SER R 95 -34.48 22.77 21.53
CA SER R 95 -34.02 23.75 20.50
C SER R 95 -32.89 23.16 19.65
N LEU R 96 -32.06 22.28 20.21
CA LEU R 96 -30.98 21.57 19.47
C LEU R 96 -31.58 20.52 18.53
N ASN R 97 -32.44 19.65 19.04
CA ASN R 97 -33.00 18.50 18.26
C ASN R 97 -33.97 19.01 17.18
N TYR R 98 -34.75 20.05 17.48
CA TYR R 98 -35.75 20.65 16.56
C TYR R 98 -35.54 22.15 16.55
N GLU R 99 -35.44 22.76 15.37
CA GLU R 99 -35.10 24.21 15.22
C GLU R 99 -36.09 25.05 16.05
N ASP R 100 -37.33 24.58 16.19
CA ASP R 100 -38.42 25.24 16.97
C ASP R 100 -37.96 25.60 18.39
N THR R 101 -38.50 26.68 18.94
CA THR R 101 -38.59 26.94 20.40
C THR R 101 -39.78 26.14 20.91
N MET R 102 -39.59 25.36 21.97
CA MET R 102 -40.62 24.39 22.43
C MET R 102 -41.74 25.21 23.08
N ASP R 103 -42.98 24.76 22.87
CA ASP R 103 -44.20 25.49 23.33
C ASP R 103 -44.51 25.06 24.75
N VAL R 104 -45.32 25.85 25.45
CA VAL R 104 -45.57 25.69 26.90
C VAL R 104 -46.15 24.32 27.16
N ASP R 105 -47.21 23.98 26.43
CA ASP R 105 -48.01 22.75 26.63
C ASP R 105 -47.11 21.51 26.46
N MET R 106 -45.98 21.62 25.73
CA MET R 106 -44.95 20.55 25.58
C MET R 106 -44.07 20.47 26.84
N LEU R 107 -43.46 21.60 27.22
CA LEU R 107 -42.54 21.67 28.38
C LEU R 107 -43.27 21.19 29.64
N VAL R 108 -44.49 21.67 29.85
CA VAL R 108 -45.31 21.23 31.02
C VAL R 108 -45.30 19.71 31.05
N ARG R 109 -45.67 19.06 29.93
CA ARG R 109 -45.83 17.58 29.82
C ARG R 109 -44.49 16.88 30.06
N TYR R 110 -43.37 17.55 29.82
CA TYR R 110 -42.03 17.06 30.22
C TYR R 110 -41.92 17.10 31.75
N VAL R 111 -41.94 18.30 32.34
CA VAL R 111 -41.81 18.58 33.82
C VAL R 111 -42.75 17.67 34.62
N ALA R 112 -43.98 17.52 34.15
CA ALA R 112 -45.02 16.62 34.70
C ALA R 112 -44.52 15.19 34.62
N GLY R 113 -44.09 14.75 33.43
CA GLY R 113 -43.47 13.44 33.20
C GLY R 113 -42.35 13.16 34.20
N VAL R 114 -41.53 14.17 34.49
CA VAL R 114 -40.36 14.08 35.43
C VAL R 114 -40.86 13.95 36.86
N GLN R 115 -41.83 14.79 37.24
CA GLN R 115 -42.51 14.73 38.56
C GLN R 115 -43.17 13.37 38.76
N GLN R 116 -43.64 12.73 37.69
CA GLN R 116 -44.25 11.37 37.73
C GLN R 116 -43.15 10.33 37.97
N LYS R 117 -42.09 10.32 37.15
CA LYS R 117 -40.94 9.39 37.28
C LYS R 117 -40.58 9.22 38.75
N SER R 118 -40.53 10.33 39.50
CA SER R 118 -40.16 10.38 40.93
C SER R 118 -41.17 9.66 41.85
N THR R 119 -42.46 9.64 41.47
CA THR R 119 -43.53 8.91 42.20
C THR R 119 -43.53 7.43 41.86
N GLN R 120 -42.63 6.95 41.00
CA GLN R 120 -42.60 5.55 40.52
C GLN R 120 -41.16 5.04 40.38
N SER R 121 -40.16 5.87 40.70
CA SER R 121 -38.75 5.42 40.77
C SER R 121 -38.50 4.82 42.15
N GLY R 122 -37.81 3.67 42.16
CA GLY R 122 -37.10 3.18 43.35
C GLY R 122 -35.91 4.09 43.62
N GLY R 123 -35.75 4.50 44.87
CA GLY R 123 -34.63 5.35 45.32
C GLY R 123 -35.12 6.75 45.64
N SER R 124 -35.90 7.31 44.74
CA SER R 124 -36.45 8.68 44.89
C SER R 124 -37.72 8.62 45.75
N ARG R 125 -37.86 9.62 46.61
CA ARG R 125 -39.18 10.20 46.99
C ARG R 125 -39.68 11.05 45.83
N PRO R 126 -40.98 11.41 45.80
CA PRO R 126 -41.48 12.43 44.88
C PRO R 126 -40.91 13.83 45.12
N PHE R 127 -40.79 14.63 44.05
CA PHE R 127 -40.62 16.10 44.11
C PHE R 127 -41.81 16.71 44.86
N GLY R 128 -41.54 17.39 45.97
CA GLY R 128 -42.55 18.08 46.78
C GLY R 128 -42.86 19.44 46.22
N VAL R 129 -43.25 19.48 44.94
CA VAL R 129 -43.30 20.72 44.14
C VAL R 129 -44.55 20.69 43.26
N ALA R 130 -45.47 21.63 43.50
CA ALA R 130 -46.52 22.03 42.54
C ALA R 130 -45.96 23.23 41.80
N THR R 131 -46.26 23.35 40.52
CA THR R 131 -45.55 24.22 39.53
C THR R 131 -46.62 24.94 38.71
N VAL R 132 -46.67 26.28 38.72
CA VAL R 132 -47.55 27.07 37.81
C VAL R 132 -46.70 27.62 36.65
N ILE R 133 -46.72 26.94 35.52
CA ILE R 133 -46.01 27.34 34.28
C ILE R 133 -46.98 28.17 33.47
N GLY R 134 -46.58 29.37 33.07
CA GLY R 134 -47.24 30.18 32.02
C GLY R 134 -46.30 30.37 30.86
N GLY R 135 -46.75 31.10 29.84
CA GLY R 135 -45.93 31.44 28.65
C GLY R 135 -46.77 31.44 27.39
N PHE R 136 -46.16 31.85 26.29
CA PHE R 136 -46.80 31.96 24.96
C PHE R 136 -46.12 30.99 23.99
N ASN R 137 -46.93 30.30 23.17
CA ASN R 137 -46.42 29.53 22.01
C ASN R 137 -45.87 30.52 20.99
N GLU R 138 -45.07 30.05 20.03
CA GLU R 138 -44.54 30.86 18.90
C GLU R 138 -45.71 31.45 18.09
N ASP R 139 -46.82 30.71 17.96
CA ASP R 139 -47.99 31.09 17.12
C ASP R 139 -48.65 32.37 17.65
N GLY R 140 -48.69 32.61 18.97
CA GLY R 140 -49.25 33.83 19.57
C GLY R 140 -50.18 33.55 20.75
N LYS R 141 -50.75 32.35 20.80
CA LYS R 141 -51.70 31.89 21.86
C LYS R 141 -51.02 31.94 23.22
N PRO R 142 -51.69 32.49 24.28
CA PRO R 142 -51.21 32.37 25.66
C PRO R 142 -51.69 31.10 26.35
N HIS R 143 -50.84 30.49 27.20
CA HIS R 143 -51.12 29.22 27.92
C HIS R 143 -50.74 29.35 29.39
N LEU R 144 -51.60 28.82 30.26
CA LEU R 144 -51.32 28.66 31.71
C LEU R 144 -51.55 27.21 32.09
N TRP R 145 -50.62 26.63 32.86
CA TRP R 145 -50.62 25.20 33.28
C TRP R 145 -50.23 25.10 34.75
N LYS R 146 -50.59 23.98 35.36
CA LYS R 146 -50.27 23.63 36.76
C LYS R 146 -49.87 22.17 36.78
N THR R 147 -48.67 21.89 37.30
CA THR R 147 -48.14 20.54 37.51
C THR R 147 -48.15 20.28 39.02
N ASP R 148 -48.95 19.34 39.52
CA ASP R 148 -48.96 18.94 40.95
C ASP R 148 -48.07 17.71 41.11
N PRO R 149 -47.53 17.43 42.33
CA PRO R 149 -46.39 16.50 42.51
C PRO R 149 -46.61 15.07 42.03
N SER R 150 -47.89 14.65 41.94
CA SER R 150 -48.36 13.34 41.39
C SER R 150 -47.80 13.11 39.98
N GLY R 151 -47.54 14.21 39.26
CA GLY R 151 -47.09 14.23 37.86
C GLY R 151 -48.20 14.74 36.95
N MET R 152 -49.41 14.89 37.49
CA MET R 152 -50.63 15.15 36.69
C MET R 152 -50.62 16.65 36.39
N CYS R 153 -50.63 17.01 35.12
CA CYS R 153 -50.64 18.40 34.62
C CYS R 153 -52.03 18.71 34.05
N SER R 154 -52.53 19.91 34.32
CA SER R 154 -53.79 20.47 33.75
C SER R 154 -53.51 21.90 33.32
N ALA R 155 -54.20 22.38 32.30
CA ALA R 155 -54.17 23.78 31.83
C ALA R 155 -55.40 24.51 32.38
N TRP R 156 -55.21 25.74 32.86
CA TRP R 156 -56.23 26.55 33.56
C TRP R 156 -56.40 27.90 32.86
N ARG R 157 -57.52 28.57 33.16
CA ARG R 157 -57.76 29.98 32.77
C ARG R 157 -57.25 30.87 33.91
N ALA R 158 -57.36 30.39 35.15
CA ALA R 158 -56.64 30.96 36.31
C ALA R 158 -56.51 29.88 37.38
N VAL R 159 -55.53 30.02 38.27
CA VAL R 159 -55.12 28.92 39.18
C VAL R 159 -54.33 29.47 40.35
N ALA R 160 -54.32 28.71 41.44
CA ALA R 160 -53.39 28.89 42.58
C ALA R 160 -52.83 27.53 43.02
N ILE R 161 -51.67 27.60 43.64
CA ILE R 161 -50.98 26.49 44.34
C ILE R 161 -50.62 27.01 45.72
N GLY R 162 -49.99 26.17 46.54
CA GLY R 162 -49.43 26.57 47.85
C GLY R 162 -50.51 26.77 48.89
N ARG R 163 -50.21 27.60 49.90
CA ARG R 163 -51.06 27.70 51.11
C ARG R 163 -52.42 28.29 50.72
N HIS R 164 -53.47 27.61 51.20
CA HIS R 164 -54.91 27.91 50.99
C HIS R 164 -55.18 28.05 49.48
N ASP R 165 -54.61 27.13 48.69
CA ASP R 165 -54.79 27.00 47.22
C ASP R 165 -56.28 26.82 46.87
N GLN R 166 -57.04 26.07 47.67
CA GLN R 166 -58.49 25.78 47.41
C GLN R 166 -59.32 27.03 47.71
N THR R 167 -59.00 27.75 48.79
CA THR R 167 -59.66 29.03 49.19
C THR R 167 -59.54 30.06 48.06
N VAL R 168 -58.37 30.17 47.44
CA VAL R 168 -58.09 31.10 46.30
C VAL R 168 -58.90 30.67 45.08
N ILE R 169 -58.78 29.41 44.66
CA ILE R 169 -59.48 28.84 43.46
C ILE R 169 -61.01 28.94 43.67
N GLU R 170 -61.51 28.72 44.89
CA GLU R 170 -62.98 28.85 45.21
C GLU R 170 -63.40 30.32 45.16
N TYR R 171 -62.48 31.24 45.49
CA TYR R 171 -62.70 32.71 45.34
C TYR R 171 -62.60 33.11 43.86
N MET R 172 -61.55 32.65 43.14
CA MET R 172 -61.27 33.02 41.73
C MET R 172 -62.45 32.68 40.81
N GLU R 173 -63.00 31.46 40.90
CA GLU R 173 -64.00 30.94 39.92
C GLU R 173 -65.37 31.58 40.16
N LYS R 174 -65.52 32.36 41.22
CA LYS R 174 -66.68 33.28 41.43
C LYS R 174 -66.54 34.49 40.50
N SER R 175 -65.40 35.20 40.59
CA SER R 175 -65.21 36.57 40.06
C SER R 175 -64.51 36.63 38.69
N TYR R 176 -63.92 35.53 38.19
CA TYR R 176 -63.11 35.51 36.94
C TYR R 176 -64.00 35.83 35.73
N LYS R 177 -63.41 36.45 34.72
CA LYS R 177 -64.06 36.78 33.42
C LYS R 177 -63.11 36.42 32.28
N ASP R 178 -63.65 35.82 31.21
CA ASP R 178 -62.89 35.15 30.12
C ASP R 178 -61.89 36.17 29.52
N GLY R 179 -62.39 37.15 28.77
CA GLY R 179 -61.54 38.20 28.14
C GLY R 179 -61.15 39.25 29.16
N MET R 180 -59.85 39.35 29.45
CA MET R 180 -59.29 40.32 30.42
C MET R 180 -58.09 41.03 29.78
N SER R 181 -57.93 42.32 30.08
CA SER R 181 -56.79 43.19 29.64
C SER R 181 -55.58 42.97 30.55
N ARG R 182 -54.41 43.46 30.13
CA ARG R 182 -53.13 43.41 30.89
C ARG R 182 -53.31 43.95 32.32
N ASP R 183 -54.11 45.01 32.49
CA ASP R 183 -54.32 45.71 33.79
C ASP R 183 -55.36 44.99 34.65
N GLU R 184 -56.45 44.49 34.03
CA GLU R 184 -57.52 43.73 34.73
C GLU R 184 -56.95 42.42 35.28
N CYS R 185 -56.10 41.74 34.50
CA CYS R 185 -55.38 40.49 34.84
C CYS R 185 -54.54 40.70 36.11
N VAL R 186 -53.65 41.69 36.07
CA VAL R 186 -52.71 42.03 37.18
C VAL R 186 -53.54 42.35 38.44
N HIS R 187 -54.49 43.28 38.29
CA HIS R 187 -55.50 43.66 39.30
C HIS R 187 -56.07 42.38 39.94
N PHE R 188 -56.58 41.46 39.11
CA PHE R 188 -57.27 40.21 39.51
C PHE R 188 -56.30 39.23 40.19
N ALA R 189 -55.08 39.09 39.66
CA ALA R 189 -54.04 38.17 40.19
C ALA R 189 -53.73 38.54 41.64
N ILE R 190 -53.48 39.82 41.88
CA ILE R 190 -53.14 40.39 43.22
C ILE R 190 -54.37 40.27 44.12
N LYS R 191 -55.54 40.68 43.61
CA LYS R 191 -56.87 40.57 44.27
C LYS R 191 -57.06 39.16 44.84
N SER R 192 -56.79 38.14 44.02
CA SER R 192 -56.91 36.69 44.35
C SER R 192 -55.86 36.30 45.41
N LEU R 193 -54.61 36.70 45.21
CA LEU R 193 -53.48 36.41 46.14
C LEU R 193 -53.78 37.02 47.52
N LEU R 194 -54.41 38.20 47.56
CA LEU R 194 -54.71 38.96 48.82
C LEU R 194 -55.75 38.24 49.69
N GLU R 195 -56.50 37.29 49.12
CA GLU R 195 -57.47 36.43 49.85
C GLU R 195 -56.75 35.66 50.98
N VAL R 196 -55.51 35.20 50.74
CA VAL R 196 -54.75 34.30 51.66
C VAL R 196 -53.50 35.00 52.23
N VAL R 197 -52.77 35.75 51.40
CA VAL R 197 -51.45 36.34 51.78
C VAL R 197 -51.68 37.47 52.80
N GLU R 198 -50.63 37.85 53.53
CA GLU R 198 -50.58 38.99 54.50
C GLU R 198 -51.02 40.28 53.78
N SER R 199 -51.75 41.15 54.50
CA SER R 199 -52.30 42.45 54.00
C SER R 199 -51.24 43.25 53.21
N GLY R 200 -49.96 43.13 53.59
CA GLY R 200 -48.80 43.81 52.99
C GLY R 200 -48.71 43.69 51.48
N SER R 201 -48.03 44.65 50.86
CA SER R 201 -47.77 44.76 49.40
C SER R 201 -46.32 44.40 49.06
N ARG R 202 -45.45 44.21 50.07
CA ARG R 202 -43.98 44.00 49.90
C ARG R 202 -43.66 42.51 49.70
N ASN R 203 -44.54 41.60 50.16
CA ASN R 203 -44.39 40.12 49.99
C ASN R 203 -44.70 39.75 48.52
N ILE R 204 -45.85 40.19 47.98
CA ILE R 204 -46.29 39.88 46.58
C ILE R 204 -45.25 40.43 45.61
N GLU R 205 -44.57 39.55 44.87
CA GLU R 205 -43.87 39.90 43.61
C GLU R 205 -44.70 39.26 42.48
N LEU R 206 -44.74 39.87 41.30
CA LEU R 206 -45.46 39.29 40.15
C LEU R 206 -44.86 39.71 38.81
N LEU R 207 -45.12 38.87 37.80
CA LEU R 207 -44.58 38.91 36.43
C LEU R 207 -45.76 39.00 35.47
N VAL R 208 -45.67 39.84 34.45
CA VAL R 208 -46.68 39.92 33.36
C VAL R 208 -46.00 39.47 32.07
N LEU R 209 -46.37 38.27 31.63
CA LEU R 209 -46.01 37.77 30.28
C LEU R 209 -46.99 38.36 29.27
N GLN R 210 -46.47 39.03 28.25
CA GLN R 210 -47.15 39.31 26.96
C GLN R 210 -46.29 38.71 25.85
N TYR R 211 -46.84 38.55 24.65
CA TYR R 211 -46.15 37.92 23.50
C TYR R 211 -44.79 38.60 23.32
N LYS R 212 -43.70 37.84 23.49
CA LYS R 212 -42.29 38.27 23.30
C LYS R 212 -41.87 39.30 24.35
N GLU R 213 -42.67 39.53 25.40
CA GLU R 213 -42.52 40.68 26.34
C GLU R 213 -42.81 40.23 27.78
N ALA R 214 -41.77 39.83 28.52
CA ALA R 214 -41.83 39.53 29.96
C ALA R 214 -41.43 40.79 30.73
N ARG R 215 -42.19 41.14 31.76
CA ARG R 215 -41.85 42.25 32.67
C ARG R 215 -42.38 41.96 34.08
N TYR R 216 -41.48 41.93 35.06
CA TYR R 216 -41.80 41.93 36.50
C TYR R 216 -42.23 43.34 36.85
N LEU R 217 -43.21 43.47 37.74
CA LEU R 217 -43.64 44.80 38.23
C LEU R 217 -42.64 45.26 39.29
N THR R 218 -42.22 46.54 39.20
CA THR R 218 -41.45 47.26 40.25
C THR R 218 -42.37 47.45 41.46
N GLU R 219 -41.82 47.63 42.67
CA GLU R 219 -42.60 47.85 43.92
C GLU R 219 -43.27 49.23 43.91
N GLU R 220 -42.99 50.05 42.89
CA GLU R 220 -43.63 51.37 42.60
C GLU R 220 -44.91 51.14 41.77
N GLU R 221 -44.77 50.46 40.61
CA GLU R 221 -45.88 50.03 39.71
C GLU R 221 -46.92 49.21 40.49
N LEU R 222 -46.45 48.34 41.39
CA LEU R 222 -47.25 47.35 42.16
C LEU R 222 -48.18 48.07 43.15
N GLN R 223 -47.61 48.91 44.03
CA GLN R 223 -48.33 49.55 45.17
C GLN R 223 -49.41 50.51 44.70
N LYS R 224 -49.44 50.87 43.41
CA LYS R 224 -50.61 51.51 42.74
C LYS R 224 -51.77 50.50 42.69
N PHE R 225 -51.50 49.30 42.15
CA PHE R 225 -52.50 48.20 41.96
C PHE R 225 -52.93 47.61 43.31
N VAL R 226 -52.11 47.68 44.36
CA VAL R 226 -52.40 47.10 45.71
C VAL R 226 -53.32 48.06 46.49
N VAL R 227 -53.07 49.38 46.41
CA VAL R 227 -53.94 50.45 46.99
C VAL R 227 -55.31 50.42 46.26
N GLU R 228 -55.29 50.29 44.92
CA GLU R 228 -56.48 50.18 44.04
C GLU R 228 -57.31 48.93 44.39
N VAL R 229 -56.66 47.84 44.84
CA VAL R 229 -57.31 46.53 45.14
C VAL R 229 -57.72 46.47 46.61
N GLU R 230 -56.89 46.95 47.55
CA GLU R 230 -57.17 46.90 49.02
C GLU R 230 -58.26 47.92 49.40
N LYS R 231 -58.58 48.88 48.51
CA LYS R 231 -59.76 49.78 48.62
C LYS R 231 -61.02 49.04 48.10
N GLU R 232 -60.85 48.11 47.14
CA GLU R 232 -61.93 47.25 46.56
C GLU R 232 -62.26 46.08 47.50
N ARG R 233 -61.33 45.66 48.37
CA ARG R 233 -61.53 44.64 49.45
C ARG R 233 -62.06 45.31 50.73
N GLU R 234 -62.15 46.65 50.75
CA GLU R 234 -62.86 47.48 51.77
C GLU R 234 -64.29 47.81 51.30
N GLU R 235 -64.56 47.69 49.99
CA GLU R 235 -65.91 47.85 49.36
C GLU R 235 -66.69 46.53 49.47
N GLU R 236 -65.98 45.39 49.37
CA GLU R 236 -66.53 44.00 49.49
C GLU R 236 -66.64 43.58 50.96
N ALA R 237 -66.01 44.30 51.89
CA ALA R 237 -66.11 44.13 53.36
C ALA R 237 -67.29 44.95 53.93
N ALA R 238 -67.64 46.08 53.29
CA ALA R 238 -68.76 46.98 53.65
C ALA R 238 -70.12 46.36 53.26
N ALA R 239 -70.19 45.67 52.11
CA ALA R 239 -71.38 44.95 51.59
C ALA R 239 -71.80 43.82 52.54
N LYS R 240 -70.82 43.03 53.04
CA LYS R 240 -71.00 41.95 54.05
C LYS R 240 -70.58 42.50 55.43
N GLU S 107 -47.41 1.23 55.20
CA GLU S 107 -46.06 1.01 55.81
C GLU S 107 -45.12 0.48 54.73
N TYR S 108 -43.90 0.12 55.15
CA TYR S 108 -42.84 -0.57 54.36
C TYR S 108 -42.49 -1.93 55.00
N ASP S 109 -43.41 -2.52 55.77
CA ASP S 109 -43.19 -3.81 56.49
C ASP S 109 -43.17 -4.95 55.46
N ARG S 110 -44.29 -5.16 54.75
CA ARG S 110 -44.35 -6.02 53.54
C ARG S 110 -43.55 -5.36 52.42
N GLY S 111 -42.73 -6.13 51.70
CA GLY S 111 -42.08 -5.70 50.45
C GLY S 111 -43.12 -5.38 49.38
N VAL S 112 -42.66 -5.09 48.17
CA VAL S 112 -43.53 -4.77 47.00
C VAL S 112 -44.01 -6.09 46.38
N ASN S 113 -43.07 -6.99 46.04
CA ASN S 113 -43.32 -8.30 45.40
C ASN S 113 -43.62 -9.31 46.51
N THR S 114 -44.85 -9.28 47.04
CA THR S 114 -45.30 -10.04 48.23
C THR S 114 -46.75 -10.51 48.03
N PHE S 115 -46.99 -11.80 48.23
CA PHE S 115 -48.34 -12.42 48.18
C PHE S 115 -48.98 -12.34 49.56
N SER S 116 -50.31 -12.19 49.56
CA SER S 116 -51.20 -12.32 50.74
C SER S 116 -51.38 -13.80 51.03
N PRO S 117 -51.92 -14.18 52.20
CA PRO S 117 -52.35 -15.57 52.45
C PRO S 117 -53.42 -16.17 51.53
N GLU S 118 -54.04 -15.37 50.64
CA GLU S 118 -55.11 -15.80 49.69
C GLU S 118 -54.67 -15.52 48.24
N GLY S 119 -53.36 -15.34 48.00
CA GLY S 119 -52.73 -15.60 46.70
C GLY S 119 -52.60 -14.39 45.81
N ARG S 120 -53.21 -13.25 46.15
CA ARG S 120 -53.10 -12.02 45.34
C ARG S 120 -51.88 -11.23 45.82
N ILE S 121 -51.03 -10.79 44.90
CA ILE S 121 -49.97 -9.77 45.15
C ILE S 121 -50.66 -8.56 45.79
N PHE S 122 -50.10 -8.03 46.87
CA PHE S 122 -50.70 -6.94 47.68
C PHE S 122 -50.76 -5.67 46.83
N GLN S 123 -49.58 -5.17 46.43
CA GLN S 123 -49.43 -3.88 45.72
C GLN S 123 -50.40 -3.80 44.53
N ILE S 124 -50.69 -4.92 43.87
CA ILE S 124 -51.69 -4.98 42.77
C ILE S 124 -53.08 -4.86 43.39
N GLU S 125 -53.43 -5.76 44.30
CA GLU S 125 -54.74 -5.76 45.00
C GLU S 125 -55.06 -4.34 45.47
N TYR S 126 -54.03 -3.60 45.91
CA TYR S 126 -54.12 -2.19 46.39
C TYR S 126 -54.28 -1.22 45.21
N ALA S 127 -53.40 -1.26 44.20
CA ALA S 127 -53.45 -0.37 43.01
C ALA S 127 -54.81 -0.48 42.30
N VAL S 128 -55.47 -1.64 42.40
CA VAL S 128 -56.85 -1.89 41.89
C VAL S 128 -57.86 -1.06 42.69
N GLU S 129 -57.64 -0.90 44.00
CA GLU S 129 -58.52 -0.05 44.85
C GLU S 129 -58.25 1.43 44.58
N ALA S 130 -57.17 1.77 43.87
CA ALA S 130 -56.83 3.15 43.43
C ALA S 130 -57.64 3.55 42.20
N ILE S 131 -58.10 2.57 41.41
CA ILE S 131 -58.97 2.80 40.22
C ILE S 131 -60.39 3.13 40.68
N LYS S 132 -60.90 2.45 41.71
CA LYS S 132 -62.29 2.62 42.23
C LYS S 132 -62.53 4.03 42.80
N LEU S 133 -61.47 4.83 42.99
CA LEU S 133 -61.57 6.26 43.41
C LEU S 133 -61.64 7.16 42.17
N GLY S 134 -60.92 6.80 41.11
CA GLY S 134 -60.77 7.60 39.88
C GLY S 134 -62.07 7.79 39.12
N SER S 135 -62.01 8.58 38.04
CA SER S 135 -63.14 8.96 37.15
C SER S 135 -63.72 7.72 36.48
N THR S 136 -65.04 7.67 36.27
CA THR S 136 -65.73 6.55 35.57
C THR S 136 -65.56 6.73 34.06
N SER S 137 -65.24 5.64 33.38
CA SER S 137 -64.85 5.59 31.95
C SER S 137 -65.34 4.26 31.38
N LEU S 138 -65.87 4.24 30.15
CA LEU S 138 -66.53 3.03 29.60
C LEU S 138 -66.49 2.98 28.08
N GLY S 139 -66.66 1.75 27.58
CA GLY S 139 -66.52 1.35 26.17
C GLY S 139 -67.60 0.36 25.77
N ILE S 140 -68.06 0.46 24.52
CA ILE S 140 -69.22 -0.30 23.97
C ILE S 140 -68.82 -0.81 22.57
N ARG S 141 -68.57 -2.11 22.45
CA ARG S 141 -68.17 -2.77 21.17
C ARG S 141 -69.42 -3.14 20.38
N THR S 142 -69.84 -2.24 19.49
CA THR S 142 -70.96 -2.44 18.52
C THR S 142 -70.31 -2.87 17.20
N PRO S 143 -71.02 -3.56 16.27
CA PRO S 143 -70.41 -4.01 15.02
C PRO S 143 -70.12 -2.84 14.06
N GLU S 144 -70.90 -1.76 14.15
CA GLU S 144 -70.76 -0.51 13.34
C GLU S 144 -69.48 0.25 13.74
N GLY S 145 -69.03 0.06 14.99
CA GLY S 145 -67.83 0.70 15.56
C GLY S 145 -67.83 0.61 17.08
N VAL S 146 -66.76 1.06 17.72
CA VAL S 146 -66.60 1.01 19.20
C VAL S 146 -66.65 2.44 19.75
N VAL S 147 -67.25 2.60 20.93
CA VAL S 147 -67.43 3.90 21.64
C VAL S 147 -66.55 3.88 22.90
N LEU S 148 -66.04 5.03 23.32
CA LEU S 148 -65.40 5.28 24.64
C LEU S 148 -65.96 6.58 25.17
N ALA S 149 -66.34 6.62 26.45
CA ALA S 149 -66.84 7.83 27.11
C ALA S 149 -66.29 7.86 28.53
N ALA S 150 -66.00 9.06 29.04
CA ALA S 150 -65.35 9.29 30.34
C ALA S 150 -65.85 10.59 30.96
N GLU S 151 -66.28 10.55 32.22
CA GLU S 151 -66.49 11.79 33.01
C GLU S 151 -65.09 12.40 33.20
N LYS S 152 -64.92 13.70 32.93
CA LYS S 152 -63.63 14.41 33.08
C LYS S 152 -63.33 14.65 34.56
N ARG S 153 -64.37 14.81 35.39
CA ARG S 153 -64.30 15.14 36.84
C ARG S 153 -63.31 16.29 37.05
N VAL S 154 -63.59 17.42 36.38
CA VAL S 154 -62.82 18.70 36.46
C VAL S 154 -62.87 19.22 37.90
N PRO S 155 -61.72 19.52 38.54
CA PRO S 155 -61.71 20.01 39.92
C PRO S 155 -62.46 21.34 40.11
N SER S 156 -62.40 22.23 39.11
CA SER S 156 -63.02 23.58 39.14
C SER S 156 -63.56 23.96 37.76
N THR S 157 -64.39 25.01 37.71
CA THR S 157 -64.86 25.70 36.47
C THR S 157 -63.65 26.08 35.61
N LEU S 158 -62.62 26.66 36.25
CA LEU S 158 -61.49 27.41 35.61
C LEU S 158 -60.73 26.53 34.63
N VAL S 159 -60.61 25.24 34.93
CA VAL S 159 -59.77 24.30 34.13
C VAL S 159 -60.27 24.33 32.69
N VAL S 160 -59.37 24.67 31.75
CA VAL S 160 -59.54 24.46 30.28
C VAL S 160 -59.84 22.97 30.07
N PRO S 161 -61.09 22.56 29.79
CA PRO S 161 -61.46 21.13 29.86
C PRO S 161 -60.72 20.27 28.82
N SER S 162 -60.43 20.83 27.64
CA SER S 162 -59.70 20.19 26.51
C SER S 162 -58.31 19.68 26.92
N SER S 163 -57.71 20.27 27.97
CA SER S 163 -56.39 19.89 28.51
C SER S 163 -56.46 18.48 29.12
N MET S 164 -57.10 18.33 30.29
CA MET S 164 -57.13 17.05 31.06
C MET S 164 -58.04 16.05 30.34
N SER S 165 -57.54 15.53 29.21
CA SER S 165 -58.23 14.59 28.28
C SER S 165 -58.20 13.19 28.90
N LYS S 166 -59.36 12.69 29.30
CA LYS S 166 -59.50 11.29 29.79
C LYS S 166 -59.25 10.32 28.65
N ILE S 167 -59.51 10.71 27.39
CA ILE S 167 -59.37 9.85 26.19
C ILE S 167 -58.18 10.33 25.37
N MET S 168 -57.48 9.40 24.71
CA MET S 168 -56.17 9.64 24.05
C MET S 168 -56.04 8.82 22.77
N GLU S 169 -55.80 9.50 21.65
CA GLU S 169 -55.36 8.85 20.39
C GLU S 169 -54.07 8.09 20.68
N VAL S 170 -54.07 6.78 20.44
CA VAL S 170 -52.88 5.89 20.51
C VAL S 170 -52.33 5.67 19.09
N ASP S 171 -53.24 5.54 18.13
CA ASP S 171 -52.95 5.60 16.68
C ASP S 171 -54.24 6.00 15.97
N SER S 172 -54.23 6.14 14.64
CA SER S 172 -55.41 6.50 13.80
C SER S 172 -56.63 5.74 14.29
N HIS S 173 -56.43 4.44 14.51
CA HIS S 173 -57.45 3.36 14.57
C HIS S 173 -57.60 2.83 16.00
N ILE S 174 -56.94 3.44 16.99
CA ILE S 174 -57.01 3.00 18.42
C ILE S 174 -57.09 4.23 19.30
N ALA S 175 -58.06 4.24 20.22
CA ALA S 175 -58.15 5.20 21.34
C ALA S 175 -57.90 4.42 22.62
N ALA S 176 -57.38 5.10 23.63
CA ALA S 176 -57.41 4.63 25.02
C ALA S 176 -58.29 5.61 25.81
N VAL S 177 -59.06 5.08 26.76
CA VAL S 177 -59.59 5.87 27.90
C VAL S 177 -58.98 5.27 29.16
N MET S 178 -58.75 6.12 30.17
CA MET S 178 -58.06 5.76 31.43
C MET S 178 -58.96 6.01 32.63
N SER S 179 -58.58 5.46 33.77
CA SER S 179 -59.18 5.74 35.08
C SER S 179 -58.17 5.47 36.19
N GLY S 180 -58.22 6.25 37.25
CA GLY S 180 -57.25 6.23 38.36
C GLY S 180 -56.24 7.34 38.17
N MET S 181 -54.95 7.00 38.35
CA MET S 181 -53.85 8.00 38.37
C MET S 181 -53.57 8.43 36.92
N VAL S 182 -54.00 9.62 36.55
CA VAL S 182 -53.94 10.14 35.16
C VAL S 182 -52.46 10.22 34.75
N ALA S 183 -51.62 10.69 35.68
CA ALA S 183 -50.14 10.81 35.55
C ALA S 183 -49.56 9.53 34.94
N ASP S 184 -49.88 8.41 35.57
CA ASP S 184 -49.36 7.06 35.24
C ASP S 184 -49.87 6.64 33.87
N ALA S 185 -51.12 6.96 33.56
CA ALA S 185 -51.80 6.60 32.29
C ALA S 185 -51.07 7.24 31.12
N ARG S 186 -50.65 8.49 31.25
CA ARG S 186 -49.79 9.19 30.25
C ARG S 186 -48.61 8.29 29.90
N ILE S 187 -48.01 7.62 30.88
CA ILE S 187 -46.77 6.81 30.70
C ILE S 187 -47.11 5.49 29.98
N LEU S 188 -48.29 4.89 30.25
CA LEU S 188 -48.78 3.69 29.52
C LEU S 188 -49.04 4.06 28.06
N VAL S 189 -49.92 5.05 27.86
CA VAL S 189 -50.39 5.53 26.52
C VAL S 189 -49.18 5.94 25.70
N GLU S 190 -48.22 6.63 26.31
CA GLU S 190 -46.98 7.07 25.62
C GLU S 190 -46.24 5.84 25.12
N HIS S 191 -46.16 4.77 25.92
CA HIS S 191 -45.48 3.50 25.51
C HIS S 191 -46.28 2.89 24.37
N ALA S 192 -47.60 2.75 24.55
CA ALA S 192 -48.54 2.17 23.56
C ALA S 192 -48.38 2.88 22.21
N ARG S 193 -48.27 4.21 22.20
CA ARG S 193 -48.08 5.03 20.97
C ARG S 193 -46.82 4.58 20.25
N VAL S 194 -45.71 4.60 20.96
CA VAL S 194 -44.36 4.24 20.45
C VAL S 194 -44.43 2.82 19.86
N GLU S 195 -45.08 1.89 20.55
CA GLU S 195 -45.24 0.48 20.08
C GLU S 195 -46.09 0.45 18.80
N SER S 196 -47.29 1.06 18.84
CA SER S 196 -48.20 1.22 17.68
C SER S 196 -47.43 1.71 16.45
N GLN S 197 -46.49 2.64 16.65
CA GLN S 197 -45.70 3.24 15.54
C GLN S 197 -44.52 2.34 15.22
N ASN S 198 -43.91 1.68 16.20
CA ASN S 198 -42.86 0.66 15.94
C ASN S 198 -43.44 -0.45 15.07
N HIS S 199 -44.67 -0.86 15.33
CA HIS S 199 -45.38 -1.88 14.52
C HIS S 199 -45.55 -1.35 13.10
N ARG S 200 -46.10 -0.14 12.95
CA ARG S 200 -46.29 0.52 11.63
C ARG S 200 -44.95 0.65 10.91
N PHE S 201 -43.91 0.98 11.66
CA PHE S 201 -42.53 1.16 11.13
C PHE S 201 -42.00 -0.17 10.59
N THR S 202 -42.23 -1.25 11.33
CA THR S 202 -41.63 -2.58 11.08
C THR S 202 -42.48 -3.36 10.06
N TYR S 203 -43.82 -3.35 10.22
CA TYR S 203 -44.72 -4.21 9.43
C TYR S 203 -45.70 -3.40 8.56
N ASN S 204 -45.37 -2.16 8.23
CA ASN S 204 -46.10 -1.33 7.21
C ASN S 204 -47.61 -1.51 7.34
N GLU S 205 -48.13 -1.62 8.56
CA GLU S 205 -49.57 -1.91 8.77
C GLU S 205 -50.01 -1.42 10.13
N PRO S 206 -51.33 -1.20 10.32
CA PRO S 206 -51.88 -0.97 11.65
C PRO S 206 -51.49 -2.12 12.58
N MET S 207 -51.06 -1.76 13.77
CA MET S 207 -51.04 -2.67 14.94
C MET S 207 -52.46 -3.16 15.20
N SER S 208 -52.62 -4.42 15.60
CA SER S 208 -53.91 -4.94 16.12
C SER S 208 -54.25 -4.15 17.37
N VAL S 209 -55.48 -4.28 17.86
CA VAL S 209 -55.86 -3.68 19.18
C VAL S 209 -55.31 -4.61 20.25
N GLU S 210 -55.47 -5.92 20.06
CA GLU S 210 -54.96 -6.97 20.99
C GLU S 210 -53.49 -6.70 21.29
N SER S 211 -52.66 -6.50 20.25
CA SER S 211 -51.18 -6.36 20.33
C SER S 211 -50.79 -5.06 21.03
N CYS S 212 -51.56 -3.97 20.81
CA CYS S 212 -51.36 -2.65 21.46
C CYS S 212 -51.63 -2.76 22.97
N THR S 213 -52.58 -3.62 23.36
CA THR S 213 -52.98 -3.84 24.77
C THR S 213 -51.96 -4.75 25.45
N LEU S 214 -51.45 -5.76 24.74
CA LEU S 214 -50.32 -6.62 25.18
C LEU S 214 -49.07 -5.77 25.43
N ALA S 215 -48.76 -4.84 24.52
CA ALA S 215 -47.57 -3.95 24.58
C ALA S 215 -47.71 -2.92 25.72
N THR S 216 -48.93 -2.71 26.25
CA THR S 216 -49.23 -1.81 27.40
C THR S 216 -49.18 -2.57 28.73
N CYS S 217 -49.25 -3.91 28.73
CA CYS S 217 -49.03 -4.80 29.89
C CYS S 217 -47.62 -5.43 29.86
N ASP S 218 -46.80 -5.08 28.86
CA ASP S 218 -45.34 -5.35 28.82
C ASP S 218 -44.63 -4.32 29.71
N LEU S 219 -45.28 -3.19 29.98
CA LEU S 219 -44.78 -2.14 30.89
C LEU S 219 -45.34 -2.36 32.31
N SER S 220 -46.57 -2.88 32.43
CA SER S 220 -47.35 -2.90 33.71
C SER S 220 -46.90 -4.07 34.61
N ILE S 221 -46.17 -5.06 34.07
CA ILE S 221 -45.59 -6.19 34.88
C ILE S 221 -44.30 -5.72 35.57
N GLN S 222 -43.43 -4.98 34.88
CA GLN S 222 -42.02 -4.74 35.35
C GLN S 222 -42.03 -3.72 36.50
N PHE S 223 -42.30 -4.22 37.70
CA PHE S 223 -42.20 -3.50 39.01
C PHE S 223 -41.42 -4.40 40.02
N GLY S 224 -40.59 -3.80 40.88
CA GLY S 224 -39.76 -4.49 41.89
C GLY S 224 -39.07 -3.52 42.85
N LEU S 232 -37.76 -2.49 37.99
CA LEU S 232 -37.24 -1.23 37.39
C LEU S 232 -38.04 -0.03 37.91
N MET S 233 -39.37 -0.18 38.06
CA MET S 233 -40.31 0.78 38.70
C MET S 233 -40.68 0.28 40.10
N SER S 234 -40.88 1.20 41.05
CA SER S 234 -41.10 0.90 42.48
C SER S 234 -42.39 0.07 42.65
N ARG S 235 -43.45 0.50 41.99
CA ARG S 235 -44.85 0.05 42.22
C ARG S 235 -45.50 -0.22 40.87
N PRO S 236 -46.67 -0.91 40.83
CA PRO S 236 -47.48 -0.93 39.62
C PRO S 236 -48.04 0.46 39.30
N PHE S 237 -48.54 0.62 38.08
CA PHE S 237 -49.34 1.82 37.71
C PHE S 237 -50.68 1.71 38.40
N GLY S 238 -51.19 2.82 38.93
CA GLY S 238 -52.48 2.86 39.63
C GLY S 238 -53.63 3.11 38.65
N VAL S 239 -53.53 2.54 37.45
CA VAL S 239 -54.39 2.91 36.30
C VAL S 239 -54.94 1.64 35.66
N SER S 240 -56.20 1.71 35.26
CA SER S 240 -56.86 0.77 34.32
C SER S 240 -57.11 1.55 33.03
N LEU S 241 -56.56 1.06 31.93
CA LEU S 241 -56.84 1.56 30.56
C LEU S 241 -58.02 0.77 30.00
N LEU S 242 -58.83 1.40 29.15
CA LEU S 242 -59.83 0.73 28.29
C LEU S 242 -59.49 1.02 26.84
N ILE S 243 -58.74 0.14 26.19
CA ILE S 243 -58.22 0.39 24.80
C ILE S 243 -59.23 -0.16 23.81
N ALA S 244 -59.57 0.64 22.82
CA ALA S 244 -60.62 0.38 21.81
C ALA S 244 -60.11 0.81 20.45
N GLY S 245 -60.32 -0.01 19.43
CA GLY S 245 -59.86 0.28 18.08
C GLY S 245 -60.49 -0.62 17.05
N VAL S 246 -59.97 -0.57 15.82
CA VAL S 246 -60.50 -1.30 14.64
C VAL S 246 -59.32 -1.77 13.81
N ASP S 247 -59.28 -3.07 13.52
CA ASP S 247 -58.25 -3.75 12.69
C ASP S 247 -58.97 -4.80 11.83
N GLU S 248 -58.32 -5.92 11.49
CA GLU S 248 -58.89 -6.96 10.60
C GLU S 248 -59.95 -7.79 11.35
N LYS S 249 -59.80 -7.96 12.68
CA LYS S 249 -60.79 -8.66 13.55
C LYS S 249 -62.11 -7.87 13.65
N GLY S 250 -62.12 -6.59 13.28
CA GLY S 250 -63.28 -5.69 13.41
C GLY S 250 -63.06 -4.73 14.57
N PRO S 251 -64.15 -4.16 15.16
CA PRO S 251 -64.03 -3.28 16.32
C PRO S 251 -63.93 -4.08 17.61
N GLN S 252 -62.82 -3.90 18.35
CA GLN S 252 -62.54 -4.59 19.64
C GLN S 252 -62.40 -3.55 20.76
N LEU S 253 -62.76 -3.96 21.97
CA LEU S 253 -62.54 -3.20 23.22
C LEU S 253 -61.82 -4.10 24.21
N TRP S 254 -60.66 -3.67 24.72
CA TRP S 254 -59.81 -4.38 25.72
C TRP S 254 -59.71 -3.54 26.99
N GLN S 255 -59.40 -4.20 28.11
CA GLN S 255 -59.11 -3.56 29.42
C GLN S 255 -57.76 -4.08 29.91
N THR S 256 -56.83 -3.18 30.22
CA THR S 256 -55.61 -3.48 31.04
C THR S 256 -55.97 -3.22 32.51
N ASP S 257 -55.35 -3.96 33.42
CA ASP S 257 -55.38 -3.69 34.87
C ASP S 257 -53.98 -3.23 35.28
N PRO S 258 -53.74 -2.99 36.58
CA PRO S 258 -52.38 -2.93 37.12
C PRO S 258 -51.72 -4.31 37.11
N SER S 259 -52.49 -5.39 37.31
CA SER S 259 -52.02 -6.80 37.33
C SER S 259 -51.21 -7.13 36.07
N GLY S 260 -51.72 -6.74 34.89
CA GLY S 260 -51.18 -7.08 33.56
C GLY S 260 -52.13 -7.95 32.76
N THR S 261 -53.36 -8.13 33.25
CA THR S 261 -54.38 -9.08 32.72
C THR S 261 -55.21 -8.37 31.65
N HIS S 262 -54.78 -8.47 30.39
CA HIS S 262 -55.46 -7.83 29.23
C HIS S 262 -56.63 -8.74 28.81
N THR S 263 -57.84 -8.18 28.85
CA THR S 263 -59.14 -8.90 28.79
C THR S 263 -60.03 -8.21 27.74
N ARG S 264 -60.27 -8.85 26.60
CA ARG S 264 -61.22 -8.32 25.59
C ARG S 264 -62.61 -8.36 26.21
N TYR S 265 -63.34 -7.25 26.13
CA TYR S 265 -64.76 -7.12 26.58
C TYR S 265 -65.63 -6.70 25.39
N ASP S 266 -66.92 -6.98 25.49
CA ASP S 266 -67.95 -6.44 24.57
C ASP S 266 -68.40 -5.08 25.10
N ALA S 267 -68.50 -4.92 26.43
CA ALA S 267 -68.72 -3.62 27.08
C ALA S 267 -68.26 -3.69 28.54
N GLN S 268 -67.45 -2.72 28.96
CA GLN S 268 -66.88 -2.64 30.33
C GLN S 268 -66.90 -1.18 30.76
N ALA S 269 -67.06 -0.95 32.05
CA ALA S 269 -66.80 0.35 32.72
C ALA S 269 -65.78 0.11 33.84
N ILE S 270 -64.85 1.05 33.98
CA ILE S 270 -63.80 1.10 35.04
C ILE S 270 -63.99 2.42 35.79
N GLY S 271 -63.60 2.48 37.07
CA GLY S 271 -63.59 3.72 37.86
C GLY S 271 -64.61 3.75 38.97
N GLY S 272 -65.07 4.95 39.33
CA GLY S 272 -65.90 5.23 40.52
C GLY S 272 -67.13 4.34 40.59
N GLY S 273 -68.12 4.61 39.73
CA GLY S 273 -69.35 3.81 39.61
C GLY S 273 -69.24 2.79 38.49
N ALA S 274 -68.10 2.11 38.40
CA ALA S 274 -67.85 1.01 37.44
C ALA S 274 -68.78 -0.17 37.73
N GLU S 275 -69.03 -0.46 39.02
CA GLU S 275 -69.86 -1.59 39.51
C GLU S 275 -71.36 -1.28 39.31
N ALA S 276 -71.75 0.00 39.42
CA ALA S 276 -73.11 0.53 39.16
C ALA S 276 -73.44 0.52 37.66
N ALA S 277 -72.42 0.67 36.79
CA ALA S 277 -72.53 0.74 35.31
C ALA S 277 -72.61 -0.67 34.69
N GLN S 278 -71.93 -1.67 35.30
CA GLN S 278 -71.98 -3.09 34.87
C GLN S 278 -73.38 -3.66 35.18
N SER S 279 -74.04 -3.13 36.22
CA SER S 279 -75.47 -3.39 36.55
C SER S 279 -76.36 -3.01 35.36
N VAL S 280 -76.12 -1.83 34.78
CA VAL S 280 -76.92 -1.24 33.66
C VAL S 280 -76.63 -2.00 32.36
N PHE S 281 -75.37 -2.36 32.09
CA PHE S 281 -74.93 -3.05 30.85
C PHE S 281 -75.64 -4.40 30.68
N THR S 282 -75.64 -5.23 31.73
CA THR S 282 -76.28 -6.58 31.77
C THR S 282 -77.76 -6.47 31.39
N GLU S 283 -78.40 -5.33 31.69
CA GLU S 283 -79.82 -5.03 31.35
C GLU S 283 -79.95 -4.62 29.86
N ARG S 284 -79.16 -3.63 29.42
CA ARG S 284 -79.42 -2.80 28.20
C ARG S 284 -78.61 -3.25 26.98
N TYR S 285 -77.37 -3.72 27.17
CA TYR S 285 -76.43 -4.06 26.07
C TYR S 285 -76.88 -5.34 25.36
N HIS S 286 -76.97 -5.30 24.03
CA HIS S 286 -77.14 -6.46 23.11
C HIS S 286 -76.16 -6.30 21.94
N ARG S 287 -75.49 -7.39 21.56
CA ARG S 287 -74.34 -7.42 20.62
C ARG S 287 -74.66 -6.60 19.36
N ASN S 288 -75.87 -6.76 18.80
CA ASN S 288 -76.35 -6.05 17.58
C ASN S 288 -76.91 -4.68 17.98
N MET S 289 -76.02 -3.75 18.31
CA MET S 289 -76.34 -2.32 18.57
C MET S 289 -75.87 -1.49 17.38
N THR S 290 -76.54 -0.37 17.12
CA THR S 290 -76.06 0.70 16.20
C THR S 290 -75.03 1.54 16.97
N LEU S 291 -74.10 2.18 16.26
CA LEU S 291 -73.12 3.14 16.83
C LEU S 291 -73.89 4.24 17.59
N GLU S 292 -75.04 4.64 17.03
CA GLU S 292 -75.97 5.66 17.57
C GLU S 292 -76.56 5.21 18.92
N GLU S 293 -76.95 3.93 19.05
CA GLU S 293 -77.50 3.32 20.29
C GLU S 293 -76.43 3.24 21.38
N GLY S 294 -75.19 2.90 20.98
CA GLY S 294 -74.01 2.76 21.86
C GLY S 294 -73.60 4.09 22.47
N GLU S 295 -73.57 5.16 21.68
CA GLU S 295 -73.36 6.57 22.14
C GLU S 295 -74.45 6.94 23.14
N THR S 296 -75.71 6.64 22.83
CA THR S 296 -76.92 6.94 23.66
C THR S 296 -76.81 6.21 24.99
N LEU S 297 -76.46 4.92 24.96
CA LEU S 297 -76.22 4.10 26.19
C LEU S 297 -75.09 4.73 27.01
N ALA S 298 -73.91 4.91 26.39
CA ALA S 298 -72.65 5.38 27.02
C ALA S 298 -72.93 6.63 27.86
N VAL S 299 -73.67 7.59 27.32
CA VAL S 299 -73.98 8.90 27.97
C VAL S 299 -75.15 8.73 28.96
N ASP S 300 -76.12 7.84 28.68
CA ASP S 300 -77.23 7.49 29.62
C ASP S 300 -76.63 6.98 30.94
N ILE S 301 -75.63 6.12 30.86
CA ILE S 301 -74.93 5.49 32.04
C ILE S 301 -74.18 6.58 32.81
N LEU S 302 -73.32 7.34 32.14
CA LEU S 302 -72.45 8.38 32.76
C LEU S 302 -73.31 9.35 33.59
N LYS S 303 -74.51 9.70 33.11
CA LYS S 303 -75.46 10.66 33.76
C LYS S 303 -75.93 10.09 35.11
N GLN S 304 -76.44 8.86 35.08
CA GLN S 304 -76.89 8.08 36.26
C GLN S 304 -75.75 7.90 37.28
N VAL S 305 -74.49 7.76 36.83
CA VAL S 305 -73.33 7.27 37.64
C VAL S 305 -72.49 8.43 38.20
N MET S 306 -72.17 9.43 37.38
CA MET S 306 -71.24 10.53 37.77
C MET S 306 -71.92 11.44 38.80
N GLU S 307 -71.10 12.15 39.58
CA GLU S 307 -71.49 12.94 40.79
C GLU S 307 -72.13 14.27 40.37
N ASP S 308 -71.48 14.98 39.44
CA ASP S 308 -71.90 16.30 38.90
C ASP S 308 -73.13 16.09 38.00
N GLN S 309 -73.78 17.19 37.59
CA GLN S 309 -74.82 17.18 36.53
C GLN S 309 -74.12 17.13 35.16
N LEU S 310 -74.64 16.33 34.22
CA LEU S 310 -73.96 16.09 32.92
C LEU S 310 -74.10 17.34 32.05
N SER S 311 -72.99 17.79 31.47
CA SER S 311 -72.89 18.88 30.47
C SER S 311 -72.14 18.34 29.24
N PRO S 312 -72.11 19.08 28.11
CA PRO S 312 -71.26 18.71 26.99
C PRO S 312 -69.75 18.79 27.29
N GLU S 313 -69.31 19.66 28.21
CA GLU S 313 -67.88 19.87 28.59
C GLU S 313 -67.48 18.92 29.73
N ASN S 314 -68.46 18.43 30.50
CA ASN S 314 -68.24 17.68 31.77
C ASN S 314 -67.75 16.26 31.49
N ILE S 315 -68.02 15.72 30.28
CA ILE S 315 -67.52 14.40 29.79
C ILE S 315 -66.85 14.58 28.43
N GLU S 316 -66.10 13.56 28.00
CA GLU S 316 -65.62 13.38 26.61
C GLU S 316 -66.14 12.02 26.12
N VAL S 317 -66.66 12.00 24.90
CA VAL S 317 -67.01 10.77 24.12
C VAL S 317 -66.12 10.73 22.89
N ALA S 318 -65.82 9.55 22.38
CA ALA S 318 -64.94 9.33 21.21
C ALA S 318 -65.14 7.91 20.69
N VAL S 319 -65.36 7.77 19.38
CA VAL S 319 -65.72 6.47 18.76
C VAL S 319 -64.71 6.12 17.68
N VAL S 320 -64.51 4.83 17.47
CA VAL S 320 -63.78 4.31 16.28
C VAL S 320 -64.81 3.56 15.44
N ARG S 321 -65.08 4.05 14.23
CA ARG S 321 -66.14 3.52 13.34
C ARG S 321 -65.54 2.35 12.56
N ALA S 322 -66.28 1.25 12.40
CA ALA S 322 -65.81 0.01 11.74
C ALA S 322 -65.60 0.23 10.25
N ASP S 323 -66.45 1.06 9.62
CA ASP S 323 -66.43 1.36 8.15
C ASP S 323 -65.05 1.94 7.75
N ASP S 324 -64.70 3.14 8.21
CA ASP S 324 -63.46 3.88 7.80
C ASP S 324 -62.26 3.44 8.65
N GLY S 325 -62.50 2.88 9.84
CA GLY S 325 -61.46 2.41 10.79
C GLY S 325 -60.67 3.57 11.37
N LYS S 326 -61.34 4.68 11.69
CA LYS S 326 -60.71 5.95 12.13
C LYS S 326 -61.31 6.37 13.47
N LEU S 327 -60.51 7.06 14.29
CA LEU S 327 -60.94 7.66 15.58
C LEU S 327 -61.49 9.06 15.31
N HIS S 328 -62.69 9.37 15.83
CA HIS S 328 -63.26 10.74 15.94
C HIS S 328 -63.48 11.03 17.42
N MET S 329 -62.79 12.04 17.96
CA MET S 329 -63.08 12.63 19.30
C MET S 329 -64.26 13.58 19.12
N TYR S 330 -65.33 13.39 19.89
CA TYR S 330 -66.60 14.15 19.76
C TYR S 330 -66.45 15.49 20.48
N THR S 331 -66.60 16.60 19.73
CA THR S 331 -66.63 18.00 20.26
C THR S 331 -67.88 18.19 21.10
N PRO S 332 -67.92 19.15 22.04
CA PRO S 332 -69.12 19.38 22.86
C PRO S 332 -70.43 19.59 22.08
N THR S 333 -70.36 20.16 20.86
CA THR S 333 -71.51 20.30 19.92
C THR S 333 -72.11 18.93 19.61
N GLU S 334 -71.23 17.96 19.34
CA GLU S 334 -71.57 16.59 18.87
C GLU S 334 -72.12 15.77 20.05
N ILE S 335 -71.60 15.99 21.28
CA ILE S 335 -72.02 15.32 22.55
C ILE S 335 -73.39 15.84 22.97
N LYS S 336 -73.69 17.11 22.65
CA LYS S 336 -75.03 17.72 22.86
C LYS S 336 -76.06 17.07 21.92
N ALA S 337 -75.62 16.62 20.73
CA ALA S 337 -76.43 15.89 19.73
C ALA S 337 -76.84 14.50 20.27
N ILE S 338 -76.04 13.91 21.18
CA ILE S 338 -76.32 12.59 21.84
C ILE S 338 -77.31 12.83 23.00
N MET S 339 -77.11 13.88 23.81
CA MET S 339 -78.00 14.28 24.94
C MET S 339 -79.36 14.78 24.41
N SER S 340 -79.42 15.22 23.15
CA SER S 340 -80.66 15.63 22.43
C SER S 340 -81.66 14.47 22.38
N ARG S 341 -81.23 13.31 21.84
CA ARG S 341 -82.11 12.18 21.44
C ARG S 341 -82.37 11.23 22.62
N MET S 342 -82.72 11.75 23.80
CA MET S 342 -82.67 11.02 25.10
C MET S 342 -83.69 11.60 26.08
N ASN T 168 -48.08 -13.85 62.07
CA ASN T 168 -46.95 -14.66 61.52
C ASN T 168 -45.86 -13.70 61.01
N GLU T 169 -44.63 -13.81 61.53
CA GLU T 169 -43.50 -12.87 61.22
C GLU T 169 -42.64 -13.44 60.08
N TYR T 170 -42.90 -14.68 59.65
CA TYR T 170 -42.04 -15.46 58.72
C TYR T 170 -42.65 -15.51 57.31
N ASP T 171 -43.84 -14.94 57.13
CA ASP T 171 -44.66 -15.08 55.89
C ASP T 171 -44.45 -13.86 54.98
N SER T 172 -43.73 -12.85 55.44
CA SER T 172 -43.63 -11.52 54.78
C SER T 172 -42.67 -11.60 53.60
N ASP T 173 -41.54 -12.32 53.73
CA ASP T 173 -40.47 -12.39 52.69
C ASP T 173 -40.31 -13.82 52.19
N ILE T 174 -39.91 -13.95 50.91
CA ILE T 174 -39.60 -15.23 50.22
C ILE T 174 -38.46 -15.93 50.95
N THR T 175 -37.38 -15.19 51.25
CA THR T 175 -36.09 -15.73 51.76
C THR T 175 -36.28 -16.34 53.15
N THR T 176 -37.31 -15.95 53.88
CA THR T 176 -37.47 -16.38 55.28
C THR T 176 -38.06 -17.79 55.35
N TRP T 177 -37.29 -18.74 55.86
CA TRP T 177 -37.77 -20.04 56.38
C TRP T 177 -38.55 -19.77 57.66
N SER T 178 -39.67 -20.46 57.85
CA SER T 178 -40.34 -20.57 59.17
C SER T 178 -39.47 -21.40 60.10
N PRO T 179 -39.78 -21.46 61.41
CA PRO T 179 -39.15 -22.42 62.30
C PRO T 179 -39.52 -23.89 62.04
N THR T 180 -40.65 -24.13 61.36
CA THR T 180 -41.18 -25.48 61.02
C THR T 180 -40.77 -25.89 59.59
N GLY T 181 -39.98 -25.04 58.90
CA GLY T 181 -39.23 -25.37 57.68
C GLY T 181 -40.07 -25.21 56.42
N ARG T 182 -40.93 -24.18 56.38
CA ARG T 182 -41.88 -23.90 55.27
C ARG T 182 -41.62 -22.51 54.71
N LEU T 183 -41.55 -22.35 53.39
CA LEU T 183 -41.32 -21.05 52.71
C LEU T 183 -42.67 -20.40 52.41
N PHE T 184 -43.23 -19.74 53.41
CA PHE T 184 -44.66 -19.36 53.46
C PHE T 184 -45.09 -18.62 52.20
N GLN T 185 -44.21 -17.78 51.63
CA GLN T 185 -44.56 -16.95 50.43
C GLN T 185 -44.83 -17.84 49.21
N ILE T 186 -44.27 -19.07 49.17
CA ILE T 186 -44.52 -20.04 48.06
C ILE T 186 -45.86 -20.73 48.28
N GLU T 187 -46.14 -21.18 49.51
CA GLU T 187 -47.46 -21.77 49.89
C GLU T 187 -48.57 -20.77 49.54
N TYR T 188 -48.27 -19.48 49.68
CA TYR T 188 -49.18 -18.35 49.36
C TYR T 188 -49.25 -18.13 47.84
N ALA T 189 -48.17 -18.33 47.09
CA ALA T 189 -48.23 -18.34 45.61
C ALA T 189 -49.07 -19.55 45.16
N ASN T 190 -49.02 -20.68 45.88
CA ASN T 190 -49.77 -21.92 45.54
C ASN T 190 -51.28 -21.67 45.70
N GLU T 191 -51.67 -20.74 46.56
CA GLU T 191 -53.10 -20.33 46.71
C GLU T 191 -53.54 -19.56 45.46
N ALA T 192 -52.62 -18.89 44.77
CA ALA T 192 -52.93 -18.11 43.55
C ALA T 192 -53.35 -19.06 42.43
N VAL T 193 -52.78 -20.28 42.42
CA VAL T 193 -53.10 -21.35 41.43
C VAL T 193 -54.48 -21.94 41.77
N ASN T 194 -54.73 -22.28 43.03
CA ASN T 194 -56.00 -22.92 43.46
C ASN T 194 -57.19 -21.96 43.32
N ASN T 195 -56.96 -20.64 43.19
CA ASN T 195 -58.02 -19.62 43.01
C ASN T 195 -58.18 -19.26 41.52
N GLY T 196 -57.21 -19.61 40.67
CA GLY T 196 -57.33 -19.59 39.20
C GLY T 196 -58.40 -20.55 38.70
N SER T 197 -58.98 -20.28 37.52
CA SER T 197 -60.08 -21.09 36.93
C SER T 197 -59.54 -22.47 36.52
N ALA T 198 -60.34 -23.52 36.69
CA ALA T 198 -59.95 -24.94 36.49
C ALA T 198 -59.50 -25.16 35.06
N THR T 199 -58.43 -25.92 34.90
CA THR T 199 -58.04 -26.59 33.63
C THR T 199 -57.71 -28.04 33.96
N VAL T 200 -57.78 -28.89 32.93
CA VAL T 200 -57.61 -30.36 33.01
C VAL T 200 -56.80 -30.82 31.81
N GLY T 201 -55.70 -31.51 32.07
CA GLY T 201 -54.93 -32.25 31.07
C GLY T 201 -55.14 -33.75 31.22
N VAL T 202 -55.12 -34.47 30.11
CA VAL T 202 -55.10 -35.96 30.08
C VAL T 202 -54.26 -36.39 28.88
N LYS T 203 -53.45 -37.43 29.06
CA LYS T 203 -52.66 -38.02 27.96
C LYS T 203 -53.09 -39.47 27.76
N GLY T 204 -53.30 -39.85 26.51
CA GLY T 204 -53.41 -41.24 26.03
C GLY T 204 -52.17 -41.64 25.26
N LYS T 205 -52.21 -42.79 24.59
CA LYS T 205 -51.00 -43.42 23.97
C LYS T 205 -50.34 -42.44 23.00
N ASN T 206 -51.11 -41.63 22.28
CA ASN T 206 -50.57 -40.76 21.19
C ASN T 206 -50.83 -39.28 21.43
N PHE T 207 -51.87 -38.93 22.20
CA PHE T 207 -52.43 -37.55 22.24
C PHE T 207 -52.44 -37.02 23.67
N VAL T 208 -52.29 -35.70 23.81
CA VAL T 208 -52.58 -34.94 25.07
C VAL T 208 -53.74 -34.02 24.78
N VAL T 209 -54.55 -33.75 25.80
CA VAL T 209 -55.73 -32.86 25.71
C VAL T 209 -55.76 -31.94 26.93
N LEU T 210 -55.69 -30.63 26.69
CA LEU T 210 -55.95 -29.57 27.68
C LEU T 210 -57.35 -29.02 27.45
N ALA T 211 -58.22 -29.19 28.44
CA ALA T 211 -59.56 -28.57 28.51
C ALA T 211 -59.50 -27.48 29.58
N ALA T 212 -59.71 -26.21 29.21
CA ALA T 212 -59.64 -25.03 30.10
C ALA T 212 -61.02 -24.39 30.23
N LEU T 213 -61.49 -24.17 31.46
CA LEU T 213 -62.71 -23.38 31.76
C LEU T 213 -62.35 -21.89 31.65
N LYS T 214 -62.82 -21.23 30.61
CA LYS T 214 -62.78 -19.74 30.50
C LYS T 214 -63.83 -19.14 31.46
N ARG T 215 -63.94 -17.81 31.47
CA ARG T 215 -64.99 -17.04 32.20
C ARG T 215 -66.28 -17.08 31.35
N SER T 216 -67.40 -17.50 31.97
CA SER T 216 -68.71 -17.78 31.31
C SER T 216 -69.50 -16.48 31.14
N PRO T 217 -69.84 -16.05 29.90
CA PRO T 217 -70.53 -14.78 29.65
C PRO T 217 -71.69 -14.40 30.59
N VAL T 218 -71.59 -13.23 31.22
CA VAL T 218 -72.65 -12.62 32.09
C VAL T 218 -73.71 -11.99 31.16
N ALA T 219 -74.83 -12.70 30.95
CA ALA T 219 -75.95 -12.34 30.05
C ALA T 219 -75.46 -12.35 28.58
N GLU T 220 -75.54 -11.22 27.85
CA GLU T 220 -75.12 -11.07 26.43
C GLU T 220 -73.70 -10.49 26.34
N LEU T 221 -72.97 -10.43 27.46
CA LEU T 221 -71.68 -9.69 27.64
C LEU T 221 -70.53 -10.70 27.72
N SER T 222 -69.57 -10.59 26.80
CA SER T 222 -68.43 -11.53 26.62
C SER T 222 -67.16 -10.98 27.30
N SER T 223 -66.18 -11.87 27.48
CA SER T 223 -64.89 -11.60 28.17
C SER T 223 -63.90 -12.72 27.83
N TYR T 224 -63.16 -12.56 26.72
CA TYR T 224 -62.06 -13.46 26.33
C TYR T 224 -60.82 -13.12 27.17
N GLN T 225 -60.19 -14.14 27.76
CA GLN T 225 -58.87 -14.06 28.44
C GLN T 225 -58.02 -15.25 28.01
N GLU T 226 -56.81 -14.97 27.51
CA GLU T 226 -55.87 -15.98 26.93
C GLU T 226 -55.36 -16.86 28.08
N LYS T 227 -55.95 -18.05 28.20
CA LYS T 227 -55.68 -19.04 29.26
C LYS T 227 -54.78 -20.15 28.71
N VAL T 228 -55.06 -20.61 27.49
CA VAL T 228 -54.24 -21.62 26.77
C VAL T 228 -53.34 -20.89 25.76
N PHE T 229 -52.08 -21.30 25.65
CA PHE T 229 -51.05 -20.74 24.75
C PHE T 229 -50.40 -21.87 23.97
N GLU T 230 -50.25 -21.71 22.65
CA GLU T 230 -49.31 -22.53 21.84
C GLU T 230 -47.89 -22.03 22.16
N ILE T 231 -46.89 -22.91 22.19
CA ILE T 231 -45.49 -22.57 22.59
C ILE T 231 -44.51 -22.86 21.46
N ASP T 232 -44.64 -24.05 20.84
CA ASP T 232 -44.05 -24.41 19.52
C ASP T 232 -44.97 -25.42 18.88
N GLU T 233 -44.76 -25.73 17.60
CA GLU T 233 -45.52 -26.79 16.88
C GLU T 233 -46.02 -27.83 17.87
N HIS T 234 -45.10 -28.35 18.69
CA HIS T 234 -45.21 -29.66 19.39
C HIS T 234 -45.52 -29.51 20.89
N VAL T 235 -45.87 -28.30 21.37
CA VAL T 235 -46.05 -28.01 22.83
C VAL T 235 -47.01 -26.85 23.04
N GLY T 236 -47.78 -26.92 24.12
CA GLY T 236 -48.53 -25.76 24.60
C GLY T 236 -48.82 -25.86 26.07
N MET T 237 -49.47 -24.83 26.57
CA MET T 237 -49.62 -24.51 28.00
C MET T 237 -51.08 -24.19 28.25
N SER T 238 -51.71 -24.79 29.26
CA SER T 238 -52.84 -24.18 29.98
C SER T 238 -52.24 -23.52 31.23
N ILE T 239 -52.83 -22.46 31.75
CA ILE T 239 -52.32 -21.84 33.00
C ILE T 239 -53.48 -21.66 33.98
N SER T 240 -53.15 -21.25 35.20
CA SER T 240 -54.08 -20.97 36.32
C SER T 240 -53.45 -19.93 37.24
N GLY T 241 -54.21 -18.91 37.63
CA GLY T 241 -53.80 -17.88 38.59
C GLY T 241 -53.37 -16.62 37.88
N LEU T 242 -52.26 -16.02 38.30
CA LEU T 242 -51.86 -14.67 37.84
C LEU T 242 -51.47 -14.78 36.38
N VAL T 243 -52.35 -14.28 35.50
CA VAL T 243 -52.25 -14.46 34.03
C VAL T 243 -51.01 -13.70 33.54
N ALA T 244 -50.73 -12.54 34.15
CA ALA T 244 -49.50 -11.75 33.96
C ALA T 244 -48.29 -12.68 33.94
N ASP T 245 -48.13 -13.47 35.01
CA ASP T 245 -46.97 -14.36 35.25
C ASP T 245 -46.97 -15.51 34.23
N GLY T 246 -48.16 -16.03 33.89
CA GLY T 246 -48.33 -17.07 32.85
C GLY T 246 -47.85 -16.60 31.49
N ARG T 247 -48.16 -15.35 31.14
CA ARG T 247 -47.71 -14.70 29.88
C ARG T 247 -46.18 -14.51 29.90
N VAL T 248 -45.58 -14.32 31.08
CA VAL T 248 -44.10 -14.21 31.25
C VAL T 248 -43.46 -15.57 30.92
N LEU T 249 -44.04 -16.67 31.40
CA LEU T 249 -43.51 -18.04 31.18
C LEU T 249 -43.73 -18.47 29.74
N ALA T 250 -44.90 -18.14 29.17
CA ALA T 250 -45.22 -18.37 27.75
C ALA T 250 -44.11 -17.75 26.91
N ARG T 251 -43.86 -16.46 27.14
CA ARG T 251 -42.77 -15.69 26.48
C ARG T 251 -41.44 -16.42 26.68
N TYR T 252 -41.09 -16.82 27.90
CA TYR T 252 -39.82 -17.50 28.17
C TYR T 252 -39.75 -18.81 27.37
N LEU T 253 -40.71 -19.71 27.59
CA LEU T 253 -40.75 -21.05 26.96
C LEU T 253 -40.69 -20.94 25.44
N ARG T 254 -41.39 -19.95 24.87
CA ARG T 254 -41.40 -19.65 23.41
C ARG T 254 -40.00 -19.30 22.93
N THR T 255 -39.44 -18.23 23.48
CA THR T 255 -38.03 -17.84 23.28
C THR T 255 -37.17 -19.11 23.32
N GLU T 256 -37.29 -19.94 24.36
CA GLU T 256 -36.37 -21.10 24.56
C GLU T 256 -36.61 -22.17 23.50
N CYS T 257 -37.87 -22.46 23.16
CA CYS T 257 -38.21 -23.49 22.16
C CYS T 257 -37.73 -23.06 20.77
N MET T 258 -37.77 -21.77 20.49
CA MET T 258 -37.18 -21.20 19.26
C MET T 258 -35.66 -21.33 19.37
N ASN T 259 -35.03 -20.63 20.32
CA ASN T 259 -33.60 -20.79 20.68
C ASN T 259 -33.13 -22.23 20.38
N TYR T 260 -33.91 -23.22 20.81
CA TYR T 260 -33.61 -24.67 20.60
C TYR T 260 -33.75 -25.00 19.11
N ARG T 261 -34.95 -24.87 18.56
CA ARG T 261 -35.27 -25.25 17.16
C ARG T 261 -34.29 -24.56 16.20
N TYR T 262 -33.85 -23.35 16.53
CA TYR T 262 -32.81 -22.62 15.77
C TYR T 262 -31.55 -23.47 15.75
N MET T 263 -31.08 -23.90 16.92
CA MET T 263 -29.83 -24.68 17.08
C MET T 263 -29.97 -26.05 16.41
N TYR T 264 -31.03 -26.80 16.73
CA TYR T 264 -31.10 -28.26 16.49
C TYR T 264 -32.14 -28.66 15.43
N SER T 265 -32.76 -27.71 14.72
CA SER T 265 -33.67 -28.01 13.59
C SER T 265 -34.69 -29.06 14.02
N ASN T 266 -35.19 -28.99 15.25
CA ASN T 266 -36.10 -30.00 15.82
C ASN T 266 -36.64 -29.46 17.13
N GLY T 267 -37.88 -29.81 17.49
CA GLY T 267 -38.55 -29.30 18.68
C GLY T 267 -37.79 -29.66 19.94
N MET T 268 -37.85 -28.79 20.95
CA MET T 268 -37.25 -29.07 22.28
C MET T 268 -37.92 -30.32 22.83
N PRO T 269 -37.15 -31.34 23.29
CA PRO T 269 -37.73 -32.50 23.95
C PRO T 269 -38.52 -32.02 25.17
N MET T 270 -39.56 -32.73 25.55
CA MET T 270 -40.47 -32.25 26.60
C MET T 270 -39.83 -32.39 27.98
N ASN T 271 -39.10 -33.48 28.21
CA ASN T 271 -38.37 -33.70 29.49
C ASN T 271 -37.45 -32.50 29.76
N GLN T 272 -36.74 -32.04 28.74
CA GLN T 272 -35.77 -30.93 28.85
C GLN T 272 -36.53 -29.62 29.10
N MET T 273 -37.73 -29.49 28.55
CA MET T 273 -38.58 -28.27 28.74
C MET T 273 -39.11 -28.24 30.18
N ALA T 274 -39.59 -29.37 30.71
CA ALA T 274 -40.02 -29.51 32.12
C ALA T 274 -38.94 -28.97 33.05
N ASP T 275 -37.67 -29.22 32.74
CA ASP T 275 -36.50 -28.86 33.59
C ASP T 275 -36.18 -27.36 33.45
N MET T 276 -36.41 -26.76 32.27
CA MET T 276 -36.17 -25.30 32.03
C MET T 276 -37.17 -24.45 32.79
N ILE T 277 -38.40 -24.92 33.03
CA ILE T 277 -39.40 -24.18 33.83
C ILE T 277 -39.17 -24.48 35.31
N GLY T 278 -38.84 -25.72 35.66
CA GLY T 278 -38.38 -26.05 37.02
C GLY T 278 -37.32 -25.05 37.49
N GLU T 279 -36.31 -24.82 36.66
CA GLU T 279 -35.15 -23.95 36.96
C GLU T 279 -35.58 -22.48 36.96
N LYS T 280 -36.46 -22.09 36.03
CA LYS T 280 -36.88 -20.67 35.90
C LYS T 280 -37.76 -20.30 37.07
N HIS T 281 -38.53 -21.24 37.60
CA HIS T 281 -39.30 -21.01 38.86
C HIS T 281 -38.33 -20.86 40.01
N GLN T 282 -37.44 -21.83 40.20
CA GLN T 282 -36.53 -21.85 41.37
C GLN T 282 -35.77 -20.52 41.44
N ARG T 283 -35.21 -20.04 40.33
CA ARG T 283 -34.46 -18.74 40.28
C ARG T 283 -35.22 -17.68 41.09
N HIS T 284 -36.54 -17.67 40.99
CA HIS T 284 -37.43 -16.64 41.61
C HIS T 284 -37.60 -16.89 43.12
N ILE T 285 -37.60 -18.13 43.60
CA ILE T 285 -38.03 -18.42 45.00
C ILE T 285 -36.84 -18.39 45.97
N GLN T 286 -35.68 -17.86 45.57
CA GLN T 286 -34.48 -17.87 46.45
C GLN T 286 -33.90 -16.46 46.64
N CYS T 287 -33.79 -15.67 45.56
CA CYS T 287 -33.39 -14.23 45.62
C CYS T 287 -34.42 -13.44 46.43
N SER T 288 -33.98 -12.35 47.08
CA SER T 288 -34.82 -11.42 47.89
C SER T 288 -35.73 -10.61 46.95
N GLY T 289 -35.11 -9.97 45.96
CA GLY T 289 -35.74 -9.05 44.98
C GLY T 289 -36.89 -9.70 44.24
N LYS T 290 -36.71 -10.93 43.81
CA LYS T 290 -37.71 -11.68 43.01
C LYS T 290 -38.83 -12.14 43.94
N ARG T 291 -40.01 -12.46 43.38
CA ARG T 291 -41.10 -13.21 44.04
C ARG T 291 -41.39 -14.48 43.25
N PRO T 292 -42.02 -15.49 43.87
CA PRO T 292 -42.45 -16.67 43.12
C PRO T 292 -43.51 -16.31 42.09
N PHE T 293 -43.63 -17.14 41.05
CA PHE T 293 -44.71 -17.06 40.03
C PHE T 293 -46.02 -17.55 40.65
N GLY T 294 -47.05 -16.72 40.56
CA GLY T 294 -48.42 -17.05 41.02
C GLY T 294 -49.05 -18.10 40.15
N VAL T 295 -48.55 -18.27 38.94
CA VAL T 295 -49.15 -19.20 37.97
C VAL T 295 -48.72 -20.64 38.22
N GLY T 296 -49.60 -21.57 37.87
CA GLY T 296 -49.29 -22.99 37.62
C GLY T 296 -49.56 -23.30 36.17
N LEU T 297 -48.66 -24.02 35.51
CA LEU T 297 -48.80 -24.41 34.08
C LEU T 297 -49.33 -25.83 33.96
N LEU T 298 -50.00 -26.13 32.85
CA LEU T 298 -50.10 -27.49 32.26
C LEU T 298 -49.43 -27.44 30.89
N LEU T 299 -48.11 -27.53 30.89
CA LEU T 299 -47.34 -28.00 29.70
C LEU T 299 -47.99 -29.27 29.16
N ALA T 300 -48.18 -29.35 27.85
CA ALA T 300 -48.57 -30.57 27.11
C ALA T 300 -47.84 -30.53 25.77
N GLY T 301 -47.15 -31.62 25.43
CA GLY T 301 -46.41 -31.69 24.15
C GLY T 301 -46.11 -33.10 23.74
N TYR T 302 -45.66 -33.25 22.49
CA TYR T 302 -45.32 -34.54 21.86
C TYR T 302 -43.93 -34.44 21.22
N ASP T 303 -43.13 -35.50 21.39
CA ASP T 303 -41.74 -35.64 20.87
C ASP T 303 -41.43 -37.12 20.66
N ARG T 304 -40.18 -37.44 20.31
CA ARG T 304 -39.66 -38.81 20.06
C ARG T 304 -40.14 -39.80 21.12
N GLN T 305 -40.15 -39.41 22.39
CA GLN T 305 -40.48 -40.29 23.55
C GLN T 305 -42.00 -40.34 23.81
N GLY T 306 -42.85 -40.07 22.81
CA GLY T 306 -44.31 -40.08 22.93
C GLY T 306 -44.85 -38.75 23.46
N PRO T 307 -46.07 -38.72 24.03
CA PRO T 307 -46.64 -37.50 24.61
C PRO T 307 -46.30 -37.34 26.10
N HIS T 308 -46.15 -36.10 26.54
CA HIS T 308 -45.94 -35.71 27.97
C HIS T 308 -46.90 -34.61 28.35
N LEU T 309 -47.61 -34.82 29.46
CA LEU T 309 -48.36 -33.79 30.22
C LEU T 309 -47.54 -33.48 31.48
N TYR T 310 -47.21 -32.21 31.69
CA TYR T 310 -46.47 -31.70 32.88
C TYR T 310 -47.35 -30.68 33.58
N GLN T 311 -47.51 -30.83 34.89
CA GLN T 311 -48.02 -29.75 35.75
C GLN T 311 -46.84 -29.11 36.46
N THR T 312 -46.59 -27.84 36.17
CA THR T 312 -45.67 -26.97 36.94
C THR T 312 -46.47 -26.39 38.11
N VAL T 313 -45.75 -25.80 39.06
CA VAL T 313 -46.33 -25.14 40.26
C VAL T 313 -45.34 -24.06 40.69
N PRO T 314 -45.76 -23.02 41.45
CA PRO T 314 -44.86 -21.94 41.85
C PRO T 314 -43.57 -22.34 42.56
N SER T 315 -43.64 -23.36 43.43
CA SER T 315 -42.51 -23.91 44.23
C SER T 315 -41.35 -24.31 43.32
N GLY T 316 -41.62 -24.53 42.02
CA GLY T 316 -40.64 -24.94 41.00
C GLY T 316 -40.69 -26.44 40.76
N ASP T 317 -41.51 -27.15 41.53
CA ASP T 317 -41.77 -28.60 41.37
C ASP T 317 -42.41 -28.81 40.00
N VAL T 318 -41.98 -29.86 39.30
CA VAL T 318 -42.51 -30.24 37.98
C VAL T 318 -42.91 -31.70 38.06
N TYR T 319 -44.18 -31.97 37.80
CA TYR T 319 -44.81 -33.31 37.91
C TYR T 319 -45.16 -33.80 36.51
N ASP T 320 -44.66 -34.98 36.13
CA ASP T 320 -45.02 -35.68 34.86
C ASP T 320 -46.28 -36.50 35.14
N TYR T 321 -47.43 -35.97 34.76
CA TYR T 321 -48.76 -36.53 35.07
C TYR T 321 -49.25 -37.41 33.92
N LYS T 322 -50.05 -38.45 34.25
CA LYS T 322 -50.82 -39.29 33.29
C LYS T 322 -52.08 -38.51 32.92
N ALA T 323 -52.60 -37.76 33.89
CA ALA T 323 -53.71 -36.80 33.77
C ALA T 323 -53.78 -35.97 35.05
N THR T 324 -54.43 -34.81 35.03
CA THR T 324 -54.59 -33.96 36.22
C THR T 324 -55.51 -32.77 35.92
N ALA T 325 -55.89 -32.07 36.98
CA ALA T 325 -56.54 -30.74 36.91
C ALA T 325 -55.79 -29.77 37.83
N MET T 326 -56.23 -28.52 37.82
CA MET T 326 -55.43 -27.41 38.37
C MET T 326 -56.31 -26.16 38.33
N GLY T 327 -56.65 -25.62 39.51
CA GLY T 327 -57.55 -24.46 39.64
C GLY T 327 -58.68 -24.71 40.62
N VAL T 328 -59.76 -23.94 40.51
CA VAL T 328 -60.85 -23.87 41.52
C VAL T 328 -61.75 -25.11 41.36
N ARG T 329 -62.13 -25.74 42.48
CA ARG T 329 -62.87 -27.03 42.58
C ARG T 329 -62.21 -28.09 41.70
N SER T 330 -60.88 -28.05 41.55
CA SER T 330 -60.08 -29.06 40.78
C SER T 330 -60.04 -30.40 41.52
N GLN T 331 -60.40 -30.44 42.80
CA GLN T 331 -60.41 -31.68 43.61
C GLN T 331 -61.57 -32.57 43.15
N ALA T 332 -62.60 -31.99 42.53
CA ALA T 332 -63.70 -32.73 41.85
C ALA T 332 -63.17 -33.40 40.57
N SER T 333 -62.44 -32.66 39.74
CA SER T 333 -61.85 -33.13 38.46
C SER T 333 -60.88 -34.29 38.70
N ARG T 334 -59.98 -34.15 39.68
CA ARG T 334 -58.97 -35.21 40.00
C ARG T 334 -59.72 -36.43 40.54
N THR T 335 -60.79 -36.24 41.33
CA THR T 335 -61.61 -37.36 41.85
C THR T 335 -62.24 -38.12 40.68
N TYR T 336 -62.69 -37.41 39.63
CA TYR T 336 -63.18 -38.06 38.39
C TYR T 336 -61.99 -38.81 37.77
N LEU T 337 -60.95 -38.10 37.36
CA LEU T 337 -59.82 -38.67 36.57
C LEU T 337 -59.26 -39.92 37.27
N GLU T 338 -59.22 -39.95 38.62
CA GLU T 338 -58.70 -41.10 39.41
C GLU T 338 -59.46 -42.39 39.09
N ARG T 339 -60.76 -42.32 38.81
CA ARG T 339 -61.58 -43.51 38.42
C ARG T 339 -61.11 -44.05 37.07
N HIS T 340 -60.77 -43.17 36.11
CA HIS T 340 -60.71 -43.50 34.66
C HIS T 340 -59.29 -43.42 34.06
N PHE T 341 -58.30 -42.84 34.74
CA PHE T 341 -56.99 -42.48 34.15
C PHE T 341 -56.27 -43.70 33.57
N GLU T 342 -56.51 -44.90 34.11
CA GLU T 342 -55.84 -46.15 33.70
C GLU T 342 -56.19 -46.51 32.24
N HIS T 343 -57.41 -46.22 31.80
CA HIS T 343 -57.94 -46.60 30.46
C HIS T 343 -57.54 -45.60 29.38
N PHE T 344 -56.67 -44.63 29.67
CA PHE T 344 -56.35 -43.49 28.76
C PHE T 344 -55.38 -43.93 27.66
N SER T 345 -54.46 -44.87 27.97
CA SER T 345 -53.56 -45.52 26.97
C SER T 345 -54.40 -46.23 25.89
N ASP T 346 -55.50 -46.90 26.26
CA ASP T 346 -56.44 -47.59 25.33
C ASP T 346 -57.19 -46.56 24.47
N CYS T 347 -57.84 -45.58 25.12
CA CYS T 347 -58.84 -44.63 24.56
C CYS T 347 -58.33 -43.97 23.28
N THR T 348 -59.26 -43.69 22.36
CA THR T 348 -59.05 -42.92 21.10
C THR T 348 -59.09 -41.41 21.41
N LEU T 349 -58.63 -40.58 20.48
CA LEU T 349 -58.55 -39.10 20.60
C LEU T 349 -59.88 -38.52 21.10
N ASP T 350 -61.01 -38.99 20.55
CA ASP T 350 -62.37 -38.47 20.87
C ASP T 350 -62.78 -38.89 22.29
N GLU T 351 -62.38 -40.11 22.72
CA GLU T 351 -62.68 -40.65 24.07
C GLU T 351 -61.89 -39.85 25.12
N LEU T 352 -60.62 -39.55 24.84
CA LEU T 352 -59.74 -38.68 25.69
C LEU T 352 -60.46 -37.38 25.96
N VAL T 353 -60.88 -36.70 24.89
CA VAL T 353 -61.48 -35.33 24.97
C VAL T 353 -62.73 -35.41 25.86
N THR T 354 -63.57 -36.43 25.67
CA THR T 354 -64.77 -36.66 26.51
C THR T 354 -64.34 -36.71 27.98
N HIS T 355 -63.42 -37.63 28.31
CA HIS T 355 -62.82 -37.82 29.66
C HIS T 355 -62.26 -36.49 30.17
N ALA T 356 -61.59 -35.71 29.31
CA ALA T 356 -60.96 -34.40 29.63
C ALA T 356 -62.04 -33.38 30.01
N LEU T 357 -63.18 -33.43 29.34
CA LEU T 357 -64.30 -32.47 29.56
C LEU T 357 -65.15 -32.91 30.75
N LYS T 358 -65.51 -34.20 30.79
CA LYS T 358 -66.29 -34.81 31.91
C LYS T 358 -65.67 -34.39 33.24
N ALA T 359 -64.33 -34.42 33.31
CA ALA T 359 -63.51 -33.97 34.44
C ALA T 359 -63.71 -32.46 34.66
N LEU T 360 -63.35 -31.66 33.65
CA LEU T 360 -63.44 -30.18 33.68
C LEU T 360 -64.85 -29.73 34.12
N ALA T 361 -65.87 -30.45 33.66
CA ALA T 361 -67.30 -30.24 33.98
C ALA T 361 -67.56 -30.45 35.48
N SER T 362 -66.96 -31.48 36.08
CA SER T 362 -67.05 -31.79 37.54
C SER T 362 -66.65 -30.56 38.37
N ALA T 363 -65.84 -29.65 37.81
CA ALA T 363 -65.26 -28.45 38.46
C ALA T 363 -66.19 -27.23 38.39
N THR T 364 -67.14 -27.18 37.44
CA THR T 364 -68.02 -26.00 37.19
C THR T 364 -68.90 -25.72 38.42
N SER T 365 -69.41 -24.49 38.53
CA SER T 365 -70.14 -23.95 39.70
C SER T 365 -71.65 -24.24 39.59
N GLU T 366 -72.16 -25.13 40.46
CA GLU T 366 -73.60 -25.34 40.75
C GLU T 366 -74.35 -25.87 39.52
N GLY T 367 -74.79 -24.99 38.63
CA GLY T 367 -75.78 -25.29 37.57
C GLY T 367 -75.24 -25.12 36.15
N ILE T 368 -74.09 -24.45 35.95
CA ILE T 368 -73.59 -24.08 34.60
C ILE T 368 -73.04 -25.35 33.90
N GLU T 369 -73.01 -25.33 32.57
CA GLU T 369 -72.53 -26.43 31.69
C GLU T 369 -71.27 -25.98 30.94
N LEU T 370 -70.58 -26.92 30.29
CA LEU T 370 -69.54 -26.62 29.27
C LEU T 370 -70.23 -26.31 27.95
N ASN T 371 -69.63 -25.43 27.13
CA ASN T 371 -70.11 -25.04 25.78
C ASN T 371 -69.12 -24.04 25.18
N VAL T 372 -68.97 -24.05 23.85
CA VAL T 372 -67.90 -23.35 23.06
C VAL T 372 -67.54 -21.99 23.66
N LYS T 373 -68.51 -21.24 24.19
CA LYS T 373 -68.29 -19.85 24.66
C LYS T 373 -67.65 -19.85 26.07
N ASN T 374 -67.77 -20.93 26.87
CA ASN T 374 -67.25 -20.98 28.27
C ASN T 374 -66.18 -22.07 28.45
N THR T 375 -65.69 -22.70 27.37
CA THR T 375 -64.63 -23.74 27.40
C THR T 375 -63.73 -23.69 26.15
N THR T 376 -62.44 -23.93 26.37
CA THR T 376 -61.39 -24.16 25.34
C THR T 376 -60.92 -25.61 25.50
N ILE T 377 -60.74 -26.30 24.37
CA ILE T 377 -59.96 -27.58 24.28
C ILE T 377 -58.72 -27.29 23.44
N ALA T 378 -57.60 -27.92 23.77
CA ALA T 378 -56.37 -27.89 22.94
C ALA T 378 -55.75 -29.29 22.89
N ILE T 379 -55.20 -29.65 21.72
CA ILE T 379 -54.70 -31.02 21.44
C ILE T 379 -53.29 -30.92 20.89
N VAL T 380 -52.44 -31.87 21.28
CA VAL T 380 -51.14 -32.18 20.63
C VAL T 380 -50.91 -33.69 20.72
N GLY T 381 -50.21 -34.24 19.74
CA GLY T 381 -49.90 -35.68 19.66
C GLY T 381 -49.26 -36.06 18.34
N LYS T 382 -49.30 -37.36 18.01
CA LYS T 382 -48.62 -37.92 16.82
C LYS T 382 -49.20 -37.25 15.58
N ASP T 383 -48.32 -36.56 14.84
CA ASP T 383 -48.56 -35.87 13.54
C ASP T 383 -49.50 -34.66 13.71
N THR T 384 -49.94 -34.35 14.94
CA THR T 384 -50.83 -33.19 15.23
C THR T 384 -50.04 -32.11 15.95
N PRO T 385 -49.76 -30.97 15.29
CA PRO T 385 -49.14 -29.83 15.99
C PRO T 385 -50.16 -29.26 16.98
N PHE T 386 -49.68 -28.66 18.07
CA PHE T 386 -50.50 -28.15 19.20
C PHE T 386 -51.48 -27.12 18.66
N THR T 387 -52.77 -27.47 18.67
CA THR T 387 -53.87 -26.65 18.11
C THR T 387 -54.83 -26.32 19.25
N ILE T 388 -55.35 -25.09 19.23
CA ILE T 388 -56.34 -24.55 20.19
C ILE T 388 -57.67 -24.53 19.47
N PHE T 389 -58.69 -25.18 20.02
CA PHE T 389 -60.06 -25.23 19.46
C PHE T 389 -60.95 -24.24 20.21
N GLU T 390 -61.34 -23.14 19.54
CA GLU T 390 -62.37 -22.19 20.00
C GLU T 390 -63.46 -22.09 18.93
N GLU T 391 -64.73 -22.06 19.37
CA GLU T 391 -65.93 -21.79 18.53
C GLU T 391 -66.06 -22.93 17.50
N GLU T 392 -66.18 -22.63 16.20
CA GLU T 392 -66.65 -23.61 15.16
C GLU T 392 -65.85 -24.91 15.23
N SER T 393 -64.54 -24.84 15.47
CA SER T 393 -63.60 -25.99 15.55
C SER T 393 -64.06 -26.96 16.66
N ALA T 394 -64.30 -26.42 17.87
CA ALA T 394 -64.53 -27.16 19.14
C ALA T 394 -65.91 -27.83 19.16
N ARG T 395 -66.90 -27.26 18.45
CA ARG T 395 -68.34 -27.67 18.49
C ARG T 395 -68.45 -29.18 18.21
N LYS T 396 -67.66 -29.70 17.27
CA LYS T 396 -67.51 -31.15 16.98
C LYS T 396 -67.53 -31.96 18.29
N TYR T 397 -66.78 -31.53 19.31
CA TYR T 397 -66.62 -32.23 20.61
C TYR T 397 -67.67 -31.77 21.63
N LEU T 398 -68.11 -30.50 21.56
CA LEU T 398 -68.74 -29.76 22.68
C LEU T 398 -70.27 -29.69 22.50
N ASP T 399 -70.79 -29.51 21.28
CA ASP T 399 -72.24 -29.62 20.95
C ASP T 399 -72.73 -31.03 21.28
N GLY T 400 -71.98 -32.05 20.85
CA GLY T 400 -72.26 -33.48 21.09
C GLY T 400 -71.66 -33.97 22.41
N PHE T 401 -71.97 -33.28 23.50
CA PHE T 401 -71.49 -33.58 24.88
C PHE T 401 -72.55 -33.15 25.90
N LYS T 402 -72.67 -33.91 26.99
CA LYS T 402 -73.50 -33.62 28.19
C LYS T 402 -72.91 -34.39 29.38
N MET T 403 -73.11 -33.90 30.61
CA MET T 403 -72.63 -34.52 31.88
C MET T 403 -73.81 -35.21 32.59
N ARG T 404 -73.86 -36.55 32.58
CA ARG T 404 -74.91 -37.40 33.23
C ARG T 404 -74.26 -38.25 34.33
N PRO T 405 -74.85 -38.37 35.54
CA PRO T 405 -74.26 -39.19 36.60
C PRO T 405 -74.37 -40.71 36.35
N SER U 6 -36.76 -11.85 68.45
CA SER U 6 -37.59 -12.19 67.24
C SER U 6 -36.83 -11.91 65.93
N GLY U 7 -35.95 -10.89 65.89
CA GLY U 7 -35.15 -10.51 64.71
C GLY U 7 -33.97 -11.43 64.46
N HIS U 8 -33.56 -12.22 65.46
CA HIS U 8 -32.37 -13.13 65.48
C HIS U 8 -32.45 -14.24 64.41
N ASP U 9 -33.62 -14.48 63.79
CA ASP U 9 -33.91 -15.67 62.93
C ASP U 9 -34.53 -15.30 61.57
N GLN U 10 -34.66 -14.01 61.23
CA GLN U 10 -35.38 -13.58 59.99
C GLN U 10 -34.48 -13.73 58.77
N SER U 11 -33.16 -13.61 58.94
CA SER U 11 -32.15 -13.75 57.86
C SER U 11 -30.99 -14.64 58.28
N THR U 12 -30.33 -15.18 57.28
CA THR U 12 -29.12 -16.02 57.43
C THR U 12 -27.91 -15.14 57.72
N ASP U 13 -27.97 -13.82 57.49
CA ASP U 13 -26.81 -12.92 57.69
C ASP U 13 -26.55 -12.68 59.18
N VAL U 14 -27.24 -13.41 60.08
CA VAL U 14 -27.38 -13.05 61.51
C VAL U 14 -27.10 -14.26 62.39
N PHE U 15 -26.04 -14.20 63.19
CA PHE U 15 -25.88 -15.07 64.39
C PHE U 15 -26.86 -14.63 65.49
N SER U 16 -27.42 -15.62 66.20
CA SER U 16 -28.07 -15.44 67.54
C SER U 16 -26.99 -15.25 68.60
N ALA U 17 -27.39 -14.99 69.85
CA ALA U 17 -26.45 -14.81 70.98
C ALA U 17 -25.66 -16.11 71.25
N GLU U 18 -26.32 -17.26 71.14
CA GLU U 18 -25.74 -18.63 71.33
C GLU U 18 -24.70 -18.96 70.26
N GLY U 19 -24.78 -18.30 69.11
CA GLY U 19 -23.75 -18.33 68.05
C GLY U 19 -24.12 -19.23 66.89
N ARG U 20 -25.42 -19.44 66.63
CA ARG U 20 -25.88 -20.30 65.51
C ARG U 20 -26.83 -19.51 64.61
N VAL U 21 -26.72 -19.76 63.30
CA VAL U 21 -27.58 -19.16 62.25
C VAL U 21 -28.92 -19.89 62.31
N PHE U 22 -30.01 -19.20 62.60
CA PHE U 22 -31.30 -19.88 62.82
C PHE U 22 -31.90 -20.28 61.47
N GLN U 23 -31.79 -19.42 60.45
CA GLN U 23 -32.37 -19.67 59.10
C GLN U 23 -31.77 -20.93 58.46
N VAL U 24 -30.56 -21.33 58.86
CA VAL U 24 -29.92 -22.58 58.37
C VAL U 24 -30.47 -23.78 59.14
N GLU U 25 -30.68 -23.65 60.45
CA GLU U 25 -31.31 -24.73 61.27
C GLU U 25 -32.74 -24.98 60.78
N TYR U 26 -33.40 -23.93 60.29
CA TYR U 26 -34.79 -23.96 59.80
C TYR U 26 -34.85 -24.70 58.46
N ALA U 27 -34.06 -24.31 57.46
CA ALA U 27 -33.87 -25.07 56.20
C ALA U 27 -33.50 -26.53 56.49
N GLY U 28 -32.72 -26.79 57.55
CA GLY U 28 -32.36 -28.14 58.04
C GLY U 28 -33.58 -28.91 58.55
N LYS U 29 -34.66 -28.22 58.94
CA LYS U 29 -35.95 -28.83 59.36
C LYS U 29 -36.74 -29.27 58.12
N ALA U 30 -36.56 -28.58 56.98
CA ALA U 30 -37.23 -28.91 55.69
C ALA U 30 -36.73 -30.24 55.14
N VAL U 31 -35.48 -30.59 55.46
CA VAL U 31 -34.83 -31.89 55.10
C VAL U 31 -35.45 -33.00 55.96
N ASP U 32 -35.71 -32.73 57.25
CA ASP U 32 -36.15 -33.72 58.27
C ASP U 32 -37.69 -33.80 58.32
N ASN U 33 -38.39 -33.17 57.37
CA ASN U 33 -39.83 -33.39 57.11
C ASN U 33 -40.02 -33.93 55.70
N SER U 34 -38.92 -34.25 54.99
CA SER U 34 -38.93 -34.71 53.57
C SER U 34 -38.78 -36.23 53.48
N SER U 35 -39.01 -36.74 52.28
CA SER U 35 -38.97 -38.18 51.92
C SER U 35 -37.57 -38.75 52.20
N THR U 36 -37.51 -39.88 52.93
CA THR U 36 -36.24 -40.50 53.40
C THR U 36 -35.40 -40.97 52.21
N ALA U 37 -34.10 -40.66 52.21
CA ALA U 37 -33.07 -41.19 51.28
C ALA U 37 -32.04 -41.97 52.09
N VAL U 38 -31.41 -42.95 51.44
CA VAL U 38 -30.40 -43.84 52.08
C VAL U 38 -29.34 -44.17 51.03
N ALA U 39 -28.07 -44.18 51.43
CA ALA U 39 -26.95 -44.54 50.52
C ALA U 39 -25.86 -45.33 51.25
N ALA U 40 -25.06 -46.08 50.48
CA ALA U 40 -24.08 -47.05 50.99
C ALA U 40 -22.92 -47.17 49.99
N CYS U 41 -21.73 -46.79 50.46
CA CYS U 41 -20.41 -46.91 49.79
C CYS U 41 -19.88 -48.34 50.04
N CYS U 42 -19.60 -49.07 48.96
CA CYS U 42 -19.01 -50.43 48.95
C CYS U 42 -17.57 -50.32 48.42
N LYS U 43 -16.88 -51.46 48.28
CA LYS U 43 -15.57 -51.54 47.57
C LYS U 43 -15.84 -51.45 46.07
N ASP U 44 -16.95 -52.06 45.64
CA ASP U 44 -17.36 -52.22 44.23
C ASP U 44 -17.75 -50.87 43.65
N GLY U 45 -18.32 -49.98 44.47
CA GLY U 45 -18.92 -48.71 44.04
C GLY U 45 -19.72 -48.06 45.14
N VAL U 46 -20.85 -47.43 44.79
CA VAL U 46 -21.77 -46.76 45.74
C VAL U 46 -23.21 -46.84 45.21
N VAL U 47 -24.16 -46.98 46.14
CA VAL U 47 -25.63 -47.07 45.90
C VAL U 47 -26.32 -45.93 46.65
N VAL U 48 -27.32 -45.32 46.01
CA VAL U 48 -28.29 -44.36 46.61
C VAL U 48 -29.69 -44.88 46.35
N ALA U 49 -30.46 -45.10 47.42
CA ALA U 49 -31.92 -45.29 47.38
C ALA U 49 -32.57 -44.01 47.88
N VAL U 50 -33.75 -43.68 47.35
CA VAL U 50 -34.61 -42.62 47.93
C VAL U 50 -36.08 -42.99 47.70
N GLU U 51 -36.86 -42.95 48.78
CA GLU U 51 -38.34 -43.07 48.72
C GLU U 51 -38.83 -41.74 48.16
N LYS U 52 -39.60 -41.77 47.07
CA LYS U 52 -40.37 -40.59 46.57
C LYS U 52 -41.80 -40.76 47.06
N VAL U 53 -42.31 -39.82 47.85
CA VAL U 53 -43.72 -39.79 48.30
C VAL U 53 -44.52 -39.05 47.21
N HIS U 54 -45.30 -39.80 46.43
CA HIS U 54 -46.19 -39.29 45.38
C HIS U 54 -47.47 -38.74 46.02
N THR U 55 -47.84 -37.52 45.66
CA THR U 55 -49.04 -36.80 46.19
C THR U 55 -50.31 -37.43 45.57
N SER U 56 -50.31 -37.60 44.24
CA SER U 56 -51.46 -38.07 43.41
C SER U 56 -51.16 -39.47 42.84
N ARG U 57 -52.20 -40.22 42.50
CA ARG U 57 -52.09 -41.64 42.04
C ARG U 57 -51.68 -41.67 40.57
N MET U 58 -51.79 -40.54 39.89
CA MET U 58 -51.80 -40.46 38.41
C MET U 58 -50.42 -40.06 37.88
N LEU U 59 -49.41 -39.92 38.74
CA LEU U 59 -48.06 -39.51 38.28
C LEU U 59 -47.46 -40.64 37.46
N GLU U 60 -46.66 -40.28 36.44
CA GLU U 60 -45.87 -41.24 35.63
C GLU U 60 -44.79 -41.88 36.53
N LYS U 61 -44.13 -42.93 36.02
CA LYS U 61 -42.90 -43.51 36.61
C LYS U 61 -41.71 -42.64 36.19
N GLY U 62 -40.96 -42.12 37.16
CA GLY U 62 -39.87 -41.14 36.96
C GLY U 62 -40.41 -39.73 36.88
N SER U 63 -41.35 -39.39 37.76
CA SER U 63 -41.87 -38.01 37.98
C SER U 63 -41.43 -37.53 39.35
N ASN U 64 -40.81 -36.33 39.36
CA ASN U 64 -40.11 -35.77 40.54
C ASN U 64 -38.90 -36.65 40.84
N ASN U 65 -38.16 -37.07 39.80
CA ASN U 65 -36.90 -37.85 39.95
C ASN U 65 -35.99 -37.09 40.90
N ARG U 66 -35.71 -37.64 42.09
CA ARG U 66 -34.88 -36.99 43.12
C ARG U 66 -33.40 -37.23 42.84
N ILE U 67 -33.07 -38.25 42.06
CA ILE U 67 -31.67 -38.63 41.74
C ILE U 67 -31.33 -38.14 40.33
N HIS U 68 -30.16 -37.49 40.19
CA HIS U 68 -29.70 -36.85 38.94
C HIS U 68 -28.22 -37.17 38.74
N ALA U 69 -27.87 -37.62 37.55
CA ALA U 69 -26.48 -37.66 37.07
C ALA U 69 -25.94 -36.24 37.01
N VAL U 70 -24.76 -36.05 37.59
CA VAL U 70 -23.99 -34.77 37.61
C VAL U 70 -22.94 -34.85 36.52
N ASP U 71 -22.16 -35.94 36.54
CA ASP U 71 -21.24 -36.34 35.45
C ASP U 71 -21.41 -37.84 35.24
N ARG U 72 -20.66 -38.42 34.31
CA ARG U 72 -20.68 -39.88 34.03
C ARG U 72 -20.60 -40.65 35.35
N GLN U 73 -19.67 -40.23 36.22
CA GLN U 73 -19.18 -41.00 37.39
C GLN U 73 -19.90 -40.56 38.66
N ALA U 74 -20.58 -39.41 38.63
CA ALA U 74 -21.12 -38.79 39.85
C ALA U 74 -22.57 -38.38 39.61
N GLY U 75 -23.43 -38.76 40.55
CA GLY U 75 -24.82 -38.30 40.63
C GLY U 75 -25.13 -37.80 42.01
N ILE U 76 -25.91 -36.73 42.07
CA ILE U 76 -26.54 -36.22 43.31
C ILE U 76 -27.87 -36.95 43.49
N CYS U 77 -28.20 -37.28 44.74
CA CYS U 77 -29.57 -37.58 45.21
C CYS U 77 -29.99 -36.55 46.24
N ILE U 78 -30.91 -35.69 45.84
CA ILE U 78 -31.53 -34.65 46.69
C ILE U 78 -32.46 -35.32 47.68
N CYS U 79 -32.41 -34.86 48.94
CA CYS U 79 -33.47 -35.06 49.94
C CYS U 79 -33.77 -33.71 50.60
N GLY U 80 -35.03 -33.28 50.57
CA GLY U 80 -35.49 -31.94 51.00
C GLY U 80 -36.38 -31.30 49.95
N LEU U 81 -36.45 -29.97 49.89
CA LEU U 81 -37.14 -29.27 48.80
C LEU U 81 -36.49 -29.68 47.48
N LEU U 82 -37.24 -30.38 46.64
CA LEU U 82 -36.76 -30.90 45.33
C LEU U 82 -36.27 -29.75 44.44
N PRO U 83 -37.07 -28.67 44.23
CA PRO U 83 -36.71 -27.62 43.27
C PRO U 83 -35.34 -26.98 43.56
N ASP U 84 -35.14 -26.58 44.82
CA ASP U 84 -33.83 -26.10 45.36
C ASP U 84 -32.73 -27.08 44.99
N GLY U 85 -32.88 -28.34 45.38
CA GLY U 85 -31.91 -29.41 45.09
C GLY U 85 -31.47 -29.40 43.65
N ARG U 86 -32.39 -29.16 42.70
CA ARG U 86 -32.10 -29.19 41.24
C ARG U 86 -31.16 -28.04 40.87
N ALA U 87 -31.27 -26.89 41.54
CA ALA U 87 -30.37 -25.73 41.40
C ALA U 87 -28.97 -26.11 41.86
N ILE U 88 -28.86 -26.92 42.93
CA ILE U 88 -27.59 -27.57 43.40
C ILE U 88 -27.07 -28.48 42.30
N VAL U 89 -27.91 -29.38 41.79
CA VAL U 89 -27.53 -30.34 40.73
C VAL U 89 -27.03 -29.52 39.54
N SER U 90 -27.83 -28.55 39.10
CA SER U 90 -27.49 -27.66 37.96
C SER U 90 -26.13 -27.02 38.18
N ARG U 91 -25.78 -26.69 39.42
CA ARG U 91 -24.44 -26.18 39.76
C ARG U 91 -23.45 -27.34 39.70
N ALA U 92 -23.54 -28.29 40.62
CA ALA U 92 -22.67 -29.49 40.65
C ALA U 92 -22.27 -29.86 39.23
N ARG U 93 -23.24 -29.89 38.32
CA ARG U 93 -23.03 -30.15 36.87
C ARG U 93 -22.03 -29.15 36.29
N GLN U 94 -22.38 -27.86 36.33
CA GLN U 94 -21.52 -26.75 35.86
C GLN U 94 -20.10 -26.94 36.41
N GLU U 95 -19.92 -27.46 37.63
CA GLU U 95 -18.57 -27.70 38.22
C GLU U 95 -17.94 -28.95 37.62
N ALA U 96 -18.72 -30.02 37.51
CA ALA U 96 -18.28 -31.33 36.99
C ALA U 96 -17.82 -31.20 35.54
N GLU U 97 -18.44 -30.31 34.77
CA GLU U 97 -18.11 -30.12 33.33
C GLU U 97 -16.96 -29.13 33.20
N ASN U 98 -16.87 -28.10 34.06
CA ASN U 98 -15.67 -27.22 34.14
C ASN U 98 -14.43 -28.09 34.37
N SER U 99 -14.49 -29.07 35.27
CA SER U 99 -13.39 -30.05 35.49
C SER U 99 -13.05 -30.76 34.18
N ARG U 100 -14.04 -31.11 33.35
CA ARG U 100 -13.79 -31.82 32.07
C ARG U 100 -13.28 -30.84 31.02
N ASP U 101 -13.85 -29.64 30.95
CA ASP U 101 -13.52 -28.62 29.92
C ASP U 101 -12.11 -28.11 30.18
N ILE U 102 -11.90 -27.53 31.36
CA ILE U 102 -10.64 -26.85 31.75
C ILE U 102 -9.58 -27.90 32.07
N PHE U 103 -9.83 -28.75 33.06
CA PHE U 103 -8.79 -29.59 33.68
C PHE U 103 -8.76 -31.00 33.04
N ALA U 104 -9.57 -31.25 32.01
CA ALA U 104 -9.44 -32.44 31.13
C ALA U 104 -9.64 -33.77 31.88
N THR U 105 -10.23 -33.75 33.06
CA THR U 105 -10.36 -34.94 33.93
C THR U 105 -11.77 -35.01 34.44
N PRO U 106 -12.26 -36.22 34.77
CA PRO U 106 -13.47 -36.36 35.56
C PRO U 106 -13.23 -35.73 36.92
N ILE U 107 -14.16 -34.89 37.36
CA ILE U 107 -14.13 -34.30 38.73
C ILE U 107 -13.99 -35.46 39.73
N ARG U 108 -13.07 -35.33 40.68
CA ARG U 108 -13.00 -36.22 41.87
C ARG U 108 -14.28 -36.04 42.70
N GLY U 109 -14.74 -37.09 43.37
CA GLY U 109 -15.91 -37.05 44.27
C GLY U 109 -15.69 -36.09 45.43
N SER U 110 -14.50 -36.17 46.05
CA SER U 110 -14.08 -35.37 47.23
C SER U 110 -14.21 -33.88 46.93
N VAL U 111 -13.77 -33.47 45.73
CA VAL U 111 -13.87 -32.08 45.21
C VAL U 111 -15.35 -31.77 44.98
N LEU U 112 -16.01 -32.50 44.08
CA LEU U 112 -17.42 -32.26 43.69
C LEU U 112 -18.25 -31.97 44.93
N ALA U 113 -18.09 -32.74 46.00
CA ALA U 113 -18.81 -32.53 47.27
C ALA U 113 -18.45 -31.15 47.83
N ASN U 114 -17.15 -30.87 47.98
CA ASN U 114 -16.63 -29.59 48.53
C ASN U 114 -17.04 -28.42 47.65
N ARG U 115 -17.05 -28.58 46.33
CA ARG U 115 -17.57 -27.57 45.37
C ARG U 115 -19.06 -27.30 45.63
N VAL U 116 -19.82 -28.33 45.99
CA VAL U 116 -21.30 -28.25 46.24
C VAL U 116 -21.55 -27.64 47.61
N GLY U 117 -20.69 -27.94 48.60
CA GLY U 117 -20.78 -27.36 49.96
C GLY U 117 -20.59 -25.86 49.93
N GLU U 118 -19.55 -25.39 49.25
CA GLU U 118 -19.22 -23.95 49.09
C GLU U 118 -20.37 -23.23 48.39
N PHE U 119 -21.08 -23.93 47.51
CA PHE U 119 -22.27 -23.38 46.80
C PHE U 119 -23.40 -23.22 47.81
N MET U 120 -23.74 -24.27 48.56
CA MET U 120 -24.87 -24.25 49.52
C MET U 120 -24.55 -23.31 50.68
N HIS U 121 -23.27 -23.08 50.94
CA HIS U 121 -22.77 -22.20 52.02
C HIS U 121 -22.98 -20.73 51.64
N ALA U 122 -22.55 -20.33 50.45
CA ALA U 122 -22.66 -18.95 49.91
C ALA U 122 -24.08 -18.39 50.14
N TYR U 123 -25.07 -19.28 50.28
CA TYR U 123 -26.50 -18.95 50.50
C TYR U 123 -26.82 -18.94 52.00
N THR U 124 -25.81 -19.08 52.87
CA THR U 124 -26.00 -19.00 54.34
C THR U 124 -25.31 -17.77 54.90
N THR U 125 -24.75 -16.91 54.06
CA THR U 125 -23.85 -15.80 54.47
C THR U 125 -24.52 -14.44 54.25
N HIS U 126 -25.03 -14.22 53.05
CA HIS U 126 -25.57 -12.94 52.56
C HIS U 126 -27.04 -12.86 52.94
N PHE U 127 -27.59 -11.65 53.08
CA PHE U 127 -28.98 -11.42 53.58
C PHE U 127 -29.99 -11.72 52.47
N ALA U 128 -29.63 -11.35 51.23
CA ALA U 128 -30.44 -11.42 50.00
C ALA U 128 -30.92 -12.86 49.76
N TYR U 129 -30.03 -13.83 49.98
CA TYR U 129 -30.30 -15.26 49.70
C TYR U 129 -30.96 -15.87 50.93
N ARG U 130 -31.64 -16.99 50.75
CA ARG U 130 -31.98 -17.91 51.84
C ARG U 130 -31.20 -19.20 51.65
N PRO U 131 -30.87 -19.92 52.73
CA PRO U 131 -30.19 -21.20 52.61
C PRO U 131 -31.04 -22.22 51.86
N PHE U 132 -30.36 -23.23 51.30
CA PHE U 132 -30.99 -24.29 50.50
C PHE U 132 -31.80 -25.22 51.39
N GLY U 133 -32.94 -25.63 50.85
CA GLY U 133 -33.92 -26.45 51.58
C GLY U 133 -33.47 -27.87 51.74
N CYS U 134 -32.56 -28.32 50.90
CA CYS U 134 -32.24 -29.74 50.76
C CYS U 134 -30.87 -30.05 51.33
N SER U 135 -30.66 -31.31 51.70
CA SER U 135 -29.35 -31.98 51.66
C SER U 135 -29.20 -32.54 50.25
N ALA U 136 -27.96 -32.61 49.79
CA ALA U 136 -27.55 -33.37 48.59
C ALA U 136 -26.74 -34.58 49.07
N ILE U 137 -26.96 -35.76 48.47
CA ILE U 137 -26.07 -36.95 48.60
C ILE U 137 -25.26 -37.12 47.31
N ILE U 138 -24.03 -36.64 47.27
CA ILE U 138 -23.12 -36.82 46.09
C ILE U 138 -22.53 -38.22 46.14
N ALA U 139 -22.74 -39.02 45.09
CA ALA U 139 -22.14 -40.37 44.93
C ALA U 139 -21.29 -40.38 43.67
N SER U 140 -19.97 -40.33 43.81
CA SER U 140 -18.99 -40.39 42.69
C SER U 140 -18.24 -41.72 42.74
N TYR U 141 -17.74 -42.13 41.58
CA TYR U 141 -16.64 -43.11 41.45
C TYR U 141 -15.70 -42.59 40.36
N ALA U 142 -14.83 -41.66 40.74
CA ALA U 142 -13.68 -41.18 39.93
C ALA U 142 -12.41 -41.91 40.39
N ASP U 143 -11.23 -41.32 40.16
CA ASP U 143 -9.91 -41.95 40.43
C ASP U 143 -9.63 -42.05 41.93
N ASP U 144 -10.37 -41.31 42.78
CA ASP U 144 -10.21 -41.32 44.27
C ASP U 144 -11.00 -42.48 44.90
N GLY U 145 -11.42 -43.47 44.10
CA GLY U 145 -12.23 -44.61 44.56
C GLY U 145 -13.71 -44.27 44.61
N PRO U 146 -14.58 -45.20 45.05
CA PRO U 146 -15.99 -44.91 45.30
C PRO U 146 -16.10 -44.02 46.54
N GLN U 147 -16.86 -42.94 46.41
CA GLN U 147 -17.02 -41.87 47.44
C GLN U 147 -18.51 -41.55 47.60
N LEU U 148 -18.92 -41.39 48.85
CA LEU U 148 -20.26 -40.92 49.25
C LEU U 148 -20.05 -39.69 50.12
N PHE U 149 -20.85 -38.65 49.90
CA PHE U 149 -20.74 -37.32 50.53
C PHE U 149 -22.12 -36.70 50.70
N VAL U 150 -22.35 -36.02 51.82
CA VAL U 150 -23.62 -35.33 52.12
C VAL U 150 -23.33 -33.86 52.41
N SER U 151 -23.72 -32.99 51.48
CA SER U 151 -23.75 -31.53 51.67
C SER U 151 -25.13 -31.17 52.23
N ASP U 152 -25.19 -30.67 53.46
CA ASP U 152 -26.44 -30.25 54.13
C ASP U 152 -26.59 -28.74 53.97
N PRO U 153 -27.78 -28.13 54.28
CA PRO U 153 -28.05 -26.72 54.00
C PRO U 153 -27.01 -25.70 54.45
N SER U 154 -26.36 -25.96 55.58
CA SER U 154 -25.24 -25.16 56.15
C SER U 154 -24.08 -25.07 55.14
N GLY U 155 -23.94 -26.07 54.27
CA GLY U 155 -22.80 -26.27 53.38
C GLY U 155 -21.81 -27.26 53.96
N THR U 156 -22.16 -27.92 55.08
CA THR U 156 -21.26 -28.84 55.82
C THR U 156 -21.19 -30.16 55.06
N VAL U 157 -20.19 -30.30 54.21
CA VAL U 157 -19.82 -31.60 53.57
C VAL U 157 -19.36 -32.53 54.68
N ALA U 158 -19.57 -33.83 54.50
CA ALA U 158 -18.93 -34.91 55.28
C ALA U 158 -19.00 -36.19 54.45
N GLY U 159 -17.89 -36.92 54.37
CA GLY U 159 -17.86 -38.25 53.72
C GLY U 159 -18.55 -39.28 54.60
N TYR U 160 -19.34 -40.19 54.01
CA TYR U 160 -19.99 -41.31 54.72
C TYR U 160 -19.63 -42.64 54.02
N TYR U 161 -19.67 -43.74 54.79
CA TYR U 161 -19.79 -45.13 54.27
C TYR U 161 -21.27 -45.33 53.99
N GLY U 162 -22.09 -45.20 55.03
CA GLY U 162 -23.55 -45.31 54.95
C GLY U 162 -24.19 -44.04 55.47
N VAL U 163 -25.31 -43.65 54.88
CA VAL U 163 -25.96 -42.37 55.28
C VAL U 163 -27.47 -42.50 55.11
N ALA U 164 -28.20 -41.77 55.94
CA ALA U 164 -29.67 -41.66 55.88
C ALA U 164 -30.04 -40.20 56.09
N LEU U 165 -31.01 -39.72 55.32
CA LEU U 165 -31.59 -38.35 55.42
C LEU U 165 -33.11 -38.48 55.44
N GLY U 166 -33.81 -37.45 55.93
CA GLY U 166 -35.28 -37.37 55.88
C GLY U 166 -35.94 -37.63 57.23
N LYS U 167 -37.24 -37.93 57.21
CA LYS U 167 -38.10 -37.96 58.43
C LYS U 167 -37.89 -39.28 59.18
N ALA U 168 -37.41 -40.32 58.50
CA ALA U 168 -37.12 -41.64 59.10
C ALA U 168 -35.63 -41.76 59.47
N LYS U 169 -34.80 -40.79 59.08
CA LYS U 169 -33.32 -40.72 59.30
C LYS U 169 -32.88 -41.58 60.50
N THR U 170 -33.52 -41.40 61.66
CA THR U 170 -33.20 -42.08 62.95
C THR U 170 -33.26 -43.60 62.80
N VAL U 171 -34.41 -44.14 62.38
CA VAL U 171 -34.66 -45.61 62.33
C VAL U 171 -33.88 -46.21 61.15
N ALA U 172 -33.82 -45.51 60.02
CA ALA U 172 -33.11 -45.93 58.78
C ALA U 172 -31.59 -45.98 59.04
N LYS U 173 -31.09 -45.21 60.01
CA LYS U 173 -29.65 -45.20 60.38
C LYS U 173 -29.33 -46.43 61.25
N SER U 174 -30.25 -46.83 62.15
CA SER U 174 -30.13 -48.07 62.95
C SER U 174 -29.90 -49.27 62.03
N GLU U 175 -30.68 -49.36 60.94
CA GLU U 175 -30.67 -50.50 59.98
C GLU U 175 -29.41 -50.45 59.11
N LEU U 176 -28.85 -49.25 58.89
CA LEU U 176 -27.58 -49.09 58.15
C LEU U 176 -26.39 -49.57 59.00
N GLU U 177 -26.50 -49.54 60.34
CA GLU U 177 -25.40 -49.98 61.26
C GLU U 177 -25.30 -51.52 61.28
N LYS U 178 -26.41 -52.24 61.06
CA LYS U 178 -26.45 -53.73 60.99
C LYS U 178 -25.62 -54.25 59.82
N LEU U 179 -25.49 -53.50 58.72
CA LEU U 179 -24.68 -53.88 57.54
C LEU U 179 -23.19 -53.85 57.91
N ASP U 180 -22.40 -54.72 57.28
CA ASP U 180 -20.91 -54.72 57.27
C ASP U 180 -20.46 -54.11 55.93
N PHE U 181 -19.84 -52.93 55.96
CA PHE U 181 -19.54 -52.09 54.76
C PHE U 181 -18.26 -52.57 54.06
N SER U 182 -17.33 -53.19 54.79
CA SER U 182 -16.11 -53.85 54.23
C SER U 182 -16.53 -54.98 53.27
N SER U 183 -17.56 -55.75 53.65
CA SER U 183 -18.02 -56.96 52.92
C SER U 183 -18.93 -56.60 51.73
N LEU U 184 -20.06 -55.91 51.95
CA LEU U 184 -21.21 -55.91 50.99
C LEU U 184 -20.75 -55.47 49.59
N THR U 185 -21.39 -56.04 48.57
CA THR U 185 -21.23 -55.69 47.13
C THR U 185 -22.32 -54.68 46.76
N CYS U 186 -22.30 -54.20 45.51
CA CYS U 186 -23.26 -53.22 44.95
C CYS U 186 -24.61 -53.91 44.64
N ASP U 187 -24.63 -55.24 44.57
CA ASP U 187 -25.80 -56.04 44.13
C ASP U 187 -26.65 -56.39 45.36
N GLU U 188 -25.99 -56.78 46.46
CA GLU U 188 -26.59 -56.94 47.81
C GLU U 188 -27.22 -55.61 48.23
N ALA U 189 -26.40 -54.55 48.24
CA ALA U 189 -26.71 -53.21 48.78
C ALA U 189 -28.05 -52.70 48.24
N VAL U 190 -28.28 -52.80 46.92
CA VAL U 190 -29.54 -52.34 46.27
C VAL U 190 -30.73 -52.96 46.99
N GLY U 191 -30.69 -54.27 47.19
CA GLY U 191 -31.72 -55.05 47.90
C GLY U 191 -31.95 -54.58 49.33
N LYS U 192 -30.86 -54.25 50.06
CA LYS U 192 -30.88 -53.98 51.53
C LYS U 192 -31.37 -52.55 51.78
N LEU U 193 -30.87 -51.58 51.00
CA LEU U 193 -31.26 -50.14 51.09
C LEU U 193 -32.74 -50.01 50.71
N ALA U 194 -33.15 -50.65 49.60
CA ALA U 194 -34.55 -50.68 49.17
C ALA U 194 -35.40 -51.41 50.21
N SER U 195 -34.88 -52.49 50.81
CA SER U 195 -35.51 -53.24 51.95
C SER U 195 -35.73 -52.29 53.13
N ILE U 196 -34.73 -51.45 53.43
CA ILE U 196 -34.75 -50.47 54.56
C ILE U 196 -35.87 -49.45 54.30
N LEU U 197 -35.87 -48.81 53.12
CA LEU U 197 -36.85 -47.74 52.78
C LEU U 197 -38.27 -48.29 52.80
N HIS U 198 -38.49 -49.59 52.49
CA HIS U 198 -39.81 -50.26 52.58
C HIS U 198 -40.22 -50.40 54.05
N GLU U 199 -39.27 -50.75 54.93
CA GLU U 199 -39.49 -51.09 56.35
C GLU U 199 -39.85 -49.84 57.18
N VAL U 200 -39.16 -48.72 56.96
CA VAL U 200 -39.25 -47.48 57.81
C VAL U 200 -40.45 -46.62 57.40
N HIS U 201 -40.82 -46.66 56.12
CA HIS U 201 -41.86 -45.80 55.49
C HIS U 201 -43.22 -46.01 56.17
N ASP U 202 -43.87 -44.93 56.64
CA ASP U 202 -45.23 -44.94 57.26
C ASP U 202 -46.27 -45.30 56.18
N LYS U 203 -47.05 -46.36 56.41
CA LYS U 203 -47.98 -46.96 55.42
C LYS U 203 -49.31 -46.18 55.43
N GLN U 204 -49.62 -45.53 56.57
CA GLN U 204 -50.91 -44.84 56.85
C GLN U 204 -50.84 -43.38 56.38
N LYS U 205 -49.66 -42.75 56.42
CA LYS U 205 -49.45 -41.32 56.10
C LYS U 205 -49.25 -41.13 54.59
N ASP U 206 -48.37 -41.93 53.97
CA ASP U 206 -47.89 -41.78 52.57
C ASP U 206 -48.20 -43.06 51.77
N LYS U 207 -49.48 -43.28 51.42
CA LYS U 207 -49.99 -44.52 50.76
C LYS U 207 -49.28 -44.73 49.41
N LEU U 208 -49.16 -43.66 48.61
CA LEU U 208 -48.61 -43.69 47.23
C LEU U 208 -47.12 -43.30 47.30
N TYR U 209 -46.23 -44.23 46.98
CA TYR U 209 -44.76 -44.02 46.99
C TYR U 209 -44.06 -45.06 46.11
N GLU U 210 -42.88 -44.72 45.59
CA GLU U 210 -41.94 -45.69 44.97
C GLU U 210 -40.51 -45.41 45.45
N VAL U 211 -39.65 -46.41 45.30
CA VAL U 211 -38.25 -46.42 45.80
C VAL U 211 -37.32 -46.36 44.60
N GLU U 212 -37.05 -45.13 44.14
CA GLU U 212 -36.02 -44.85 43.09
C GLU U 212 -34.66 -45.18 43.71
N VAL U 213 -33.92 -46.10 43.08
CA VAL U 213 -32.53 -46.48 43.45
C VAL U 213 -31.62 -46.20 42.26
N ALA U 214 -30.36 -45.87 42.54
CA ALA U 214 -29.31 -45.56 41.55
C ALA U 214 -27.96 -45.91 42.14
N TRP U 215 -27.01 -46.32 41.30
CA TRP U 215 -25.68 -46.74 41.77
C TRP U 215 -24.62 -46.25 40.80
N VAL U 216 -23.37 -46.49 41.17
CA VAL U 216 -22.21 -46.37 40.25
C VAL U 216 -21.14 -47.31 40.80
N CYS U 217 -20.72 -48.25 39.98
CA CYS U 217 -19.90 -49.42 40.41
C CYS U 217 -19.28 -50.12 39.22
N ASP U 218 -18.38 -51.05 39.50
CA ASP U 218 -17.62 -51.83 38.48
C ASP U 218 -18.61 -52.60 37.61
N LYS U 219 -19.80 -52.91 38.15
CA LYS U 219 -20.96 -53.49 37.41
C LYS U 219 -21.36 -52.55 36.25
N SER U 220 -21.69 -51.29 36.56
CA SER U 220 -22.30 -50.32 35.62
C SER U 220 -21.25 -49.57 34.79
N ASP U 221 -19.97 -49.96 34.89
CA ASP U 221 -18.80 -49.40 34.15
C ASP U 221 -18.40 -48.08 34.79
N ARG U 222 -18.49 -47.98 36.11
CA ARG U 222 -18.23 -46.73 36.86
C ARG U 222 -18.98 -45.60 36.15
N LYS U 223 -20.26 -45.87 35.83
CA LYS U 223 -21.21 -44.95 35.18
C LYS U 223 -22.43 -44.84 36.10
N PHE U 224 -22.82 -43.62 36.49
CA PHE U 224 -23.90 -43.40 37.48
C PHE U 224 -25.25 -43.48 36.77
N VAL U 225 -26.09 -44.44 37.13
CA VAL U 225 -27.38 -44.72 36.44
C VAL U 225 -28.42 -45.20 37.44
N HIS U 226 -29.70 -45.00 37.13
CA HIS U 226 -30.82 -45.67 37.83
C HIS U 226 -30.64 -47.16 37.62
N VAL U 227 -30.73 -47.95 38.68
CA VAL U 227 -30.74 -49.43 38.58
C VAL U 227 -32.03 -49.85 37.89
N PRO U 228 -32.00 -50.89 37.03
CA PRO U 228 -33.23 -51.49 36.48
C PRO U 228 -34.28 -51.84 37.56
N ALA U 229 -35.56 -51.93 37.16
CA ALA U 229 -36.74 -52.12 38.05
C ALA U 229 -36.90 -53.60 38.50
N ASP U 230 -35.99 -54.50 38.10
CA ASP U 230 -35.98 -55.94 38.52
C ASP U 230 -35.14 -56.11 39.81
N MET U 231 -34.04 -55.37 39.95
CA MET U 231 -33.10 -55.43 41.11
C MET U 231 -33.73 -54.78 42.36
N VAL U 232 -34.73 -53.89 42.20
CA VAL U 232 -35.19 -52.92 43.25
C VAL U 232 -35.76 -53.67 44.47
N PRO U 233 -36.72 -54.63 44.35
CA PRO U 233 -37.17 -55.40 45.51
C PRO U 233 -36.16 -56.50 45.87
N THR V 55 15.39 -21.75 18.04
CA THR V 55 14.92 -22.62 19.18
C THR V 55 14.82 -24.08 18.71
N THR V 56 15.35 -25.00 19.49
CA THR V 56 15.17 -26.46 19.33
C THR V 56 14.67 -27.00 20.65
N ILE V 57 13.56 -27.72 20.67
CA ILE V 57 13.05 -28.40 21.89
C ILE V 57 12.55 -29.76 21.47
N LEU V 58 12.61 -30.72 22.37
CA LEU V 58 11.97 -32.03 22.11
C LEU V 58 11.78 -32.81 23.40
N ALA V 59 10.55 -33.24 23.63
CA ALA V 59 10.25 -34.33 24.58
C ALA V 59 10.33 -35.66 23.81
N VAL V 60 10.74 -36.72 24.48
CA VAL V 60 10.50 -38.13 24.07
C VAL V 60 10.07 -38.88 25.32
N SER V 61 9.17 -39.84 25.17
CA SER V 61 8.79 -40.79 26.25
C SER V 61 9.63 -42.04 26.11
N TYR V 62 10.21 -42.49 27.24
CA TYR V 62 10.70 -43.85 27.52
C TYR V 62 9.64 -44.55 28.35
N ASN V 63 9.91 -45.77 28.82
CA ASN V 63 8.88 -46.64 29.45
C ASN V 63 8.28 -45.93 30.69
N GLY V 64 9.10 -45.64 31.70
CA GLY V 64 8.66 -45.05 32.98
C GLY V 64 8.10 -43.63 32.87
N GLY V 65 8.72 -42.78 32.03
CA GLY V 65 8.54 -41.31 32.06
C GLY V 65 8.92 -40.65 30.75
N VAL V 66 9.49 -39.43 30.81
CA VAL V 66 9.84 -38.61 29.62
C VAL V 66 11.21 -37.98 29.82
N VAL V 67 11.78 -37.52 28.71
CA VAL V 67 12.93 -36.59 28.64
C VAL V 67 12.53 -35.39 27.82
N LEU V 68 12.56 -34.19 28.39
CA LEU V 68 12.59 -32.94 27.60
C LEU V 68 14.04 -32.60 27.35
N ALA V 69 14.33 -31.89 26.28
CA ALA V 69 15.67 -31.43 25.92
C ALA V 69 15.54 -30.13 25.16
N ALA V 70 16.52 -29.25 25.28
CA ALA V 70 16.48 -27.93 24.63
C ALA V 70 17.90 -27.40 24.40
N ASP V 71 18.07 -26.69 23.30
CA ASP V 71 19.08 -25.62 23.16
C ASP V 71 18.85 -24.59 24.27
N SER V 72 19.69 -23.56 24.31
CA SER V 72 19.73 -22.55 25.39
C SER V 72 19.94 -21.15 24.80
N ARG V 73 19.56 -20.92 23.55
CA ARG V 73 19.89 -19.66 22.84
C ARG V 73 18.57 -18.97 22.53
N THR V 74 18.42 -17.71 22.95
CA THR V 74 17.32 -16.83 22.47
C THR V 74 17.97 -15.70 21.67
N SER V 75 17.78 -15.73 20.36
CA SER V 75 18.28 -14.72 19.41
C SER V 75 17.17 -13.70 19.13
N SER V 76 17.54 -12.41 19.05
CA SER V 76 16.78 -11.37 18.32
C SER V 76 17.22 -11.42 16.84
N GLY V 77 16.84 -12.51 16.16
CA GLY V 77 17.22 -12.82 14.77
C GLY V 77 18.64 -13.36 14.69
N THR V 78 19.61 -12.46 14.61
CA THR V 78 21.02 -12.72 14.22
C THR V 78 22.00 -12.41 15.35
N TYR V 79 21.59 -11.68 16.37
CA TYR V 79 22.36 -11.44 17.63
C TYR V 79 21.75 -12.31 18.72
N VAL V 80 22.60 -12.94 19.52
CA VAL V 80 22.22 -13.92 20.59
C VAL V 80 22.06 -13.14 21.88
N VAL V 81 20.83 -12.85 22.27
CA VAL V 81 20.52 -11.97 23.44
C VAL V 81 20.98 -12.67 24.70
N ASN V 82 20.52 -13.91 24.88
CA ASN V 82 20.88 -14.77 26.02
C ASN V 82 21.46 -16.06 25.43
N ARG V 83 22.51 -16.55 26.07
CA ARG V 83 23.37 -17.68 25.66
C ARG V 83 22.99 -18.95 26.43
N ALA V 84 22.27 -18.78 27.55
CA ALA V 84 21.99 -19.80 28.59
C ALA V 84 20.58 -19.62 29.16
N SER V 85 19.57 -19.61 28.31
CA SER V 85 18.14 -19.60 28.72
C SER V 85 17.70 -21.02 29.10
N ASN V 86 16.97 -21.14 30.18
CA ASN V 86 16.24 -22.38 30.51
C ASN V 86 14.92 -22.32 29.75
N LYS V 87 14.79 -23.12 28.70
CA LYS V 87 13.52 -23.22 27.92
C LYS V 87 12.61 -24.28 28.54
N LEU V 88 13.15 -25.15 29.39
CA LEU V 88 12.36 -26.15 30.16
C LEU V 88 11.88 -25.47 31.43
N THR V 89 10.57 -25.35 31.56
CA THR V 89 9.91 -24.49 32.55
C THR V 89 8.96 -25.36 33.37
N LYS V 90 9.30 -25.60 34.63
CA LYS V 90 8.52 -26.38 35.62
C LYS V 90 7.11 -25.81 35.74
N LEU V 91 6.07 -26.62 35.50
CA LEU V 91 4.66 -26.27 35.80
C LEU V 91 4.33 -26.84 37.18
N THR V 92 4.55 -28.14 37.36
CA THR V 92 4.52 -28.83 38.67
C THR V 92 5.84 -29.57 38.87
N LYS V 93 5.99 -30.22 40.02
CA LYS V 93 7.16 -31.05 40.42
C LYS V 93 7.64 -31.89 39.23
N LYS V 94 6.70 -32.56 38.55
CA LYS V 94 7.01 -33.61 37.54
C LYS V 94 6.52 -33.26 36.13
N ILE V 95 5.94 -32.08 35.91
CA ILE V 95 5.34 -31.69 34.61
C ILE V 95 6.04 -30.43 34.12
N TYR V 96 7.04 -30.58 33.27
CA TYR V 96 7.75 -29.45 32.63
C TYR V 96 7.11 -29.21 31.28
N CYS V 97 7.15 -27.96 30.85
CA CYS V 97 6.83 -27.53 29.48
C CYS V 97 8.12 -27.03 28.82
N CYS V 98 8.33 -27.33 27.54
CA CYS V 98 9.35 -26.64 26.70
C CYS V 98 8.68 -25.45 26.03
N ARG V 99 9.47 -24.46 25.66
CA ARG V 99 8.96 -23.17 25.15
C ARG V 99 9.72 -22.80 23.88
N SER V 100 9.04 -22.82 22.75
CA SER V 100 9.52 -22.23 21.47
C SER V 100 8.74 -20.94 21.21
N GLY V 101 9.30 -20.05 20.40
CA GLY V 101 8.65 -18.80 20.00
C GLY V 101 8.79 -17.74 21.08
N SER V 102 8.19 -16.57 20.86
CA SER V 102 8.37 -15.35 21.69
C SER V 102 8.56 -15.74 23.16
N ALA V 103 9.75 -15.46 23.71
CA ALA V 103 10.11 -15.79 25.12
C ALA V 103 9.06 -15.18 26.04
N ALA V 104 8.69 -13.92 25.81
CA ALA V 104 7.67 -13.16 26.60
C ALA V 104 6.42 -14.02 26.78
N ASP V 105 5.90 -14.54 25.68
CA ASP V 105 4.53 -15.11 25.58
C ASP V 105 4.51 -16.49 26.22
N THR V 106 5.53 -17.29 26.01
CA THR V 106 5.60 -18.65 26.59
C THR V 106 5.85 -18.54 28.10
N GLN V 107 6.66 -17.58 28.56
CA GLN V 107 6.96 -17.38 30.01
C GLN V 107 5.69 -16.96 30.75
N ALA V 108 4.95 -16.00 30.17
CA ALA V 108 3.66 -15.48 30.69
C ALA V 108 2.63 -16.60 30.77
N LEU V 109 2.56 -17.47 29.77
CA LEU V 109 1.66 -18.65 29.74
C LEU V 109 2.17 -19.73 30.70
N ALA V 110 3.48 -19.95 30.79
CA ALA V 110 4.03 -21.00 31.66
C ALA V 110 3.73 -20.63 33.11
N GLU V 111 3.83 -19.36 33.48
CA GLU V 111 3.56 -18.87 34.86
C GLU V 111 2.06 -18.89 35.14
N ARG V 112 1.25 -18.47 34.18
CA ARG V 112 -0.23 -18.42 34.29
C ARG V 112 -0.75 -19.83 34.51
N VAL V 113 -0.16 -20.83 33.85
CA VAL V 113 -0.59 -22.25 33.98
C VAL V 113 0.02 -22.81 35.24
N SER V 114 1.31 -22.61 35.47
CA SER V 114 2.03 -23.08 36.68
C SER V 114 1.25 -22.63 37.93
N ASN V 115 0.59 -21.48 37.84
CA ASN V 115 -0.24 -20.92 38.94
C ASN V 115 -1.56 -21.69 39.07
N TYR V 116 -2.29 -21.97 37.99
CA TYR V 116 -3.57 -22.73 38.05
C TYR V 116 -3.28 -24.17 38.50
N LEU V 117 -2.18 -24.77 38.04
CA LEU V 117 -1.83 -26.15 38.45
C LEU V 117 -1.52 -26.18 39.94
N GLY V 118 -0.85 -25.16 40.46
CA GLY V 118 -0.60 -24.99 41.92
C GLY V 118 -1.88 -24.93 42.74
N SER V 119 -2.83 -24.06 42.34
CA SER V 119 -4.16 -23.92 42.97
C SER V 119 -4.91 -25.25 42.90
N TYR V 120 -4.97 -25.83 41.69
CA TYR V 120 -5.59 -27.16 41.42
C TYR V 120 -4.98 -28.19 42.37
N GLN V 121 -3.67 -28.41 42.27
CA GLN V 121 -2.91 -29.43 43.05
C GLN V 121 -3.23 -29.32 44.55
N THR V 122 -3.41 -28.10 45.05
CA THR V 122 -3.74 -27.82 46.47
C THR V 122 -5.14 -28.35 46.77
N ASP V 123 -6.14 -27.93 45.98
CA ASP V 123 -7.58 -28.07 46.33
C ASP V 123 -8.04 -29.52 46.12
N ILE V 124 -7.52 -30.22 45.12
CA ILE V 124 -7.88 -31.64 44.86
C ILE V 124 -7.12 -32.53 45.84
N GLY V 125 -6.05 -32.02 46.46
CA GLY V 125 -5.28 -32.72 47.49
C GLY V 125 -4.67 -33.99 46.95
N ALA V 126 -4.12 -33.88 45.73
CA ALA V 126 -3.52 -34.99 44.97
C ALA V 126 -2.60 -34.40 43.87
N GLY V 127 -1.89 -35.27 43.16
CA GLY V 127 -1.04 -34.88 42.01
C GLY V 127 -1.88 -34.41 40.84
N VAL V 128 -1.26 -33.70 39.91
CA VAL V 128 -1.89 -33.22 38.65
C VAL V 128 -1.56 -34.25 37.56
N ASN V 129 -2.56 -34.62 36.74
CA ASN V 129 -2.37 -35.44 35.51
C ASN V 129 -1.73 -34.52 34.48
N VAL V 130 -0.82 -35.04 33.65
CA VAL V 130 -0.09 -34.22 32.62
C VAL V 130 -1.12 -33.65 31.65
N ALA V 131 -2.06 -34.49 31.22
CA ALA V 131 -3.27 -34.11 30.46
C ALA V 131 -3.78 -32.75 30.94
N THR V 132 -4.01 -32.60 32.24
CA THR V 132 -4.57 -31.39 32.88
C THR V 132 -3.68 -30.20 32.52
N ALA V 133 -2.36 -30.37 32.64
CA ALA V 133 -1.36 -29.32 32.29
C ALA V 133 -1.48 -28.98 30.80
N ALA V 134 -1.64 -29.97 29.93
CA ALA V 134 -1.64 -29.76 28.46
C ALA V 134 -2.96 -29.13 28.03
N ASN V 135 -4.07 -29.53 28.65
CA ASN V 135 -5.42 -29.01 28.29
C ASN V 135 -5.55 -27.57 28.80
N LEU V 136 -4.94 -27.25 29.94
CA LEU V 136 -4.87 -25.85 30.41
C LEU V 136 -4.04 -25.01 29.45
N PHE V 137 -2.90 -25.54 29.03
CA PHE V 137 -1.93 -24.87 28.13
C PHE V 137 -2.54 -24.72 26.75
N GLN V 138 -3.32 -25.71 26.29
CA GLN V 138 -4.05 -25.64 25.00
C GLN V 138 -5.05 -24.48 25.04
N LYS V 139 -5.88 -24.41 26.07
CA LYS V 139 -6.93 -23.37 26.20
C LYS V 139 -6.29 -21.98 26.11
N MET V 140 -5.16 -21.76 26.78
CA MET V 140 -4.50 -20.43 26.85
C MET V 140 -3.78 -20.11 25.53
N CYS V 141 -3.12 -21.09 24.92
CA CYS V 141 -2.51 -20.96 23.57
C CYS V 141 -3.58 -20.74 22.51
N TYR V 142 -4.79 -21.27 22.70
CA TYR V 142 -5.88 -21.20 21.72
C TYR V 142 -6.63 -19.87 21.84
N MET V 143 -7.02 -19.46 23.05
CA MET V 143 -7.74 -18.19 23.29
C MET V 143 -7.01 -17.04 22.58
N ASN V 144 -5.68 -16.96 22.75
CA ASN V 144 -4.87 -15.82 22.24
C ASN V 144 -4.15 -16.18 20.94
N ARG V 145 -4.53 -17.23 20.21
CA ARG V 145 -3.67 -17.79 19.13
C ARG V 145 -3.23 -16.71 18.13
N TRP V 146 -4.00 -15.62 18.00
CA TRP V 146 -3.71 -14.49 17.07
C TRP V 146 -2.68 -13.53 17.67
N ASN V 147 -2.81 -13.16 18.94
CA ASN V 147 -1.93 -12.19 19.66
C ASN V 147 -0.53 -12.79 19.78
N ILE V 148 -0.41 -14.00 20.30
CA ILE V 148 0.89 -14.60 20.71
C ILE V 148 1.54 -15.33 19.53
N SER V 149 2.79 -15.75 19.75
CA SER V 149 3.62 -16.62 18.88
C SER V 149 4.31 -17.69 19.75
N ALA V 150 3.53 -18.71 20.17
CA ALA V 150 3.92 -19.69 21.20
C ALA V 150 3.76 -21.12 20.68
N GLY V 151 4.85 -21.89 20.71
CA GLY V 151 4.92 -23.31 20.32
C GLY V 151 5.43 -24.16 21.48
N ILE V 152 4.52 -24.77 22.22
CA ILE V 152 4.76 -25.38 23.55
C ILE V 152 4.86 -26.90 23.41
N ILE V 153 5.61 -27.53 24.29
CA ILE V 153 5.57 -29.01 24.50
C ILE V 153 5.42 -29.23 25.99
N VAL V 154 4.24 -29.63 26.46
CA VAL V 154 4.04 -30.09 27.85
C VAL V 154 4.35 -31.57 27.89
N ALA V 155 5.36 -31.95 28.64
CA ALA V 155 5.67 -33.36 28.95
C ALA V 155 5.58 -33.50 30.45
N GLY V 156 5.58 -34.73 30.94
CA GLY V 156 5.51 -34.94 32.39
C GLY V 156 5.29 -36.40 32.76
N TYR V 157 5.24 -36.63 34.05
CA TYR V 157 4.84 -37.92 34.64
C TYR V 157 3.73 -37.62 35.65
N ASP V 158 2.65 -38.39 35.55
CA ASP V 158 1.67 -38.57 36.63
C ASP V 158 1.68 -40.07 36.93
N PRO V 159 1.29 -40.52 38.13
CA PRO V 159 1.24 -41.97 38.40
C PRO V 159 0.21 -42.77 37.59
N ILE V 160 -0.85 -42.13 37.05
CA ILE V 160 -2.01 -42.81 36.39
C ILE V 160 -1.58 -43.31 35.00
N ASN V 161 -1.11 -42.41 34.15
CA ASN V 161 -0.75 -42.67 32.72
C ASN V 161 0.75 -42.89 32.55
N GLY V 162 1.58 -42.44 33.48
CA GLY V 162 3.04 -42.41 33.32
C GLY V 162 3.48 -41.28 32.41
N GLY V 163 4.42 -41.56 31.51
CA GLY V 163 5.17 -40.56 30.76
C GLY V 163 4.40 -40.06 29.55
N SER V 164 3.81 -38.87 29.66
CA SER V 164 2.94 -38.24 28.63
C SER V 164 3.66 -37.01 28.02
N VAL V 165 3.45 -36.79 26.73
CA VAL V 165 4.08 -35.70 25.93
C VAL V 165 3.01 -35.09 25.04
N TYR V 166 2.81 -33.80 25.10
CA TYR V 166 1.77 -33.13 24.28
C TYR V 166 2.46 -32.04 23.49
N SER V 167 2.42 -32.09 22.17
CA SER V 167 2.79 -30.93 21.32
C SER V 167 1.58 -29.99 21.34
N ILE V 168 1.78 -28.74 21.73
CA ILE V 168 0.80 -27.65 21.49
C ILE V 168 1.49 -26.66 20.57
N PRO V 169 1.40 -26.85 19.24
CA PRO V 169 1.95 -25.88 18.29
C PRO V 169 1.06 -24.63 18.19
N SER V 170 1.54 -23.66 17.41
CA SER V 170 0.99 -22.29 17.24
C SER V 170 -0.54 -22.28 17.42
N GLY V 171 -1.24 -22.97 16.52
CA GLY V 171 -2.70 -22.90 16.36
C GLY V 171 -3.46 -23.17 17.65
N GLY V 172 -2.87 -23.92 18.57
CA GLY V 172 -3.55 -24.40 19.79
C GLY V 172 -4.23 -25.75 19.56
N SER V 173 -3.70 -26.53 18.61
CA SER V 173 -3.87 -28.01 18.57
C SER V 173 -3.26 -28.56 19.86
N CYS V 174 -3.44 -29.85 20.14
CA CYS V 174 -2.89 -30.50 21.35
C CYS V 174 -2.87 -32.00 21.12
N VAL V 175 -1.69 -32.53 20.85
CA VAL V 175 -1.54 -33.83 20.18
C VAL V 175 -0.67 -34.71 21.06
N LYS V 176 -1.29 -35.64 21.79
CA LYS V 176 -0.57 -36.60 22.66
C LYS V 176 0.28 -37.51 21.76
N LEU V 177 1.57 -37.61 22.03
CA LEU V 177 2.54 -38.28 21.13
C LEU V 177 3.56 -39.09 21.93
N ASP V 178 4.30 -39.91 21.21
CA ASP V 178 5.48 -40.64 21.73
C ASP V 178 6.64 -39.64 21.90
N TYR V 179 6.70 -38.61 21.07
CA TYR V 179 7.81 -37.62 21.06
C TYR V 179 7.41 -36.39 20.26
N ALA V 180 7.75 -35.21 20.74
CA ALA V 180 7.34 -33.94 20.09
C ALA V 180 8.59 -33.14 19.78
N LEU V 181 8.63 -32.45 18.63
CA LEU V 181 9.70 -31.50 18.22
C LEU V 181 9.11 -30.11 18.07
N GLY V 182 9.79 -29.09 18.60
CA GLY V 182 9.30 -27.70 18.55
C GLY V 182 10.40 -26.76 18.12
N GLY V 183 10.00 -25.55 17.71
CA GLY V 183 10.89 -24.40 17.41
C GLY V 183 11.59 -24.56 16.08
N SER V 184 12.25 -23.48 15.63
CA SER V 184 12.99 -23.39 14.34
C SER V 184 13.75 -24.70 14.06
N GLY V 185 14.57 -25.13 15.01
CA GLY V 185 15.49 -26.26 14.85
C GLY V 185 14.80 -27.61 14.87
N SER V 186 13.49 -27.67 15.08
CA SER V 186 12.69 -28.91 14.92
C SER V 186 12.92 -29.50 13.54
N ILE V 187 12.69 -28.68 12.52
CA ILE V 187 12.56 -29.07 11.09
C ILE V 187 13.70 -30.03 10.70
N PHE V 188 14.89 -29.84 11.29
CA PHE V 188 16.11 -30.65 11.03
C PHE V 188 15.95 -32.06 11.59
N LEU V 189 15.46 -32.15 12.81
CA LEU V 189 15.31 -33.43 13.57
C LEU V 189 14.34 -34.39 12.89
N TYR V 190 13.22 -33.93 12.32
CA TYR V 190 12.12 -34.81 11.86
C TYR V 190 12.71 -36.01 11.14
N SER V 191 13.61 -35.77 10.16
CA SER V 191 14.30 -36.81 9.36
C SER V 191 15.22 -37.64 10.27
N PHE V 192 16.01 -36.97 11.10
CA PHE V 192 16.92 -37.59 12.11
C PHE V 192 16.16 -38.57 13.03
N PHE V 193 14.90 -38.28 13.37
CA PHE V 193 14.07 -39.14 14.26
C PHE V 193 13.61 -40.35 13.46
N ASP V 194 12.96 -40.08 12.33
CA ASP V 194 12.46 -41.08 11.35
C ASP V 194 13.53 -42.15 11.07
N ALA V 195 14.81 -41.76 11.06
CA ALA V 195 15.97 -42.65 10.83
C ALA V 195 16.41 -43.34 12.12
N ASN V 196 16.86 -42.58 13.12
CA ASN V 196 17.69 -43.09 14.24
C ASN V 196 16.86 -43.38 15.50
N TYR V 197 15.71 -42.72 15.70
CA TYR V 197 14.82 -42.98 16.86
C TYR V 197 14.22 -44.38 16.73
N LYS V 198 14.09 -45.04 17.87
CA LYS V 198 13.72 -46.47 17.99
C LYS V 198 13.04 -46.64 19.34
N PRO V 199 11.70 -46.51 19.43
CA PRO V 199 11.02 -46.38 20.72
C PRO V 199 11.18 -47.64 21.59
N GLY V 200 10.93 -47.50 22.89
CA GLY V 200 11.27 -48.47 23.93
C GLY V 200 12.75 -48.37 24.28
N MET V 201 13.23 -47.14 24.44
CA MET V 201 14.60 -46.83 24.94
C MET V 201 14.55 -46.84 26.48
N SER V 202 15.68 -47.17 27.11
CA SER V 202 15.98 -46.97 28.55
C SER V 202 16.10 -45.47 28.85
N LYS V 203 15.83 -45.06 30.09
CA LYS V 203 15.95 -43.65 30.53
C LYS V 203 17.31 -43.08 30.07
N SER V 204 18.40 -43.84 30.26
CA SER V 204 19.82 -43.42 29.97
C SER V 204 20.01 -43.08 28.49
N GLU V 205 19.52 -43.96 27.60
CA GLU V 205 19.68 -43.84 26.13
C GLU V 205 18.87 -42.64 25.62
N CYS V 206 17.59 -42.53 26.06
CA CYS V 206 16.64 -41.44 25.69
C CYS V 206 17.24 -40.06 25.96
N VAL V 207 18.03 -39.94 27.02
CA VAL V 207 18.73 -38.69 27.41
C VAL V 207 19.90 -38.49 26.43
N ALA V 208 20.77 -39.50 26.32
CA ALA V 208 21.96 -39.53 25.44
C ALA V 208 21.54 -39.31 23.99
N PHE V 209 20.36 -39.81 23.62
CA PHE V 209 19.73 -39.61 22.30
C PHE V 209 19.30 -38.15 22.17
N CYS V 210 18.36 -37.67 23.00
CA CYS V 210 17.82 -36.29 22.94
C CYS V 210 18.95 -35.27 22.85
N GLN V 211 19.99 -35.40 23.68
CA GLN V 211 21.20 -34.55 23.56
C GLN V 211 21.72 -34.60 22.12
N ARG V 212 22.04 -35.80 21.64
CA ARG V 212 22.55 -36.04 20.27
C ARG V 212 21.65 -35.33 19.26
N ALA V 213 20.34 -35.49 19.39
CA ALA V 213 19.32 -34.81 18.56
C ALA V 213 19.47 -33.31 18.69
N VAL V 214 19.26 -32.76 19.88
CA VAL V 214 19.27 -31.29 20.06
C VAL V 214 20.55 -30.75 19.44
N ALA V 215 21.66 -31.47 19.58
CA ALA V 215 22.97 -31.09 18.97
C ALA V 215 22.83 -31.02 17.44
N HIS V 216 22.47 -32.12 16.76
CA HIS V 216 22.37 -32.19 15.28
C HIS V 216 21.56 -31.01 14.74
N ALA V 217 20.54 -30.58 15.48
CA ALA V 217 19.62 -29.47 15.16
C ALA V 217 20.34 -28.14 15.29
N TYR V 218 20.94 -27.89 16.46
CA TYR V 218 21.53 -26.59 16.82
C TYR V 218 22.82 -26.36 16.01
N SER V 219 23.38 -27.43 15.43
CA SER V 219 24.62 -27.41 14.61
C SER V 219 24.30 -26.90 13.21
N ARG V 220 23.05 -27.08 12.77
CA ARG V 220 22.55 -26.66 11.43
C ARG V 220 21.73 -25.37 11.54
N ASP V 221 20.83 -25.29 12.51
CA ASP V 221 20.02 -24.06 12.75
C ASP V 221 20.94 -22.97 13.31
N GLY V 222 20.73 -21.73 12.85
CA GLY V 222 21.34 -20.52 13.44
C GLY V 222 20.63 -20.14 14.72
N SER V 223 19.31 -20.00 14.65
CA SER V 223 18.43 -19.60 15.79
C SER V 223 18.80 -20.40 17.04
N SER V 224 19.00 -21.72 16.90
CA SER V 224 19.30 -22.68 17.99
C SER V 224 20.81 -22.70 18.25
N GLY V 225 21.21 -23.06 19.48
CA GLY V 225 22.63 -23.21 19.87
C GLY V 225 22.87 -23.08 21.36
N GLY V 226 24.12 -23.28 21.78
CA GLY V 226 24.57 -23.14 23.18
C GLY V 226 24.54 -24.46 23.93
N LEU V 227 23.93 -24.46 25.11
CA LEU V 227 23.89 -25.61 26.05
C LEU V 227 22.74 -26.52 25.62
N ILE V 228 22.83 -27.79 25.95
CA ILE V 228 21.71 -28.73 25.75
C ILE V 228 21.18 -29.12 27.12
N ARG V 229 20.22 -28.35 27.62
CA ARG V 229 19.51 -28.71 28.87
C ARG V 229 18.60 -29.90 28.56
N THR V 230 18.66 -30.96 29.35
CA THR V 230 17.61 -32.01 29.39
C THR V 230 16.93 -31.97 30.76
N ILE V 231 15.93 -32.81 30.94
CA ILE V 231 15.34 -33.14 32.27
C ILE V 231 14.52 -34.42 32.09
N THR V 232 14.68 -35.38 33.00
CA THR V 232 13.95 -36.67 33.00
C THR V 232 12.91 -36.61 34.12
N LEU V 233 11.65 -36.87 33.77
CA LEU V 233 10.51 -36.82 34.69
C LEU V 233 9.91 -38.21 34.75
N ASP V 234 10.08 -38.92 35.87
CA ASP V 234 9.54 -40.29 36.09
C ASP V 234 9.15 -40.42 37.57
N ALA V 235 8.95 -41.65 38.04
CA ALA V 235 8.64 -41.97 39.46
C ALA V 235 9.68 -41.37 40.41
N ASP V 236 10.96 -41.34 40.02
CA ASP V 236 12.10 -40.88 40.87
C ASP V 236 12.16 -39.34 40.81
N GLU V 237 13.15 -38.72 41.47
CA GLU V 237 13.27 -37.24 41.61
C GLU V 237 13.85 -36.65 40.32
N PRO V 238 13.29 -35.55 39.75
CA PRO V 238 13.73 -34.98 38.47
C PRO V 238 15.25 -34.77 38.31
N GLU V 239 15.85 -35.43 37.32
CA GLU V 239 17.29 -35.30 36.96
C GLU V 239 17.42 -34.33 35.78
N ASP V 240 17.75 -33.08 36.06
CA ASP V 240 18.20 -32.09 35.04
C ASP V 240 19.70 -32.30 34.81
N GLN V 241 20.16 -32.20 33.57
CA GLN V 241 21.61 -32.04 33.29
C GLN V 241 21.76 -31.10 32.10
N THR V 242 22.87 -30.37 32.10
CA THR V 242 23.16 -29.23 31.20
C THR V 242 24.49 -29.50 30.51
N ILE V 243 24.43 -30.12 29.32
CA ILE V 243 25.60 -30.42 28.45
C ILE V 243 26.09 -29.10 27.86
N PRO V 244 27.29 -28.62 28.23
CA PRO V 244 27.84 -27.39 27.67
C PRO V 244 28.31 -27.66 26.24
N TRP V 245 28.25 -26.66 25.37
CA TRP V 245 28.62 -26.82 23.94
C TRP V 245 29.99 -27.51 23.81
N ASN V 246 31.01 -27.07 24.55
CA ASN V 246 32.42 -27.53 24.38
C ASN V 246 32.48 -29.07 24.48
N ARG V 247 31.49 -29.71 25.11
CA ARG V 247 31.41 -31.19 25.30
C ARG V 247 30.10 -31.74 24.70
N SER V 248 29.58 -31.16 23.61
CA SER V 248 28.30 -31.62 23.00
C SER V 248 28.55 -32.91 22.24
N PRO V 249 27.51 -33.76 22.06
CA PRO V 249 27.70 -35.10 21.47
C PRO V 249 28.08 -35.02 19.98
N TYR V 250 27.50 -34.05 19.27
CA TYR V 250 27.78 -33.76 17.85
C TYR V 250 27.97 -32.26 17.66
N CYS V 251 28.94 -31.88 16.83
CA CYS V 251 29.03 -30.54 16.19
C CYS V 251 29.81 -30.66 14.88
N MET V 252 29.41 -29.88 13.86
CA MET V 252 30.00 -29.88 12.50
C MET V 252 31.50 -29.57 12.56
N GLU V 253 31.90 -28.71 13.50
CA GLU V 253 33.29 -28.21 13.67
C GLU V 253 34.23 -29.39 13.91
N LYS V 254 33.84 -30.32 14.79
CA LYS V 254 34.71 -31.42 15.27
C LYS V 254 34.49 -32.70 14.45
N ASP V 255 33.47 -32.75 13.59
CA ASP V 255 33.11 -33.92 12.74
C ASP V 255 34.15 -34.08 11.62
N PRO V 256 34.78 -35.27 11.45
CA PRO V 256 35.79 -35.47 10.41
C PRO V 256 35.31 -35.35 8.96
N LYS V 257 34.00 -35.46 8.72
CA LYS V 257 33.35 -35.19 7.40
C LYS V 257 33.77 -33.84 6.84
N TYR V 258 33.82 -32.81 7.70
CA TYR V 258 33.89 -31.39 7.27
C TYR V 258 35.28 -30.80 7.55
N VAL V 259 36.27 -31.63 7.90
CA VAL V 259 37.67 -31.17 8.14
C VAL V 259 38.22 -30.62 6.82
N THR V 260 38.39 -31.48 5.81
CA THR V 260 38.87 -31.14 4.44
C THR V 260 37.98 -30.03 3.85
N GLN V 261 38.58 -28.88 3.53
CA GLN V 261 37.84 -27.69 3.06
C GLN V 261 37.39 -27.91 1.62
N ALA V 262 36.25 -27.32 1.26
CA ALA V 262 35.77 -27.12 -0.12
C ALA V 262 36.88 -26.47 -0.96
N THR V 263 37.05 -26.86 -2.21
CA THR V 263 38.19 -26.45 -3.06
C THR V 263 37.76 -25.24 -3.91
N GLN V 264 37.45 -24.13 -3.25
CA GLN V 264 36.86 -22.92 -3.87
C GLN V 264 37.96 -22.04 -4.44
N ASN V 265 38.98 -21.69 -3.65
CA ASN V 265 39.96 -20.63 -3.97
C ASN V 265 40.81 -21.03 -5.17
N GLN V 266 41.65 -22.05 -5.01
CA GLN V 266 42.29 -22.82 -6.11
C GLN V 266 43.29 -21.95 -6.88
N PRO V 267 44.57 -22.36 -6.98
CA PRO V 267 45.60 -21.46 -7.48
C PRO V 267 45.43 -21.28 -8.99
N PHE V 268 46.14 -20.32 -9.55
CA PHE V 268 46.31 -20.11 -11.02
C PHE V 268 47.24 -21.21 -11.52
N SER V 269 46.68 -22.15 -12.29
CA SER V 269 47.38 -23.39 -12.74
C SER V 269 47.30 -23.51 -14.26
N SER V 270 48.08 -24.42 -14.81
CA SER V 270 48.23 -24.65 -16.26
C SER V 270 47.49 -25.93 -16.62
N SER V 271 46.53 -26.31 -15.78
CA SER V 271 45.93 -27.67 -15.74
C SER V 271 44.57 -27.60 -15.05
N ALA V 272 43.53 -28.15 -15.69
CA ALA V 272 42.15 -28.24 -15.16
C ALA V 272 42.13 -29.10 -13.88
N LYS V 273 43.19 -29.88 -13.63
CA LYS V 273 43.34 -30.74 -12.43
C LYS V 273 43.20 -29.91 -11.15
N ILE V 274 42.05 -29.99 -10.49
CA ILE V 274 41.81 -29.39 -9.14
C ILE V 274 42.73 -30.10 -8.14
N THR V 275 43.54 -29.32 -7.41
CA THR V 275 44.48 -29.77 -6.35
C THR V 275 43.82 -29.46 -5.00
N GLY V 276 44.18 -28.33 -4.36
CA GLY V 276 43.55 -27.84 -3.12
C GLY V 276 43.32 -26.34 -3.21
N ASN V 277 43.03 -25.67 -2.09
CA ASN V 277 42.94 -24.19 -2.05
C ASN V 277 44.34 -23.60 -2.09
N ARG V 278 44.42 -22.33 -2.49
CA ARG V 278 45.65 -21.49 -2.38
C ARG V 278 45.73 -21.03 -0.93
N MET V 279 46.82 -21.34 -0.22
CA MET V 279 46.96 -21.01 1.22
C MET V 279 48.20 -20.15 1.52
N SER V 280 49.15 -20.04 0.59
CA SER V 280 50.33 -19.13 0.68
C SER V 280 50.40 -18.26 -0.58
N SER V 281 50.74 -16.98 -0.45
CA SER V 281 50.95 -16.05 -1.59
C SER V 281 52.16 -16.48 -2.41
N THR V 282 53.18 -17.02 -1.73
CA THR V 282 54.43 -17.60 -2.31
C THR V 282 54.07 -18.80 -3.22
N GLY V 283 52.97 -19.52 -2.94
CA GLY V 283 52.44 -20.64 -3.76
C GLY V 283 51.06 -20.36 -4.36
N THR W 30 21.68 4.69 24.95
CA THR W 30 21.91 4.08 26.30
C THR W 30 22.70 2.79 26.14
N THR W 31 23.57 2.51 27.11
CA THR W 31 24.11 1.16 27.37
C THR W 31 24.14 1.02 28.89
N ILE W 32 23.53 -0.04 29.40
CA ILE W 32 23.54 -0.36 30.86
C ILE W 32 23.95 -1.82 31.00
N VAL W 33 24.54 -2.12 32.14
CA VAL W 33 25.32 -3.35 32.36
C VAL W 33 25.09 -3.77 33.79
N GLY W 34 25.02 -5.07 34.02
CA GLY W 34 25.15 -5.67 35.36
C GLY W 34 26.18 -6.76 35.32
N VAL W 35 26.88 -6.98 36.42
CA VAL W 35 27.58 -8.26 36.67
C VAL W 35 27.26 -8.71 38.08
N VAL W 36 27.21 -10.03 38.26
CA VAL W 36 27.25 -10.70 39.58
C VAL W 36 28.72 -10.90 39.90
N TYR W 37 29.13 -10.40 41.06
CA TYR W 37 30.43 -10.69 41.71
C TYR W 37 30.10 -11.49 42.98
N ARG W 38 31.11 -11.90 43.74
CA ARG W 38 30.91 -12.92 44.82
C ARG W 38 29.96 -12.39 45.90
N ASP W 39 30.10 -11.12 46.30
CA ASP W 39 29.37 -10.53 47.46
C ASP W 39 27.98 -10.09 47.00
N GLY W 40 27.89 -9.47 45.81
CA GLY W 40 26.62 -8.94 45.28
C GLY W 40 26.62 -8.68 43.79
N VAL W 41 26.05 -7.56 43.38
CA VAL W 41 25.84 -7.14 41.97
C VAL W 41 26.49 -5.78 41.74
N VAL W 42 27.01 -5.54 40.56
CA VAL W 42 27.42 -4.18 40.14
C VAL W 42 26.68 -3.81 38.88
N LEU W 43 25.92 -2.72 38.94
CA LEU W 43 25.23 -2.13 37.77
C LEU W 43 26.10 -1.02 37.20
N GLY W 44 25.89 -0.71 35.94
CA GLY W 44 26.61 0.35 35.22
C GLY W 44 25.69 1.02 34.24
N ALA W 45 25.95 2.28 33.92
CA ALA W 45 25.19 3.03 32.92
C ALA W 45 26.07 4.12 32.33
N ASP W 46 25.89 4.41 31.05
CA ASP W 46 26.24 5.71 30.46
C ASP W 46 25.39 6.77 31.19
N THR W 47 25.41 8.01 30.69
CA THR W 47 24.62 9.13 31.26
C THR W 47 23.92 9.96 30.17
N ARG W 48 24.31 9.85 28.89
CA ARG W 48 23.83 10.74 27.81
C ARG W 48 22.36 10.40 27.51
N ALA W 49 21.45 11.33 27.83
CA ALA W 49 20.00 11.26 27.52
C ALA W 49 19.72 12.06 26.25
N THR W 50 19.35 11.39 25.15
CA THR W 50 19.19 12.00 23.81
C THR W 50 17.72 12.38 23.56
N GLU W 51 17.51 13.42 22.75
CA GLU W 51 16.27 13.71 22.00
C GLU W 51 16.63 13.68 20.50
N GLY W 52 16.41 12.54 19.83
CA GLY W 52 16.71 12.34 18.40
C GLY W 52 18.21 12.21 18.16
N SER W 53 18.85 13.23 17.59
CA SER W 53 20.32 13.34 17.35
C SER W 53 20.87 14.57 18.09
N ILE W 54 20.50 14.71 19.35
CA ILE W 54 20.88 15.85 20.25
C ILE W 54 21.18 15.23 21.62
N VAL W 55 22.03 15.88 22.41
CA VAL W 55 22.29 15.51 23.84
C VAL W 55 21.54 16.51 24.72
N ALA W 56 20.33 16.14 25.17
CA ALA W 56 19.48 16.93 26.08
C ALA W 56 20.22 17.14 27.41
N ASP W 57 20.73 16.05 27.99
CA ASP W 57 21.48 16.04 29.28
C ASP W 57 22.72 15.16 29.11
N LYS W 58 23.89 15.68 29.50
CA LYS W 58 25.17 14.94 29.48
C LYS W 58 25.24 14.02 30.70
N ARG W 59 24.88 14.54 31.88
CA ARG W 59 24.82 13.79 33.16
C ARG W 59 23.35 13.58 33.57
N CYS W 60 22.72 12.54 33.04
CA CYS W 60 21.43 11.99 33.56
C CYS W 60 21.73 10.65 34.23
N ARG W 61 21.01 10.32 35.29
CA ARG W 61 21.23 9.12 36.15
C ARG W 61 20.27 8.03 35.69
N LYS W 62 20.82 6.95 35.12
CA LYS W 62 20.04 5.85 34.51
C LYS W 62 19.88 4.69 35.50
N ILE W 63 20.49 4.75 36.68
CA ILE W 63 20.42 3.70 37.74
C ILE W 63 19.47 4.17 38.83
N HIS W 64 18.19 3.82 38.74
CA HIS W 64 17.13 4.25 39.68
C HIS W 64 17.10 3.31 40.88
N TYR W 65 16.75 3.87 42.03
CA TYR W 65 16.39 3.15 43.27
C TYR W 65 15.03 2.45 43.04
N MET W 66 15.02 1.12 43.12
CA MET W 66 13.80 0.28 43.26
C MET W 66 13.52 0.05 44.76
N ALA W 67 14.53 -0.43 45.48
CA ALA W 67 14.49 -0.73 46.94
C ALA W 67 15.89 -0.55 47.54
N PRO W 68 16.05 -0.59 48.88
CA PRO W 68 17.37 -0.49 49.51
C PRO W 68 18.38 -1.57 49.08
N ASN W 69 17.89 -2.71 48.59
CA ASN W 69 18.74 -3.86 48.19
C ASN W 69 18.54 -4.15 46.71
N ILE W 70 17.91 -3.26 45.95
CA ILE W 70 17.49 -3.48 44.53
C ILE W 70 17.63 -2.16 43.77
N MET W 71 18.57 -2.10 42.82
CA MET W 71 18.66 -0.97 41.86
C MET W 71 18.16 -1.45 40.50
N CYS W 72 17.78 -0.55 39.62
CA CYS W 72 17.16 -0.90 38.33
C CYS W 72 17.54 0.12 37.24
N CYS W 73 18.59 -0.21 36.47
CA CYS W 73 18.99 0.53 35.25
C CYS W 73 17.88 0.42 34.22
N GLY W 74 17.71 1.45 33.39
CA GLY W 74 16.69 1.51 32.32
C GLY W 74 17.25 2.09 31.03
N ALA W 75 17.11 1.34 29.93
CA ALA W 75 17.27 1.80 28.53
C ALA W 75 15.88 1.97 27.92
N GLY W 76 15.80 2.15 26.60
CA GLY W 76 14.53 2.41 25.89
C GLY W 76 13.94 3.76 26.29
N THR W 77 12.67 3.97 25.95
CA THR W 77 11.92 5.24 26.12
C THR W 77 12.06 5.71 27.58
N SER W 78 12.75 6.83 27.79
CA SER W 78 13.16 7.34 29.12
C SER W 78 11.93 7.51 30.02
N ALA W 79 10.82 7.99 29.45
CA ALA W 79 9.51 8.17 30.13
C ALA W 79 9.09 6.83 30.74
N ASP W 80 9.00 5.81 29.89
CA ASP W 80 8.47 4.47 30.25
C ASP W 80 9.39 3.82 31.28
N THR W 81 10.70 3.90 31.07
CA THR W 81 11.71 3.35 32.02
C THR W 81 11.51 4.00 33.39
N GLU W 82 11.34 5.33 33.44
CA GLU W 82 11.15 6.10 34.70
C GLU W 82 9.83 5.69 35.35
N ALA W 83 8.72 5.68 34.58
CA ALA W 83 7.34 5.48 35.09
C ALA W 83 7.18 4.07 35.66
N VAL W 84 7.53 3.04 34.88
CA VAL W 84 7.49 1.61 35.32
C VAL W 84 8.31 1.49 36.58
N THR W 85 9.59 1.82 36.49
CA THR W 85 10.55 1.79 37.61
C THR W 85 9.89 2.38 38.88
N ASN W 86 9.33 3.60 38.81
CA ASN W 86 8.72 4.31 39.98
C ASN W 86 7.51 3.54 40.51
N MET W 87 6.54 3.23 39.63
CA MET W 87 5.31 2.46 39.97
C MET W 87 5.69 1.21 40.75
N VAL W 88 6.76 0.52 40.37
CA VAL W 88 7.22 -0.72 41.05
C VAL W 88 7.93 -0.32 42.34
N SER W 89 8.95 0.53 42.30
CA SER W 89 9.69 0.98 43.51
C SER W 89 8.67 1.36 44.60
N SER W 90 7.59 2.05 44.19
CA SER W 90 6.44 2.39 45.07
C SER W 90 5.79 1.11 45.58
N HIS W 91 5.19 0.32 44.68
CA HIS W 91 4.51 -0.95 45.02
C HIS W 91 5.36 -1.75 46.02
N LEU W 92 6.67 -1.87 45.78
CA LEU W 92 7.57 -2.66 46.66
C LEU W 92 7.66 -2.03 48.04
N ALA W 93 7.79 -0.70 48.11
CA ALA W 93 7.92 0.08 49.38
C ALA W 93 6.66 -0.07 50.24
N LEU W 94 5.49 -0.04 49.59
CA LEU W 94 4.17 -0.28 50.21
C LEU W 94 4.11 -1.72 50.75
N HIS W 95 4.60 -2.67 49.98
CA HIS W 95 4.58 -4.13 50.27
C HIS W 95 5.62 -4.45 51.34
N ARG W 96 6.67 -3.63 51.43
CA ARG W 96 7.79 -3.76 52.41
C ARG W 96 7.33 -3.27 53.78
N LEU W 97 6.21 -2.55 53.87
CA LEU W 97 5.53 -2.22 55.16
C LEU W 97 4.65 -3.41 55.55
N GLU W 98 3.72 -3.78 54.66
CA GLU W 98 2.78 -4.91 54.84
C GLU W 98 3.50 -6.12 55.45
N THR W 99 4.64 -6.54 54.86
CA THR W 99 5.41 -7.74 55.28
C THR W 99 6.24 -7.42 56.52
N GLY W 100 7.00 -6.32 56.50
CA GLY W 100 8.05 -5.99 57.48
C GLY W 100 9.31 -6.78 57.18
N LYS W 101 9.73 -6.77 55.91
CA LYS W 101 10.76 -7.66 55.31
C LYS W 101 11.42 -6.91 54.14
N GLN W 102 12.71 -7.13 53.88
CA GLN W 102 13.39 -6.52 52.71
C GLN W 102 12.74 -7.07 51.44
N SER W 103 12.47 -6.21 50.46
CA SER W 103 11.85 -6.62 49.17
C SER W 103 12.78 -7.61 48.48
N ARG W 104 12.23 -8.72 47.99
CA ARG W 104 12.99 -9.74 47.23
C ARG W 104 13.12 -9.30 45.79
N VAL W 105 14.21 -9.66 45.12
CA VAL W 105 14.48 -9.19 43.74
C VAL W 105 13.49 -9.89 42.82
N LEU W 106 13.21 -11.17 43.10
CA LEU W 106 12.20 -11.94 42.34
C LEU W 106 10.87 -11.14 42.31
N GLU W 107 10.43 -10.58 43.44
CA GLU W 107 9.17 -9.78 43.54
C GLU W 107 9.22 -8.62 42.56
N ALA W 108 10.30 -7.83 42.64
CA ALA W 108 10.51 -6.65 41.78
C ALA W 108 10.44 -7.08 40.33
N LEU W 109 11.15 -8.15 39.99
CA LEU W 109 11.21 -8.68 38.61
C LEU W 109 9.79 -8.93 38.11
N THR W 110 9.05 -9.72 38.88
CA THR W 110 7.71 -10.25 38.51
C THR W 110 6.72 -9.11 38.32
N LEU W 111 6.86 -8.03 39.06
CA LEU W 111 6.01 -6.81 38.89
C LEU W 111 6.37 -6.09 37.59
N LEU W 112 7.66 -6.03 37.23
CA LEU W 112 8.08 -5.38 35.97
C LEU W 112 7.56 -6.24 34.81
N LYS W 113 7.81 -7.55 34.85
CA LYS W 113 7.27 -8.55 33.88
C LYS W 113 5.80 -8.27 33.64
N ARG W 114 4.96 -8.57 34.63
CA ARG W 114 3.49 -8.60 34.49
C ARG W 114 3.01 -7.24 33.98
N HIS W 115 3.62 -6.15 34.46
CA HIS W 115 3.31 -4.78 33.99
C HIS W 115 3.70 -4.65 32.51
N LEU W 116 4.95 -4.92 32.15
CA LEU W 116 5.45 -4.74 30.77
C LEU W 116 4.76 -5.70 29.79
N TYR W 117 4.38 -6.90 30.23
CA TYR W 117 3.66 -7.88 29.37
C TYR W 117 2.26 -7.36 29.03
N ARG W 118 1.56 -6.79 30.01
CA ARG W 118 0.17 -6.31 29.85
C ARG W 118 0.11 -5.24 28.77
N TYR W 119 1.22 -4.57 28.45
CA TYR W 119 1.27 -3.50 27.42
C TYR W 119 1.96 -3.95 26.13
N GLN W 120 2.15 -5.26 25.93
CA GLN W 120 2.60 -5.87 24.64
C GLN W 120 3.87 -5.19 24.11
N GLY W 121 4.67 -4.60 25.01
CA GLY W 121 5.93 -3.90 24.67
C GLY W 121 5.73 -2.47 24.18
N HIS W 122 4.50 -1.97 24.13
CA HIS W 122 4.21 -0.54 23.82
C HIS W 122 4.96 0.29 24.88
N VAL W 123 4.85 -0.10 26.15
CA VAL W 123 5.69 0.42 27.26
C VAL W 123 7.10 -0.12 27.02
N SER W 124 7.95 0.71 26.40
CA SER W 124 9.20 0.30 25.73
C SER W 124 10.38 0.43 26.68
N ALA W 125 10.23 -0.07 27.91
CA ALA W 125 11.25 0.01 28.98
C ALA W 125 12.09 -1.26 28.96
N ALA W 126 13.39 -1.15 28.66
CA ALA W 126 14.37 -2.27 28.62
C ALA W 126 15.25 -2.19 29.87
N LEU W 127 14.91 -2.95 30.92
CA LEU W 127 15.46 -2.81 32.29
C LEU W 127 16.51 -3.88 32.58
N VAL W 128 17.52 -3.51 33.35
CA VAL W 128 18.44 -4.44 34.06
C VAL W 128 18.17 -4.25 35.55
N LEU W 129 17.68 -5.30 36.21
CA LEU W 129 17.23 -5.21 37.61
C LEU W 129 18.19 -6.02 38.49
N GLY W 130 19.10 -5.31 39.14
CA GLY W 130 20.08 -5.90 40.06
C GLY W 130 19.62 -5.74 41.50
N GLY W 131 20.01 -6.68 42.34
CA GLY W 131 19.75 -6.58 43.78
C GLY W 131 20.34 -7.75 44.53
N VAL W 132 20.17 -7.74 45.84
CA VAL W 132 20.61 -8.84 46.73
C VAL W 132 19.60 -8.97 47.85
N ASP W 133 18.83 -10.05 47.78
CA ASP W 133 17.94 -10.53 48.85
C ASP W 133 18.69 -11.61 49.65
N VAL W 134 18.04 -12.10 50.69
CA VAL W 134 18.42 -13.31 51.50
C VAL W 134 18.99 -14.44 50.61
N GLU W 135 18.36 -14.76 49.47
CA GLU W 135 18.75 -15.90 48.57
C GLU W 135 20.14 -15.67 47.97
N GLY W 136 20.54 -14.42 47.74
CA GLY W 136 21.86 -14.05 47.22
C GLY W 136 21.76 -13.10 46.02
N PRO W 137 22.90 -12.80 45.37
CA PRO W 137 22.92 -11.81 44.29
C PRO W 137 21.97 -12.24 43.18
N PHE W 138 21.17 -11.31 42.70
CA PHE W 138 20.18 -11.55 41.62
C PHE W 138 20.29 -10.42 40.61
N LEU W 139 20.37 -10.77 39.35
CA LEU W 139 20.57 -9.81 38.25
C LEU W 139 19.81 -10.30 37.03
N ALA W 140 18.76 -9.60 36.66
CA ALA W 140 17.90 -9.96 35.51
C ALA W 140 17.99 -8.86 34.47
N THR W 141 17.52 -9.18 33.27
CA THR W 141 17.03 -8.23 32.26
C THR W 141 15.54 -8.43 32.14
N ILE W 142 14.80 -7.35 31.97
CA ILE W 142 13.40 -7.39 31.51
C ILE W 142 13.40 -6.67 30.17
N ALA W 143 13.29 -7.42 29.08
CA ALA W 143 13.09 -6.85 27.72
C ALA W 143 11.67 -6.28 27.64
N PRO W 144 11.42 -5.28 26.76
CA PRO W 144 10.18 -4.50 26.79
C PRO W 144 8.89 -5.32 26.75
N HIS W 145 8.93 -6.45 26.05
CA HIS W 145 7.78 -7.37 25.85
C HIS W 145 7.40 -8.06 27.17
N GLY W 146 8.33 -8.26 28.12
CA GLY W 146 8.09 -8.92 29.42
C GLY W 146 8.87 -10.23 29.57
N SER W 147 9.70 -10.56 28.59
CA SER W 147 10.80 -11.57 28.67
C SER W 147 11.66 -11.30 29.91
N THR W 148 12.11 -12.35 30.60
CA THR W 148 13.11 -12.27 31.70
C THR W 148 14.22 -13.28 31.53
N ASP W 149 15.45 -12.80 31.70
CA ASP W 149 16.68 -13.62 31.63
C ASP W 149 17.45 -13.35 32.94
N ARG W 150 17.25 -14.19 33.95
CA ARG W 150 18.10 -14.18 35.17
C ARG W 150 19.46 -14.76 34.78
N LEU W 151 20.52 -13.96 34.88
CA LEU W 151 21.87 -14.32 34.37
C LEU W 151 22.95 -13.82 35.32
N PRO W 152 24.21 -14.24 35.11
CA PRO W 152 25.34 -13.68 35.84
C PRO W 152 25.88 -12.35 35.32
N PHE W 153 25.72 -11.99 34.04
CA PHE W 153 26.13 -10.67 33.51
C PHE W 153 25.29 -10.33 32.28
N VAL W 154 24.88 -9.08 32.16
CA VAL W 154 23.80 -8.68 31.22
C VAL W 154 24.10 -7.31 30.68
N THR W 155 23.37 -6.93 29.64
CA THR W 155 23.44 -5.61 29.00
C THR W 155 22.10 -5.29 28.35
N MET W 156 21.77 -4.02 28.26
CA MET W 156 20.60 -3.54 27.50
C MET W 156 20.98 -2.21 26.85
N GLY W 157 20.22 -1.78 25.85
CA GLY W 157 20.33 -0.48 25.20
C GLY W 157 21.17 -0.54 23.92
N SER W 158 21.20 0.58 23.19
CA SER W 158 21.97 0.77 21.94
C SER W 158 23.33 0.07 22.03
N GLY W 159 24.15 0.44 23.02
CA GLY W 159 25.54 -0.02 23.12
C GLY W 159 25.68 -1.42 23.69
N SER W 160 24.57 -2.09 23.99
CA SER W 160 24.54 -3.41 24.69
C SER W 160 25.55 -4.36 24.06
N ILE W 161 25.53 -4.43 22.73
CA ILE W 161 26.24 -5.47 21.94
C ILE W 161 27.75 -5.28 22.16
N ALA W 162 28.22 -4.03 22.06
CA ALA W 162 29.63 -3.63 22.28
C ALA W 162 30.04 -3.94 23.71
N ALA W 163 29.17 -3.62 24.66
CA ALA W 163 29.39 -3.90 26.10
C ALA W 163 29.54 -5.41 26.29
N MET W 164 28.55 -6.17 25.80
CA MET W 164 28.42 -7.65 26.00
C MET W 164 29.62 -8.34 25.36
N ALA W 165 30.28 -7.70 24.42
CA ALA W 165 31.60 -8.15 23.93
C ALA W 165 32.62 -8.08 25.06
N GLN W 166 32.81 -6.90 25.66
CA GLN W 166 33.82 -6.69 26.73
C GLN W 166 33.49 -7.61 27.90
N LEU W 167 32.19 -7.74 28.21
CA LEU W 167 31.69 -8.57 29.33
C LEU W 167 31.98 -10.05 29.06
N GLU W 168 31.73 -10.56 27.84
CA GLU W 168 31.94 -12.00 27.49
C GLU W 168 33.42 -12.36 27.54
N ALA W 169 34.29 -11.41 27.23
CA ALA W 169 35.74 -11.59 27.13
C ALA W 169 36.33 -11.70 28.53
N ALA W 170 35.96 -10.80 29.43
CA ALA W 170 36.67 -10.55 30.70
C ALA W 170 35.98 -11.22 31.90
N TYR W 171 34.65 -11.37 31.86
CA TYR W 171 33.86 -11.91 33.00
C TYR W 171 34.42 -13.28 33.35
N LYS W 172 34.56 -13.52 34.65
CA LYS W 172 34.80 -14.86 35.25
C LYS W 172 34.03 -14.90 36.57
N ASP W 173 33.83 -16.09 37.12
CA ASP W 173 32.98 -16.27 38.33
C ASP W 173 33.76 -15.85 39.57
N ASN W 174 33.03 -15.38 40.59
CA ASN W 174 33.56 -14.96 41.91
C ASN W 174 34.67 -13.92 41.67
N MET W 175 34.32 -12.84 40.98
CA MET W 175 35.13 -11.59 40.92
C MET W 175 35.04 -10.91 42.28
N THR W 176 36.02 -10.06 42.61
CA THR W 176 35.97 -9.10 43.74
C THR W 176 35.24 -7.84 43.29
N CYS W 177 34.67 -7.09 44.23
CA CYS W 177 33.98 -5.80 44.00
C CYS W 177 34.80 -4.88 43.08
N GLU W 178 36.13 -4.87 43.22
CA GLU W 178 37.06 -4.00 42.47
C GLU W 178 37.17 -4.46 41.01
N GLU W 179 37.47 -5.73 40.79
CA GLU W 179 37.50 -6.35 39.43
C GLU W 179 36.18 -6.04 38.70
N ALA W 180 35.04 -6.23 39.39
CA ALA W 180 33.67 -6.22 38.83
C ALA W 180 33.24 -4.82 38.45
N LYS W 181 33.64 -3.81 39.22
CA LYS W 181 33.42 -2.39 38.85
C LYS W 181 34.27 -2.07 37.61
N GLU W 182 35.56 -2.41 37.66
CA GLU W 182 36.56 -2.06 36.61
C GLU W 182 36.15 -2.73 35.29
N LEU W 183 35.57 -3.93 35.37
CA LEU W 183 34.95 -4.62 34.21
C LEU W 183 33.74 -3.83 33.72
N VAL W 184 32.73 -3.65 34.58
CA VAL W 184 31.46 -2.94 34.21
C VAL W 184 31.84 -1.63 33.55
N ALA W 185 32.65 -0.81 34.23
CA ALA W 185 33.15 0.47 33.70
C ALA W 185 33.66 0.23 32.27
N SER W 186 34.58 -0.73 32.08
CA SER W 186 35.18 -1.11 30.77
C SER W 186 34.08 -1.36 29.73
N ALA W 187 33.07 -2.14 30.10
CA ALA W 187 31.95 -2.55 29.23
C ALA W 187 31.05 -1.36 28.91
N ILE W 188 30.85 -0.44 29.83
CA ILE W 188 30.07 0.79 29.51
C ILE W 188 30.91 1.59 28.53
N ARG W 189 32.19 1.79 28.83
CA ARG W 189 33.13 2.59 27.99
C ARG W 189 33.11 2.10 26.54
N LYS W 190 32.94 0.80 26.27
CA LYS W 190 32.75 0.29 24.88
C LYS W 190 31.51 0.96 24.28
N GLY W 191 30.33 0.77 24.90
CA GLY W 191 29.08 1.39 24.43
C GLY W 191 29.20 2.90 24.29
N ILE W 192 29.85 3.57 25.24
CA ILE W 192 30.04 5.05 25.29
C ILE W 192 30.70 5.53 23.99
N PHE W 193 31.84 4.93 23.61
CA PHE W 193 32.66 5.31 22.43
C PHE W 193 32.07 4.71 21.16
N ASN W 194 31.90 3.39 21.15
CA ASN W 194 31.59 2.60 19.94
C ASN W 194 30.10 2.69 19.58
N ASP W 195 29.28 3.40 20.38
CA ASP W 195 27.87 3.74 20.06
C ASP W 195 27.63 5.24 20.30
N PRO W 196 26.84 5.91 19.43
CA PRO W 196 26.45 7.32 19.66
C PRO W 196 25.51 7.62 20.84
N TYR W 197 24.41 6.89 20.98
CA TYR W 197 23.31 7.19 21.94
C TYR W 197 23.81 7.09 23.39
N SER W 198 24.76 6.19 23.67
CA SER W 198 25.51 6.13 24.95
C SER W 198 26.64 7.15 24.91
N GLY W 199 26.95 7.81 26.02
CA GLY W 199 28.12 8.72 26.08
C GLY W 199 28.42 9.28 27.45
N THR W 200 29.41 10.16 27.52
CA THR W 200 29.78 11.03 28.67
C THR W 200 30.55 10.19 29.70
N GLN W 201 29.90 9.72 30.76
CA GLN W 201 30.57 9.12 31.95
C GLN W 201 29.89 7.82 32.33
N VAL W 202 30.60 6.99 33.10
CA VAL W 202 30.10 5.70 33.60
C VAL W 202 29.63 5.90 35.04
N ASP W 203 28.32 5.85 35.28
CA ASP W 203 27.75 5.61 36.62
C ASP W 203 27.87 4.12 36.90
N VAL W 204 28.29 3.77 38.11
CA VAL W 204 28.41 2.37 38.57
C VAL W 204 27.73 2.29 39.93
N CYS W 205 27.02 1.20 40.21
CA CYS W 205 26.29 0.98 41.49
C CYS W 205 26.56 -0.43 42.01
N VAL W 206 27.24 -0.55 43.15
CA VAL W 206 27.49 -1.86 43.82
C VAL W 206 26.38 -2.14 44.84
N ILE W 207 25.47 -3.06 44.53
CA ILE W 207 24.53 -3.62 45.53
C ILE W 207 25.22 -4.82 46.15
N THR W 208 25.57 -4.74 47.43
CA THR W 208 26.08 -5.90 48.21
C THR W 208 24.97 -6.30 49.19
N LYS W 209 25.17 -7.38 49.94
CA LYS W 209 24.17 -7.96 50.89
C LYS W 209 23.70 -6.87 51.88
N ASP W 210 24.61 -6.00 52.32
CA ASP W 210 24.39 -5.02 53.43
C ASP W 210 23.90 -3.67 52.92
N LYS W 211 24.41 -3.19 51.78
CA LYS W 211 24.26 -1.77 51.36
C LYS W 211 24.30 -1.60 49.83
N THR W 212 24.13 -0.34 49.38
CA THR W 212 24.01 0.08 47.95
C THR W 212 24.85 1.35 47.72
N GLU W 213 26.08 1.20 47.21
CA GLU W 213 27.00 2.33 46.88
C GLU W 213 26.76 2.75 45.43
N LEU W 214 26.09 3.89 45.22
CA LEU W 214 25.90 4.50 43.88
C LEU W 214 27.00 5.56 43.68
N THR W 215 28.10 5.19 43.00
CA THR W 215 29.19 6.09 42.56
C THR W 215 28.81 6.76 41.23
N ILE W 216 28.47 8.05 41.24
CA ILE W 216 28.22 8.83 39.99
C ILE W 216 29.58 9.34 39.50
N GLY W 217 29.81 9.27 38.19
CA GLY W 217 31.12 9.47 37.56
C GLY W 217 32.19 8.65 38.26
N TYR W 218 32.04 7.32 38.26
CA TYR W 218 33.11 6.36 38.64
C TYR W 218 34.29 6.54 37.69
N ASP W 219 33.97 6.82 36.42
CA ASP W 219 34.93 7.02 35.30
C ASP W 219 34.41 8.22 34.47
N LYS W 220 35.23 9.26 34.25
CA LYS W 220 35.00 10.32 33.25
C LYS W 220 36.04 10.19 32.13
N PRO W 221 35.79 9.35 31.09
CA PRO W 221 36.72 9.25 29.96
C PRO W 221 36.70 10.53 29.11
N ASN W 222 35.49 11.05 28.84
CA ASN W 222 35.23 12.23 27.99
C ASN W 222 35.25 13.49 28.86
N GLU W 223 36.45 14.01 29.14
CA GLU W 223 36.64 15.28 29.89
C GLU W 223 36.37 16.45 28.92
N ARG W 224 36.89 17.65 29.23
CA ARG W 224 36.77 18.84 28.35
C ARG W 224 38.01 18.91 27.45
N MET W 225 37.80 18.93 26.12
CA MET W 225 38.84 19.15 25.08
C MET W 225 38.66 20.58 24.54
N TYR W 226 39.59 21.48 24.86
CA TYR W 226 39.57 22.95 24.53
C TYR W 226 38.71 23.68 25.57
N PRO W 227 39.27 24.59 26.41
CA PRO W 227 38.49 25.31 27.41
C PRO W 227 37.58 26.38 26.79
N ARG W 228 36.43 26.63 27.44
CA ARG W 228 35.31 27.47 26.92
C ARG W 228 35.77 28.91 26.70
N GLN W 229 35.68 29.40 25.46
CA GLN W 229 36.08 30.77 25.02
C GLN W 229 34.96 31.77 25.35
N GLU W 230 34.98 32.29 26.59
CA GLU W 230 33.93 33.19 27.15
C GLU W 230 33.75 34.40 26.24
N VAL W 231 32.71 34.36 25.41
CA VAL W 231 32.13 35.51 24.65
C VAL W 231 31.48 36.44 25.68
N LEU W 232 31.84 37.73 25.67
CA LEU W 232 31.40 38.73 26.68
C LEU W 232 30.35 39.66 26.06
N LEU W 233 29.09 39.47 26.47
CA LEU W 233 27.92 40.30 26.07
C LEU W 233 27.54 41.18 27.26
N PRO W 234 28.02 42.45 27.30
CA PRO W 234 27.81 43.31 28.48
C PRO W 234 26.38 43.81 28.64
N PRO W 235 25.82 43.85 29.88
CA PRO W 235 24.44 44.32 30.11
C PRO W 235 24.01 45.58 29.32
N GLY W 236 22.87 45.48 28.61
CA GLY W 236 22.34 46.50 27.68
C GLY W 236 22.71 46.22 26.23
N THR W 237 23.22 45.02 25.93
CA THR W 237 23.53 44.54 24.54
C THR W 237 22.20 44.36 23.80
N THR W 238 21.42 43.35 24.18
CA THR W 238 20.19 42.91 23.49
C THR W 238 19.12 43.97 23.67
N PRO W 239 18.61 44.59 22.56
CA PRO W 239 17.65 45.70 22.65
C PRO W 239 16.28 45.25 23.16
N VAL W 240 15.71 46.03 24.09
CA VAL W 240 14.50 45.70 24.90
C VAL W 240 13.46 46.79 24.64
N LEU W 241 12.34 46.43 24.00
CA LEU W 241 11.19 47.34 23.73
C LEU W 241 10.58 47.75 25.07
N LYS W 242 10.17 46.77 25.88
CA LYS W 242 9.43 46.98 27.15
C LYS W 242 10.02 46.13 28.28
N GLU W 243 9.82 46.57 29.51
CA GLU W 243 10.33 45.95 30.75
C GLU W 243 9.27 46.10 31.84
N GLU W 244 9.13 45.09 32.71
CA GLU W 244 8.27 45.14 33.92
C GLU W 244 8.99 44.37 35.03
N ILE W 245 9.44 45.10 36.06
CA ILE W 245 10.01 44.55 37.32
C ILE W 245 8.86 44.37 38.32
N ARG W 246 8.88 43.29 39.09
CA ARG W 246 7.92 43.03 40.22
C ARG W 246 8.72 42.55 41.43
N GLN W 247 8.66 43.28 42.55
CA GLN W 247 9.40 42.98 43.82
C GLN W 247 8.57 42.00 44.67
N LEU W 248 9.22 41.30 45.62
CA LEU W 248 8.60 40.27 46.52
C LEU W 248 9.05 40.50 47.97
N SER X 2 5.06 16.94 10.66
CA SER X 2 5.16 16.88 12.14
C SER X 2 3.99 17.65 12.75
N ILE X 3 3.40 17.12 13.83
CA ILE X 3 2.26 17.75 14.57
C ILE X 3 2.83 18.76 15.58
N MET X 4 4.02 18.49 16.14
CA MET X 4 4.70 19.38 17.12
C MET X 4 5.10 20.70 16.45
N ALA X 5 5.69 20.64 15.26
CA ALA X 5 6.20 21.80 14.49
C ALA X 5 5.06 22.64 13.89
N TYR X 6 3.80 22.22 13.98
CA TYR X 6 2.64 22.84 13.29
C TYR X 6 2.47 24.28 13.78
N SER X 7 2.22 24.43 15.08
CA SER X 7 1.88 25.74 15.69
C SER X 7 3.15 26.54 15.97
N GLY X 8 4.30 25.88 15.91
CA GLY X 8 5.61 26.51 16.02
C GLY X 8 5.84 27.01 17.43
N GLY X 9 6.85 27.87 17.57
CA GLY X 9 7.35 28.33 18.86
C GLY X 9 8.66 27.67 19.25
N SER X 10 9.34 28.29 20.19
CA SER X 10 10.51 27.72 20.90
C SER X 10 10.51 28.31 22.32
N VAL X 11 10.95 27.53 23.30
CA VAL X 11 11.13 28.03 24.69
C VAL X 11 12.50 27.59 25.14
N MET X 12 13.08 28.33 26.08
CA MET X 12 14.42 28.05 26.60
C MET X 12 14.51 28.64 28.01
N ALA X 13 15.01 27.86 28.96
CA ALA X 13 15.30 28.30 30.33
C ALA X 13 16.80 28.20 30.56
N MET X 14 17.31 28.85 31.60
CA MET X 14 18.77 29.03 31.81
C MET X 14 19.05 29.40 33.26
N ALA X 15 19.92 28.63 33.92
CA ALA X 15 20.22 28.76 35.37
C ALA X 15 21.50 29.57 35.54
N GLY X 16 21.42 30.62 36.35
CA GLY X 16 22.59 31.33 36.87
C GLY X 16 22.78 31.02 38.34
N LYS X 17 23.37 31.98 39.07
CA LYS X 17 23.47 31.94 40.55
C LYS X 17 22.22 32.60 41.10
N GLU X 18 21.43 31.83 41.87
CA GLU X 18 20.23 32.31 42.63
C GLU X 18 19.39 33.19 41.71
N CYS X 19 19.15 32.69 40.49
CA CYS X 19 18.24 33.27 39.46
C CYS X 19 18.17 32.29 38.28
N PHE X 20 17.06 32.30 37.54
CA PHE X 20 16.98 31.70 36.18
C PHE X 20 16.26 32.66 35.24
N VAL X 21 16.58 32.54 33.95
CA VAL X 21 15.92 33.23 32.81
C VAL X 21 15.28 32.18 31.94
N ILE X 22 13.95 32.21 31.87
CA ILE X 22 13.16 31.48 30.83
C ILE X 22 12.73 32.48 29.78
N ILE X 23 12.71 32.05 28.52
CA ILE X 23 12.50 32.97 27.38
C ILE X 23 11.88 32.19 26.22
N SER X 24 10.72 32.67 25.77
CA SER X 24 9.97 32.09 24.63
C SER X 24 10.20 32.97 23.41
N ASP X 25 9.73 32.52 22.27
CA ASP X 25 9.48 33.38 21.09
C ASP X 25 8.06 33.95 21.24
N ASN X 26 7.62 34.71 20.24
CA ASN X 26 6.30 35.37 20.21
C ASN X 26 5.41 34.79 19.10
N ARG X 27 5.93 33.99 18.16
CA ARG X 27 5.15 33.59 16.95
C ARG X 27 4.11 32.53 17.32
N LEU X 28 3.00 32.57 16.61
CA LEU X 28 2.03 31.46 16.54
C LEU X 28 1.71 31.22 15.07
N GLY X 29 1.90 30.01 14.57
CA GLY X 29 1.66 29.68 13.16
C GLY X 29 0.65 28.56 12.98
N GLU X 30 0.26 28.35 11.73
CA GLU X 30 -0.17 27.04 11.19
C GLU X 30 0.84 26.75 10.08
N GLN X 31 1.70 25.75 10.28
CA GLN X 31 2.78 25.43 9.32
C GLN X 31 3.59 26.72 9.08
N LEU X 32 3.65 27.19 7.84
CA LEU X 32 4.52 28.33 7.41
C LEU X 32 3.76 29.65 7.57
N LYS X 33 2.43 29.64 7.44
CA LYS X 33 1.59 30.86 7.53
C LYS X 33 1.52 31.27 9.01
N THR X 34 1.63 32.56 9.29
CA THR X 34 1.64 33.17 10.64
C THR X 34 0.22 33.64 10.96
N ILE X 35 -0.21 33.48 12.21
CA ILE X 35 -1.51 33.99 12.74
C ILE X 35 -1.24 35.27 13.53
N SER X 36 -0.40 35.16 14.55
CA SER X 36 -0.09 36.26 15.48
C SER X 36 1.41 36.28 15.78
N THR X 37 1.89 37.44 16.17
CA THR X 37 3.31 37.73 16.51
C THR X 37 3.37 38.27 17.95
N GLU X 38 2.29 38.07 18.70
CA GLU X 38 2.14 38.52 20.11
C GLU X 38 1.58 37.35 20.92
N VAL X 39 2.27 36.21 20.86
CA VAL X 39 1.89 34.95 21.55
C VAL X 39 3.11 34.42 22.27
N PRO X 40 3.42 34.94 23.46
CA PRO X 40 4.50 34.39 24.27
C PRO X 40 3.95 33.12 24.92
N LYS X 41 4.81 32.13 25.13
CA LYS X 41 4.41 30.75 25.49
C LYS X 41 4.61 30.49 26.99
N LEU X 42 5.11 31.50 27.71
CA LEU X 42 5.36 31.42 29.17
C LEU X 42 4.03 31.49 29.91
N HIS X 43 3.91 30.71 30.97
CA HIS X 43 2.87 30.88 32.03
C HIS X 43 3.59 30.96 33.36
N VAL X 44 2.96 31.58 34.36
CA VAL X 44 3.52 31.79 35.73
C VAL X 44 2.59 31.11 36.72
N VAL X 45 3.06 30.02 37.31
CA VAL X 45 2.31 29.18 38.27
C VAL X 45 2.26 29.94 39.58
N ASN X 46 3.43 30.29 40.11
CA ASN X 46 3.60 31.10 41.34
C ASN X 46 4.83 32.00 41.13
N ASP X 47 5.25 32.72 42.17
CA ASP X 47 6.41 33.66 42.18
C ASP X 47 7.66 32.97 41.64
N SER X 48 7.87 31.73 42.07
CA SER X 48 9.14 30.97 42.03
C SER X 48 9.14 29.87 40.94
N ILE X 49 8.08 29.79 40.12
CA ILE X 49 7.96 28.82 38.97
C ILE X 49 7.40 29.54 37.75
N VAL X 50 8.11 29.42 36.63
CA VAL X 50 7.64 29.82 35.28
C VAL X 50 7.83 28.61 34.37
N TYR X 51 6.81 28.24 33.60
CA TYR X 51 6.93 27.14 32.61
C TYR X 51 6.41 27.58 31.26
N GLY X 52 7.22 27.35 30.23
CA GLY X 52 6.82 27.47 28.83
C GLY X 52 6.30 26.14 28.33
N LEU X 53 5.32 26.16 27.45
CA LEU X 53 4.86 24.98 26.70
C LEU X 53 5.12 25.22 25.23
N THR X 54 5.60 24.20 24.53
CA THR X 54 5.79 24.26 23.07
C THR X 54 5.15 23.03 22.44
N GLY X 55 4.74 23.17 21.19
CA GLY X 55 4.07 22.12 20.41
C GLY X 55 2.75 22.63 19.89
N LEU X 56 1.84 21.70 19.60
CA LEU X 56 0.51 22.02 19.04
C LEU X 56 -0.15 23.01 19.99
N ARG X 57 -0.60 24.15 19.46
CA ARG X 57 -1.06 25.29 20.27
C ARG X 57 -2.31 24.88 21.03
N THR X 58 -3.25 24.22 20.34
CA THR X 58 -4.45 23.59 20.95
C THR X 58 -4.10 23.03 22.32
N ASP X 59 -3.07 22.19 22.37
CA ASP X 59 -2.66 21.43 23.57
C ASP X 59 -1.88 22.34 24.51
N GLN X 60 -1.00 23.21 24.01
CA GLN X 60 -0.38 24.25 24.86
C GLN X 60 -1.52 24.83 25.70
N GLN X 61 -2.60 25.26 25.03
CA GLN X 61 -3.72 25.97 25.68
C GLN X 61 -4.51 25.02 26.57
N THR X 62 -4.85 23.82 26.09
CA THR X 62 -5.62 22.80 26.85
C THR X 62 -4.80 22.42 28.08
N PHE X 63 -3.58 21.93 27.88
CA PHE X 63 -2.69 21.40 28.94
C PHE X 63 -2.28 22.51 29.90
N ALA X 64 -2.25 23.76 29.45
CA ALA X 64 -2.01 24.90 30.35
C ALA X 64 -3.17 25.03 31.32
N ASN X 65 -4.41 25.04 30.80
CA ASN X 65 -5.67 25.19 31.58
C ASN X 65 -5.75 24.06 32.61
N LYS X 66 -5.25 22.87 32.26
CA LYS X 66 -5.14 21.71 33.19
C LYS X 66 -4.15 22.06 34.30
N VAL X 67 -2.89 22.33 33.95
CA VAL X 67 -1.82 22.71 34.91
C VAL X 67 -2.33 23.83 35.84
N GLN X 68 -3.04 24.81 35.29
CA GLN X 68 -3.63 25.92 36.06
C GLN X 68 -4.67 25.35 37.05
N PHE X 69 -5.52 24.42 36.60
CA PHE X 69 -6.55 23.76 37.45
C PHE X 69 -5.87 22.92 38.55
N ARG X 70 -4.71 22.32 38.28
CA ARG X 70 -4.05 21.39 39.23
C ARG X 70 -3.23 22.17 40.25
N THR X 71 -2.59 23.26 39.82
CA THR X 71 -1.70 24.08 40.69
C THR X 71 -2.52 25.04 41.54
N GLU X 72 -3.78 25.28 41.19
CA GLU X 72 -4.76 26.03 42.04
C GLU X 72 -5.35 25.08 43.07
N MET X 73 -5.69 23.85 42.66
CA MET X 73 -6.30 22.83 43.55
C MET X 73 -5.24 22.41 44.58
N TYR X 74 -3.96 22.46 44.22
CA TYR X 74 -2.81 22.25 45.14
C TYR X 74 -2.79 23.40 46.17
N LYS X 75 -2.88 24.63 45.68
CA LYS X 75 -2.70 25.87 46.49
C LYS X 75 -3.79 26.00 47.56
N LEU X 76 -4.96 25.39 47.33
CA LEU X 76 -6.11 25.38 48.27
C LEU X 76 -5.97 24.23 49.25
N ARG X 77 -5.83 23.00 48.73
CA ARG X 77 -5.75 21.77 49.57
C ARG X 77 -4.49 21.83 50.45
N GLU X 78 -3.31 22.01 49.83
CA GLU X 78 -1.99 21.91 50.53
C GLU X 78 -1.74 23.16 51.37
N GLU X 79 -2.39 24.27 51.04
CA GLU X 79 -2.19 25.60 51.68
C GLU X 79 -0.71 25.94 51.58
N ARG X 80 -0.18 25.99 50.36
CA ARG X 80 1.18 26.51 50.08
C ARG X 80 1.43 26.49 48.58
N ASP X 81 2.35 27.34 48.12
CA ASP X 81 2.76 27.38 46.69
C ASP X 81 3.50 26.07 46.41
N ILE X 82 3.20 25.46 45.25
CA ILE X 82 3.89 24.25 44.73
C ILE X 82 5.35 24.61 44.47
N THR X 83 6.28 23.68 44.75
CA THR X 83 7.74 23.84 44.51
C THR X 83 8.13 23.25 43.16
N GLY X 84 9.09 23.85 42.46
CA GLY X 84 9.60 23.35 41.17
C GLY X 84 9.56 21.84 41.07
N LYS X 85 10.36 21.16 41.91
CA LYS X 85 10.46 19.67 42.01
C LYS X 85 9.10 19.05 41.74
N ALA X 86 8.13 19.30 42.63
CA ALA X 86 6.78 18.70 42.62
C ALA X 86 6.08 19.01 41.29
N PHE X 87 5.98 20.31 41.01
CA PHE X 87 5.31 20.89 39.82
C PHE X 87 5.78 20.16 38.57
N ALA X 88 7.09 19.98 38.40
CA ALA X 88 7.71 19.32 37.23
C ALA X 88 7.34 17.84 37.18
N ALA X 89 7.29 17.18 38.34
CA ALA X 89 6.97 15.75 38.48
C ALA X 89 5.45 15.56 38.37
N MET X 90 4.69 16.59 38.73
CA MET X 90 3.22 16.60 38.54
C MET X 90 2.93 16.63 37.05
N ILE X 91 3.66 17.47 36.33
CA ILE X 91 3.53 17.61 34.87
C ILE X 91 3.90 16.29 34.20
N THR X 92 4.96 15.59 34.63
CA THR X 92 5.36 14.31 33.97
C THR X 92 4.23 13.30 34.13
N SER X 93 3.65 13.21 35.33
CA SER X 93 2.49 12.36 35.66
C SER X 93 1.32 12.67 34.70
N MET X 94 1.00 13.95 34.54
CA MET X 94 -0.10 14.44 33.66
C MET X 94 0.16 14.04 32.21
N LEU X 95 1.38 14.21 31.73
CA LEU X 95 1.72 13.85 30.33
C LEU X 95 1.63 12.35 30.17
N TYR X 96 2.26 11.60 31.08
CA TYR X 96 2.36 10.13 31.00
C TYR X 96 0.98 9.49 31.24
N GLU X 97 0.04 10.15 31.93
CA GLU X 97 -1.36 9.65 32.04
C GLU X 97 -1.90 9.39 30.63
N ALA X 98 -1.47 10.18 29.63
CA ALA X 98 -1.81 10.00 28.20
C ALA X 98 -0.58 9.56 27.43
N ARG X 99 0.07 8.47 27.85
CA ARG X 99 1.22 7.85 27.13
C ARG X 99 0.75 7.51 25.72
N PHE X 100 -0.40 6.84 25.66
CA PHE X 100 -1.11 6.42 24.43
C PHE X 100 -2.21 7.47 24.21
N GLY X 101 -2.05 8.27 23.14
CA GLY X 101 -2.86 9.46 22.79
C GLY X 101 -2.33 10.73 23.45
N PRO X 102 -1.05 11.11 23.24
CA PRO X 102 -0.38 12.10 24.08
C PRO X 102 -0.77 13.56 23.82
N TRP X 103 -0.47 14.44 24.78
CA TRP X 103 -0.52 15.91 24.60
C TRP X 103 0.68 16.31 23.78
N PHE X 104 0.50 16.97 22.65
CA PHE X 104 1.65 17.39 21.80
C PHE X 104 2.22 18.67 22.41
N VAL X 105 2.86 18.55 23.57
CA VAL X 105 3.46 19.70 24.29
C VAL X 105 4.81 19.25 24.89
N GLU X 106 5.79 20.14 24.87
CA GLU X 106 7.10 19.94 25.52
C GLU X 106 7.24 21.01 26.59
N PRO X 107 6.83 20.75 27.84
CA PRO X 107 6.99 21.73 28.89
C PRO X 107 8.47 21.91 29.26
N VAL X 108 8.97 23.13 29.06
CA VAL X 108 10.18 23.68 29.71
C VAL X 108 9.74 24.37 31.00
N ILE X 109 10.32 23.98 32.12
CA ILE X 109 10.02 24.55 33.46
C ILE X 109 11.31 25.11 34.01
N GLY X 110 11.29 26.39 34.35
CA GLY X 110 12.20 27.01 35.31
C GLY X 110 11.54 27.04 36.68
N SER X 111 12.35 27.09 37.73
CA SER X 111 11.90 27.24 39.13
C SER X 111 13.10 27.61 40.01
N ILE X 112 12.81 28.18 41.18
CA ILE X 112 13.87 28.58 42.14
C ILE X 112 13.30 28.47 43.56
N ASP X 113 13.92 27.63 44.40
CA ASP X 113 13.61 27.53 45.85
C ASP X 113 13.83 28.94 46.43
N LYS X 114 12.81 29.51 47.07
CA LYS X 114 12.84 30.92 47.57
C LYS X 114 13.80 31.03 48.76
N SER X 115 13.90 29.97 49.59
CA SER X 115 14.81 29.88 50.76
C SER X 115 16.26 29.69 50.30
N THR X 116 16.59 28.47 49.86
CA THR X 116 17.96 28.01 49.46
C THR X 116 18.53 28.98 48.43
N GLY X 117 17.79 29.20 47.34
CA GLY X 117 18.24 29.96 46.15
C GLY X 117 18.78 29.04 45.06
N GLU X 118 18.61 27.73 45.19
CA GLU X 118 19.02 26.75 44.15
C GLU X 118 17.98 26.76 43.03
N VAL X 119 18.44 26.75 41.79
CA VAL X 119 17.59 26.74 40.56
C VAL X 119 17.26 25.30 40.23
N TYR X 120 16.04 25.06 39.76
CA TYR X 120 15.60 23.77 39.19
C TYR X 120 15.00 24.02 37.79
N LEU X 121 15.56 23.34 36.78
CA LEU X 121 15.07 23.32 35.38
C LEU X 121 14.59 21.91 35.04
N CYS X 122 13.57 21.80 34.19
CA CYS X 122 13.01 20.52 33.69
C CYS X 122 12.46 20.73 32.28
N ALA X 123 12.92 19.93 31.32
CA ALA X 123 12.45 19.93 29.92
C ALA X 123 11.85 18.56 29.64
N THR X 124 10.57 18.42 29.97
CA THR X 124 9.78 17.18 29.77
C THR X 124 9.50 17.06 28.26
N ASP X 125 9.69 15.87 27.68
CA ASP X 125 9.20 15.52 26.31
C ASP X 125 7.70 15.21 26.42
N LEU X 126 7.03 14.88 25.32
CA LEU X 126 5.55 14.87 25.26
C LEU X 126 4.91 13.78 26.14
N ILE X 127 5.64 12.70 26.46
CA ILE X 127 5.13 11.60 27.34
C ILE X 127 5.85 11.63 28.68
N GLY X 128 6.34 12.79 29.10
CA GLY X 128 6.71 13.04 30.51
C GLY X 128 8.05 12.43 30.87
N ALA X 129 9.06 12.54 30.01
CA ALA X 129 10.44 12.05 30.25
C ALA X 129 11.30 13.19 30.77
N PRO X 130 11.44 13.36 32.11
CA PRO X 130 12.04 14.58 32.66
C PRO X 130 13.54 14.55 32.36
N CYS X 131 14.06 15.70 31.95
CA CYS X 131 15.51 15.98 31.76
C CYS X 131 15.81 17.19 32.63
N GLU X 132 16.61 17.03 33.70
CA GLU X 132 16.76 18.04 34.80
C GLU X 132 18.22 18.48 34.92
N PRO X 133 18.80 19.16 33.91
CA PRO X 133 20.20 19.56 33.95
C PRO X 133 20.45 20.87 34.70
N GLU X 134 21.62 20.95 35.34
CA GLU X 134 22.15 22.12 36.10
C GLU X 134 22.05 23.40 35.26
N ASP X 135 22.28 23.32 33.95
CA ASP X 135 22.74 24.47 33.10
C ASP X 135 21.55 25.22 32.49
N TYR X 136 20.87 24.61 31.53
CA TYR X 136 19.80 25.23 30.71
C TYR X 136 19.02 24.11 30.03
N VAL X 137 17.87 24.44 29.48
CA VAL X 137 17.02 23.49 28.73
C VAL X 137 16.33 24.27 27.61
N CYS X 138 15.88 23.57 26.60
CA CYS X 138 15.15 24.18 25.45
C CYS X 138 14.23 23.16 24.81
N ALA X 139 13.30 23.65 24.01
CA ALA X 139 12.28 22.83 23.32
C ALA X 139 11.66 23.66 22.22
N GLY X 140 10.79 23.04 21.42
CA GLY X 140 10.15 23.66 20.26
C GLY X 140 11.04 23.58 19.04
N THR X 141 10.72 24.38 18.02
CA THR X 141 11.20 24.22 16.63
C THR X 141 12.66 24.64 16.50
N ALA X 142 13.09 25.58 17.34
CA ALA X 142 14.45 26.15 17.34
C ALA X 142 15.40 25.31 18.22
N ALA X 143 14.99 24.10 18.64
CA ALA X 143 15.62 23.33 19.73
C ALA X 143 17.06 22.98 19.37
N GLU X 144 17.28 22.42 18.19
CA GLU X 144 18.65 22.07 17.69
C GLU X 144 19.53 23.31 17.80
N SER X 145 19.08 24.40 17.15
CA SER X 145 19.77 25.70 17.03
C SER X 145 20.05 26.31 18.41
N LEU X 146 19.13 26.16 19.36
CA LEU X 146 19.22 26.76 20.72
C LEU X 146 20.28 26.03 21.55
N HIS X 147 20.33 24.70 21.47
CA HIS X 147 21.38 23.86 22.12
C HIS X 147 22.75 24.34 21.66
N GLY X 148 22.91 24.54 20.35
CA GLY X 148 24.11 25.13 19.73
C GLY X 148 24.48 26.45 20.41
N MET X 149 23.54 27.39 20.47
CA MET X 149 23.77 28.72 21.08
C MET X 149 24.12 28.55 22.55
N CYS X 150 23.17 28.05 23.35
CA CYS X 150 23.24 27.96 24.84
C CYS X 150 24.55 27.27 25.28
N GLU X 151 25.00 26.24 24.55
CA GLU X 151 26.22 25.47 24.88
C GLU X 151 27.46 26.38 24.82
N ALA X 152 27.57 27.19 23.78
CA ALA X 152 28.70 28.12 23.56
C ALA X 152 28.69 29.22 24.62
N LEU X 153 27.58 29.96 24.71
CA LEU X 153 27.48 31.23 25.46
C LEU X 153 27.48 30.98 26.97
N TRP X 154 26.82 29.91 27.43
CA TRP X 154 26.47 29.71 28.85
C TRP X 154 27.69 29.26 29.67
N ARG X 155 28.00 29.99 30.76
CA ARG X 155 28.96 29.59 31.84
C ARG X 155 28.18 29.37 33.14
N PRO X 156 28.72 28.57 34.08
CA PRO X 156 28.14 28.40 35.41
C PRO X 156 27.59 29.67 36.10
N GLY X 157 28.33 30.26 37.04
CA GLY X 157 27.74 31.13 38.09
C GLY X 157 27.53 32.53 37.58
N MET X 158 26.52 32.74 36.74
CA MET X 158 26.22 34.06 36.10
C MET X 158 25.17 34.82 36.93
N SER X 159 25.16 36.15 36.80
CA SER X 159 24.24 37.09 37.52
C SER X 159 23.10 37.48 36.59
N PRO X 160 21.89 37.80 37.14
CA PRO X 160 20.68 37.92 36.33
C PRO X 160 20.83 38.68 35.00
N GLU X 161 21.56 39.79 35.01
CA GLU X 161 21.70 40.72 33.85
C GLU X 161 22.56 40.05 32.77
N GLU X 162 23.78 39.61 33.10
CA GLU X 162 24.66 38.80 32.21
C GLU X 162 23.83 37.72 31.52
N LEU X 163 23.10 36.92 32.32
CA LEU X 163 22.39 35.69 31.90
C LEU X 163 21.37 36.06 30.83
N PHE X 164 20.47 37.01 31.16
CA PHE X 164 19.40 37.53 30.27
C PHE X 164 19.97 37.83 28.89
N GLU X 165 21.12 38.52 28.85
CA GLU X 165 21.77 39.00 27.60
C GLU X 165 22.25 37.83 26.76
N ILE X 166 22.61 36.70 27.37
CA ILE X 166 23.03 35.48 26.63
C ILE X 166 21.81 34.59 26.36
N ALA X 167 20.78 34.63 27.21
CA ALA X 167 19.48 33.94 27.01
C ALA X 167 18.74 34.58 25.83
N ALA X 168 18.77 35.91 25.76
CA ALA X 168 18.15 36.70 24.68
C ALA X 168 18.93 36.46 23.39
N GLN X 169 20.26 36.63 23.41
CA GLN X 169 21.09 36.42 22.20
C GLN X 169 20.95 34.98 21.70
N ALA X 170 20.81 34.02 22.61
CA ALA X 170 20.58 32.60 22.26
C ALA X 170 19.25 32.51 21.51
N MET X 171 18.13 32.87 22.16
CA MET X 171 16.76 32.71 21.63
C MET X 171 16.67 33.41 20.27
N LEU X 172 17.22 34.63 20.17
CA LEU X 172 17.16 35.42 18.92
C LEU X 172 17.99 34.75 17.83
N SER X 173 19.30 34.56 18.04
CA SER X 173 20.24 34.05 17.02
C SER X 173 19.86 32.64 16.54
N ALA X 174 18.98 31.92 17.27
CA ALA X 174 18.38 30.62 16.88
C ALA X 174 17.11 30.82 16.03
N CYS X 175 16.24 31.75 16.42
CA CYS X 175 14.94 32.06 15.74
C CYS X 175 15.17 32.78 14.39
N ASP X 176 16.38 33.28 14.13
CA ASP X 176 16.85 33.74 12.79
C ASP X 176 16.91 32.53 11.85
N ARG X 177 17.42 31.41 12.35
CA ARG X 177 17.66 30.14 11.61
C ARG X 177 16.46 29.19 11.71
N ASP X 178 15.32 29.64 12.25
CA ASP X 178 14.06 28.85 12.32
C ASP X 178 12.91 29.64 11.68
N SER X 179 12.24 29.00 10.71
CA SER X 179 11.02 29.48 10.01
C SER X 179 9.90 29.72 11.02
N LEU X 180 9.75 28.76 11.94
CA LEU X 180 8.52 28.53 12.75
C LEU X 180 8.62 29.22 14.12
N SER X 181 9.71 29.94 14.40
CA SER X 181 9.90 30.79 15.61
C SER X 181 10.32 32.20 15.20
N GLY X 182 10.25 33.15 16.14
CA GLY X 182 10.76 34.53 16.01
C GLY X 182 9.72 35.56 16.43
N TYR X 183 9.71 36.70 15.74
CA TYR X 183 8.89 37.90 16.08
C TYR X 183 9.25 38.33 17.49
N GLY X 184 10.56 38.44 17.70
CA GLY X 184 11.15 38.77 19.00
C GLY X 184 11.10 37.58 19.92
N ALA X 185 10.62 37.81 21.14
CA ALA X 185 10.88 36.96 22.32
C ALA X 185 10.39 37.67 23.57
N VAL X 186 9.75 36.93 24.47
CA VAL X 186 9.49 37.41 25.86
C VAL X 186 10.34 36.56 26.79
N ALA X 187 11.37 37.18 27.37
CA ALA X 187 12.18 36.62 28.47
C ALA X 187 11.50 36.92 29.79
N MET X 188 11.96 36.26 30.83
CA MET X 188 11.45 36.44 32.20
C MET X 188 12.53 36.01 33.18
N ILE X 189 13.15 36.98 33.85
CA ILE X 189 14.35 36.79 34.72
C ILE X 189 13.84 36.68 36.15
N VAL X 190 13.83 35.47 36.71
CA VAL X 190 13.34 35.20 38.08
C VAL X 190 14.56 35.17 39.01
N THR X 191 14.46 35.88 40.14
CA THR X 191 15.42 35.92 41.27
C THR X 191 14.60 35.63 42.53
N LYS X 192 15.23 35.20 43.63
CA LYS X 192 14.57 35.12 44.96
C LYS X 192 13.87 36.45 45.25
N ASP X 193 14.57 37.54 44.92
CA ASP X 193 14.20 38.96 45.16
C ASP X 193 12.99 39.37 44.31
N LYS X 194 13.16 39.45 42.98
CA LYS X 194 12.22 40.10 42.02
C LYS X 194 12.16 39.33 40.70
N VAL X 195 11.07 39.51 39.95
CA VAL X 195 10.77 38.83 38.65
C VAL X 195 10.69 39.90 37.55
N THR X 196 11.70 39.96 36.68
CA THR X 196 11.83 40.96 35.58
C THR X 196 11.35 40.35 34.26
N THR X 197 10.22 40.81 33.74
CA THR X 197 9.61 40.38 32.45
C THR X 197 10.05 41.38 31.38
N ARG X 198 10.76 40.90 30.35
CA ARG X 198 11.28 41.75 29.24
C ARG X 198 10.68 41.26 27.93
N LEU X 199 10.25 42.20 27.09
CA LEU X 199 9.85 41.93 25.68
C LEU X 199 11.01 42.40 24.80
N ILE X 200 11.65 41.47 24.09
CA ILE X 200 12.88 41.70 23.29
C ILE X 200 12.47 41.95 21.84
N LYS X 201 13.15 42.89 21.17
CA LYS X 201 12.93 43.21 19.73
C LYS X 201 13.87 42.32 18.90
N GLY X 202 13.32 41.59 17.94
CA GLY X 202 14.04 40.73 17.00
C GLY X 202 13.62 41.02 15.57
N ARG X 203 13.79 40.03 14.70
CA ARG X 203 13.39 40.13 13.26
C ARG X 203 11.87 40.09 13.14
N LYS X 204 11.33 40.40 11.95
CA LYS X 204 9.88 40.31 11.60
C LYS X 204 9.72 39.35 10.41
N ASP X 205 10.05 38.06 10.62
CA ASP X 205 10.40 37.04 9.59
C ASP X 205 9.75 35.68 9.93
N MET Y 1 -12.22 26.09 3.34
CA MET Y 1 -11.22 26.77 2.45
C MET Y 1 -11.95 27.51 1.31
N ALA Y 2 -13.00 26.91 0.74
CA ALA Y 2 -13.86 27.50 -0.32
C ALA Y 2 -14.39 28.88 0.11
N GLU Y 3 -14.84 28.97 1.36
CA GLU Y 3 -15.74 30.05 1.86
C GLU Y 3 -14.94 30.89 2.85
N THR Y 4 -14.66 32.13 2.49
CA THR Y 4 -13.78 33.07 3.22
C THR Y 4 -14.60 33.84 4.27
N ALA Y 5 -14.18 33.76 5.52
CA ALA Y 5 -14.56 34.70 6.60
C ALA Y 5 -13.40 35.66 6.83
N ILE Y 6 -13.73 36.93 7.09
CA ILE Y 6 -12.79 38.04 7.40
C ILE Y 6 -13.33 38.73 8.64
N ALA Y 7 -12.47 39.18 9.52
CA ALA Y 7 -12.91 40.00 10.66
C ALA Y 7 -11.77 40.92 11.07
N PHE Y 8 -12.09 42.10 11.59
CA PHE Y 8 -11.11 43.02 12.20
C PHE Y 8 -11.79 43.90 13.25
N ARG Y 9 -10.98 44.31 14.24
CA ARG Y 9 -11.39 44.94 15.51
C ARG Y 9 -10.70 46.28 15.62
N CYS Y 10 -11.47 47.33 15.82
CA CYS Y 10 -11.00 48.75 15.90
C CYS Y 10 -11.38 49.33 17.25
N LYS Y 11 -11.29 50.65 17.41
CA LYS Y 11 -11.41 51.33 18.72
C LYS Y 11 -12.73 50.90 19.37
N ASP Y 12 -13.82 50.89 18.61
CA ASP Y 12 -15.21 50.85 19.15
C ASP Y 12 -16.16 50.05 18.23
N TYR Y 13 -15.66 49.02 17.55
CA TYR Y 13 -16.48 48.01 16.84
C TYR Y 13 -15.59 46.87 16.34
N VAL Y 14 -16.14 45.65 16.28
CA VAL Y 14 -15.60 44.54 15.45
C VAL Y 14 -16.47 44.45 14.20
N MET Y 15 -15.83 44.28 13.06
CA MET Y 15 -16.47 43.99 11.76
C MET Y 15 -16.20 42.54 11.42
N VAL Y 16 -17.21 41.82 10.95
CA VAL Y 16 -17.08 40.39 10.51
C VAL Y 16 -17.70 40.28 9.13
N ALA Y 17 -17.12 39.44 8.27
CA ALA Y 17 -17.59 39.21 6.88
C ALA Y 17 -17.40 37.73 6.52
N ALA Y 18 -18.42 37.13 5.92
CA ALA Y 18 -18.46 35.67 5.64
C ALA Y 18 -19.12 35.44 4.29
N ALA Y 19 -18.45 34.65 3.44
CA ALA Y 19 -18.93 34.14 2.13
C ALA Y 19 -20.41 33.79 2.22
N GLY Y 20 -21.17 34.15 1.19
CA GLY Y 20 -22.55 33.68 0.98
C GLY Y 20 -22.57 32.33 0.31
N LEU Y 21 -21.45 31.90 -0.28
CA LEU Y 21 -21.39 30.74 -1.20
C LEU Y 21 -21.74 29.46 -0.45
N ASN Y 22 -22.85 28.83 -0.86
CA ASN Y 22 -23.34 27.49 -0.44
C ASN Y 22 -23.08 26.53 -1.61
N ALA Y 23 -22.18 25.58 -1.43
CA ALA Y 23 -21.62 24.74 -2.52
C ALA Y 23 -21.94 23.27 -2.27
N PHE Y 24 -22.27 22.53 -3.33
CA PHE Y 24 -22.39 21.04 -3.37
C PHE Y 24 -21.38 20.57 -4.44
N TYR Y 25 -20.23 20.07 -3.99
CA TYR Y 25 -19.03 19.77 -4.83
C TYR Y 25 -18.58 21.07 -5.52
N TYR Y 26 -18.80 21.17 -6.84
CA TYR Y 26 -18.34 22.29 -7.71
C TYR Y 26 -19.56 23.11 -8.17
N ILE Y 27 -20.73 22.95 -7.52
CA ILE Y 27 -22.00 23.58 -7.94
C ILE Y 27 -22.37 24.67 -6.93
N LYS Y 28 -22.41 25.93 -7.37
CA LYS Y 28 -23.05 27.05 -6.63
C LYS Y 28 -24.55 26.78 -6.57
N ILE Y 29 -25.05 26.45 -5.37
CA ILE Y 29 -26.50 26.39 -5.05
C ILE Y 29 -27.01 27.83 -4.97
N THR Y 30 -26.37 28.64 -4.14
CA THR Y 30 -26.76 30.04 -3.87
C THR Y 30 -25.54 30.84 -3.42
N ASP Y 31 -25.70 32.15 -3.29
CA ASP Y 31 -24.71 33.13 -2.77
C ASP Y 31 -25.34 33.87 -1.57
N ALA Y 32 -26.29 33.23 -0.87
CA ALA Y 32 -27.10 33.87 0.20
C ALA Y 32 -27.36 32.87 1.34
N GLU Y 33 -26.26 32.41 1.95
CA GLU Y 33 -26.22 31.61 3.22
C GLU Y 33 -25.43 32.40 4.28
N ASP Y 34 -26.14 32.95 5.28
CA ASP Y 34 -25.54 33.72 6.40
C ASP Y 34 -24.81 32.72 7.30
N LYS Y 35 -23.49 32.84 7.39
CA LYS Y 35 -22.61 31.95 8.18
C LYS Y 35 -22.22 32.61 9.50
N ILE Y 36 -22.40 33.92 9.61
CA ILE Y 36 -22.22 34.67 10.88
C ILE Y 36 -23.47 34.47 11.75
N THR Y 37 -23.43 33.49 12.66
CA THR Y 37 -24.52 33.28 13.65
C THR Y 37 -24.33 34.33 14.74
N GLN Y 38 -25.41 34.64 15.44
CA GLN Y 38 -25.42 35.58 16.57
C GLN Y 38 -25.62 34.75 17.84
N LEU Y 39 -24.62 34.70 18.74
CA LEU Y 39 -24.67 33.88 19.98
C LEU Y 39 -25.33 34.64 21.13
N ASP Y 40 -25.37 35.97 21.02
CA ASP Y 40 -25.84 36.91 22.07
C ASP Y 40 -26.28 38.21 21.39
N THR Y 41 -26.76 39.16 22.19
CA THR Y 41 -26.96 40.58 21.78
C THR Y 41 -25.64 41.16 21.25
N HIS Y 42 -24.51 40.79 21.87
CA HIS Y 42 -23.21 41.49 21.69
C HIS Y 42 -22.10 40.54 21.26
N GLN Y 43 -22.42 39.37 20.71
CA GLN Y 43 -21.41 38.33 20.34
C GLN Y 43 -21.88 37.54 19.12
N LEU Y 44 -21.02 37.39 18.12
CA LEU Y 44 -21.31 36.60 16.91
C LEU Y 44 -20.06 35.85 16.46
N VAL Y 45 -20.23 34.80 15.66
CA VAL Y 45 -19.12 33.86 15.29
C VAL Y 45 -19.20 33.56 13.80
N ALA Y 46 -18.26 34.08 13.02
CA ALA Y 46 -18.11 33.74 11.58
C ALA Y 46 -17.53 32.34 11.47
N CYS Y 47 -18.40 31.34 11.39
CA CYS Y 47 -17.97 29.93 11.28
C CYS Y 47 -17.97 29.57 9.80
N THR Y 48 -16.91 28.89 9.33
CA THR Y 48 -16.74 28.50 7.91
C THR Y 48 -16.15 27.09 7.86
N GLY Y 49 -17.05 26.11 7.83
CA GLY Y 49 -16.75 24.73 7.42
C GLY Y 49 -17.89 24.20 6.60
N GLU Y 50 -17.87 22.89 6.35
CA GLU Y 50 -19.02 22.12 5.83
C GLU Y 50 -20.25 22.37 6.74
N ASN Y 51 -21.44 22.47 6.12
CA ASN Y 51 -22.71 22.93 6.75
C ASN Y 51 -23.02 22.10 8.00
N GLY Y 52 -22.74 20.79 7.99
CA GLY Y 52 -23.11 19.86 9.08
C GLY Y 52 -22.43 20.25 10.39
N PRO Y 53 -21.08 20.13 10.49
CA PRO Y 53 -20.34 20.57 11.67
C PRO Y 53 -20.45 22.06 12.00
N ARG Y 54 -20.64 22.92 11.01
CA ARG Y 54 -20.77 24.39 11.25
C ARG Y 54 -22.01 24.67 12.10
N VAL Y 55 -23.15 24.13 11.67
CA VAL Y 55 -24.48 24.30 12.32
C VAL Y 55 -24.48 23.60 13.69
N ASN Y 56 -24.08 22.33 13.74
CA ASN Y 56 -24.16 21.50 14.97
C ASN Y 56 -23.20 22.00 16.05
N PHE Y 57 -22.22 22.85 15.71
CA PHE Y 57 -21.26 23.49 16.65
C PHE Y 57 -21.74 24.89 17.04
N THR Y 58 -22.16 25.73 16.10
CA THR Y 58 -22.70 27.09 16.41
C THR Y 58 -24.05 26.97 17.10
N GLU Y 59 -24.80 25.88 16.90
CA GLU Y 59 -26.09 25.66 17.62
C GLU Y 59 -25.76 25.23 19.05
N TYR Y 60 -24.93 24.23 19.21
CA TYR Y 60 -24.49 23.70 20.53
C TYR Y 60 -24.01 24.84 21.44
N ILE Y 61 -23.20 25.77 20.91
CA ILE Y 61 -22.67 26.95 21.66
C ILE Y 61 -23.85 27.88 21.97
N LYS Y 62 -24.62 28.25 20.94
CA LYS Y 62 -25.71 29.26 21.02
C LYS Y 62 -26.75 28.81 22.05
N CYS Y 63 -27.00 27.50 22.16
CA CYS Y 63 -27.92 26.87 23.16
C CYS Y 63 -27.27 26.89 24.53
N ASN Y 64 -26.06 26.36 24.66
CA ASN Y 64 -25.33 26.27 25.95
C ASN Y 64 -24.95 27.66 26.49
N LEU Y 65 -25.06 28.74 25.70
CA LEU Y 65 -24.91 30.14 26.19
C LEU Y 65 -26.25 30.67 26.65
N ALA Y 66 -27.32 30.40 25.89
CA ALA Y 66 -28.72 30.74 26.24
C ALA Y 66 -29.09 30.02 27.55
N LEU Y 67 -28.69 28.76 27.68
CA LEU Y 67 -28.88 27.91 28.90
C LEU Y 67 -28.17 28.55 30.09
N ASN Y 68 -26.97 29.13 29.88
CA ASN Y 68 -26.24 29.85 30.94
C ASN Y 68 -26.95 31.15 31.30
N ARG Y 69 -27.45 31.92 30.32
CA ARG Y 69 -28.20 33.18 30.60
C ARG Y 69 -29.48 32.90 31.41
N MET Y 70 -30.12 31.74 31.24
CA MET Y 70 -31.30 31.30 32.04
C MET Y 70 -30.85 31.09 33.50
N ARG Y 71 -29.92 30.15 33.71
CA ARG Y 71 -29.42 29.70 35.04
C ARG Y 71 -28.68 30.82 35.76
N GLN Y 72 -28.21 31.84 35.04
CA GLN Y 72 -27.55 33.04 35.58
C GLN Y 72 -28.45 34.28 35.35
N HIS Y 73 -29.76 34.13 35.64
CA HIS Y 73 -30.79 35.20 35.77
C HIS Y 73 -30.50 36.42 34.89
N GLY Y 74 -30.29 36.20 33.58
CA GLY Y 74 -30.18 37.24 32.54
C GLY Y 74 -28.80 37.87 32.44
N ARG Y 75 -27.77 37.31 33.10
CA ARG Y 75 -26.37 37.83 33.09
C ARG Y 75 -25.71 37.47 31.76
N HIS Y 76 -25.19 38.47 31.04
CA HIS Y 76 -24.55 38.32 29.70
C HIS Y 76 -23.06 38.07 29.88
N SER Y 77 -22.63 36.82 29.73
CA SER Y 77 -21.23 36.33 29.92
C SER Y 77 -20.28 37.10 28.99
N SER Y 78 -19.05 37.33 29.45
CA SER Y 78 -17.99 38.05 28.70
C SER Y 78 -17.68 37.32 27.39
N CYS Y 79 -16.87 37.94 26.53
CA CYS Y 79 -16.43 37.35 25.25
C CYS Y 79 -15.31 36.36 25.54
N GLU Y 80 -14.32 36.78 26.33
CA GLU Y 80 -13.24 35.91 26.85
C GLU Y 80 -13.84 34.56 27.23
N SER Y 81 -14.94 34.58 28.00
CA SER Y 81 -15.69 33.38 28.45
C SER Y 81 -16.06 32.52 27.24
N THR Y 82 -17.00 32.99 26.40
CA THR Y 82 -17.63 32.15 25.35
C THR Y 82 -16.53 31.66 24.41
N ALA Y 83 -15.62 32.53 24.00
CA ALA Y 83 -14.41 32.15 23.23
C ALA Y 83 -13.75 30.94 23.89
N ASN Y 84 -13.46 31.00 25.19
CA ASN Y 84 -12.72 29.93 25.91
C ASN Y 84 -13.60 28.69 26.04
N PHE Y 85 -14.92 28.87 26.06
CA PHE Y 85 -15.90 27.76 26.11
C PHE Y 85 -15.94 27.09 24.74
N MET Y 86 -15.99 27.89 23.68
CA MET Y 86 -16.02 27.41 22.27
C MET Y 86 -14.77 26.56 22.05
N ARG Y 87 -13.59 27.05 22.45
CA ARG Y 87 -12.30 26.35 22.16
C ARG Y 87 -12.23 25.07 22.98
N ASN Y 88 -12.69 25.11 24.23
CA ASN Y 88 -12.66 23.97 25.18
C ASN Y 88 -13.56 22.86 24.62
N CYS Y 89 -14.66 23.25 23.98
CA CYS Y 89 -15.58 22.35 23.23
C CYS Y 89 -14.89 21.82 21.95
N LEU Y 90 -14.25 22.67 21.15
CA LEU Y 90 -13.51 22.29 19.91
C LEU Y 90 -12.38 21.32 20.24
N ALA Y 91 -11.67 21.58 21.34
CA ALA Y 91 -10.48 20.80 21.78
C ALA Y 91 -10.92 19.42 22.28
N SER Y 92 -11.90 19.39 23.17
CA SER Y 92 -12.56 18.15 23.67
C SER Y 92 -12.91 17.23 22.50
N ALA Y 93 -13.28 17.81 21.36
CA ALA Y 93 -13.79 17.09 20.17
C ALA Y 93 -12.65 16.37 19.43
N ILE Y 94 -11.40 16.86 19.44
CA ILE Y 94 -10.31 16.20 18.65
C ILE Y 94 -9.80 14.94 19.38
N ARG Y 95 -10.23 14.68 20.63
CA ARG Y 95 -9.89 13.46 21.41
C ARG Y 95 -11.17 12.74 21.84
N SER Y 96 -12.23 12.76 21.01
CA SER Y 96 -13.45 11.93 21.19
C SER Y 96 -13.59 11.02 19.97
N ARG Y 97 -14.46 10.00 20.06
CA ARG Y 97 -14.79 9.06 18.95
C ARG Y 97 -15.30 9.84 17.73
N GLU Y 98 -16.05 10.92 17.96
CA GLU Y 98 -16.71 11.76 16.91
C GLU Y 98 -15.65 12.26 15.94
N GLY Y 99 -14.52 12.74 16.47
CA GLY Y 99 -13.49 13.49 15.75
C GLY Y 99 -13.77 14.98 15.83
N ALA Y 100 -12.83 15.79 15.37
CA ALA Y 100 -12.86 17.28 15.37
C ALA Y 100 -14.11 17.82 14.67
N TYR Y 101 -14.84 18.76 15.30
CA TYR Y 101 -15.72 19.70 14.57
C TYR Y 101 -14.81 20.39 13.56
N GLN Y 102 -15.09 20.27 12.26
CA GLN Y 102 -14.16 20.71 11.19
C GLN Y 102 -14.49 22.15 10.77
N VAL Y 103 -14.43 23.09 11.71
CA VAL Y 103 -14.99 24.46 11.57
C VAL Y 103 -13.96 25.49 12.02
N ASN Y 104 -13.76 26.51 11.21
CA ASN Y 104 -12.77 27.57 11.49
C ASN Y 104 -13.53 28.85 11.84
N CYS Y 105 -13.55 29.22 13.12
CA CYS Y 105 -14.38 30.32 13.70
C CYS Y 105 -13.59 31.62 13.77
N LEU Y 106 -14.23 32.75 13.50
CA LEU Y 106 -13.76 34.09 13.91
C LEU Y 106 -14.76 34.66 14.88
N PHE Y 107 -14.63 34.29 16.14
CA PHE Y 107 -15.53 34.74 17.23
C PHE Y 107 -15.25 36.20 17.54
N ALA Y 108 -16.29 37.01 17.59
CA ALA Y 108 -16.23 38.49 17.79
C ALA Y 108 -17.34 38.92 18.74
N GLY Y 109 -17.04 39.88 19.59
CA GLY Y 109 -18.04 40.47 20.49
C GLY Y 109 -17.64 41.84 20.98
N TYR Y 110 -18.48 42.42 21.82
CA TYR Y 110 -18.27 43.74 22.46
C TYR Y 110 -18.67 43.63 23.92
N ASP Y 111 -17.69 43.46 24.80
CA ASP Y 111 -17.92 43.44 26.26
C ASP Y 111 -18.35 44.85 26.65
N THR Y 112 -19.58 44.98 27.14
CA THR Y 112 -20.12 46.18 27.84
C THR Y 112 -20.05 45.91 29.35
N PRO Y 113 -19.98 46.95 30.20
CA PRO Y 113 -20.09 46.76 31.64
C PRO Y 113 -21.48 46.19 31.96
N VAL Y 114 -21.51 45.00 32.55
CA VAL Y 114 -22.74 44.18 32.79
C VAL Y 114 -23.50 44.71 34.02
N SER Y 115 -22.84 45.45 34.92
CA SER Y 115 -23.47 46.10 36.10
C SER Y 115 -22.60 47.31 36.54
N GLU Y 116 -22.85 47.85 37.74
CA GLU Y 116 -22.03 48.93 38.37
C GLU Y 116 -20.61 48.43 38.65
N ASP Y 117 -20.49 47.17 39.10
CA ASP Y 117 -19.27 46.61 39.77
C ASP Y 117 -18.24 46.12 38.75
N ASP Y 118 -18.62 45.91 37.49
CA ASP Y 118 -17.75 45.36 36.41
C ASP Y 118 -16.53 46.26 36.21
N ASP Y 119 -15.34 45.67 36.36
CA ASP Y 119 -14.02 46.33 36.16
C ASP Y 119 -13.36 45.82 34.87
N GLY Y 120 -13.95 44.80 34.22
CA GLY Y 120 -13.35 44.03 33.11
C GLY Y 120 -13.25 44.83 31.84
N VAL Y 121 -12.66 44.25 30.79
CA VAL Y 121 -12.58 44.85 29.41
C VAL Y 121 -13.95 45.42 29.07
N VAL Y 122 -14.01 46.75 28.88
CA VAL Y 122 -15.06 47.42 28.07
C VAL Y 122 -14.50 47.53 26.64
N GLY Y 123 -15.30 47.20 25.64
CA GLY Y 123 -14.92 47.38 24.23
C GLY Y 123 -14.92 46.07 23.47
N PRO Y 124 -14.48 46.12 22.20
CA PRO Y 124 -14.59 45.00 21.27
C PRO Y 124 -13.47 43.97 21.43
N GLN Y 125 -13.81 42.71 21.16
CA GLN Y 125 -12.95 41.52 21.33
C GLN Y 125 -13.11 40.63 20.10
N LEU Y 126 -12.02 40.37 19.38
CA LEU Y 126 -11.99 39.40 18.27
C LEU Y 126 -11.03 38.26 18.63
N PHE Y 127 -11.44 37.02 18.36
CA PHE Y 127 -10.65 35.78 18.60
C PHE Y 127 -10.68 34.92 17.34
N TYR Y 128 -9.51 34.57 16.84
CA TYR Y 128 -9.31 33.57 15.77
C TYR Y 128 -9.35 32.19 16.42
N MET Y 129 -10.09 31.22 15.88
CA MET Y 129 -10.06 29.82 16.38
C MET Y 129 -9.99 28.83 15.22
N ASP Y 130 -8.97 27.97 15.27
CA ASP Y 130 -8.80 26.78 14.43
C ASP Y 130 -9.84 25.75 14.85
N TYR Y 131 -10.06 24.76 14.00
CA TYR Y 131 -10.92 23.57 14.24
C TYR Y 131 -10.37 22.73 15.40
N LEU Y 132 -9.05 22.78 15.61
CA LEU Y 132 -8.33 22.04 16.69
C LEU Y 132 -8.66 22.64 18.06
N GLY Y 133 -8.82 23.97 18.14
CA GLY Y 133 -9.06 24.69 19.40
C GLY Y 133 -7.97 25.68 19.71
N THR Y 134 -7.06 25.93 18.78
CA THR Y 134 -6.12 27.08 18.76
C THR Y 134 -6.92 28.39 18.90
N LEU Y 135 -7.32 28.80 20.11
CA LEU Y 135 -7.86 30.15 20.37
C LEU Y 135 -6.71 31.16 20.36
N GLN Y 136 -6.97 32.37 19.87
CA GLN Y 136 -5.99 33.48 19.91
C GLN Y 136 -6.71 34.81 19.69
N ALA Y 137 -6.57 35.73 20.64
CA ALA Y 137 -7.06 37.12 20.48
C ALA Y 137 -6.22 37.79 19.39
N VAL Y 138 -6.87 38.51 18.48
CA VAL Y 138 -6.20 39.16 17.31
C VAL Y 138 -6.87 40.49 17.01
N PRO Y 139 -6.13 41.40 16.33
CA PRO Y 139 -6.74 42.62 15.78
C PRO Y 139 -7.61 42.32 14.55
N TYR Y 140 -7.17 41.37 13.72
CA TYR Y 140 -7.88 40.95 12.48
C TYR Y 140 -7.49 39.53 12.16
N GLY Y 141 -8.43 38.76 11.65
CA GLY Y 141 -8.21 37.35 11.28
C GLY Y 141 -8.97 37.01 10.03
N CYS Y 142 -8.66 35.84 9.46
CA CYS Y 142 -9.41 35.27 8.32
C CYS Y 142 -9.29 33.75 8.29
N HIS Y 143 -10.26 33.14 7.63
CA HIS Y 143 -10.31 31.69 7.31
C HIS Y 143 -10.74 31.53 5.86
N GLY Y 144 -10.21 30.53 5.18
CA GLY Y 144 -10.57 30.21 3.78
C GLY Y 144 -9.49 30.61 2.81
N TYR Y 145 -9.63 30.21 1.55
CA TYR Y 145 -8.63 30.44 0.48
C TYR Y 145 -8.25 31.92 0.47
N GLY Y 146 -9.27 32.78 0.56
CA GLY Y 146 -9.16 34.25 0.51
C GLY Y 146 -8.37 34.83 1.67
N ALA Y 147 -8.28 34.11 2.79
CA ALA Y 147 -7.68 34.55 4.06
C ALA Y 147 -6.37 35.29 3.83
N CYS Y 148 -5.38 34.61 3.24
CA CYS Y 148 -3.99 35.10 3.13
C CYS Y 148 -3.90 36.35 2.25
N PHE Y 149 -4.86 36.58 1.34
CA PHE Y 149 -4.93 37.82 0.51
C PHE Y 149 -5.38 39.00 1.35
N VAL Y 150 -6.39 38.75 2.16
CA VAL Y 150 -6.99 39.77 3.06
C VAL Y 150 -6.01 40.05 4.20
N THR Y 151 -5.49 39.00 4.84
CA THR Y 151 -4.59 39.05 6.04
C THR Y 151 -3.45 40.03 5.74
N ALA Y 152 -2.86 39.96 4.55
CA ALA Y 152 -1.76 40.84 4.10
C ALA Y 152 -2.33 42.23 3.74
N LEU Y 153 -3.49 42.28 3.10
CA LEU Y 153 -4.13 43.56 2.72
C LEU Y 153 -4.50 44.34 3.98
N LEU Y 154 -4.84 43.66 5.08
CA LEU Y 154 -5.16 44.31 6.38
C LEU Y 154 -3.87 44.78 7.04
N ASP Y 155 -2.85 43.92 7.16
CA ASP Y 155 -1.49 44.32 7.62
C ASP Y 155 -1.19 45.72 7.09
N ARG Y 156 -1.46 45.95 5.80
CA ARG Y 156 -1.13 47.18 5.03
C ARG Y 156 -1.99 48.36 5.53
N LEU Y 157 -3.31 48.21 5.45
CA LEU Y 157 -4.28 49.32 5.58
C LEU Y 157 -4.76 49.45 7.02
N TRP Y 158 -5.19 48.35 7.64
CA TRP Y 158 -5.81 48.33 9.00
C TRP Y 158 -4.93 49.11 9.96
N ARG Y 159 -5.50 50.15 10.57
CA ARG Y 159 -4.99 50.83 11.78
C ARG Y 159 -6.01 50.52 12.89
N PRO Y 160 -5.64 50.65 14.17
CA PRO Y 160 -6.58 50.33 15.26
C PRO Y 160 -7.74 51.32 15.47
N ASP Y 161 -7.70 52.49 14.83
CA ASP Y 161 -8.42 53.72 15.26
C ASP Y 161 -9.44 54.19 14.21
N LEU Y 162 -9.65 53.45 13.12
CA LEU Y 162 -10.50 53.94 12.00
C LEU Y 162 -11.98 53.90 12.42
N SER Y 163 -12.80 54.76 11.79
CA SER Y 163 -14.25 54.99 12.07
C SER Y 163 -15.08 53.72 11.78
N GLN Y 164 -16.39 53.80 12.01
CA GLN Y 164 -17.37 52.84 11.44
C GLN Y 164 -17.34 53.00 9.91
N GLN Y 165 -17.14 54.23 9.41
CA GLN Y 165 -17.22 54.57 7.96
C GLN Y 165 -15.99 54.05 7.21
N GLU Y 166 -14.77 54.22 7.75
CA GLU Y 166 -13.50 53.74 7.12
C GLU Y 166 -13.42 52.21 7.20
N GLY Y 167 -14.16 51.59 8.13
CA GLY Y 167 -14.35 50.12 8.26
C GLY Y 167 -15.20 49.53 7.16
N LEU Y 168 -16.19 50.27 6.64
CA LEU Y 168 -16.98 49.85 5.45
C LEU Y 168 -16.08 49.88 4.20
N GLU Y 169 -15.32 50.97 4.01
CA GLU Y 169 -14.39 51.17 2.87
C GLU Y 169 -13.32 50.06 2.87
N LEU Y 170 -12.75 49.76 4.04
CA LEU Y 170 -11.71 48.71 4.22
C LEU Y 170 -12.33 47.34 3.96
N MET Y 171 -13.47 47.03 4.60
CA MET Y 171 -14.15 45.70 4.51
C MET Y 171 -14.62 45.46 3.06
N GLN Y 172 -14.91 46.52 2.30
CA GLN Y 172 -15.19 46.42 0.85
C GLN Y 172 -13.92 45.96 0.12
N LYS Y 173 -12.76 46.58 0.40
CA LYS Y 173 -11.45 46.22 -0.24
C LYS Y 173 -11.06 44.78 0.11
N CYS Y 174 -11.34 44.33 1.35
CA CYS Y 174 -11.04 42.95 1.85
C CYS Y 174 -11.91 41.95 1.11
N CYS Y 175 -13.19 42.28 0.93
CA CYS Y 175 -14.18 41.46 0.18
C CYS Y 175 -13.85 41.49 -1.32
N ASP Y 176 -13.55 42.66 -1.88
CA ASP Y 176 -13.23 42.85 -3.33
C ASP Y 176 -11.93 42.13 -3.70
N GLU Y 177 -10.98 42.00 -2.75
CA GLU Y 177 -9.70 41.27 -2.96
C GLU Y 177 -9.95 39.77 -3.05
N VAL Y 178 -10.94 39.24 -2.30
CA VAL Y 178 -11.31 37.79 -2.38
C VAL Y 178 -12.04 37.55 -3.71
N LYS Y 179 -12.81 38.52 -4.20
CA LYS Y 179 -13.51 38.41 -5.50
C LYS Y 179 -12.51 38.38 -6.65
N ARG Y 180 -11.49 39.25 -6.61
CA ARG Y 180 -10.50 39.42 -7.73
C ARG Y 180 -9.57 38.20 -7.82
N ARG Y 181 -9.23 37.57 -6.69
CA ARG Y 181 -7.98 36.78 -6.57
C ARG Y 181 -8.24 35.31 -6.27
N VAL Y 182 -9.41 34.93 -5.77
CA VAL Y 182 -9.76 33.50 -5.50
C VAL Y 182 -10.66 33.02 -6.64
N ILE Y 183 -10.36 31.86 -7.20
CA ILE Y 183 -11.19 31.23 -8.27
C ILE Y 183 -12.58 30.96 -7.70
N ILE Y 184 -12.67 30.44 -6.48
CA ILE Y 184 -13.96 30.03 -5.85
C ILE Y 184 -14.80 31.29 -5.69
N SER Y 185 -16.00 31.32 -6.31
CA SER Y 185 -16.82 32.54 -6.54
C SER Y 185 -17.47 32.96 -5.21
N ASN Y 186 -16.70 33.59 -4.32
CA ASN Y 186 -17.18 34.16 -3.04
C ASN Y 186 -17.81 35.52 -3.36
N SER Y 187 -18.88 35.53 -4.18
CA SER Y 187 -19.32 36.72 -4.96
C SER Y 187 -20.22 37.64 -4.14
N TYR Y 188 -20.83 37.14 -3.05
CA TYR Y 188 -21.60 37.95 -2.07
C TYR Y 188 -21.08 37.62 -0.66
N PHE Y 189 -20.92 38.66 0.16
CA PHE Y 189 -20.39 38.60 1.55
C PHE Y 189 -21.40 39.20 2.52
N PHE Y 190 -21.84 38.40 3.49
CA PHE Y 190 -22.60 38.90 4.66
C PHE Y 190 -21.61 39.57 5.60
N VAL Y 191 -21.78 40.87 5.83
CA VAL Y 191 -20.94 41.68 6.73
C VAL Y 191 -21.81 42.14 7.90
N LYS Y 192 -21.43 41.75 9.11
CA LYS Y 192 -22.08 42.19 10.37
C LYS Y 192 -21.02 42.80 11.27
N ALA Y 193 -21.32 43.94 11.88
CA ALA Y 193 -20.46 44.61 12.88
C ALA Y 193 -21.11 44.51 14.25
N VAL Y 194 -20.27 44.40 15.28
CA VAL Y 194 -20.65 44.48 16.72
C VAL Y 194 -20.20 45.84 17.22
N THR Y 195 -21.08 46.59 17.88
CA THR Y 195 -20.80 47.90 18.52
C THR Y 195 -21.23 47.82 19.99
N LYS Y 196 -21.15 48.92 20.74
CA LYS Y 196 -21.76 49.05 22.09
C LYS Y 196 -23.27 48.74 22.01
N ASN Y 197 -23.93 49.10 20.91
CA ASN Y 197 -25.42 49.13 20.74
C ASN Y 197 -25.93 47.72 20.46
N GLY Y 198 -25.07 46.83 19.94
CA GLY Y 198 -25.40 45.44 19.61
C GLY Y 198 -24.76 44.99 18.31
N VAL Y 199 -25.37 43.99 17.67
CA VAL Y 199 -25.06 43.58 16.27
C VAL Y 199 -25.95 44.41 15.33
N GLU Y 200 -25.36 45.00 14.30
CA GLU Y 200 -26.06 45.66 13.17
C GLU Y 200 -25.62 44.94 11.89
N VAL Y 201 -26.55 44.73 10.95
CA VAL Y 201 -26.26 44.02 9.68
C VAL Y 201 -25.93 45.08 8.63
N ILE Y 202 -24.64 45.23 8.29
CA ILE Y 202 -24.16 46.16 7.24
C ILE Y 202 -24.59 45.59 5.89
N THR Y 203 -25.51 46.29 5.23
CA THR Y 203 -26.09 45.93 3.90
C THR Y 203 -25.26 46.63 2.79
N ALA Y 204 -24.73 47.84 3.06
CA ALA Y 204 -23.91 48.68 2.15
C ALA Y 204 -22.83 47.83 1.47
N VAL Y 205 -21.95 47.20 2.27
CA VAL Y 205 -20.85 46.31 1.81
C VAL Y 205 -21.42 44.95 1.43
N HIS Y 206 -20.85 44.32 0.39
CA HIS Y 206 -21.07 42.88 0.05
C HIS Y 206 -19.96 42.40 -0.91
N THR Z 100 -29.64 8.45 -10.88
CA THR Z 100 -30.73 9.26 -10.27
C THR Z 100 -30.66 10.70 -10.78
N THR Z 101 -31.82 11.33 -10.90
CA THR Z 101 -32.00 12.79 -10.86
C THR Z 101 -33.26 13.04 -10.04
N THR Z 102 -33.25 14.12 -9.29
CA THR Z 102 -34.26 14.43 -8.26
C THR Z 102 -34.16 15.93 -8.01
N LEU Z 103 -35.22 16.67 -8.29
CA LEU Z 103 -35.22 18.13 -8.06
C LEU Z 103 -36.53 18.55 -7.44
N ALA Z 104 -36.45 19.46 -6.49
CA ALA Z 104 -37.58 20.19 -5.90
C ALA Z 104 -37.30 21.66 -6.07
N PHE Z 105 -38.32 22.50 -6.07
CA PHE Z 105 -38.14 23.95 -5.97
C PHE Z 105 -39.40 24.62 -5.45
N ARG Z 106 -39.19 25.76 -4.81
CA ARG Z 106 -40.21 26.58 -4.14
C ARG Z 106 -40.61 27.73 -5.07
N PHE Z 107 -41.91 28.02 -5.13
CA PHE Z 107 -42.53 29.14 -5.87
C PHE Z 107 -43.76 29.58 -5.07
N ASN Z 108 -44.47 30.62 -5.53
CA ASN Z 108 -45.64 31.20 -4.80
C ASN Z 108 -46.66 30.09 -4.52
N GLY Z 109 -47.10 29.38 -5.57
CA GLY Z 109 -48.10 28.29 -5.51
C GLY Z 109 -47.76 27.17 -4.52
N GLY Z 110 -46.46 26.86 -4.33
CA GLY Z 110 -45.99 25.92 -3.30
C GLY Z 110 -44.64 25.33 -3.60
N ILE Z 111 -44.54 23.99 -3.61
CA ILE Z 111 -43.28 23.26 -3.90
C ILE Z 111 -43.56 22.13 -4.89
N ILE Z 112 -42.89 22.17 -6.04
CA ILE Z 112 -42.77 21.00 -6.96
C ILE Z 112 -41.64 20.11 -6.45
N VAL Z 113 -41.83 18.80 -6.54
CA VAL Z 113 -40.78 17.76 -6.42
C VAL Z 113 -40.92 16.90 -7.67
N ALA Z 114 -39.89 16.83 -8.48
CA ALA Z 114 -39.86 15.95 -9.66
C ALA Z 114 -38.75 14.94 -9.44
N VAL Z 115 -38.90 13.73 -9.98
CA VAL Z 115 -37.85 12.68 -9.94
C VAL Z 115 -37.90 11.88 -11.23
N ASP Z 116 -36.82 11.17 -11.51
CA ASP Z 116 -36.79 10.04 -12.48
C ASP Z 116 -37.24 8.79 -11.71
N SER Z 117 -37.07 7.60 -12.28
CA SER Z 117 -37.61 6.33 -11.73
C SER Z 117 -36.69 5.15 -12.05
N ARG Z 118 -35.37 5.37 -12.04
CA ARG Z 118 -34.37 4.33 -12.36
C ARG Z 118 -33.37 4.22 -11.21
N ALA Z 119 -33.00 2.99 -10.83
CA ALA Z 119 -31.94 2.66 -9.85
C ALA Z 119 -30.92 1.73 -10.51
N SER Z 120 -29.89 2.33 -11.12
CA SER Z 120 -28.81 1.68 -11.90
C SER Z 120 -27.58 1.48 -11.01
N THR Z 121 -27.02 0.26 -11.00
CA THR Z 121 -25.70 -0.06 -10.39
C THR Z 121 -24.63 0.12 -11.48
N GLY Z 122 -24.33 1.39 -11.81
CA GLY Z 122 -23.26 1.80 -12.73
C GLY Z 122 -23.59 1.51 -14.18
N GLN Z 123 -23.54 0.23 -14.56
CA GLN Z 123 -23.63 -0.25 -15.98
C GLN Z 123 -25.00 -0.89 -16.24
N TYR Z 124 -25.36 -1.94 -15.48
CA TYR Z 124 -26.66 -2.67 -15.57
C TYR Z 124 -27.72 -1.93 -14.74
N ILE Z 125 -28.96 -1.93 -15.23
CA ILE Z 125 -30.13 -1.25 -14.62
C ILE Z 125 -30.98 -2.28 -13.88
N ALA Z 126 -30.96 -2.26 -12.55
CA ALA Z 126 -31.75 -3.14 -11.68
C ALA Z 126 -33.23 -2.94 -12.03
N SER Z 127 -33.74 -1.75 -11.78
CA SER Z 127 -35.18 -1.41 -11.78
C SER Z 127 -35.38 -0.12 -12.55
N GLN Z 128 -36.49 -0.03 -13.29
CA GLN Z 128 -36.90 1.17 -14.07
C GLN Z 128 -38.20 1.74 -13.48
N THR Z 129 -38.56 1.39 -12.25
CA THR Z 129 -39.85 1.75 -11.61
C THR Z 129 -39.69 2.08 -10.11
N VAL Z 130 -38.52 2.54 -9.67
CA VAL Z 130 -38.28 2.93 -8.24
C VAL Z 130 -39.08 4.20 -7.95
N MET Z 131 -40.02 4.12 -7.01
CA MET Z 131 -40.75 5.29 -6.48
C MET Z 131 -39.76 6.06 -5.59
N LYS Z 132 -39.28 7.21 -6.07
CA LYS Z 132 -38.16 7.99 -5.43
C LYS Z 132 -38.69 9.09 -4.52
N VAL Z 133 -39.92 9.57 -4.73
CA VAL Z 133 -40.59 10.48 -3.77
C VAL Z 133 -41.22 9.59 -2.68
N LEU Z 134 -40.58 9.59 -1.52
CA LEU Z 134 -41.10 8.98 -0.27
C LEU Z 134 -42.17 9.89 0.32
N GLU Z 135 -43.32 9.32 0.63
CA GLU Z 135 -44.51 10.04 1.13
C GLU Z 135 -44.60 9.66 2.60
N ILE Z 136 -44.23 10.60 3.46
CA ILE Z 136 -43.93 10.38 4.90
C ILE Z 136 -45.22 10.58 5.69
N ASN Z 137 -45.62 11.84 5.83
CA ASN Z 137 -46.87 12.33 6.47
C ASN Z 137 -47.80 12.50 5.25
N ASP Z 138 -48.78 13.39 5.28
CA ASP Z 138 -49.54 13.85 4.09
C ASP Z 138 -49.25 15.33 3.84
N TYR Z 139 -48.26 15.90 4.55
CA TYR Z 139 -47.75 17.29 4.37
C TYR Z 139 -46.22 17.29 4.28
N LEU Z 140 -45.60 16.12 4.06
CA LEU Z 140 -44.14 15.93 3.99
C LEU Z 140 -43.75 14.99 2.85
N LEU Z 141 -42.90 15.47 1.94
CA LEU Z 141 -42.26 14.69 0.85
C LEU Z 141 -40.75 14.64 1.09
N GLY Z 142 -40.24 13.49 1.49
CA GLY Z 142 -38.82 13.14 1.35
C GLY Z 142 -38.53 12.66 -0.06
N THR Z 143 -37.39 13.03 -0.63
CA THR Z 143 -36.90 12.50 -1.92
C THR Z 143 -35.67 11.65 -1.65
N LEU Z 144 -35.62 10.45 -2.20
CA LEU Z 144 -34.46 9.55 -2.00
C LEU Z 144 -33.51 9.73 -3.20
N ALA Z 145 -32.23 9.96 -2.89
CA ALA Z 145 -31.08 9.94 -3.82
C ALA Z 145 -29.84 9.55 -3.01
N GLY Z 146 -28.86 8.91 -3.64
CA GLY Z 146 -27.79 8.17 -2.93
C GLY Z 146 -28.31 6.81 -2.49
N GLY Z 147 -27.68 6.22 -1.48
CA GLY Z 147 -28.01 4.88 -0.95
C GLY Z 147 -29.50 4.73 -0.67
N ALA Z 148 -30.24 4.15 -1.61
CA ALA Z 148 -31.70 3.94 -1.55
C ALA Z 148 -32.09 3.33 -0.20
N ALA Z 149 -31.29 2.39 0.29
CA ALA Z 149 -31.49 1.66 1.57
C ALA Z 149 -31.60 2.65 2.74
N ASP Z 150 -30.66 3.59 2.82
CA ASP Z 150 -30.48 4.50 3.97
C ASP Z 150 -31.63 5.51 4.00
N CYS Z 151 -32.01 6.03 2.85
CA CYS Z 151 -33.16 6.96 2.68
C CYS Z 151 -34.45 6.24 3.07
N GLN Z 152 -34.84 5.20 2.31
CA GLN Z 152 -36.09 4.42 2.54
C GLN Z 152 -36.23 4.09 4.03
N TYR Z 153 -35.13 3.81 4.73
CA TYR Z 153 -35.12 3.52 6.19
C TYR Z 153 -35.30 4.82 6.96
N TRP Z 154 -34.36 5.76 6.81
CA TRP Z 154 -34.32 6.97 7.69
C TRP Z 154 -35.53 7.86 7.42
N GLU Z 155 -35.92 8.05 6.16
CA GLU Z 155 -37.10 8.87 5.84
C GLU Z 155 -38.37 8.18 6.33
N ARG Z 156 -38.35 6.86 6.54
CA ARG Z 156 -39.49 6.12 7.15
C ARG Z 156 -39.44 6.27 8.68
N VAL Z 157 -38.25 6.28 9.30
CA VAL Z 157 -38.04 6.64 10.73
C VAL Z 157 -38.62 8.04 10.95
N LEU Z 158 -38.02 9.05 10.30
CA LEU Z 158 -38.54 10.44 10.28
C LEU Z 158 -40.07 10.40 10.35
N GLY Z 159 -40.69 9.58 9.50
CA GLY Z 159 -42.15 9.39 9.40
C GLY Z 159 -42.78 8.95 10.71
N MET Z 160 -42.14 8.01 11.40
CA MET Z 160 -42.55 7.57 12.75
C MET Z 160 -42.48 8.78 13.70
N GLU Z 161 -41.35 9.49 13.74
CA GLU Z 161 -41.10 10.61 14.69
C GLU Z 161 -42.08 11.76 14.42
N CYS Z 162 -42.41 12.02 13.15
CA CYS Z 162 -43.39 13.05 12.74
C CYS Z 162 -44.78 12.64 13.24
N ARG Z 163 -45.12 11.37 13.17
CA ARG Z 163 -46.46 10.87 13.59
C ARG Z 163 -46.54 10.91 15.12
N LEU Z 164 -45.48 10.47 15.80
CA LEU Z 164 -45.40 10.46 17.29
C LEU Z 164 -45.60 11.88 17.81
N TRP Z 165 -44.96 12.86 17.18
CA TRP Z 165 -45.13 14.31 17.47
C TRP Z 165 -46.59 14.71 17.29
N GLU Z 166 -47.24 14.26 16.23
CA GLU Z 166 -48.67 14.58 15.96
C GLU Z 166 -49.53 14.04 17.11
N LEU Z 167 -49.17 12.88 17.68
CA LEU Z 167 -49.93 12.26 18.80
C LEU Z 167 -49.66 13.03 20.07
N ARG Z 168 -48.39 13.16 20.44
CA ARG Z 168 -47.92 13.84 21.68
C ARG Z 168 -48.45 15.27 21.76
N ASN Z 169 -48.05 16.11 20.79
CA ASN Z 169 -48.21 17.60 20.83
C ASN Z 169 -49.55 18.01 20.20
N GLY Z 170 -50.39 17.05 19.79
CA GLY Z 170 -51.79 17.27 19.33
C GLY Z 170 -51.89 18.22 18.14
N SER Z 171 -50.89 18.22 17.26
CA SER Z 171 -50.69 19.23 16.17
C SER Z 171 -49.50 18.80 15.31
N ARG Z 172 -49.53 19.09 14.02
CA ARG Z 172 -48.54 18.55 13.05
C ARG Z 172 -47.20 19.20 13.32
N ILE Z 173 -46.13 18.46 13.07
CA ILE Z 173 -44.71 18.93 13.15
C ILE Z 173 -44.54 20.05 12.11
N THR Z 174 -43.52 20.88 12.27
CA THR Z 174 -43.05 21.84 11.25
C THR Z 174 -42.11 21.09 10.30
N VAL Z 175 -41.83 21.66 9.14
CA VAL Z 175 -40.87 21.07 8.16
C VAL Z 175 -39.46 21.35 8.67
N ALA Z 176 -39.26 22.55 9.21
CA ALA Z 176 -38.03 22.92 9.95
C ALA Z 176 -37.65 21.73 10.85
N ALA Z 177 -38.51 21.37 11.80
CA ALA Z 177 -38.26 20.30 12.81
C ALA Z 177 -38.15 18.92 12.13
N ALA Z 178 -38.96 18.68 11.10
CA ALA Z 178 -38.92 17.40 10.35
C ALA Z 178 -37.52 17.24 9.77
N SER Z 179 -37.05 18.21 8.99
CA SER Z 179 -35.69 18.18 8.39
C SER Z 179 -34.65 18.05 9.50
N LYS Z 180 -34.78 18.84 10.57
CA LYS Z 180 -33.82 18.89 11.71
C LYS Z 180 -33.72 17.50 12.36
N ILE Z 181 -34.82 16.77 12.49
CA ILE Z 181 -34.77 15.37 13.00
C ILE Z 181 -33.83 14.56 12.09
N LEU Z 182 -34.08 14.60 10.79
CA LEU Z 182 -33.31 13.83 9.78
C LEU Z 182 -31.83 14.24 9.86
N ALA Z 183 -31.57 15.55 9.94
CA ALA Z 183 -30.22 16.16 10.02
C ALA Z 183 -29.44 15.69 11.26
N ASN Z 184 -30.14 15.42 12.37
CA ASN Z 184 -29.51 15.00 13.65
C ASN Z 184 -29.23 13.49 13.63
N ILE Z 185 -30.02 12.74 12.86
CA ILE Z 185 -29.81 11.28 12.64
C ILE Z 185 -28.61 11.14 11.70
N THR Z 186 -28.57 11.90 10.62
CA THR Z 186 -27.44 11.82 9.65
C THR Z 186 -26.17 12.36 10.30
N TYR Z 187 -26.24 13.26 11.29
CA TYR Z 187 -25.04 13.84 11.93
C TYR Z 187 -24.39 12.79 12.85
N ALA Z 188 -25.19 12.16 13.73
CA ALA Z 188 -24.73 11.08 14.64
C ALA Z 188 -24.07 9.92 13.85
N TYR Z 189 -24.45 9.74 12.58
CA TYR Z 189 -23.99 8.62 11.70
C TYR Z 189 -23.08 9.15 10.58
N ARG Z 190 -22.41 10.30 10.77
CA ARG Z 190 -21.66 10.96 9.65
C ARG Z 190 -20.43 10.12 9.29
N ASN Z 191 -19.80 9.52 10.30
CA ASN Z 191 -18.60 8.64 10.15
C ASN Z 191 -19.02 7.20 10.44
N HIS Z 192 -20.22 6.81 9.98
CA HIS Z 192 -20.71 5.41 9.88
C HIS Z 192 -20.95 5.08 8.40
N GLY Z 193 -20.45 5.92 7.49
CA GLY Z 193 -20.51 5.71 6.04
C GLY Z 193 -21.93 5.59 5.51
N LEU Z 194 -22.85 6.43 5.99
CA LEU Z 194 -24.19 6.65 5.36
C LEU Z 194 -23.97 7.27 3.97
N SER Z 195 -24.99 7.20 3.11
CA SER Z 195 -25.04 7.92 1.82
C SER Z 195 -26.51 8.24 1.50
N MET Z 196 -26.92 9.50 1.70
CA MET Z 196 -28.32 9.93 1.46
C MET Z 196 -28.42 11.46 1.33
N GLY Z 197 -28.33 11.92 0.08
CA GLY Z 197 -28.81 13.25 -0.34
C GLY Z 197 -30.33 13.24 -0.46
N THR Z 198 -31.01 13.79 0.54
CA THR Z 198 -32.49 13.80 0.69
C THR Z 198 -32.99 15.25 0.55
N MET Z 199 -34.27 15.46 0.22
CA MET Z 199 -34.93 16.79 0.31
C MET Z 199 -36.30 16.65 0.99
N VAL Z 200 -36.43 17.18 2.21
CA VAL Z 200 -37.71 17.19 2.97
C VAL Z 200 -38.44 18.49 2.61
N ALA Z 201 -39.43 18.40 1.73
CA ALA Z 201 -40.34 19.50 1.33
C ALA Z 201 -41.66 19.36 2.10
N GLY Z 202 -42.38 20.45 2.28
CA GLY Z 202 -43.64 20.46 3.05
C GLY Z 202 -44.25 21.84 3.17
N TRP Z 203 -45.50 21.88 3.60
CA TRP Z 203 -46.21 23.14 3.92
C TRP Z 203 -46.76 23.00 5.35
N ASP Z 204 -46.48 24.01 6.17
CA ASP Z 204 -46.85 24.07 7.61
C ASP Z 204 -47.35 25.50 7.91
N GLN Z 205 -47.40 25.91 9.17
CA GLN Z 205 -47.89 27.24 9.61
C GLN Z 205 -47.10 28.35 8.90
N PHE Z 206 -45.78 28.17 8.76
CA PHE Z 206 -44.81 29.22 8.31
C PHE Z 206 -44.51 29.08 6.81
N GLY Z 207 -45.54 28.86 6.00
CA GLY Z 207 -45.45 28.79 4.52
C GLY Z 207 -44.82 27.50 4.03
N PRO Z 208 -44.54 27.37 2.71
CA PRO Z 208 -43.80 26.24 2.19
C PRO Z 208 -42.31 26.35 2.54
N SER Z 209 -41.67 25.21 2.81
CA SER Z 209 -40.25 25.09 3.23
C SER Z 209 -39.63 23.85 2.57
N LEU Z 210 -38.51 24.04 1.88
CA LEU Z 210 -37.74 22.94 1.25
C LEU Z 210 -36.37 22.87 1.93
N TYR Z 211 -35.93 21.67 2.35
CA TYR Z 211 -34.64 21.45 3.06
C TYR Z 211 -33.87 20.30 2.44
N TYR Z 212 -32.75 20.58 1.77
CA TYR Z 212 -31.74 19.54 1.45
C TYR Z 212 -31.13 19.06 2.75
N VAL Z 213 -31.05 17.75 2.93
CA VAL Z 213 -30.41 17.09 4.11
C VAL Z 213 -29.43 16.03 3.60
N ASP Z 214 -28.16 16.18 3.96
CA ASP Z 214 -27.02 15.37 3.47
C ASP Z 214 -26.84 14.16 4.40
N ASP Z 215 -25.92 13.26 4.01
CA ASP Z 215 -25.38 12.14 4.83
C ASP Z 215 -24.57 12.67 6.03
N LYS Z 216 -23.89 13.83 5.87
CA LYS Z 216 -22.91 14.41 6.83
C LYS Z 216 -23.61 15.35 7.82
N GLY Z 217 -24.94 15.24 7.93
CA GLY Z 217 -25.77 15.99 8.88
C GLY Z 217 -26.08 17.40 8.40
N SER Z 218 -25.75 17.72 7.16
CA SER Z 218 -25.97 19.05 6.54
C SER Z 218 -27.48 19.27 6.48
N ARG Z 219 -27.92 20.52 6.54
CA ARG Z 219 -29.36 20.86 6.51
C ARG Z 219 -29.49 22.29 6.00
N VAL Z 220 -30.03 22.47 4.81
CA VAL Z 220 -30.00 23.77 4.09
C VAL Z 220 -31.40 24.13 3.60
N LYS Z 221 -31.89 25.29 4.03
CA LYS Z 221 -33.11 25.94 3.48
C LYS Z 221 -32.79 26.38 2.05
N GLN Z 222 -33.28 25.62 1.06
CA GLN Z 222 -33.17 25.92 -0.40
C GLN Z 222 -34.49 26.55 -0.88
N ASP Z 223 -34.40 27.48 -1.85
CA ASP Z 223 -35.55 27.91 -2.68
C ASP Z 223 -35.64 27.00 -3.90
N LEU Z 224 -34.52 26.41 -4.33
CA LEU Z 224 -34.42 25.55 -5.54
C LEU Z 224 -33.26 24.58 -5.33
N PHE Z 225 -33.40 23.33 -5.75
CA PHE Z 225 -32.36 22.31 -5.48
C PHE Z 225 -32.55 21.09 -6.36
N SER Z 226 -31.46 20.38 -6.63
CA SER Z 226 -31.44 19.11 -7.42
C SER Z 226 -30.32 18.18 -6.94
N VAL Z 227 -30.63 16.90 -6.79
CA VAL Z 227 -29.70 15.87 -6.26
C VAL Z 227 -29.64 14.73 -7.27
N GLY Z 228 -28.58 13.90 -7.16
CA GLY Z 228 -28.35 12.73 -8.00
C GLY Z 228 -27.44 13.05 -9.16
N SER Z 229 -26.95 12.00 -9.82
CA SER Z 229 -25.97 12.05 -10.94
C SER Z 229 -26.39 13.11 -11.99
N GLY Z 230 -27.67 13.21 -12.32
CA GLY Z 230 -28.15 14.09 -13.40
C GLY Z 230 -28.58 15.46 -12.91
N SER Z 231 -28.29 15.82 -11.66
CA SER Z 231 -28.65 17.14 -11.06
C SER Z 231 -28.13 18.26 -11.97
N ILE Z 232 -26.81 18.31 -12.12
CA ILE Z 232 -26.04 19.17 -13.07
C ILE Z 232 -26.83 19.43 -14.35
N TYR Z 233 -27.51 18.44 -14.92
CA TYR Z 233 -28.31 18.58 -16.16
C TYR Z 233 -29.62 19.30 -15.85
N ALA Z 234 -30.33 18.84 -14.82
CA ALA Z 234 -31.60 19.44 -14.36
C ALA Z 234 -31.38 20.93 -14.15
N TYR Z 235 -30.47 21.30 -13.24
CA TYR Z 235 -30.11 22.71 -12.90
C TYR Z 235 -29.95 23.54 -14.18
N GLY Z 236 -29.33 22.97 -15.21
CA GLY Z 236 -29.18 23.63 -16.51
C GLY Z 236 -30.50 24.20 -16.98
N VAL Z 237 -31.44 23.30 -17.28
CA VAL Z 237 -32.80 23.63 -17.81
C VAL Z 237 -33.51 24.52 -16.80
N LEU Z 238 -33.42 24.14 -15.53
CA LEU Z 238 -34.27 24.58 -14.41
C LEU Z 238 -33.96 26.05 -14.07
N ASP Z 239 -32.68 26.45 -14.11
CA ASP Z 239 -32.23 27.84 -13.82
C ASP Z 239 -32.61 28.77 -14.99
N THR Z 240 -32.91 28.22 -16.17
CA THR Z 240 -33.41 28.97 -17.36
C THR Z 240 -34.85 29.45 -17.09
N GLY Z 241 -35.80 28.53 -16.93
CA GLY Z 241 -37.24 28.82 -16.86
C GLY Z 241 -37.73 29.25 -15.48
N TYR Z 242 -36.92 29.08 -14.41
CA TYR Z 242 -37.38 29.22 -13.00
C TYR Z 242 -37.48 30.69 -12.62
N ARG Z 243 -38.70 31.13 -12.32
CA ARG Z 243 -39.02 32.36 -11.56
C ARG Z 243 -39.77 31.91 -10.30
N LYS Z 244 -40.17 32.84 -9.44
CA LYS Z 244 -40.89 32.53 -8.17
C LYS Z 244 -42.40 32.65 -8.39
N ASP Z 245 -42.82 33.17 -9.55
CA ASP Z 245 -44.21 33.60 -9.86
C ASP Z 245 -44.81 32.72 -10.97
N LEU Z 246 -44.24 31.53 -11.20
CA LEU Z 246 -44.79 30.47 -12.08
C LEU Z 246 -46.21 30.11 -11.62
N SER Z 247 -47.10 29.76 -12.56
CA SER Z 247 -48.38 29.05 -12.27
C SER Z 247 -48.06 27.59 -11.97
N VAL Z 248 -48.96 26.86 -11.29
CA VAL Z 248 -48.73 25.43 -10.92
C VAL Z 248 -48.50 24.61 -12.20
N GLU Z 249 -49.22 24.93 -13.28
CA GLU Z 249 -49.05 24.36 -14.65
C GLU Z 249 -47.58 24.47 -15.09
N ASP Z 250 -47.07 25.70 -15.21
CA ASP Z 250 -45.73 26.04 -15.78
C ASP Z 250 -44.61 25.51 -14.87
N ALA Z 251 -44.84 25.43 -13.56
CA ALA Z 251 -43.87 24.93 -12.56
C ALA Z 251 -43.64 23.44 -12.82
N CYS Z 252 -44.73 22.70 -12.98
CA CYS Z 252 -44.69 21.25 -13.29
C CYS Z 252 -44.12 21.05 -14.68
N ASP Z 253 -44.58 21.81 -15.67
CA ASP Z 253 -44.00 21.83 -17.03
C ASP Z 253 -42.48 21.98 -16.93
N LEU Z 254 -42.01 22.97 -16.16
CA LEU Z 254 -40.55 23.27 -16.01
C LEU Z 254 -39.83 22.09 -15.34
N ALA Z 255 -40.35 21.59 -14.22
CA ALA Z 255 -39.72 20.49 -13.45
C ALA Z 255 -39.64 19.24 -14.32
N ARG Z 256 -40.77 18.88 -14.94
CA ARG Z 256 -40.87 17.68 -15.79
C ARG Z 256 -39.81 17.75 -16.90
N ARG Z 257 -39.69 18.88 -17.61
CA ARG Z 257 -38.63 19.14 -18.62
C ARG Z 257 -37.25 18.94 -17.97
N SER Z 258 -37.05 19.61 -16.84
CA SER Z 258 -35.76 19.61 -16.11
C SER Z 258 -35.33 18.17 -15.83
N ILE Z 259 -36.22 17.35 -15.25
CA ILE Z 259 -35.92 15.91 -14.97
C ILE Z 259 -35.69 15.23 -16.31
N PHE Z 260 -36.55 15.50 -17.28
CA PHE Z 260 -36.52 14.83 -18.60
C PHE Z 260 -35.13 15.06 -19.23
N HIS Z 261 -34.61 16.29 -19.23
CA HIS Z 261 -33.32 16.66 -19.89
C HIS Z 261 -32.11 16.09 -19.13
N ALA Z 262 -32.28 15.74 -17.86
CA ALA Z 262 -31.32 14.92 -17.10
C ALA Z 262 -31.41 13.47 -17.56
N THR Z 263 -32.63 12.94 -17.73
CA THR Z 263 -32.86 11.54 -18.16
C THR Z 263 -32.21 11.37 -19.54
N TYR Z 264 -32.33 12.39 -20.40
CA TYR Z 264 -31.87 12.39 -21.83
C TYR Z 264 -30.34 12.31 -21.91
N ARG Z 265 -29.63 12.84 -20.92
CA ARG Z 265 -28.15 12.98 -20.93
C ARG Z 265 -27.51 11.97 -19.99
N ASP Z 266 -27.87 12.03 -18.71
CA ASP Z 266 -27.36 11.07 -17.70
C ASP Z 266 -27.84 9.66 -18.07
N GLY Z 267 -26.94 8.68 -17.99
CA GLY Z 267 -27.24 7.25 -18.19
C GLY Z 267 -27.86 6.66 -16.94
N ALA Z 268 -27.43 7.10 -15.75
CA ALA Z 268 -27.92 6.59 -14.45
C ALA Z 268 -29.31 7.16 -14.14
N SER Z 269 -29.67 8.32 -14.71
CA SER Z 269 -31.03 8.93 -14.63
C SER Z 269 -31.85 8.46 -15.83
N GLY Z 270 -33.09 8.01 -15.60
CA GLY Z 270 -34.01 7.64 -16.69
C GLY Z 270 -35.37 7.19 -16.21
N GLY Z 271 -36.11 6.54 -17.12
CA GLY Z 271 -37.36 5.80 -16.82
C GLY Z 271 -38.55 6.73 -16.88
N ILE Z 272 -39.16 7.02 -15.73
CA ILE Z 272 -40.50 7.66 -15.60
C ILE Z 272 -40.32 8.97 -14.80
N VAL Z 273 -40.83 10.08 -15.33
CA VAL Z 273 -40.66 11.44 -14.71
C VAL Z 273 -41.91 11.77 -13.89
N THR Z 274 -41.87 11.35 -12.63
CA THR Z 274 -42.89 11.67 -11.60
C THR Z 274 -42.72 13.10 -11.12
N VAL Z 275 -43.83 13.82 -10.97
CA VAL Z 275 -43.86 15.19 -10.38
C VAL Z 275 -44.90 15.18 -9.26
N TYR Z 276 -44.61 15.88 -8.17
CA TYR Z 276 -45.55 16.16 -7.05
C TYR Z 276 -45.67 17.66 -6.92
N HIS Z 277 -46.74 18.11 -6.28
CA HIS Z 277 -46.96 19.49 -5.83
C HIS Z 277 -47.20 19.42 -4.33
N VAL Z 278 -46.71 20.40 -3.55
CA VAL Z 278 -46.96 20.53 -2.09
C VAL Z 278 -47.67 21.88 -1.88
N HIS Z 279 -48.93 21.85 -1.43
CA HIS Z 279 -49.83 23.03 -1.26
C HIS Z 279 -50.30 23.06 0.20
N GLU Z 280 -50.98 24.14 0.59
CA GLU Z 280 -51.51 24.34 1.99
C GLU Z 280 -52.43 23.17 2.40
N LYS Z 281 -53.01 22.44 1.44
CA LYS Z 281 -53.96 21.30 1.68
C LYS Z 281 -53.23 19.95 1.72
N GLY Z 282 -51.90 19.93 1.68
CA GLY Z 282 -51.06 18.70 1.69
C GLY Z 282 -50.24 18.58 0.43
N TRP Z 283 -50.02 17.34 -0.05
CA TRP Z 283 -49.39 17.10 -1.37
C TRP Z 283 -50.33 16.28 -2.25
N THR Z 284 -50.18 16.48 -3.56
CA THR Z 284 -50.88 15.76 -4.66
C THR Z 284 -49.82 15.33 -5.67
N LYS Z 285 -49.94 14.11 -6.19
CA LYS Z 285 -49.11 13.62 -7.32
C LYS Z 285 -49.73 14.17 -8.61
N ILE Z 286 -49.06 15.16 -9.22
CA ILE Z 286 -49.47 15.83 -10.49
C ILE Z 286 -49.53 14.79 -11.61
N SER Z 287 -48.38 14.28 -12.02
CA SER Z 287 -48.22 13.45 -13.25
C SER Z 287 -47.43 12.18 -12.94
N ARG Z 288 -47.33 11.28 -13.92
CA ARG Z 288 -46.43 10.11 -13.88
C ARG Z 288 -46.09 9.70 -15.32
N ASP Z 289 -45.39 10.59 -16.03
CA ASP Z 289 -45.09 10.49 -17.49
C ASP Z 289 -43.83 9.66 -17.70
N ASP Z 290 -43.87 8.74 -18.66
CA ASP Z 290 -42.67 8.03 -19.16
C ASP Z 290 -41.83 9.04 -19.94
N GLN Z 291 -40.50 8.93 -19.86
CA GLN Z 291 -39.54 9.97 -20.36
C GLN Z 291 -39.32 9.82 -21.87
N THR Z 292 -39.71 8.70 -22.48
CA THR Z 292 -39.63 8.51 -23.95
C THR Z 292 -40.87 9.10 -24.63
N LYS Z 293 -42.05 9.04 -24.00
CA LYS Z 293 -43.27 9.73 -24.49
C LYS Z 293 -42.99 11.23 -24.42
N LEU Z 294 -42.32 11.67 -23.34
CA LEU Z 294 -41.99 13.08 -23.09
C LEU Z 294 -41.13 13.65 -24.22
N TYR Z 295 -40.17 12.89 -24.74
CA TYR Z 295 -39.30 13.35 -25.85
C TYR Z 295 -40.17 13.71 -27.06
N HIS Z 296 -41.22 12.93 -27.34
CA HIS Z 296 -42.09 13.09 -28.53
C HIS Z 296 -43.17 14.16 -28.31
N ARG Z 297 -43.32 14.65 -27.08
CA ARG Z 297 -44.11 15.85 -26.72
C ARG Z 297 -43.25 17.10 -26.94
N TYR Z 298 -42.08 17.17 -26.31
CA TYR Z 298 -41.19 18.36 -26.22
C TYR Z 298 -40.43 18.60 -27.54
N PHE Z 299 -40.20 17.56 -28.36
CA PHE Z 299 -39.56 17.63 -29.70
C PHE Z 299 -40.40 16.82 -30.70
N PRO Z 300 -41.55 17.35 -31.18
CA PRO Z 300 -42.51 16.55 -31.96
C PRO Z 300 -42.00 16.00 -33.31
N SER Z 301 -41.01 16.64 -33.94
CA SER Z 301 -40.46 16.27 -35.28
C SER Z 301 -39.71 14.95 -35.19
N TRP AA 126 -8.58 -14.52 5.09
CA TRP AA 126 -9.92 -15.16 5.25
C TRP AA 126 -11.02 -14.11 5.11
N SER AA 127 -11.88 -14.28 4.08
CA SER AA 127 -13.09 -13.46 3.81
C SER AA 127 -14.29 -14.06 4.53
N PRO AA 128 -15.06 -13.29 5.33
CA PRO AA 128 -16.26 -13.81 5.98
C PRO AA 128 -17.44 -14.00 5.00
N TYR AA 129 -17.36 -13.39 3.80
CA TYR AA 129 -18.34 -13.51 2.68
C TYR AA 129 -17.80 -14.49 1.62
N GLN AA 130 -18.71 -15.28 1.05
CA GLN AA 130 -18.45 -16.31 0.01
C GLN AA 130 -19.70 -16.34 -0.88
N ASP AA 131 -19.66 -15.72 -2.07
CA ASP AA 131 -20.79 -15.79 -3.05
C ASP AA 131 -20.99 -17.25 -3.44
N ASN AA 132 -22.13 -17.83 -3.05
CA ASN AA 132 -22.55 -19.23 -3.33
C ASN AA 132 -23.47 -19.26 -4.57
N GLY AA 133 -23.47 -18.17 -5.36
CA GLY AA 133 -23.99 -18.09 -6.73
C GLY AA 133 -25.47 -18.37 -6.81
N GLY AA 134 -25.93 -18.75 -8.01
CA GLY AA 134 -27.32 -19.10 -8.30
C GLY AA 134 -28.19 -17.89 -8.65
N THR AA 135 -29.37 -18.18 -9.20
CA THR AA 135 -30.34 -17.22 -9.80
C THR AA 135 -31.74 -17.49 -9.25
N THR AA 136 -32.44 -16.45 -8.82
CA THR AA 136 -33.88 -16.47 -8.44
C THR AA 136 -34.65 -15.57 -9.39
N ALA AA 137 -35.87 -15.96 -9.75
CA ALA AA 137 -36.81 -15.14 -10.55
C ALA AA 137 -38.21 -15.24 -9.93
N ALA AA 138 -39.00 -14.17 -10.05
CA ALA AA 138 -40.43 -14.16 -9.69
C ALA AA 138 -41.21 -13.43 -10.77
N ILE AA 139 -42.42 -13.91 -11.07
CA ILE AA 139 -43.40 -13.19 -11.93
C ILE AA 139 -44.76 -13.23 -11.24
N ALA AA 140 -45.35 -12.04 -11.04
CA ALA AA 140 -46.66 -11.83 -10.42
C ALA AA 140 -47.73 -11.64 -11.50
N GLY AA 141 -48.66 -12.59 -11.62
CA GLY AA 141 -49.94 -12.42 -12.34
C GLY AA 141 -50.99 -11.79 -11.45
N LYS AA 142 -52.27 -11.92 -11.83
CA LYS AA 142 -53.42 -11.27 -11.14
C LYS AA 142 -53.93 -12.16 -10.00
N ASP AA 143 -53.74 -13.48 -10.08
CA ASP AA 143 -54.24 -14.48 -9.10
C ASP AA 143 -53.08 -15.07 -8.29
N PHE AA 144 -51.88 -15.12 -8.86
CA PHE AA 144 -50.77 -16.02 -8.46
C PHE AA 144 -49.43 -15.27 -8.42
N VAL AA 145 -48.40 -15.94 -7.92
CA VAL AA 145 -46.96 -15.64 -8.22
C VAL AA 145 -46.26 -16.94 -8.55
N ILE AA 146 -45.48 -16.94 -9.64
CA ILE AA 146 -44.44 -17.98 -9.90
C ILE AA 146 -43.15 -17.43 -9.32
N LEU AA 147 -42.43 -18.28 -8.59
CA LEU AA 147 -41.16 -17.98 -7.91
C LEU AA 147 -40.16 -19.11 -8.19
N ALA AA 148 -39.08 -18.82 -8.89
CA ALA AA 148 -38.06 -19.79 -9.32
C ALA AA 148 -36.71 -19.45 -8.68
N GLY AA 149 -35.99 -20.47 -8.24
CA GLY AA 149 -34.62 -20.34 -7.74
C GLY AA 149 -33.85 -21.61 -8.00
N ASP AA 150 -32.68 -21.48 -8.64
CA ASP AA 150 -31.91 -22.64 -9.12
C ASP AA 150 -31.30 -23.34 -7.90
N THR AA 151 -30.92 -24.61 -8.09
CA THR AA 151 -30.55 -25.58 -7.02
C THR AA 151 -29.03 -25.80 -7.01
N ARG AA 152 -28.30 -25.13 -7.90
CA ARG AA 152 -26.81 -25.14 -7.92
C ARG AA 152 -26.34 -24.30 -6.73
N LEU AA 153 -25.69 -24.93 -5.76
CA LEU AA 153 -24.92 -24.27 -4.67
C LEU AA 153 -23.44 -24.50 -4.95
N ASN AA 154 -22.76 -23.48 -5.49
CA ASN AA 154 -21.36 -23.57 -5.97
C ASN AA 154 -20.46 -22.81 -4.96
N GLY AA 155 -19.40 -23.47 -4.48
CA GLY AA 155 -18.44 -22.90 -3.51
C GLY AA 155 -17.37 -22.08 -4.20
N ASP AA 156 -16.10 -22.51 -4.09
CA ASP AA 156 -14.90 -21.84 -4.67
C ASP AA 156 -14.29 -22.76 -5.74
N PHE AA 157 -14.69 -22.53 -7.00
CA PHE AA 157 -14.17 -23.17 -8.25
C PHE AA 157 -14.74 -24.58 -8.47
N CYS AA 158 -15.36 -25.23 -7.47
CA CYS AA 158 -16.10 -26.51 -7.60
C CYS AA 158 -17.62 -26.25 -7.48
N LEU AA 159 -18.42 -27.30 -7.27
CA LEU AA 159 -19.83 -27.17 -6.78
C LEU AA 159 -20.09 -28.21 -5.67
N HIS AA 160 -20.69 -27.75 -4.56
CA HIS AA 160 -20.96 -28.53 -3.31
C HIS AA 160 -22.15 -29.46 -3.52
N SER AA 161 -23.23 -28.96 -4.11
CA SER AA 161 -24.49 -29.71 -4.32
C SER AA 161 -25.14 -29.28 -5.63
N ARG AA 162 -26.01 -30.14 -6.17
CA ARG AA 162 -26.87 -29.90 -7.35
C ARG AA 162 -28.35 -29.87 -6.93
N HIS AA 163 -28.69 -30.21 -5.67
CA HIS AA 163 -30.07 -30.30 -5.13
C HIS AA 163 -30.20 -29.47 -3.84
N ASP AA 164 -29.68 -28.24 -3.84
CA ASP AA 164 -29.80 -27.27 -2.71
C ASP AA 164 -31.15 -26.55 -2.80
N GLN AA 165 -32.07 -26.85 -1.89
CA GLN AA 165 -33.43 -26.26 -1.86
C GLN AA 165 -33.45 -24.96 -1.03
N SER AA 166 -32.33 -24.59 -0.38
CA SER AA 166 -32.21 -23.47 0.59
C SER AA 166 -32.55 -22.12 -0.04
N LYS AA 167 -32.41 -21.98 -1.36
CA LYS AA 167 -32.62 -20.70 -2.10
C LYS AA 167 -33.97 -20.11 -1.68
N ILE AA 168 -35.08 -20.83 -1.92
CA ILE AA 168 -36.47 -20.42 -1.58
C ILE AA 168 -36.81 -20.95 -0.19
N PHE AA 169 -37.60 -20.21 0.59
CA PHE AA 169 -38.00 -20.55 1.97
C PHE AA 169 -39.44 -20.09 2.20
N GLN AA 170 -40.30 -20.97 2.71
CA GLN AA 170 -41.68 -20.61 3.11
C GLN AA 170 -41.62 -19.89 4.46
N LEU AA 171 -42.27 -18.73 4.58
CA LEU AA 171 -42.45 -17.97 5.85
C LEU AA 171 -43.88 -18.20 6.36
N THR AA 172 -44.85 -18.05 5.47
CA THR AA 172 -46.30 -18.35 5.69
C THR AA 172 -46.80 -19.18 4.51
N PRO AA 173 -48.01 -19.79 4.59
CA PRO AA 173 -48.65 -20.36 3.41
C PRO AA 173 -48.51 -19.52 2.13
N TYR AA 174 -48.80 -18.21 2.23
CA TYR AA 174 -48.98 -17.29 1.08
C TYR AA 174 -47.69 -16.53 0.72
N THR AA 175 -46.66 -16.52 1.57
CA THR AA 175 -45.47 -15.63 1.44
C THR AA 175 -44.17 -16.44 1.49
N TYR AA 176 -43.34 -16.28 0.45
CA TYR AA 176 -42.07 -17.01 0.22
C TYR AA 176 -40.92 -16.01 0.18
N MET AA 177 -39.69 -16.40 0.55
CA MET AA 177 -38.51 -15.49 0.42
C MET AA 177 -37.35 -16.20 -0.29
N ALA AA 178 -37.30 -16.05 -1.62
CA ALA AA 178 -36.12 -16.34 -2.47
C ALA AA 178 -34.97 -15.43 -2.04
N SER AA 179 -33.75 -15.95 -2.11
CA SER AA 179 -32.54 -15.35 -1.51
C SER AA 179 -31.29 -15.87 -2.23
N ASN AA 180 -30.44 -14.97 -2.73
CA ASN AA 180 -29.21 -15.29 -3.49
C ASN AA 180 -27.98 -14.97 -2.66
N GLY AA 181 -26.79 -15.02 -3.28
CA GLY AA 181 -25.51 -14.72 -2.61
C GLY AA 181 -25.16 -15.81 -1.62
N MET AA 182 -24.53 -15.42 -0.51
CA MET AA 182 -23.98 -16.36 0.50
C MET AA 182 -25.10 -17.20 1.10
N GLN AA 183 -24.92 -18.52 1.09
CA GLN AA 183 -25.92 -19.49 1.59
C GLN AA 183 -26.04 -19.29 3.08
N ALA AA 184 -24.93 -19.40 3.81
CA ALA AA 184 -24.85 -19.34 5.28
C ALA AA 184 -25.70 -18.18 5.83
N ASP AA 185 -25.74 -17.05 5.10
CA ASP AA 185 -26.43 -15.81 5.50
C ASP AA 185 -27.91 -15.90 5.13
N ARG AA 186 -28.22 -16.34 3.91
CA ARG AA 186 -29.60 -16.70 3.50
C ARG AA 186 -30.22 -17.59 4.60
N LEU AA 187 -29.47 -18.55 5.14
CA LEU AA 187 -29.98 -19.56 6.12
C LEU AA 187 -30.16 -18.93 7.49
N GLN AA 188 -29.27 -18.03 7.91
CA GLN AA 188 -29.41 -17.26 9.17
C GLN AA 188 -30.65 -16.39 9.05
N LEU AA 189 -30.68 -15.54 8.02
CA LEU AA 189 -31.80 -14.62 7.76
C LEU AA 189 -33.10 -15.43 7.71
N GLN AA 190 -33.12 -16.53 6.95
CA GLN AA 190 -34.30 -17.42 6.86
C GLN AA 190 -34.85 -17.70 8.26
N GLN AA 191 -33.99 -18.15 9.19
CA GLN AA 191 -34.40 -18.43 10.58
C GLN AA 191 -34.82 -17.12 11.24
N MET AA 192 -33.91 -16.14 11.33
CA MET AA 192 -34.21 -14.81 11.93
C MET AA 192 -35.59 -14.32 11.48
N LEU AA 193 -35.95 -14.47 10.21
CA LEU AA 193 -37.24 -13.98 9.66
C LEU AA 193 -38.39 -14.85 10.15
N LYS AA 194 -38.20 -16.17 10.17
CA LYS AA 194 -39.19 -17.15 10.69
C LYS AA 194 -39.52 -16.81 12.14
N TYR AA 195 -38.52 -16.49 12.97
CA TYR AA 195 -38.68 -16.24 14.43
C TYR AA 195 -39.14 -14.81 14.69
N ARG AA 196 -39.36 -13.99 13.67
CA ARG AA 196 -40.09 -12.70 13.85
C ARG AA 196 -41.48 -12.87 13.27
N VAL AA 197 -41.67 -13.78 12.34
CA VAL AA 197 -43.02 -14.21 11.86
C VAL AA 197 -43.69 -14.99 12.99
N LYS AA 198 -42.95 -15.91 13.61
CA LYS AA 198 -43.47 -16.84 14.65
C LYS AA 198 -43.82 -16.01 15.90
N TRP AA 199 -43.11 -14.90 16.13
CA TRP AA 199 -43.44 -13.94 17.22
C TRP AA 199 -44.72 -13.21 16.86
N TYR AA 200 -44.77 -12.61 15.67
CA TYR AA 200 -45.95 -11.89 15.15
C TYR AA 200 -47.18 -12.80 15.31
N LYS AA 201 -47.05 -14.11 15.07
CA LYS AA 201 -48.18 -15.07 15.20
C LYS AA 201 -48.73 -15.06 16.64
N TYR AA 202 -47.85 -15.02 17.65
CA TYR AA 202 -48.25 -15.09 19.07
C TYR AA 202 -48.86 -13.75 19.51
N ASN AA 203 -48.23 -12.63 19.15
CA ASN AA 203 -48.59 -11.29 19.67
C ASN AA 203 -49.91 -10.84 19.04
N ASN AA 204 -50.13 -11.10 17.74
CA ASN AA 204 -51.37 -10.71 17.00
C ASN AA 204 -52.30 -11.92 16.96
N GLY AA 205 -52.53 -12.54 18.12
CA GLY AA 205 -53.34 -13.74 18.37
C GLY AA 205 -53.53 -14.61 17.14
N GLY AA 206 -52.59 -15.53 16.89
CA GLY AA 206 -52.71 -16.55 15.83
C GLY AA 206 -52.45 -15.97 14.45
N LYS AA 207 -53.15 -14.88 14.10
CA LYS AA 207 -53.12 -14.23 12.75
C LYS AA 207 -51.70 -14.26 12.18
N VAL AA 208 -51.59 -14.71 10.93
CA VAL AA 208 -50.32 -14.79 10.17
C VAL AA 208 -50.04 -13.40 9.57
N PRO AA 209 -48.78 -12.97 9.40
CA PRO AA 209 -48.51 -11.69 8.75
C PRO AA 209 -48.75 -11.81 7.24
N SER AA 210 -49.34 -10.76 6.64
CA SER AA 210 -49.50 -10.59 5.18
C SER AA 210 -48.12 -10.61 4.52
N THR AA 211 -48.08 -10.69 3.19
CA THR AA 211 -46.82 -10.54 2.41
C THR AA 211 -46.28 -9.13 2.65
N LYS AA 212 -47.14 -8.13 2.52
CA LYS AA 212 -46.76 -6.69 2.61
C LYS AA 212 -46.08 -6.38 3.96
N ALA AA 213 -46.50 -7.05 5.03
CA ALA AA 213 -45.90 -6.91 6.39
C ALA AA 213 -44.49 -7.49 6.39
N ILE AA 214 -44.36 -8.78 6.10
CA ILE AA 214 -43.07 -9.52 6.04
C ILE AA 214 -42.11 -8.74 5.16
N ALA AA 215 -42.61 -8.22 4.04
CA ALA AA 215 -41.79 -7.46 3.07
C ALA AA 215 -41.09 -6.32 3.80
N GLN AA 216 -41.83 -5.52 4.59
CA GLN AA 216 -41.25 -4.36 5.32
C GLN AA 216 -40.37 -4.86 6.46
N LEU AA 217 -40.72 -6.00 7.04
CA LEU AA 217 -39.96 -6.66 8.14
C LEU AA 217 -38.58 -7.10 7.63
N MET AA 218 -38.53 -7.64 6.41
CA MET AA 218 -37.29 -8.02 5.71
C MET AA 218 -36.39 -6.79 5.59
N SER AA 219 -36.93 -5.69 5.06
CA SER AA 219 -36.21 -4.40 4.86
C SER AA 219 -35.67 -3.91 6.20
N THR AA 220 -36.51 -3.94 7.23
CA THR AA 220 -36.19 -3.48 8.60
C THR AA 220 -35.07 -4.33 9.19
N MET AA 221 -35.08 -5.64 8.94
CA MET AA 221 -34.12 -6.61 9.55
C MET AA 221 -32.82 -6.70 8.76
N LEU AA 222 -32.84 -6.45 7.45
CA LEU AA 222 -31.61 -6.31 6.65
C LEU AA 222 -30.87 -5.05 7.10
N TYR AA 223 -31.58 -4.00 7.46
CA TYR AA 223 -30.98 -2.69 7.82
C TYR AA 223 -30.35 -2.73 9.22
N HIS AA 224 -31.01 -3.33 10.21
CA HIS AA 224 -30.44 -3.43 11.59
C HIS AA 224 -29.04 -4.06 11.52
N ARG AA 225 -28.76 -4.85 10.48
CA ARG AA 225 -27.44 -5.49 10.24
C ARG AA 225 -26.71 -4.80 9.06
N ARG AA 226 -26.84 -3.48 8.86
CA ARG AA 226 -26.21 -2.81 7.68
C ARG AA 226 -24.72 -2.51 7.94
N PHE AA 227 -24.26 -2.60 9.20
CA PHE AA 227 -22.85 -2.34 9.62
C PHE AA 227 -22.05 -3.65 9.69
N PHE AA 228 -22.70 -4.80 9.46
CA PHE AA 228 -22.09 -6.09 8.99
C PHE AA 228 -23.15 -6.84 8.16
N PRO AA 229 -23.37 -6.46 6.88
CA PRO AA 229 -24.57 -6.89 6.15
C PRO AA 229 -24.66 -8.41 5.94
N TYR AA 230 -25.89 -8.94 5.92
CA TYR AA 230 -26.18 -10.25 5.30
C TYR AA 230 -25.85 -10.09 3.81
N TYR AA 231 -24.90 -10.86 3.26
CA TYR AA 231 -24.55 -10.80 1.82
C TYR AA 231 -25.54 -11.68 1.07
N THR AA 232 -26.79 -11.20 0.97
CA THR AA 232 -27.98 -11.98 0.52
C THR AA 232 -28.98 -11.02 -0.17
N PHE AA 233 -29.24 -11.22 -1.47
CA PHE AA 233 -30.15 -10.41 -2.32
C PHE AA 233 -31.51 -11.08 -2.39
N ASN AA 234 -32.40 -10.67 -1.50
CA ASN AA 234 -33.65 -11.39 -1.18
C ASN AA 234 -34.76 -10.93 -2.12
N MET AA 235 -35.82 -11.74 -2.23
CA MET AA 235 -37.13 -11.34 -2.80
C MET AA 235 -38.23 -11.94 -1.92
N VAL AA 236 -38.99 -11.12 -1.21
CA VAL AA 236 -40.22 -11.59 -0.53
C VAL AA 236 -41.35 -11.55 -1.55
N VAL AA 237 -42.00 -12.67 -1.75
CA VAL AA 237 -42.97 -12.93 -2.84
C VAL AA 237 -44.23 -13.50 -2.20
N GLY AA 238 -45.41 -13.12 -2.69
CA GLY AA 238 -46.65 -13.77 -2.25
C GLY AA 238 -47.88 -13.03 -2.72
N LEU AA 239 -48.98 -13.18 -1.98
CA LEU AA 239 -50.28 -12.55 -2.29
C LEU AA 239 -50.53 -11.42 -1.28
N ASP AA 240 -51.03 -10.28 -1.76
CA ASP AA 240 -51.59 -9.19 -0.91
C ASP AA 240 -53.02 -9.59 -0.48
N GLU AA 241 -53.70 -8.71 0.26
CA GLU AA 241 -55.04 -8.98 0.88
C GLU AA 241 -56.12 -9.20 -0.19
N GLU AA 242 -56.02 -8.55 -1.35
CA GLU AA 242 -56.98 -8.69 -2.49
C GLU AA 242 -56.89 -10.09 -3.11
N GLY AA 243 -55.71 -10.71 -3.09
CA GLY AA 243 -55.41 -11.98 -3.80
C GLY AA 243 -54.50 -11.75 -4.99
N HIS AA 244 -54.38 -10.49 -5.46
CA HIS AA 244 -53.40 -10.03 -6.48
C HIS AA 244 -51.98 -10.40 -6.02
N GLY AA 245 -51.23 -11.16 -6.83
CA GLY AA 245 -49.87 -11.59 -6.51
C GLY AA 245 -48.90 -10.43 -6.56
N VAL AA 246 -47.91 -10.40 -5.67
CA VAL AA 246 -46.93 -9.28 -5.54
C VAL AA 246 -45.56 -9.83 -5.11
N CYS AA 247 -44.49 -9.21 -5.59
CA CYS AA 247 -43.09 -9.55 -5.22
C CYS AA 247 -42.35 -8.26 -4.86
N TYR AA 248 -41.47 -8.34 -3.87
CA TYR AA 248 -40.59 -7.26 -3.37
C TYR AA 248 -39.16 -7.76 -3.52
N SER AA 249 -38.23 -6.88 -3.88
CA SER AA 249 -36.77 -7.17 -3.96
C SER AA 249 -36.02 -6.31 -2.96
N TYR AA 250 -34.86 -6.80 -2.54
CA TYR AA 250 -33.98 -6.15 -1.53
C TYR AA 250 -32.57 -6.12 -2.12
N ASP AA 251 -31.75 -5.23 -1.55
CA ASP AA 251 -30.28 -5.32 -1.59
C ASP AA 251 -29.81 -5.62 -0.17
N ALA AA 252 -28.62 -6.20 -0.04
CA ALA AA 252 -27.94 -6.60 1.23
C ALA AA 252 -28.31 -5.69 2.41
N VAL AA 253 -28.38 -4.38 2.16
CA VAL AA 253 -28.54 -3.30 3.20
C VAL AA 253 -30.01 -3.24 3.64
N GLY AA 254 -30.96 -3.24 2.68
CA GLY AA 254 -32.40 -3.44 2.93
C GLY AA 254 -33.27 -2.45 2.18
N SER AA 255 -33.17 -2.42 0.85
CA SER AA 255 -33.88 -1.45 -0.02
C SER AA 255 -35.06 -2.14 -0.72
N THR AA 256 -36.27 -1.99 -0.16
CA THR AA 256 -37.53 -2.56 -0.70
C THR AA 256 -37.85 -1.83 -2.01
N GLU AA 257 -38.13 -2.57 -3.10
CA GLU AA 257 -38.78 -2.03 -4.31
C GLU AA 257 -39.82 -3.06 -4.75
N PRO AA 258 -41.14 -2.77 -4.71
CA PRO AA 258 -42.13 -3.66 -5.31
C PRO AA 258 -41.94 -3.67 -6.82
N PHE AA 259 -41.93 -4.87 -7.43
CA PHE AA 259 -41.82 -5.11 -8.89
C PHE AA 259 -42.93 -6.09 -9.28
N LEU AA 260 -43.10 -6.35 -10.57
CA LEU AA 260 -44.10 -7.31 -11.09
C LEU AA 260 -43.40 -8.59 -11.59
N TYR AA 261 -42.31 -8.43 -12.35
CA TYR AA 261 -41.39 -9.51 -12.79
C TYR AA 261 -39.96 -9.10 -12.46
N GLY AA 262 -39.16 -10.03 -11.93
CA GLY AA 262 -37.84 -9.69 -11.41
C GLY AA 262 -36.96 -10.91 -11.23
N THR AA 263 -35.66 -10.67 -11.16
CA THR AA 263 -34.59 -11.68 -11.26
C THR AA 263 -33.31 -11.13 -10.64
N ARG AA 264 -32.86 -11.71 -9.54
CA ARG AA 264 -31.52 -11.43 -8.96
C ARG AA 264 -30.62 -12.62 -9.31
N GLY AA 265 -29.30 -12.39 -9.38
CA GLY AA 265 -28.29 -13.47 -9.40
C GLY AA 265 -27.40 -13.43 -10.63
N SER AA 266 -26.72 -14.54 -10.90
CA SER AA 266 -25.77 -14.73 -12.04
C SER AA 266 -26.49 -14.37 -13.34
N ALA AA 267 -27.71 -14.90 -13.50
CA ALA AA 267 -28.51 -14.84 -14.74
C ALA AA 267 -29.59 -13.75 -14.62
N ALA AA 268 -29.43 -12.77 -13.71
CA ALA AA 268 -30.22 -11.52 -13.70
C ALA AA 268 -30.18 -10.93 -15.11
N SER AA 269 -28.97 -10.68 -15.61
CA SER AA 269 -28.70 -9.97 -16.88
C SER AA 269 -29.24 -10.73 -18.09
N PHE AA 270 -29.40 -12.07 -18.03
CA PHE AA 270 -29.82 -12.94 -19.18
C PHE AA 270 -31.34 -13.11 -19.23
N VAL AA 271 -31.96 -13.18 -18.06
CA VAL AA 271 -33.41 -13.44 -17.89
C VAL AA 271 -34.17 -12.12 -18.00
N GLU AA 272 -33.73 -11.09 -17.26
CA GLU AA 272 -34.54 -9.87 -16.98
C GLU AA 272 -34.82 -9.04 -18.22
N PRO AA 273 -33.90 -8.95 -19.22
CA PRO AA 273 -34.23 -8.40 -20.53
C PRO AA 273 -35.26 -9.22 -21.33
N LEU AA 274 -35.22 -10.55 -21.21
CA LEU AA 274 -36.15 -11.45 -21.93
C LEU AA 274 -37.57 -11.18 -21.43
N LEU AA 275 -37.76 -11.26 -20.12
CA LEU AA 275 -39.06 -10.99 -19.44
C LEU AA 275 -39.54 -9.58 -19.82
N ASP AA 276 -38.66 -8.58 -19.73
CA ASP AA 276 -38.88 -7.16 -20.14
C ASP AA 276 -39.51 -7.11 -21.54
N CYS AA 277 -39.01 -7.89 -22.51
CA CYS AA 277 -39.53 -7.98 -23.91
C CYS AA 277 -40.92 -8.64 -23.89
N LEU AA 278 -41.05 -9.84 -23.31
CA LEU AA 278 -42.21 -10.76 -23.53
C LEU AA 278 -43.41 -10.36 -22.67
N ILE AA 279 -43.23 -9.58 -21.59
CA ILE AA 279 -44.35 -9.09 -20.73
C ILE AA 279 -44.78 -7.70 -21.21
N ASN AA 280 -43.88 -6.71 -21.16
CA ASN AA 280 -44.18 -5.26 -21.37
C ASN AA 280 -44.38 -4.96 -22.87
N ARG AA 281 -43.73 -5.73 -23.76
CA ARG AA 281 -43.83 -5.60 -25.25
C ARG AA 281 -43.61 -4.13 -25.65
N GLN AA 282 -42.64 -3.46 -25.02
CA GLN AA 282 -42.49 -1.98 -25.07
C GLN AA 282 -42.21 -1.52 -26.52
N HIS AA 283 -41.31 -2.21 -27.23
CA HIS AA 283 -40.80 -1.79 -28.57
C HIS AA 283 -41.57 -2.48 -29.71
N MET AA 284 -42.77 -3.00 -29.44
CA MET AA 284 -43.57 -3.76 -30.43
C MET AA 284 -44.80 -2.94 -30.83
N THR AA 285 -45.01 -2.80 -32.15
CA THR AA 285 -46.24 -2.26 -32.79
C THR AA 285 -47.42 -3.20 -32.47
N SER AA 286 -47.18 -4.51 -32.52
CA SER AA 286 -48.15 -5.61 -32.23
C SER AA 286 -48.94 -5.31 -30.95
N GLN AA 287 -50.27 -5.52 -30.98
CA GLN AA 287 -51.20 -5.37 -29.82
C GLN AA 287 -50.73 -6.26 -28.66
N ALA AA 288 -50.69 -5.72 -27.44
CA ALA AA 288 -50.22 -6.41 -26.21
C ALA AA 288 -51.04 -7.69 -26.01
N PRO AA 289 -50.41 -8.82 -25.59
CA PRO AA 289 -51.11 -10.11 -25.48
C PRO AA 289 -52.13 -10.09 -24.34
N PRO AA 290 -53.15 -10.98 -24.35
CA PRO AA 290 -54.38 -10.79 -23.57
C PRO AA 290 -54.24 -10.46 -22.07
N GLU AA 291 -53.31 -11.10 -21.35
CA GLU AA 291 -53.20 -11.04 -19.86
C GLU AA 291 -51.94 -11.78 -19.40
N MET AA 292 -51.87 -13.09 -19.72
CA MET AA 292 -50.82 -14.09 -19.40
C MET AA 292 -51.24 -14.90 -18.17
N THR AA 293 -51.60 -16.17 -18.41
CA THR AA 293 -52.12 -17.14 -17.40
C THR AA 293 -50.95 -17.75 -16.61
N LYS AA 294 -51.30 -18.46 -15.54
CA LYS AA 294 -50.39 -19.19 -14.62
C LYS AA 294 -49.45 -20.13 -15.41
N GLU AA 295 -49.95 -20.78 -16.46
CA GLU AA 295 -49.24 -21.86 -17.21
C GLU AA 295 -48.32 -21.25 -18.28
N GLU AA 296 -48.72 -20.14 -18.89
CA GLU AA 296 -47.92 -19.37 -19.88
C GLU AA 296 -46.71 -18.72 -19.20
N THR AA 297 -46.93 -18.06 -18.04
CA THR AA 297 -45.89 -17.36 -17.23
C THR AA 297 -44.85 -18.37 -16.74
N LEU AA 298 -45.29 -19.59 -16.41
CA LEU AA 298 -44.39 -20.72 -16.04
C LEU AA 298 -43.60 -21.15 -17.28
N ALA AA 299 -44.30 -21.43 -18.39
CA ALA AA 299 -43.71 -21.81 -19.69
C ALA AA 299 -42.71 -20.73 -20.17
N MET AA 300 -42.98 -19.44 -19.89
CA MET AA 300 -42.04 -18.34 -20.21
C MET AA 300 -40.78 -18.49 -19.36
N LEU AA 301 -40.92 -18.77 -18.07
CA LEU AA 301 -39.77 -18.83 -17.11
C LEU AA 301 -38.91 -20.06 -17.40
N LYS AA 302 -39.53 -21.21 -17.71
CA LYS AA 302 -38.80 -22.44 -18.13
C LYS AA 302 -37.88 -22.09 -19.31
N ASN AA 303 -38.46 -21.50 -20.37
CA ASN AA 303 -37.75 -21.05 -21.60
C ASN AA 303 -36.60 -20.10 -21.24
N ALA AA 304 -36.83 -19.12 -20.36
CA ALA AA 304 -35.83 -18.10 -19.94
C ALA AA 304 -34.64 -18.76 -19.26
N PHE AA 305 -34.89 -19.56 -18.21
CA PHE AA 305 -33.85 -20.27 -17.41
C PHE AA 305 -33.07 -21.24 -18.30
N THR AA 306 -33.75 -21.99 -19.16
CA THR AA 306 -33.13 -22.87 -20.19
C THR AA 306 -32.11 -22.07 -21.02
N GLY AA 307 -32.46 -20.84 -21.42
CA GLY AA 307 -31.58 -19.91 -22.18
C GLY AA 307 -30.55 -19.19 -21.31
N ALA AA 308 -30.61 -19.35 -19.99
CA ALA AA 308 -29.64 -18.78 -19.01
C ALA AA 308 -28.64 -19.86 -18.57
N ALA AA 309 -29.07 -21.12 -18.49
CA ALA AA 309 -28.19 -22.28 -18.20
C ALA AA 309 -27.22 -22.52 -19.35
N GLU AA 310 -27.70 -22.29 -20.58
CA GLU AA 310 -26.99 -22.53 -21.85
C GLU AA 310 -25.90 -21.48 -22.04
N ARG AA 311 -26.09 -20.27 -21.49
CA ARG AA 311 -25.24 -19.07 -21.75
C ARG AA 311 -24.50 -18.58 -20.50
N ASP AA 312 -25.03 -18.77 -19.29
CA ASP AA 312 -24.29 -18.47 -18.03
C ASP AA 312 -23.70 -19.77 -17.50
N ILE AA 313 -22.50 -19.68 -16.94
CA ILE AA 313 -21.73 -20.85 -16.43
C ILE AA 313 -22.31 -21.26 -15.06
N TYR AA 314 -22.54 -20.29 -14.16
CA TYR AA 314 -22.87 -20.50 -12.72
C TYR AA 314 -24.33 -20.88 -12.49
N THR AA 315 -25.18 -20.87 -13.52
CA THR AA 315 -26.59 -21.35 -13.50
C THR AA 315 -26.65 -22.73 -14.16
N GLY AA 316 -27.39 -23.66 -13.56
CA GLY AA 316 -27.60 -25.01 -14.14
C GLY AA 316 -28.27 -25.97 -13.19
N ASP AA 317 -28.18 -27.26 -13.52
CA ASP AA 317 -28.64 -28.44 -12.74
C ASP AA 317 -30.18 -28.51 -12.78
N SER AA 318 -30.88 -28.02 -11.76
CA SER AA 318 -32.37 -27.94 -11.74
C SER AA 318 -32.80 -26.53 -11.31
N VAL AA 319 -34.09 -26.24 -11.47
CA VAL AA 319 -34.77 -25.01 -10.95
C VAL AA 319 -36.01 -25.46 -10.19
N SER AA 320 -36.16 -25.06 -8.93
CA SER AA 320 -37.40 -25.25 -8.12
C SER AA 320 -38.34 -24.07 -8.44
N PHE AA 321 -39.48 -24.35 -9.07
CA PHE AA 321 -40.61 -23.38 -9.28
C PHE AA 321 -41.63 -23.55 -8.17
N PHE AA 322 -42.08 -22.44 -7.57
CA PHE AA 322 -43.17 -22.39 -6.57
C PHE AA 322 -44.27 -21.50 -7.15
N ILE AA 323 -45.44 -22.08 -7.41
CA ILE AA 323 -46.57 -21.37 -8.04
C ILE AA 323 -47.58 -21.05 -6.95
N ILE AA 324 -47.36 -19.95 -6.21
CA ILE AA 324 -48.26 -19.53 -5.10
C ILE AA 324 -49.55 -19.00 -5.74
N THR AA 325 -50.70 -19.61 -5.39
CA THR AA 325 -52.07 -19.11 -5.69
C THR AA 325 -52.85 -19.04 -4.37
N LYS AA 326 -54.13 -18.67 -4.43
CA LYS AA 326 -55.07 -18.70 -3.27
C LYS AA 326 -55.19 -20.14 -2.73
N ASP AA 327 -55.18 -21.15 -3.63
CA ASP AA 327 -55.45 -22.59 -3.38
C ASP AA 327 -54.37 -23.24 -2.49
N GLY AA 328 -53.17 -22.67 -2.47
CA GLY AA 328 -51.98 -23.27 -1.84
C GLY AA 328 -50.84 -23.29 -2.83
N VAL AA 329 -49.62 -23.47 -2.35
CA VAL AA 329 -48.40 -23.56 -3.21
C VAL AA 329 -48.42 -24.90 -3.95
N GLN AA 330 -47.78 -24.94 -5.13
CA GLN AA 330 -47.66 -26.17 -5.95
C GLN AA 330 -46.28 -26.13 -6.61
N GLN AA 331 -45.30 -26.82 -6.02
CA GLN AA 331 -43.88 -26.80 -6.47
C GLN AA 331 -43.64 -27.93 -7.47
N GLU AA 332 -42.98 -27.60 -8.60
CA GLU AA 332 -42.57 -28.57 -9.65
C GLU AA 332 -41.15 -28.22 -10.13
N SER AA 333 -40.16 -28.99 -9.66
CA SER AA 333 -38.75 -28.92 -10.06
C SER AA 333 -38.63 -29.29 -11.55
N PHE AA 334 -37.75 -28.60 -12.26
CA PHE AA 334 -37.60 -28.63 -13.74
C PHE AA 334 -36.11 -28.69 -14.06
N GLU AA 335 -35.73 -29.56 -15.00
CA GLU AA 335 -34.33 -29.93 -15.30
C GLU AA 335 -33.72 -28.94 -16.31
N LEU AA 336 -32.47 -28.53 -16.07
CA LEU AA 336 -31.65 -27.69 -16.97
C LEU AA 336 -30.50 -28.53 -17.53
N ARG AA 337 -29.62 -27.89 -18.31
CA ARG AA 337 -28.28 -28.41 -18.68
C ARG AA 337 -27.50 -28.74 -17.41
N LYS AA 338 -26.80 -29.88 -17.41
CA LYS AA 338 -26.08 -30.45 -16.25
C LYS AA 338 -24.81 -29.62 -15.97
N ASP AA 339 -24.26 -28.94 -16.99
CA ASP AA 339 -23.02 -28.11 -16.92
C ASP AA 339 -23.38 -26.62 -16.81
N ALA BA 2 -1.37 -26.61 12.71
CA ALA BA 2 -1.38 -28.01 12.17
C ALA BA 2 -2.71 -28.26 11.45
N SER BA 3 -2.66 -28.55 10.14
CA SER BA 3 -3.81 -28.66 9.21
C SER BA 3 -4.09 -30.12 8.84
N GLY BA 4 -5.38 -30.44 8.68
CA GLY BA 4 -5.85 -31.73 8.15
C GLY BA 4 -5.87 -31.73 6.64
N GLY BA 5 -5.62 -32.90 6.04
CA GLY BA 5 -5.69 -33.13 4.58
C GLY BA 5 -7.12 -33.00 4.07
N SER BA 6 -7.67 -34.08 3.50
CA SER BA 6 -8.90 -34.07 2.69
C SER BA 6 -9.76 -35.27 3.06
N VAL BA 7 -11.03 -34.99 3.29
CA VAL BA 7 -12.05 -35.99 3.65
C VAL BA 7 -12.89 -36.27 2.41
N ILE BA 8 -13.36 -37.51 2.28
CA ILE BA 8 -14.41 -37.91 1.31
C ILE BA 8 -15.40 -38.80 2.04
N ALA BA 9 -16.67 -38.66 1.71
CA ALA BA 9 -17.72 -39.51 2.26
C ALA BA 9 -18.78 -39.75 1.20
N ILE BA 10 -19.42 -40.92 1.25
CA ILE BA 10 -20.34 -41.41 0.20
C ILE BA 10 -21.37 -42.36 0.83
N LYS BA 11 -22.65 -42.02 0.66
CA LYS BA 11 -23.80 -42.85 1.08
C LYS BA 11 -23.81 -44.13 0.27
N TYR BA 12 -24.05 -45.26 0.94
CA TYR BA 12 -24.38 -46.58 0.32
C TYR BA 12 -25.76 -47.00 0.84
N LYS BA 13 -26.22 -48.20 0.50
CA LYS BA 13 -27.52 -48.76 0.98
C LYS BA 13 -27.42 -49.05 2.48
N GLY BA 14 -28.11 -48.26 3.30
CA GLY BA 14 -28.20 -48.43 4.77
C GLY BA 14 -26.92 -48.02 5.47
N GLY BA 15 -26.27 -46.95 5.01
CA GLY BA 15 -25.10 -46.37 5.68
C GLY BA 15 -24.33 -45.31 4.89
N VAL BA 16 -23.28 -44.80 5.52
CA VAL BA 16 -22.32 -43.79 4.97
C VAL BA 16 -20.90 -44.27 5.25
N LEU BA 17 -20.03 -44.11 4.26
CA LEU BA 17 -18.56 -44.20 4.43
C LEU BA 17 -17.98 -42.80 4.41
N MET BA 18 -17.09 -42.51 5.36
CA MET BA 18 -16.20 -41.33 5.38
C MET BA 18 -14.78 -41.86 5.46
N ALA BA 19 -13.85 -41.20 4.79
CA ALA BA 19 -12.43 -41.61 4.70
C ALA BA 19 -11.53 -40.39 4.72
N ALA BA 20 -10.38 -40.53 5.37
CA ALA BA 20 -9.46 -39.42 5.66
C ALA BA 20 -8.06 -39.95 5.98
N ASP BA 21 -7.07 -39.48 5.23
CA ASP BA 21 -5.62 -39.53 5.58
C ASP BA 21 -5.45 -39.28 7.08
N THR BA 22 -4.52 -39.98 7.70
CA THR BA 22 -4.20 -39.88 9.14
C THR BA 22 -3.01 -38.95 9.29
N LEU BA 23 -3.10 -37.76 8.70
CA LEU BA 23 -1.98 -36.83 8.66
C LEU BA 23 -2.43 -35.43 8.98
N LEU BA 24 -1.74 -34.81 9.94
CA LEU BA 24 -1.72 -33.34 10.16
C LEU BA 24 -0.43 -32.79 9.58
N SER BA 25 -0.48 -31.59 9.02
CA SER BA 25 0.62 -30.99 8.23
C SER BA 25 0.77 -29.51 8.57
N TYR BA 26 1.82 -29.18 9.31
CA TYR BA 26 2.16 -27.79 9.72
C TYR BA 26 2.82 -27.10 8.51
N GLY BA 27 2.02 -26.47 7.67
CA GLY BA 27 2.46 -25.99 6.34
C GLY BA 27 2.80 -27.16 5.45
N SER BA 28 3.92 -27.07 4.73
CA SER BA 28 4.41 -28.11 3.77
C SER BA 28 4.65 -29.41 4.53
N LEU BA 29 5.49 -29.31 5.57
CA LEU BA 29 5.93 -30.39 6.48
C LEU BA 29 4.75 -31.28 6.87
N ALA BA 30 4.91 -32.59 6.67
CA ALA BA 30 4.04 -33.67 7.18
C ALA BA 30 4.52 -34.00 8.60
N LYS BA 31 3.87 -33.36 9.56
CA LYS BA 31 4.30 -33.33 10.97
C LYS BA 31 3.97 -34.69 11.60
N TRP BA 32 2.68 -35.08 11.54
CA TRP BA 32 2.18 -36.28 12.26
C TRP BA 32 1.43 -37.18 11.31
N PRO BA 33 1.94 -38.41 11.08
CA PRO BA 33 1.25 -39.38 10.26
C PRO BA 33 0.36 -40.39 11.00
N ASN BA 34 0.15 -40.20 12.31
CA ASN BA 34 -0.50 -41.20 13.19
C ASN BA 34 -1.68 -40.56 13.92
N ILE BA 35 -2.34 -39.59 13.30
CA ILE BA 35 -3.46 -38.81 13.91
C ILE BA 35 -4.78 -39.41 13.46
N PRO BA 36 -5.68 -39.78 14.40
CA PRO BA 36 -7.03 -40.19 14.04
C PRO BA 36 -7.94 -38.96 13.83
N ARG BA 37 -8.21 -38.63 12.58
CA ARG BA 37 -8.84 -37.33 12.24
C ARG BA 37 -10.35 -37.48 12.28
N ILE BA 38 -10.85 -38.69 12.05
CA ILE BA 38 -12.30 -39.01 12.13
C ILE BA 38 -12.64 -39.23 13.60
N ARG BA 39 -13.54 -38.41 14.12
CA ARG BA 39 -14.02 -38.48 15.52
C ARG BA 39 -15.48 -38.92 15.52
N LEU BA 40 -15.86 -39.65 16.55
CA LEU BA 40 -17.27 -40.04 16.78
C LEU BA 40 -17.93 -38.97 17.64
N LEU BA 41 -19.11 -38.50 17.19
CA LEU BA 41 -19.99 -37.57 17.93
C LEU BA 41 -21.18 -38.35 18.46
N GLY BA 42 -21.17 -38.67 19.76
CA GLY BA 42 -22.23 -39.47 20.40
C GLY BA 42 -22.36 -40.80 19.70
N SER BA 43 -23.52 -41.43 19.79
CA SER BA 43 -23.73 -42.88 19.54
C SER BA 43 -24.10 -43.15 18.08
N HIS BA 44 -24.35 -42.11 17.28
CA HIS BA 44 -24.97 -42.27 15.95
C HIS BA 44 -24.09 -41.72 14.82
N SER BA 45 -23.20 -40.79 15.14
CA SER BA 45 -22.61 -39.84 14.15
C SER BA 45 -21.08 -39.84 14.25
N ALA BA 46 -20.43 -39.59 13.12
CA ALA BA 46 -19.00 -39.22 13.02
C ALA BA 46 -18.90 -37.81 12.45
N VAL BA 47 -17.71 -37.22 12.56
CA VAL BA 47 -17.37 -35.89 11.99
C VAL BA 47 -15.94 -36.00 11.50
N CYS BA 48 -15.54 -35.13 10.61
CA CYS BA 48 -14.12 -35.05 10.24
C CYS BA 48 -13.84 -33.77 9.46
N ALA BA 49 -12.66 -33.19 9.66
CA ALA BA 49 -12.36 -31.84 9.14
C ALA BA 49 -10.97 -31.80 8.50
N THR BA 50 -11.01 -31.38 7.24
CA THR BA 50 -10.01 -30.54 6.56
C THR BA 50 -9.85 -29.22 7.32
N GLY BA 51 -8.61 -28.71 7.40
CA GLY BA 51 -8.27 -27.41 7.99
C GLY BA 51 -7.87 -27.53 9.45
N SER BA 52 -7.50 -26.39 10.04
CA SER BA 52 -6.98 -26.21 11.42
C SER BA 52 -7.54 -27.26 12.36
N TYR BA 53 -6.75 -28.32 12.56
CA TYR BA 53 -7.02 -29.37 13.56
C TYR BA 53 -7.29 -28.72 14.92
N ALA BA 54 -6.71 -27.55 15.19
CA ALA BA 54 -6.95 -26.81 16.45
C ALA BA 54 -8.41 -26.42 16.52
N ASP BA 55 -8.93 -25.77 15.47
CA ASP BA 55 -10.28 -25.16 15.50
C ASP BA 55 -11.31 -26.27 15.36
N PHE BA 56 -10.93 -27.39 14.77
CA PHE BA 56 -11.77 -28.62 14.75
C PHE BA 56 -11.76 -29.30 16.12
N GLN BA 57 -10.62 -29.34 16.79
CA GLN BA 57 -10.50 -30.02 18.10
C GLN BA 57 -11.38 -29.31 19.12
N MET BA 58 -11.59 -28.00 18.96
CA MET BA 58 -12.42 -27.16 19.86
C MET BA 58 -13.88 -27.35 19.49
N MET BA 59 -14.20 -27.39 18.21
CA MET BA 59 -15.60 -27.53 17.74
C MET BA 59 -16.10 -28.94 18.05
N ALA BA 60 -15.30 -29.97 17.75
CA ALA BA 60 -15.67 -31.38 17.98
C ALA BA 60 -15.75 -31.68 19.49
N LYS BA 61 -15.06 -30.91 20.32
CA LYS BA 61 -15.10 -31.04 21.80
C LYS BA 61 -16.41 -30.45 22.28
N GLN BA 62 -16.64 -29.18 21.94
CA GLN BA 62 -17.85 -28.40 22.31
C GLN BA 62 -19.14 -29.15 21.91
N VAL BA 63 -19.14 -29.80 20.75
CA VAL BA 63 -20.33 -30.55 20.25
C VAL BA 63 -20.46 -31.83 21.07
N GLU BA 64 -19.41 -32.65 21.16
CA GLU BA 64 -19.46 -33.98 21.82
C GLU BA 64 -19.82 -33.82 23.31
N ASP BA 65 -19.53 -32.64 23.90
CA ASP BA 65 -19.99 -32.24 25.25
C ASP BA 65 -21.50 -32.02 25.21
N ASN BA 66 -21.95 -31.06 24.40
CA ASN BA 66 -23.36 -30.64 24.24
C ASN BA 66 -24.27 -31.85 24.01
N ILE BA 67 -23.79 -32.91 23.37
CA ILE BA 67 -24.58 -34.15 23.14
C ILE BA 67 -24.70 -34.91 24.46
N GLU BA 68 -23.55 -35.31 25.03
CA GLU BA 68 -23.47 -36.23 26.19
C GLU BA 68 -23.92 -35.50 27.45
N ARG BA 69 -24.01 -34.17 27.42
CA ARG BA 69 -24.73 -33.39 28.46
C ARG BA 69 -26.23 -33.62 28.26
N GLN BA 70 -26.82 -33.01 27.22
CA GLN BA 70 -28.29 -33.03 26.96
C GLN BA 70 -28.84 -34.43 27.27
N LYS BA 71 -28.13 -35.49 26.86
CA LYS BA 71 -28.54 -36.91 27.06
C LYS BA 71 -28.52 -37.31 28.54
N MET BA 72 -27.44 -36.97 29.25
CA MET BA 72 -27.18 -37.45 30.64
C MET BA 72 -28.00 -36.64 31.65
N TYR BA 73 -28.12 -35.32 31.43
CA TYR BA 73 -28.80 -34.37 32.35
C TYR BA 73 -30.30 -34.62 32.32
N HIS BA 74 -30.97 -34.31 31.22
CA HIS BA 74 -32.43 -34.53 31.04
C HIS BA 74 -32.61 -35.96 30.54
N ASN BA 75 -33.71 -36.64 30.89
CA ASN BA 75 -33.95 -38.06 30.49
C ASN BA 75 -34.57 -38.09 29.08
N VAL BA 76 -33.77 -37.71 28.08
CA VAL BA 76 -34.19 -37.57 26.65
C VAL BA 76 -33.47 -38.61 25.80
N ASP BA 77 -34.01 -38.88 24.62
CA ASP BA 77 -33.32 -39.52 23.49
C ASP BA 77 -32.12 -38.64 23.13
N GLU BA 78 -30.97 -39.24 22.84
CA GLU BA 78 -29.80 -38.57 22.24
C GLU BA 78 -30.27 -37.79 21.01
N LEU BA 79 -29.54 -36.75 20.63
CA LEU BA 79 -29.76 -35.97 19.39
C LEU BA 79 -29.53 -36.84 18.14
N SER BA 80 -30.44 -36.76 17.16
CA SER BA 80 -30.27 -37.33 15.79
C SER BA 80 -29.10 -36.64 15.09
N PRO BA 81 -28.38 -37.34 14.20
CA PRO BA 81 -27.35 -36.72 13.36
C PRO BA 81 -27.76 -35.39 12.73
N SER BA 82 -28.97 -35.30 12.18
CA SER BA 82 -29.56 -34.05 11.60
C SER BA 82 -29.47 -32.89 12.59
N GLU BA 83 -29.75 -33.17 13.87
CA GLU BA 83 -29.75 -32.17 14.97
C GLU BA 83 -28.30 -31.83 15.32
N VAL BA 84 -27.51 -32.84 15.68
CA VAL BA 84 -26.05 -32.70 16.02
C VAL BA 84 -25.38 -31.82 14.98
N PHE BA 85 -25.67 -32.08 13.70
CA PHE BA 85 -25.10 -31.37 12.55
C PHE BA 85 -25.65 -29.94 12.48
N SER BA 86 -26.94 -29.74 12.78
CA SER BA 86 -27.52 -28.37 12.88
C SER BA 86 -26.81 -27.60 13.98
N TYR BA 87 -26.50 -28.26 15.09
CA TYR BA 87 -25.82 -27.61 16.23
C TYR BA 87 -24.40 -27.22 15.81
N LEU BA 88 -23.69 -28.13 15.10
CA LEU BA 88 -22.34 -27.91 14.56
C LEU BA 88 -22.39 -26.72 13.60
N HIS BA 89 -23.34 -26.74 12.67
CA HIS BA 89 -23.53 -25.67 11.65
C HIS BA 89 -23.68 -24.29 12.32
N ARG BA 90 -24.59 -24.14 13.29
CA ARG BA 90 -24.82 -22.84 13.96
C ARG BA 90 -23.57 -22.44 14.76
N SER BA 91 -23.01 -23.38 15.51
CA SER BA 91 -21.76 -23.20 16.28
C SER BA 91 -20.68 -22.59 15.36
N ILE BA 92 -20.58 -23.07 14.12
CA ILE BA 92 -19.59 -22.58 13.13
C ILE BA 92 -20.00 -21.21 12.59
N TYR BA 93 -21.27 -21.04 12.20
CA TYR BA 93 -21.78 -19.74 11.68
C TYR BA 93 -21.55 -18.67 12.75
N GLN BA 94 -21.90 -18.97 14.00
CA GLN BA 94 -21.75 -18.03 15.15
C GLN BA 94 -20.30 -17.58 15.25
N LYS BA 95 -19.34 -18.46 14.97
CA LYS BA 95 -17.89 -18.16 15.11
C LYS BA 95 -17.40 -17.33 13.93
N ARG BA 96 -17.99 -17.42 12.73
CA ARG BA 96 -17.62 -16.53 11.58
C ARG BA 96 -18.26 -15.15 11.79
N CYS BA 97 -19.34 -15.07 12.57
CA CYS BA 97 -20.08 -13.82 12.89
C CYS BA 97 -19.41 -13.06 14.05
N ASP BA 98 -18.40 -13.65 14.71
CA ASP BA 98 -17.52 -12.98 15.71
C ASP BA 98 -16.17 -12.60 15.08
N PHE BA 99 -15.97 -12.88 13.78
CA PHE BA 99 -14.68 -12.77 13.05
C PHE BA 99 -13.60 -13.64 13.73
N ASP BA 100 -14.02 -14.72 14.40
CA ASP BA 100 -13.16 -15.69 15.14
C ASP BA 100 -13.49 -17.09 14.61
N PRO BA 101 -13.28 -17.35 13.29
CA PRO BA 101 -13.92 -18.48 12.62
C PRO BA 101 -13.36 -19.85 12.99
N CYS BA 102 -14.22 -20.87 12.95
CA CYS BA 102 -13.84 -22.30 12.92
C CYS BA 102 -13.31 -22.62 11.52
N LEU BA 103 -12.01 -22.38 11.29
CA LEU BA 103 -11.39 -22.20 9.95
C LEU BA 103 -11.12 -23.53 9.26
N CYS BA 104 -12.18 -24.34 9.15
CA CYS BA 104 -12.13 -25.79 8.81
C CYS BA 104 -13.45 -26.24 8.17
N GLN BA 105 -13.34 -26.94 7.04
CA GLN BA 105 -14.47 -27.58 6.32
C GLN BA 105 -14.68 -28.94 7.00
N MET BA 106 -15.80 -29.11 7.68
CA MET BA 106 -16.20 -30.40 8.29
C MET BA 106 -17.04 -31.18 7.30
N VAL BA 107 -16.79 -32.47 7.17
CA VAL BA 107 -17.79 -33.45 6.69
C VAL BA 107 -18.39 -34.07 7.93
N PHE BA 108 -19.60 -34.55 7.80
CA PHE BA 108 -20.37 -35.10 8.94
C PHE BA 108 -21.29 -36.22 8.46
N ILE BA 109 -21.14 -37.39 9.07
CA ILE BA 109 -21.94 -38.59 8.73
C ILE BA 109 -22.63 -39.06 9.99
N GLY BA 110 -23.65 -39.88 9.81
CA GLY BA 110 -24.44 -40.39 10.94
C GLY BA 110 -25.71 -41.06 10.46
N VAL BA 111 -26.17 -42.02 11.24
CA VAL BA 111 -27.31 -42.89 10.91
C VAL BA 111 -28.02 -43.22 12.21
N ARG BA 112 -29.30 -42.83 12.32
CA ARG BA 112 -30.17 -43.13 13.48
C ARG BA 112 -30.75 -44.55 13.30
N ASP BA 113 -31.67 -44.71 12.34
CA ASP BA 113 -32.46 -45.95 12.08
C ASP BA 113 -31.98 -46.52 10.74
N GLY BA 114 -32.80 -46.36 9.68
CA GLY BA 114 -32.34 -46.33 8.28
C GLY BA 114 -31.99 -44.91 7.89
N GLU BA 115 -32.72 -43.93 8.42
CA GLU BA 115 -32.43 -42.47 8.34
C GLU BA 115 -30.91 -42.24 8.31
N THR BA 116 -30.36 -42.06 7.10
CA THR BA 116 -28.91 -41.96 6.80
C THR BA 116 -28.60 -40.52 6.43
N PHE BA 117 -27.67 -39.88 7.14
CA PHE BA 117 -27.40 -38.43 7.07
C PHE BA 117 -25.92 -38.19 6.77
N LEU BA 118 -25.66 -37.35 5.76
CA LEU BA 118 -24.30 -37.00 5.32
C LEU BA 118 -24.29 -35.56 4.83
N ALA BA 119 -23.41 -34.75 5.39
CA ALA BA 119 -23.39 -33.30 5.16
C ALA BA 119 -21.98 -32.77 5.23
N GLY BA 120 -21.73 -31.68 4.54
CA GLY BA 120 -20.55 -30.84 4.77
C GLY BA 120 -20.97 -29.56 5.42
N VAL BA 121 -20.01 -28.85 5.98
CA VAL BA 121 -20.15 -27.43 6.41
C VAL BA 121 -18.81 -26.75 6.14
N ASP BA 122 -18.82 -25.44 5.95
CA ASP BA 122 -17.62 -24.64 5.61
C ASP BA 122 -17.23 -23.82 6.83
N ASP BA 123 -16.16 -23.06 6.71
CA ASP BA 123 -15.67 -22.09 7.73
C ASP BA 123 -16.77 -21.08 8.07
N VAL BA 124 -17.56 -20.70 7.05
CA VAL BA 124 -18.49 -19.53 7.07
C VAL BA 124 -19.93 -19.98 7.38
N GLY BA 125 -20.21 -21.28 7.40
CA GLY BA 125 -21.54 -21.82 7.77
C GLY BA 125 -22.24 -22.45 6.57
N THR BA 126 -21.76 -22.18 5.36
CA THR BA 126 -22.24 -22.84 4.12
C THR BA 126 -22.42 -24.32 4.42
N ARG BA 127 -23.65 -24.81 4.52
CA ARG BA 127 -23.95 -26.23 4.84
C ARG BA 127 -24.73 -26.87 3.69
N TRP BA 128 -24.44 -28.13 3.42
CA TRP BA 128 -25.00 -28.86 2.26
C TRP BA 128 -25.06 -30.35 2.60
N GLU BA 129 -26.26 -30.92 2.55
CA GLU BA 129 -26.46 -32.39 2.49
C GLU BA 129 -26.19 -32.83 1.06
N ASP BA 130 -25.93 -34.13 0.86
CA ASP BA 130 -25.78 -34.74 -0.48
C ASP BA 130 -25.55 -36.24 -0.28
N ASP BA 131 -25.41 -36.99 -1.37
CA ASP BA 131 -25.17 -38.46 -1.33
C ASP BA 131 -23.67 -38.76 -1.41
N CYS BA 132 -22.86 -37.74 -1.70
CA CYS BA 132 -21.38 -37.78 -1.63
C CYS BA 132 -20.85 -36.39 -1.29
N ILE BA 133 -19.94 -36.32 -0.35
CA ILE BA 133 -19.27 -35.06 0.06
C ILE BA 133 -17.79 -35.25 -0.17
N ALA BA 134 -17.08 -34.16 -0.36
CA ALA BA 134 -15.63 -34.13 -0.13
C ALA BA 134 -15.24 -32.75 0.37
N THR BA 135 -14.16 -32.67 1.14
CA THR BA 135 -13.52 -31.39 1.49
C THR BA 135 -12.06 -31.44 1.07
N GLY BA 136 -11.42 -30.28 1.11
CA GLY BA 136 -10.04 -30.07 0.65
C GLY BA 136 -9.93 -30.42 -0.81
N TYR BA 137 -8.87 -31.13 -1.19
CA TYR BA 137 -8.62 -31.49 -2.59
C TYR BA 137 -9.63 -32.54 -3.03
N GLY BA 138 -10.09 -33.40 -2.13
CA GLY BA 138 -11.17 -34.35 -2.41
C GLY BA 138 -12.22 -33.76 -3.34
N ALA BA 139 -12.63 -32.52 -3.06
CA ALA BA 139 -13.68 -31.79 -3.79
C ALA BA 139 -13.32 -31.62 -5.27
N TYR BA 140 -12.05 -31.32 -5.57
CA TYR BA 140 -11.57 -31.07 -6.96
C TYR BA 140 -11.23 -32.39 -7.63
N ILE BA 141 -10.79 -33.39 -6.85
CA ILE BA 141 -10.28 -34.70 -7.36
C ILE BA 141 -11.35 -35.77 -7.22
N ALA BA 142 -11.62 -36.16 -5.97
CA ALA BA 142 -12.38 -37.39 -5.64
C ALA BA 142 -13.86 -37.21 -5.99
N LEU BA 143 -14.47 -36.08 -5.65
CA LEU BA 143 -15.93 -35.83 -5.89
C LEU BA 143 -16.35 -36.20 -7.32
N PRO BA 144 -15.68 -35.67 -8.37
CA PRO BA 144 -15.91 -36.12 -9.75
C PRO BA 144 -16.09 -37.64 -9.93
N LEU BA 145 -15.22 -38.45 -9.31
CA LEU BA 145 -15.26 -39.94 -9.36
C LEU BA 145 -16.43 -40.46 -8.55
N LEU BA 146 -16.64 -39.92 -7.34
CA LEU BA 146 -17.74 -40.35 -6.45
C LEU BA 146 -19.07 -40.06 -7.15
N ARG BA 147 -19.26 -38.85 -7.68
CA ARG BA 147 -20.52 -38.46 -8.37
C ARG BA 147 -20.76 -39.40 -9.56
N GLN BA 148 -19.69 -39.81 -10.24
CA GLN BA 148 -19.74 -40.74 -11.40
C GLN BA 148 -20.21 -42.11 -10.94
N ALA BA 149 -19.77 -42.58 -9.77
CA ALA BA 149 -20.16 -43.89 -9.18
C ALA BA 149 -21.59 -43.85 -8.64
N LEU BA 150 -22.17 -42.66 -8.39
CA LEU BA 150 -23.59 -42.51 -7.93
C LEU BA 150 -24.52 -42.37 -9.14
N GLU BA 151 -24.08 -41.69 -10.20
CA GLU BA 151 -24.79 -41.60 -11.50
C GLU BA 151 -24.95 -43.01 -12.09
N LYS BA 152 -23.91 -43.85 -12.02
CA LYS BA 152 -23.84 -45.19 -12.69
C LYS BA 152 -24.62 -46.25 -11.92
N ASN BA 153 -24.72 -46.15 -10.59
CA ASN BA 153 -25.55 -47.03 -9.73
C ASN BA 153 -26.68 -46.19 -9.14
N PRO BA 154 -27.72 -45.81 -9.94
CA PRO BA 154 -28.66 -44.77 -9.54
C PRO BA 154 -29.68 -45.22 -8.47
N ASP BA 155 -29.81 -46.54 -8.30
CA ASP BA 155 -30.62 -47.20 -7.24
C ASP BA 155 -29.92 -47.00 -5.88
N GLY BA 156 -28.58 -46.87 -5.89
CA GLY BA 156 -27.73 -46.75 -4.69
C GLY BA 156 -26.59 -47.75 -4.74
N LEU BA 157 -25.47 -47.42 -4.11
CA LEU BA 157 -24.26 -48.29 -4.07
C LEU BA 157 -24.43 -49.35 -2.99
N SER BA 158 -23.76 -50.50 -3.15
CA SER BA 158 -23.53 -51.52 -2.11
C SER BA 158 -22.25 -51.18 -1.35
N ARG BA 159 -22.10 -51.70 -0.13
CA ARG BA 159 -20.98 -51.33 0.79
C ARG BA 159 -19.64 -51.74 0.18
N GLY BA 160 -19.59 -52.83 -0.60
CA GLY BA 160 -18.40 -53.27 -1.33
C GLY BA 160 -18.03 -52.34 -2.47
N GLU BA 161 -19.05 -51.85 -3.21
CA GLU BA 161 -18.90 -50.89 -4.35
C GLU BA 161 -18.46 -49.53 -3.81
N ALA BA 162 -19.11 -49.06 -2.75
CA ALA BA 162 -18.86 -47.76 -2.10
C ALA BA 162 -17.50 -47.76 -1.39
N MET BA 163 -16.94 -48.94 -1.09
CA MET BA 163 -15.58 -49.07 -0.52
C MET BA 163 -14.54 -49.02 -1.64
N ARG BA 164 -14.79 -49.70 -2.77
CA ARG BA 164 -13.85 -49.74 -3.93
C ARG BA 164 -13.73 -48.35 -4.55
N ILE BA 165 -14.83 -47.61 -4.63
CA ILE BA 165 -14.85 -46.23 -5.20
C ILE BA 165 -14.15 -45.24 -4.25
N LEU BA 166 -14.20 -45.42 -2.91
CA LEU BA 166 -13.37 -44.60 -1.98
C LEU BA 166 -11.90 -44.95 -2.24
N THR BA 167 -11.56 -46.23 -2.09
CA THR BA 167 -10.19 -46.77 -2.32
C THR BA 167 -9.60 -46.20 -3.63
N ASP BA 168 -10.42 -46.06 -4.71
CA ASP BA 168 -10.01 -45.46 -6.01
C ASP BA 168 -9.71 -43.97 -5.87
N CYS BA 169 -10.57 -43.22 -5.19
CA CYS BA 169 -10.38 -41.79 -4.89
C CYS BA 169 -9.19 -41.59 -3.96
N LEU BA 170 -9.08 -42.39 -2.90
CA LEU BA 170 -7.98 -42.27 -1.91
C LEU BA 170 -6.64 -42.48 -2.62
N ARG BA 171 -6.53 -43.49 -3.48
CA ARG BA 171 -5.33 -43.75 -4.33
C ARG BA 171 -4.99 -42.47 -5.13
N VAL BA 172 -5.99 -41.82 -5.69
CA VAL BA 172 -5.85 -40.64 -6.57
C VAL BA 172 -5.53 -39.40 -5.73
N LEU BA 173 -6.18 -39.23 -4.57
CA LEU BA 173 -5.80 -38.16 -3.60
C LEU BA 173 -4.33 -38.30 -3.28
N PHE BA 174 -3.89 -39.54 -3.01
CA PHE BA 174 -2.51 -39.85 -2.61
C PHE BA 174 -1.53 -39.42 -3.73
N TYR BA 175 -1.84 -39.74 -4.98
CA TYR BA 175 -0.99 -39.40 -6.15
C TYR BA 175 -0.84 -37.88 -6.31
N ARG BA 176 -1.94 -37.14 -6.10
CA ARG BA 176 -2.18 -35.79 -6.69
C ARG BA 176 -2.25 -34.67 -5.64
N GLU BA 177 -2.80 -34.92 -4.46
CA GLU BA 177 -2.75 -33.97 -3.30
C GLU BA 177 -1.33 -34.06 -2.72
N CYS BA 178 -0.66 -32.93 -2.51
CA CYS BA 178 0.70 -32.85 -1.91
C CYS BA 178 0.67 -33.35 -0.46
N ARG BA 179 -0.06 -32.64 0.40
CA ARG BA 179 -0.18 -32.93 1.86
C ARG BA 179 -1.18 -34.07 2.09
N ALA BA 180 -0.79 -35.27 1.67
CA ALA BA 180 -1.49 -36.53 1.95
C ALA BA 180 -0.44 -37.60 2.26
N ILE BA 181 -0.89 -38.69 2.88
CA ILE BA 181 -0.11 -39.95 3.00
C ILE BA 181 -1.01 -41.12 2.60
N ASN BA 182 -0.38 -42.25 2.30
CA ASN BA 182 -1.02 -43.53 1.94
C ASN BA 182 -1.27 -44.29 3.25
N LYS BA 183 -2.04 -43.69 4.16
CA LYS BA 183 -2.54 -44.35 5.40
C LYS BA 183 -3.84 -43.68 5.80
N PHE BA 184 -4.95 -44.30 5.47
CA PHE BA 184 -6.32 -43.74 5.61
C PHE BA 184 -7.08 -44.51 6.68
N GLN BA 185 -8.05 -43.88 7.34
CA GLN BA 185 -9.10 -44.58 8.11
C GLN BA 185 -10.40 -44.40 7.36
N VAL BA 186 -11.34 -45.32 7.55
CA VAL BA 186 -12.72 -45.22 6.99
C VAL BA 186 -13.68 -45.39 8.16
N ALA BA 187 -14.47 -44.34 8.43
CA ALA BA 187 -15.67 -44.40 9.27
C ALA BA 187 -16.77 -45.08 8.45
N ASP BA 188 -17.56 -45.95 9.09
CA ASP BA 188 -18.72 -46.63 8.45
C ASP BA 188 -19.90 -46.47 9.39
N ALA BA 189 -20.81 -45.54 9.07
CA ALA BA 189 -22.13 -45.42 9.71
C ALA BA 189 -23.06 -46.47 9.11
N ALA BA 190 -23.59 -47.38 9.93
CA ALA BA 190 -24.67 -48.32 9.57
C ALA BA 190 -25.73 -48.21 10.68
N SER BA 191 -26.70 -49.14 10.73
CA SER BA 191 -27.84 -49.12 11.70
C SER BA 191 -27.31 -49.17 13.13
N ASP BA 192 -26.36 -50.09 13.39
CA ASP BA 192 -25.69 -50.38 14.70
C ASP BA 192 -24.93 -49.15 15.23
N GLY BA 193 -24.48 -48.26 14.33
CA GLY BA 193 -23.71 -47.03 14.64
C GLY BA 193 -22.45 -46.96 13.79
N VAL BA 194 -21.54 -46.06 14.13
CA VAL BA 194 -20.31 -45.80 13.33
C VAL BA 194 -19.16 -46.68 13.84
N ARG BA 195 -18.43 -47.28 12.90
CA ARG BA 195 -17.17 -48.04 13.14
C ARG BA 195 -16.07 -47.37 12.34
N ILE BA 196 -14.97 -47.05 13.00
CA ILE BA 196 -13.77 -46.51 12.30
C ILE BA 196 -12.81 -47.69 12.11
N SER BA 197 -12.41 -47.93 10.86
CA SER BA 197 -11.49 -49.01 10.44
C SER BA 197 -10.11 -48.76 11.05
N GLU BA 198 -9.34 -49.82 11.26
CA GLU BA 198 -7.88 -49.72 11.48
C GLU BA 198 -7.29 -49.03 10.24
N PRO BA 199 -6.28 -48.15 10.41
CA PRO BA 199 -5.55 -47.60 9.28
C PRO BA 199 -5.19 -48.66 8.24
N PHE BA 200 -5.41 -48.33 6.97
CA PHE BA 200 -5.03 -49.15 5.80
C PHE BA 200 -4.37 -48.22 4.78
N ASP BA 201 -3.41 -48.76 4.02
CA ASP BA 201 -2.84 -48.16 2.80
C ASP BA 201 -3.65 -48.65 1.59
N VAL BA 202 -3.33 -48.13 0.41
CA VAL BA 202 -3.94 -48.57 -0.89
C VAL BA 202 -2.80 -49.02 -1.82
N GLU BA 203 -3.09 -49.94 -2.72
CA GLU BA 203 -2.14 -50.34 -3.77
C GLU BA 203 -1.96 -49.13 -4.70
N THR BA 204 -0.72 -48.84 -5.10
CA THR BA 204 -0.34 -47.69 -5.97
C THR BA 204 0.54 -48.18 -7.11
N HIS BA 205 0.19 -47.78 -8.32
CA HIS BA 205 0.89 -48.14 -9.58
C HIS BA 205 1.78 -46.97 -9.99
N TRP BA 206 3.11 -47.20 -10.04
CA TRP BA 206 4.17 -46.20 -10.33
C TRP BA 206 5.06 -46.61 -11.52
N GLU BA 207 4.86 -47.81 -12.08
CA GLU BA 207 5.75 -48.43 -13.09
C GLU BA 207 5.02 -48.45 -14.42
N TYR BA 208 4.51 -47.30 -14.85
CA TYR BA 208 4.14 -47.03 -16.26
C TYR BA 208 5.43 -46.94 -17.08
N GLU BA 209 5.34 -47.23 -18.39
CA GLU BA 209 6.52 -47.20 -19.30
C GLU BA 209 6.82 -45.75 -19.70
N GLY BA 210 5.87 -44.82 -19.50
CA GLY BA 210 6.03 -43.38 -19.73
C GLY BA 210 6.65 -42.66 -18.55
N TYR BA 211 6.66 -43.29 -17.36
CA TYR BA 211 7.27 -42.78 -16.10
C TYR BA 211 8.71 -43.26 -15.96
N CYS BA 212 9.21 -44.06 -16.90
CA CYS BA 212 10.64 -44.48 -16.93
C CYS BA 212 11.51 -43.23 -17.06
N PHE BA 213 12.80 -43.37 -16.78
CA PHE BA 213 13.82 -42.29 -16.80
C PHE BA 213 13.98 -41.74 -18.22
N GLU BA 214 14.26 -42.60 -19.20
CA GLU BA 214 14.69 -42.21 -20.56
C GLU BA 214 13.62 -41.36 -21.26
N LYS BA 215 12.33 -41.62 -21.05
CA LYS BA 215 11.21 -40.88 -21.70
C LYS BA 215 11.06 -39.49 -21.09
N THR BA 216 11.04 -39.41 -19.76
CA THR BA 216 10.79 -38.16 -18.99
C THR BA 216 12.00 -37.22 -19.02
N ALA BA 217 13.17 -37.71 -19.43
CA ALA BA 217 14.41 -36.90 -19.55
C ALA BA 217 14.10 -35.65 -20.38
N ILE BA 218 14.53 -34.49 -19.89
CA ILE BA 218 14.41 -33.18 -20.58
C ILE BA 218 15.34 -33.21 -21.81
N ILE BA 219 16.44 -34.00 -21.77
CA ILE BA 219 17.51 -34.04 -22.83
C ILE BA 219 17.97 -35.49 -23.05
#